data_8R5O
#
_entry.id   8R5O
#
_cell.length_a   1.00
_cell.length_b   1.00
_cell.length_c   1.00
_cell.angle_alpha   90.00
_cell.angle_beta   90.00
_cell.angle_gamma   90.00
#
_symmetry.space_group_name_H-M   'P 1'
#
loop_
_entity.id
_entity.type
_entity.pdbx_description
1 polymer 'DNA-directed RNA polymerase subunit alpha'
2 polymer 'DNA-directed RNA polymerase subunit beta'
3 polymer "DNA-directed RNA polymerase subunit beta'"
4 polymer "DNA-directed RNA polymerase subunit beta''"
5 polymer PAP1
6 polymer PAP2
7 polymer PAP3
8 polymer PAP4
9 polymer PAP5
10 polymer PAP6
11 polymer PAP7
12 polymer PAP8
13 polymer PAP9
14 polymer PAP10
15 polymer PAP11
16 polymer PAP12
17 polymer FLN2
18 polymer PTAC18
19 non-polymer 'ZINC ION'
20 non-polymer 'FE (III) ION'
21 non-polymer S-ADENOSYL-L-HOMOCYSTEINE
22 water water
#
loop_
_entity_poly.entity_id
_entity_poly.type
_entity_poly.pdbx_seq_one_letter_code
_entity_poly.pdbx_strand_id
1 'polypeptide(L)'
;MVREKVKVSTRTLQWKCVESRRDSKRLYYGRFILSPLMKGQADTIGIAMRRALLGEIEGTCITRAKFENIPHDYSNIVGI
QESVHEILMNLNEIVLKSNLYGTRNALICVQGPGYITARDIILPPSVEIVDNTQHIATLTEPINLCIGLKIERNRGYSLK
MSNNFEDRSYPIDAVFMPVQNANHSIHSYGNGNEKQEILFIEIWTNGSLTPKEALHEASRNLINLFIPFLHVEEETFYLE
NNQHQVTLPLFPFHNKLVNLRQKKKELAFQYIFIDQLELPPRIYNCLKKSNIHTLLDLLNNSQEDLIKMEHFHIEDVKKL
LDILEKK
;
A,B
2 'polypeptide(L)'
;MLGDGKEGTSTIPGFNQIQFEGFYRFIDQGLIEELSKFPKIEDIDHEIEFQLFVETYQLVEPLIKERDAVYESLTYSSEL
YVSAGLIWKTNRNMQEQRIFIGNIPLMNSLGTFIVNGIYRVVINQILQSPGIYYQSELDHNGISVYTGTIISDWGGRLEL
EIDKKARIWARVSRKQKISILVLSSAMGSNLREILENVCYPEIFLSFLTDKEKKKIGSKENAILEFYQQFSCVGGDPIFS
ESLCKELQKKFFHQRCELGRIGRRNINWRLNLNIPQNNIFLLPRDILAAADHLIGMKFGMGTLDDMNHLKNKRIRSVADL
LQDQLGLALARLENVVKGTIGGAIRHKLIPTPQNLVTSTPLTTTYESFFGLHPLSQVLDRTNPLTQIVHGRKLSYLGPGG
LTGRTANFRIRDIHPSHYGRICPIDTSEGINVGLIGSLSIHARIGDWGSLESPFYELVEKSKKAQIRMLFLSPSQDEYYM
IAAGNSLALNRGIQEEQVVPARYRQEFLTIAWEEVHLRSIFPFQYFSIGASLIPFIEHNDANRALMSSNMQRQAVPLSRS
EKCIVGTGLERQVALDSGVPAIAEHEGKILYTDTEKIILSGNENTLSIPLIMYQRSNKNTCMHQKPQVRRGKCIKKGQIL
ADGAATVGGELALGKNVLVAYMPWEGYNFEDAVLISECLVYGDIYTSFHIRKYEIQTHVTTQGPERITKEIPHLEGRLLR
NLDKNGIVMLGSWVETGDILVGKLTPQVAKESSYAPEDRLLRAILGIQVSTSKETCLKLPIGGRGRVIDVRWVQKKGGSS
YNPEIIRVYISQKREIKVGDKVAGRHGNKGIISKILPRQDMPYLQDGRPVDMVFNPLGVPSRMNVGQIFECSLGLAGSLL
DRHYRIAPFDERYEQEASRKLVFSELYEASKQTANPWVFEPEYPGKSRIFDGRTGDPFEQPVIIGKPYILKLIHQVDDKI
HGRSSGHYALVTQQPLRGRSKQGGQRVGEMEVWALEGFGVAHILQEMLTYKSDHIRARQEVLGTTIIGGTIPKPEDAPES
FRLLVRELRSLALELNHFLVSEKNFQINRKEV
;
C
3 'polypeptide(L)'
;MIDRYKHQQLRIGLVSPQQISAWATKKIPNGEIVGEVTKPYTFHYKTNKPEKDGLFCERIFGPIKSGICACGNYRVIGDE
KEDPKFCEQCGVEFVDSRIRRYQMGYIKLTCPVTHVWYLKRLPSYIANLLDKPLKELEGLVYCDFSFARPITKKPTFLRL
RGSFEYEIQSWKYSIPLFFTTQGFEIFRNREISTGAGAIREQLADLDLRIIIENSLVEWKQLGEEGPTGNEWEDRKIVRR
KDFLVRRMELAKHFIRTNIEPEWMVLCLLPVLPPELRPIIQIEGGKLMSSDINELYRRVIYRNNTLTDLLTTSRSTPGEL
VMCQEKLVQEAVDTLLDNGIRGQPMRDGHNKVYKSFSDVIEGKEGRFRETLLGKRVDYSGRSVIVVGPSLSLHRCGLPRE
IAIELFQTFVIRGLIRQHLASNIGVAKSQIREKKPIVWEILQEVMQGHPVLLNRAPTLHRLGIQSFQPILVEGRTICLHP
LVCKGFNADFDGDQMAVHVPLSLEAQAEARLLMFSHMNLLSPAIGDPISVPTQDMLIGLYVLTSGTRRGICANRYNPCNR
KNYQNERIYETNYKYMKEPFFCNSYDAIGAYRQKRINLDSPLWLRWQLDQRVIASKEVPIEVHYESFGNYHEIYAHYLIV
RSVKKETLYIYIRTTVGHISFYREIEEAIQGFSQACSYDT
;
D
4 'polypeptide(L)'
;MAERANLVFHNKVIDGTAIKRLISRLIDHFGMAYTSHILDQVKTLGFQQATATSISLGIDDLLTIPSKGWLVQDAEQQSL
ILEKHHHYGNVHAVEKLRQSIEIWYATSEYLRQEMNPNFRMTDPFNPVHMMSFSGARGNASQVHQLVGMRGLMSDPQGQM
IDLPIQSNLREGLSLTEYIISCYGARKGVVDTAVRTSDAGYLTRRLVEVVQHIVVRRTDCGTIRGISVSPRNKSRMMSER
IFIQTLIGRVLADDIYIGSRCVAFRNQDLGIGLVNRFITFGTQSISIRTPFTCRSTSWICRLCYGRSPTHGDLVELGEAV
GIIAGQSIGEPGTQLTLRTFHTGGVFTGGTAEHVRAPYNGKIKFNEDLVHPTRTRHGHPAFLCYIDLSVIIESEDIIHSV
TIPPKSFLLVQNDQYVESEQVIAEIREGTYTFHFKERVRKYIYSDSEGEMHWSTDVSHAPEFTYSNVHLLPKTSHLWILS
GGSCGSSLILFSIHKDQDQMNIPFLSVERKSISSLSVNNDQVSQKFFSSDFSDKKKSGIPNYSELNGIVGTSHYNFIYSA
IFHENSDLLAKRRRNRFLIPFQSIQEQEQEKEFIPHSGISVEIPINGIFRRNSIFAFFDDPRYRRKSSGILKYGTLKADS
IIQKEDMIEYRGVQKFKTKYEMKVDRFFFIPEEVHILPESSAIMVENYSIIGVDTRITLNIRSQVGGLIRVERKKKRIEL
KIFSGDIHFPDKTDKISRHSGILIPPGRGKTNSKESKNLKNWIYVQRITPTKKKFFVLVRPVATYEIADSINLATLFPKD
LFREKDNIQLRVFNYILYGNGKPTRGISDTSIQLVRTCLVLNWDQDNKNSSLEEVRAFFVEVNTKGLIRDFIRIGLVKSH
ISYIRKRNNPPDSGLISADSMNPFYSISPKAGILHQSLRQNHGTIRMFLNRNKESQSLLILSSSNCFRIGPFNHVKYHNV
INQSIKKKPLITIKNSSGPLGTAIQISNFYSFLPLLTYNQISVIKYLQLDNFKYIFQVIHSYLIDENGRIFNLDPYSNLV
LNPFKLNWYFLHQNYNNNYCEETSTIISLGQFFCENVCIAKKEPYLKSGQVLIVQRDSVVIRSAKPYLATPGAKVHGHYR
EILYEGDTLVTFIYEKSRSGDITQGLPKVEQVLEVRSIDSISLNLEKRIKGWNRCITRILGIPWGFLIGAELTIVQSRIS
LVNKIQKVYRSQGVQIHNRHIEIIVRQITSKVLVSEEGMSNVFLPGELIGLLRAERTGRALEEAICYRAVLLGITRASLN
TQSFISEASFQETARVLAKAALRGRIDWLKGLKENVVLGGVIPAGTGFNKGLVHCSRQHTNILLEKKTKNLSLLEGDMRD
ILFYHREFCDSSI
;
E
5 'polypeptide(L)'
;MSLFFLNPALPSNSIHPIPRRAAGISSIRCSISAPEKKPRRRRKQQQKRENEDSSSFGSSEAVSALERSLRLTFMDELME
RARNRDPSGVSEVIYDMIAAGLSPGPRSFHGLVVAHALNGDEQGAMHSLRKELGAGQRPLPETMIALVRLSGSKGNAQRG
LELLAAMEKLNYDIRQAWLILVEELVRTNHLEEANKVFLKGARGGMRATDQLYDLMIEEDCKAGDHSNALDISYEMEAAG
RFATTFHFNCLLSVQATCGIPEVAYATFENMEYGEDFMKPDTETYNWVIQAYTRADSYDRVQDVAELLGMMVEDYKRVQP
NVKTHALLVECFTKYCVVKEAIRHFRALKNFEGGTKVLHNAGNFEDPLSLYLRALCREGRIVELIDALDAMRRDNQPIPP
RAMIMSRKYRTLVSSWIEPLQEEAELGYEIDYLARYVEEGGLTGERKRWVPRRGKTPLDPDAAGFIYSNPIETSFKQRCL
EDWKVHHRKLLRTLQSEGLPVLGDASESDYMRVMERLRNIIKGPAQNLLKPKAASKMVVSELKEELEAQGLPIDGTRNVL
YQRVQKARRINKSRGRPLWVPPIEEEEEEVDEEVDELICRIKLHEGDTEFWKRRFLGEGLIETTAETKETDESSVATGEI
ENKTEVVAKEADDDEDDEEEEQEGDEDDDENEEEEEAVVVEPENRAEGEDLIKNKAADAKRHLQMIGVQLLKESDEANRT
KKRGKRASRMTLEDDADEDWFPEEPFEAFKEMRERKVFDVSDMYTIADVWGWTWEKDFKNKTPRRWSQEWEVELAIVLMA
KVIELGGVPTIGDCAVILRAAIRAPMPSSFLKILQTTHSLGYAFGSPLYDEIITLCLDLGELDAAIAIVADMETTGITVP
DQTLDKVISARQSNEIPKSEHEEPPSSSESS
;
F
6 'polypeptide(L)'
;MNLAIPNPNSHHLSFLIQNSTFIGNRRFANSNHLSFLSGGKRPCSVAKINAKTKDLVLGNPSVSVEKGKYSYDVESLINK
LSSLPPRGSIARCLDIFKNKLSLNDFALVFKEFAGRGDWQRSLRLFKYMQRQIWCKPNEHIYTIMISLLGREGLLDKCLE
VFEEMPSQGVARSVFSYTALINAYGRNGRYETSLELLDRMKSEKISPSILTYNTVINACARGGLDWEGLLGLFAEMRHEG
IQPDIVTYNTLLSACAIRGLGDEAEMVFRTMNDGGIVPDLTTYSHLVETFGKLGRLEKVSDLLSEMASGGSLPDITSYNV
LLEAYAKSGSIKEAMGVFHQMQAAGCSPNANTYSVLLNLFGQNGRYDDVRQLFLEMKSSNTDPDAATYNILIDVFGEGGY
FKEVVTLFHDMVEENIEPDMETYEGIIFACGKGGLHEDARKILQYMTAKDVVPSSKAYTGVIEAFGQAALYEEALVAFNT
MHEVGSNPSIETFHSLLYSFARGGLFKESEVILSRLVNSGIPRNRDTFNATIEAYKQGGKFEEAVKTYVDMEKSRCDPDE
RTLEAVLSVYSCARLVDECREQFEEMKASDILPSIMCYCMMLSVYGKTESWDDVNELLEEMLSNRVSNIHQVIGQMIKGN
YDDDSNWQIVEYVLDKLNSEGCGLGIRFYNALLDALWWLGQKERAARVLNEATKRGIFPELFRKNKLVWSVDVHRMSEGG
MYTALSVWLNDLSDILVKGQDLPQLAVVVSVRGQLEKSSAARESPITRAAFSFLQDHVSSSFSFTGWNGGRIMCQRSQLK
QLLSTQEPTSEESPKSNIVALTNSPIFAAGTRTSTSSDTNHSGGNPSQRKTKMKKELAGSPA
;
G
7 'polypeptide(L)'
;MQICQATLTTFTFTNPSNPNFCKPKPLFPSFQPPRRVTLPPCRGFSSDEFPVDETFLEKFGPKDKDTEDEARRRNWIERG
WAPWEEILTPEADFARKSLNEGEEVPLQSPEAIEAFKMLRPSYRKKKIKEMGITEDEWYAKQFEIRGDKPPPLDTSWAGP
LVVRQIPPRDWPPKGWEVDRKELEFIREAHKLMAERVWLEDLDKDLKVGEDATVDKMCLERFKVFLKQYNEWVEANKDRL
EEDSYKYDQDFYPGRRIRGKDYKEGMYELPFYYPGMICEGTVTTLHLYQGAFVDIGGVHEGWVPIKGNDWFWIRHFIRVG
MHVIVEITAKRDPYRFRFPLELRFVHPNIDHMIFNKFDFPPIFHRDGDTNPDEIRRDCGRPPEPRKDPGSKPEEEGLLSD
HPYVDKLWQLHVAEQMILDDYEANPEKYKGKKLSELSDDEGFDERKEIEHGEAYYKKTKLPKVILKTSVKELDLEAALIE
RKYHNKLMMEAKARGEGYKIEKLRRNIEMDEYDSLHWRRSLEEREALLRDISSRQALGLPLEEPGRYKPGSFFGKDQYDP
TSALYQYDYWGEPKNSEISKQERMKDAHNKSIVGKGNVWYDMSYDDAIKQTIERRKAESNVVTQKEEETESKEEEEDDDD
EYEFDDFDYSILSDESSIGYSEQQPLVNGTQVFTD
;
H
8 'polypeptide(L)'
;MASCLVTTSSFYTVSDSSLRLKPSNLVHLSNQQRRRSLGSRGGLKVEAYYGLKTPPYPLDALEPYMSQRTLEVHWGKHHR
GYVDNLNKQLGKDDRLYGYTMEELIKATYNNGNPLPEFNNAAQVYNHDFFWESMQPGGGDMPIKGVLEQIEKDFGSFTNF
REKFTNAALTQFGSGWVWLVLKREERRLEVVKTSNAINPLVWDDIPIINLDVWEHSYYLDYKNERGKYINTFLNHLVSWN
AAMSRMARAEAFVNLGEPTIPIA
;
I
9 'polypeptide(L)'
;MASISTTSWLYRDKLCTESGKLGTCILQRPVKCGFPVKRLYVGITSKDVLMRDCIKCKKDDDDDDASEGSSKKDGQGYEY
VSVERAPYYSYMDSTSGKMEPASGARASIPGEDYWPEGTSSRVRAARAPQPAGESSSFPSYGKNPGSRRKKNRKATEGNA
AVETYDEVSDSEDSSEEEESDSSNGFVVYNNEVEGEDEEETGFELDKKLGRPHPFIDPTKKKQIETTLTSDESWWNWRKP
EKEQWSRWQRRRPDVETVFLKAMAETGQVKLYGKEPTLTETSLYRARRHLFKEERLQAERERLAKEGPMAFYSEWVKAWK
RDTSREAVQKHFEETGEDENTQLIEMFSHQTDREYRIMMGTDVRIKRDPLAMRMKEDQIKQIWGGDPVYPTINYIQAPDA
VMDFRGPDFHEPTPNMLSYLKENCKVISREMHETLLAKEKTEQVEVPDIDDAMAQAVDIGENDDEEEDTEEAEKDEKVAR
NWSVLKSTPELRNSKPKPKKEGRMSLDEAVDDSENLTDFLMDFDEETDP
;
J
10 'polypeptide(L)'
;MASLHLFPHLHHFDSIIHRREIAAHSRRQFLSPKASINGGVVTNGASAAETAKPSRKGRNKKKQTEETNPDSDPALVDYD
DGIDFPYDDPPLVCCFGAVQKEFVPVVRVHDNPMHPDIYSQWKMLQWDPPEFGRAPGGPPSNVAISHVRLGGRAAFMGKV
GGDDYGEELVLMMNKERVQTRGVKFDEGASTACTRVKIKFEDGKMKAETVKEPPEDSLLASELNLAVLKEARIFHFNSEV
LTSPTMESTLFKAIQWSKKFGGLIFFDLNLPLPLWRSRNETRKLIKKSWDEANIIEVSQQELEFLLDEEYYERRRNYTPQ
YFAEDFEQTKNRRDYYHYTPEEIKPLWHDDLKLLVVTDGTLRLHYYTPKFDGVVVGTEDVLITPFTCDRTGSGDAVVAGI
MRKLTTCPEMFEDQDVLERQLRFAVAAGIISQWTIGAVRGFPTESATQNLKEQVYVPSMW
;
K
11 'polypeptide(L)'
;MASPVSLHYLINTFISKPQGFCNGTVSSPRPRSSFVRERQNSVKPIKVASLETQPFPLFQSPASEESSSSELESADPDFY
KIGYVRRVRAYGVEFKEGPDGFGIYASKDIEPRRRARVIMEIPHELMITIRQKHPWMFFPDIVPIGHPIFDIINSTDPER
DWDLRLACLLLFSFDREDHFWRLYGDFLPAADECSSLLLATEEDLAELQDPQLVSTIRQQQKRVLEFWEKNWHSGVPLKI
KRLAEDAERFIWAVSIAQTRCISMKTRIGALVQDLNMMIPYADMLNHSFEPNCFLHWRPKDRILEVMSNAGQAIKKGEEM
TINYMPGQKNNMLMERYGFSTPVNPWDAIPFSGDSRIHLNSFLSVFNIFGLPEEYYHDSELSGDDSFVDGAVIAAARTLP
TWSDIDLPPIPSAERKAVKELQDECRKMLAEYPTTSEQDQKLLDSLSEARTTFATAVKYRMHRKMFIGKIIKALDIYQER
LLF
;
L
12 'polypeptide(L)'
;MASSAASPSLSLLSLTPKPPPSPSTASATSHRLFPSFRTNGCFAPLTLKPRRGRSIIVKVDDGDADGGGQDEYDMDDEEV
EEVDNKKDYDVEYDPLAAAMAAASGGGGDGDIAFVQSKSFISTQGWDSEMVVDYRINEDEFHKISLLDCDFFIRKPPDPD
NDVYDFREMYVTPPDTDIYSVPRVLAPMPQKYIRCAMSDYGCYDVTEPPIDAPRDPLYKSEREISKVFLTKHYRNRRLND
PEFVLDFEEIYVIDSKTKSITRARVLVTVPGGRKRDRKDDLLVIRDNGNSFKIIHVGERDDPTTVIEREEWTKTREDMEK
HLRKLRDFSVSNWF
;
M
13 'polypeptide(L)'
;MMTSTCSFLSSCSLLPSQEPNQRMQWKRHEKRQFSRKVAVSGVIRAGFELKPPPYPLDALEPHMSRETLDYHWGKHHKTY
VENLNKQIVGTDLDGLSLEEVVLLSYNRGNMLPAFNNAAQAWNHEFFWESIQPGGGGKPSGDLLRLIERDFGSFSDFVER
FKAAAASNFGSGWTWLAYKANRLDVANAVNPLPKEEDKKLVIVKTPNAVNPLVWDYSPLLTIDTWEHAYYLDFENRRIEY
INTFMEKLVSWETVSTRLESAMARAAQREQEGSDTEAEENPDDEEPEVYLDDASEVD
;
N
14 'polypeptide(L)'
;MALVQSRALPRLNVSLSPILSTLHAPPSSLFLRREIRPVVTSPFSSSTTGNLPFSPLTHPRKILCPPPRGKFVREDYLVR
KLSAQELQDLVKGERKVPLIVDFYATWCGPCILMAQELEMLAVEYESNAMIVKVDTDDEYEFARDMQVRGLPTLFFISPD
PSKDAIRTEGLIPLQMMRDIIDNDM
;
O,P
15 'polypeptide(L)'
;MAFTFFSPHPVFLPLGRTTSSFSYKPVYSPFPRNSRNLQLAAGPARRNSYPNPADDDPPEAPEDSMHGVSKFQQIQRQAA
RARKLEEEDFEKNRNTYLSAIADVEDAPETGRDDVESGGDLFSDIDRAISMKRSEFVKKGLLQPNPPKTTSSKKLDEEED
DVTDVVDELDEEEVVDLDEIDKLTGLTEVSDEEDWVDEEGNPRINKKKETGSDHHFEFDLDDFGGSKARIVEPKFRLSLA
ELLDESKVVPISVYGDLDVEITGIQHDSRGVSSGDLFVCCENEGDSVLSEADKRGAVAVVASKEIDIEDTLGCRALVIVE
DTEAVLAALASSFYRHPSKNMAVIGVTGTNGKTTTTYLIKSLYEAMGVRTGMFSTVSCYVHGDNKMDSPTTTSPDAVLVQ
SMMAKMLHNGTEALVMEASPQELASGKCDEVDFDIAVFTNLTREDSDFRGTDEEYRDAEAKLFARMVDPERHRKVVNIDD
PNAAFFVQQGNPDVPVVTFAMENTKADVHPLKFELSLFETQVLVNTPQGILEISSGLLGRHNIYNILAAVAVGIAVGAPL
EDIVRGVEEVDAVPGRCELIDEEQAFGVIVDHANTPDGLSRLLDSVRELKPRRIITVIGCAGENERGKRPVMTKIATEKS
DVTMLTSDNPGNEDPLDILDDMLSGIGWTMQEYLKHGEHDYYPPLSNGHRLFLHDVRRVAVRCAVAMGEEGDMVVVAGKG
HESYQLEGDKKEFYDDREECREALQYVDELHQAGIDTSEFPWRLPESH
;
Q
16 'polypeptide(L)'
;MFCSSFTSSISRIGDARSGNSRASSFTFQTQVSCGIQRDDNGRRIWRRRTLTKKDDMLRYKLQRVPFVEEQVRKIKEVGK
VMTMDIERLLLSEDNRFEFVNSVAAEATEYVEKNRDEYGGTKKAIFHVLSNRVNDLGFDRPEAYAESDPYKPGPGYLKEY
YT
;
R
17 'polypeptide(L)'
;MASLSFTQFLPFPRCSVDVPCLQPHGFVKFRGERWKGKHSFLMVAGRRKLSESAPLDEDDGGNGAVGGKKPTKVPKKSGA
RTAKKKVVAKDEPLEESSQLLVDSDNVSDNESDTKEPVRRTRKKAAASSDVNEGKTEKKVRRKRTVKKDKEVEDGLVTYD
EASDVEEALTVEATDADSEGEEIDLSKHESEDISHTYGWPPLVCCFGSAQHAFVPSGRPANRLLDYERQERMKDAVWAPE
KYIRAPGGCAGGVAIALASLGGKAAFMGKLGDDDFGQAMLYYLNVCQVQTRSVKIDSKRVTACSTMKISKRGRLKSTCVK
PCAEDSLSKSEINVDVLKEAKMFYFTTHSLLDKKMMSTTLQAIKISKQLGNVIFYDLNLPLPLWQSLEETKSLIQEVWDL
ADVIEVTKQELEFLCGIEPTEEFDTKNNDSSKFVHYEPETVEPLWHENLKILFVTNGTSKIHYYTKEHNGAVLGMEDVPI
TPFTRDMSASGDGIVAGLIRMLTVQPDLMNDKGYLERTARYAIECGVVDQWLLAQTRGYPPKDDMEEEEDDDEEEEMESD
PNGIRSITEREYRTSKPYDEPDGPYVMKPVEEREYRKLELVGSMGEDDDSS
;
S
18 'polypeptide(L)'
;MASLVMATPFSGSLTQCKKKTKNLSVQRAFFKVTCSMQTPLEELYNVKVERKVSQRRLEELGVSRWSVWKTGKCKLPWDW
QVDQLVYIEEGEVRVVPEGSKRFMQFLAGDLVRYPKWLEADLFFNAPYSERYCFKAYADD
;
T
#
# COMPACT_ATOMS: atom_id res chain seq x y z
N THR A 10 -10.65 -59.72 37.56
CA THR A 10 -10.28 -60.92 36.81
C THR A 10 -9.34 -60.57 35.67
N ARG A 11 -9.79 -59.68 34.78
CA ARG A 11 -8.96 -59.22 33.69
C ARG A 11 -7.87 -58.29 34.20
N THR A 12 -6.70 -58.35 33.56
CA THR A 12 -5.63 -57.44 33.91
C THR A 12 -5.95 -56.02 33.48
N LEU A 13 -6.40 -55.85 32.23
CA LEU A 13 -6.80 -54.55 31.71
C LEU A 13 -8.31 -54.40 31.86
N GLN A 14 -8.73 -53.38 32.61
CA GLN A 14 -10.12 -53.17 32.91
C GLN A 14 -10.59 -51.80 32.42
N TRP A 15 -11.89 -51.70 32.16
CA TRP A 15 -12.54 -50.43 31.89
C TRP A 15 -13.80 -50.34 32.74
N LYS A 16 -14.19 -49.12 33.05
CA LYS A 16 -15.36 -48.90 33.90
C LYS A 16 -15.83 -47.46 33.76
N CYS A 17 -17.14 -47.27 33.89
CA CYS A 17 -17.71 -45.93 33.98
C CYS A 17 -17.53 -45.42 35.41
N VAL A 18 -16.73 -44.37 35.57
CA VAL A 18 -16.49 -43.79 36.90
C VAL A 18 -17.47 -42.70 37.25
N GLU A 19 -18.19 -42.16 36.27
CA GLU A 19 -19.24 -41.18 36.53
C GLU A 19 -20.19 -41.15 35.36
N SER A 20 -21.50 -41.18 35.65
CA SER A 20 -22.53 -41.07 34.64
C SER A 20 -23.59 -40.12 35.16
N ARG A 21 -23.78 -39.00 34.47
CA ARG A 21 -24.63 -37.92 34.94
C ARG A 21 -25.68 -37.58 33.89
N ARG A 22 -26.85 -37.18 34.35
CA ARG A 22 -27.97 -36.75 33.51
C ARG A 22 -28.20 -35.27 33.76
N ASP A 23 -27.61 -34.42 32.92
CA ASP A 23 -27.80 -32.98 33.09
C ASP A 23 -29.22 -32.57 32.70
N SER A 24 -29.76 -33.14 31.64
CA SER A 24 -31.14 -32.90 31.22
C SER A 24 -31.57 -34.05 30.33
N LYS A 25 -32.78 -33.95 29.78
CA LYS A 25 -33.30 -34.99 28.90
C LYS A 25 -32.46 -35.14 27.63
N ARG A 26 -31.79 -34.09 27.19
CA ARG A 26 -31.00 -34.11 25.97
C ARG A 26 -29.54 -33.75 26.20
N LEU A 27 -29.03 -33.99 27.41
CA LEU A 27 -27.62 -33.75 27.72
C LEU A 27 -27.16 -34.83 28.70
N TYR A 28 -26.42 -35.81 28.19
CA TYR A 28 -25.92 -36.92 28.97
C TYR A 28 -24.40 -36.80 29.09
N TYR A 29 -23.88 -37.14 30.26
CA TYR A 29 -22.44 -37.11 30.49
C TYR A 29 -21.96 -38.43 31.07
N GLY A 30 -20.83 -38.91 30.56
CA GLY A 30 -20.21 -40.09 31.11
C GLY A 30 -18.70 -39.99 31.09
N ARG A 31 -18.05 -40.51 32.15
CA ARG A 31 -16.60 -40.57 32.20
C ARG A 31 -16.18 -42.01 32.44
N PHE A 32 -15.16 -42.44 31.71
CA PHE A 32 -14.72 -43.83 31.71
C PHE A 32 -13.22 -43.89 31.93
N ILE A 33 -12.76 -44.99 32.53
CA ILE A 33 -11.35 -45.21 32.80
C ILE A 33 -10.93 -46.52 32.16
N LEU A 34 -9.69 -46.55 31.67
CA LEU A 34 -9.10 -47.76 31.11
C LEU A 34 -7.66 -47.84 31.58
N SER A 35 -7.33 -48.88 32.33
CA SER A 35 -6.00 -49.00 32.92
C SER A 35 -5.77 -50.46 33.29
N PRO A 36 -4.50 -50.91 33.33
CA PRO A 36 -3.29 -50.17 32.96
C PRO A 36 -2.92 -50.37 31.49
N LEU A 37 -2.41 -49.34 30.83
CA LEU A 37 -2.01 -49.43 29.43
C LEU A 37 -0.52 -49.21 29.31
N MET A 38 0.08 -49.84 28.30
CA MET A 38 1.48 -49.62 28.02
C MET A 38 1.70 -48.23 27.42
N LYS A 39 2.92 -47.72 27.57
CA LYS A 39 3.22 -46.36 27.12
C LYS A 39 3.01 -46.24 25.62
N GLY A 40 2.27 -45.19 25.23
CA GLY A 40 1.93 -44.94 23.85
C GLY A 40 0.58 -45.46 23.43
N GLN A 41 0.08 -46.52 24.08
CA GLN A 41 -1.21 -47.08 23.72
C GLN A 41 -2.35 -46.13 24.03
N ALA A 42 -2.25 -45.39 25.15
CA ALA A 42 -3.31 -44.46 25.52
C ALA A 42 -3.46 -43.35 24.49
N ASP A 43 -2.34 -42.85 23.95
CA ASP A 43 -2.40 -41.83 22.92
C ASP A 43 -3.06 -42.36 21.66
N THR A 44 -2.73 -43.59 21.27
CA THR A 44 -3.33 -44.19 20.08
C THR A 44 -4.84 -44.37 20.25
N ILE A 45 -5.24 -44.91 21.41
CA ILE A 45 -6.67 -45.12 21.67
C ILE A 45 -7.39 -43.79 21.76
N GLY A 46 -6.79 -42.81 22.43
CA GLY A 46 -7.48 -41.55 22.68
C GLY A 46 -7.84 -40.82 21.40
N ILE A 47 -6.88 -40.66 20.49
CA ILE A 47 -7.14 -39.89 19.29
C ILE A 47 -8.08 -40.66 18.35
N ALA A 48 -7.91 -41.98 18.24
CA ALA A 48 -8.80 -42.77 17.39
C ALA A 48 -10.22 -42.78 17.95
N MET A 49 -10.36 -42.94 19.26
CA MET A 49 -11.68 -42.89 19.88
C MET A 49 -12.32 -41.51 19.71
N ARG A 50 -11.54 -40.44 19.89
CA ARG A 50 -12.10 -39.10 19.74
C ARG A 50 -12.59 -38.87 18.32
N ARG A 51 -11.80 -39.27 17.32
CA ARG A 51 -12.23 -39.08 15.93
C ARG A 51 -13.44 -39.93 15.59
N ALA A 52 -13.51 -41.14 16.12
CA ALA A 52 -14.69 -41.98 15.90
C ALA A 52 -15.92 -41.39 16.56
N LEU A 53 -15.78 -40.91 17.80
CA LEU A 53 -16.91 -40.32 18.50
C LEU A 53 -17.45 -39.09 17.80
N LEU A 54 -16.54 -38.21 17.34
CA LEU A 54 -16.97 -36.96 16.75
C LEU A 54 -17.32 -37.07 15.27
N GLY A 55 -16.93 -38.15 14.60
CA GLY A 55 -17.10 -38.19 13.16
C GLY A 55 -17.68 -39.46 12.56
N GLU A 56 -17.82 -40.53 13.34
CA GLU A 56 -18.23 -41.81 12.79
C GLU A 56 -19.52 -42.36 13.36
N ILE A 57 -20.12 -41.73 14.36
CA ILE A 57 -21.36 -42.22 14.96
C ILE A 57 -22.54 -41.58 14.26
N GLU A 58 -23.51 -42.41 13.87
CA GLU A 58 -24.66 -41.95 13.11
C GLU A 58 -25.82 -41.59 14.04
N GLY A 59 -26.72 -40.75 13.52
CA GLY A 59 -27.93 -40.38 14.21
C GLY A 59 -29.08 -40.25 13.23
N THR A 60 -30.26 -39.96 13.78
CA THR A 60 -31.47 -39.87 12.97
C THR A 60 -32.27 -38.66 13.39
N CYS A 61 -32.80 -37.93 12.41
CA CYS A 61 -33.58 -36.73 12.68
C CYS A 61 -34.43 -36.41 11.46
N ILE A 62 -35.25 -35.38 11.59
CA ILE A 62 -36.19 -34.99 10.54
C ILE A 62 -35.43 -34.32 9.41
N THR A 63 -35.64 -34.79 8.18
CA THR A 63 -34.93 -34.27 7.02
C THR A 63 -35.74 -33.28 6.21
N ARG A 64 -37.06 -33.37 6.20
CA ARG A 64 -37.88 -32.39 5.51
C ARG A 64 -39.31 -32.47 6.02
N ALA A 65 -40.05 -31.39 5.77
CA ALA A 65 -41.43 -31.26 6.21
C ALA A 65 -42.29 -30.73 5.07
N LYS A 66 -43.49 -31.26 4.94
CA LYS A 66 -44.45 -30.81 3.93
C LYS A 66 -45.62 -30.13 4.61
N PHE A 67 -45.95 -28.92 4.16
CA PHE A 67 -47.07 -28.16 4.67
C PHE A 67 -48.22 -28.18 3.68
N GLU A 68 -49.44 -28.14 4.22
CA GLU A 68 -50.64 -28.38 3.40
C GLU A 68 -51.06 -27.15 2.61
N ASN A 69 -51.23 -26.01 3.27
CA ASN A 69 -51.78 -24.83 2.62
C ASN A 69 -50.86 -23.63 2.76
N ILE A 70 -49.58 -23.82 2.46
CA ILE A 70 -48.55 -22.81 2.71
C ILE A 70 -47.97 -22.38 1.38
N PRO A 71 -47.95 -21.07 1.06
CA PRO A 71 -47.28 -20.61 -0.15
C PRO A 71 -45.76 -20.81 -0.10
N HIS A 72 -45.13 -20.31 0.95
CA HIS A 72 -43.69 -20.46 1.14
C HIS A 72 -43.39 -20.52 2.63
N ASP A 73 -42.17 -20.98 2.95
CA ASP A 73 -41.78 -21.22 4.33
C ASP A 73 -41.53 -19.95 5.13
N TYR A 74 -41.78 -18.77 4.56
CA TYR A 74 -41.59 -17.50 5.27
C TYR A 74 -42.90 -16.76 5.46
N SER A 75 -44.03 -17.44 5.35
CA SER A 75 -45.33 -16.84 5.56
C SER A 75 -45.80 -17.09 6.99
N ASN A 76 -47.04 -16.72 7.29
CA ASN A 76 -47.64 -16.98 8.59
C ASN A 76 -48.93 -17.76 8.43
N ILE A 77 -49.31 -18.47 9.48
CA ILE A 77 -50.53 -19.27 9.53
C ILE A 77 -51.45 -18.65 10.56
N VAL A 78 -52.71 -18.44 10.18
CA VAL A 78 -53.68 -17.87 11.11
C VAL A 78 -53.98 -18.90 12.19
N GLY A 79 -53.80 -18.51 13.44
CA GLY A 79 -54.00 -19.40 14.57
C GLY A 79 -52.74 -19.94 15.19
N ILE A 80 -51.58 -19.73 14.57
CA ILE A 80 -50.30 -20.19 15.09
C ILE A 80 -49.47 -18.98 15.47
N GLN A 81 -48.99 -18.96 16.71
CA GLN A 81 -48.17 -17.84 17.17
C GLN A 81 -46.86 -17.74 16.38
N GLU A 82 -46.25 -18.89 16.08
CA GLU A 82 -44.99 -18.92 15.36
C GLU A 82 -45.23 -18.82 13.86
N SER A 83 -44.17 -18.46 13.13
CA SER A 83 -44.20 -18.44 11.68
C SER A 83 -43.75 -19.78 11.13
N VAL A 84 -43.95 -19.95 9.81
CA VAL A 84 -43.58 -21.20 9.16
C VAL A 84 -42.09 -21.47 9.29
N HIS A 85 -41.28 -20.42 9.11
CA HIS A 85 -39.83 -20.58 9.27
C HIS A 85 -39.47 -21.00 10.68
N GLU A 86 -40.15 -20.44 11.68
CA GLU A 86 -39.91 -20.83 13.06
C GLU A 86 -40.31 -22.27 13.33
N ILE A 87 -41.30 -22.79 12.61
CA ILE A 87 -41.69 -24.19 12.78
C ILE A 87 -40.56 -25.10 12.35
N LEU A 88 -39.94 -24.80 11.21
CA LEU A 88 -38.87 -25.65 10.69
C LEU A 88 -37.69 -25.69 11.65
N MET A 89 -37.35 -24.56 12.27
CA MET A 89 -36.28 -24.53 13.26
C MET A 89 -36.61 -25.40 14.46
N ASN A 90 -37.87 -25.36 14.92
CA ASN A 90 -38.27 -26.22 16.03
C ASN A 90 -38.21 -27.70 15.64
N LEU A 91 -38.58 -28.03 14.40
CA LEU A 91 -38.47 -29.40 13.94
C LEU A 91 -37.01 -29.84 13.84
N ASN A 92 -36.12 -28.92 13.44
CA ASN A 92 -34.72 -29.26 13.28
C ASN A 92 -34.07 -29.67 14.59
N GLU A 93 -34.58 -29.15 15.71
CA GLU A 93 -33.99 -29.39 17.02
C GLU A 93 -34.56 -30.62 17.72
N ILE A 94 -35.46 -31.36 17.07
CA ILE A 94 -36.05 -32.54 17.70
C ILE A 94 -35.08 -33.70 17.61
N VAL A 95 -34.80 -34.33 18.75
CA VAL A 95 -33.83 -35.42 18.83
C VAL A 95 -34.56 -36.75 18.73
N LEU A 96 -34.13 -37.59 17.79
CA LEU A 96 -34.71 -38.89 17.56
C LEU A 96 -33.64 -39.97 17.71
N LYS A 97 -34.09 -41.19 17.95
CA LYS A 97 -33.19 -42.34 18.03
C LYS A 97 -33.75 -43.47 17.17
N SER A 98 -32.85 -44.19 16.50
CA SER A 98 -33.21 -45.33 15.67
C SER A 98 -31.94 -46.08 15.31
N ASN A 99 -32.06 -47.40 15.20
CA ASN A 99 -30.95 -48.24 14.81
C ASN A 99 -30.96 -48.60 13.33
N LEU A 100 -32.08 -48.42 12.64
CA LEU A 100 -32.25 -48.84 11.25
C LEU A 100 -32.01 -47.67 10.30
N TYR A 101 -31.73 -48.03 9.04
CA TYR A 101 -31.53 -47.07 7.97
C TYR A 101 -32.80 -46.93 7.14
N GLY A 102 -32.74 -46.03 6.17
CA GLY A 102 -33.83 -45.83 5.25
C GLY A 102 -34.61 -44.57 5.55
N THR A 103 -35.23 -44.01 4.51
CA THR A 103 -36.05 -42.80 4.65
C THR A 103 -37.40 -43.19 5.23
N ARG A 104 -37.65 -42.83 6.48
CA ARG A 104 -38.93 -43.03 7.12
C ARG A 104 -39.77 -41.76 7.01
N ASN A 105 -41.07 -41.92 7.22
CA ASN A 105 -41.96 -40.77 7.26
C ASN A 105 -42.80 -40.82 8.54
N ALA A 106 -43.09 -39.63 9.06
CA ALA A 106 -43.89 -39.46 10.27
C ALA A 106 -44.94 -38.39 10.00
N LEU A 107 -45.82 -38.16 10.97
CA LEU A 107 -46.96 -37.31 10.73
C LEU A 107 -47.28 -36.47 11.97
N ILE A 108 -47.68 -35.23 11.73
CA ILE A 108 -48.26 -34.37 12.74
C ILE A 108 -49.66 -34.00 12.25
N CYS A 109 -50.69 -34.48 12.95
CA CYS A 109 -52.08 -34.23 12.55
C CYS A 109 -52.83 -33.87 13.83
N VAL A 110 -53.00 -32.57 14.06
CA VAL A 110 -53.52 -32.05 15.33
C VAL A 110 -54.58 -30.99 15.05
N GLN A 111 -55.40 -30.75 16.07
CA GLN A 111 -56.39 -29.68 16.05
C GLN A 111 -56.23 -28.85 17.32
N GLY A 112 -56.18 -27.54 17.16
CA GLY A 112 -55.90 -26.64 18.27
C GLY A 112 -57.15 -26.28 19.05
N PRO A 113 -57.00 -25.33 20.00
CA PRO A 113 -55.77 -24.66 20.42
C PRO A 113 -54.95 -25.50 21.39
N GLY A 114 -53.67 -25.19 21.57
CA GLY A 114 -52.87 -25.92 22.53
C GLY A 114 -51.39 -25.79 22.20
N TYR A 115 -50.61 -26.66 22.85
CA TYR A 115 -49.16 -26.71 22.70
C TYR A 115 -48.78 -27.95 21.92
N ILE A 116 -48.21 -27.76 20.72
CA ILE A 116 -47.69 -28.87 19.94
C ILE A 116 -46.27 -29.16 20.41
N THR A 117 -46.03 -30.39 20.85
CA THR A 117 -44.71 -30.81 21.31
C THR A 117 -44.26 -32.03 20.50
N ALA A 118 -43.12 -32.59 20.89
CA ALA A 118 -42.58 -33.74 20.17
C ALA A 118 -43.42 -34.99 20.41
N ARG A 119 -44.11 -35.08 21.54
CA ARG A 119 -44.93 -36.25 21.82
C ARG A 119 -46.16 -36.34 20.92
N ASP A 120 -46.48 -35.29 20.17
CA ASP A 120 -47.60 -35.29 19.24
C ASP A 120 -47.24 -35.84 17.87
N ILE A 121 -45.99 -36.24 17.66
CA ILE A 121 -45.57 -36.81 16.38
C ILE A 121 -45.96 -38.28 16.33
N ILE A 122 -46.54 -38.70 15.22
CA ILE A 122 -46.88 -40.10 14.98
C ILE A 122 -45.68 -40.74 14.30
N LEU A 123 -44.94 -41.57 15.05
CA LEU A 123 -43.68 -42.12 14.58
C LEU A 123 -43.85 -43.55 14.09
N PRO A 124 -43.13 -43.92 13.04
CA PRO A 124 -43.09 -45.32 12.62
C PRO A 124 -42.44 -46.17 13.69
N PRO A 125 -42.73 -47.48 13.73
CA PRO A 125 -42.28 -48.30 14.86
C PRO A 125 -40.76 -48.38 15.04
N SER A 126 -39.98 -48.04 14.01
CA SER A 126 -38.52 -48.13 14.14
C SER A 126 -37.90 -46.88 14.75
N VAL A 127 -38.65 -45.80 14.93
CA VAL A 127 -38.11 -44.52 15.38
C VAL A 127 -38.75 -44.16 16.71
N GLU A 128 -37.97 -43.50 17.58
CA GLU A 128 -38.42 -43.09 18.90
C GLU A 128 -38.01 -41.65 19.17
N ILE A 129 -38.80 -40.99 20.00
CA ILE A 129 -38.54 -39.62 20.43
C ILE A 129 -37.67 -39.67 21.69
N VAL A 130 -36.80 -38.68 21.85
CA VAL A 130 -35.95 -38.61 23.03
C VAL A 130 -36.55 -37.72 24.11
N ASP A 131 -37.01 -36.53 23.74
CA ASP A 131 -37.53 -35.54 24.69
C ASP A 131 -38.96 -35.19 24.30
N ASN A 132 -39.91 -35.57 25.14
CA ASN A 132 -41.32 -35.27 24.86
C ASN A 132 -41.59 -33.77 24.86
N THR A 133 -40.96 -33.04 25.77
CA THR A 133 -41.32 -31.65 26.03
C THR A 133 -40.84 -30.68 24.96
N GLN A 134 -40.06 -31.14 23.98
CA GLN A 134 -39.54 -30.23 22.96
C GLN A 134 -40.69 -29.55 22.22
N HIS A 135 -40.59 -28.23 22.09
CA HIS A 135 -41.69 -27.42 21.61
C HIS A 135 -41.63 -27.29 20.10
N ILE A 136 -42.78 -27.48 19.45
CA ILE A 136 -42.91 -27.35 18.00
C ILE A 136 -43.68 -26.09 17.62
N ALA A 137 -44.87 -25.90 18.16
CA ALA A 137 -45.69 -24.75 17.81
C ALA A 137 -46.70 -24.49 18.91
N THR A 138 -47.27 -23.28 18.87
CA THR A 138 -48.34 -22.88 19.78
C THR A 138 -49.57 -22.54 18.94
N LEU A 139 -50.70 -23.18 19.26
CA LEU A 139 -51.94 -22.97 18.53
C LEU A 139 -52.88 -22.13 19.39
N THR A 140 -53.29 -20.98 18.86
CA THR A 140 -54.18 -20.06 19.56
C THR A 140 -55.59 -20.06 18.98
N GLU A 141 -55.94 -21.08 18.19
CA GLU A 141 -57.22 -21.13 17.52
C GLU A 141 -57.53 -22.57 17.16
N PRO A 142 -58.80 -23.00 17.25
CA PRO A 142 -59.13 -24.37 16.86
C PRO A 142 -59.03 -24.61 15.37
N ILE A 143 -57.81 -24.73 14.87
CA ILE A 143 -57.56 -24.95 13.45
C ILE A 143 -57.01 -26.36 13.25
N ASN A 144 -56.97 -26.79 12.00
CA ASN A 144 -56.42 -28.09 11.63
C ASN A 144 -55.04 -27.90 11.01
N LEU A 145 -54.06 -28.61 11.54
CA LEU A 145 -52.68 -28.52 11.07
C LEU A 145 -52.16 -29.92 10.79
N CYS A 146 -51.83 -30.19 9.53
CA CYS A 146 -51.28 -31.48 9.12
C CYS A 146 -49.92 -31.22 8.47
N ILE A 147 -48.88 -31.84 9.02
CA ILE A 147 -47.52 -31.68 8.53
C ILE A 147 -46.92 -33.06 8.30
N GLY A 148 -46.50 -33.33 7.07
CA GLY A 148 -45.77 -34.55 6.80
C GLY A 148 -44.29 -34.39 7.09
N LEU A 149 -43.67 -35.49 7.53
CA LEU A 149 -42.27 -35.48 7.93
C LEU A 149 -41.53 -36.62 7.25
N LYS A 150 -40.25 -36.37 6.96
CA LYS A 150 -39.34 -37.41 6.49
C LYS A 150 -38.18 -37.53 7.48
N ILE A 151 -37.74 -38.77 7.70
CA ILE A 151 -36.74 -39.06 8.72
C ILE A 151 -35.70 -40.01 8.12
N GLU A 152 -34.42 -39.70 8.37
CA GLU A 152 -33.31 -40.51 7.86
C GLU A 152 -32.28 -40.70 8.96
N ARG A 153 -31.55 -41.81 8.86
CA ARG A 153 -30.38 -42.07 9.70
C ARG A 153 -29.14 -41.98 8.82
N ASN A 154 -28.21 -41.09 9.18
CA ASN A 154 -27.07 -40.80 8.33
C ASN A 154 -25.90 -40.38 9.21
N ARG A 155 -24.79 -40.05 8.56
CA ARG A 155 -23.59 -39.54 9.20
C ARG A 155 -23.38 -38.08 8.83
N GLY A 156 -22.76 -37.32 9.74
CA GLY A 156 -22.42 -35.95 9.46
C GLY A 156 -23.60 -35.00 9.50
N TYR A 157 -23.87 -34.33 8.38
CA TYR A 157 -24.97 -33.38 8.30
C TYR A 157 -25.41 -33.28 6.85
N SER A 158 -26.63 -32.79 6.67
CA SER A 158 -27.22 -32.64 5.34
C SER A 158 -26.42 -31.65 4.48
N SER A 169 -42.44 -29.52 -0.46
CA SER A 169 -41.91 -29.76 0.87
C SER A 169 -40.65 -28.93 1.12
N TYR A 170 -40.36 -28.65 2.39
CA TYR A 170 -39.25 -27.79 2.76
C TYR A 170 -38.15 -28.62 3.40
N PRO A 171 -36.94 -28.61 2.85
CA PRO A 171 -35.84 -29.34 3.47
C PRO A 171 -35.50 -28.79 4.84
N ILE A 172 -35.08 -29.68 5.73
CA ILE A 172 -34.66 -29.32 7.07
C ILE A 172 -33.19 -29.69 7.20
N ASP A 173 -32.37 -28.71 7.59
CA ASP A 173 -30.93 -28.92 7.65
C ASP A 173 -30.56 -29.82 8.82
N ALA A 174 -30.46 -31.11 8.57
CA ALA A 174 -30.27 -32.09 9.62
C ALA A 174 -28.80 -32.22 9.99
N VAL A 175 -28.51 -32.21 11.28
CA VAL A 175 -27.19 -32.51 11.83
C VAL A 175 -27.33 -33.82 12.59
N PHE A 176 -26.85 -34.92 11.99
CA PHE A 176 -27.11 -36.25 12.53
C PHE A 176 -26.26 -36.61 13.73
N MET A 177 -25.13 -35.94 13.93
CA MET A 177 -24.14 -36.38 14.93
C MET A 177 -24.70 -36.27 16.34
N PRO A 178 -24.74 -37.35 17.11
CA PRO A 178 -25.33 -37.30 18.45
C PRO A 178 -24.34 -36.96 19.56
N VAL A 179 -23.04 -37.10 19.29
CA VAL A 179 -22.01 -36.80 20.27
C VAL A 179 -21.73 -35.31 20.24
N GLN A 180 -22.06 -34.60 21.33
CA GLN A 180 -21.85 -33.16 21.36
C GLN A 180 -20.39 -32.81 21.53
N ASN A 181 -19.69 -33.50 22.44
CA ASN A 181 -18.27 -33.26 22.67
C ASN A 181 -17.65 -34.50 23.28
N ALA A 182 -16.32 -34.54 23.22
CA ALA A 182 -15.55 -35.63 23.81
C ALA A 182 -14.23 -35.09 24.31
N ASN A 183 -13.66 -35.79 25.28
CA ASN A 183 -12.38 -35.40 25.88
C ASN A 183 -11.71 -36.64 26.43
N HIS A 184 -10.38 -36.61 26.49
CA HIS A 184 -9.64 -37.70 27.10
C HIS A 184 -8.37 -37.16 27.75
N SER A 185 -7.92 -37.86 28.78
CA SER A 185 -6.69 -37.51 29.48
C SER A 185 -5.89 -38.78 29.75
N ILE A 186 -4.57 -38.61 29.86
CA ILE A 186 -3.63 -39.70 30.04
C ILE A 186 -2.76 -39.37 31.25
N HIS A 187 -2.66 -40.33 32.18
CA HIS A 187 -1.94 -40.12 33.42
C HIS A 187 -0.99 -41.29 33.68
N SER A 188 0.17 -40.98 34.27
CA SER A 188 1.16 -42.01 34.54
C SER A 188 0.67 -42.92 35.66
N TYR A 189 0.78 -44.24 35.44
CA TYR A 189 0.32 -45.19 36.43
C TYR A 189 1.22 -45.19 37.66
N GLY A 190 2.52 -45.03 37.48
CA GLY A 190 3.41 -44.96 38.63
C GLY A 190 4.88 -45.15 38.30
N ASN A 191 5.57 -45.96 39.12
CA ASN A 191 6.98 -46.23 38.90
C ASN A 191 7.18 -46.96 37.58
N GLY A 192 8.35 -46.75 36.98
CA GLY A 192 8.63 -47.27 35.66
C GLY A 192 8.85 -48.76 35.59
N ASN A 193 7.86 -49.54 36.03
CA ASN A 193 7.91 -50.98 35.80
C ASN A 193 7.86 -51.29 34.30
N GLU A 194 6.86 -50.72 33.62
CA GLU A 194 6.81 -50.71 32.16
C GLU A 194 6.38 -49.35 31.64
N LYS A 195 6.40 -48.31 32.48
CA LYS A 195 5.84 -47.01 32.17
C LYS A 195 4.38 -47.16 31.73
N GLN A 196 3.57 -47.70 32.63
CA GLN A 196 2.15 -47.87 32.39
C GLN A 196 1.42 -46.54 32.52
N GLU A 197 0.25 -46.46 31.89
CA GLU A 197 -0.52 -45.22 31.85
C GLU A 197 -1.99 -45.53 32.10
N ILE A 198 -2.73 -44.48 32.48
CA ILE A 198 -4.15 -44.55 32.77
C ILE A 198 -4.88 -43.62 31.80
N LEU A 199 -5.93 -44.13 31.17
CA LEU A 199 -6.70 -43.38 30.20
C LEU A 199 -8.09 -43.08 30.75
N PHE A 200 -8.50 -41.82 30.64
CA PHE A 200 -9.85 -41.38 30.95
C PHE A 200 -10.50 -40.88 29.67
N ILE A 201 -11.79 -41.19 29.47
CA ILE A 201 -12.55 -40.72 28.33
C ILE A 201 -13.83 -40.08 28.83
N GLU A 202 -14.10 -38.85 28.40
CA GLU A 202 -15.34 -38.14 28.70
C GLU A 202 -16.16 -38.01 27.43
N ILE A 203 -17.47 -38.26 27.55
CA ILE A 203 -18.37 -38.24 26.39
C ILE A 203 -19.62 -37.46 26.77
N TRP A 204 -20.04 -36.56 25.87
CA TRP A 204 -21.31 -35.84 25.98
C TRP A 204 -22.20 -36.22 24.80
N THR A 205 -23.41 -36.66 25.07
CA THR A 205 -24.37 -37.02 24.04
C THR A 205 -25.65 -36.21 24.19
N ASN A 206 -26.53 -36.31 23.20
CA ASN A 206 -27.79 -35.60 23.20
C ASN A 206 -28.96 -36.45 23.69
N GLY A 207 -28.68 -37.61 24.28
CA GLY A 207 -29.71 -38.49 24.77
C GLY A 207 -30.22 -39.51 23.78
N SER A 208 -29.91 -39.36 22.49
CA SER A 208 -30.28 -40.40 21.53
C SER A 208 -29.55 -41.70 21.79
N LEU A 209 -28.40 -41.64 22.45
CA LEU A 209 -27.72 -42.81 22.97
C LEU A 209 -26.94 -42.39 24.21
N THR A 210 -26.74 -43.32 25.12
CA THR A 210 -26.00 -43.01 26.34
C THR A 210 -24.51 -42.90 26.03
N PRO A 211 -23.75 -42.21 26.89
CA PRO A 211 -22.29 -42.16 26.69
C PRO A 211 -21.63 -43.53 26.64
N LYS A 212 -22.11 -44.47 27.45
CA LYS A 212 -21.59 -45.83 27.39
C LYS A 212 -21.86 -46.48 26.03
N GLU A 213 -23.07 -46.29 25.51
CA GLU A 213 -23.39 -46.84 24.19
C GLU A 213 -22.57 -46.18 23.10
N ALA A 214 -22.35 -44.86 23.21
CA ALA A 214 -21.49 -44.18 22.25
C ALA A 214 -20.08 -44.73 22.27
N LEU A 215 -19.56 -45.04 23.47
CA LEU A 215 -18.23 -45.61 23.58
C LEU A 215 -18.14 -46.97 22.90
N HIS A 216 -19.20 -47.79 23.03
CA HIS A 216 -19.19 -49.11 22.40
C HIS A 216 -19.36 -49.01 20.89
N GLU A 217 -20.22 -48.10 20.43
CA GLU A 217 -20.43 -47.95 18.99
C GLU A 217 -19.18 -47.44 18.30
N ALA A 218 -18.48 -46.49 18.92
CA ALA A 218 -17.23 -46.00 18.34
C ALA A 218 -16.19 -47.10 18.25
N SER A 219 -16.09 -47.95 19.28
CA SER A 219 -15.15 -49.07 19.23
C SER A 219 -15.50 -50.03 18.11
N ARG A 220 -16.78 -50.35 17.94
CA ARG A 220 -17.20 -51.24 16.86
C ARG A 220 -16.96 -50.60 15.49
N ASN A 221 -17.25 -49.29 15.37
CA ASN A 221 -17.02 -48.62 14.10
C ASN A 221 -15.54 -48.59 13.75
N LEU A 222 -14.68 -48.38 14.76
CA LEU A 222 -13.24 -48.38 14.52
C LEU A 222 -12.76 -49.74 14.04
N ILE A 223 -13.28 -50.82 14.63
CA ILE A 223 -12.86 -52.16 14.22
C ILE A 223 -13.24 -52.42 12.77
N ASN A 224 -14.45 -52.04 12.37
CA ASN A 224 -14.87 -52.22 10.99
C ASN A 224 -14.11 -51.34 10.01
N LEU A 225 -13.40 -50.32 10.50
CA LEU A 225 -12.55 -49.52 9.63
C LEU A 225 -11.16 -50.11 9.44
N PHE A 226 -10.68 -50.90 10.40
CA PHE A 226 -9.35 -51.48 10.34
C PHE A 226 -9.33 -52.92 9.84
N ILE A 227 -10.44 -53.64 10.03
CA ILE A 227 -10.53 -55.05 9.63
C ILE A 227 -10.50 -55.28 8.12
N PRO A 228 -10.86 -54.33 7.24
CA PRO A 228 -10.73 -54.62 5.80
C PRO A 228 -9.33 -55.01 5.37
N PHE A 229 -8.29 -54.50 6.03
CA PHE A 229 -6.93 -54.91 5.72
C PHE A 229 -6.67 -56.37 6.04
N LEU A 230 -7.52 -57.02 6.84
CA LEU A 230 -7.37 -58.43 7.17
C LEU A 230 -8.15 -59.36 6.25
N HIS A 231 -8.96 -58.81 5.34
CA HIS A 231 -9.48 -59.61 4.25
C HIS A 231 -8.38 -59.95 3.26
N VAL A 232 -8.64 -60.94 2.40
CA VAL A 232 -7.69 -61.26 1.36
C VAL A 232 -7.57 -60.06 0.40
N GLU A 233 -6.37 -59.87 -0.14
CA GLU A 233 -6.13 -58.77 -1.06
C GLU A 233 -7.05 -58.87 -2.27
N GLU A 234 -7.33 -57.72 -2.88
CA GLU A 234 -8.16 -57.70 -4.07
C GLU A 234 -7.53 -58.52 -5.19
N GLU A 235 -8.38 -59.23 -5.94
CA GLU A 235 -7.96 -60.10 -7.03
C GLU A 235 -7.11 -61.27 -6.54
N THR A 236 -7.34 -61.71 -5.30
CA THR A 236 -6.65 -62.90 -4.79
C THR A 236 -7.28 -64.16 -5.35
N PHE A 237 -8.58 -64.34 -5.14
CA PHE A 237 -9.30 -65.48 -5.67
C PHE A 237 -9.87 -65.14 -7.05
N TYR A 238 -10.00 -66.18 -7.87
CA TYR A 238 -10.53 -66.01 -9.22
C TYR A 238 -11.98 -65.54 -9.19
N LEU A 239 -12.29 -64.56 -10.02
CA LEU A 239 -13.65 -64.05 -10.13
C LEU A 239 -14.17 -64.21 -11.55
N THR A 247 -19.65 -64.58 -1.78
CA THR A 247 -20.20 -65.31 -0.64
C THR A 247 -19.39 -66.58 -0.38
N LEU A 248 -19.14 -67.34 -1.44
CA LEU A 248 -18.34 -68.57 -1.37
C LEU A 248 -17.27 -68.49 -2.43
N PRO A 249 -16.07 -67.99 -2.08
CA PRO A 249 -15.04 -67.75 -3.10
C PRO A 249 -14.53 -69.00 -3.78
N LEU A 250 -14.86 -70.19 -3.29
CA LEU A 250 -14.41 -71.42 -3.93
C LEU A 250 -15.17 -71.72 -5.22
N PHE A 251 -16.47 -71.43 -5.26
CA PHE A 251 -17.36 -71.82 -6.35
C PHE A 251 -17.00 -71.23 -7.72
N PRO A 252 -16.65 -69.94 -7.85
CA PRO A 252 -16.36 -69.41 -9.19
C PRO A 252 -15.24 -70.14 -9.93
N PHE A 253 -14.21 -70.58 -9.21
CA PHE A 253 -13.16 -71.35 -9.88
C PHE A 253 -13.65 -72.72 -10.31
N HIS A 254 -14.55 -73.33 -9.55
CA HIS A 254 -15.12 -74.61 -9.95
C HIS A 254 -15.89 -74.47 -11.26
N ASN A 255 -16.69 -73.40 -11.38
CA ASN A 255 -17.44 -73.18 -12.62
C ASN A 255 -16.51 -72.96 -13.80
N LYS A 256 -15.33 -72.38 -13.55
CA LYS A 256 -14.33 -72.26 -14.61
C LYS A 256 -13.86 -73.63 -15.08
N LEU A 257 -13.68 -74.58 -14.16
CA LEU A 257 -13.25 -75.92 -14.52
C LEU A 257 -14.32 -76.65 -15.33
N VAL A 258 -15.58 -76.49 -14.96
CA VAL A 258 -16.66 -77.09 -15.74
C VAL A 258 -16.65 -76.55 -17.16
N ASN A 259 -16.46 -75.23 -17.30
CA ASN A 259 -16.38 -74.64 -18.63
C ASN A 259 -15.16 -75.14 -19.38
N LEU A 260 -14.05 -75.38 -18.68
CA LEU A 260 -12.86 -75.91 -19.34
C LEU A 260 -13.03 -77.36 -19.75
N ARG A 261 -13.80 -78.15 -18.99
CA ARG A 261 -13.98 -79.55 -19.33
C ARG A 261 -14.70 -79.71 -20.67
N GLN A 262 -15.81 -79.00 -20.85
CA GLN A 262 -16.35 -78.81 -22.19
C GLN A 262 -15.38 -77.95 -22.99
N LYS A 263 -15.34 -78.18 -24.30
CA LYS A 263 -14.39 -77.50 -25.18
C LYS A 263 -12.97 -77.66 -24.63
N LYS A 264 -12.50 -78.90 -24.64
CA LYS A 264 -11.27 -79.30 -23.94
C LYS A 264 -10.14 -78.32 -24.21
N LYS A 265 -9.69 -77.64 -23.14
CA LYS A 265 -8.85 -76.46 -23.26
C LYS A 265 -7.61 -76.54 -22.38
N GLU A 266 -7.71 -77.28 -21.28
CA GLU A 266 -6.68 -77.33 -20.23
C GLU A 266 -6.55 -76.00 -19.50
N LEU A 267 -5.97 -76.04 -18.31
CA LEU A 267 -5.92 -74.89 -17.42
C LEU A 267 -4.59 -74.15 -17.58
N ALA A 268 -4.64 -72.83 -17.49
CA ALA A 268 -3.48 -72.00 -17.73
C ALA A 268 -2.42 -72.20 -16.65
N PHE A 269 -1.18 -71.89 -17.01
CA PHE A 269 -0.05 -72.11 -16.10
C PHE A 269 -0.09 -71.22 -14.88
N GLN A 270 -0.81 -70.10 -14.93
CA GLN A 270 -0.92 -69.23 -13.76
C GLN A 270 -1.71 -69.88 -12.62
N TYR A 271 -2.54 -70.87 -12.93
CA TYR A 271 -3.31 -71.58 -11.93
C TYR A 271 -2.66 -72.89 -11.51
N ILE A 272 -1.49 -73.21 -12.04
CA ILE A 272 -0.76 -74.42 -11.68
C ILE A 272 0.40 -74.03 -10.77
N PHE A 273 0.47 -74.65 -9.60
CA PHE A 273 1.44 -74.29 -8.57
C PHE A 273 2.56 -75.33 -8.52
N ILE A 274 3.73 -74.87 -8.06
CA ILE A 274 4.90 -75.75 -8.02
C ILE A 274 4.72 -76.89 -7.05
N ASP A 275 3.74 -76.80 -6.14
CA ASP A 275 3.45 -77.90 -5.22
C ASP A 275 3.01 -79.15 -5.96
N GLN A 276 2.43 -79.00 -7.16
CA GLN A 276 1.94 -80.12 -7.93
C GLN A 276 2.96 -80.63 -8.93
N LEU A 277 4.16 -80.08 -8.93
CA LEU A 277 5.29 -80.64 -9.66
C LEU A 277 6.11 -81.50 -8.71
N GLU A 278 6.66 -82.59 -9.24
CA GLU A 278 7.38 -83.57 -8.42
C GLU A 278 8.83 -83.13 -8.18
N LEU A 279 8.96 -81.92 -7.65
CA LEU A 279 10.27 -81.35 -7.37
C LEU A 279 10.84 -81.91 -6.07
N PRO A 280 12.16 -82.05 -5.98
CA PRO A 280 12.76 -82.47 -4.72
C PRO A 280 12.51 -81.42 -3.65
N PRO A 281 12.45 -81.84 -2.38
CA PRO A 281 12.12 -80.88 -1.31
C PRO A 281 13.11 -79.73 -1.19
N ARG A 282 14.40 -79.96 -1.46
CA ARG A 282 15.36 -78.87 -1.40
C ARG A 282 15.10 -77.84 -2.48
N ILE A 283 14.75 -78.29 -3.69
CA ILE A 283 14.39 -77.37 -4.76
C ILE A 283 13.12 -76.60 -4.40
N TYR A 284 12.14 -77.31 -3.84
CA TYR A 284 10.86 -76.67 -3.52
C TYR A 284 11.04 -75.55 -2.49
N ASN A 285 11.88 -75.78 -1.47
CA ASN A 285 12.09 -74.76 -0.46
C ASN A 285 12.75 -73.51 -1.04
N CYS A 286 13.68 -73.69 -1.99
CA CYS A 286 14.32 -72.55 -2.61
C CYS A 286 13.33 -71.70 -3.41
N LEU A 287 12.46 -72.35 -4.18
CA LEU A 287 11.50 -71.61 -4.98
C LEU A 287 10.48 -70.87 -4.10
N LYS A 288 10.02 -71.52 -3.03
CA LYS A 288 9.09 -70.86 -2.11
C LYS A 288 9.77 -69.73 -1.36
N LYS A 289 11.05 -69.91 -1.01
CA LYS A 289 11.80 -68.86 -0.32
C LYS A 289 11.94 -67.61 -1.19
N SER A 290 11.96 -67.78 -2.51
CA SER A 290 12.03 -66.68 -3.44
C SER A 290 10.66 -66.21 -3.91
N ASN A 291 9.60 -66.67 -3.26
CA ASN A 291 8.22 -66.29 -3.59
C ASN A 291 7.84 -66.67 -5.02
N ILE A 292 8.40 -67.77 -5.51
CA ILE A 292 7.98 -68.37 -6.77
C ILE A 292 6.95 -69.44 -6.43
N HIS A 293 5.69 -69.18 -6.77
CA HIS A 293 4.57 -70.03 -6.34
C HIS A 293 3.94 -70.83 -7.45
N THR A 294 3.67 -70.22 -8.61
CA THR A 294 2.98 -70.90 -9.70
C THR A 294 3.97 -71.34 -10.77
N LEU A 295 3.44 -72.13 -11.72
CA LEU A 295 4.26 -72.58 -12.84
C LEU A 295 4.71 -71.40 -13.70
N LEU A 296 3.83 -70.43 -13.91
CA LEU A 296 4.18 -69.26 -14.72
C LEU A 296 5.26 -68.41 -14.07
N ASP A 297 5.24 -68.29 -12.75
CA ASP A 297 6.30 -67.56 -12.06
C ASP A 297 7.65 -68.24 -12.27
N LEU A 298 7.67 -69.58 -12.21
CA LEU A 298 8.90 -70.33 -12.43
C LEU A 298 9.41 -70.15 -13.86
N LEU A 299 8.51 -70.15 -14.83
CA LEU A 299 8.91 -70.03 -16.23
C LEU A 299 9.56 -68.68 -16.51
N ASN A 300 8.98 -67.59 -15.99
CA ASN A 300 9.52 -66.27 -16.26
C ASN A 300 10.90 -66.06 -15.65
N ASN A 301 11.28 -66.85 -14.66
CA ASN A 301 12.64 -66.79 -14.15
C ASN A 301 13.59 -67.45 -15.13
N SER A 302 14.74 -66.81 -15.36
CA SER A 302 15.72 -67.33 -16.30
C SER A 302 16.53 -68.41 -15.60
N GLN A 303 17.61 -68.86 -16.25
CA GLN A 303 18.49 -69.85 -15.65
C GLN A 303 19.62 -69.23 -14.85
N GLU A 304 19.94 -67.96 -15.10
CA GLU A 304 20.90 -67.26 -14.27
C GLU A 304 20.30 -66.82 -12.95
N ASP A 305 19.02 -66.43 -12.97
CA ASP A 305 18.35 -65.98 -11.75
C ASP A 305 18.28 -67.08 -10.71
N LEU A 306 17.95 -68.31 -11.14
CA LEU A 306 17.83 -69.41 -10.20
C LEU A 306 19.16 -69.74 -9.53
N ILE A 307 20.27 -69.57 -10.27
CA ILE A 307 21.58 -69.80 -9.68
C ILE A 307 21.89 -68.75 -8.62
N LYS A 308 21.38 -67.52 -8.80
CA LYS A 308 21.59 -66.48 -7.80
C LYS A 308 20.97 -66.86 -6.45
N MET A 309 19.89 -67.63 -6.48
CA MET A 309 19.30 -68.14 -5.24
C MET A 309 20.28 -69.06 -4.54
N GLU A 310 20.36 -68.93 -3.22
CA GLU A 310 21.26 -69.77 -2.43
C GLU A 310 20.78 -71.21 -2.43
N HIS A 311 21.74 -72.13 -2.34
CA HIS A 311 21.54 -73.58 -2.29
C HIS A 311 21.01 -74.17 -3.59
N PHE A 312 20.74 -73.35 -4.60
CA PHE A 312 20.29 -73.83 -5.91
C PHE A 312 21.41 -73.55 -6.90
N HIS A 313 21.99 -74.62 -7.45
CA HIS A 313 23.21 -74.52 -8.23
C HIS A 313 22.97 -75.00 -9.66
N ILE A 314 24.06 -75.07 -10.44
CA ILE A 314 23.97 -75.50 -11.83
C ILE A 314 23.56 -76.96 -11.93
N GLU A 315 24.03 -77.79 -10.99
CA GLU A 315 23.67 -79.20 -11.00
C GLU A 315 22.17 -79.42 -10.78
N ASP A 316 21.48 -78.42 -10.24
CA ASP A 316 20.03 -78.50 -10.02
C ASP A 316 19.22 -78.00 -11.20
N VAL A 317 19.84 -77.31 -12.16
CA VAL A 317 19.10 -76.80 -13.31
C VAL A 317 18.62 -77.93 -14.20
N LYS A 318 19.50 -78.89 -14.51
CA LYS A 318 19.15 -79.95 -15.44
C LYS A 318 18.03 -80.81 -14.89
N LYS A 319 18.08 -81.15 -13.60
CA LYS A 319 17.03 -81.96 -13.00
C LYS A 319 15.72 -81.19 -12.91
N LEU A 320 15.79 -79.87 -12.69
CA LEU A 320 14.58 -79.06 -12.70
C LEU A 320 14.03 -78.90 -14.11
N LEU A 321 14.92 -78.66 -15.08
CA LEU A 321 14.48 -78.53 -16.46
C LEU A 321 13.89 -79.83 -16.97
N ASP A 322 14.48 -80.97 -16.58
CA ASP A 322 13.98 -82.26 -17.05
C ASP A 322 12.57 -82.51 -16.54
N ILE A 323 12.29 -82.15 -15.28
CA ILE A 323 10.93 -82.25 -14.76
C ILE A 323 9.98 -81.37 -15.58
N LEU A 324 10.42 -80.16 -15.91
CA LEU A 324 9.64 -79.28 -16.77
C LEU A 324 9.67 -79.75 -18.22
N GLU A 325 10.77 -80.37 -18.65
CA GLU A 325 10.80 -81.01 -19.97
C GLU A 325 9.79 -82.15 -20.03
N LYS A 326 9.71 -82.95 -18.97
CA LYS A 326 8.80 -84.09 -18.95
C LYS A 326 7.35 -83.64 -18.78
N LYS A 327 7.13 -82.52 -18.10
CA LYS A 327 5.77 -82.03 -17.86
C LYS A 327 5.10 -81.63 -19.18
N THR B 12 -17.82 -52.93 -2.84
CA THR B 12 -17.42 -53.31 -1.49
C THR B 12 -16.02 -52.79 -1.18
N LEU B 13 -15.74 -52.61 0.10
CA LEU B 13 -14.44 -52.09 0.53
C LEU B 13 -13.36 -53.16 0.37
N GLN B 14 -12.31 -52.84 -0.39
CA GLN B 14 -11.24 -53.78 -0.67
C GLN B 14 -9.91 -53.06 -0.64
N TRP B 15 -8.85 -53.82 -0.35
CA TRP B 15 -7.49 -53.30 -0.34
C TRP B 15 -6.65 -54.06 -1.35
N LYS B 16 -5.61 -53.38 -1.85
CA LYS B 16 -4.73 -53.95 -2.85
C LYS B 16 -3.36 -53.30 -2.74
N CYS B 17 -2.32 -54.05 -3.11
CA CYS B 17 -0.97 -53.52 -3.17
C CYS B 17 -0.69 -53.05 -4.59
N VAL B 18 -0.41 -51.75 -4.75
CA VAL B 18 -0.20 -51.19 -6.07
C VAL B 18 1.28 -51.06 -6.43
N GLU B 19 2.18 -51.04 -5.45
CA GLU B 19 3.61 -50.90 -5.71
C GLU B 19 4.39 -51.68 -4.66
N SER B 20 5.40 -52.41 -5.11
CA SER B 20 6.33 -53.11 -4.24
C SER B 20 7.73 -53.03 -4.83
N ARG B 21 8.72 -53.00 -3.95
CA ARG B 21 10.10 -52.89 -4.38
C ARG B 21 11.01 -53.32 -3.23
N ARG B 22 12.16 -53.89 -3.59
CA ARG B 22 13.18 -54.32 -2.64
C ARG B 22 14.50 -53.72 -3.11
N ASP B 23 14.80 -52.51 -2.65
CA ASP B 23 16.05 -51.85 -3.05
C ASP B 23 17.26 -52.62 -2.57
N SER B 24 17.21 -53.13 -1.34
CA SER B 24 18.31 -53.91 -0.77
C SER B 24 17.71 -54.85 0.27
N LYS B 25 18.59 -55.57 0.97
CA LYS B 25 18.14 -56.49 2.00
C LYS B 25 17.51 -55.78 3.19
N ARG B 26 17.77 -54.49 3.36
CA ARG B 26 17.27 -53.74 4.51
C ARG B 26 16.49 -52.51 4.07
N LEU B 27 15.90 -52.54 2.87
CA LEU B 27 15.13 -51.40 2.37
C LEU B 27 13.98 -51.96 1.54
N TYR B 28 12.81 -52.08 2.17
CA TYR B 28 11.61 -52.57 1.50
C TYR B 28 10.59 -51.45 1.41
N TYR B 29 9.96 -51.30 0.26
CA TYR B 29 8.94 -50.29 0.03
C TYR B 29 7.66 -50.94 -0.46
N GLY B 30 6.53 -50.42 0.01
CA GLY B 30 5.23 -50.89 -0.42
C GLY B 30 4.17 -49.82 -0.38
N ARG B 31 3.32 -49.77 -1.40
CA ARG B 31 2.21 -48.83 -1.45
C ARG B 31 0.91 -49.60 -1.58
N PHE B 32 -0.09 -49.18 -0.82
CA PHE B 32 -1.34 -49.92 -0.72
C PHE B 32 -2.52 -48.97 -0.89
N ILE B 33 -3.64 -49.52 -1.35
CA ILE B 33 -4.83 -48.74 -1.66
C ILE B 33 -6.01 -49.36 -0.92
N LEU B 34 -6.89 -48.51 -0.39
CA LEU B 34 -8.14 -48.94 0.23
C LEU B 34 -9.27 -48.07 -0.30
N SER B 35 -10.24 -48.69 -0.95
CA SER B 35 -11.34 -47.96 -1.57
C SER B 35 -12.53 -48.91 -1.72
N PRO B 36 -13.76 -48.39 -1.80
CA PRO B 36 -14.15 -46.98 -1.67
C PRO B 36 -14.50 -46.59 -0.23
N LEU B 37 -14.13 -45.40 0.21
CA LEU B 37 -14.37 -44.94 1.56
C LEU B 37 -15.29 -43.72 1.56
N MET B 38 -16.09 -43.61 2.61
CA MET B 38 -16.97 -42.46 2.78
C MET B 38 -16.17 -41.26 3.31
N LYS B 39 -16.75 -40.08 3.12
CA LYS B 39 -16.05 -38.84 3.44
C LYS B 39 -15.62 -38.81 4.91
N GLY B 40 -14.34 -38.48 5.13
CA GLY B 40 -13.79 -38.39 6.46
C GLY B 40 -13.23 -39.67 7.02
N GLN B 41 -13.48 -40.82 6.38
CA GLN B 41 -13.01 -42.09 6.92
C GLN B 41 -11.52 -42.31 6.64
N ALA B 42 -11.04 -41.88 5.47
CA ALA B 42 -9.66 -42.15 5.10
C ALA B 42 -8.68 -41.45 6.03
N ASP B 43 -8.98 -40.22 6.44
CA ASP B 43 -8.10 -39.51 7.36
C ASP B 43 -7.98 -40.23 8.69
N THR B 44 -9.11 -40.69 9.24
CA THR B 44 -9.08 -41.38 10.52
C THR B 44 -8.30 -42.69 10.43
N ILE B 45 -8.51 -43.46 9.35
CA ILE B 45 -7.77 -44.70 9.17
C ILE B 45 -6.29 -44.41 8.99
N GLY B 46 -5.95 -43.44 8.15
CA GLY B 46 -4.55 -43.14 7.89
C GLY B 46 -3.81 -42.67 9.13
N ILE B 47 -4.46 -41.85 9.95
CA ILE B 47 -3.83 -41.38 11.18
C ILE B 47 -3.58 -42.54 12.15
N ALA B 48 -4.59 -43.38 12.35
CA ALA B 48 -4.46 -44.50 13.27
C ALA B 48 -3.45 -45.53 12.77
N MET B 49 -3.48 -45.84 11.47
CA MET B 49 -2.54 -46.81 10.93
C MET B 49 -1.10 -46.32 11.04
N ARG B 50 -0.86 -45.04 10.74
CA ARG B 50 0.49 -44.51 10.80
C ARG B 50 1.05 -44.58 12.22
N ARG B 51 0.26 -44.20 13.21
CA ARG B 51 0.72 -44.28 14.59
C ARG B 51 0.98 -45.74 14.99
N ALA B 52 0.13 -46.66 14.55
CA ALA B 52 0.35 -48.08 14.84
C ALA B 52 1.60 -48.60 14.15
N LEU B 53 1.85 -48.15 12.92
CA LEU B 53 3.00 -48.63 12.17
C LEU B 53 4.32 -48.17 12.78
N LEU B 54 4.35 -47.00 13.41
CA LEU B 54 5.60 -46.41 13.86
C LEU B 54 5.99 -46.79 15.29
N GLY B 55 5.04 -47.12 16.14
CA GLY B 55 5.40 -47.43 17.52
C GLY B 55 4.74 -48.66 18.13
N GLU B 56 3.70 -49.20 17.48
CA GLU B 56 2.96 -50.32 18.04
C GLU B 56 3.42 -51.66 17.48
N ILE B 57 4.36 -51.68 16.54
CA ILE B 57 4.88 -52.92 15.98
C ILE B 57 6.19 -53.26 16.69
N GLU B 58 6.28 -54.49 17.18
CA GLU B 58 7.46 -54.90 17.94
C GLU B 58 8.60 -55.23 16.99
N GLY B 59 9.80 -54.73 17.34
CA GLY B 59 11.01 -55.05 16.63
C GLY B 59 12.02 -55.72 17.54
N THR B 60 13.06 -56.29 16.94
CA THR B 60 14.10 -57.00 17.66
C THR B 60 15.42 -56.28 17.48
N CYS B 61 16.12 -56.02 18.57
CA CYS B 61 17.35 -55.25 18.54
C CYS B 61 18.33 -55.77 19.59
N ILE B 62 19.60 -55.49 19.36
CA ILE B 62 20.63 -55.74 20.36
C ILE B 62 20.64 -54.57 21.34
N THR B 63 20.49 -54.87 22.62
CA THR B 63 20.34 -53.83 23.64
C THR B 63 21.54 -53.71 24.58
N ARG B 64 22.37 -54.74 24.68
CA ARG B 64 23.55 -54.68 25.54
C ARG B 64 24.65 -55.54 24.92
N ALA B 65 25.90 -55.12 25.13
CA ALA B 65 27.06 -55.87 24.70
C ALA B 65 28.03 -56.01 25.85
N LYS B 66 28.69 -57.16 25.91
CA LYS B 66 29.60 -57.48 27.01
C LYS B 66 30.83 -58.15 26.43
N PHE B 67 31.98 -57.49 26.56
CA PHE B 67 33.24 -58.00 26.01
C PHE B 67 33.89 -58.92 27.05
N GLU B 68 34.00 -60.20 26.73
CA GLU B 68 34.56 -61.18 27.64
C GLU B 68 36.09 -61.11 27.59
N ASN B 69 36.75 -62.08 28.21
CA ASN B 69 38.21 -62.23 28.23
C ASN B 69 38.90 -61.09 28.96
N ILE B 70 38.16 -60.22 29.65
CA ILE B 70 38.71 -59.08 30.38
C ILE B 70 39.57 -58.26 29.44
N PRO B 71 38.97 -57.48 28.52
CA PRO B 71 39.76 -56.75 27.52
C PRO B 71 40.47 -55.52 28.04
N HIS B 72 40.60 -55.37 29.37
CA HIS B 72 41.31 -54.29 30.07
C HIS B 72 40.49 -53.01 30.12
N ASP B 73 39.23 -53.02 29.69
CA ASP B 73 38.31 -51.90 29.86
C ASP B 73 38.81 -50.63 29.19
N TYR B 74 39.60 -50.76 28.14
CA TYR B 74 40.13 -49.61 27.41
C TYR B 74 39.19 -49.23 26.27
N SER B 75 39.51 -48.10 25.63
CA SER B 75 38.71 -47.63 24.50
C SER B 75 39.06 -48.33 23.20
N ASN B 76 40.21 -49.02 23.15
CA ASN B 76 40.60 -49.77 21.98
C ASN B 76 41.17 -51.11 22.42
N ILE B 77 41.06 -52.11 21.54
CA ILE B 77 41.45 -53.48 21.83
C ILE B 77 42.60 -53.84 20.90
N VAL B 78 43.59 -54.55 21.44
CA VAL B 78 44.72 -54.99 20.63
C VAL B 78 44.22 -55.98 19.59
N GLY B 79 44.60 -55.73 18.33
CA GLY B 79 44.19 -56.57 17.23
C GLY B 79 42.93 -56.14 16.52
N ILE B 80 42.12 -55.27 17.13
CA ILE B 80 40.88 -54.80 16.54
C ILE B 80 41.10 -53.41 15.99
N GLN B 81 40.83 -53.23 14.70
CA GLN B 81 40.97 -51.93 14.06
C GLN B 81 40.06 -50.88 14.70
N GLU B 82 38.80 -51.25 14.94
CA GLU B 82 37.82 -50.31 15.46
C GLU B 82 37.88 -50.23 16.99
N SER B 83 37.56 -49.05 17.51
CA SER B 83 37.46 -48.86 18.94
C SER B 83 36.23 -49.56 19.50
N VAL B 84 36.12 -49.55 20.82
CA VAL B 84 34.98 -50.19 21.49
C VAL B 84 33.68 -49.50 21.10
N HIS B 85 33.70 -48.17 21.04
CA HIS B 85 32.48 -47.43 20.71
C HIS B 85 32.03 -47.71 19.28
N GLU B 86 32.98 -47.82 18.35
CA GLU B 86 32.62 -48.11 16.96
C GLU B 86 31.99 -49.49 16.82
N ILE B 87 32.48 -50.48 17.59
CA ILE B 87 31.85 -51.79 17.59
C ILE B 87 30.43 -51.70 18.11
N LEU B 88 30.21 -50.93 19.17
CA LEU B 88 28.85 -50.74 19.69
C LEU B 88 27.96 -50.05 18.66
N MET B 89 28.49 -49.06 17.96
CA MET B 89 27.71 -48.40 16.91
C MET B 89 27.37 -49.39 15.79
N ASN B 90 28.32 -50.23 15.40
CA ASN B 90 28.06 -51.22 14.37
C ASN B 90 27.03 -52.24 14.83
N LEU B 91 27.11 -52.69 16.08
CA LEU B 91 26.12 -53.62 16.61
C LEU B 91 24.75 -52.98 16.68
N ASN B 92 24.68 -51.66 16.88
CA ASN B 92 23.41 -50.96 16.93
C ASN B 92 22.71 -50.97 15.58
N GLU B 93 23.43 -51.16 14.49
CA GLU B 93 22.87 -51.10 13.15
C GLU B 93 22.44 -52.45 12.60
N ILE B 94 22.64 -53.54 13.34
CA ILE B 94 22.32 -54.87 12.84
C ILE B 94 20.83 -55.10 12.95
N VAL B 95 20.20 -55.49 11.84
CA VAL B 95 18.76 -55.69 11.78
C VAL B 95 18.45 -57.15 12.09
N LEU B 96 17.52 -57.36 13.03
CA LEU B 96 17.12 -58.69 13.47
C LEU B 96 15.61 -58.82 13.40
N LYS B 97 15.14 -60.06 13.32
CA LYS B 97 13.73 -60.38 13.49
C LYS B 97 13.63 -61.63 14.36
N SER B 98 12.51 -61.74 15.08
CA SER B 98 12.35 -62.84 16.03
C SER B 98 10.91 -62.90 16.51
N ASN B 99 10.62 -63.96 17.28
CA ASN B 99 9.36 -64.10 17.99
C ASN B 99 9.58 -64.29 19.48
N LEU B 100 10.69 -63.81 20.01
CA LEU B 100 11.09 -64.14 21.36
C LEU B 100 10.19 -63.46 22.39
N TYR B 101 9.98 -64.16 23.50
CA TYR B 101 9.25 -63.65 24.65
C TYR B 101 10.26 -63.43 25.77
N GLY B 102 10.38 -62.20 26.23
CA GLY B 102 11.38 -61.87 27.24
C GLY B 102 12.69 -61.44 26.63
N THR B 103 13.80 -61.92 27.19
CA THR B 103 15.13 -61.53 26.74
C THR B 103 16.01 -62.78 26.65
N ARG B 104 16.86 -62.82 25.64
CA ARG B 104 17.77 -63.92 25.42
C ARG B 104 19.18 -63.38 25.18
N ASN B 105 20.15 -64.27 25.22
CA ASN B 105 21.55 -63.92 24.99
C ASN B 105 22.04 -64.51 23.67
N ALA B 106 22.84 -63.73 22.97
CA ALA B 106 23.57 -64.17 21.79
C ALA B 106 25.05 -64.12 22.10
N LEU B 107 25.88 -64.49 21.12
CA LEU B 107 27.30 -64.62 21.37
C LEU B 107 28.07 -64.48 20.06
N ILE B 108 29.19 -63.76 20.11
CA ILE B 108 30.15 -63.69 19.03
C ILE B 108 31.46 -64.24 19.54
N CYS B 109 32.00 -65.25 18.85
CA CYS B 109 33.26 -65.89 19.24
C CYS B 109 34.06 -66.14 17.97
N VAL B 110 35.00 -65.24 17.68
CA VAL B 110 35.76 -65.26 16.43
C VAL B 110 37.22 -65.51 16.76
N GLN B 111 37.86 -66.39 15.99
CA GLN B 111 39.20 -66.87 16.33
C GLN B 111 40.26 -65.78 16.18
N GLY B 112 40.26 -65.08 15.04
CA GLY B 112 41.33 -64.16 14.75
C GLY B 112 41.11 -63.29 13.53
N PRO B 113 42.14 -63.16 12.69
CA PRO B 113 42.11 -62.15 11.63
C PRO B 113 41.01 -62.42 10.61
N GLY B 114 40.48 -61.34 10.06
CA GLY B 114 39.40 -61.37 9.10
C GLY B 114 38.32 -60.39 9.46
N TYR B 115 37.16 -60.55 8.82
CA TYR B 115 36.03 -59.65 9.02
C TYR B 115 35.00 -60.33 9.92
N ILE B 116 34.64 -59.64 11.01
CA ILE B 116 33.53 -60.07 11.84
C ILE B 116 32.27 -59.40 11.32
N THR B 117 31.28 -60.21 10.95
CA THR B 117 30.02 -59.71 10.41
C THR B 117 28.87 -60.30 11.20
N ALA B 118 27.65 -59.90 10.83
CA ALA B 118 26.46 -60.47 11.45
C ALA B 118 26.37 -61.97 11.22
N ARG B 119 27.00 -62.48 10.16
CA ARG B 119 27.03 -63.92 9.91
C ARG B 119 27.63 -64.69 11.08
N ASP B 120 28.51 -64.05 11.85
CA ASP B 120 29.23 -64.72 12.93
C ASP B 120 28.50 -64.68 14.26
N ILE B 121 27.29 -64.13 14.31
CA ILE B 121 26.52 -64.10 15.55
C ILE B 121 25.80 -65.43 15.71
N ILE B 122 25.93 -66.04 16.89
CA ILE B 122 25.21 -67.26 17.24
C ILE B 122 23.88 -66.85 17.86
N LEU B 123 22.78 -67.27 17.24
CA LEU B 123 21.51 -66.67 17.60
C LEU B 123 20.68 -67.59 18.47
N PRO B 124 19.91 -67.01 19.39
CA PRO B 124 18.90 -67.77 20.14
C PRO B 124 17.83 -68.30 19.20
N PRO B 125 16.97 -69.25 19.68
CA PRO B 125 16.12 -70.02 18.76
C PRO B 125 15.34 -69.24 17.70
N SER B 126 14.50 -68.29 18.09
CA SER B 126 13.59 -67.66 17.14
C SER B 126 14.21 -66.47 16.42
N VAL B 127 15.45 -66.12 16.71
CA VAL B 127 16.06 -64.91 16.19
C VAL B 127 16.74 -65.20 14.87
N GLU B 128 16.54 -64.33 13.88
CA GLU B 128 17.15 -64.46 12.57
C GLU B 128 17.79 -63.13 12.17
N ILE B 129 18.79 -63.22 11.30
CA ILE B 129 19.52 -62.07 10.81
C ILE B 129 19.04 -61.75 9.40
N VAL B 130 18.87 -60.46 9.12
CA VAL B 130 18.33 -60.01 7.84
C VAL B 130 19.43 -59.83 6.80
N ASP B 131 20.50 -59.11 7.13
CA ASP B 131 21.61 -58.84 6.23
C ASP B 131 22.86 -59.48 6.81
N ASN B 132 23.27 -60.62 6.23
CA ASN B 132 24.43 -61.35 6.73
C ASN B 132 25.73 -60.58 6.55
N THR B 133 25.78 -59.62 5.63
CA THR B 133 27.02 -58.92 5.31
C THR B 133 27.24 -57.67 6.16
N GLN B 134 26.37 -57.38 7.11
CA GLN B 134 26.56 -56.19 7.94
C GLN B 134 27.84 -56.32 8.76
N HIS B 135 28.63 -55.26 8.78
CA HIS B 135 29.97 -55.28 9.35
C HIS B 135 29.93 -55.03 10.85
N ILE B 136 30.87 -55.64 11.56
CA ILE B 136 30.96 -55.49 13.01
C ILE B 136 32.35 -55.00 13.40
N ALA B 137 33.38 -55.75 13.01
CA ALA B 137 34.74 -55.40 13.42
C ALA B 137 35.74 -56.01 12.45
N THR B 138 36.87 -55.31 12.30
CA THR B 138 38.00 -55.81 11.53
C THR B 138 39.09 -56.24 12.49
N LEU B 139 39.51 -57.50 12.39
CA LEU B 139 40.55 -58.06 13.26
C LEU B 139 41.85 -58.17 12.48
N THR B 140 42.89 -57.48 12.96
CA THR B 140 44.21 -57.57 12.35
C THR B 140 45.02 -58.71 12.96
N GLU B 141 45.27 -58.65 14.27
CA GLU B 141 45.98 -59.71 14.96
C GLU B 141 45.08 -60.93 15.15
N PRO B 142 45.68 -62.12 15.32
CA PRO B 142 44.90 -63.34 15.56
C PRO B 142 44.43 -63.51 17.01
N ILE B 143 43.84 -62.45 17.56
CA ILE B 143 43.32 -62.51 18.92
C ILE B 143 41.90 -63.07 18.89
N ASN B 144 41.50 -63.68 20.00
CA ASN B 144 40.14 -64.18 20.16
C ASN B 144 39.27 -63.08 20.75
N LEU B 145 38.14 -62.82 20.10
CA LEU B 145 37.18 -61.82 20.55
C LEU B 145 35.89 -62.52 20.93
N CYS B 146 35.42 -62.27 22.16
CA CYS B 146 34.23 -62.92 22.68
C CYS B 146 33.30 -61.85 23.25
N ILE B 147 32.20 -61.59 22.54
CA ILE B 147 31.25 -60.55 22.92
C ILE B 147 29.91 -61.22 23.20
N GLY B 148 29.38 -60.99 24.40
CA GLY B 148 28.04 -61.43 24.73
C GLY B 148 27.04 -60.34 24.42
N LEU B 149 25.92 -60.73 23.81
CA LEU B 149 24.90 -59.80 23.36
C LEU B 149 23.59 -60.05 24.10
N LYS B 150 22.82 -59.00 24.26
CA LYS B 150 21.48 -59.07 24.84
C LYS B 150 20.47 -58.68 23.78
N ILE B 151 19.50 -59.56 23.53
CA ILE B 151 18.53 -59.39 22.45
C ILE B 151 17.14 -59.26 23.06
N GLU B 152 16.41 -58.24 22.63
CA GLU B 152 15.09 -57.93 23.17
C GLU B 152 14.12 -57.64 22.04
N ARG B 153 12.84 -57.92 22.28
CA ARG B 153 11.76 -57.60 21.36
C ARG B 153 10.81 -56.63 22.07
N ASN B 154 10.67 -55.42 21.52
CA ASN B 154 9.93 -54.36 22.19
C ASN B 154 9.15 -53.54 21.18
N ARG B 155 8.10 -52.87 21.67
CA ARG B 155 7.38 -51.90 20.86
C ARG B 155 8.20 -50.63 20.69
N GLY B 156 7.88 -49.88 19.64
CA GLY B 156 8.56 -48.62 19.41
C GLY B 156 8.27 -47.57 20.45
N TYR B 157 7.01 -47.51 20.92
CA TYR B 157 6.60 -46.50 21.89
C TYR B 157 7.01 -46.83 23.32
N SER B 158 7.49 -48.04 23.59
CA SER B 158 7.89 -48.42 24.94
C SER B 158 9.10 -47.63 25.43
N ASP B 167 28.17 -54.67 35.58
CA ASP B 167 28.78 -55.95 35.24
C ASP B 167 29.61 -55.86 33.97
N ARG B 168 30.11 -54.65 33.70
CA ARG B 168 30.95 -54.37 32.52
C ARG B 168 30.21 -54.69 31.22
N SER B 169 28.90 -54.48 31.19
CA SER B 169 28.08 -54.67 30.00
C SER B 169 27.68 -53.30 29.46
N TYR B 170 28.13 -52.99 28.25
CA TYR B 170 27.86 -51.67 27.68
C TYR B 170 26.44 -51.61 27.15
N PRO B 171 25.63 -50.65 27.60
CA PRO B 171 24.28 -50.51 27.03
C PRO B 171 24.33 -50.01 25.60
N ILE B 172 23.34 -50.43 24.83
CA ILE B 172 23.18 -50.00 23.44
C ILE B 172 21.80 -49.35 23.33
N ASP B 173 21.78 -48.05 23.04
CA ASP B 173 20.52 -47.31 22.93
C ASP B 173 19.89 -47.63 21.60
N ALA B 174 19.14 -48.72 21.56
CA ALA B 174 18.48 -49.16 20.33
C ALA B 174 17.17 -48.43 20.13
N VAL B 175 16.88 -48.10 18.87
CA VAL B 175 15.60 -47.54 18.48
C VAL B 175 14.81 -48.64 17.79
N PHE B 176 13.74 -49.08 18.43
CA PHE B 176 12.91 -50.17 17.91
C PHE B 176 11.96 -49.61 16.87
N MET B 177 12.34 -49.69 15.60
CA MET B 177 11.49 -49.25 14.50
C MET B 177 11.74 -50.11 13.27
N PRO B 178 11.11 -51.29 13.22
CA PRO B 178 11.17 -52.07 11.97
C PRO B 178 10.55 -51.35 10.78
N VAL B 179 9.55 -50.51 11.02
CA VAL B 179 9.00 -49.64 9.98
C VAL B 179 9.78 -48.35 9.99
N GLN B 180 10.53 -48.10 8.91
CA GLN B 180 11.37 -46.91 8.84
C GLN B 180 10.55 -45.65 8.67
N ASN B 181 9.49 -45.72 7.87
CA ASN B 181 8.69 -44.54 7.55
C ASN B 181 7.32 -45.00 7.06
N ALA B 182 6.33 -44.13 7.24
CA ALA B 182 4.97 -44.44 6.82
C ALA B 182 4.25 -43.13 6.52
N ASN B 183 3.44 -43.14 5.47
CA ASN B 183 2.70 -41.95 5.07
C ASN B 183 1.38 -42.39 4.44
N HIS B 184 0.40 -41.49 4.48
CA HIS B 184 -0.89 -41.75 3.86
C HIS B 184 -1.37 -40.51 3.12
N SER B 185 -2.07 -40.75 2.03
CA SER B 185 -2.67 -39.68 1.23
C SER B 185 -4.07 -40.10 0.82
N ILE B 186 -4.90 -39.12 0.49
CA ILE B 186 -6.30 -39.35 0.18
C ILE B 186 -6.62 -38.70 -1.16
N HIS B 187 -7.26 -39.46 -2.04
CA HIS B 187 -7.79 -38.94 -3.28
C HIS B 187 -9.31 -38.93 -3.20
N SER B 188 -9.92 -37.84 -3.65
CA SER B 188 -11.36 -37.69 -3.65
C SER B 188 -11.89 -37.65 -5.07
N TYR B 189 -12.94 -38.42 -5.33
CA TYR B 189 -13.58 -38.46 -6.63
C TYR B 189 -15.08 -38.19 -6.45
N GLY B 190 -15.70 -37.71 -7.50
CA GLY B 190 -17.11 -37.40 -7.45
C GLY B 190 -17.74 -37.40 -8.83
N ASN B 191 -19.02 -37.76 -8.88
CA ASN B 191 -19.84 -37.67 -10.09
C ASN B 191 -21.18 -37.09 -9.65
N GLY B 192 -21.28 -35.77 -9.66
CA GLY B 192 -22.49 -35.14 -9.14
C GLY B 192 -22.44 -35.11 -7.62
N ASN B 193 -23.57 -35.45 -7.00
CA ASN B 193 -23.68 -35.42 -5.55
C ASN B 193 -22.97 -36.62 -4.90
N GLU B 194 -22.63 -37.65 -5.65
CA GLU B 194 -22.04 -38.86 -5.10
C GLU B 194 -20.54 -38.66 -4.90
N LYS B 195 -20.10 -38.69 -3.65
CA LYS B 195 -18.69 -38.57 -3.31
C LYS B 195 -18.09 -39.93 -3.00
N GLN B 196 -16.77 -40.01 -3.11
CA GLN B 196 -16.03 -41.25 -2.87
C GLN B 196 -14.54 -40.94 -2.72
N GLU B 197 -13.92 -41.42 -1.64
CA GLU B 197 -12.52 -41.16 -1.39
C GLU B 197 -11.72 -42.45 -1.36
N ILE B 198 -10.45 -42.34 -1.71
CA ILE B 198 -9.53 -43.47 -1.82
C ILE B 198 -8.34 -43.21 -0.92
N LEU B 199 -7.97 -44.20 -0.12
CA LEU B 199 -6.87 -44.08 0.83
C LEU B 199 -5.64 -44.81 0.30
N PHE B 200 -4.51 -44.10 0.26
CA PHE B 200 -3.22 -44.69 -0.07
C PHE B 200 -2.35 -44.71 1.19
N ILE B 201 -1.62 -45.80 1.39
CA ILE B 201 -0.71 -45.95 2.51
C ILE B 201 0.63 -46.43 1.98
N GLU B 202 1.69 -45.69 2.32
CA GLU B 202 3.06 -46.03 1.96
C GLU B 202 3.81 -46.51 3.20
N ILE B 203 4.56 -47.60 3.05
CA ILE B 203 5.27 -48.21 4.16
C ILE B 203 6.70 -48.50 3.73
N TRP B 204 7.66 -48.10 4.56
CA TRP B 204 9.07 -48.43 4.40
C TRP B 204 9.51 -49.26 5.59
N THR B 205 10.08 -50.44 5.32
CA THR B 205 10.59 -51.31 6.37
C THR B 205 12.07 -51.57 6.16
N ASN B 206 12.73 -52.00 7.23
CA ASN B 206 14.17 -52.27 7.23
C ASN B 206 14.50 -53.72 6.86
N GLY B 207 13.57 -54.43 6.23
CA GLY B 207 13.80 -55.79 5.81
C GLY B 207 13.47 -56.86 6.83
N SER B 208 13.32 -56.49 8.09
CA SER B 208 12.92 -57.47 9.10
C SER B 208 11.45 -57.84 8.97
N LEU B 209 10.74 -57.24 8.02
CA LEU B 209 9.31 -57.41 7.85
C LEU B 209 8.93 -56.81 6.50
N THR B 210 8.04 -57.46 5.78
CA THR B 210 7.62 -56.88 4.52
C THR B 210 6.60 -55.78 4.76
N PRO B 211 6.48 -54.82 3.84
CA PRO B 211 5.46 -53.78 4.00
C PRO B 211 4.05 -54.34 4.11
N LYS B 212 3.73 -55.42 3.37
CA LYS B 212 2.42 -56.03 3.49
C LYS B 212 2.22 -56.66 4.86
N GLU B 213 3.26 -57.31 5.40
CA GLU B 213 3.16 -57.87 6.74
C GLU B 213 3.00 -56.77 7.79
N ALA B 214 3.70 -55.65 7.61
CA ALA B 214 3.57 -54.55 8.54
C ALA B 214 2.15 -53.98 8.52
N LEU B 215 1.54 -53.93 7.34
CA LEU B 215 0.16 -53.48 7.24
C LEU B 215 -0.78 -54.38 8.03
N HIS B 216 -0.57 -55.69 7.95
CA HIS B 216 -1.43 -56.63 8.67
C HIS B 216 -1.24 -56.51 10.19
N GLU B 217 0.01 -56.42 10.65
CA GLU B 217 0.24 -56.36 12.09
C GLU B 217 -0.28 -55.05 12.68
N ALA B 218 -0.16 -53.94 11.94
CA ALA B 218 -0.70 -52.68 12.43
C ALA B 218 -2.21 -52.74 12.59
N SER B 219 -2.90 -53.37 11.63
CA SER B 219 -4.35 -53.50 11.73
C SER B 219 -4.75 -54.35 12.93
N ARG B 220 -4.08 -55.49 13.11
CA ARG B 220 -4.40 -56.37 14.24
C ARG B 220 -4.10 -55.71 15.57
N ASN B 221 -2.98 -54.98 15.65
CA ASN B 221 -2.65 -54.29 16.90
C ASN B 221 -3.67 -53.21 17.21
N LEU B 222 -4.15 -52.50 16.19
CA LEU B 222 -5.20 -51.51 16.42
C LEU B 222 -6.48 -52.17 16.90
N ILE B 223 -6.87 -53.29 16.28
CA ILE B 223 -8.09 -53.99 16.69
C ILE B 223 -7.96 -54.48 18.13
N ASN B 224 -6.79 -55.01 18.50
CA ASN B 224 -6.59 -55.48 19.86
C ASN B 224 -6.67 -54.34 20.87
N LEU B 225 -6.43 -53.10 20.43
CA LEU B 225 -6.52 -51.97 21.35
C LEU B 225 -7.96 -51.60 21.68
N PHE B 226 -8.89 -51.91 20.78
CA PHE B 226 -10.28 -51.47 20.95
C PHE B 226 -11.23 -52.60 21.34
N ILE B 227 -10.81 -53.85 21.23
CA ILE B 227 -11.57 -54.99 21.76
C ILE B 227 -11.88 -54.83 23.24
N PRO B 228 -10.94 -54.38 24.10
CA PRO B 228 -11.26 -54.31 25.53
C PRO B 228 -12.48 -53.48 25.88
N PHE B 229 -12.78 -52.42 25.11
CA PHE B 229 -13.99 -51.64 25.37
C PHE B 229 -15.26 -52.48 25.23
N LEU B 230 -15.21 -53.57 24.47
CA LEU B 230 -16.35 -54.47 24.30
C LEU B 230 -16.37 -55.61 25.32
N HIS B 231 -15.44 -55.62 26.28
CA HIS B 231 -15.41 -56.68 27.27
C HIS B 231 -16.53 -56.54 28.28
N VAL B 232 -17.07 -57.68 28.71
CA VAL B 232 -18.05 -57.73 29.80
C VAL B 232 -17.45 -58.52 30.95
N GLU B 233 -18.10 -58.43 32.11
CA GLU B 233 -17.62 -59.07 33.32
C GLU B 233 -18.56 -60.20 33.74
N GLU B 234 -17.97 -61.22 34.37
CA GLU B 234 -18.78 -62.28 34.96
C GLU B 234 -19.60 -61.73 36.12
N GLU B 235 -20.78 -62.31 36.32
CA GLU B 235 -21.68 -61.85 37.37
C GLU B 235 -21.74 -62.84 38.52
N GLY C 8 -28.35 16.85 26.51
CA GLY C 8 -26.93 16.67 26.25
C GLY C 8 -26.05 17.17 27.38
N THR C 9 -26.67 17.67 28.44
CA THR C 9 -25.91 18.17 29.58
C THR C 9 -25.54 17.06 30.56
N SER C 10 -26.37 16.02 30.68
CA SER C 10 -26.08 14.93 31.59
C SER C 10 -26.31 13.56 30.99
N THR C 11 -26.73 13.48 29.72
CA THR C 11 -26.85 12.21 29.01
C THR C 11 -26.22 12.37 27.63
N ILE C 12 -26.00 11.24 26.98
CA ILE C 12 -25.65 11.27 25.56
C ILE C 12 -26.87 11.72 24.77
N PRO C 13 -26.76 12.76 23.95
CA PRO C 13 -27.93 13.22 23.20
C PRO C 13 -28.35 12.22 22.14
N GLY C 14 -29.60 12.35 21.71
CA GLY C 14 -30.10 11.56 20.60
C GLY C 14 -29.26 11.78 19.36
N PHE C 15 -28.86 10.70 18.69
CA PHE C 15 -27.97 10.81 17.54
C PHE C 15 -28.61 11.54 16.37
N ASN C 16 -29.93 11.62 16.32
CA ASN C 16 -30.64 12.33 15.27
C ASN C 16 -31.09 13.73 15.69
N GLN C 17 -30.59 14.23 16.82
CA GLN C 17 -31.09 15.49 17.35
C GLN C 17 -30.77 16.66 16.44
N ILE C 18 -29.60 16.63 15.78
CA ILE C 18 -29.24 17.72 14.88
C ILE C 18 -30.22 17.78 13.70
N GLN C 19 -30.54 16.62 13.12
CA GLN C 19 -31.53 16.57 12.05
C GLN C 19 -32.90 16.99 12.56
N PHE C 20 -33.28 16.51 13.74
CA PHE C 20 -34.61 16.80 14.28
C PHE C 20 -34.78 18.29 14.56
N GLU C 21 -33.82 18.89 15.26
CA GLU C 21 -33.96 20.29 15.64
C GLU C 21 -33.86 21.21 14.42
N GLY C 22 -33.03 20.84 13.45
CA GLY C 22 -32.91 21.66 12.25
C GLY C 22 -34.19 21.72 11.45
N PHE C 23 -34.88 20.58 11.31
CA PHE C 23 -36.13 20.56 10.57
C PHE C 23 -37.21 21.35 11.31
N TYR C 24 -37.20 21.31 12.64
CA TYR C 24 -38.16 22.09 13.41
C TYR C 24 -37.95 23.58 13.20
N ARG C 25 -36.69 24.00 13.10
CA ARG C 25 -36.39 25.40 12.81
C ARG C 25 -36.88 25.82 11.44
N PHE C 26 -36.80 24.94 10.45
CA PHE C 26 -37.27 25.25 9.11
C PHE C 26 -38.78 25.45 9.10
N ILE C 27 -39.53 24.59 9.77
CA ILE C 27 -40.98 24.74 9.82
C ILE C 27 -41.37 25.93 10.68
N ASP C 28 -40.74 26.08 11.85
CA ASP C 28 -41.15 27.09 12.80
C ASP C 28 -40.75 28.51 12.39
N GLN C 29 -39.59 28.68 11.76
CA GLN C 29 -39.12 30.01 11.44
C GLN C 29 -38.71 30.14 9.97
N GLY C 30 -38.24 29.05 9.37
CA GLY C 30 -37.70 29.13 8.02
C GLY C 30 -38.74 29.46 6.97
N LEU C 31 -39.96 28.96 7.12
CA LEU C 31 -40.99 29.18 6.10
C LEU C 31 -41.33 30.66 5.98
N ILE C 32 -41.52 31.35 7.10
CA ILE C 32 -41.94 32.75 7.07
C ILE C 32 -40.84 33.63 6.50
N GLU C 33 -39.57 33.32 6.85
CA GLU C 33 -38.47 34.13 6.34
C GLU C 33 -38.37 34.09 4.83
N GLU C 34 -38.88 33.03 4.20
CA GLU C 34 -38.89 32.94 2.74
C GLU C 34 -40.19 33.40 2.12
N LEU C 35 -41.33 33.21 2.80
CA LEU C 35 -42.60 33.70 2.30
C LEU C 35 -42.69 35.22 2.29
N SER C 36 -41.77 35.91 2.96
CA SER C 36 -41.77 37.36 3.00
C SER C 36 -40.90 37.95 1.90
N GLN C 58 -50.27 28.16 6.23
CA GLN C 58 -50.78 26.95 6.85
C GLN C 58 -50.10 25.70 6.27
N LEU C 59 -49.93 24.68 7.11
CA LEU C 59 -49.41 23.38 6.71
C LEU C 59 -50.44 22.32 7.03
N VAL C 60 -50.69 21.42 6.08
CA VAL C 60 -51.68 20.38 6.21
C VAL C 60 -50.96 19.03 6.32
N GLU C 61 -51.41 18.20 7.24
CA GLU C 61 -50.77 16.92 7.46
C GLU C 61 -50.91 16.04 6.21
N PRO C 62 -49.93 15.17 5.96
CA PRO C 62 -50.00 14.32 4.77
C PRO C 62 -51.24 13.43 4.80
N LEU C 63 -51.82 13.23 3.61
CA LEU C 63 -52.98 12.36 3.49
C LEU C 63 -52.59 10.89 3.55
N ILE C 64 -51.38 10.55 3.13
CA ILE C 64 -50.91 9.19 3.14
C ILE C 64 -50.01 8.97 4.35
N LYS C 65 -49.71 7.70 4.64
CA LYS C 65 -48.77 7.34 5.69
C LYS C 65 -47.39 7.08 5.09
N GLU C 66 -46.40 7.03 5.98
CA GLU C 66 -45.02 6.81 5.52
C GLU C 66 -44.87 5.46 4.84
N ARG C 67 -45.48 4.42 5.40
CA ARG C 67 -45.42 3.10 4.77
C ARG C 67 -46.15 3.08 3.43
N ASP C 68 -47.16 3.94 3.27
CA ASP C 68 -47.83 4.05 1.98
C ASP C 68 -46.95 4.73 0.95
N ALA C 69 -46.28 5.83 1.34
CA ALA C 69 -45.39 6.53 0.42
C ALA C 69 -44.26 5.64 -0.08
N VAL C 70 -43.91 4.59 0.67
CA VAL C 70 -42.89 3.65 0.22
C VAL C 70 -43.51 2.59 -0.68
N TYR C 71 -44.67 2.05 -0.29
CA TYR C 71 -45.30 0.99 -1.08
C TYR C 71 -45.73 1.51 -2.46
N GLU C 72 -46.28 2.72 -2.51
CA GLU C 72 -46.76 3.28 -3.77
C GLU C 72 -45.71 4.13 -4.47
N SER C 73 -44.48 4.20 -3.93
CA SER C 73 -43.40 5.00 -4.51
C SER C 73 -43.80 6.47 -4.62
N LEU C 74 -44.49 6.98 -3.61
CA LEU C 74 -44.89 8.37 -3.56
C LEU C 74 -43.96 9.16 -2.64
N THR C 75 -44.30 10.41 -2.37
CA THR C 75 -43.50 11.30 -1.54
C THR C 75 -44.29 11.68 -0.29
N TYR C 76 -43.69 11.46 0.87
CA TYR C 76 -44.28 11.88 2.14
C TYR C 76 -44.09 13.37 2.29
N SER C 77 -45.18 14.13 2.20
CA SER C 77 -45.08 15.57 2.08
C SER C 77 -46.33 16.23 2.68
N SER C 78 -46.23 17.54 2.88
CA SER C 78 -47.31 18.35 3.43
C SER C 78 -47.68 19.45 2.46
N GLU C 79 -48.90 19.96 2.59
CA GLU C 79 -49.46 20.93 1.66
C GLU C 79 -49.36 22.33 2.26
N LEU C 80 -48.72 23.24 1.52
CA LEU C 80 -48.60 24.63 1.94
C LEU C 80 -49.73 25.44 1.30
N TYR C 81 -50.54 26.08 2.14
CA TYR C 81 -51.64 26.92 1.66
C TYR C 81 -51.35 28.39 1.93
N PHE C 100 -53.14 26.96 -2.57
CA PHE C 100 -52.29 25.77 -2.57
C PHE C 100 -50.99 26.04 -3.33
N ILE C 101 -49.95 26.45 -2.59
CA ILE C 101 -48.67 26.77 -3.21
C ILE C 101 -47.99 25.50 -3.71
N GLY C 102 -48.06 24.42 -2.94
CA GLY C 102 -47.44 23.17 -3.35
C GLY C 102 -47.15 22.31 -2.14
N ASN C 103 -46.29 21.31 -2.38
CA ASN C 103 -45.95 20.31 -1.38
C ASN C 103 -44.59 20.59 -0.77
N ILE C 104 -44.47 20.33 0.53
CA ILE C 104 -43.23 20.47 1.27
C ILE C 104 -42.89 19.11 1.87
N PRO C 105 -41.79 18.47 1.47
CA PRO C 105 -41.45 17.16 2.04
C PRO C 105 -41.25 17.23 3.54
N LEU C 106 -41.76 16.22 4.24
CA LEU C 106 -41.67 16.14 5.69
C LEU C 106 -40.58 15.16 6.09
N MET C 107 -40.00 15.39 7.27
CA MET C 107 -38.92 14.57 7.78
C MET C 107 -39.44 13.62 8.85
N ASN C 108 -38.94 12.39 8.85
CA ASN C 108 -39.25 11.44 9.90
C ASN C 108 -38.49 11.80 11.18
N SER C 109 -38.88 11.18 12.29
CA SER C 109 -38.15 11.38 13.54
C SER C 109 -36.72 10.90 13.44
N LEU C 110 -36.46 9.93 12.55
CA LEU C 110 -35.11 9.44 12.31
C LEU C 110 -34.31 10.35 11.37
N GLY C 111 -34.85 11.52 11.02
CA GLY C 111 -34.11 12.45 10.18
C GLY C 111 -34.03 12.07 8.72
N THR C 112 -34.96 11.26 8.22
CA THR C 112 -34.94 10.82 6.84
C THR C 112 -36.18 11.31 6.10
N PHE C 113 -36.01 11.56 4.81
CA PHE C 113 -37.10 11.96 3.93
C PHE C 113 -37.47 10.81 3.00
N ILE C 114 -38.72 10.81 2.55
CA ILE C 114 -39.24 9.80 1.62
C ILE C 114 -39.62 10.55 0.35
N VAL C 115 -38.78 10.46 -0.67
CA VAL C 115 -39.00 11.12 -1.95
C VAL C 115 -39.09 10.05 -3.03
N ASN C 116 -40.26 9.95 -3.67
CA ASN C 116 -40.53 8.93 -4.69
C ASN C 116 -40.24 7.53 -4.17
N GLY C 117 -40.55 7.30 -2.89
CA GLY C 117 -40.35 6.01 -2.27
C GLY C 117 -38.95 5.74 -1.78
N ILE C 118 -37.99 6.62 -2.05
CA ILE C 118 -36.60 6.40 -1.69
C ILE C 118 -36.30 7.17 -0.40
N TYR C 119 -35.74 6.48 0.58
CA TYR C 119 -35.27 7.13 1.80
C TYR C 119 -34.05 7.99 1.48
N ARG C 120 -34.09 9.25 1.89
CA ARG C 120 -33.02 10.19 1.61
C ARG C 120 -32.64 10.95 2.87
N VAL C 121 -31.36 11.28 2.97
CA VAL C 121 -30.81 11.99 4.11
C VAL C 121 -30.00 13.16 3.57
N VAL C 122 -30.20 14.34 4.15
CA VAL C 122 -29.43 15.53 3.81
C VAL C 122 -28.27 15.64 4.81
N ILE C 123 -27.05 15.51 4.32
CA ILE C 123 -25.87 15.55 5.17
C ILE C 123 -25.47 17.00 5.40
N ASN C 124 -24.63 17.21 6.42
CA ASN C 124 -24.20 18.54 6.79
C ASN C 124 -22.96 18.95 6.00
N GLN C 125 -22.92 20.20 5.59
CA GLN C 125 -21.79 20.76 4.87
C GLN C 125 -21.07 21.77 5.76
N ILE C 126 -19.74 21.80 5.65
CA ILE C 126 -18.92 22.75 6.38
C ILE C 126 -18.26 23.69 5.37
N LEU C 127 -18.39 24.99 5.61
CA LEU C 127 -17.95 26.00 4.66
C LEU C 127 -17.26 27.14 5.42
N GLN C 128 -16.43 27.88 4.69
CA GLN C 128 -15.77 29.05 5.27
C GLN C 128 -16.81 30.09 5.65
N SER C 129 -16.69 30.63 6.86
CA SER C 129 -17.67 31.58 7.37
C SER C 129 -17.49 32.96 6.73
N ASP C 305 -5.89 31.78 10.83
CA ASP C 305 -5.93 30.37 10.46
C ASP C 305 -7.26 30.02 9.80
N MET C 306 -7.20 29.68 8.52
CA MET C 306 -8.42 29.37 7.78
C MET C 306 -9.00 28.02 8.16
N ASN C 307 -8.19 27.12 8.72
CA ASN C 307 -8.67 25.80 9.11
C ASN C 307 -9.23 25.75 10.52
N HIS C 308 -9.15 26.84 11.26
CA HIS C 308 -9.79 26.91 12.58
C HIS C 308 -11.30 26.83 12.41
N LEU C 309 -11.95 26.06 13.30
CA LEU C 309 -13.40 25.89 13.21
C LEU C 309 -14.16 27.16 13.54
N LYS C 310 -13.54 28.12 14.24
CA LYS C 310 -14.20 29.39 14.50
C LYS C 310 -14.34 30.23 13.24
N ASN C 311 -13.56 29.92 12.20
CA ASN C 311 -13.70 30.56 10.90
C ASN C 311 -14.55 29.74 9.95
N LYS C 312 -15.10 28.62 10.39
CA LYS C 312 -15.98 27.78 9.60
C LYS C 312 -17.42 27.91 10.10
N ARG C 313 -18.34 27.36 9.32
CA ARG C 313 -19.73 27.30 9.71
C ARG C 313 -20.38 26.07 9.09
N ILE C 314 -21.43 25.58 9.74
CA ILE C 314 -22.10 24.35 9.33
C ILE C 314 -23.46 24.72 8.76
N ARG C 315 -23.75 24.21 7.58
CA ARG C 315 -25.06 24.37 6.94
C ARG C 315 -25.78 23.04 7.00
N SER C 316 -26.87 22.99 7.75
CA SER C 316 -27.62 21.76 8.00
C SER C 316 -28.84 21.70 7.08
N VAL C 317 -29.71 20.71 7.33
CA VAL C 317 -30.92 20.54 6.53
C VAL C 317 -31.79 21.78 6.58
N ALA C 318 -31.75 22.53 7.68
CA ALA C 318 -32.52 23.76 7.76
C ALA C 318 -32.04 24.79 6.75
N ASP C 319 -30.71 24.95 6.61
CA ASP C 319 -30.17 25.90 5.65
C ASP C 319 -30.50 25.47 4.22
N LEU C 320 -30.38 24.17 3.93
CA LEU C 320 -30.57 23.70 2.57
C LEU C 320 -32.04 23.74 2.16
N LEU C 321 -32.94 23.28 3.04
CA LEU C 321 -34.36 23.31 2.71
C LEU C 321 -34.90 24.73 2.61
N GLN C 322 -34.32 25.66 3.37
CA GLN C 322 -34.75 27.04 3.29
C GLN C 322 -34.28 27.70 2.00
N ASP C 323 -33.10 27.30 1.50
CA ASP C 323 -32.63 27.82 0.22
C ASP C 323 -33.50 27.33 -0.93
N GLN C 324 -33.92 26.06 -0.87
CA GLN C 324 -34.78 25.52 -1.90
C GLN C 324 -36.13 26.23 -1.93
N LEU C 325 -36.68 26.53 -0.74
CA LEU C 325 -37.93 27.27 -0.67
C LEU C 325 -37.77 28.67 -1.26
N GLY C 326 -36.66 29.34 -0.96
CA GLY C 326 -36.40 30.62 -1.58
C GLY C 326 -36.20 30.51 -3.08
N LEU C 327 -35.52 29.45 -3.52
CA LEU C 327 -35.40 29.19 -4.95
C LEU C 327 -36.76 28.85 -5.56
N ALA C 328 -37.62 28.20 -4.78
CA ALA C 328 -38.94 27.83 -5.27
C ALA C 328 -39.85 29.04 -5.44
N LEU C 329 -39.71 30.05 -4.58
CA LEU C 329 -40.55 31.23 -4.63
C LEU C 329 -40.03 32.28 -5.60
N ALA C 330 -38.91 32.03 -6.26
CA ALA C 330 -38.38 32.95 -7.26
C ALA C 330 -38.86 32.53 -8.65
N LEU C 361 -43.63 24.35 -6.61
CA LEU C 361 -43.12 24.11 -5.27
C LEU C 361 -42.82 22.62 -5.07
N THR C 362 -43.36 21.79 -5.97
CA THR C 362 -43.15 20.35 -5.89
C THR C 362 -41.91 19.90 -6.63
N THR C 363 -41.80 20.26 -7.91
CA THR C 363 -40.67 19.82 -8.72
C THR C 363 -39.34 20.40 -8.24
N THR C 364 -39.37 21.53 -7.52
CA THR C 364 -38.12 22.07 -7.00
C THR C 364 -37.54 21.20 -5.90
N TYR C 365 -38.38 20.57 -5.08
CA TYR C 365 -37.89 19.70 -4.03
C TYR C 365 -37.57 18.30 -4.54
N GLU C 366 -38.34 17.81 -5.51
CA GLU C 366 -38.00 16.52 -6.13
C GLU C 366 -36.67 16.59 -6.85
N SER C 367 -36.37 17.73 -7.46
CA SER C 367 -35.08 17.90 -8.13
C SER C 367 -33.94 18.11 -7.15
N PHE C 368 -34.21 18.72 -6.00
CA PHE C 368 -33.17 18.88 -4.99
C PHE C 368 -32.75 17.53 -4.42
N PHE C 369 -33.72 16.71 -4.01
CA PHE C 369 -33.38 15.43 -3.41
C PHE C 369 -32.76 14.47 -4.42
N GLY C 370 -33.16 14.57 -5.70
CA GLY C 370 -32.63 13.66 -6.69
C GLY C 370 -31.25 14.03 -7.22
N LEU C 371 -30.91 15.32 -7.20
CA LEU C 371 -29.71 15.80 -7.87
C LEU C 371 -28.68 16.45 -6.96
N HIS C 372 -29.08 17.04 -5.84
CA HIS C 372 -28.12 17.74 -5.00
C HIS C 372 -27.13 16.75 -4.39
N PRO C 373 -25.82 17.02 -4.44
CA PRO C 373 -24.85 16.07 -3.90
C PRO C 373 -24.94 15.86 -2.40
N LEU C 374 -25.57 16.77 -1.66
CA LEU C 374 -25.76 16.61 -0.22
C LEU C 374 -27.00 15.80 0.13
N SER C 375 -27.81 15.44 -0.85
CA SER C 375 -28.94 14.54 -0.65
C SER C 375 -28.53 13.15 -1.10
N GLN C 376 -28.50 12.21 -0.15
CA GLN C 376 -27.95 10.89 -0.40
C GLN C 376 -28.97 9.83 -0.02
N VAL C 377 -28.96 8.72 -0.76
CA VAL C 377 -29.83 7.60 -0.44
C VAL C 377 -29.35 6.96 0.86
N LEU C 378 -30.28 6.74 1.78
CA LEU C 378 -29.92 6.27 3.11
C LEU C 378 -29.35 4.86 3.05
N ASP C 379 -28.20 4.66 3.68
CA ASP C 379 -27.57 3.34 3.75
C ASP C 379 -28.28 2.53 4.83
N ARG C 380 -28.97 1.48 4.43
CA ARG C 380 -29.76 0.66 5.34
C ARG C 380 -29.20 -0.76 5.46
N THR C 381 -27.88 -0.90 5.32
CA THR C 381 -27.25 -2.22 5.46
C THR C 381 -27.52 -2.80 6.84
N ASN C 382 -27.38 -2.00 7.89
CA ASN C 382 -27.58 -2.45 9.25
C ASN C 382 -27.98 -1.24 10.09
N PRO C 383 -28.42 -1.46 11.34
CA PRO C 383 -28.82 -0.31 12.17
C PRO C 383 -27.74 0.75 12.34
N LEU C 384 -26.46 0.36 12.34
CA LEU C 384 -25.39 1.34 12.49
C LEU C 384 -25.31 2.27 11.28
N THR C 385 -25.48 1.73 10.07
CA THR C 385 -25.35 2.57 8.87
C THR C 385 -26.44 3.62 8.80
N GLN C 386 -27.65 3.29 9.27
CA GLN C 386 -28.74 4.26 9.24
C GLN C 386 -28.43 5.46 10.15
N ILE C 387 -27.85 5.20 11.31
CA ILE C 387 -27.72 6.27 12.31
C ILE C 387 -26.52 7.17 12.01
N VAL C 388 -25.46 6.64 11.41
CA VAL C 388 -24.25 7.45 11.19
C VAL C 388 -24.29 8.23 9.88
N HIS C 389 -25.16 7.86 8.94
CA HIS C 389 -25.20 8.55 7.66
C HIS C 389 -25.58 10.01 7.83
N GLY C 390 -26.54 10.30 8.70
CA GLY C 390 -27.00 11.66 8.90
C GLY C 390 -26.07 12.55 9.71
N ARG C 391 -25.01 11.99 10.28
CA ARG C 391 -24.07 12.75 11.08
C ARG C 391 -22.79 13.10 10.34
N LYS C 392 -22.74 12.86 9.03
CA LYS C 392 -21.54 13.13 8.27
C LYS C 392 -21.37 14.63 8.01
N LEU C 393 -20.12 15.04 7.84
CA LEU C 393 -19.76 16.41 7.52
C LEU C 393 -18.93 16.39 6.24
N SER C 394 -19.40 17.10 5.21
CA SER C 394 -18.74 17.15 3.92
C SER C 394 -18.09 18.52 3.72
N TYR C 395 -16.82 18.52 3.32
CA TYR C 395 -16.11 19.75 3.03
C TYR C 395 -16.33 20.19 1.58
N ARG C 411 -7.56 18.49 5.06
CA ARG C 411 -7.44 17.05 5.26
C ARG C 411 -6.80 16.73 6.61
N ASP C 412 -6.30 17.76 7.27
CA ASP C 412 -5.54 17.62 8.50
C ASP C 412 -6.42 17.83 9.72
N ILE C 413 -6.08 17.13 10.81
CA ILE C 413 -6.74 17.37 12.09
C ILE C 413 -6.29 18.70 12.65
N HIS C 414 -7.25 19.48 13.14
CA HIS C 414 -6.96 20.76 13.77
C HIS C 414 -7.28 20.69 15.26
N PRO C 415 -6.55 21.43 16.10
CA PRO C 415 -6.87 21.40 17.55
C PRO C 415 -8.29 21.84 17.86
N SER C 416 -8.88 22.72 17.04
CA SER C 416 -10.25 23.15 17.26
C SER C 416 -11.27 22.03 17.06
N HIS C 417 -10.86 20.90 16.46
CA HIS C 417 -11.78 19.81 16.20
C HIS C 417 -12.15 19.02 17.44
N TYR C 418 -11.35 19.12 18.51
CA TYR C 418 -11.49 18.22 19.65
C TYR C 418 -12.86 18.37 20.30
N GLY C 419 -13.60 17.26 20.38
CA GLY C 419 -14.93 17.25 20.92
C GLY C 419 -16.02 17.63 19.95
N ARG C 420 -15.67 18.02 18.73
CA ARG C 420 -16.63 18.43 17.72
C ARG C 420 -16.58 17.56 16.47
N ILE C 421 -15.39 17.33 15.93
CA ILE C 421 -15.20 16.49 14.76
C ILE C 421 -14.27 15.35 15.14
N CYS C 422 -14.67 14.13 14.83
CA CYS C 422 -13.90 12.95 15.24
C CYS C 422 -12.56 12.94 14.54
N PRO C 423 -11.45 12.70 15.26
CA PRO C 423 -10.13 12.67 14.63
C PRO C 423 -9.83 11.38 13.89
N ILE C 424 -10.63 10.33 14.08
CA ILE C 424 -10.37 9.03 13.49
C ILE C 424 -11.24 8.77 12.27
N ASP C 425 -12.56 8.97 12.42
CA ASP C 425 -13.50 8.55 11.39
C ASP C 425 -13.40 9.47 10.19
N THR C 426 -12.85 8.96 9.09
CA THR C 426 -12.72 9.68 7.84
C THR C 426 -12.88 8.69 6.70
N SER C 427 -12.82 9.20 5.47
CA SER C 427 -12.94 8.34 4.31
C SER C 427 -11.58 7.79 3.89
N GLU C 428 -11.62 6.70 3.14
CA GLU C 428 -10.41 6.06 2.62
C GLU C 428 -10.38 6.23 1.11
N GLY C 429 -9.27 6.78 0.60
CA GLY C 429 -9.15 7.02 -0.82
C GLY C 429 -8.60 8.39 -1.14
N ILE C 430 -9.38 9.20 -1.85
CA ILE C 430 -8.96 10.54 -2.24
C ILE C 430 -9.74 11.63 -1.52
N ASN C 431 -10.89 11.31 -0.93
CA ASN C 431 -11.65 12.25 -0.13
C ASN C 431 -11.24 12.27 1.33
N VAL C 432 -10.17 11.55 1.68
CA VAL C 432 -9.74 11.47 3.07
C VAL C 432 -9.51 12.86 3.63
N GLY C 433 -10.03 13.11 4.82
CA GLY C 433 -9.94 14.41 5.45
C GLY C 433 -10.95 15.43 4.95
N LEU C 434 -11.81 15.07 4.01
CA LEU C 434 -12.83 15.96 3.50
C LEU C 434 -14.25 15.52 3.81
N ILE C 435 -14.44 14.30 4.31
CA ILE C 435 -15.72 13.83 4.82
C ILE C 435 -15.46 13.27 6.20
N GLY C 436 -15.99 13.94 7.22
CA GLY C 436 -15.79 13.52 8.60
C GLY C 436 -17.09 13.23 9.32
N SER C 437 -17.00 12.96 10.62
CA SER C 437 -18.17 12.65 11.43
C SER C 437 -18.21 13.59 12.64
N LEU C 438 -19.43 13.92 13.04
CA LEU C 438 -19.63 14.73 14.23
C LEU C 438 -19.39 13.89 15.48
N SER C 439 -18.79 14.52 16.50
CA SER C 439 -18.58 13.85 17.76
C SER C 439 -19.92 13.56 18.44
N ILE C 440 -19.89 12.60 19.37
CA ILE C 440 -21.12 12.09 19.96
C ILE C 440 -21.84 13.20 20.74
N HIS C 441 -21.10 14.04 21.45
CA HIS C 441 -21.68 15.10 22.25
C HIS C 441 -21.71 16.44 21.53
N ALA C 442 -21.39 16.48 20.24
CA ALA C 442 -21.35 17.73 19.51
C ALA C 442 -22.75 18.29 19.30
N ARG C 443 -22.81 19.59 19.04
CA ARG C 443 -24.07 20.29 18.84
C ARG C 443 -23.81 21.51 17.97
N ILE C 444 -24.81 21.90 17.20
CA ILE C 444 -24.71 23.07 16.32
C ILE C 444 -25.24 24.29 17.07
N GLY C 445 -24.45 25.35 17.09
CA GLY C 445 -24.78 26.55 17.85
C GLY C 445 -25.63 27.54 17.09
N ASP C 446 -25.66 28.76 17.60
CA ASP C 446 -26.53 29.82 17.08
C ASP C 446 -25.89 30.62 15.96
N TRP C 447 -24.69 30.26 15.52
CA TRP C 447 -24.05 30.91 14.39
C TRP C 447 -23.50 29.89 13.40
N GLY C 448 -24.11 28.71 13.34
CA GLY C 448 -23.58 27.64 12.53
C GLY C 448 -22.28 27.05 13.06
N SER C 449 -22.00 27.22 14.34
CA SER C 449 -20.77 26.74 14.94
C SER C 449 -21.03 25.46 15.71
N LEU C 450 -20.03 24.57 15.70
CA LEU C 450 -20.10 23.34 16.47
C LEU C 450 -19.71 23.62 17.93
N GLU C 451 -20.48 23.05 18.85
CA GLU C 451 -20.25 23.25 20.27
C GLU C 451 -20.14 21.92 20.98
N SER C 452 -19.31 21.89 22.02
CA SER C 452 -19.05 20.69 22.79
C SER C 452 -19.16 21.01 24.27
N PRO C 453 -19.68 20.09 25.08
CA PRO C 453 -19.89 20.38 26.50
C PRO C 453 -18.67 20.10 27.36
N PHE C 454 -18.43 21.00 28.32
CA PHE C 454 -17.34 20.86 29.27
C PHE C 454 -17.84 21.21 30.66
N TYR C 455 -17.18 20.64 31.67
CA TYR C 455 -17.55 20.87 33.06
C TYR C 455 -16.76 22.04 33.60
N GLU C 456 -17.45 23.05 34.11
CA GLU C 456 -16.81 24.28 34.56
C GLU C 456 -16.40 24.16 36.03
N LEU C 457 -15.14 24.47 36.31
CA LEU C 457 -14.64 24.56 37.67
C LEU C 457 -14.85 25.98 38.17
N VAL C 458 -15.81 26.15 39.07
CA VAL C 458 -16.27 27.47 39.50
C VAL C 458 -15.64 27.81 40.83
N GLU C 459 -15.40 29.10 41.06
CA GLU C 459 -14.84 29.57 42.31
C GLU C 459 -15.87 29.41 43.44
N LYS C 460 -15.47 29.83 44.64
CA LYS C 460 -16.32 29.63 45.81
C LYS C 460 -17.61 30.45 45.73
N SER C 461 -17.51 31.71 45.31
CA SER C 461 -18.64 32.63 45.38
C SER C 461 -19.27 32.77 43.99
N LYS C 462 -20.21 31.89 43.69
CA LYS C 462 -21.01 31.95 42.47
C LYS C 462 -22.14 30.95 42.58
N LYS C 463 -23.31 31.33 42.05
CA LYS C 463 -24.46 30.42 42.08
C LYS C 463 -24.16 29.16 41.27
N ALA C 464 -23.97 29.33 39.96
CA ALA C 464 -23.56 28.24 39.05
C ALA C 464 -24.53 27.06 39.15
N GLN C 465 -25.76 27.32 38.69
CA GLN C 465 -26.80 26.29 38.70
C GLN C 465 -26.34 25.06 37.91
N ILE C 466 -26.11 25.23 36.61
CA ILE C 466 -25.60 24.16 35.75
C ILE C 466 -24.13 24.46 35.47
N ARG C 467 -23.26 23.51 35.81
CA ARG C 467 -21.84 23.66 35.55
C ARG C 467 -21.40 23.10 34.21
N MET C 468 -22.30 22.45 33.48
CA MET C 468 -22.01 21.95 32.14
C MET C 468 -22.35 23.04 31.13
N LEU C 469 -21.35 23.46 30.36
CA LEU C 469 -21.55 24.52 29.37
C LEU C 469 -20.98 24.08 28.02
N PHE C 470 -21.64 24.52 26.96
CA PHE C 470 -21.20 24.25 25.60
C PHE C 470 -20.30 25.39 25.12
N LEU C 471 -19.15 25.02 24.55
CA LEU C 471 -18.17 25.98 24.07
C LEU C 471 -18.07 25.92 22.56
N SER C 472 -18.18 27.08 21.91
CA SER C 472 -17.87 27.21 20.50
C SER C 472 -16.35 27.21 20.30
N PRO C 473 -15.88 26.94 19.08
CA PRO C 473 -14.42 26.88 18.86
C PRO C 473 -13.70 28.18 19.19
N SER C 474 -14.35 29.33 19.02
CA SER C 474 -13.71 30.60 19.34
C SER C 474 -13.40 30.71 20.83
N GLN C 475 -14.31 30.26 21.68
CA GLN C 475 -14.10 30.31 23.12
C GLN C 475 -13.13 29.24 23.62
N ASP C 476 -12.83 28.23 22.81
CA ASP C 476 -12.07 27.08 23.30
C ASP C 476 -10.63 27.43 23.63
N GLU C 477 -10.00 28.28 22.81
CA GLU C 477 -8.57 28.53 22.96
C GLU C 477 -8.24 29.20 24.29
N TYR C 478 -9.16 30.01 24.82
CA TYR C 478 -8.88 30.87 25.96
C TYR C 478 -9.33 30.27 27.28
N TYR C 479 -9.74 29.01 27.30
CA TYR C 479 -9.97 28.26 28.52
C TYR C 479 -8.90 27.20 28.69
N MET C 480 -8.54 26.95 29.94
CA MET C 480 -7.60 25.88 30.27
C MET C 480 -8.42 24.61 30.51
N ILE C 481 -8.28 23.64 29.62
CA ILE C 481 -9.11 22.44 29.63
C ILE C 481 -8.22 21.25 29.95
N ALA C 482 -8.55 20.56 31.04
CA ALA C 482 -7.79 19.39 31.48
C ALA C 482 -8.62 18.14 31.29
N ALA C 483 -7.95 17.04 30.94
CA ALA C 483 -8.59 15.75 30.80
C ALA C 483 -8.14 14.74 31.84
N GLY C 484 -7.25 15.12 32.75
CA GLY C 484 -6.79 14.24 33.79
C GLY C 484 -7.76 14.16 34.95
N ASN C 485 -7.34 13.44 35.98
CA ASN C 485 -8.12 13.23 37.19
C ASN C 485 -7.38 13.79 38.39
N SER C 486 -8.04 13.76 39.54
CA SER C 486 -7.50 14.33 40.78
C SER C 486 -7.15 13.25 41.80
N LEU C 487 -6.63 12.11 41.33
CA LEU C 487 -6.22 11.02 42.21
C LEU C 487 -4.71 11.04 42.42
N ALA C 488 -4.24 12.13 43.05
CA ALA C 488 -2.81 12.30 43.29
C ALA C 488 -2.64 13.23 44.49
N LEU C 489 -1.88 12.77 45.49
CA LEU C 489 -1.66 13.54 46.69
C LEU C 489 -0.22 13.33 47.20
N ASN C 490 0.43 14.43 47.56
CA ASN C 490 1.71 14.39 48.24
C ASN C 490 1.62 15.21 49.52
N ARG C 491 2.77 15.53 50.13
CA ARG C 491 2.77 16.28 51.37
C ARG C 491 2.17 17.68 51.21
N GLY C 492 2.05 18.19 49.99
CA GLY C 492 1.44 19.47 49.75
C GLY C 492 -0.07 19.41 49.79
N ILE C 493 -0.73 20.14 48.89
CA ILE C 493 -2.18 20.13 48.78
C ILE C 493 -2.58 19.72 47.38
N GLN C 494 -3.83 19.29 47.25
CA GLN C 494 -4.32 18.76 45.98
C GLN C 494 -4.33 19.81 44.88
N GLU C 495 -4.58 21.07 45.24
CA GLU C 495 -4.68 22.13 44.23
C GLU C 495 -3.36 22.35 43.50
N GLU C 496 -2.23 21.95 44.08
CA GLU C 496 -0.94 22.18 43.45
C GLU C 496 -0.47 21.00 42.60
N GLN C 497 -1.21 19.91 42.58
CA GLN C 497 -0.87 18.80 41.68
C GLN C 497 -1.08 19.21 40.23
N VAL C 498 -0.26 18.66 39.34
CA VAL C 498 -0.23 19.09 37.95
C VAL C 498 -0.87 18.04 37.07
N VAL C 499 -1.54 18.49 36.02
CA VAL C 499 -2.17 17.62 35.03
C VAL C 499 -1.94 18.19 33.64
N PRO C 500 -1.96 17.35 32.63
CA PRO C 500 -1.89 17.86 31.25
C PRO C 500 -3.19 18.54 30.86
N ALA C 501 -3.05 19.69 30.19
CA ALA C 501 -4.20 20.49 29.81
C ALA C 501 -3.98 21.09 28.42
N ARG C 502 -5.07 21.49 27.79
CA ARG C 502 -5.03 22.17 26.51
C ARG C 502 -5.27 23.67 26.71
N TYR C 503 -4.50 24.48 26.02
CA TYR C 503 -4.62 25.93 26.14
C TYR C 503 -3.95 26.59 24.93
N ARG C 504 -4.69 27.48 24.26
CA ARG C 504 -4.18 28.21 23.10
C ARG C 504 -3.62 27.27 22.04
N GLN C 505 -4.36 26.18 21.79
CA GLN C 505 -4.02 25.20 20.75
C GLN C 505 -2.67 24.51 21.00
N GLU C 506 -2.31 24.34 22.27
CA GLU C 506 -1.11 23.58 22.63
C GLU C 506 -1.40 22.81 23.91
N PHE C 507 -0.38 22.09 24.39
CA PHE C 507 -0.49 21.27 25.58
C PHE C 507 0.48 21.77 26.64
N LEU C 508 -0.01 21.91 27.87
CA LEU C 508 0.78 22.39 28.99
C LEU C 508 0.75 21.34 30.11
N THR C 509 1.37 21.70 31.23
CA THR C 509 1.28 20.93 32.46
C THR C 509 1.18 21.93 33.60
N ILE C 510 -0.03 22.11 34.14
CA ILE C 510 -0.30 23.17 35.09
C ILE C 510 -1.01 22.59 36.31
N ALA C 511 -1.01 23.37 37.39
CA ALA C 511 -1.66 22.96 38.62
C ALA C 511 -3.17 22.91 38.43
N TRP C 512 -3.83 22.14 39.29
CA TRP C 512 -5.29 21.99 39.21
C TRP C 512 -6.00 23.32 39.45
N GLU C 513 -5.44 24.17 40.32
CA GLU C 513 -6.09 25.43 40.65
C GLU C 513 -6.11 26.41 39.49
N GLU C 514 -5.30 26.18 38.45
CA GLU C 514 -5.32 27.01 37.26
C GLU C 514 -6.22 26.44 36.16
N VAL C 515 -6.86 25.30 36.40
CA VAL C 515 -7.71 24.67 35.40
C VAL C 515 -9.07 25.36 35.40
N HIS C 516 -9.56 25.70 34.20
CA HIS C 516 -10.88 26.32 34.06
C HIS C 516 -11.97 25.29 33.81
N LEU C 517 -11.71 24.30 32.95
CA LEU C 517 -12.73 23.35 32.54
C LEU C 517 -12.17 21.93 32.57
N ARG C 518 -13.07 20.97 32.72
CA ARG C 518 -12.73 19.55 32.67
C ARG C 518 -13.55 18.86 31.60
N SER C 519 -12.90 18.01 30.81
CA SER C 519 -13.59 17.11 29.89
C SER C 519 -13.86 15.81 30.62
N ILE C 520 -15.13 15.47 30.82
CA ILE C 520 -15.50 14.36 31.68
C ILE C 520 -16.27 13.26 30.95
N PHE C 521 -16.82 13.52 29.76
CA PHE C 521 -17.63 12.52 29.10
C PHE C 521 -16.75 11.46 28.44
N PRO C 522 -16.99 10.17 28.68
CA PRO C 522 -16.12 9.13 28.12
C PRO C 522 -16.07 9.09 26.60
N PHE C 523 -17.17 9.42 25.92
CA PHE C 523 -17.26 9.33 24.46
C PHE C 523 -17.23 10.69 23.79
N GLN C 524 -16.61 11.68 24.43
CA GLN C 524 -16.74 13.05 23.96
C GLN C 524 -15.99 13.28 22.64
N TYR C 525 -14.83 12.67 22.47
CA TYR C 525 -13.92 13.05 21.40
C TYR C 525 -14.03 12.20 20.13
N PHE C 526 -14.91 11.20 20.11
CA PHE C 526 -14.94 10.27 18.99
C PHE C 526 -16.36 10.11 18.46
N SER C 527 -16.43 9.59 17.23
CA SER C 527 -17.69 9.36 16.55
C SER C 527 -18.32 8.04 17.04
N ILE C 528 -19.48 7.71 16.46
CA ILE C 528 -20.18 6.50 16.89
C ILE C 528 -19.39 5.25 16.55
N GLY C 529 -18.82 5.19 15.35
CA GLY C 529 -18.11 3.98 14.94
C GLY C 529 -16.89 3.70 15.79
N ALA C 530 -16.11 4.73 16.11
CA ALA C 530 -14.94 4.54 16.95
C ALA C 530 -15.33 4.21 18.39
N SER C 531 -16.50 4.68 18.82
CA SER C 531 -16.96 4.48 20.19
C SER C 531 -17.58 3.10 20.43
N LEU C 532 -17.60 2.24 19.41
CA LEU C 532 -18.08 0.88 19.57
C LEU C 532 -16.94 -0.14 19.67
N ILE C 533 -15.71 0.34 19.82
CA ILE C 533 -14.53 -0.53 19.83
C ILE C 533 -14.09 -0.68 21.28
N PRO C 534 -14.29 -1.83 21.91
CA PRO C 534 -13.76 -2.03 23.27
C PRO C 534 -12.24 -2.04 23.27
N PHE C 535 -11.66 -1.57 24.38
CA PHE C 535 -10.21 -1.49 24.55
C PHE C 535 -9.56 -0.73 23.39
N ILE C 536 -10.20 0.35 22.96
CA ILE C 536 -9.69 1.09 21.80
C ILE C 536 -8.35 1.74 22.11
N GLU C 537 -8.10 2.08 23.38
CA GLU C 537 -6.84 2.72 23.76
C GLU C 537 -5.64 1.79 23.60
N HIS C 538 -5.86 0.50 23.37
CA HIS C 538 -4.79 -0.45 23.12
C HIS C 538 -4.61 -0.74 21.63
N ASN C 539 -5.29 0.00 20.77
CA ASN C 539 -5.20 -0.17 19.32
C ASN C 539 -4.54 1.06 18.70
N ASP C 540 -3.73 0.83 17.67
CA ASP C 540 -3.23 1.94 16.87
C ASP C 540 -4.39 2.69 16.23
N ALA C 541 -4.26 4.02 16.15
CA ALA C 541 -5.37 4.84 15.67
C ALA C 541 -5.72 4.56 14.21
N ASN C 542 -4.81 3.97 13.44
CA ASN C 542 -5.14 3.64 12.05
C ASN C 542 -6.10 2.47 11.97
N ARG C 543 -5.95 1.48 12.86
CA ARG C 543 -6.86 0.35 12.85
C ARG C 543 -8.25 0.72 13.36
N ALA C 544 -8.35 1.77 14.18
CA ALA C 544 -9.67 2.21 14.64
C ALA C 544 -10.47 2.83 13.50
N LEU C 545 -9.79 3.45 12.54
CA LEU C 545 -10.48 3.96 11.36
C LEU C 545 -10.99 2.82 10.49
N MET C 546 -10.13 1.84 10.21
CA MET C 546 -10.54 0.68 9.42
C MET C 546 -11.65 -0.10 10.11
N SER C 547 -11.65 -0.11 11.44
CA SER C 547 -12.72 -0.81 12.17
C SER C 547 -14.06 -0.12 11.97
N SER C 548 -14.07 1.21 11.94
CA SER C 548 -15.33 1.93 11.74
C SER C 548 -15.95 1.60 10.40
N ASN C 549 -15.13 1.49 9.36
CA ASN C 549 -15.64 1.14 8.03
C ASN C 549 -16.18 -0.28 8.00
N MET C 550 -15.49 -1.23 8.66
CA MET C 550 -15.92 -2.62 8.60
C MET C 550 -17.25 -2.83 9.32
N GLN C 551 -17.47 -2.17 10.44
CA GLN C 551 -18.74 -2.28 11.15
C GLN C 551 -19.90 -1.74 10.33
N ARG C 552 -19.63 -0.85 9.37
CA ARG C 552 -20.66 -0.38 8.46
C ARG C 552 -20.92 -1.36 7.32
N GLN C 553 -20.11 -2.40 7.18
CA GLN C 553 -20.30 -3.42 6.16
C GLN C 553 -20.84 -4.72 6.73
N ALA C 554 -21.23 -4.74 8.00
CA ALA C 554 -21.64 -5.97 8.66
C ALA C 554 -23.06 -6.35 8.27
N VAL C 555 -23.25 -7.62 7.90
CA VAL C 555 -24.54 -8.14 7.46
C VAL C 555 -25.37 -8.56 8.68
N PRO C 556 -26.61 -8.11 8.80
CA PRO C 556 -27.49 -8.66 9.84
C PRO C 556 -27.70 -10.15 9.61
N LEU C 557 -27.64 -10.92 10.70
CA LEU C 557 -27.75 -12.36 10.64
C LEU C 557 -29.18 -12.80 10.94
N SER C 558 -29.53 -14.00 10.48
CA SER C 558 -30.88 -14.52 10.68
C SER C 558 -31.19 -14.65 12.17
N ARG C 559 -30.24 -15.16 12.95
CA ARG C 559 -30.30 -15.12 14.40
C ARG C 559 -29.28 -14.11 14.89
N SER C 560 -29.67 -13.29 15.86
CA SER C 560 -28.82 -12.24 16.37
C SER C 560 -28.38 -12.56 17.80
N GLU C 561 -27.24 -12.00 18.19
CA GLU C 561 -26.62 -12.35 19.47
C GLU C 561 -25.83 -11.15 19.98
N LYS C 562 -26.04 -10.81 21.25
CA LYS C 562 -25.32 -9.71 21.86
C LYS C 562 -23.85 -10.06 22.06
N CYS C 563 -22.99 -9.05 21.92
CA CYS C 563 -21.57 -9.23 22.21
C CYS C 563 -21.34 -9.45 23.70
N ILE C 564 -20.41 -10.35 24.02
CA ILE C 564 -20.04 -10.55 25.42
C ILE C 564 -19.36 -9.29 25.96
N VAL C 565 -18.48 -8.68 25.16
CA VAL C 565 -17.74 -7.49 25.56
C VAL C 565 -18.15 -6.34 24.65
N GLY C 566 -18.58 -5.23 25.26
CA GLY C 566 -18.95 -4.04 24.53
C GLY C 566 -18.50 -2.80 25.25
N THR C 567 -18.77 -1.65 24.64
CA THR C 567 -18.41 -0.36 25.24
C THR C 567 -19.55 0.27 26.02
N GLY C 568 -20.79 -0.22 25.85
CA GLY C 568 -21.95 0.39 26.45
C GLY C 568 -22.71 1.34 25.55
N LEU C 569 -22.15 1.68 24.39
CA LEU C 569 -22.84 2.53 23.42
C LEU C 569 -23.78 1.75 22.51
N GLU C 570 -23.74 0.41 22.57
CA GLU C 570 -24.59 -0.39 21.69
C GLU C 570 -26.07 -0.12 21.95
N ARG C 571 -26.43 0.13 23.21
CA ARG C 571 -27.83 0.42 23.53
C ARG C 571 -28.28 1.75 22.95
N GLN C 572 -27.38 2.75 22.93
CA GLN C 572 -27.74 4.06 22.36
C GLN C 572 -28.00 3.96 20.87
N VAL C 573 -27.20 3.17 20.16
CA VAL C 573 -27.38 2.99 18.72
C VAL C 573 -28.72 2.32 18.42
N ALA C 574 -29.07 1.31 19.21
CA ALA C 574 -30.34 0.62 19.01
C ALA C 574 -31.52 1.56 19.19
N LEU C 575 -31.47 2.42 20.22
CA LEU C 575 -32.58 3.33 20.48
C LEU C 575 -32.73 4.37 19.38
N ASP C 576 -31.62 4.96 18.93
CA ASP C 576 -31.67 6.05 17.96
C ASP C 576 -31.83 5.58 16.52
N SER C 577 -31.60 4.30 16.23
CA SER C 577 -31.69 3.83 14.85
C SER C 577 -33.13 3.71 14.36
N GLY C 578 -34.09 3.54 15.26
CA GLY C 578 -35.46 3.28 14.87
C GLY C 578 -35.72 1.86 14.43
N VAL C 579 -34.70 1.01 14.39
CA VAL C 579 -34.90 -0.38 14.01
C VAL C 579 -35.84 -1.12 14.95
N PRO C 580 -35.72 -1.02 16.28
CA PRO C 580 -36.69 -1.66 17.15
C PRO C 580 -37.99 -0.87 17.21
N ALA C 581 -38.99 -1.48 17.85
CA ALA C 581 -40.28 -0.84 18.08
C ALA C 581 -40.34 -0.38 19.53
N ILE C 582 -40.62 0.91 19.73
CA ILE C 582 -40.69 1.51 21.06
C ILE C 582 -42.09 2.07 21.26
N ALA C 583 -42.62 1.88 22.47
CA ALA C 583 -43.97 2.33 22.77
C ALA C 583 -44.06 3.84 22.74
N GLU C 584 -45.09 4.35 22.05
CA GLU C 584 -45.41 5.76 22.06
C GLU C 584 -46.36 6.14 23.19
N HIS C 585 -46.84 5.14 23.94
CA HIS C 585 -47.82 5.34 24.99
C HIS C 585 -47.62 4.25 26.03
N GLU C 586 -47.84 4.61 27.29
CA GLU C 586 -47.75 3.61 28.35
C GLU C 586 -49.02 2.75 28.36
N GLY C 587 -48.95 1.64 29.07
CA GLY C 587 -50.11 0.77 29.20
C GLY C 587 -49.68 -0.68 29.41
N LYS C 588 -50.55 -1.60 28.99
CA LYS C 588 -50.35 -3.02 29.14
C LYS C 588 -50.44 -3.71 27.79
N ILE C 589 -49.72 -4.82 27.65
CA ILE C 589 -49.72 -5.61 26.42
C ILE C 589 -50.84 -6.64 26.51
N LEU C 590 -51.67 -6.70 25.47
CA LEU C 590 -52.80 -7.62 25.43
C LEU C 590 -52.62 -8.76 24.44
N TYR C 591 -51.92 -8.53 23.34
CA TYR C 591 -51.84 -9.53 22.27
C TYR C 591 -50.57 -9.32 21.47
N THR C 592 -49.84 -10.40 21.23
CA THR C 592 -48.64 -10.36 20.39
C THR C 592 -48.66 -11.55 19.44
N ASP C 593 -48.18 -11.32 18.22
CA ASP C 593 -47.98 -12.38 17.24
C ASP C 593 -46.82 -11.98 16.34
N THR C 594 -46.69 -12.65 15.21
CA THR C 594 -45.60 -12.32 14.28
C THR C 594 -45.84 -10.98 13.60
N GLU C 595 -47.09 -10.54 13.49
CA GLU C 595 -47.43 -9.37 12.69
C GLU C 595 -47.73 -8.11 13.48
N LYS C 596 -48.19 -8.22 14.72
CA LYS C 596 -48.61 -7.03 15.45
C LYS C 596 -48.50 -7.26 16.95
N ILE C 597 -48.49 -6.15 17.68
CA ILE C 597 -48.59 -6.15 19.13
C ILE C 597 -49.66 -5.15 19.53
N ILE C 598 -50.59 -5.58 20.38
CA ILE C 598 -51.70 -4.74 20.82
C ILE C 598 -51.40 -4.24 22.22
N LEU C 599 -51.40 -2.92 22.37
CA LEU C 599 -51.09 -2.26 23.65
C LEU C 599 -52.25 -1.34 24.00
N SER C 600 -52.72 -1.43 25.25
CA SER C 600 -53.82 -0.62 25.72
C SER C 600 -53.43 0.08 27.00
N GLY C 601 -53.69 1.39 27.06
CA GLY C 601 -53.42 2.16 28.24
C GLY C 601 -54.28 3.41 28.35
N ASN C 602 -54.92 3.59 29.50
CA ASN C 602 -55.80 4.73 29.76
C ASN C 602 -56.90 4.84 28.71
N GLU C 603 -57.66 3.75 28.58
CA GLU C 603 -58.82 3.65 27.70
C GLU C 603 -58.46 3.89 26.24
N ASN C 604 -57.20 3.70 25.87
CA ASN C 604 -56.75 3.87 24.48
C ASN C 604 -56.03 2.60 24.05
N THR C 605 -56.47 2.00 22.96
CA THR C 605 -55.90 0.77 22.43
C THR C 605 -55.13 1.09 21.16
N LEU C 606 -53.91 0.58 21.07
CA LEU C 606 -53.03 0.82 19.93
C LEU C 606 -52.60 -0.52 19.32
N SER C 607 -52.59 -0.57 17.99
CA SER C 607 -52.10 -1.73 17.25
C SER C 607 -50.84 -1.33 16.51
N ILE C 608 -49.76 -2.09 16.73
CA ILE C 608 -48.45 -1.74 16.20
C ILE C 608 -48.00 -2.85 15.24
N PRO C 609 -48.03 -2.62 13.93
CA PRO C 609 -47.58 -3.65 13.00
C PRO C 609 -46.08 -3.90 13.10
N LEU C 610 -45.68 -5.13 12.77
CA LEU C 610 -44.30 -5.55 12.85
C LEU C 610 -43.75 -5.84 11.47
N ILE C 611 -42.58 -5.27 11.16
CA ILE C 611 -41.93 -5.52 9.88
C ILE C 611 -41.51 -6.97 9.80
N MET C 612 -41.81 -7.61 8.68
CA MET C 612 -41.50 -9.03 8.47
C MET C 612 -40.87 -9.21 7.09
N TYR C 613 -39.65 -9.72 7.06
CA TYR C 613 -38.94 -10.08 5.84
C TYR C 613 -39.02 -8.96 4.79
N GLN C 614 -38.63 -7.77 5.20
CA GLN C 614 -38.65 -6.59 4.34
C GLN C 614 -37.25 -6.32 3.80
N ARG C 615 -37.16 -6.06 2.50
CA ARG C 615 -35.90 -5.75 1.86
C ARG C 615 -35.47 -4.32 2.18
N SER C 616 -34.17 -4.13 2.37
CA SER C 616 -33.60 -2.82 2.64
C SER C 616 -32.92 -2.28 1.37
N ASN C 617 -32.24 -1.14 1.51
CA ASN C 617 -31.58 -0.52 0.37
C ASN C 617 -30.53 -1.44 -0.24
N LYS C 618 -29.77 -2.15 0.60
CA LYS C 618 -28.65 -2.96 0.15
C LYS C 618 -28.98 -4.45 0.15
N ASN C 619 -30.25 -4.80 -0.11
CA ASN C 619 -30.71 -6.17 -0.23
C ASN C 619 -30.54 -6.97 1.05
N THR C 620 -30.52 -6.30 2.20
CA THR C 620 -30.50 -7.00 3.48
C THR C 620 -31.91 -7.17 4.00
N CYS C 621 -32.06 -8.09 4.95
CA CYS C 621 -33.38 -8.48 5.43
C CYS C 621 -33.69 -7.74 6.73
N MET C 622 -34.82 -7.05 6.74
CA MET C 622 -35.33 -6.40 7.94
C MET C 622 -36.50 -7.21 8.50
N HIS C 623 -36.47 -7.43 9.80
CA HIS C 623 -37.45 -8.31 10.44
C HIS C 623 -37.55 -8.02 11.93
N GLN C 624 -38.75 -7.86 12.44
CA GLN C 624 -38.99 -7.52 13.83
C GLN C 624 -39.60 -8.70 14.57
N LYS C 625 -39.13 -8.94 15.80
CA LYS C 625 -39.61 -9.99 16.65
C LYS C 625 -40.05 -9.40 17.98
N PRO C 626 -41.22 -9.77 18.50
CA PRO C 626 -41.69 -9.18 19.75
C PRO C 626 -40.75 -9.47 20.92
N GLN C 627 -40.59 -8.48 21.80
CA GLN C 627 -39.80 -8.62 23.01
C GLN C 627 -40.64 -8.53 24.27
N VAL C 628 -41.96 -8.56 24.16
CA VAL C 628 -42.87 -8.49 25.29
C VAL C 628 -43.94 -9.55 25.16
N ARG C 629 -44.56 -9.89 26.27
CA ARG C 629 -45.62 -10.89 26.33
C ARG C 629 -46.92 -10.22 26.78
N ARG C 630 -48.00 -11.01 26.79
CA ARG C 630 -49.28 -10.52 27.26
C ARG C 630 -49.23 -10.20 28.74
N GLY C 631 -49.83 -9.08 29.12
CA GLY C 631 -49.91 -8.69 30.51
C GLY C 631 -48.72 -7.93 31.05
N LYS C 632 -47.79 -7.51 30.21
CA LYS C 632 -46.59 -6.80 30.63
C LYS C 632 -46.83 -5.31 30.55
N CYS C 633 -46.55 -4.61 31.64
CA CYS C 633 -46.72 -3.16 31.69
C CYS C 633 -45.55 -2.46 31.00
N ILE C 634 -45.86 -1.40 30.26
CA ILE C 634 -44.89 -0.69 29.45
C ILE C 634 -44.95 0.79 29.80
N LYS C 635 -43.79 1.43 29.89
CA LYS C 635 -43.70 2.88 29.92
C LYS C 635 -43.58 3.42 28.50
N LYS C 636 -43.92 4.69 28.33
CA LYS C 636 -43.70 5.34 27.04
C LYS C 636 -42.21 5.42 26.76
N GLY C 637 -41.82 5.00 25.56
CA GLY C 637 -40.43 5.01 25.17
C GLY C 637 -39.66 3.74 25.46
N GLN C 638 -40.31 2.70 25.96
CA GLN C 638 -39.65 1.42 26.21
C GLN C 638 -39.79 0.50 25.01
N ILE C 639 -38.88 -0.48 24.93
CA ILE C 639 -38.78 -1.35 23.76
C ILE C 639 -39.94 -2.32 23.74
N LEU C 640 -40.44 -2.61 22.54
CA LEU C 640 -41.49 -3.59 22.32
C LEU C 640 -41.05 -4.77 21.46
N ALA C 641 -40.29 -4.52 20.39
CA ALA C 641 -39.84 -5.57 19.50
C ALA C 641 -38.40 -5.32 19.11
N ASP C 642 -37.70 -6.41 18.78
CA ASP C 642 -36.31 -6.34 18.33
C ASP C 642 -36.26 -6.45 16.81
N GLY C 643 -35.56 -5.52 16.18
CA GLY C 643 -35.32 -5.58 14.76
C GLY C 643 -34.13 -6.45 14.42
N ALA C 644 -33.76 -6.44 13.14
CA ALA C 644 -32.60 -7.18 12.69
C ALA C 644 -31.33 -6.57 13.26
N ALA C 645 -30.39 -7.43 13.65
CA ALA C 645 -29.12 -7.02 14.25
C ALA C 645 -29.35 -6.22 15.54
N THR C 646 -30.34 -6.65 16.32
CA THR C 646 -30.65 -6.00 17.60
C THR C 646 -31.25 -7.05 18.53
N VAL C 647 -30.65 -7.20 19.70
CA VAL C 647 -31.13 -8.13 20.73
C VAL C 647 -31.30 -7.36 22.02
N GLY C 648 -32.51 -7.37 22.57
CA GLY C 648 -32.76 -6.76 23.87
C GLY C 648 -32.45 -5.28 23.93
N GLY C 649 -32.59 -4.57 22.81
CA GLY C 649 -32.29 -3.16 22.79
C GLY C 649 -30.83 -2.81 22.66
N GLU C 650 -30.03 -3.71 22.09
CA GLU C 650 -28.62 -3.46 21.84
C GLU C 650 -28.26 -3.84 20.41
N LEU C 651 -27.39 -3.04 19.80
CA LEU C 651 -26.86 -3.39 18.49
C LEU C 651 -26.11 -4.73 18.57
N ALA C 652 -26.41 -5.62 17.63
CA ALA C 652 -25.83 -6.97 17.62
C ALA C 652 -25.45 -7.31 16.18
N LEU C 653 -24.22 -6.97 15.80
CA LEU C 653 -23.75 -7.13 14.43
C LEU C 653 -23.05 -8.45 14.17
N GLY C 654 -22.82 -9.27 15.19
CA GLY C 654 -22.04 -10.48 14.99
C GLY C 654 -22.31 -11.61 15.95
N LYS C 655 -21.31 -12.47 16.14
CA LYS C 655 -21.43 -13.66 16.98
C LYS C 655 -20.17 -13.82 17.81
N ASN C 656 -20.32 -14.42 18.99
CA ASN C 656 -19.20 -14.81 19.83
C ASN C 656 -18.84 -16.26 19.52
N VAL C 657 -17.62 -16.47 19.03
CA VAL C 657 -17.18 -17.80 18.60
C VAL C 657 -15.82 -18.11 19.23
N LEU C 658 -15.56 -19.41 19.39
CA LEU C 658 -14.29 -19.86 19.95
C LEU C 658 -13.17 -19.67 18.95
N VAL C 659 -12.09 -19.03 19.38
CA VAL C 659 -11.03 -18.58 18.49
C VAL C 659 -9.67 -18.94 19.10
N ALA C 660 -8.75 -19.38 18.26
CA ALA C 660 -7.35 -19.58 18.65
C ALA C 660 -6.46 -18.82 17.68
N TYR C 661 -5.38 -18.23 18.21
CA TYR C 661 -4.41 -17.49 17.40
C TYR C 661 -3.15 -18.34 17.24
N MET C 662 -3.01 -18.94 16.05
CA MET C 662 -1.85 -19.77 15.73
C MET C 662 -1.80 -19.97 14.23
N PRO C 663 -0.62 -20.14 13.64
CA PRO C 663 -0.55 -20.53 12.23
C PRO C 663 -1.01 -21.97 12.06
N TRP C 664 -1.74 -22.23 10.98
CA TRP C 664 -2.26 -23.57 10.71
C TRP C 664 -2.01 -23.91 9.25
N GLU C 665 -0.83 -24.47 8.97
CA GLU C 665 -0.45 -25.06 7.69
C GLU C 665 -0.60 -24.09 6.52
N GLY C 666 -0.52 -22.79 6.77
CA GLY C 666 -0.62 -21.81 5.70
C GLY C 666 -2.02 -21.46 5.27
N TYR C 667 -3.05 -22.08 5.85
CA TYR C 667 -4.42 -21.75 5.49
C TYR C 667 -4.89 -20.45 6.12
N ASN C 668 -4.15 -19.90 7.09
CA ASN C 668 -4.40 -18.56 7.61
C ASN C 668 -3.25 -17.62 7.30
N PHE C 669 -2.53 -17.90 6.20
CA PHE C 669 -1.44 -17.03 5.77
C PHE C 669 -1.96 -15.61 5.50
N GLU C 670 -1.27 -14.63 6.09
CA GLU C 670 -1.66 -13.21 6.01
C GLU C 670 -3.05 -13.07 6.64
N ASP C 671 -4.05 -12.58 5.92
CA ASP C 671 -5.38 -12.35 6.48
C ASP C 671 -6.33 -13.50 6.24
N ALA C 672 -5.86 -14.63 5.70
CA ALA C 672 -6.72 -15.78 5.52
C ALA C 672 -7.17 -16.31 6.88
N VAL C 673 -8.37 -16.88 6.91
CA VAL C 673 -8.98 -17.37 8.14
C VAL C 673 -9.44 -18.81 7.93
N LEU C 674 -9.09 -19.67 8.89
CA LEU C 674 -9.53 -21.06 8.91
C LEU C 674 -10.71 -21.20 9.86
N ILE C 675 -11.77 -21.86 9.41
CA ILE C 675 -12.98 -22.02 10.21
C ILE C 675 -13.40 -23.48 10.25
N SER C 676 -14.24 -23.79 11.21
CA SER C 676 -14.80 -25.13 11.38
C SER C 676 -16.12 -25.27 10.64
N GLU C 677 -16.46 -26.50 10.28
CA GLU C 677 -17.73 -26.78 9.63
C GLU C 677 -18.92 -26.48 10.53
N CYS C 678 -18.72 -26.46 11.85
CA CYS C 678 -19.83 -26.21 12.77
C CYS C 678 -20.42 -24.82 12.58
N LEU C 679 -19.64 -23.86 12.09
CA LEU C 679 -20.20 -22.55 11.75
C LEU C 679 -21.12 -22.62 10.54
N VAL C 680 -20.98 -23.66 9.71
CA VAL C 680 -21.80 -23.81 8.53
C VAL C 680 -23.11 -24.51 8.87
N TYR C 681 -23.02 -25.75 9.38
CA TYR C 681 -24.24 -26.49 9.70
C TYR C 681 -24.88 -26.05 11.00
N GLY C 682 -24.17 -25.27 11.83
CA GLY C 682 -24.81 -24.64 12.97
C GLY C 682 -25.58 -23.39 12.64
N ASP C 683 -25.47 -22.90 11.40
CA ASP C 683 -26.15 -21.68 10.96
C ASP C 683 -25.74 -20.47 11.81
N ILE C 684 -24.47 -20.43 12.20
CA ILE C 684 -23.99 -19.34 13.04
C ILE C 684 -23.94 -18.03 12.27
N TYR C 685 -23.48 -18.07 11.02
CA TYR C 685 -23.33 -16.89 10.19
C TYR C 685 -24.18 -16.96 8.94
N THR C 686 -25.39 -17.50 9.05
CA THR C 686 -26.33 -17.51 7.94
C THR C 686 -27.16 -16.23 7.98
N SER C 687 -27.37 -15.64 6.81
CA SER C 687 -28.10 -14.39 6.68
C SER C 687 -29.11 -14.49 5.56
N PHE C 688 -30.12 -13.62 5.64
CA PHE C 688 -31.16 -13.54 4.64
C PHE C 688 -30.88 -12.36 3.71
N HIS C 689 -31.09 -12.56 2.42
CA HIS C 689 -30.86 -11.53 1.42
C HIS C 689 -32.03 -11.54 0.44
N ILE C 690 -32.76 -10.43 0.41
CA ILE C 690 -33.95 -10.29 -0.43
C ILE C 690 -33.59 -9.41 -1.62
N ARG C 691 -33.70 -9.97 -2.81
CA ARG C 691 -33.38 -9.26 -4.05
C ARG C 691 -34.67 -8.96 -4.79
N LYS C 692 -34.85 -7.71 -5.20
CA LYS C 692 -36.05 -7.27 -5.89
C LYS C 692 -35.76 -7.14 -7.38
N TYR C 693 -36.55 -7.81 -8.20
CA TYR C 693 -36.42 -7.75 -9.65
C TYR C 693 -37.63 -7.02 -10.24
N GLU C 694 -37.36 -5.99 -11.04
CA GLU C 694 -38.40 -5.14 -11.58
C GLU C 694 -38.99 -5.74 -12.85
N VAL C 728 -44.74 -14.99 -12.22
CA VAL C 728 -44.31 -16.18 -11.48
C VAL C 728 -45.18 -16.33 -10.23
N MET C 729 -45.55 -17.57 -9.92
CA MET C 729 -46.41 -17.84 -8.77
C MET C 729 -45.67 -17.54 -7.46
N LEU C 730 -46.44 -17.09 -6.48
CA LEU C 730 -45.88 -16.82 -5.17
C LEU C 730 -45.40 -18.11 -4.52
N GLY C 731 -44.27 -18.03 -3.82
CA GLY C 731 -43.73 -19.18 -3.14
C GLY C 731 -42.96 -20.15 -4.01
N SER C 732 -42.74 -19.82 -5.28
CA SER C 732 -42.03 -20.72 -6.17
C SER C 732 -40.54 -20.73 -5.85
N TRP C 733 -39.85 -21.73 -6.41
CA TRP C 733 -38.40 -21.86 -6.29
C TRP C 733 -37.80 -21.66 -7.67
N VAL C 734 -37.43 -20.42 -7.98
CA VAL C 734 -36.90 -20.07 -9.28
C VAL C 734 -35.39 -20.28 -9.29
N GLU C 735 -34.82 -20.41 -10.48
CA GLU C 735 -33.39 -20.61 -10.65
C GLU C 735 -32.85 -19.80 -11.83
N GLY C 783 -28.67 -16.53 -8.47
CA GLY C 783 -30.01 -15.98 -8.34
C GLY C 783 -31.01 -16.95 -7.75
N ARG C 784 -30.55 -18.14 -7.41
CA ARG C 784 -31.41 -19.14 -6.78
C ARG C 784 -32.05 -18.57 -5.52
N GLY C 785 -33.33 -18.85 -5.34
CA GLY C 785 -34.04 -18.36 -4.18
C GLY C 785 -35.52 -18.67 -4.26
N ARG C 786 -36.26 -18.05 -3.36
CA ARG C 786 -37.69 -18.29 -3.20
C ARG C 786 -38.44 -16.97 -3.38
N VAL C 787 -39.50 -17.00 -4.17
CA VAL C 787 -40.32 -15.81 -4.36
C VAL C 787 -41.17 -15.60 -3.12
N ILE C 788 -41.02 -14.42 -2.51
CA ILE C 788 -41.71 -14.12 -1.26
C ILE C 788 -42.81 -13.08 -1.43
N ASP C 789 -42.67 -12.16 -2.37
CA ASP C 789 -43.68 -11.13 -2.57
C ASP C 789 -43.68 -10.70 -4.03
N VAL C 790 -44.88 -10.63 -4.62
CA VAL C 790 -45.07 -10.19 -5.99
C VAL C 790 -45.95 -8.96 -5.97
N ARG C 791 -45.47 -7.87 -6.56
CA ARG C 791 -46.26 -6.65 -6.68
C ARG C 791 -46.51 -6.32 -8.15
N ARG C 807 -43.10 -6.18 -9.70
CA ARG C 807 -41.93 -6.39 -8.86
C ARG C 807 -41.96 -7.75 -8.18
N VAL C 808 -40.86 -8.49 -8.30
CA VAL C 808 -40.71 -9.82 -7.72
C VAL C 808 -39.60 -9.76 -6.69
N TYR C 809 -39.89 -10.25 -5.48
CA TYR C 809 -38.94 -10.28 -4.39
C TYR C 809 -38.53 -11.71 -4.12
N ILE C 810 -37.23 -11.97 -4.17
CA ILE C 810 -36.67 -13.31 -4.04
C ILE C 810 -35.73 -13.33 -2.84
N SER C 811 -35.93 -14.30 -1.94
CA SER C 811 -35.17 -14.41 -0.72
C SER C 811 -34.10 -15.49 -0.85
N GLN C 812 -32.88 -15.17 -0.42
CA GLN C 812 -31.77 -16.12 -0.40
C GLN C 812 -31.29 -16.32 1.02
N LYS C 813 -31.11 -17.57 1.42
CA LYS C 813 -30.47 -17.92 2.68
C LYS C 813 -29.03 -18.31 2.38
N ARG C 814 -28.09 -17.46 2.80
CA ARG C 814 -26.67 -17.63 2.49
C ARG C 814 -25.91 -18.01 3.76
N GLU C 815 -25.39 -19.23 3.79
CA GLU C 815 -24.48 -19.61 4.87
C GLU C 815 -23.07 -19.12 4.56
N ILE C 816 -22.20 -19.21 5.57
CA ILE C 816 -20.83 -18.74 5.40
C ILE C 816 -20.08 -19.68 4.46
N LYS C 817 -19.19 -19.11 3.66
CA LYS C 817 -18.52 -19.84 2.58
C LYS C 817 -17.06 -19.43 2.50
N VAL C 818 -16.27 -20.28 1.82
CA VAL C 818 -14.91 -19.90 1.47
C VAL C 818 -14.97 -18.69 0.53
N GLY C 819 -14.16 -17.69 0.83
CA GLY C 819 -14.17 -16.44 0.11
C GLY C 819 -14.94 -15.32 0.79
N ASP C 820 -15.82 -15.66 1.74
CA ASP C 820 -16.49 -14.65 2.53
C ASP C 820 -15.50 -13.93 3.43
N LYS C 821 -15.84 -12.72 3.81
CA LYS C 821 -14.98 -11.87 4.62
C LYS C 821 -15.58 -11.68 6.01
N VAL C 822 -14.74 -11.83 7.03
CA VAL C 822 -15.13 -11.63 8.42
C VAL C 822 -14.20 -10.60 9.03
N ALA C 823 -14.64 -10.03 10.14
CA ALA C 823 -13.84 -9.01 10.82
C ALA C 823 -14.26 -8.90 12.27
N GLY C 824 -13.29 -8.58 13.11
CA GLY C 824 -13.56 -8.13 14.45
C GLY C 824 -13.82 -6.63 14.48
N ARG C 825 -13.82 -6.08 15.70
CA ARG C 825 -14.04 -4.65 15.89
C ARG C 825 -12.73 -3.89 16.06
N HIS C 826 -11.59 -4.54 15.83
CA HIS C 826 -10.28 -3.90 16.02
C HIS C 826 -9.51 -3.79 14.70
N GLY C 827 -10.23 -3.68 13.59
CA GLY C 827 -9.57 -3.61 12.30
C GLY C 827 -8.94 -4.92 11.87
N ASN C 828 -9.26 -6.02 12.52
CA ASN C 828 -8.77 -7.34 12.15
C ASN C 828 -9.76 -7.95 11.16
N LYS C 829 -9.42 -7.87 9.88
CA LYS C 829 -10.28 -8.36 8.80
C LYS C 829 -9.65 -9.59 8.17
N GLY C 830 -10.49 -10.56 7.81
CA GLY C 830 -10.00 -11.80 7.26
C GLY C 830 -10.92 -12.35 6.20
N ILE C 831 -10.37 -13.25 5.39
CA ILE C 831 -11.10 -13.94 4.33
C ILE C 831 -11.04 -15.42 4.60
N ILE C 832 -12.20 -16.09 4.58
CA ILE C 832 -12.26 -17.51 4.85
C ILE C 832 -11.62 -18.27 3.68
N SER C 833 -10.61 -19.08 3.99
CA SER C 833 -9.89 -19.83 2.97
C SER C 833 -10.08 -21.34 3.06
N LYS C 834 -10.52 -21.85 4.20
CA LYS C 834 -10.61 -23.29 4.39
C LYS C 834 -11.65 -23.58 5.47
N ILE C 835 -12.47 -24.59 5.23
CA ILE C 835 -13.47 -25.06 6.18
C ILE C 835 -13.14 -26.50 6.53
N LEU C 836 -12.92 -26.76 7.82
CA LEU C 836 -12.48 -28.08 8.27
C LEU C 836 -13.56 -28.76 9.09
N PRO C 837 -13.61 -30.10 9.06
CA PRO C 837 -14.47 -30.83 9.99
C PRO C 837 -14.03 -30.58 11.43
N ARG C 838 -14.98 -30.68 12.36
CA ARG C 838 -14.69 -30.35 13.75
C ARG C 838 -13.61 -31.24 14.34
N GLN C 839 -13.46 -32.47 13.84
CA GLN C 839 -12.42 -33.35 14.38
C GLN C 839 -11.04 -33.00 13.87
N ASP C 840 -10.92 -32.19 12.81
CA ASP C 840 -9.62 -31.73 12.33
C ASP C 840 -9.16 -30.44 13.00
N MET C 841 -10.05 -29.73 13.67
CA MET C 841 -9.70 -28.46 14.29
C MET C 841 -8.87 -28.69 15.55
N PRO C 842 -8.01 -27.74 15.92
CA PRO C 842 -7.40 -27.79 17.24
C PRO C 842 -8.45 -27.66 18.33
N TYR C 843 -8.23 -28.33 19.45
CA TYR C 843 -9.21 -28.37 20.52
C TYR C 843 -8.54 -28.09 21.85
N LEU C 844 -9.35 -27.61 22.80
CA LEU C 844 -8.89 -27.13 24.08
C LEU C 844 -8.73 -28.29 25.07
N GLN C 845 -8.32 -27.96 26.30
CA GLN C 845 -8.17 -28.98 27.34
C GLN C 845 -9.50 -29.46 27.89
N ASP C 846 -10.61 -28.79 27.55
CA ASP C 846 -11.94 -29.32 27.85
C ASP C 846 -12.50 -30.16 26.71
N GLY C 847 -11.73 -30.35 25.65
CA GLY C 847 -12.16 -31.16 24.51
C GLY C 847 -12.90 -30.41 23.43
N ARG C 848 -13.30 -29.17 23.68
CA ARG C 848 -14.05 -28.42 22.68
C ARG C 848 -13.13 -27.95 21.56
N PRO C 849 -13.44 -28.26 20.30
CA PRO C 849 -12.68 -27.68 19.19
C PRO C 849 -13.00 -26.19 19.03
N VAL C 850 -12.03 -25.47 18.48
CA VAL C 850 -12.23 -24.05 18.22
C VAL C 850 -13.03 -23.87 16.93
N ASP C 851 -13.66 -22.70 16.79
CA ASP C 851 -14.46 -22.39 15.61
C ASP C 851 -13.68 -21.67 14.52
N MET C 852 -12.72 -20.82 14.90
CA MET C 852 -11.89 -20.10 13.95
C MET C 852 -10.45 -20.10 14.42
N VAL C 853 -9.53 -20.04 13.47
CA VAL C 853 -8.10 -19.94 13.75
C VAL C 853 -7.56 -18.74 13.01
N PHE C 854 -7.08 -17.74 13.75
CA PHE C 854 -6.52 -16.53 13.17
C PHE C 854 -5.00 -16.57 13.20
N ASN C 855 -4.38 -15.91 12.24
CA ASN C 855 -2.94 -15.81 12.19
C ASN C 855 -2.44 -14.84 13.26
N PRO C 856 -1.54 -15.26 14.16
CA PRO C 856 -1.04 -14.34 15.19
C PRO C 856 -0.07 -13.30 14.66
N LEU C 857 0.50 -13.50 13.47
CA LEU C 857 1.44 -12.54 12.91
C LEU C 857 0.76 -11.26 12.44
N GLY C 858 -0.56 -11.24 12.36
CA GLY C 858 -1.26 -10.04 11.95
C GLY C 858 -1.35 -8.96 13.02
N VAL C 859 -1.15 -9.34 14.28
CA VAL C 859 -1.32 -8.40 15.39
C VAL C 859 -0.11 -7.48 15.54
N PRO C 860 1.13 -8.00 15.67
CA PRO C 860 2.26 -7.06 15.89
C PRO C 860 2.46 -6.05 14.77
N SER C 861 2.24 -6.44 13.52
CA SER C 861 2.42 -5.51 12.42
C SER C 861 1.33 -4.45 12.41
N ARG C 862 0.08 -4.84 12.70
CA ARG C 862 -1.04 -3.90 12.72
C ARG C 862 -1.18 -3.19 14.06
N MET C 863 -0.53 -3.69 15.11
CA MET C 863 -0.48 -3.03 16.41
C MET C 863 -1.89 -2.78 16.97
N ASN C 864 -2.75 -3.79 16.88
CA ASN C 864 -4.09 -3.73 17.47
C ASN C 864 -4.14 -4.76 18.60
N VAL C 865 -3.68 -4.35 19.77
CA VAL C 865 -3.64 -5.23 20.93
C VAL C 865 -5.02 -5.39 21.56
N GLY C 866 -5.97 -4.52 21.21
CA GLY C 866 -7.28 -4.57 21.83
C GLY C 866 -8.03 -5.85 21.56
N GLN C 867 -7.75 -6.50 20.43
CA GLN C 867 -8.39 -7.78 20.14
C GLN C 867 -7.92 -8.86 21.11
N ILE C 868 -6.70 -8.74 21.63
CA ILE C 868 -6.19 -9.70 22.59
C ILE C 868 -6.92 -9.57 23.92
N PHE C 869 -7.15 -8.33 24.37
CA PHE C 869 -7.94 -8.12 25.58
C PHE C 869 -9.36 -8.63 25.41
N GLU C 870 -9.98 -8.36 24.26
CA GLU C 870 -11.40 -8.70 24.09
C GLU C 870 -11.61 -10.21 24.09
N CYS C 871 -10.75 -10.95 23.40
CA CYS C 871 -10.96 -12.39 23.28
C CYS C 871 -10.83 -13.09 24.63
N SER C 872 -9.83 -12.69 25.43
CA SER C 872 -9.69 -13.28 26.76
C SER C 872 -10.88 -12.95 27.64
N LEU C 873 -11.32 -11.69 27.64
CA LEU C 873 -12.47 -11.32 28.45
C LEU C 873 -13.75 -11.95 27.95
N GLY C 874 -13.87 -12.15 26.63
CA GLY C 874 -15.03 -12.84 26.10
C GLY C 874 -15.15 -14.26 26.59
N LEU C 875 -14.02 -14.96 26.68
CA LEU C 875 -14.03 -16.33 27.21
C LEU C 875 -14.47 -16.35 28.66
N ALA C 876 -13.97 -15.42 29.47
CA ALA C 876 -14.36 -15.38 30.89
C ALA C 876 -15.85 -15.10 31.03
N GLY C 877 -16.38 -14.17 30.24
CA GLY C 877 -17.79 -13.84 30.33
C GLY C 877 -18.69 -15.01 29.99
N SER C 878 -18.33 -15.78 28.97
CA SER C 878 -19.15 -16.93 28.57
C SER C 878 -19.18 -17.98 29.67
N LEU C 879 -18.04 -18.23 30.32
CA LEU C 879 -18.00 -19.22 31.39
C LEU C 879 -18.65 -18.72 32.66
N LEU C 880 -18.65 -17.41 32.89
CA LEU C 880 -19.25 -16.81 34.07
C LEU C 880 -20.69 -16.35 33.84
N ASP C 881 -21.21 -16.52 32.63
CA ASP C 881 -22.55 -16.05 32.28
C ASP C 881 -22.67 -14.54 32.52
N ARG C 882 -21.68 -13.80 32.04
CA ARG C 882 -21.62 -12.35 32.21
C ARG C 882 -21.39 -11.67 30.87
N HIS C 883 -21.89 -10.44 30.77
CA HIS C 883 -21.54 -9.52 29.71
C HIS C 883 -20.86 -8.30 30.32
N TYR C 884 -19.97 -7.67 29.55
CA TYR C 884 -19.21 -6.53 30.03
C TYR C 884 -19.41 -5.35 29.10
N ARG C 885 -19.70 -4.19 29.68
CA ARG C 885 -19.84 -2.93 28.94
C ARG C 885 -18.86 -1.95 29.56
N ILE C 886 -17.74 -1.72 28.88
CA ILE C 886 -16.59 -1.01 29.44
C ILE C 886 -16.35 0.25 28.62
N ALA C 887 -16.41 1.40 29.28
CA ALA C 887 -16.10 2.65 28.63
C ALA C 887 -14.61 2.71 28.29
N PRO C 888 -14.24 3.37 27.20
CA PRO C 888 -12.84 3.39 26.78
C PRO C 888 -11.97 4.17 27.76
N PHE C 889 -10.66 3.93 27.63
CA PHE C 889 -9.64 4.63 28.42
C PHE C 889 -9.81 4.36 29.92
N ASP C 890 -9.94 3.08 30.26
CA ASP C 890 -10.04 2.69 31.66
C ASP C 890 -8.74 2.91 32.42
N GLU C 891 -7.64 3.19 31.72
CA GLU C 891 -6.36 3.48 32.36
C GLU C 891 -6.38 4.75 33.18
N ARG C 892 -7.41 5.60 33.02
CA ARG C 892 -7.51 6.80 33.83
C ARG C 892 -7.70 6.48 35.29
N TYR C 893 -8.27 5.32 35.61
CA TYR C 893 -8.41 4.90 37.00
C TYR C 893 -7.07 4.50 37.60
N GLU C 894 -6.28 3.72 36.86
CA GLU C 894 -5.02 3.19 37.36
C GLU C 894 -4.24 2.61 36.19
N GLN C 895 -2.94 2.40 36.42
CA GLN C 895 -2.10 1.76 35.42
C GLN C 895 -2.54 0.32 35.20
N GLU C 896 -2.51 -0.11 33.93
CA GLU C 896 -2.84 -1.49 33.54
C GLU C 896 -4.24 -1.88 34.02
N ALA C 897 -5.19 -0.96 33.89
CA ALA C 897 -6.55 -1.25 34.33
C ALA C 897 -7.18 -2.37 33.52
N SER C 898 -6.98 -2.37 32.20
CA SER C 898 -7.53 -3.43 31.37
C SER C 898 -6.91 -4.79 31.70
N ARG C 899 -5.61 -4.82 31.95
CA ARG C 899 -4.95 -6.08 32.31
C ARG C 899 -5.49 -6.62 33.63
N LYS C 900 -5.70 -5.74 34.61
CA LYS C 900 -6.25 -6.18 35.89
C LYS C 900 -7.67 -6.71 35.72
N LEU C 901 -8.49 -6.02 34.94
CA LEU C 901 -9.86 -6.47 34.71
C LEU C 901 -9.90 -7.82 34.02
N VAL C 902 -9.09 -7.99 32.98
CA VAL C 902 -9.14 -9.22 32.19
C VAL C 902 -8.58 -10.40 32.99
N PHE C 903 -7.44 -10.22 33.63
CA PHE C 903 -6.82 -11.32 34.37
C PHE C 903 -7.65 -11.73 35.57
N SER C 904 -8.22 -10.76 36.30
CA SER C 904 -9.05 -11.10 37.45
C SER C 904 -10.31 -11.84 37.03
N GLU C 905 -10.93 -11.43 35.93
CA GLU C 905 -12.12 -12.13 35.46
C GLU C 905 -11.78 -13.51 34.91
N LEU C 906 -10.62 -13.64 34.26
CA LEU C 906 -10.18 -14.95 33.80
C LEU C 906 -9.97 -15.91 34.96
N TYR C 907 -9.33 -15.43 36.03
CA TYR C 907 -9.10 -16.27 37.19
C TYR C 907 -10.41 -16.67 37.86
N GLU C 908 -11.34 -15.73 37.97
CA GLU C 908 -12.64 -16.04 38.56
C GLU C 908 -13.40 -17.08 37.75
N ALA C 909 -13.35 -16.96 36.41
CA ALA C 909 -13.96 -17.97 35.56
C ALA C 909 -13.30 -19.32 35.75
N SER C 910 -11.96 -19.34 35.87
CA SER C 910 -11.24 -20.59 36.08
C SER C 910 -11.59 -21.20 37.43
N LYS C 911 -11.67 -20.38 38.48
CA LYS C 911 -11.95 -20.89 39.82
C LYS C 911 -13.40 -21.39 39.93
N GLN C 912 -14.36 -20.60 39.45
CA GLN C 912 -15.76 -20.94 39.65
C GLN C 912 -16.18 -22.17 38.83
N THR C 913 -15.64 -22.34 37.64
CA THR C 913 -16.02 -23.44 36.76
C THR C 913 -15.07 -24.63 36.85
N ALA C 914 -14.05 -24.56 37.70
CA ALA C 914 -13.04 -25.61 37.83
C ALA C 914 -12.44 -25.96 36.47
N ASN C 915 -11.94 -24.93 35.79
CA ASN C 915 -11.29 -25.07 34.49
C ASN C 915 -9.93 -24.40 34.59
N PRO C 916 -8.93 -25.10 35.14
CA PRO C 916 -7.63 -24.46 35.38
C PRO C 916 -6.94 -23.96 34.11
N TRP C 917 -7.24 -24.55 32.95
CA TRP C 917 -6.64 -24.09 31.71
C TRP C 917 -7.07 -22.68 31.34
N VAL C 918 -8.19 -22.21 31.88
CA VAL C 918 -8.69 -20.88 31.53
C VAL C 918 -7.74 -19.79 32.04
N PHE C 919 -7.17 -19.98 33.24
CA PHE C 919 -6.18 -19.06 33.77
C PHE C 919 -4.95 -19.84 34.18
N GLU C 920 -3.89 -19.73 33.37
CA GLU C 920 -2.63 -20.38 33.67
C GLU C 920 -1.71 -19.38 34.35
N PRO C 921 -1.32 -19.58 35.60
CA PRO C 921 -0.40 -18.63 36.24
C PRO C 921 0.91 -18.46 35.50
N GLU C 922 1.38 -19.51 34.82
CA GLU C 922 2.64 -19.41 34.09
C GLU C 922 2.54 -18.45 32.91
N TYR C 923 1.39 -18.41 32.24
CA TYR C 923 1.19 -17.56 31.06
C TYR C 923 -0.29 -17.20 30.95
N PRO C 924 -0.73 -16.18 31.69
CA PRO C 924 -2.17 -15.87 31.71
C PRO C 924 -2.71 -15.53 30.32
N GLY C 925 -3.91 -16.05 30.05
CA GLY C 925 -4.56 -15.86 28.76
C GLY C 925 -4.24 -16.91 27.73
N LYS C 926 -3.19 -17.70 27.92
CA LYS C 926 -2.77 -18.72 26.97
C LYS C 926 -2.87 -20.09 27.62
N SER C 927 -3.06 -21.11 26.78
CA SER C 927 -3.16 -22.47 27.25
C SER C 927 -2.65 -23.42 26.17
N ARG C 928 -2.20 -24.60 26.60
CA ARG C 928 -1.81 -25.62 25.64
C ARG C 928 -3.04 -26.23 24.99
N ILE C 929 -3.02 -26.34 23.66
CA ILE C 929 -4.11 -26.96 22.92
C ILE C 929 -3.55 -28.11 22.10
N PHE C 930 -4.45 -28.91 21.54
CA PHE C 930 -4.08 -30.15 20.89
C PHE C 930 -4.45 -30.12 19.41
N ASP C 931 -3.66 -30.84 18.61
CA ASP C 931 -3.93 -30.99 17.19
C ASP C 931 -5.02 -32.04 17.00
N GLY C 932 -6.12 -31.64 16.35
CA GLY C 932 -7.20 -32.58 16.13
C GLY C 932 -6.83 -33.73 15.22
N ARG C 933 -5.86 -33.51 14.33
CA ARG C 933 -5.45 -34.56 13.41
C ARG C 933 -4.67 -35.67 14.14
N THR C 934 -3.78 -35.31 15.05
CA THR C 934 -2.89 -36.27 15.67
C THR C 934 -3.18 -36.52 17.15
N GLY C 935 -3.74 -35.55 17.86
CA GLY C 935 -3.90 -35.66 19.28
C GLY C 935 -2.70 -35.19 20.09
N ASP C 936 -1.61 -34.83 19.42
CA ASP C 936 -0.46 -34.30 20.13
C ASP C 936 -0.70 -32.83 20.49
N PRO C 937 -0.20 -32.39 21.64
CA PRO C 937 -0.29 -30.96 21.96
C PRO C 937 0.63 -30.13 21.09
N PHE C 938 0.19 -28.91 20.80
CA PHE C 938 1.08 -27.94 20.18
C PHE C 938 2.11 -27.48 21.20
N GLU C 939 3.32 -27.18 20.70
CA GLU C 939 4.46 -26.98 21.58
C GLU C 939 4.27 -25.79 22.50
N GLN C 940 3.94 -24.64 21.95
CA GLN C 940 3.84 -23.47 22.79
C GLN C 940 2.39 -23.19 23.17
N PRO C 941 2.14 -22.57 24.32
CA PRO C 941 0.77 -22.21 24.68
C PRO C 941 0.20 -21.18 23.69
N VAL C 942 -1.10 -21.27 23.47
CA VAL C 942 -1.80 -20.50 22.46
C VAL C 942 -2.87 -19.67 23.13
N ILE C 943 -3.00 -18.40 22.72
CA ILE C 943 -4.07 -17.56 23.26
C ILE C 943 -5.39 -18.00 22.65
N ILE C 944 -6.38 -18.22 23.50
CA ILE C 944 -7.71 -18.64 23.09
C ILE C 944 -8.72 -17.67 23.68
N GLY C 945 -9.88 -17.58 23.05
CA GLY C 945 -10.90 -16.67 23.54
C GLY C 945 -12.17 -16.77 22.73
N LYS C 946 -13.09 -15.87 23.05
CA LYS C 946 -14.41 -15.83 22.44
C LYS C 946 -14.72 -14.40 22.02
N PRO C 947 -14.08 -13.91 20.96
CA PRO C 947 -14.32 -12.54 20.51
C PRO C 947 -15.62 -12.44 19.71
N TYR C 948 -15.98 -11.20 19.40
CA TYR C 948 -17.16 -10.88 18.60
C TYR C 948 -16.70 -10.69 17.16
N ILE C 949 -17.15 -11.58 16.27
CA ILE C 949 -16.74 -11.59 14.87
C ILE C 949 -17.95 -11.29 14.00
N LEU C 950 -17.81 -10.34 13.09
CA LEU C 950 -18.87 -9.93 12.18
C LEU C 950 -18.64 -10.50 10.78
N LYS C 951 -19.72 -10.64 10.03
CA LYS C 951 -19.68 -11.06 8.64
C LYS C 951 -19.99 -9.87 7.75
N LEU C 952 -19.15 -9.65 6.74
CA LEU C 952 -19.22 -8.44 5.93
C LEU C 952 -19.92 -8.72 4.60
N ILE C 953 -20.45 -7.64 4.01
CA ILE C 953 -21.19 -7.72 2.75
C ILE C 953 -20.31 -8.22 1.61
N MET C 990 0.59 -0.35 -17.31
CA MET C 990 1.65 -1.11 -16.64
C MET C 990 1.66 -2.57 -17.08
N GLU C 991 0.48 -3.10 -17.42
CA GLU C 991 0.41 -4.47 -17.92
C GLU C 991 1.11 -4.60 -19.27
N VAL C 992 0.98 -3.58 -20.13
CA VAL C 992 1.70 -3.59 -21.40
C VAL C 992 3.20 -3.57 -21.16
N TRP C 993 3.66 -2.75 -20.20
CA TRP C 993 5.09 -2.68 -19.91
C TRP C 993 5.63 -4.02 -19.43
N ALA C 994 4.88 -4.71 -18.58
CA ALA C 994 5.34 -6.00 -18.08
C ALA C 994 5.47 -7.01 -19.21
N LEU C 995 4.48 -7.04 -20.11
CA LEU C 995 4.57 -7.96 -21.25
C LEU C 995 5.74 -7.61 -22.16
N GLU C 996 5.99 -6.32 -22.36
CA GLU C 996 7.15 -5.91 -23.16
C GLU C 996 8.46 -6.29 -22.47
N GLY C 997 8.50 -6.20 -21.15
CA GLY C 997 9.70 -6.62 -20.42
C GLY C 997 9.99 -8.10 -20.56
N PHE C 998 8.96 -8.92 -20.67
CA PHE C 998 9.15 -10.34 -20.92
C PHE C 998 9.47 -10.66 -22.37
N GLY C 999 9.20 -9.72 -23.28
CA GLY C 999 9.40 -9.98 -24.70
C GLY C 999 8.35 -10.90 -25.31
N VAL C 1000 7.16 -10.96 -24.74
CA VAL C 1000 6.08 -11.81 -25.27
C VAL C 1000 5.30 -10.94 -26.26
N ALA C 1001 5.81 -10.87 -27.48
CA ALA C 1001 5.24 -9.97 -28.47
C ALA C 1001 3.88 -10.47 -28.98
N HIS C 1002 3.73 -11.79 -29.15
CA HIS C 1002 2.48 -12.31 -29.68
C HIS C 1002 1.36 -12.33 -28.64
N ILE C 1003 1.70 -12.52 -27.37
CA ILE C 1003 0.70 -12.38 -26.31
C ILE C 1003 0.19 -10.95 -26.25
N LEU C 1004 1.10 -9.98 -26.36
CA LEU C 1004 0.70 -8.58 -26.34
C LEU C 1004 -0.21 -8.25 -27.52
N GLN C 1005 0.08 -8.81 -28.69
CA GLN C 1005 -0.76 -8.55 -29.87
C GLN C 1005 -2.16 -9.11 -29.67
N GLU C 1006 -2.27 -10.30 -29.07
CA GLU C 1006 -3.58 -10.89 -28.81
C GLU C 1006 -4.39 -10.04 -27.84
N MET C 1007 -3.74 -9.56 -26.77
CA MET C 1007 -4.45 -8.80 -25.74
C MET C 1007 -4.79 -7.38 -26.17
N LEU C 1008 -4.28 -6.92 -27.32
CA LEU C 1008 -4.65 -5.63 -27.87
C LEU C 1008 -5.68 -5.73 -28.98
N THR C 1009 -5.72 -6.85 -29.70
CA THR C 1009 -6.65 -7.01 -30.81
C THR C 1009 -7.70 -8.06 -30.51
N PRO C 1038 -6.77 -2.61 -37.32
CA PRO C 1038 -7.31 -2.55 -35.96
C PRO C 1038 -8.29 -1.40 -35.77
N GLU C 1039 -9.37 -1.65 -35.02
CA GLU C 1039 -10.39 -0.64 -34.83
C GLU C 1039 -9.88 0.55 -34.03
N SER C 1040 -8.93 0.32 -33.13
CA SER C 1040 -8.39 1.42 -32.32
C SER C 1040 -7.64 2.42 -33.19
N PHE C 1041 -6.96 1.95 -34.23
CA PHE C 1041 -6.18 2.81 -35.10
C PHE C 1041 -7.00 3.35 -36.27
N ARG C 1042 -7.91 2.54 -36.82
CA ARG C 1042 -8.78 3.02 -37.88
C ARG C 1042 -9.66 4.16 -37.40
N LEU C 1043 -10.18 4.06 -36.18
CA LEU C 1043 -10.97 5.15 -35.61
C LEU C 1043 -10.10 6.37 -35.35
N LEU C 1044 -8.82 6.18 -35.03
CA LEU C 1044 -7.92 7.30 -34.83
C LEU C 1044 -7.72 8.09 -36.11
N VAL C 1045 -7.61 7.39 -37.25
CA VAL C 1045 -7.38 8.07 -38.53
C VAL C 1045 -8.54 8.99 -38.87
N ARG C 1046 -9.78 8.53 -38.64
CA ARG C 1046 -10.95 9.34 -38.97
C ARG C 1046 -11.02 10.59 -38.11
N GLU C 1047 -10.69 10.47 -36.83
CA GLU C 1047 -10.71 11.65 -35.96
C GLU C 1047 -9.62 12.65 -36.35
N LEU C 1048 -8.47 12.17 -36.80
CA LEU C 1048 -7.46 13.07 -37.33
C LEU C 1048 -7.90 13.70 -38.65
N ARG C 1049 -8.69 12.97 -39.45
CA ARG C 1049 -9.21 13.53 -40.69
C ARG C 1049 -10.16 14.69 -40.41
N SER C 1050 -10.84 14.68 -39.27
CA SER C 1050 -11.71 15.79 -38.91
C SER C 1050 -10.94 17.08 -38.66
N LEU C 1051 -9.63 16.99 -38.45
CA LEU C 1051 -8.78 18.15 -38.26
C LEU C 1051 -7.94 18.46 -39.49
N ALA C 1052 -8.36 17.96 -40.66
CA ALA C 1052 -7.67 18.15 -41.93
C ALA C 1052 -6.24 17.61 -41.88
N LEU C 1053 -6.06 16.46 -41.23
CA LEU C 1053 -4.80 15.74 -41.22
C LEU C 1053 -5.02 14.33 -41.74
N GLU C 1054 -4.10 13.86 -42.57
CA GLU C 1054 -4.16 12.49 -43.08
C GLU C 1054 -2.97 11.70 -42.55
N LEU C 1055 -3.24 10.48 -42.11
CA LEU C 1055 -2.24 9.60 -41.52
C LEU C 1055 -2.19 8.32 -42.37
N ASN C 1056 -1.22 8.24 -43.26
CA ASN C 1056 -1.10 7.11 -44.18
C ASN C 1056 -0.02 6.15 -43.71
N HIS C 1057 -0.30 4.86 -43.82
CA HIS C 1057 0.64 3.80 -43.45
C HIS C 1057 1.16 3.15 -44.72
N PHE C 1058 2.46 3.28 -44.96
CA PHE C 1058 3.09 2.73 -46.15
C PHE C 1058 4.05 1.61 -45.77
N LEU C 1059 4.01 0.53 -46.55
CA LEU C 1059 4.97 -0.57 -46.42
C LEU C 1059 5.91 -0.53 -47.61
N VAL C 1060 7.21 -0.49 -47.34
CA VAL C 1060 8.22 -0.53 -48.38
C VAL C 1060 8.78 -1.95 -48.44
N SER C 1061 8.64 -2.59 -49.59
CA SER C 1061 9.12 -3.95 -49.74
C SER C 1061 10.64 -3.98 -49.73
N GLU C 1062 11.20 -4.88 -48.92
CA GLU C 1062 12.66 -5.02 -48.89
C GLU C 1062 13.20 -5.74 -50.12
N LYS C 1063 12.34 -6.34 -50.93
CA LYS C 1063 12.78 -7.08 -52.11
C LYS C 1063 12.87 -6.17 -53.34
N ASN C 1064 11.76 -5.54 -53.73
CA ASN C 1064 11.71 -4.74 -54.94
C ASN C 1064 11.47 -3.26 -54.68
N PHE C 1065 11.45 -2.83 -53.43
CA PHE C 1065 11.38 -1.42 -53.03
C PHE C 1065 10.08 -0.74 -53.44
N GLN C 1066 9.03 -1.51 -53.67
CA GLN C 1066 7.74 -0.94 -54.07
C GLN C 1066 6.93 -0.57 -52.83
N ILE C 1067 6.31 0.60 -52.88
CA ILE C 1067 5.58 1.14 -51.74
C ILE C 1067 4.12 0.74 -51.84
N ASN C 1068 3.59 0.19 -50.75
CA ASN C 1068 2.20 -0.24 -50.68
C ASN C 1068 1.48 0.56 -49.61
N ARG C 1069 0.37 1.18 -49.98
CA ARG C 1069 -0.46 1.94 -49.05
C ARG C 1069 -1.45 0.99 -48.40
N LYS C 1070 -1.31 0.78 -47.10
CA LYS C 1070 -2.20 -0.11 -46.38
C LYS C 1070 -3.60 0.47 -46.30
N GLU C 1071 -4.61 -0.39 -46.38
CA GLU C 1071 -5.99 0.04 -46.31
C GLU C 1071 -6.38 0.38 -44.88
N VAL C 1072 -6.28 1.66 -44.51
CA VAL C 1072 -6.62 2.09 -43.17
C VAL C 1072 -7.79 3.06 -43.22
N MET D 1 25.03 -12.16 -39.52
CA MET D 1 23.95 -12.50 -40.44
C MET D 1 23.33 -11.26 -41.05
N ILE D 2 22.50 -11.46 -42.08
CA ILE D 2 21.76 -10.37 -42.70
C ILE D 2 20.47 -10.16 -41.93
N ASP D 3 20.24 -8.92 -41.49
CA ASP D 3 19.02 -8.60 -40.77
C ASP D 3 17.81 -8.85 -41.66
N ARG D 4 16.71 -9.29 -41.05
CA ARG D 4 15.43 -9.40 -41.74
C ARG D 4 14.86 -7.99 -41.85
N TYR D 5 15.12 -7.32 -42.96
CA TYR D 5 14.77 -5.92 -43.11
C TYR D 5 13.25 -5.74 -43.14
N LYS D 6 12.80 -4.69 -42.48
CA LYS D 6 11.37 -4.36 -42.41
C LYS D 6 11.25 -2.85 -42.48
N HIS D 7 10.76 -2.34 -43.61
CA HIS D 7 10.66 -0.91 -43.84
C HIS D 7 9.19 -0.51 -43.88
N GLN D 8 8.71 0.04 -42.78
CA GLN D 8 7.34 0.57 -42.71
C GLN D 8 7.40 1.98 -42.16
N GLN D 9 6.55 2.84 -42.70
CA GLN D 9 6.53 4.24 -42.32
C GLN D 9 5.09 4.74 -42.30
N LEU D 10 4.82 5.71 -41.43
CA LEU D 10 3.59 6.47 -41.49
C LEU D 10 3.90 7.95 -41.35
N ARG D 11 3.16 8.77 -42.08
CA ARG D 11 3.35 10.21 -42.07
C ARG D 11 2.02 10.91 -41.91
N ILE D 12 2.06 12.06 -41.25
CA ILE D 12 0.93 12.98 -41.23
C ILE D 12 1.29 14.19 -42.07
N GLY D 13 0.28 14.76 -42.71
CA GLY D 13 0.47 15.98 -43.47
C GLY D 13 -0.83 16.75 -43.53
N LEU D 14 -0.71 18.05 -43.74
CA LEU D 14 -1.89 18.87 -43.99
C LEU D 14 -2.55 18.43 -45.28
N VAL D 15 -3.88 18.53 -45.31
CA VAL D 15 -4.69 17.92 -46.35
C VAL D 15 -5.22 19.00 -47.29
N SER D 16 -5.08 18.76 -48.59
CA SER D 16 -5.59 19.68 -49.58
C SER D 16 -7.12 19.64 -49.62
N PRO D 17 -7.75 20.72 -50.10
CA PRO D 17 -9.20 20.65 -50.34
C PRO D 17 -9.60 19.56 -51.31
N GLN D 18 -8.74 19.26 -52.30
CA GLN D 18 -9.04 18.18 -53.23
C GLN D 18 -9.07 16.83 -52.52
N GLN D 19 -8.13 16.58 -51.62
CA GLN D 19 -8.14 15.33 -50.87
C GLN D 19 -9.35 15.25 -49.94
N ILE D 20 -9.79 16.38 -49.40
CA ILE D 20 -10.99 16.39 -48.57
C ILE D 20 -12.20 15.95 -49.38
N SER D 21 -12.34 16.46 -50.61
CA SER D 21 -13.43 16.03 -51.47
C SER D 21 -13.30 14.55 -51.84
N ALA D 22 -12.08 14.10 -52.12
CA ALA D 22 -11.88 12.70 -52.50
C ALA D 22 -12.24 11.75 -51.37
N TRP D 23 -12.12 12.21 -50.11
CA TRP D 23 -12.54 11.38 -48.99
C TRP D 23 -14.04 11.11 -49.01
N ALA D 24 -14.83 12.14 -49.32
CA ALA D 24 -16.28 12.06 -49.15
C ALA D 24 -16.98 11.42 -50.35
N THR D 25 -16.61 11.79 -51.56
CA THR D 25 -17.30 11.31 -52.76
C THR D 25 -17.09 9.81 -52.97
N GLY D 35 -21.55 13.63 -51.39
CA GLY D 35 -20.90 13.50 -50.10
C GLY D 35 -20.87 14.78 -49.30
N GLU D 36 -21.54 15.81 -49.82
CA GLU D 36 -21.59 17.11 -49.18
C GLU D 36 -22.78 17.19 -48.24
N VAL D 37 -22.51 17.48 -46.98
CA VAL D 37 -23.59 17.70 -46.00
C VAL D 37 -24.03 19.15 -46.10
N THR D 38 -25.32 19.37 -46.36
CA THR D 38 -25.84 20.70 -46.61
C THR D 38 -26.99 21.10 -45.69
N LYS D 39 -27.45 20.23 -44.80
CA LYS D 39 -28.57 20.54 -43.94
C LYS D 39 -28.24 20.27 -42.49
N PRO D 40 -28.69 21.12 -41.57
CA PRO D 40 -28.32 20.95 -40.15
C PRO D 40 -29.19 19.95 -39.41
N TYR D 41 -29.90 19.10 -40.14
CA TYR D 41 -30.84 18.16 -39.55
C TYR D 41 -30.14 16.88 -39.12
N THR D 42 -30.49 16.39 -37.93
CA THR D 42 -29.94 15.14 -37.41
C THR D 42 -30.86 13.95 -37.69
N PHE D 43 -32.10 13.99 -37.18
CA PHE D 43 -33.05 12.91 -37.38
C PHE D 43 -34.45 13.49 -37.47
N HIS D 44 -35.27 12.89 -38.33
CA HIS D 44 -36.65 13.34 -38.51
C HIS D 44 -37.46 13.05 -37.26
N TYR D 45 -38.37 13.97 -36.92
CA TYR D 45 -39.18 13.81 -35.71
C TYR D 45 -40.27 12.77 -35.90
N LYS D 46 -40.89 12.73 -37.08
CA LYS D 46 -42.04 11.87 -37.29
C LYS D 46 -41.62 10.45 -37.67
N THR D 47 -40.80 10.32 -38.72
CA THR D 47 -40.39 9.00 -39.18
C THR D 47 -39.24 8.41 -38.36
N ASN D 48 -38.57 9.23 -37.55
CA ASN D 48 -37.40 8.80 -36.78
C ASN D 48 -36.32 8.23 -37.70
N LYS D 49 -36.27 8.71 -38.94
CA LYS D 49 -35.32 8.29 -39.96
C LYS D 49 -34.24 9.35 -40.14
N PRO D 50 -33.08 8.98 -40.67
CA PRO D 50 -32.04 9.99 -40.95
C PRO D 50 -32.50 10.95 -42.05
N GLU D 51 -32.38 12.24 -41.76
CA GLU D 51 -32.81 13.26 -42.71
C GLU D 51 -31.93 13.23 -43.96
N LYS D 52 -32.56 13.41 -45.11
CA LYS D 52 -31.84 13.46 -46.37
C LYS D 52 -30.86 14.64 -46.37
N ASP D 53 -29.64 14.37 -46.83
CA ASP D 53 -28.58 15.38 -46.94
C ASP D 53 -28.24 16.01 -45.59
N GLY D 54 -28.50 15.30 -44.50
CA GLY D 54 -28.16 15.76 -43.17
C GLY D 54 -26.86 15.17 -42.65
N LEU D 55 -26.64 15.36 -41.35
CA LEU D 55 -25.44 14.82 -40.72
C LEU D 55 -25.44 13.29 -40.68
N PHE D 56 -26.59 12.66 -40.90
CA PHE D 56 -26.71 11.20 -40.87
C PHE D 56 -27.27 10.64 -42.17
N CYS D 57 -27.15 11.39 -43.27
CA CYS D 57 -27.70 10.97 -44.54
C CYS D 57 -27.14 9.62 -44.97
N GLU D 58 -28.02 8.71 -45.39
CA GLU D 58 -27.61 7.39 -45.82
C GLU D 58 -26.96 7.39 -47.20
N ARG D 59 -27.25 8.38 -48.04
CA ARG D 59 -26.58 8.50 -49.33
C ARG D 59 -25.18 9.04 -49.20
N ILE D 60 -24.86 9.68 -48.08
CA ILE D 60 -23.53 10.25 -47.85
C ILE D 60 -22.67 9.32 -47.01
N PHE D 61 -23.26 8.64 -46.03
CA PHE D 61 -22.50 7.86 -45.07
C PHE D 61 -22.80 6.36 -45.08
N GLY D 62 -23.91 5.93 -45.67
CA GLY D 62 -24.21 4.53 -45.78
C GLY D 62 -25.48 4.12 -45.07
N PRO D 63 -25.98 2.92 -45.36
CA PRO D 63 -27.22 2.46 -44.75
C PRO D 63 -27.08 2.21 -43.26
N ILE D 64 -28.21 2.33 -42.56
CA ILE D 64 -28.24 2.09 -41.12
C ILE D 64 -28.73 0.67 -40.84
N ARG D 98 -21.78 -0.80 -41.53
CA ARG D 98 -20.44 -0.73 -40.95
C ARG D 98 -19.63 0.38 -41.61
N ILE D 99 -20.05 0.78 -42.81
CA ILE D 99 -19.35 1.84 -43.54
C ILE D 99 -19.60 3.22 -42.94
N ARG D 100 -20.60 3.35 -42.07
CA ARG D 100 -20.84 4.61 -41.37
C ARG D 100 -19.78 4.90 -40.31
N ARG D 101 -18.95 3.92 -39.97
CA ARG D 101 -17.84 4.15 -39.05
C ARG D 101 -16.62 4.73 -39.75
N TYR D 102 -16.56 4.67 -41.08
CA TYR D 102 -15.37 5.04 -41.81
C TYR D 102 -15.61 6.01 -42.96
N GLN D 103 -16.86 6.27 -43.34
CA GLN D 103 -17.16 7.13 -44.47
C GLN D 103 -17.18 8.59 -44.00
N MET D 104 -16.38 9.42 -44.65
CA MET D 104 -16.31 10.85 -44.33
C MET D 104 -17.28 11.64 -45.20
N GLY D 105 -17.68 12.81 -44.69
CA GLY D 105 -18.39 13.78 -45.48
C GLY D 105 -17.62 15.10 -45.47
N TYR D 106 -18.20 16.16 -46.03
CA TYR D 106 -17.53 17.45 -45.95
C TYR D 106 -18.57 18.56 -46.09
N ILE D 107 -18.20 19.73 -45.57
CA ILE D 107 -19.02 20.94 -45.65
C ILE D 107 -18.32 21.92 -46.57
N LYS D 108 -19.05 22.43 -47.56
CA LYS D 108 -18.50 23.38 -48.52
C LYS D 108 -18.68 24.78 -47.96
N LEU D 109 -17.60 25.35 -47.43
CA LEU D 109 -17.67 26.67 -46.81
C LEU D 109 -17.83 27.74 -47.88
N THR D 110 -18.79 28.64 -47.67
CA THR D 110 -18.96 29.77 -48.58
C THR D 110 -17.78 30.73 -48.49
N CYS D 111 -17.18 30.86 -47.30
CA CYS D 111 -16.01 31.68 -47.09
C CYS D 111 -14.92 30.85 -46.43
N PRO D 112 -13.67 30.98 -46.87
CA PRO D 112 -12.58 30.23 -46.23
C PRO D 112 -12.35 30.68 -44.81
N VAL D 113 -11.92 29.74 -43.97
CA VAL D 113 -11.63 30.01 -42.57
C VAL D 113 -10.25 29.46 -42.24
N THR D 114 -9.51 30.20 -41.41
CA THR D 114 -8.20 29.74 -40.97
C THR D 114 -8.34 28.57 -40.00
N HIS D 115 -7.35 27.67 -40.04
CA HIS D 115 -7.27 26.58 -39.07
C HIS D 115 -6.71 27.15 -37.77
N VAL D 116 -7.44 26.96 -36.67
CA VAL D 116 -7.09 27.62 -35.43
C VAL D 116 -5.79 27.09 -34.84
N TRP D 117 -5.35 25.90 -35.25
CA TRP D 117 -4.07 25.38 -34.78
C TRP D 117 -2.91 26.25 -35.25
N TYR D 118 -2.95 26.70 -36.51
CA TYR D 118 -1.83 27.39 -37.11
C TYR D 118 -1.92 28.91 -37.00
N LEU D 119 -2.99 29.43 -36.40
CA LEU D 119 -3.12 30.87 -36.19
C LEU D 119 -2.95 31.27 -34.73
N LYS D 120 -3.62 30.58 -33.80
CA LYS D 120 -3.68 31.05 -32.42
C LYS D 120 -2.70 30.35 -31.49
N ARG D 121 -2.37 29.08 -31.73
CA ARG D 121 -1.44 28.39 -30.85
C ARG D 121 -0.05 29.02 -30.97
N LEU D 122 0.40 29.65 -29.89
CA LEU D 122 1.66 30.38 -29.90
C LEU D 122 2.85 29.42 -29.87
N PRO D 123 3.90 29.68 -30.65
CA PRO D 123 4.01 30.76 -31.64
C PRO D 123 3.22 30.45 -32.91
N SER D 124 2.57 31.45 -33.49
CA SER D 124 1.72 31.23 -34.66
C SER D 124 2.56 30.84 -35.87
N TYR D 125 2.06 29.87 -36.64
CA TYR D 125 2.74 29.48 -37.87
C TYR D 125 2.43 30.44 -39.00
N ILE D 126 1.16 30.81 -39.16
CA ILE D 126 0.77 31.74 -40.22
C ILE D 126 1.43 33.10 -40.00
N ALA D 127 1.41 33.59 -38.76
CA ALA D 127 2.02 34.87 -38.46
C ALA D 127 3.53 34.84 -38.67
N ASN D 128 4.17 33.72 -38.31
CA ASN D 128 5.62 33.60 -38.52
C ASN D 128 5.95 33.51 -39.99
N LEU D 129 5.15 32.78 -40.77
CA LEU D 129 5.44 32.64 -42.20
C LEU D 129 5.20 33.93 -42.95
N LEU D 130 4.16 34.68 -42.57
CA LEU D 130 3.86 35.96 -43.20
C LEU D 130 4.65 37.12 -42.61
N ASP D 131 5.37 36.90 -41.52
CA ASP D 131 6.16 37.93 -40.85
C ASP D 131 5.28 39.13 -40.46
N LYS D 132 4.10 38.83 -39.93
CA LYS D 132 3.21 39.85 -39.41
C LYS D 132 2.80 39.49 -37.99
N PRO D 133 2.73 40.47 -37.09
CA PRO D 133 2.33 40.17 -35.72
C PRO D 133 0.93 39.59 -35.66
N LEU D 134 0.72 38.65 -34.74
CA LEU D 134 -0.58 38.00 -34.63
C LEU D 134 -1.68 39.01 -34.30
N LYS D 135 -1.34 40.07 -33.58
CA LYS D 135 -2.33 41.09 -33.26
C LYS D 135 -2.86 41.76 -34.54
N GLU D 136 -1.96 42.16 -35.44
CA GLU D 136 -2.39 42.78 -36.69
C GLU D 136 -2.99 41.76 -37.66
N LEU D 137 -2.76 40.47 -37.44
CA LEU D 137 -3.31 39.42 -38.28
C LEU D 137 -4.58 38.80 -37.71
N GLU D 138 -4.77 38.87 -36.38
CA GLU D 138 -5.99 38.36 -35.79
C GLU D 138 -7.17 39.27 -36.07
N GLY D 139 -6.93 40.58 -36.10
CA GLY D 139 -7.98 41.51 -36.45
C GLY D 139 -8.47 41.37 -37.87
N LEU D 140 -7.63 40.84 -38.76
CA LEU D 140 -8.08 40.54 -40.11
C LEU D 140 -9.06 39.38 -40.15
N VAL D 141 -9.11 38.59 -39.08
CA VAL D 141 -9.98 37.42 -39.01
C VAL D 141 -11.22 37.67 -38.15
N TYR D 142 -11.03 38.29 -36.98
CA TYR D 142 -12.12 38.45 -36.02
C TYR D 142 -12.56 39.89 -35.81
N CYS D 143 -11.82 40.87 -36.34
CA CYS D 143 -12.19 42.27 -36.21
C CYS D 143 -12.56 42.83 -37.58
N ASP D 144 -13.01 44.08 -37.59
CA ASP D 144 -13.53 44.72 -38.80
C ASP D 144 -12.41 45.48 -39.52
N PHE D 145 -11.36 44.76 -39.87
CA PHE D 145 -10.21 45.31 -40.56
C PHE D 145 -10.18 44.83 -42.01
N SER D 146 -9.26 45.38 -42.78
CA SER D 146 -9.06 44.97 -44.16
C SER D 146 -7.58 45.14 -44.51
N PHE D 147 -7.08 44.22 -45.32
CA PHE D 147 -5.67 44.20 -45.71
C PHE D 147 -5.54 44.63 -47.16
N ALA D 148 -4.69 45.63 -47.39
CA ALA D 148 -4.47 46.16 -48.73
C ALA D 148 -3.29 45.46 -49.40
N ARG D 149 -3.39 45.33 -50.72
CA ARG D 149 -2.39 44.67 -51.54
C ARG D 149 -2.08 43.26 -51.03
N PRO D 150 -3.08 42.37 -50.97
CA PRO D 150 -2.80 41.01 -50.50
C PRO D 150 -1.91 40.21 -51.42
N ILE D 151 -1.90 40.52 -52.72
CA ILE D 151 -1.16 39.74 -53.70
C ILE D 151 -0.11 40.62 -54.35
N THR D 152 0.88 39.96 -54.97
CA THR D 152 1.96 40.65 -55.64
C THR D 152 2.29 40.08 -57.02
N LYS D 153 1.54 39.08 -57.49
CA LYS D 153 1.79 38.45 -58.78
C LYS D 153 0.83 38.91 -59.87
N LYS D 154 0.02 39.94 -59.60
CA LYS D 154 -0.91 40.45 -60.58
C LYS D 154 -0.88 41.98 -60.55
N PRO D 155 -1.22 42.64 -61.66
CA PRO D 155 -1.15 44.09 -61.70
C PRO D 155 -2.10 44.76 -60.73
N THR D 156 -1.64 45.85 -60.12
CA THR D 156 -2.44 46.69 -59.24
C THR D 156 -2.13 48.14 -59.55
N PHE D 157 -3.07 49.03 -59.19
CA PHE D 157 -2.90 50.44 -59.53
C PHE D 157 -3.25 51.39 -58.38
N LEU D 158 -3.33 50.90 -57.16
CA LEU D 158 -3.58 51.73 -56.00
C LEU D 158 -2.39 51.68 -55.06
N ARG D 159 -2.10 52.82 -54.41
CA ARG D 159 -0.96 52.93 -53.51
C ARG D 159 -1.31 52.57 -52.07
N LEU D 160 -2.33 51.74 -51.88
CA LEU D 160 -2.66 51.24 -50.55
C LEU D 160 -1.74 50.08 -50.18
N ARG D 161 -1.49 49.94 -48.87
CA ARG D 161 -0.69 48.84 -48.37
C ARG D 161 -0.96 48.67 -46.89
N GLY D 162 -0.73 47.46 -46.40
CA GLY D 162 -0.85 47.20 -44.98
C GLY D 162 -2.28 46.94 -44.54
N SER D 163 -2.48 46.97 -43.22
CA SER D 163 -3.77 46.73 -42.61
C SER D 163 -4.45 48.06 -42.30
N PHE D 164 -5.70 48.20 -42.72
CA PHE D 164 -6.50 49.40 -42.47
C PHE D 164 -7.58 49.04 -41.46
N GLU D 165 -7.45 49.58 -40.24
CA GLU D 165 -8.45 49.30 -39.21
C GLU D 165 -9.79 49.93 -39.54
N TYR D 166 -9.78 51.09 -40.20
CA TYR D 166 -11.00 51.72 -40.67
C TYR D 166 -11.26 51.27 -42.11
N GLU D 167 -12.19 51.94 -42.78
CA GLU D 167 -12.50 51.66 -44.18
C GLU D 167 -12.07 52.83 -45.05
N ILE D 168 -11.60 52.51 -46.25
CA ILE D 168 -11.20 53.55 -47.20
C ILE D 168 -12.45 54.27 -47.69
N GLN D 169 -12.46 55.59 -47.57
CA GLN D 169 -13.66 56.36 -47.88
C GLN D 169 -13.98 56.33 -49.37
N SER D 170 -12.98 56.60 -50.21
CA SER D 170 -13.21 56.60 -51.65
C SER D 170 -13.53 55.21 -52.18
N TRP D 171 -12.99 54.17 -51.52
CA TRP D 171 -13.22 52.79 -51.95
C TRP D 171 -14.67 52.36 -51.81
N LYS D 172 -15.49 53.12 -51.11
CA LYS D 172 -16.88 52.75 -50.87
C LYS D 172 -17.82 53.26 -51.95
N TYR D 173 -17.60 54.47 -52.46
CA TYR D 173 -18.49 55.06 -53.45
C TYR D 173 -17.80 55.37 -54.77
N SER D 174 -16.70 56.11 -54.75
CA SER D 174 -16.13 56.64 -55.98
C SER D 174 -15.62 55.55 -56.90
N ILE D 175 -14.76 54.67 -56.38
CA ILE D 175 -14.15 53.64 -57.23
C ILE D 175 -15.18 52.65 -57.77
N PRO D 176 -16.10 52.09 -56.97
CA PRO D 176 -17.11 51.21 -57.55
C PRO D 176 -17.99 51.88 -58.60
N LEU D 177 -18.25 53.19 -58.45
CA LEU D 177 -19.05 53.90 -59.44
C LEU D 177 -18.26 54.13 -60.73
N PHE D 178 -16.98 54.47 -60.60
CA PHE D 178 -16.17 54.81 -61.76
C PHE D 178 -15.95 53.60 -62.67
N PHE D 179 -15.68 52.44 -62.09
CA PHE D 179 -15.43 51.23 -62.86
C PHE D 179 -16.67 50.37 -63.04
N THR D 180 -17.82 50.80 -62.51
CA THR D 180 -19.07 50.04 -62.47
C THR D 180 -18.93 48.84 -61.55
N THR D 181 -20.04 48.43 -60.91
CA THR D 181 -19.98 47.38 -59.91
C THR D 181 -19.57 46.04 -60.53
N GLN D 182 -20.09 45.72 -61.71
CA GLN D 182 -19.76 44.45 -62.34
C GLN D 182 -18.29 44.37 -62.71
N GLY D 183 -17.73 45.45 -63.25
CA GLY D 183 -16.31 45.47 -63.56
C GLY D 183 -15.43 45.64 -62.35
N PHE D 184 -15.98 46.16 -61.25
CA PHE D 184 -15.20 46.37 -60.04
C PHE D 184 -14.97 45.06 -59.29
N GLU D 185 -15.95 44.15 -59.32
CA GLU D 185 -15.83 42.89 -58.60
C GLU D 185 -14.72 42.01 -59.13
N ILE D 186 -14.32 42.20 -60.39
CA ILE D 186 -13.29 41.35 -60.98
C ILE D 186 -11.95 41.56 -60.30
N PHE D 187 -11.56 42.84 -60.15
CA PHE D 187 -10.26 43.18 -59.58
C PHE D 187 -10.37 43.71 -58.15
N ARG D 188 -11.54 43.59 -57.53
CA ARG D 188 -11.70 44.10 -56.16
C ARG D 188 -10.79 43.38 -55.19
N ASN D 189 -10.79 42.05 -55.22
CA ASN D 189 -9.97 41.26 -54.29
C ASN D 189 -8.56 41.08 -54.83
N ARG D 190 -7.99 42.18 -55.29
CA ARG D 190 -6.58 42.26 -55.66
C ARG D 190 -5.89 43.50 -55.12
N GLU D 191 -6.63 44.56 -54.78
CA GLU D 191 -6.10 45.76 -54.17
C GLU D 191 -6.21 45.74 -52.65
N ILE D 192 -7.35 45.31 -52.13
CA ILE D 192 -7.57 45.20 -50.69
C ILE D 192 -8.63 44.15 -50.44
N SER D 193 -8.36 43.24 -49.50
CA SER D 193 -9.25 42.13 -49.19
C SER D 193 -9.46 42.06 -47.68
N THR D 194 -10.34 41.16 -47.27
CA THR D 194 -10.72 41.04 -45.87
C THR D 194 -11.02 39.60 -45.54
N GLY D 195 -10.98 39.29 -44.24
CA GLY D 195 -11.30 37.96 -43.77
C GLY D 195 -10.14 36.98 -43.88
N ALA D 196 -10.45 35.72 -43.58
CA ALA D 196 -9.46 34.66 -43.72
C ALA D 196 -9.07 34.45 -45.17
N GLY D 197 -9.95 34.81 -46.11
CA GLY D 197 -9.61 34.69 -47.51
C GLY D 197 -8.43 35.56 -47.91
N ALA D 198 -8.31 36.74 -47.31
CA ALA D 198 -7.15 37.58 -47.59
C ALA D 198 -5.85 36.91 -47.15
N ILE D 199 -5.89 36.21 -46.01
CA ILE D 199 -4.72 35.49 -45.53
C ILE D 199 -4.33 34.38 -46.50
N ARG D 200 -5.32 33.64 -47.02
CA ARG D 200 -5.03 32.55 -47.94
C ARG D 200 -4.39 33.06 -49.22
N GLU D 201 -4.80 34.23 -49.70
CA GLU D 201 -4.17 34.81 -50.87
C GLU D 201 -2.70 35.16 -50.59
N GLN D 202 -2.42 35.68 -49.40
CA GLN D 202 -1.03 35.95 -49.03
C GLN D 202 -0.22 34.67 -48.96
N LEU D 203 -0.78 33.62 -48.35
CA LEU D 203 -0.06 32.35 -48.26
C LEU D 203 0.16 31.74 -49.64
N ALA D 204 -0.85 31.78 -50.50
CA ALA D 204 -0.72 31.17 -51.82
C ALA D 204 0.27 31.92 -52.70
N ASP D 205 0.43 33.22 -52.50
CA ASP D 205 1.32 34.03 -53.32
C ASP D 205 2.70 34.20 -52.71
N LEU D 206 2.99 33.52 -51.60
CA LEU D 206 4.32 33.62 -50.99
C LEU D 206 5.37 32.99 -51.89
N ASP D 207 6.52 33.66 -51.97
CA ASP D 207 7.70 33.12 -52.64
C ASP D 207 8.61 32.58 -51.53
N LEU D 208 8.55 31.26 -51.31
CA LEU D 208 9.24 30.66 -50.19
C LEU D 208 10.75 30.81 -50.30
N ARG D 209 11.27 30.88 -51.53
CA ARG D 209 12.70 31.08 -51.71
C ARG D 209 13.12 32.52 -51.41
N ILE D 210 12.23 33.48 -51.63
CA ILE D 210 12.52 34.86 -51.24
C ILE D 210 12.57 34.99 -49.73
N ILE D 211 11.71 34.24 -49.03
CA ILE D 211 11.67 34.30 -47.57
C ILE D 211 13.00 33.86 -46.98
N ILE D 212 13.59 32.80 -47.53
CA ILE D 212 14.85 32.28 -47.00
C ILE D 212 15.96 33.29 -47.17
N GLU D 213 16.06 33.93 -48.33
CA GLU D 213 17.15 34.86 -48.57
C GLU D 213 16.97 36.15 -47.76
N ASN D 214 15.74 36.64 -47.65
CA ASN D 214 15.51 37.85 -46.86
C ASN D 214 15.77 37.60 -45.38
N SER D 215 15.37 36.43 -44.87
CA SER D 215 15.60 36.12 -43.48
C SER D 215 17.09 35.97 -43.19
N LEU D 216 17.84 35.38 -44.12
CA LEU D 216 19.27 35.16 -43.89
C LEU D 216 20.05 36.47 -43.86
N VAL D 217 19.76 37.37 -44.79
CA VAL D 217 20.50 38.64 -44.84
C VAL D 217 20.14 39.51 -43.64
N GLU D 218 18.87 39.51 -43.23
CA GLU D 218 18.47 40.24 -42.03
C GLU D 218 19.10 39.63 -40.78
N TRP D 219 19.20 38.30 -40.74
CA TRP D 219 19.82 37.64 -39.60
C TRP D 219 21.28 38.04 -39.46
N LYS D 220 22.02 38.09 -40.57
CA LYS D 220 23.42 38.47 -40.50
C LYS D 220 23.59 39.95 -40.17
N GLN D 221 22.68 40.79 -40.65
CA GLN D 221 22.77 42.22 -40.35
C GLN D 221 22.66 42.48 -38.86
N LEU D 222 21.75 41.79 -38.17
CA LEU D 222 21.66 41.90 -36.72
C LEU D 222 22.91 41.36 -36.05
N GLY D 223 23.58 40.39 -36.67
CA GLY D 223 24.78 39.83 -36.07
C GLY D 223 25.93 40.82 -36.01
N GLU D 224 26.08 41.65 -37.04
CA GLU D 224 27.15 42.63 -37.07
C GLU D 224 27.00 43.70 -36.00
N GLU D 225 25.78 43.94 -35.52
CA GLU D 225 25.54 44.96 -34.51
C GLU D 225 25.79 44.41 -33.11
N ASP D 234 18.69 44.55 -26.08
CA ASP D 234 19.42 43.31 -26.22
C ASP D 234 18.49 42.11 -26.19
N ARG D 235 17.32 42.29 -25.56
CA ARG D 235 16.32 41.23 -25.51
C ARG D 235 15.49 41.15 -26.79
N LYS D 236 15.54 42.17 -27.64
CA LYS D 236 14.81 42.17 -28.90
C LYS D 236 15.63 41.63 -30.06
N ILE D 237 16.93 41.95 -30.10
CA ILE D 237 17.80 41.44 -31.16
C ILE D 237 17.86 39.92 -31.11
N VAL D 238 18.02 39.36 -29.91
CA VAL D 238 18.05 37.91 -29.76
C VAL D 238 16.70 37.32 -30.12
N ARG D 239 15.61 37.97 -29.70
CA ARG D 239 14.27 37.47 -30.00
C ARG D 239 13.98 37.54 -31.50
N ARG D 240 14.43 38.62 -32.17
CA ARG D 240 14.22 38.74 -33.60
C ARG D 240 15.04 37.72 -34.38
N LYS D 241 16.23 37.39 -33.89
CA LYS D 241 17.04 36.36 -34.54
C LYS D 241 16.36 35.00 -34.49
N ASP D 242 15.76 34.66 -33.35
CA ASP D 242 15.03 33.40 -33.24
C ASP D 242 13.82 33.37 -34.16
N PHE D 243 13.16 34.52 -34.35
CA PHE D 243 12.04 34.60 -35.28
C PHE D 243 12.49 34.32 -36.71
N LEU D 244 13.64 34.85 -37.09
CA LEU D 244 14.12 34.68 -38.47
C LEU D 244 14.54 33.24 -38.74
N VAL D 245 15.15 32.58 -37.75
CA VAL D 245 15.57 31.20 -37.93
C VAL D 245 14.35 30.29 -38.07
N ARG D 246 13.32 30.53 -37.26
CA ARG D 246 12.09 29.74 -37.39
C ARG D 246 11.43 29.96 -38.75
N ARG D 247 11.43 31.20 -39.24
CA ARG D 247 10.78 31.48 -40.51
C ARG D 247 11.49 30.79 -41.67
N MET D 248 12.82 30.82 -41.68
CA MET D 248 13.54 30.17 -42.76
C MET D 248 13.51 28.64 -42.63
N GLU D 249 13.46 28.13 -41.40
CA GLU D 249 13.25 26.70 -41.21
C GLU D 249 11.88 26.28 -41.73
N LEU D 250 10.85 27.09 -41.45
CA LEU D 250 9.50 26.78 -41.91
C LEU D 250 9.41 26.79 -43.43
N ALA D 251 10.04 27.79 -44.06
CA ALA D 251 10.00 27.89 -45.52
C ALA D 251 10.68 26.69 -46.18
N LYS D 252 11.80 26.23 -45.61
CA LYS D 252 12.52 25.11 -46.21
C LYS D 252 11.70 23.84 -46.24
N HIS D 253 10.95 23.57 -45.15
CA HIS D 253 10.17 22.34 -45.09
C HIS D 253 9.06 22.33 -46.14
N PHE D 254 8.45 23.48 -46.41
CA PHE D 254 7.43 23.55 -47.45
C PHE D 254 8.03 23.25 -48.83
N ILE D 255 9.25 23.71 -49.07
CA ILE D 255 9.88 23.54 -50.38
C ILE D 255 10.13 22.06 -50.67
N ARG D 256 10.64 21.32 -49.69
CA ARG D 256 11.03 19.93 -49.90
C ARG D 256 9.91 18.93 -49.64
N THR D 257 8.72 19.39 -49.30
CA THR D 257 7.58 18.52 -49.11
C THR D 257 6.50 18.86 -50.12
N ASN D 258 5.38 18.13 -50.05
CA ASN D 258 4.22 18.39 -50.89
C ASN D 258 3.12 19.14 -50.13
N ILE D 259 3.44 19.68 -48.96
CA ILE D 259 2.47 20.45 -48.19
C ILE D 259 2.46 21.89 -48.70
N GLU D 260 1.28 22.38 -49.05
CA GLU D 260 1.14 23.77 -49.46
C GLU D 260 0.79 24.63 -48.25
N PRO D 261 1.48 25.75 -48.05
CA PRO D 261 1.16 26.60 -46.89
C PRO D 261 -0.26 27.16 -46.92
N GLU D 262 -0.86 27.32 -48.10
CA GLU D 262 -2.23 27.83 -48.17
C GLU D 262 -3.26 26.84 -47.64
N TRP D 263 -2.88 25.58 -47.43
CA TRP D 263 -3.79 24.61 -46.82
C TRP D 263 -4.07 24.91 -45.36
N MET D 264 -3.31 25.82 -44.75
CA MET D 264 -3.60 26.25 -43.39
C MET D 264 -4.90 27.05 -43.30
N VAL D 265 -5.44 27.50 -44.43
CA VAL D 265 -6.75 28.14 -44.49
C VAL D 265 -7.70 27.15 -45.14
N LEU D 266 -8.74 26.78 -44.40
CA LEU D 266 -9.65 25.73 -44.85
C LEU D 266 -10.71 26.29 -45.81
N CYS D 267 -10.83 25.65 -46.97
CA CYS D 267 -11.92 25.91 -47.89
C CYS D 267 -13.06 24.92 -47.74
N LEU D 268 -12.75 23.67 -47.42
CA LEU D 268 -13.73 22.64 -47.13
C LEU D 268 -13.53 22.13 -45.72
N LEU D 269 -14.60 21.64 -45.11
CA LEU D 269 -14.56 21.15 -43.74
C LEU D 269 -14.94 19.68 -43.70
N PRO D 270 -13.98 18.78 -43.48
CA PRO D 270 -14.32 17.35 -43.40
C PRO D 270 -15.22 17.08 -42.19
N VAL D 271 -16.09 16.08 -42.35
CA VAL D 271 -17.11 15.75 -41.35
C VAL D 271 -16.86 14.36 -40.83
N LEU D 272 -16.84 14.23 -39.51
CA LEU D 272 -16.63 12.94 -38.86
C LEU D 272 -17.73 11.96 -39.25
N PRO D 273 -17.41 10.67 -39.37
CA PRO D 273 -18.43 9.68 -39.68
C PRO D 273 -19.47 9.62 -38.57
N PRO D 274 -20.72 9.31 -38.91
CA PRO D 274 -21.79 9.34 -37.89
C PRO D 274 -21.58 8.39 -36.74
N GLU D 275 -21.04 7.20 -36.99
CA GLU D 275 -20.88 6.22 -35.91
C GLU D 275 -19.89 6.67 -34.85
N LEU D 276 -19.00 7.60 -35.17
CA LEU D 276 -18.10 8.17 -34.18
C LEU D 276 -18.70 9.34 -33.44
N ARG D 277 -19.88 9.81 -33.86
CA ARG D 277 -20.63 10.86 -33.17
C ARG D 277 -22.09 10.42 -33.04
N PRO D 278 -22.36 9.42 -32.19
CA PRO D 278 -23.71 8.86 -32.06
C PRO D 278 -24.73 9.87 -31.54
N ASP D 291 -22.22 16.75 -28.37
CA ASP D 291 -21.34 17.91 -28.39
C ASP D 291 -20.87 18.20 -29.81
N ILE D 292 -20.23 17.21 -30.43
CA ILE D 292 -19.70 17.40 -31.79
C ILE D 292 -20.82 17.63 -32.78
N ASN D 293 -21.94 16.93 -32.61
CA ASN D 293 -23.07 17.11 -33.52
C ASN D 293 -23.64 18.51 -33.44
N GLU D 294 -23.76 19.06 -32.22
CA GLU D 294 -24.25 20.42 -32.08
C GLU D 294 -23.29 21.43 -32.71
N LEU D 295 -21.99 21.21 -32.55
CA LEU D 295 -21.01 22.10 -33.18
C LEU D 295 -21.09 22.02 -34.69
N TYR D 296 -21.35 20.83 -35.23
CA TYR D 296 -21.51 20.69 -36.68
C TYR D 296 -22.76 21.43 -37.17
N ARG D 297 -23.88 21.27 -36.45
CA ARG D 297 -25.09 21.99 -36.84
C ARG D 297 -24.89 23.49 -36.78
N ARG D 298 -24.15 23.96 -35.77
CA ARG D 298 -23.89 25.39 -35.65
C ARG D 298 -23.07 25.90 -36.83
N VAL D 299 -22.10 25.13 -37.29
CA VAL D 299 -21.30 25.55 -38.45
C VAL D 299 -22.14 25.52 -39.72
N ILE D 300 -22.96 24.48 -39.89
CA ILE D 300 -23.81 24.38 -41.07
C ILE D 300 -24.85 25.50 -41.08
N TYR D 301 -25.46 25.77 -39.92
CA TYR D 301 -26.50 26.77 -39.83
C TYR D 301 -26.00 28.14 -40.28
N ARG D 302 -24.86 28.57 -39.75
CA ARG D 302 -24.33 29.88 -40.10
C ARG D 302 -23.79 29.89 -41.53
N ASN D 303 -23.23 28.78 -41.99
CA ASN D 303 -22.72 28.71 -43.36
C ASN D 303 -23.86 28.76 -44.38
N ASN D 304 -24.99 28.13 -44.06
CA ASN D 304 -26.17 28.25 -44.92
C ASN D 304 -26.76 29.66 -44.87
N THR D 305 -26.70 30.31 -43.70
CA THR D 305 -27.15 31.69 -43.61
C THR D 305 -26.31 32.62 -44.47
N LEU D 306 -24.99 32.41 -44.46
CA LEU D 306 -24.08 33.30 -45.19
C LEU D 306 -24.30 33.19 -46.70
N THR D 307 -24.54 31.98 -47.21
CA THR D 307 -24.75 31.83 -48.64
C THR D 307 -26.11 32.36 -49.07
N ASP D 308 -27.06 32.52 -48.15
CA ASP D 308 -28.33 33.15 -48.50
C ASP D 308 -28.18 34.65 -48.67
N LEU D 309 -27.33 35.28 -47.85
CA LEU D 309 -27.06 36.70 -48.02
C LEU D 309 -26.41 37.00 -49.35
N LEU D 310 -25.47 36.17 -49.78
CA LEU D 310 -24.78 36.36 -51.04
C LEU D 310 -25.68 35.98 -52.21
N VAL D 321 -22.67 40.79 -43.67
CA VAL D 321 -21.92 39.78 -44.42
C VAL D 321 -20.59 39.48 -43.74
N MET D 322 -19.78 40.52 -43.53
CA MET D 322 -18.52 40.34 -42.81
C MET D 322 -18.77 39.88 -41.38
N CYS D 323 -19.80 40.43 -40.73
CA CYS D 323 -20.19 39.95 -39.41
C CYS D 323 -20.62 38.50 -39.47
N GLN D 324 -21.22 38.07 -40.57
CA GLN D 324 -21.61 36.67 -40.72
C GLN D 324 -20.41 35.77 -40.99
N GLU D 325 -19.39 36.29 -41.69
CA GLU D 325 -18.16 35.53 -41.89
C GLU D 325 -17.46 35.25 -40.57
N LYS D 326 -17.46 36.24 -39.67
CA LYS D 326 -16.88 36.03 -38.34
C LYS D 326 -17.62 34.93 -37.59
N LEU D 327 -18.95 34.86 -37.75
CA LEU D 327 -19.72 33.81 -37.09
C LEU D 327 -19.35 32.43 -37.63
N VAL D 328 -19.16 32.32 -38.95
CA VAL D 328 -18.74 31.05 -39.53
C VAL D 328 -17.32 30.70 -39.08
N GLN D 329 -16.41 31.68 -39.11
CA GLN D 329 -15.03 31.43 -38.70
C GLN D 329 -14.94 31.05 -37.24
N GLU D 330 -15.67 31.76 -36.37
CA GLU D 330 -15.63 31.47 -34.95
C GLU D 330 -16.21 30.08 -34.66
N ALA D 331 -17.27 29.69 -35.36
CA ALA D 331 -17.88 28.39 -35.15
C ALA D 331 -16.91 27.25 -35.51
N VAL D 332 -16.15 27.43 -36.59
CA VAL D 332 -15.17 26.42 -36.97
C VAL D 332 -14.04 26.35 -35.94
N ASP D 333 -13.66 27.50 -35.39
CA ASP D 333 -12.65 27.50 -34.32
C ASP D 333 -13.14 26.72 -33.11
N THR D 334 -14.42 26.89 -32.75
CA THR D 334 -14.98 26.14 -31.64
C THR D 334 -14.99 24.63 -31.93
N LEU D 335 -15.36 24.26 -33.16
CA LEU D 335 -15.38 22.85 -33.54
C LEU D 335 -13.98 22.24 -33.48
N LEU D 336 -12.97 22.94 -34.01
CA LEU D 336 -11.65 22.36 -34.11
C LEU D 336 -10.92 22.37 -32.77
N ASP D 337 -10.83 23.53 -32.12
CA ASP D 337 -10.11 23.63 -30.84
C ASP D 337 -10.73 24.76 -30.04
N ASN D 338 -11.57 24.41 -29.06
CA ASN D 338 -12.13 25.39 -28.14
C ASN D 338 -11.08 25.75 -27.08
N GLY D 339 -11.41 26.74 -26.27
CA GLY D 339 -10.50 27.18 -25.21
C GLY D 339 -9.21 27.78 -25.74
N ILE D 340 -9.29 28.58 -26.80
CA ILE D 340 -8.10 29.17 -27.40
C ILE D 340 -8.35 30.65 -27.64
N ARG D 341 -9.60 31.08 -27.44
CA ARG D 341 -9.99 32.48 -27.61
C ARG D 341 -10.22 33.20 -26.29
N GLY D 342 -10.39 32.47 -25.19
CA GLY D 342 -10.74 33.09 -23.93
C GLY D 342 -11.84 32.31 -23.24
N GLN D 343 -12.98 32.95 -23.01
CA GLN D 343 -14.15 32.22 -22.51
C GLN D 343 -14.68 31.32 -23.61
N PRO D 344 -14.67 30.01 -23.42
CA PRO D 344 -15.15 29.11 -24.47
C PRO D 344 -16.67 29.13 -24.58
N MET D 345 -17.15 28.65 -25.73
CA MET D 345 -18.60 28.52 -25.92
C MET D 345 -19.18 27.55 -24.90
N ARG D 346 -20.35 27.90 -24.38
CA ARG D 346 -21.05 27.08 -23.41
C ARG D 346 -22.51 26.92 -23.82
N ASP D 347 -23.08 25.76 -23.51
CA ASP D 347 -24.45 25.45 -23.87
C ASP D 347 -25.40 26.01 -22.82
N GLY D 348 -26.67 25.63 -22.89
CA GLY D 348 -27.65 26.15 -21.96
C GLY D 348 -27.50 25.61 -20.55
N HIS D 349 -26.94 24.41 -20.41
CA HIS D 349 -26.72 23.80 -19.10
C HIS D 349 -25.35 24.13 -18.52
N ASN D 350 -24.73 25.23 -18.97
CA ASN D 350 -23.46 25.70 -18.44
C ASN D 350 -22.38 24.62 -18.52
N LYS D 351 -22.20 24.09 -19.74
CA LYS D 351 -21.17 23.10 -20.01
C LYS D 351 -20.34 23.59 -21.19
N VAL D 352 -19.02 23.53 -21.05
CA VAL D 352 -18.11 23.98 -22.10
C VAL D 352 -18.03 22.91 -23.17
N TYR D 353 -18.21 23.31 -24.43
CA TYR D 353 -18.20 22.36 -25.53
C TYR D 353 -16.80 21.77 -25.73
N LYS D 354 -16.75 20.47 -26.01
CA LYS D 354 -15.50 19.77 -26.26
C LYS D 354 -15.23 19.73 -27.76
N SER D 355 -14.10 20.28 -28.17
CA SER D 355 -13.70 20.27 -29.56
C SER D 355 -12.97 18.98 -29.88
N PHE D 356 -12.40 18.87 -31.09
CA PHE D 356 -11.65 17.69 -31.45
C PHE D 356 -10.29 17.65 -30.75
N SER D 357 -9.73 18.81 -30.43
CA SER D 357 -8.46 18.84 -29.71
C SER D 357 -8.62 18.24 -28.31
N ASP D 358 -9.75 18.49 -27.65
CA ASP D 358 -10.02 17.84 -26.38
C ASP D 358 -10.21 16.34 -26.56
N VAL D 359 -10.84 15.93 -27.67
CA VAL D 359 -11.08 14.52 -27.91
C VAL D 359 -9.77 13.76 -28.11
N ILE D 360 -8.86 14.33 -28.91
CA ILE D 360 -7.59 13.64 -29.15
C ILE D 360 -6.72 13.67 -27.89
N GLU D 361 -6.84 14.70 -27.07
CA GLU D 361 -6.10 14.77 -25.81
C GLU D 361 -6.97 14.32 -24.64
N VAL D 383 -13.09 -13.95 -6.04
CA VAL D 383 -12.08 -13.47 -5.09
C VAL D 383 -10.91 -14.43 -5.04
N ILE D 384 -9.81 -13.98 -4.45
CA ILE D 384 -8.57 -14.75 -4.38
C ILE D 384 -8.46 -15.39 -3.00
N VAL D 385 -8.15 -16.67 -2.98
CA VAL D 385 -8.00 -17.44 -1.75
C VAL D 385 -6.69 -18.20 -1.82
N VAL D 386 -5.95 -18.23 -0.71
CA VAL D 386 -4.64 -18.85 -0.68
C VAL D 386 -4.77 -20.37 -0.69
N GLY D 387 -3.92 -21.03 -1.47
CA GLY D 387 -3.76 -22.47 -1.37
C GLY D 387 -2.31 -22.83 -1.15
N PRO D 388 -2.00 -23.31 0.06
CA PRO D 388 -0.60 -23.61 0.40
C PRO D 388 -0.06 -24.87 -0.23
N SER D 389 -0.92 -25.79 -0.66
CA SER D 389 -0.48 -27.04 -1.27
C SER D 389 -0.21 -26.91 -2.76
N LEU D 390 -0.56 -25.79 -3.38
CA LEU D 390 -0.32 -25.60 -4.80
C LEU D 390 1.17 -25.54 -5.10
N SER D 391 1.53 -25.97 -6.31
CA SER D 391 2.87 -25.77 -6.80
C SER D 391 3.08 -24.31 -7.19
N LEU D 392 4.35 -23.94 -7.40
CA LEU D 392 4.66 -22.57 -7.77
C LEU D 392 4.11 -22.21 -9.14
N HIS D 393 3.97 -23.19 -10.03
CA HIS D 393 3.58 -22.95 -11.41
C HIS D 393 2.11 -23.23 -11.68
N ARG D 394 1.33 -23.52 -10.64
CA ARG D 394 -0.06 -23.92 -10.82
C ARG D 394 -1.00 -22.95 -10.11
N CYS D 395 -2.25 -22.97 -10.55
CA CYS D 395 -3.32 -22.19 -9.95
C CYS D 395 -4.61 -22.97 -10.07
N GLY D 396 -5.59 -22.61 -9.24
CA GLY D 396 -6.88 -23.28 -9.22
C GLY D 396 -7.98 -22.39 -9.73
N LEU D 397 -8.77 -22.92 -10.66
CA LEU D 397 -9.88 -22.15 -11.21
C LEU D 397 -11.22 -22.82 -10.88
N PRO D 398 -12.23 -22.04 -10.53
CA PRO D 398 -13.56 -22.61 -10.32
C PRO D 398 -14.17 -23.10 -11.63
N ARG D 399 -15.11 -24.04 -11.50
CA ARG D 399 -15.81 -24.54 -12.69
C ARG D 399 -16.54 -23.42 -13.42
N GLU D 400 -17.19 -22.52 -12.68
CA GLU D 400 -17.97 -21.45 -13.30
C GLU D 400 -17.08 -20.51 -14.10
N ILE D 401 -15.87 -20.26 -13.60
CA ILE D 401 -14.95 -19.39 -14.31
C ILE D 401 -14.25 -20.14 -15.44
N ALA D 402 -13.84 -21.38 -15.19
CA ALA D 402 -13.10 -22.14 -16.18
C ALA D 402 -13.94 -22.43 -17.41
N ILE D 403 -15.22 -22.77 -17.22
CA ILE D 403 -16.06 -23.15 -18.36
C ILE D 403 -16.28 -21.96 -19.29
N GLU D 404 -16.37 -20.75 -18.74
CA GLU D 404 -16.50 -19.57 -19.60
C GLU D 404 -15.19 -19.27 -20.33
N LEU D 405 -14.06 -19.39 -19.63
CA LEU D 405 -12.76 -19.11 -20.25
C LEU D 405 -12.43 -20.10 -21.34
N PHE D 406 -12.80 -21.37 -21.17
CA PHE D 406 -12.45 -22.43 -22.11
C PHE D 406 -13.64 -22.95 -22.89
N GLN D 407 -14.70 -22.15 -23.04
CA GLN D 407 -15.91 -22.62 -23.69
C GLN D 407 -15.64 -23.03 -25.13
N THR D 408 -14.83 -22.26 -25.85
CA THR D 408 -14.54 -22.59 -27.24
C THR D 408 -13.82 -23.94 -27.35
N PHE D 409 -12.94 -24.25 -26.39
CA PHE D 409 -12.24 -25.52 -26.41
C PHE D 409 -13.14 -26.67 -25.98
N VAL D 410 -14.05 -26.43 -25.04
CA VAL D 410 -15.00 -27.46 -24.63
C VAL D 410 -15.92 -27.82 -25.78
N ILE D 411 -16.37 -26.82 -26.54
CA ILE D 411 -17.23 -27.08 -27.69
C ILE D 411 -16.50 -27.92 -28.73
N ARG D 412 -15.25 -27.57 -29.02
CA ARG D 412 -14.47 -28.34 -29.99
C ARG D 412 -14.20 -29.75 -29.50
N GLY D 413 -13.94 -29.90 -28.20
CA GLY D 413 -13.73 -31.24 -27.66
C GLY D 413 -14.97 -32.11 -27.75
N LEU D 414 -16.14 -31.53 -27.53
CA LEU D 414 -17.38 -32.27 -27.68
C LEU D 414 -17.61 -32.70 -29.12
N ILE D 415 -17.34 -31.81 -30.08
CA ILE D 415 -17.53 -32.14 -31.48
C ILE D 415 -16.48 -33.15 -31.94
N ARG D 416 -15.23 -32.96 -31.51
CA ARG D 416 -14.16 -33.85 -31.93
C ARG D 416 -14.43 -35.29 -31.51
N GLN D 417 -14.88 -35.49 -30.28
CA GLN D 417 -15.16 -36.81 -29.75
C GLN D 417 -16.61 -37.23 -29.96
N HIS D 418 -17.35 -36.51 -30.80
CA HIS D 418 -18.67 -36.89 -31.27
C HIS D 418 -19.70 -36.97 -30.14
N LEU D 419 -19.44 -36.31 -29.02
CA LEU D 419 -20.44 -36.18 -27.97
C LEU D 419 -21.49 -35.14 -28.29
N ALA D 420 -21.19 -34.23 -29.22
CA ALA D 420 -22.13 -33.23 -29.71
C ALA D 420 -22.08 -33.21 -31.23
N SER D 421 -23.26 -33.15 -31.85
CA SER D 421 -23.31 -33.22 -33.32
C SER D 421 -22.70 -31.99 -33.96
N ASN D 422 -23.00 -30.80 -33.44
CA ASN D 422 -22.52 -29.56 -34.05
C ASN D 422 -22.36 -28.51 -32.96
N ILE D 423 -22.21 -27.26 -33.38
CA ILE D 423 -22.01 -26.16 -32.44
C ILE D 423 -23.26 -25.94 -31.58
N GLY D 424 -24.44 -25.99 -32.20
CA GLY D 424 -25.66 -25.72 -31.45
C GLY D 424 -25.92 -26.72 -30.35
N VAL D 425 -25.68 -28.01 -30.63
CA VAL D 425 -25.89 -29.03 -29.61
C VAL D 425 -24.84 -28.91 -28.51
N ALA D 426 -23.59 -28.60 -28.89
CA ALA D 426 -22.53 -28.47 -27.91
C ALA D 426 -22.81 -27.36 -26.91
N LYS D 427 -23.55 -26.33 -27.32
CA LYS D 427 -23.89 -25.26 -26.38
C LYS D 427 -24.94 -25.71 -25.37
N SER D 428 -25.91 -26.52 -25.79
CA SER D 428 -26.97 -26.94 -24.89
C SER D 428 -26.42 -27.82 -23.76
N GLN D 429 -25.49 -28.71 -24.07
CA GLN D 429 -24.89 -29.55 -23.04
C GLN D 429 -24.12 -28.71 -22.02
N ILE D 430 -23.43 -27.67 -22.48
CA ILE D 430 -22.79 -26.74 -21.57
C ILE D 430 -23.83 -25.98 -20.76
N ARG D 431 -24.93 -25.57 -21.42
CA ARG D 431 -25.98 -24.85 -20.71
C ARG D 431 -26.62 -25.72 -19.63
N GLU D 432 -26.89 -26.99 -19.95
CA GLU D 432 -27.63 -27.88 -19.08
C GLU D 432 -26.74 -28.60 -18.07
N LYS D 433 -25.45 -28.27 -18.02
CA LYS D 433 -24.51 -28.87 -17.06
C LYS D 433 -24.47 -30.39 -17.18
N LYS D 434 -24.50 -30.88 -18.41
CA LYS D 434 -24.35 -32.32 -18.64
C LYS D 434 -23.00 -32.77 -18.10
N PRO D 435 -22.94 -33.83 -17.29
CA PRO D 435 -21.68 -34.16 -16.60
C PRO D 435 -20.52 -34.45 -17.54
N ILE D 436 -20.78 -34.81 -18.80
CA ILE D 436 -19.70 -35.05 -19.75
C ILE D 436 -18.94 -33.77 -20.06
N VAL D 437 -19.54 -32.61 -19.81
CA VAL D 437 -18.87 -31.34 -20.06
C VAL D 437 -17.63 -31.19 -19.17
N TRP D 438 -17.75 -31.57 -17.90
CA TRP D 438 -16.66 -31.36 -16.96
C TRP D 438 -15.49 -32.30 -17.24
N GLU D 439 -15.76 -33.51 -17.76
CA GLU D 439 -14.68 -34.38 -18.20
C GLU D 439 -13.88 -33.76 -19.34
N ILE D 440 -14.59 -33.16 -20.30
CA ILE D 440 -13.92 -32.50 -21.42
C ILE D 440 -13.16 -31.27 -20.93
N LEU D 441 -13.74 -30.52 -19.99
CA LEU D 441 -13.10 -29.30 -19.50
C LEU D 441 -11.76 -29.61 -18.86
N GLN D 442 -11.67 -30.71 -18.11
CA GLN D 442 -10.39 -31.10 -17.53
C GLN D 442 -9.36 -31.43 -18.61
N GLU D 443 -9.80 -32.09 -19.69
CA GLU D 443 -8.87 -32.46 -20.76
C GLU D 443 -8.29 -31.24 -21.45
N VAL D 444 -9.15 -30.29 -21.83
CA VAL D 444 -8.68 -29.15 -22.61
C VAL D 444 -7.89 -28.16 -21.75
N MET D 445 -8.16 -28.13 -20.44
CA MET D 445 -7.42 -27.24 -19.57
C MET D 445 -5.99 -27.73 -19.36
N GLN D 446 -5.78 -29.04 -19.36
CA GLN D 446 -4.45 -29.60 -19.14
C GLN D 446 -3.51 -29.14 -20.25
N GLY D 447 -2.34 -28.64 -19.86
CA GLY D 447 -1.36 -28.17 -20.82
C GLY D 447 -1.66 -26.84 -21.46
N HIS D 448 -2.68 -26.13 -20.99
CA HIS D 448 -3.05 -24.82 -21.54
C HIS D 448 -2.89 -23.75 -20.47
N PRO D 449 -1.80 -23.01 -20.46
CA PRO D 449 -1.59 -22.00 -19.42
C PRO D 449 -2.48 -20.79 -19.61
N VAL D 450 -2.71 -20.07 -18.51
CA VAL D 450 -3.49 -18.84 -18.51
C VAL D 450 -2.67 -17.75 -17.84
N LEU D 451 -2.99 -16.50 -18.18
CA LEU D 451 -2.34 -15.34 -17.62
C LEU D 451 -3.22 -14.74 -16.53
N LEU D 452 -2.63 -14.52 -15.35
CA LEU D 452 -3.33 -13.95 -14.21
C LEU D 452 -2.75 -12.57 -13.91
N ASN D 453 -3.63 -11.58 -13.80
CA ASN D 453 -3.20 -10.21 -13.51
C ASN D 453 -3.96 -9.64 -12.32
N LEU D 461 6.03 -8.52 -12.41
CA LEU D 461 5.54 -9.79 -11.91
C LEU D 461 4.08 -9.70 -11.48
N GLY D 462 3.46 -8.55 -11.76
CA GLY D 462 2.03 -8.41 -11.53
C GLY D 462 1.21 -9.36 -12.38
N ILE D 463 1.69 -9.66 -13.59
CA ILE D 463 1.06 -10.61 -14.49
C ILE D 463 2.01 -11.78 -14.68
N GLN D 464 1.51 -13.00 -14.47
CA GLN D 464 2.30 -14.21 -14.64
C GLN D 464 1.47 -15.25 -15.35
N SER D 465 2.10 -16.37 -15.67
CA SER D 465 1.46 -17.49 -16.34
C SER D 465 1.47 -18.69 -15.40
N PHE D 466 0.32 -19.35 -15.26
CA PHE D 466 0.19 -20.53 -14.43
C PHE D 466 -0.52 -21.62 -15.22
N GLN D 467 -0.29 -22.86 -14.80
CA GLN D 467 -1.06 -23.97 -15.33
C GLN D 467 -2.31 -24.16 -14.50
N PRO D 468 -3.50 -23.93 -15.04
CA PRO D 468 -4.72 -24.00 -14.23
C PRO D 468 -5.15 -25.44 -13.98
N ILE D 469 -5.70 -25.67 -12.79
CA ILE D 469 -6.34 -26.94 -12.44
C ILE D 469 -7.71 -26.64 -11.88
N LEU D 470 -8.67 -27.52 -12.16
CA LEU D 470 -10.02 -27.35 -11.64
C LEU D 470 -10.04 -27.63 -10.15
N VAL D 471 -10.68 -26.74 -9.39
CA VAL D 471 -10.79 -26.88 -7.95
C VAL D 471 -12.26 -26.80 -7.56
N GLU D 472 -12.57 -27.38 -6.41
CA GLU D 472 -13.90 -27.26 -5.83
C GLU D 472 -14.12 -25.85 -5.31
N GLY D 473 -15.39 -25.44 -5.28
CA GLY D 473 -15.75 -24.15 -4.75
C GLY D 473 -16.05 -23.12 -5.82
N ARG D 474 -15.96 -21.85 -5.43
CA ARG D 474 -16.27 -20.74 -6.31
C ARG D 474 -15.18 -19.68 -6.36
N THR D 475 -14.04 -19.93 -5.72
CA THR D 475 -12.97 -18.94 -5.62
C THR D 475 -11.74 -19.40 -6.38
N ILE D 476 -10.92 -18.43 -6.78
CA ILE D 476 -9.65 -18.71 -7.44
C ILE D 476 -8.61 -18.97 -6.36
N CYS D 477 -7.87 -20.06 -6.51
CA CYS D 477 -6.91 -20.50 -5.51
C CYS D 477 -5.50 -20.24 -6.03
N LEU D 478 -4.73 -19.44 -5.28
CA LEU D 478 -3.36 -19.10 -5.64
C LEU D 478 -2.40 -19.58 -4.57
N HIS D 479 -1.17 -19.91 -5.00
CA HIS D 479 -0.16 -20.33 -4.06
C HIS D 479 0.29 -19.14 -3.20
N PRO D 480 0.79 -19.40 -1.99
CA PRO D 480 0.96 -18.30 -1.01
C PRO D 480 1.93 -17.22 -1.45
N LEU D 481 2.82 -17.50 -2.41
CA LEU D 481 3.78 -16.51 -2.89
C LEU D 481 3.26 -15.69 -4.06
N VAL D 482 1.93 -15.57 -4.21
CA VAL D 482 1.35 -14.74 -5.25
C VAL D 482 -0.05 -14.29 -4.85
N MET D 495 -9.56 -8.74 -10.70
CA MET D 495 -8.85 -9.93 -11.17
C MET D 495 -9.13 -10.21 -12.64
N ALA D 496 -8.08 -10.37 -13.43
CA ALA D 496 -8.18 -10.61 -14.86
C ALA D 496 -7.51 -11.92 -15.20
N VAL D 497 -8.19 -12.75 -16.01
CA VAL D 497 -7.64 -14.01 -16.50
C VAL D 497 -7.69 -13.98 -18.02
N HIS D 498 -6.55 -14.24 -18.65
CA HIS D 498 -6.44 -14.28 -20.11
C HIS D 498 -6.01 -15.67 -20.53
N VAL D 499 -6.68 -16.21 -21.54
CA VAL D 499 -6.36 -17.52 -22.11
C VAL D 499 -5.70 -17.28 -23.47
N PRO D 500 -4.41 -17.59 -23.63
CA PRO D 500 -3.79 -17.48 -24.96
C PRO D 500 -4.48 -18.40 -25.96
N LEU D 501 -4.70 -17.88 -27.16
CA LEU D 501 -5.40 -18.63 -28.20
C LEU D 501 -4.45 -19.25 -29.22
N SER D 502 -3.62 -18.43 -29.86
CA SER D 502 -2.72 -18.93 -30.87
C SER D 502 -1.60 -19.74 -30.25
N LEU D 503 -1.01 -20.63 -31.05
CA LEU D 503 0.11 -21.43 -30.58
C LEU D 503 1.33 -20.56 -30.28
N GLU D 504 1.49 -19.45 -31.01
CA GLU D 504 2.57 -18.52 -30.70
C GLU D 504 2.39 -17.91 -29.32
N ALA D 505 1.16 -17.55 -28.95
CA ALA D 505 0.90 -17.00 -27.64
C ALA D 505 1.01 -18.06 -26.54
N GLN D 506 0.59 -19.29 -26.83
CA GLN D 506 0.71 -20.36 -25.85
C GLN D 506 2.17 -20.74 -25.60
N ALA D 507 3.00 -20.70 -26.65
CA ALA D 507 4.42 -20.97 -26.46
C ALA D 507 5.08 -19.92 -25.58
N GLU D 508 4.76 -18.65 -25.80
CA GLU D 508 5.35 -17.58 -24.99
C GLU D 508 4.94 -17.70 -23.53
N ALA D 509 3.67 -18.02 -23.28
CA ALA D 509 3.20 -18.13 -21.91
C ALA D 509 3.91 -19.25 -21.16
N ARG D 510 4.09 -20.41 -21.81
CA ARG D 510 4.70 -21.54 -21.12
C ARG D 510 6.21 -21.38 -20.98
N LEU D 511 6.86 -20.78 -21.99
CA LEU D 511 8.31 -20.78 -22.06
C LEU D 511 8.96 -19.51 -21.56
N LEU D 512 8.22 -18.43 -21.40
CA LEU D 512 8.79 -17.16 -20.97
C LEU D 512 8.17 -16.59 -19.70
N MET D 513 6.89 -16.84 -19.44
CA MET D 513 6.17 -16.19 -18.36
C MET D 513 5.88 -17.11 -17.18
N PHE D 514 6.40 -18.33 -17.18
CA PHE D 514 6.11 -19.22 -16.07
C PHE D 514 6.92 -18.86 -14.83
N SER D 515 6.42 -19.28 -13.67
CA SER D 515 6.90 -18.79 -12.38
C SER D 515 8.16 -19.50 -11.89
N HIS D 516 8.89 -20.17 -12.78
CA HIS D 516 10.12 -20.84 -12.39
C HIS D 516 11.34 -20.44 -13.21
N MET D 517 11.17 -19.81 -14.36
CA MET D 517 12.30 -19.22 -15.07
C MET D 517 12.47 -17.74 -14.74
N ASN D 518 11.67 -17.21 -13.83
CA ASN D 518 11.80 -15.81 -13.40
C ASN D 518 12.05 -15.75 -11.90
N LEU D 519 12.92 -16.61 -11.39
CA LEU D 519 13.20 -16.64 -9.96
C LEU D 519 14.06 -15.49 -9.47
N LEU D 520 14.70 -14.74 -10.37
CA LEU D 520 15.54 -13.62 -10.01
C LEU D 520 14.93 -12.32 -10.51
N SER D 521 14.92 -11.31 -9.65
CA SER D 521 14.43 -10.00 -10.04
C SER D 521 15.48 -9.27 -10.89
N PRO D 522 15.05 -8.49 -11.88
CA PRO D 522 16.02 -7.79 -12.74
C PRO D 522 16.71 -6.61 -12.10
N ALA D 523 16.23 -6.13 -10.94
CA ALA D 523 16.80 -4.91 -10.36
C ALA D 523 18.25 -5.10 -9.95
N ILE D 524 18.53 -6.12 -9.15
CA ILE D 524 19.89 -6.36 -8.68
C ILE D 524 20.22 -7.85 -8.79
N GLY D 525 19.23 -8.66 -9.17
CA GLY D 525 19.42 -10.09 -9.25
C GLY D 525 19.07 -10.87 -8.00
N ASP D 526 18.28 -10.30 -7.09
CA ASP D 526 17.84 -10.97 -5.89
C ASP D 526 16.77 -12.02 -6.22
N PRO D 527 16.66 -13.07 -5.41
CA PRO D 527 15.55 -14.01 -5.57
C PRO D 527 14.21 -13.35 -5.27
N ILE D 528 13.17 -13.83 -5.94
CA ILE D 528 11.84 -13.25 -5.76
C ILE D 528 11.04 -14.02 -4.71
N SER D 529 11.03 -15.35 -4.77
CA SER D 529 10.17 -16.15 -3.91
C SER D 529 10.97 -16.71 -2.73
N VAL D 530 11.37 -15.81 -1.84
CA VAL D 530 11.97 -16.18 -0.58
C VAL D 530 10.86 -16.44 0.42
N PRO D 531 10.91 -17.51 1.22
CA PRO D 531 9.85 -17.75 2.21
C PRO D 531 9.74 -16.59 3.19
N THR D 532 8.51 -16.25 3.55
CA THR D 532 8.22 -15.13 4.43
C THR D 532 7.16 -15.52 5.45
N GLN D 533 7.09 -14.73 6.53
CA GLN D 533 6.02 -14.78 7.52
C GLN D 533 5.97 -16.17 8.14
N ASP D 534 4.86 -16.90 8.04
CA ASP D 534 4.72 -18.17 8.74
C ASP D 534 5.71 -19.21 8.22
N MET D 535 6.07 -19.15 6.94
CA MET D 535 7.11 -20.03 6.43
C MET D 535 8.44 -19.76 7.12
N LEU D 536 8.74 -18.49 7.38
CA LEU D 536 10.04 -18.12 7.93
C LEU D 536 10.17 -18.48 9.40
N ILE D 537 9.10 -18.30 10.19
CA ILE D 537 9.18 -18.65 11.61
C ILE D 537 9.33 -20.15 11.78
N GLY D 538 8.67 -20.93 10.91
CA GLY D 538 8.81 -22.38 10.99
C GLY D 538 10.25 -22.84 10.82
N LEU D 539 10.96 -22.25 9.86
CA LEU D 539 12.38 -22.56 9.69
C LEU D 539 13.19 -22.06 10.88
N TYR D 540 12.86 -20.87 11.39
CA TYR D 540 13.60 -20.30 12.51
C TYR D 540 13.47 -21.17 13.75
N VAL D 541 12.24 -21.60 14.07
CA VAL D 541 12.02 -22.46 15.22
C VAL D 541 12.67 -23.82 14.99
N LEU D 542 12.59 -24.32 13.77
CA LEU D 542 13.18 -25.62 13.45
C LEU D 542 14.69 -25.62 13.66
N THR D 543 15.37 -24.56 13.25
CA THR D 543 16.82 -24.50 13.29
C THR D 543 17.35 -23.75 14.50
N SER D 544 16.48 -23.33 15.41
CA SER D 544 16.93 -22.81 16.70
C SER D 544 17.31 -24.00 17.56
N GLY D 545 18.62 -24.16 17.80
CA GLY D 545 19.12 -25.40 18.36
C GLY D 545 18.86 -25.57 19.85
N THR D 546 19.79 -26.20 20.54
CA THR D 546 19.63 -26.49 21.95
C THR D 546 19.97 -25.27 22.80
N ARG D 547 19.35 -25.21 23.98
CA ARG D 547 19.72 -24.22 24.98
C ARG D 547 21.14 -24.50 25.49
N ARG D 548 21.86 -23.43 25.82
CA ARG D 548 23.28 -23.52 26.12
C ARG D 548 23.61 -22.82 27.44
N GLY D 549 24.62 -23.35 28.11
CA GLY D 549 25.17 -22.67 29.27
C GLY D 549 24.22 -22.61 30.43
N ILE D 550 24.07 -21.41 31.01
CA ILE D 550 23.21 -21.22 32.17
C ILE D 550 21.74 -21.38 31.84
N CYS D 551 21.37 -21.38 30.57
CA CYS D 551 20.01 -21.67 30.15
C CYS D 551 19.75 -23.16 29.98
N ALA D 552 20.79 -23.99 30.03
CA ALA D 552 20.67 -25.42 29.90
C ALA D 552 20.88 -26.18 31.21
N ASN D 553 21.68 -25.66 32.12
CA ASN D 553 21.97 -26.31 33.39
C ASN D 553 21.82 -25.32 34.52
N ARG D 554 21.12 -25.72 35.59
CA ARG D 554 21.00 -24.86 36.76
C ARG D 554 22.34 -24.64 37.43
N TYR D 555 23.15 -25.68 37.52
CA TYR D 555 24.45 -25.62 38.18
C TYR D 555 25.57 -25.75 37.16
N ASN D 556 26.72 -25.20 37.51
CA ASN D 556 27.93 -25.35 36.71
C ASN D 556 28.34 -26.81 36.69
N PRO D 557 28.49 -27.44 35.52
CA PRO D 557 28.97 -28.82 35.48
C PRO D 557 30.45 -28.93 35.80
N CYS D 558 30.87 -28.40 36.95
CA CYS D 558 32.27 -28.34 37.35
C CYS D 558 33.10 -27.57 36.32
N GLU D 578 23.99 -37.60 26.76
CA GLU D 578 23.25 -37.31 25.53
C GLU D 578 23.31 -38.52 24.58
N PRO D 579 22.21 -38.76 23.88
CA PRO D 579 22.13 -39.96 23.03
C PRO D 579 23.06 -39.88 21.82
N PHE D 580 23.56 -41.05 21.42
CA PHE D 580 24.32 -41.21 20.19
C PHE D 580 23.45 -41.94 19.17
N PHE D 581 23.45 -41.45 17.94
CA PHE D 581 22.68 -42.06 16.87
C PHE D 581 23.62 -42.46 15.74
N CYS D 582 23.43 -43.68 15.23
CA CYS D 582 24.30 -44.19 14.19
C CYS D 582 24.11 -43.43 12.87
N ASN D 583 22.88 -43.04 12.57
CA ASN D 583 22.60 -42.30 11.35
C ASN D 583 21.45 -41.33 11.61
N SER D 584 21.21 -40.45 10.64
CA SER D 584 20.20 -39.41 10.82
C SER D 584 18.79 -39.97 10.84
N TYR D 585 18.56 -41.11 10.17
CA TYR D 585 17.24 -41.70 10.15
C TYR D 585 16.85 -42.28 11.51
N ASP D 586 17.82 -42.84 12.24
CA ASP D 586 17.54 -43.28 13.61
C ASP D 586 17.19 -42.11 14.52
N ALA D 587 17.89 -40.99 14.36
CA ALA D 587 17.59 -39.82 15.18
C ALA D 587 16.20 -39.28 14.88
N ILE D 588 15.82 -39.22 13.60
CA ILE D 588 14.48 -38.76 13.25
C ILE D 588 13.44 -39.76 13.72
N GLY D 589 13.74 -41.05 13.64
CA GLY D 589 12.80 -42.05 14.11
C GLY D 589 12.58 -41.99 15.61
N ALA D 590 13.64 -41.71 16.37
CA ALA D 590 13.49 -41.53 17.80
C ALA D 590 12.67 -40.29 18.13
N TYR D 591 12.74 -39.26 17.29
CA TYR D 591 11.93 -38.07 17.49
C TYR D 591 10.46 -38.36 17.24
N ARG D 592 10.16 -39.16 16.21
CA ARG D 592 8.77 -39.51 15.92
C ARG D 592 8.15 -40.34 17.05
N GLN D 593 8.95 -41.18 17.71
CA GLN D 593 8.49 -41.96 18.85
C GLN D 593 8.53 -41.19 20.16
N LYS D 594 8.68 -39.86 20.09
CA LYS D 594 8.68 -38.99 21.27
C LYS D 594 9.75 -39.38 22.28
N ARG D 595 10.87 -39.90 21.80
CA ARG D 595 11.98 -40.22 22.68
C ARG D 595 12.90 -39.04 22.91
N ILE D 596 12.99 -38.12 21.95
CA ILE D 596 13.75 -36.89 22.09
C ILE D 596 12.87 -35.73 21.62
N ASN D 597 13.25 -34.53 22.03
CA ASN D 597 12.56 -33.32 21.59
C ASN D 597 13.23 -32.72 20.37
N LEU D 598 12.57 -31.73 19.78
CA LEU D 598 13.07 -31.14 18.54
C LEU D 598 14.40 -30.41 18.74
N ASP D 599 14.63 -29.86 19.94
CA ASP D 599 15.83 -29.09 20.21
C ASP D 599 16.70 -29.73 21.29
N SER D 600 16.48 -30.99 21.60
CA SER D 600 17.33 -31.68 22.56
C SER D 600 18.65 -32.07 21.88
N PRO D 601 19.80 -31.78 22.50
CA PRO D 601 21.07 -32.07 21.84
C PRO D 601 21.33 -33.56 21.70
N LEU D 602 22.05 -33.92 20.64
CA LEU D 602 22.40 -35.30 20.37
C LEU D 602 23.71 -35.34 19.59
N TRP D 603 24.33 -36.52 19.58
CA TRP D 603 25.51 -36.76 18.80
C TRP D 603 25.15 -37.60 17.58
N LEU D 604 25.60 -37.18 16.41
CA LEU D 604 25.30 -37.86 15.16
C LEU D 604 26.59 -38.41 14.57
N ARG D 605 26.64 -39.72 14.36
CA ARG D 605 27.74 -40.33 13.63
C ARG D 605 27.77 -39.79 12.21
N TRP D 606 28.90 -39.25 11.81
CA TRP D 606 29.05 -38.57 10.53
C TRP D 606 30.01 -39.36 9.66
N GLN D 607 29.53 -39.76 8.48
CA GLN D 607 30.30 -40.59 7.57
C GLN D 607 30.56 -39.89 6.24
N LEU D 608 30.54 -38.57 6.25
CA LEU D 608 30.90 -37.73 5.11
C LEU D 608 32.12 -36.89 5.49
N ASP D 609 32.46 -35.94 4.61
CA ASP D 609 33.53 -35.01 4.93
C ASP D 609 33.03 -33.98 5.96
N GLN D 610 33.99 -33.25 6.53
CA GLN D 610 33.70 -32.24 7.55
C GLN D 610 33.15 -31.00 6.86
N ARG D 611 31.82 -30.94 6.74
CA ARG D 611 31.15 -29.86 6.03
C ARG D 611 30.21 -29.08 6.96
N VAL D 612 30.55 -28.99 8.23
CA VAL D 612 29.71 -28.31 9.22
C VAL D 612 30.18 -26.88 9.38
N ILE D 613 29.30 -25.93 9.06
CA ILE D 613 29.62 -24.52 9.29
C ILE D 613 29.72 -24.29 10.79
N ALA D 614 30.89 -23.82 11.23
CA ALA D 614 31.12 -23.58 12.64
C ALA D 614 32.19 -22.51 12.78
N SER D 615 32.30 -21.98 14.00
CA SER D 615 33.37 -21.02 14.29
C SER D 615 34.72 -21.69 14.10
N LYS D 616 35.62 -20.97 13.42
CA LYS D 616 36.97 -21.49 13.14
C LYS D 616 37.80 -21.40 14.41
N GLU D 617 37.67 -22.43 15.24
CA GLU D 617 38.30 -22.48 16.55
C GLU D 617 39.05 -23.78 16.76
N VAL D 618 40.13 -23.71 17.53
CA VAL D 618 40.92 -24.87 17.90
C VAL D 618 40.13 -25.71 18.91
N PRO D 619 40.47 -26.97 19.14
CA PRO D 619 39.69 -27.78 20.08
C PRO D 619 39.66 -27.17 21.47
N ILE D 620 38.50 -27.30 22.13
CA ILE D 620 38.39 -26.92 23.53
C ILE D 620 39.32 -27.79 24.37
N GLU D 621 39.36 -29.08 24.09
CA GLU D 621 40.13 -30.02 24.87
C GLU D 621 40.54 -31.19 23.98
N VAL D 622 41.75 -31.70 24.19
CA VAL D 622 42.25 -32.88 23.49
C VAL D 622 42.55 -33.93 24.54
N HIS D 623 41.90 -35.09 24.43
CA HIS D 623 42.13 -36.21 25.33
C HIS D 623 43.01 -37.22 24.59
N TYR D 624 44.23 -37.39 25.08
CA TYR D 624 45.28 -38.13 24.37
C TYR D 624 45.63 -39.37 25.18
N GLU D 625 45.20 -40.53 24.69
CA GLU D 625 45.51 -41.79 25.35
C GLU D 625 46.94 -42.21 25.07
N SER D 626 47.56 -42.88 26.05
CA SER D 626 48.95 -43.30 25.92
C SER D 626 49.14 -44.42 24.90
N PHE D 627 48.07 -45.03 24.42
CA PHE D 627 48.18 -46.05 23.40
C PHE D 627 48.14 -45.50 21.98
N GLY D 628 47.91 -44.20 21.82
CA GLY D 628 47.99 -43.54 20.52
C GLY D 628 46.73 -42.87 20.04
N ASN D 629 45.56 -43.20 20.56
CA ASN D 629 44.32 -42.57 20.14
C ASN D 629 44.10 -41.27 20.90
N TYR D 630 43.63 -40.24 20.19
CA TYR D 630 43.32 -38.97 20.82
C TYR D 630 41.99 -38.45 20.31
N HIS D 631 41.22 -37.84 21.21
CA HIS D 631 39.90 -37.29 20.91
C HIS D 631 40.00 -35.77 20.92
N GLU D 632 39.56 -35.13 19.85
CA GLU D 632 39.56 -33.68 19.74
C GLU D 632 38.12 -33.20 19.92
N ILE D 633 37.87 -32.46 21.00
CA ILE D 633 36.54 -32.00 21.35
C ILE D 633 36.42 -30.55 20.94
N TYR D 634 35.61 -30.28 19.92
CA TYR D 634 35.32 -28.93 19.47
C TYR D 634 33.99 -28.48 20.06
N ALA D 635 33.62 -27.24 19.76
CA ALA D 635 32.38 -26.70 20.29
C ALA D 635 31.16 -27.41 19.72
N HIS D 636 31.26 -27.95 18.50
CA HIS D 636 30.12 -28.55 17.84
C HIS D 636 30.34 -29.97 17.34
N TYR D 637 31.56 -30.48 17.36
CA TYR D 637 31.80 -31.84 16.90
C TYR D 637 32.99 -32.44 17.62
N LEU D 638 33.05 -33.77 17.58
CA LEU D 638 34.14 -34.54 18.15
C LEU D 638 34.82 -35.33 17.05
N ILE D 639 36.14 -35.30 17.02
CA ILE D 639 36.93 -36.00 16.01
C ILE D 639 37.87 -36.98 16.73
N VAL D 640 37.83 -38.23 16.32
CA VAL D 640 38.66 -39.29 16.90
C VAL D 640 39.71 -39.67 15.88
N ARG D 641 40.98 -39.55 16.28
CA ARG D 641 42.11 -39.87 15.42
C ARG D 641 43.11 -40.72 16.20
N SER D 642 44.14 -41.17 15.49
CA SER D 642 45.15 -42.03 16.10
C SER D 642 46.49 -41.77 15.45
N VAL D 643 47.57 -42.07 16.19
CA VAL D 643 48.91 -42.02 15.62
C VAL D 643 49.36 -43.37 15.10
N LYS D 644 48.58 -44.43 15.30
CA LYS D 644 48.89 -45.75 14.79
C LYS D 644 48.11 -46.09 13.52
N LYS D 645 46.82 -45.80 13.51
CA LYS D 645 45.97 -46.06 12.35
C LYS D 645 45.66 -44.77 11.60
N GLU D 646 45.02 -44.92 10.44
CA GLU D 646 44.55 -43.80 9.64
C GLU D 646 43.09 -43.45 9.92
N THR D 647 42.53 -43.94 11.02
CA THR D 647 41.13 -43.72 11.32
C THR D 647 40.85 -42.23 11.54
N LEU D 648 39.63 -41.83 11.18
CA LEU D 648 39.16 -40.46 11.41
C LEU D 648 37.65 -40.53 11.52
N TYR D 649 37.15 -40.51 12.76
CA TYR D 649 35.72 -40.62 13.04
C TYR D 649 35.20 -39.26 13.50
N ILE D 650 34.04 -38.87 12.97
CA ILE D 650 33.45 -37.56 13.23
C ILE D 650 32.08 -37.75 13.84
N TYR D 651 31.83 -37.08 14.97
CA TYR D 651 30.52 -37.05 15.59
C TYR D 651 30.10 -35.60 15.76
N ILE D 652 28.92 -35.26 15.26
CA ILE D 652 28.42 -33.88 15.28
C ILE D 652 27.41 -33.75 16.41
N ARG D 653 27.56 -32.70 17.21
CA ARG D 653 26.59 -32.37 18.24
C ARG D 653 25.56 -31.43 17.62
N THR D 654 24.35 -31.95 17.40
CA THR D 654 23.32 -31.22 16.69
C THR D 654 21.97 -31.53 17.32
N THR D 655 20.91 -31.15 16.61
CA THR D 655 19.54 -31.48 17.00
C THR D 655 18.83 -32.06 15.78
N VAL D 656 17.68 -32.70 16.03
CA VAL D 656 16.89 -33.22 14.91
C VAL D 656 16.36 -32.09 14.05
N GLY D 657 16.20 -30.89 14.59
CA GLY D 657 15.77 -29.77 13.78
C GLY D 657 16.78 -29.43 12.69
N HIS D 658 18.06 -29.37 13.05
CA HIS D 658 19.09 -29.16 12.04
C HIS D 658 19.17 -30.33 11.07
N ILE D 659 19.01 -31.55 11.58
CA ILE D 659 19.01 -32.72 10.71
C ILE D 659 17.83 -32.67 9.74
N SER D 660 16.64 -32.30 10.26
CA SER D 660 15.46 -32.24 9.41
C SER D 660 15.63 -31.21 8.29
N PHE D 661 16.20 -30.05 8.60
CA PHE D 661 16.40 -29.03 7.57
C PHE D 661 17.40 -29.49 6.51
N TYR D 662 18.47 -30.15 6.94
CA TYR D 662 19.44 -30.66 5.97
C TYR D 662 18.84 -31.76 5.11
N ARG D 663 18.07 -32.66 5.71
CA ARG D 663 17.45 -33.75 4.97
C ARG D 663 16.43 -33.24 3.96
N GLU D 664 15.67 -32.21 4.33
CA GLU D 664 14.62 -31.70 3.43
C GLU D 664 15.22 -31.18 2.14
N ILE D 665 16.30 -30.42 2.22
CA ILE D 665 16.93 -29.90 1.00
C ILE D 665 17.61 -31.01 0.22
N GLU D 666 18.30 -31.92 0.92
CA GLU D 666 19.00 -33.00 0.25
C GLU D 666 18.02 -33.94 -0.47
N GLU D 667 16.93 -34.32 0.21
CA GLU D 667 15.96 -35.18 -0.43
C GLU D 667 15.22 -34.47 -1.56
N ALA D 668 15.07 -33.15 -1.46
CA ALA D 668 14.49 -32.40 -2.57
C ALA D 668 15.37 -32.46 -3.81
N ILE D 669 16.69 -32.33 -3.62
CA ILE D 669 17.62 -32.42 -4.74
C ILE D 669 17.65 -33.85 -5.29
N GLN D 670 17.68 -34.85 -4.42
CA GLN D 670 17.72 -36.24 -4.89
C GLN D 670 16.42 -36.63 -5.56
N GLY D 671 15.28 -36.18 -5.02
CA GLY D 671 14.00 -36.52 -5.62
C GLY D 671 13.84 -35.93 -7.01
N PHE D 672 14.26 -34.68 -7.20
CA PHE D 672 14.16 -34.05 -8.51
C PHE D 672 15.06 -34.74 -9.53
N SER D 673 16.28 -35.11 -9.12
CA SER D 673 17.19 -35.80 -10.03
C SER D 673 16.63 -37.14 -10.48
N GLN D 674 16.05 -37.91 -9.55
CA GLN D 674 15.49 -39.20 -9.92
C GLN D 674 14.30 -39.06 -10.84
N ALA D 675 13.47 -38.04 -10.63
CA ALA D 675 12.27 -37.85 -11.44
C ALA D 675 12.58 -37.29 -12.83
N CYS D 676 13.74 -36.70 -13.03
CA CYS D 676 14.09 -36.11 -14.32
C CYS D 676 15.14 -36.94 -15.04
N ALA E 5 24.68 -34.88 -3.12
CA ALA E 5 24.75 -33.43 -3.25
C ALA E 5 25.64 -32.85 -2.15
N ASN E 6 26.59 -32.00 -2.55
CA ASN E 6 27.54 -31.42 -1.62
C ASN E 6 26.97 -30.13 -1.03
N LEU E 7 25.92 -30.30 -0.23
CA LEU E 7 25.35 -29.21 0.54
C LEU E 7 26.10 -29.05 1.86
N VAL E 8 26.40 -27.80 2.23
CA VAL E 8 27.00 -27.56 3.53
C VAL E 8 25.96 -27.84 4.61
N PHE E 9 26.44 -28.20 5.80
CA PHE E 9 25.57 -28.54 6.92
C PHE E 9 25.50 -27.33 7.85
N HIS E 10 24.40 -26.58 7.75
CA HIS E 10 24.15 -25.49 8.67
C HIS E 10 23.75 -26.04 10.03
N ASN E 11 24.27 -25.44 11.09
CA ASN E 11 24.02 -25.97 12.43
C ASN E 11 23.76 -24.91 13.49
N LYS E 12 23.43 -23.67 13.13
CA LYS E 12 23.18 -22.63 14.12
C LYS E 12 21.76 -22.11 14.09
N VAL E 13 21.33 -21.45 13.01
CA VAL E 13 19.97 -20.92 12.89
C VAL E 13 19.74 -20.44 11.47
N ILE E 14 18.50 -20.48 10.99
CA ILE E 14 18.14 -20.02 9.66
C ILE E 14 17.12 -18.90 9.82
N ASP E 15 17.56 -17.66 9.65
CA ASP E 15 16.69 -16.49 9.68
C ASP E 15 16.43 -16.02 8.25
N GLY E 16 15.79 -14.86 8.12
CA GLY E 16 15.36 -14.38 6.81
C GLY E 16 16.51 -14.12 5.85
N THR E 17 17.58 -13.49 6.34
CA THR E 17 18.71 -13.21 5.47
C THR E 17 19.53 -14.45 5.15
N ALA E 18 19.52 -15.44 6.04
CA ALA E 18 20.25 -16.68 5.77
C ALA E 18 19.58 -17.50 4.68
N ILE E 19 18.25 -17.55 4.69
CA ILE E 19 17.55 -18.34 3.68
C ILE E 19 17.61 -17.66 2.32
N LYS E 20 17.60 -16.32 2.31
CA LYS E 20 17.72 -15.59 1.04
C LYS E 20 19.08 -15.84 0.40
N ARG E 21 20.15 -15.85 1.20
CA ARG E 21 21.48 -16.13 0.67
C ARG E 21 21.56 -17.56 0.14
N LEU E 22 20.97 -18.51 0.86
CA LEU E 22 21.03 -19.91 0.45
C LEU E 22 20.33 -20.12 -0.89
N ILE E 23 19.16 -19.50 -1.07
CA ILE E 23 18.41 -19.65 -2.31
C ILE E 23 19.22 -19.12 -3.49
N SER E 24 19.88 -17.97 -3.31
CA SER E 24 20.68 -17.41 -4.39
C SER E 24 21.84 -18.32 -4.76
N ARG E 25 22.47 -18.95 -3.75
CA ARG E 25 23.54 -19.90 -4.05
C ARG E 25 23.01 -21.17 -4.69
N LEU E 26 21.82 -21.62 -4.29
CA LEU E 26 21.21 -22.78 -4.93
C LEU E 26 20.87 -22.49 -6.38
N ILE E 27 20.39 -21.29 -6.67
CA ILE E 27 20.08 -20.90 -8.05
C ILE E 27 21.34 -20.92 -8.91
N ASP E 28 22.42 -20.34 -8.40
CA ASP E 28 23.66 -20.25 -9.17
C ASP E 28 24.30 -21.62 -9.36
N HIS E 29 24.10 -22.53 -8.41
CA HIS E 29 24.73 -23.85 -8.49
C HIS E 29 23.86 -24.89 -9.20
N PHE E 30 22.56 -24.94 -8.87
CA PHE E 30 21.68 -25.97 -9.39
C PHE E 30 20.79 -25.51 -10.53
N GLY E 31 20.61 -24.21 -10.71
CA GLY E 31 19.67 -23.70 -11.68
C GLY E 31 18.29 -23.46 -11.09
N MET E 32 17.42 -22.89 -11.93
CA MET E 32 16.13 -22.43 -11.44
C MET E 32 15.10 -23.55 -11.34
N ALA E 33 15.20 -24.59 -12.18
CA ALA E 33 14.26 -25.70 -12.07
C ALA E 33 14.47 -26.48 -10.79
N TYR E 34 15.72 -26.73 -10.41
CA TYR E 34 16.00 -27.39 -9.14
C TYR E 34 15.56 -26.53 -7.97
N THR E 35 15.95 -25.26 -7.97
CA THR E 35 15.65 -24.39 -6.84
C THR E 35 14.16 -24.15 -6.70
N SER E 36 13.42 -24.14 -7.80
CA SER E 36 11.98 -23.99 -7.72
C SER E 36 11.35 -25.15 -6.96
N HIS E 37 11.83 -26.38 -7.21
CA HIS E 37 11.35 -27.52 -6.44
C HIS E 37 11.84 -27.46 -4.99
N ILE E 38 13.08 -27.00 -4.78
CA ILE E 38 13.58 -26.83 -3.43
C ILE E 38 12.74 -25.82 -2.65
N LEU E 39 12.37 -24.72 -3.31
CA LEU E 39 11.54 -23.71 -2.65
C LEU E 39 10.21 -24.29 -2.21
N ASP E 40 9.58 -25.11 -3.06
CA ASP E 40 8.31 -25.72 -2.70
C ASP E 40 8.45 -26.63 -1.48
N GLN E 41 9.54 -27.40 -1.42
CA GLN E 41 9.75 -28.29 -0.29
C GLN E 41 10.07 -27.51 0.98
N VAL E 42 10.93 -26.49 0.88
CA VAL E 42 11.25 -25.67 2.04
C VAL E 42 10.02 -24.91 2.52
N LYS E 43 9.21 -24.39 1.58
CA LYS E 43 7.97 -23.72 1.95
C LYS E 43 7.06 -24.65 2.75
N THR E 44 6.91 -25.89 2.29
CA THR E 44 6.07 -26.85 3.00
C THR E 44 6.62 -27.13 4.39
N LEU E 45 7.94 -27.30 4.50
CA LEU E 45 8.55 -27.57 5.79
C LEU E 45 8.32 -26.41 6.77
N GLY E 46 8.45 -25.17 6.31
CA GLY E 46 8.24 -24.03 7.18
C GLY E 46 6.82 -23.95 7.70
N PHE E 47 5.83 -24.16 6.83
CA PHE E 47 4.44 -24.14 7.27
C PHE E 47 4.15 -25.24 8.28
N GLN E 48 4.69 -26.43 8.05
CA GLN E 48 4.42 -27.55 8.94
C GLN E 48 5.02 -27.32 10.33
N GLN E 49 6.24 -26.77 10.39
CA GLN E 49 6.88 -26.56 11.68
C GLN E 49 6.27 -25.37 12.42
N ALA E 50 5.87 -24.32 11.69
CA ALA E 50 5.20 -23.20 12.33
C ALA E 50 3.91 -23.63 13.00
N THR E 51 3.18 -24.56 12.38
CA THR E 51 1.96 -25.07 12.98
C THR E 51 2.27 -25.92 14.21
N ALA E 52 3.27 -26.79 14.13
CA ALA E 52 3.57 -27.70 15.22
C ALA E 52 4.07 -26.95 16.46
N THR E 53 4.85 -25.88 16.27
CA THR E 53 5.29 -25.08 17.40
C THR E 53 4.19 -24.17 17.93
N SER E 54 3.36 -23.62 17.03
CA SER E 54 2.19 -22.81 17.38
C SER E 54 2.58 -21.56 18.14
N ILE E 55 3.37 -20.71 17.49
CA ILE E 55 3.66 -19.39 18.05
C ILE E 55 2.38 -18.60 18.18
N SER E 56 2.28 -17.79 19.24
CA SER E 56 1.07 -17.07 19.55
C SER E 56 1.45 -15.69 20.07
N LEU E 57 0.51 -15.00 20.71
CA LEU E 57 0.79 -13.67 21.24
C LEU E 57 -0.22 -13.36 22.35
N GLY E 58 0.29 -13.17 23.57
CA GLY E 58 -0.54 -12.81 24.70
C GLY E 58 -0.08 -11.51 25.33
N ILE E 59 -0.84 -11.07 26.34
CA ILE E 59 -0.50 -9.85 27.06
C ILE E 59 0.86 -9.97 27.72
N ASP E 60 1.12 -11.13 28.35
CA ASP E 60 2.39 -11.34 29.03
C ASP E 60 3.57 -11.33 28.07
N ASP E 61 3.37 -11.78 26.83
CA ASP E 61 4.45 -11.83 25.85
C ASP E 61 4.94 -10.44 25.44
N LEU E 62 4.13 -9.40 25.64
CA LEU E 62 4.51 -8.04 25.27
C LEU E 62 5.38 -7.48 26.38
N LEU E 63 6.67 -7.79 26.30
CA LEU E 63 7.61 -7.57 27.39
C LEU E 63 8.23 -6.18 27.28
N THR E 64 8.07 -5.39 28.35
CA THR E 64 8.77 -4.12 28.49
C THR E 64 10.06 -4.36 29.26
N ILE E 65 11.11 -3.62 28.89
CA ILE E 65 12.42 -3.79 29.53
C ILE E 65 12.30 -3.40 31.00
N PRO E 66 13.09 -4.02 31.89
CA PRO E 66 12.88 -3.80 33.33
C PRO E 66 13.05 -2.35 33.76
N SER E 67 13.88 -1.57 33.09
CA SER E 67 14.28 -0.27 33.58
C SER E 67 13.40 0.87 33.08
N LYS E 68 12.28 0.59 32.40
CA LYS E 68 11.45 1.67 31.90
C LYS E 68 10.92 2.54 33.03
N GLY E 69 10.46 1.92 34.12
CA GLY E 69 9.95 2.69 35.24
C GLY E 69 10.97 3.64 35.83
N TRP E 70 12.21 3.18 35.95
CA TRP E 70 13.29 4.05 36.43
C TRP E 70 13.53 5.21 35.47
N LEU E 71 13.55 4.92 34.16
CA LEU E 71 13.89 5.95 33.19
C LEU E 71 12.77 6.97 33.04
N VAL E 72 11.52 6.51 33.01
CA VAL E 72 10.39 7.44 32.89
C VAL E 72 10.30 8.33 34.11
N GLN E 73 10.51 7.75 35.29
CA GLN E 73 10.43 8.53 36.53
C GLN E 73 11.56 9.56 36.62
N ASP E 74 12.73 9.24 36.08
CA ASP E 74 13.82 10.22 36.05
C ASP E 74 13.52 11.36 35.09
N ALA E 75 12.96 11.04 33.91
CA ALA E 75 12.59 12.10 32.97
C ALA E 75 11.49 12.98 33.54
N GLU E 76 10.52 12.38 34.25
CA GLU E 76 9.47 13.17 34.88
C GLU E 76 10.04 14.12 35.93
N GLN E 77 11.02 13.65 36.71
CA GLN E 77 11.61 14.50 37.74
C GLN E 77 12.33 15.70 37.14
N GLN E 78 13.10 15.49 36.07
CA GLN E 78 13.82 16.60 35.46
C GLN E 78 12.88 17.60 34.81
N SER E 79 11.83 17.10 34.16
CA SER E 79 10.83 17.99 33.58
C SER E 79 10.11 18.78 34.65
N LEU E 80 9.79 18.14 35.77
CA LEU E 80 9.07 18.80 36.85
C LEU E 80 9.90 19.91 37.48
N ILE E 81 11.20 19.67 37.66
CA ILE E 81 12.07 20.69 38.25
C ILE E 81 12.24 21.87 37.29
N LEU E 82 12.38 21.58 35.99
CA LEU E 82 12.56 22.65 35.02
C LEU E 82 11.29 23.50 34.89
N GLU E 83 10.13 22.87 34.99
CA GLU E 83 8.87 23.62 34.92
C GLU E 83 8.75 24.60 36.08
N LYS E 84 9.20 24.21 37.27
CA LYS E 84 9.19 25.12 38.41
C LYS E 84 10.08 26.33 38.16
N HIS E 85 11.33 26.09 37.73
CA HIS E 85 12.26 27.19 37.51
C HIS E 85 11.91 28.01 36.29
N HIS E 86 11.15 27.45 35.34
CA HIS E 86 10.58 28.28 34.28
C HIS E 86 9.57 29.26 34.86
N HIS E 87 8.74 28.81 35.79
CA HIS E 87 7.78 29.69 36.45
C HIS E 87 8.49 30.75 37.29
N TYR E 88 9.64 30.42 37.86
CA TYR E 88 10.43 31.37 38.63
C TYR E 88 11.15 32.39 37.76
N GLY E 89 11.23 32.16 36.46
CA GLY E 89 11.98 33.04 35.59
C GLY E 89 13.46 32.74 35.47
N ASN E 90 13.89 31.52 35.80
CA ASN E 90 15.28 31.14 35.72
C ASN E 90 15.67 30.53 34.38
N VAL E 91 14.70 29.99 33.63
CA VAL E 91 14.90 29.56 32.26
C VAL E 91 13.78 30.15 31.41
N HIS E 92 14.06 30.35 30.14
CA HIS E 92 13.06 30.91 29.23
C HIS E 92 12.34 29.81 28.46
N ALA E 93 11.27 30.21 27.78
CA ALA E 93 10.32 29.22 27.23
C ALA E 93 10.95 28.33 26.18
N VAL E 94 11.93 28.85 25.42
CA VAL E 94 12.58 28.02 24.40
C VAL E 94 13.41 26.93 25.05
N GLU E 95 14.07 27.25 26.17
CA GLU E 95 14.83 26.23 26.89
C GLU E 95 13.93 25.13 27.42
N LYS E 96 12.76 25.50 27.95
CA LYS E 96 11.80 24.50 28.40
C LYS E 96 11.31 23.66 27.22
N LEU E 97 11.08 24.29 26.07
CA LEU E 97 10.62 23.56 24.90
C LEU E 97 11.64 22.53 24.45
N ARG E 98 12.91 22.94 24.36
CA ARG E 98 13.96 22.02 23.91
C ARG E 98 14.11 20.85 24.86
N GLN E 99 14.13 21.12 26.17
CA GLN E 99 14.36 20.07 27.15
C GLN E 99 13.25 19.03 27.11
N SER E 100 11.99 19.48 26.98
CA SER E 100 10.87 18.54 26.95
C SER E 100 10.97 17.61 25.75
N ILE E 101 11.31 18.15 24.58
CA ILE E 101 11.40 17.32 23.38
C ILE E 101 12.62 16.40 23.46
N GLU E 102 13.76 16.94 23.87
CA GLU E 102 15.00 16.17 23.80
C GLU E 102 15.11 15.11 24.89
N ILE E 103 14.59 15.38 26.09
CA ILE E 103 14.71 14.40 27.16
C ILE E 103 13.86 13.17 26.88
N TRP E 104 12.67 13.37 26.29
CA TRP E 104 11.79 12.24 26.01
C TRP E 104 12.16 11.51 24.73
N TYR E 105 12.71 12.22 23.74
CA TYR E 105 13.22 11.53 22.56
C TYR E 105 14.38 10.63 22.92
N ALA E 106 15.30 11.12 23.75
CA ALA E 106 16.43 10.30 24.18
C ALA E 106 15.97 9.11 25.01
N THR E 107 15.00 9.32 25.89
CA THR E 107 14.46 8.23 26.68
C THR E 107 13.83 7.17 25.78
N SER E 108 13.04 7.60 24.80
CA SER E 108 12.40 6.66 23.90
C SER E 108 13.42 5.89 23.06
N GLU E 109 14.44 6.59 22.56
CA GLU E 109 15.46 5.93 21.74
C GLU E 109 16.30 4.96 22.57
N TYR E 110 16.53 5.27 23.85
CA TYR E 110 17.27 4.35 24.69
C TYR E 110 16.47 3.09 24.97
N LEU E 111 15.15 3.21 25.16
CA LEU E 111 14.31 2.03 25.34
C LEU E 111 14.36 1.13 24.12
N ARG E 112 14.32 1.72 22.92
CA ARG E 112 14.38 0.92 21.70
C ARG E 112 15.72 0.22 21.57
N GLN E 113 16.81 0.89 21.94
CA GLN E 113 18.13 0.29 21.86
C GLN E 113 18.26 -0.92 22.78
N GLU E 114 17.72 -0.82 24.00
CA GLU E 114 17.83 -1.90 24.97
C GLU E 114 16.80 -3.01 24.74
N MET E 115 15.86 -2.84 23.81
CA MET E 115 14.80 -3.82 23.64
C MET E 115 15.33 -5.15 23.14
N ASN E 116 16.14 -5.14 22.08
CA ASN E 116 16.65 -6.39 21.54
C ASN E 116 17.57 -7.14 22.51
N PRO E 117 18.57 -6.50 23.14
CA PRO E 117 19.39 -7.25 24.10
C PRO E 117 18.61 -7.83 25.26
N ASN E 118 17.54 -7.18 25.71
CA ASN E 118 16.71 -7.76 26.75
C ASN E 118 16.06 -9.05 26.27
N PHE E 119 15.56 -9.05 25.03
CA PHE E 119 15.01 -10.28 24.45
C PHE E 119 16.09 -11.34 24.26
N ARG E 120 17.25 -10.94 23.75
CA ARG E 120 18.31 -11.90 23.47
C ARG E 120 18.83 -12.57 24.74
N MET E 121 18.83 -11.86 25.86
CA MET E 121 19.44 -12.38 27.07
C MET E 121 18.44 -13.06 28.01
N THR E 122 17.21 -12.56 28.08
CA THR E 122 16.28 -13.03 29.10
C THR E 122 15.09 -13.80 28.55
N ASP E 123 14.67 -13.56 27.31
CA ASP E 123 13.55 -14.29 26.71
C ASP E 123 13.82 -14.49 25.23
N PRO E 124 14.80 -15.35 24.89
CA PRO E 124 15.17 -15.53 23.47
C PRO E 124 14.03 -16.04 22.61
N PHE E 125 13.12 -16.84 23.16
CA PHE E 125 12.02 -17.41 22.42
C PHE E 125 10.70 -16.71 22.70
N ASN E 126 10.75 -15.44 23.08
CA ASN E 126 9.54 -14.65 23.21
C ASN E 126 8.84 -14.57 21.86
N PRO E 127 7.53 -14.83 21.80
CA PRO E 127 6.85 -14.86 20.50
C PRO E 127 6.92 -13.56 19.73
N VAL E 128 6.83 -12.41 20.42
CA VAL E 128 6.90 -11.12 19.73
C VAL E 128 8.31 -10.88 19.20
N HIS E 129 9.32 -11.30 19.97
CA HIS E 129 10.70 -11.15 19.52
C HIS E 129 10.97 -12.02 18.30
N MET E 130 10.49 -13.27 18.30
CA MET E 130 10.82 -14.18 17.21
C MET E 130 10.19 -13.74 15.89
N MET E 131 9.03 -13.10 15.92
CA MET E 131 8.38 -12.66 14.69
C MET E 131 9.23 -11.63 13.96
N SER E 132 9.77 -10.65 14.68
CA SER E 132 10.51 -9.57 14.05
C SER E 132 11.98 -9.90 13.88
N PHE E 133 12.60 -10.54 14.88
CA PHE E 133 14.03 -10.82 14.82
C PHE E 133 14.37 -11.79 13.69
N SER E 134 13.53 -12.80 13.48
CA SER E 134 13.73 -13.73 12.38
C SER E 134 13.47 -13.11 11.02
N GLY E 135 12.86 -11.92 10.97
CA GLY E 135 12.51 -11.29 9.72
C GLY E 135 11.21 -11.75 9.11
N ALA E 136 10.41 -12.52 9.84
CA ALA E 136 9.17 -13.03 9.27
C ALA E 136 8.11 -11.94 9.15
N ARG E 137 7.95 -11.13 10.19
CA ARG E 137 6.91 -10.11 10.20
C ARG E 137 7.17 -9.06 11.27
N GLY E 138 7.17 -7.80 10.88
CA GLY E 138 7.36 -6.73 11.86
C GLY E 138 8.80 -6.33 12.02
N ASN E 139 9.01 -5.08 12.42
CA ASN E 139 10.33 -4.53 12.67
C ASN E 139 10.40 -4.01 14.11
N ALA E 140 11.58 -3.52 14.48
CA ALA E 140 11.77 -3.05 15.86
C ALA E 140 10.89 -1.85 16.16
N SER E 141 10.68 -0.97 15.17
CA SER E 141 9.88 0.22 15.39
C SER E 141 8.44 -0.13 15.77
N GLN E 142 7.84 -1.07 15.04
CA GLN E 142 6.47 -1.48 15.36
C GLN E 142 6.42 -2.18 16.71
N VAL E 143 7.42 -3.01 17.02
CA VAL E 143 7.48 -3.66 18.32
C VAL E 143 7.69 -2.62 19.42
N HIS E 144 8.52 -1.61 19.15
CA HIS E 144 8.73 -0.54 20.12
C HIS E 144 7.44 0.17 20.48
N GLN E 145 6.51 0.28 19.53
CA GLN E 145 5.21 0.87 19.83
C GLN E 145 4.40 0.01 20.79
N LEU E 146 4.61 -1.30 20.78
CA LEU E 146 3.84 -2.19 21.62
C LEU E 146 4.40 -2.28 23.04
N VAL E 147 5.73 -2.30 23.17
CA VAL E 147 6.37 -2.58 24.45
C VAL E 147 7.26 -1.46 24.95
N GLY E 148 7.61 -0.49 24.11
CA GLY E 148 8.43 0.62 24.56
C GLY E 148 7.62 1.85 24.88
N MET E 149 7.65 2.85 24.00
CA MET E 149 6.80 4.02 24.12
C MET E 149 6.64 4.64 22.73
N ARG E 150 5.48 5.26 22.51
CA ARG E 150 5.18 5.80 21.19
C ARG E 150 5.97 7.06 20.88
N GLY E 151 6.56 7.71 21.89
CA GLY E 151 7.44 8.83 21.63
C GLY E 151 6.71 10.11 21.31
N LEU E 152 7.34 10.93 20.48
CA LEU E 152 6.85 12.26 20.14
C LEU E 152 6.21 12.27 18.77
N MET E 153 5.05 12.92 18.67
CA MET E 153 4.34 13.08 17.42
C MET E 153 4.49 14.50 16.88
N SER E 154 4.21 14.66 15.59
CA SER E 154 4.32 15.95 14.92
C SER E 154 2.96 16.41 14.43
N ASP E 155 2.68 17.69 14.63
CA ASP E 155 1.45 18.30 14.11
C ASP E 155 1.56 18.44 12.60
N PRO E 156 0.44 18.67 11.91
CA PRO E 156 0.50 18.71 10.43
C PRO E 156 1.44 19.75 9.86
N GLN E 157 1.62 20.89 10.52
CA GLN E 157 2.50 21.93 10.01
C GLN E 157 3.93 21.79 10.52
N GLY E 158 4.48 20.58 10.38
CA GLY E 158 5.90 20.35 10.61
C GLY E 158 6.35 20.20 12.05
N GLN E 159 5.79 21.02 12.95
CA GLN E 159 6.28 21.07 14.32
C GLN E 159 5.83 19.84 15.11
N MET E 160 6.46 19.66 16.26
CA MET E 160 6.15 18.55 17.16
C MET E 160 5.26 19.03 18.30
N ILE E 161 4.48 18.10 18.84
CA ILE E 161 3.57 18.40 19.93
C ILE E 161 4.34 18.29 21.25
N ASP E 162 4.20 19.31 22.11
CA ASP E 162 4.90 19.36 23.38
C ASP E 162 4.15 18.55 24.45
N LEU E 163 3.95 17.27 24.14
CA LEU E 163 3.41 16.33 25.11
C LEU E 163 3.83 14.92 24.69
N PRO E 164 4.87 14.36 25.31
CA PRO E 164 5.34 13.03 24.92
C PRO E 164 4.32 11.95 25.27
N ILE E 165 4.26 10.93 24.43
CA ILE E 165 3.45 9.75 24.70
C ILE E 165 4.34 8.78 25.46
N GLN E 166 4.20 8.76 26.78
CA GLN E 166 5.05 7.92 27.62
C GLN E 166 4.66 6.45 27.56
N SER E 167 3.41 6.14 27.28
CA SER E 167 2.92 4.78 27.34
C SER E 167 3.05 4.09 25.99
N ASN E 168 2.73 2.80 25.98
CA ASN E 168 2.71 1.98 24.77
C ASN E 168 1.33 1.35 24.63
N LEU E 169 1.15 0.56 23.59
CA LEU E 169 -0.18 0.02 23.30
C LEU E 169 -0.60 -1.06 24.28
N ARG E 170 0.36 -1.81 24.84
CA ARG E 170 0.00 -2.81 25.84
C ARG E 170 -0.50 -2.13 27.12
N GLU E 171 0.21 -1.10 27.58
CA GLU E 171 -0.23 -0.37 28.76
C GLU E 171 -1.53 0.37 28.50
N GLY E 172 -1.70 0.91 27.29
CA GLY E 172 -2.88 1.68 26.95
C GLY E 172 -2.63 3.17 27.05
N LEU E 173 -2.87 3.89 25.96
CA LEU E 173 -2.66 5.33 25.95
C LEU E 173 -3.76 6.04 26.72
N SER E 174 -3.39 7.15 27.36
CA SER E 174 -4.39 8.04 27.94
C SER E 174 -5.16 8.74 26.83
N LEU E 175 -6.28 9.36 27.20
CA LEU E 175 -7.12 10.04 26.22
C LEU E 175 -6.34 11.13 25.48
N THR E 176 -5.58 11.94 26.22
CA THR E 176 -4.77 12.97 25.59
C THR E 176 -3.73 12.38 24.66
N GLU E 177 -3.08 11.30 25.08
CA GLU E 177 -2.09 10.64 24.24
C GLU E 177 -2.73 10.08 22.98
N TYR E 178 -3.93 9.51 23.09
CA TYR E 178 -4.57 8.92 21.93
C TYR E 178 -4.91 9.97 20.88
N ILE E 179 -5.39 11.14 21.31
CA ILE E 179 -5.70 12.22 20.38
C ILE E 179 -4.44 12.64 19.64
N ILE E 180 -3.32 12.77 20.36
CA ILE E 180 -2.05 13.14 19.73
C ILE E 180 -1.64 12.09 18.71
N SER E 181 -1.80 10.81 19.05
CA SER E 181 -1.45 9.74 18.13
C SER E 181 -2.30 9.74 16.87
N CYS E 182 -3.47 10.38 16.89
CA CYS E 182 -4.30 10.48 15.69
C CYS E 182 -3.67 11.37 14.63
N TYR E 183 -2.78 12.28 15.02
CA TYR E 183 -2.04 13.06 14.02
C TYR E 183 -1.17 12.16 13.16
N GLY E 184 -0.47 11.21 13.77
CA GLY E 184 0.34 10.29 13.01
C GLY E 184 -0.48 9.40 12.10
N ALA E 185 -1.61 8.90 12.59
CA ALA E 185 -2.46 8.02 11.78
C ALA E 185 -3.02 8.78 10.58
N ARG E 186 -3.53 9.99 10.80
CA ARG E 186 -4.08 10.77 9.69
C ARG E 186 -3.01 11.12 8.67
N LYS E 187 -1.85 11.56 9.14
CA LYS E 187 -0.76 11.91 8.23
C LYS E 187 -0.23 10.68 7.50
N GLY E 188 -0.15 9.54 8.20
CA GLY E 188 0.45 8.35 7.61
C GLY E 188 -0.26 7.88 6.37
N VAL E 189 -1.59 7.96 6.35
CA VAL E 189 -2.33 7.52 5.16
C VAL E 189 -2.29 8.59 4.07
N VAL E 190 -2.19 9.86 4.44
CA VAL E 190 -2.10 10.93 3.44
C VAL E 190 -0.79 10.81 2.66
N ASP E 191 0.31 10.57 3.36
CA ASP E 191 1.60 10.44 2.70
C ASP E 191 1.62 9.23 1.77
N THR E 192 1.07 8.10 2.22
CA THR E 192 1.05 6.90 1.39
C THR E 192 0.21 7.09 0.13
N ALA E 193 -0.94 7.76 0.26
CA ALA E 193 -1.73 8.09 -0.92
C ALA E 193 -0.94 9.00 -1.87
N VAL E 194 -0.24 9.98 -1.33
CA VAL E 194 0.59 10.85 -2.16
C VAL E 194 1.78 10.08 -2.71
N ARG E 195 2.36 9.18 -1.91
CA ARG E 195 3.57 8.47 -2.34
C ARG E 195 3.31 7.58 -3.55
N THR E 196 2.18 6.87 -3.56
CA THR E 196 1.88 6.01 -4.70
C THR E 196 1.52 6.82 -5.95
N SER E 197 0.82 7.94 -5.78
CA SER E 197 0.50 8.78 -6.92
C SER E 197 1.76 9.36 -7.56
N ASP E 198 2.73 9.77 -6.73
CA ASP E 198 3.98 10.31 -7.27
C ASP E 198 4.87 9.22 -7.85
N ALA E 199 4.77 7.99 -7.36
CA ALA E 199 5.62 6.91 -7.86
C ALA E 199 5.17 6.46 -9.24
N GLY E 200 3.86 6.39 -9.47
CA GLY E 200 3.37 5.97 -10.78
C GLY E 200 3.67 6.97 -11.87
N TYR E 201 3.53 8.27 -11.55
CA TYR E 201 3.82 9.30 -12.55
C TYR E 201 5.30 9.28 -12.94
N LEU E 202 6.19 9.07 -11.96
CA LEU E 202 7.61 8.97 -12.28
C LEU E 202 7.90 7.72 -13.09
N THR E 203 7.24 6.60 -12.78
CA THR E 203 7.49 5.37 -13.51
C THR E 203 7.05 5.51 -14.96
N ARG E 204 5.93 6.19 -15.20
CA ARG E 204 5.45 6.38 -16.56
C ARG E 204 6.42 7.24 -17.38
N ARG E 205 7.00 8.27 -16.76
CA ARG E 205 7.96 9.11 -17.46
C ARG E 205 9.28 8.37 -17.68
N LEU E 206 9.70 7.57 -16.71
CA LEU E 206 10.94 6.81 -16.85
C LEU E 206 10.83 5.78 -17.97
N VAL E 207 9.71 5.05 -18.02
CA VAL E 207 9.51 4.08 -19.10
C VAL E 207 9.45 4.78 -20.44
N GLU E 208 8.79 5.94 -20.50
CA GLU E 208 8.60 6.64 -21.77
C GLU E 208 9.93 7.06 -22.38
N VAL E 209 10.87 7.53 -21.56
CA VAL E 209 12.11 8.08 -22.10
C VAL E 209 13.03 7.01 -22.67
N VAL E 210 12.88 5.75 -22.27
CA VAL E 210 13.77 4.70 -22.73
C VAL E 210 12.98 3.51 -23.28
N GLN E 211 11.71 3.72 -23.62
CA GLN E 211 10.88 2.62 -24.09
C GLN E 211 11.40 1.99 -25.39
N HIS E 212 12.17 2.74 -26.17
CA HIS E 212 12.65 2.29 -27.47
C HIS E 212 13.97 1.53 -27.39
N ILE E 213 14.61 1.46 -26.23
CA ILE E 213 15.94 0.87 -26.11
C ILE E 213 15.82 -0.64 -26.10
N VAL E 214 16.40 -1.28 -27.12
CA VAL E 214 16.40 -2.73 -27.26
C VAL E 214 17.83 -3.17 -27.59
N VAL E 215 18.20 -4.34 -27.08
CA VAL E 215 19.50 -4.93 -27.43
C VAL E 215 19.40 -5.44 -28.87
N ARG E 216 20.07 -4.75 -29.79
CA ARG E 216 19.93 -5.03 -31.20
C ARG E 216 21.20 -5.54 -31.88
N ARG E 217 22.36 -5.40 -31.25
CA ARG E 217 23.61 -5.85 -31.83
C ARG E 217 24.40 -6.65 -30.80
N THR E 218 25.27 -7.52 -31.29
CA THR E 218 26.18 -8.24 -30.39
C THR E 218 27.26 -7.30 -29.86
N ASP E 219 27.85 -6.50 -30.74
CA ASP E 219 28.96 -5.64 -30.37
C ASP E 219 28.92 -4.41 -31.28
N CYS E 220 28.72 -3.23 -30.67
CA CYS E 220 28.78 -1.99 -31.43
C CYS E 220 30.18 -1.65 -31.90
N GLY E 221 31.20 -2.35 -31.41
CA GLY E 221 32.56 -2.07 -31.81
C GLY E 221 33.13 -0.79 -31.26
N THR E 222 32.70 -0.37 -30.08
CA THR E 222 33.24 0.84 -29.47
C THR E 222 34.65 0.59 -28.95
N ILE E 223 35.44 1.66 -28.91
CA ILE E 223 36.79 1.60 -28.39
C ILE E 223 36.88 2.20 -26.99
N ARG E 224 36.06 3.18 -26.65
CA ARG E 224 36.12 3.84 -25.37
C ARG E 224 35.57 2.95 -24.27
N GLY E 225 36.01 3.23 -23.04
CA GLY E 225 35.49 2.54 -21.87
C GLY E 225 35.51 3.47 -20.68
N ILE E 226 34.81 3.07 -19.63
CA ILE E 226 34.73 3.85 -18.40
C ILE E 226 35.78 3.31 -17.43
N SER E 227 36.62 4.20 -16.92
CA SER E 227 37.67 3.82 -15.98
C SER E 227 37.12 3.84 -14.56
N VAL E 228 37.39 2.79 -13.81
CA VAL E 228 36.98 2.69 -12.41
C VAL E 228 38.19 2.35 -11.57
N SER E 229 38.26 2.93 -10.37
CA SER E 229 39.38 2.73 -9.47
C SER E 229 38.98 1.99 -8.20
N PHE E 242 31.02 -0.99 -4.47
CA PHE E 242 32.04 -0.95 -5.51
C PHE E 242 32.09 -2.27 -6.29
N ILE E 243 32.01 -3.39 -5.57
CA ILE E 243 32.02 -4.69 -6.22
C ILE E 243 30.73 -4.89 -7.02
N GLN E 244 29.60 -4.43 -6.48
CA GLN E 244 28.33 -4.63 -7.16
C GLN E 244 28.26 -3.81 -8.45
N THR E 245 28.97 -2.70 -8.52
CA THR E 245 29.02 -1.89 -9.74
C THR E 245 29.97 -2.45 -10.78
N LEU E 246 30.65 -3.56 -10.49
CA LEU E 246 31.56 -4.19 -11.43
C LEU E 246 31.09 -5.57 -11.90
N ILE E 247 30.34 -6.30 -11.08
CA ILE E 247 29.89 -7.63 -11.47
C ILE E 247 28.95 -7.52 -12.66
N GLY E 248 29.22 -8.30 -13.70
CA GLY E 248 28.43 -8.29 -14.91
C GLY E 248 28.93 -7.37 -15.99
N ARG E 249 29.85 -6.47 -15.68
CA ARG E 249 30.40 -5.57 -16.69
C ARG E 249 31.33 -6.34 -17.63
N VAL E 250 31.40 -5.87 -18.86
CA VAL E 250 32.31 -6.42 -19.86
C VAL E 250 33.53 -5.51 -19.95
N LEU E 251 34.72 -6.11 -19.92
CA LEU E 251 35.94 -5.33 -19.97
C LEU E 251 36.15 -4.69 -21.34
N ALA E 252 36.63 -3.46 -21.33
CA ALA E 252 36.99 -2.76 -22.55
C ALA E 252 38.48 -2.84 -22.87
N ASP E 253 39.30 -3.37 -21.96
CA ASP E 253 40.73 -3.49 -22.21
C ASP E 253 41.29 -4.62 -21.35
N ASP E 254 42.47 -5.09 -21.73
CA ASP E 254 43.14 -6.14 -20.98
C ASP E 254 43.68 -5.60 -19.66
N ILE E 255 43.68 -6.46 -18.64
CA ILE E 255 44.22 -6.14 -17.33
C ILE E 255 45.39 -7.07 -17.06
N TYR E 256 46.52 -6.50 -16.64
CA TYR E 256 47.75 -7.25 -16.43
C TYR E 256 48.21 -7.11 -14.98
N ILE E 257 48.75 -8.19 -14.45
CA ILE E 257 49.52 -8.19 -13.20
C ILE E 257 50.93 -8.57 -13.59
N GLY E 258 51.80 -7.58 -13.77
CA GLY E 258 53.10 -7.86 -14.35
C GLY E 258 52.95 -8.13 -15.83
N SER E 259 53.59 -9.21 -16.29
CA SER E 259 53.50 -9.62 -17.69
C SER E 259 52.38 -10.61 -17.94
N ARG E 260 51.57 -10.91 -16.94
CA ARG E 260 50.51 -11.91 -17.04
C ARG E 260 49.17 -11.23 -17.23
N CYS E 261 48.47 -11.58 -18.30
CA CYS E 261 47.12 -11.10 -18.54
C CYS E 261 46.15 -11.89 -17.68
N VAL E 262 45.56 -11.24 -16.69
CA VAL E 262 44.62 -11.91 -15.79
C VAL E 262 43.18 -11.82 -16.28
N ALA E 263 42.88 -10.88 -17.17
CA ALA E 263 41.55 -10.78 -17.76
C ALA E 263 41.68 -10.09 -19.10
N PHE E 264 40.95 -10.61 -20.09
CA PHE E 264 41.08 -10.19 -21.47
C PHE E 264 39.99 -9.20 -21.85
N ARG E 265 40.22 -8.48 -22.94
CA ARG E 265 39.21 -7.57 -23.46
C ARG E 265 37.96 -8.35 -23.87
N ASN E 266 36.81 -7.73 -23.64
CA ASN E 266 35.49 -8.31 -23.91
C ASN E 266 35.18 -9.50 -23.03
N GLN E 267 35.91 -9.68 -21.94
CA GLN E 267 35.61 -10.70 -20.95
C GLN E 267 34.75 -10.08 -19.85
N ASP E 268 33.67 -10.77 -19.50
CA ASP E 268 32.76 -10.27 -18.47
C ASP E 268 33.37 -10.50 -17.09
N LEU E 269 33.07 -9.57 -16.18
CA LEU E 269 33.65 -9.57 -14.84
C LEU E 269 32.79 -10.40 -13.91
N GLY E 270 33.38 -11.46 -13.35
CA GLY E 270 32.73 -12.25 -12.33
C GLY E 270 33.23 -11.89 -10.94
N ILE E 271 32.67 -12.57 -9.94
CA ILE E 271 33.07 -12.31 -8.56
C ILE E 271 34.52 -12.72 -8.32
N GLY E 272 34.97 -13.81 -8.96
CA GLY E 272 36.34 -14.22 -8.80
C GLY E 272 37.35 -13.23 -9.35
N LEU E 273 37.05 -12.65 -10.52
CA LEU E 273 37.96 -11.69 -11.13
C LEU E 273 38.06 -10.41 -10.33
N VAL E 274 36.93 -9.91 -9.81
CA VAL E 274 36.94 -8.65 -9.08
C VAL E 274 37.75 -8.78 -7.79
N ASN E 275 37.61 -9.91 -7.10
CA ASN E 275 38.40 -10.14 -5.89
C ASN E 275 39.89 -10.20 -6.20
N ARG E 276 40.26 -10.67 -7.39
CA ARG E 276 41.66 -10.68 -7.78
C ARG E 276 42.18 -9.27 -8.01
N PHE E 277 41.36 -8.39 -8.59
CA PHE E 277 41.78 -7.01 -8.78
C PHE E 277 41.95 -6.28 -7.45
N ILE E 278 41.15 -6.64 -6.45
CA ILE E 278 41.30 -6.04 -5.13
C ILE E 278 42.57 -6.53 -4.46
N THR E 279 42.85 -7.84 -4.55
CA THR E 279 44.02 -8.41 -3.89
C THR E 279 45.32 -7.80 -4.41
N PHE E 280 45.43 -7.66 -5.72
CA PHE E 280 46.66 -7.15 -6.33
C PHE E 280 46.50 -5.68 -6.72
N GLY E 281 47.59 -5.11 -7.24
CA GLY E 281 47.63 -3.70 -7.55
C GLY E 281 46.97 -3.33 -8.87
N THR E 282 45.66 -3.58 -8.97
CA THR E 282 44.89 -3.16 -10.15
C THR E 282 44.34 -1.77 -9.87
N GLN E 283 44.98 -0.76 -10.46
CA GLN E 283 44.62 0.63 -10.17
C GLN E 283 43.46 1.13 -11.02
N SER E 284 43.41 0.77 -12.29
CA SER E 284 42.37 1.25 -13.19
C SER E 284 41.80 0.11 -14.01
N ILE E 285 40.49 0.05 -14.09
CA ILE E 285 39.76 -0.97 -14.86
C ILE E 285 38.83 -0.24 -15.83
N SER E 286 38.90 -0.60 -17.10
CA SER E 286 38.08 0.01 -18.13
C SER E 286 36.98 -0.97 -18.52
N ILE E 287 35.73 -0.55 -18.35
CA ILE E 287 34.58 -1.40 -18.56
C ILE E 287 33.69 -0.76 -19.63
N ARG E 288 32.85 -1.59 -20.23
CA ARG E 288 31.85 -1.13 -21.20
C ARG E 288 30.51 -0.97 -20.49
N THR E 289 29.91 0.19 -20.64
CA THR E 289 28.67 0.57 -19.97
C THR E 289 27.70 1.13 -21.00
N PRO E 290 26.44 1.35 -20.61
CA PRO E 290 25.52 2.07 -21.50
C PRO E 290 26.02 3.45 -21.92
N PHE E 291 27.01 3.98 -21.20
CA PHE E 291 27.62 5.26 -21.56
C PHE E 291 28.64 5.14 -22.69
N THR E 292 29.09 3.93 -23.02
CA THR E 292 30.12 3.75 -24.05
C THR E 292 29.58 3.26 -25.38
N CYS E 293 28.33 2.80 -25.43
CA CYS E 293 27.79 2.25 -26.67
C CYS E 293 27.71 3.33 -27.74
N ARG E 294 27.89 2.91 -28.99
CA ARG E 294 27.91 3.85 -30.12
C ARG E 294 26.51 4.10 -30.66
N SER E 295 25.56 4.39 -29.78
CA SER E 295 24.19 4.67 -30.17
C SER E 295 23.35 5.12 -28.98
N THR E 296 22.31 5.90 -29.24
CA THR E 296 21.31 6.23 -28.24
C THR E 296 19.94 5.66 -28.56
N SER E 297 19.76 5.04 -29.74
CA SER E 297 18.52 4.39 -30.09
C SER E 297 18.53 2.89 -29.82
N TRP E 298 19.68 2.33 -29.48
CA TRP E 298 19.78 0.92 -29.11
C TRP E 298 21.08 0.72 -28.34
N ILE E 299 21.24 -0.48 -27.80
CA ILE E 299 22.46 -0.87 -27.09
C ILE E 299 22.85 -2.27 -27.54
N CYS E 300 24.15 -2.57 -27.44
CA CYS E 300 24.64 -3.89 -27.81
C CYS E 300 24.79 -4.77 -26.58
N ARG E 301 25.06 -6.06 -26.82
CA ARG E 301 25.16 -7.02 -25.74
C ARG E 301 26.35 -6.71 -24.82
N LEU E 302 27.49 -6.37 -25.41
CA LEU E 302 28.70 -6.18 -24.60
C LEU E 302 28.65 -4.91 -23.78
N CYS E 303 28.07 -3.84 -24.31
CA CYS E 303 27.98 -2.60 -23.54
C CYS E 303 26.96 -2.70 -22.42
N TYR E 304 25.95 -3.56 -22.58
CA TYR E 304 25.02 -3.80 -21.47
C TYR E 304 25.62 -4.75 -20.45
N GLY E 305 26.08 -5.92 -20.90
CA GLY E 305 26.70 -6.88 -20.00
C GLY E 305 25.81 -8.06 -19.68
N ARG E 306 26.01 -8.66 -18.50
CA ARG E 306 25.25 -9.85 -18.14
C ARG E 306 23.81 -9.49 -17.77
N SER E 307 22.91 -10.42 -18.07
CA SER E 307 21.53 -10.30 -17.62
C SER E 307 21.43 -10.70 -16.15
N PRO E 308 20.68 -9.95 -15.34
CA PRO E 308 20.52 -10.33 -13.93
C PRO E 308 19.60 -11.53 -13.77
N THR E 309 18.58 -11.61 -14.62
CA THR E 309 17.56 -12.64 -14.50
C THR E 309 17.97 -13.97 -15.12
N HIS E 310 19.04 -14.00 -15.92
CA HIS E 310 19.39 -15.20 -16.65
C HIS E 310 20.86 -15.60 -16.54
N GLY E 311 21.71 -14.81 -15.89
CA GLY E 311 23.07 -15.21 -15.60
C GLY E 311 24.06 -15.09 -16.75
N ASP E 312 23.60 -15.20 -17.99
CA ASP E 312 24.48 -15.10 -19.15
C ASP E 312 24.50 -13.66 -19.66
N LEU E 313 25.23 -13.45 -20.75
CA LEU E 313 25.20 -12.16 -21.43
C LEU E 313 23.79 -11.89 -21.95
N VAL E 314 23.37 -10.62 -21.90
CA VAL E 314 22.00 -10.28 -22.26
C VAL E 314 21.72 -10.69 -23.71
N GLU E 315 20.53 -11.22 -23.95
CA GLU E 315 20.19 -11.76 -25.25
C GLU E 315 19.72 -10.66 -26.20
N LEU E 316 19.87 -10.93 -27.50
CA LEU E 316 19.38 -10.02 -28.52
C LEU E 316 17.85 -9.95 -28.47
N GLY E 317 17.32 -8.73 -28.58
CA GLY E 317 15.89 -8.51 -28.54
C GLY E 317 15.32 -8.17 -27.18
N GLU E 318 16.12 -8.16 -26.12
CA GLU E 318 15.61 -7.80 -24.81
C GLU E 318 15.29 -6.31 -24.74
N ALA E 319 14.11 -5.99 -24.21
CA ALA E 319 13.68 -4.60 -24.03
C ALA E 319 14.24 -4.10 -22.72
N VAL E 320 15.55 -3.83 -22.72
CA VAL E 320 16.23 -3.44 -21.49
C VAL E 320 15.89 -2.02 -21.05
N GLY E 321 15.43 -1.17 -21.96
CA GLY E 321 14.99 0.15 -21.56
C GLY E 321 13.77 0.09 -20.65
N ILE E 322 12.78 -0.70 -21.04
CA ILE E 322 11.59 -0.85 -20.22
C ILE E 322 11.91 -1.54 -18.90
N ILE E 323 12.84 -2.50 -18.93
CA ILE E 323 13.27 -3.16 -17.71
C ILE E 323 13.94 -2.17 -16.77
N ALA E 324 14.78 -1.27 -17.31
CA ALA E 324 15.39 -0.23 -16.48
C ALA E 324 14.34 0.69 -15.89
N GLY E 325 13.34 1.06 -16.69
CA GLY E 325 12.29 1.93 -16.18
C GLY E 325 11.50 1.31 -15.04
N GLN E 326 11.17 0.03 -15.18
CA GLN E 326 10.46 -0.66 -14.10
C GLN E 326 11.35 -0.82 -12.86
N SER E 327 12.63 -1.14 -13.06
CA SER E 327 13.52 -1.39 -11.94
C SER E 327 13.77 -0.16 -11.09
N ILE E 328 13.51 1.03 -11.61
CA ILE E 328 13.64 2.26 -10.85
C ILE E 328 12.30 2.75 -10.33
N GLY E 329 11.25 2.63 -11.14
CA GLY E 329 9.94 3.08 -10.71
C GLY E 329 9.32 2.23 -9.61
N GLU E 330 9.46 0.91 -9.72
CA GLU E 330 8.81 0.02 -8.76
C GLU E 330 9.24 0.24 -7.32
N PRO E 331 10.51 0.40 -6.97
CA PRO E 331 10.89 0.67 -5.58
C PRO E 331 10.59 2.07 -5.09
N GLY E 332 9.79 2.85 -5.81
CA GLY E 332 9.43 4.19 -5.39
C GLY E 332 8.37 4.19 -4.30
N ALA E 351 23.75 13.57 18.02
CA ALA E 351 24.47 13.64 19.28
C ALA E 351 24.46 12.29 19.98
N GLU E 352 25.38 12.12 20.94
CA GLU E 352 25.49 10.89 21.70
C GLU E 352 25.50 11.21 23.18
N HIS E 353 24.75 10.41 23.96
CA HIS E 353 24.66 10.58 25.40
C HIS E 353 25.46 9.48 26.08
N VAL E 354 26.33 9.87 27.00
CA VAL E 354 27.08 8.93 27.82
C VAL E 354 26.30 8.69 29.11
N ARG E 355 26.02 7.43 29.41
CA ARG E 355 25.27 7.06 30.60
C ARG E 355 26.17 6.37 31.60
N ALA E 356 25.84 6.52 32.87
CA ALA E 356 26.64 5.91 33.92
C ALA E 356 26.47 4.40 33.89
N PRO E 357 27.55 3.62 33.77
CA PRO E 357 27.41 2.17 33.76
C PRO E 357 27.15 1.56 35.13
N TYR E 358 27.38 2.31 36.22
CA TYR E 358 27.17 1.81 37.57
C TYR E 358 26.68 2.94 38.45
N ASN E 359 26.06 2.57 39.57
CA ASN E 359 25.85 3.52 40.65
C ASN E 359 27.19 3.90 41.26
N GLY E 360 27.27 5.12 41.77
CA GLY E 360 28.49 5.52 42.46
C GLY E 360 28.65 7.02 42.49
N LYS E 361 29.87 7.44 42.79
CA LYS E 361 30.22 8.83 43.02
C LYS E 361 31.13 9.33 41.91
N ILE E 362 30.74 10.43 41.29
CA ILE E 362 31.51 11.01 40.18
C ILE E 362 32.73 11.74 40.73
N LYS E 363 33.87 11.55 40.07
CA LYS E 363 35.12 12.19 40.47
C LYS E 363 35.83 12.74 39.25
N PHE E 364 36.04 14.06 39.23
CA PHE E 364 36.85 14.70 38.21
C PHE E 364 37.28 16.07 38.71
N ASN E 365 38.26 16.66 38.02
CA ASN E 365 38.78 17.97 38.39
C ASN E 365 37.99 19.03 37.63
N GLU E 366 37.16 19.79 38.36
CA GLU E 366 36.35 20.83 37.73
C GLU E 366 37.18 22.00 37.21
N ASP E 367 38.46 22.08 37.57
CA ASP E 367 39.33 23.13 37.05
C ASP E 367 39.87 22.83 35.66
N LEU E 368 39.68 21.60 35.17
CA LEU E 368 40.09 21.23 33.82
C LEU E 368 39.03 21.48 32.77
N VAL E 369 37.84 21.94 33.18
CA VAL E 369 36.71 22.11 32.28
C VAL E 369 36.18 23.53 32.41
N HIS E 370 35.41 23.94 31.41
CA HIS E 370 34.94 25.32 31.30
C HIS E 370 33.45 25.40 31.58
N PRO E 371 33.03 26.27 32.51
CA PRO E 371 31.61 26.40 32.81
C PRO E 371 30.81 26.91 31.60
N THR E 372 29.56 26.45 31.52
CA THR E 372 28.70 26.80 30.40
C THR E 372 27.25 26.63 30.82
N ARG E 373 26.36 27.17 30.00
CA ARG E 373 24.91 26.97 30.15
C ARG E 373 24.41 26.20 28.95
N THR E 374 23.67 25.12 29.20
CA THR E 374 23.20 24.27 28.11
C THR E 374 21.98 24.90 27.43
N ARG E 375 21.58 24.30 26.32
CA ARG E 375 20.40 24.74 25.60
C ARG E 375 19.10 24.42 26.34
N HIS E 376 19.18 23.66 27.43
CA HIS E 376 18.04 23.42 28.30
C HIS E 376 18.05 24.30 29.54
N GLY E 377 18.97 25.25 29.61
CA GLY E 377 19.04 26.17 30.72
C GLY E 377 19.78 25.67 31.93
N HIS E 378 20.45 24.52 31.84
CA HIS E 378 21.16 23.98 32.98
C HIS E 378 22.63 24.40 32.97
N PRO E 379 23.21 24.62 34.15
CA PRO E 379 24.67 24.76 34.22
C PRO E 379 25.34 23.43 33.90
N ALA E 380 26.52 23.52 33.29
CA ALA E 380 27.29 22.33 32.93
C ALA E 380 28.74 22.76 32.68
N PHE E 381 29.54 21.81 32.21
CA PHE E 381 30.94 22.06 31.87
C PHE E 381 31.17 21.70 30.41
N LEU E 382 32.02 22.48 29.76
CA LEU E 382 32.48 22.18 28.40
C LEU E 382 33.86 21.56 28.48
N CYS E 383 34.02 20.41 27.83
CA CYS E 383 35.26 19.63 27.90
C CYS E 383 35.97 19.72 26.56
N TYR E 384 37.15 20.31 26.55
CA TYR E 384 37.97 20.44 25.35
C TYR E 384 39.19 19.52 25.37
N ILE E 385 39.25 18.57 26.31
CA ILE E 385 40.37 17.65 26.44
C ILE E 385 39.82 16.25 26.66
N ASP E 386 40.72 15.30 26.87
CA ASP E 386 40.35 13.92 27.17
C ASP E 386 40.31 13.75 28.69
N LEU E 387 39.20 14.22 29.28
CA LEU E 387 39.05 14.21 30.72
C LEU E 387 38.79 12.79 31.22
N SER E 388 39.39 12.46 32.36
CA SER E 388 39.20 11.16 33.01
C SER E 388 38.22 11.33 34.16
N VAL E 389 37.05 10.72 34.04
CA VAL E 389 36.00 10.78 35.05
C VAL E 389 35.89 9.43 35.72
N ILE E 390 35.88 9.43 37.05
CA ILE E 390 35.89 8.21 37.84
C ILE E 390 34.54 8.06 38.54
N ILE E 391 33.99 6.86 38.48
CA ILE E 391 32.82 6.48 39.27
C ILE E 391 33.26 5.37 40.21
N GLU E 392 33.13 5.63 41.51
CA GLU E 392 33.47 4.62 42.53
C GLU E 392 32.18 3.92 42.94
N SER E 393 32.02 2.69 42.48
CA SER E 393 30.80 1.93 42.68
C SER E 393 30.89 1.13 43.98
N GLU E 394 29.94 0.22 44.18
CA GLU E 394 29.91 -0.57 45.41
C GLU E 394 30.97 -1.65 45.42
N ASP E 395 31.38 -2.14 44.25
CA ASP E 395 32.40 -3.18 44.17
C ASP E 395 33.77 -2.64 43.79
N ILE E 396 33.88 -1.96 42.65
CA ILE E 396 35.16 -1.51 42.12
C ILE E 396 35.06 -0.03 41.75
N ILE E 397 36.15 0.49 41.20
CA ILE E 397 36.25 1.87 40.73
C ILE E 397 36.40 1.83 39.22
N HIS E 398 35.58 2.61 38.52
CA HIS E 398 35.50 2.54 37.06
C HIS E 398 35.74 3.92 36.46
N SER E 399 36.39 3.93 35.29
CA SER E 399 36.79 5.15 34.62
C SER E 399 36.04 5.27 33.29
N VAL E 400 35.57 6.48 33.00
CA VAL E 400 34.94 6.81 31.73
C VAL E 400 35.71 7.97 31.10
N THR E 401 36.11 7.80 29.84
CA THR E 401 36.87 8.82 29.14
C THR E 401 35.91 9.78 28.46
N ILE E 402 36.07 11.07 28.74
CA ILE E 402 35.21 12.11 28.18
C ILE E 402 35.98 12.77 27.04
N PRO E 403 35.57 12.56 25.79
CA PRO E 403 36.29 13.15 24.65
C PRO E 403 36.09 14.65 24.60
N PRO E 404 36.98 15.37 23.91
CA PRO E 404 36.82 16.83 23.81
C PRO E 404 35.55 17.21 23.07
N LYS E 405 35.21 18.49 23.16
CA LYS E 405 33.99 19.05 22.57
C LYS E 405 32.73 18.32 23.05
N SER E 406 32.69 18.02 24.35
CA SER E 406 31.56 17.34 24.94
C SER E 406 31.15 18.05 26.23
N PHE E 407 29.86 17.99 26.53
CA PHE E 407 29.30 18.60 27.72
C PHE E 407 29.33 17.61 28.87
N LEU E 408 29.78 18.07 30.04
CA LEU E 408 29.75 17.28 31.25
C LEU E 408 28.64 17.82 32.14
N LEU E 409 27.57 17.02 32.30
CA LEU E 409 26.36 17.47 32.94
C LEU E 409 26.34 17.27 34.44
N VAL E 410 27.32 16.57 35.00
CA VAL E 410 27.34 16.25 36.42
C VAL E 410 28.42 17.08 37.12
N GLN E 411 28.38 17.05 38.45
CA GLN E 411 29.33 17.76 39.27
C GLN E 411 30.28 16.77 39.96
N ASN E 412 31.45 17.27 40.34
CA ASN E 412 32.35 16.45 41.14
C ASN E 412 31.70 16.09 42.47
N ASP E 413 31.89 14.84 42.89
CA ASP E 413 31.33 14.24 44.10
C ASP E 413 29.83 14.00 44.03
N GLN E 414 29.22 14.21 42.86
CA GLN E 414 27.80 13.94 42.71
C GLN E 414 27.53 12.44 42.67
N TYR E 415 26.40 12.04 43.22
CA TYR E 415 25.96 10.66 43.16
C TYR E 415 25.12 10.44 41.90
N VAL E 416 25.48 9.43 41.12
CA VAL E 416 24.77 9.13 39.88
C VAL E 416 24.23 7.71 39.96
N GLU E 417 23.12 7.49 39.27
CA GLU E 417 22.51 6.16 39.14
C GLU E 417 22.94 5.54 37.82
N SER E 418 22.86 4.21 37.75
CA SER E 418 23.19 3.52 36.52
C SER E 418 22.19 3.89 35.44
N GLU E 419 22.68 4.00 34.20
CA GLU E 419 21.91 4.36 33.02
C GLU E 419 21.42 5.80 33.05
N GLN E 420 22.03 6.64 33.89
CA GLN E 420 21.69 8.05 33.95
C GLN E 420 22.64 8.84 33.05
N VAL E 421 22.07 9.77 32.28
CA VAL E 421 22.87 10.57 31.36
C VAL E 421 23.80 11.47 32.16
N ILE E 422 25.09 11.33 31.93
CA ILE E 422 26.09 12.15 32.63
C ILE E 422 26.84 13.08 31.70
N ALA E 423 26.91 12.80 30.41
CA ALA E 423 27.62 13.65 29.46
C ALA E 423 26.97 13.54 28.10
N GLU E 424 27.29 14.50 27.24
CA GLU E 424 26.78 14.54 25.87
C GLU E 424 27.95 14.78 24.94
N ILE E 425 28.20 13.84 24.03
CA ILE E 425 29.32 13.92 23.10
C ILE E 425 28.87 14.68 21.86
N ARG E 426 29.53 15.79 21.58
CA ARG E 426 29.13 16.66 20.48
C ARG E 426 30.30 16.97 19.56
N GLU E 436 16.10 25.87 10.10
CA GLU E 436 14.77 26.48 10.05
C GLU E 436 14.63 27.54 11.14
N ARG E 437 14.05 28.67 10.79
CA ARG E 437 13.82 29.77 11.72
C ARG E 437 12.40 29.69 12.23
N VAL E 438 12.26 29.42 13.53
CA VAL E 438 10.95 29.24 14.16
C VAL E 438 10.67 30.42 15.06
N ARG E 439 9.39 30.72 15.25
CA ARG E 439 8.95 31.82 16.09
C ARG E 439 8.17 31.28 17.27
N LYS E 440 8.53 31.72 18.48
CA LYS E 440 7.93 31.25 19.71
C LYS E 440 7.17 32.40 20.38
N TYR E 441 5.91 32.16 20.69
CA TYR E 441 5.06 33.14 21.38
C TYR E 441 4.81 32.67 22.80
N ILE E 442 4.99 33.56 23.77
CA ILE E 442 4.64 33.30 25.16
C ILE E 442 3.51 34.25 25.55
N TYR E 443 2.49 33.70 26.19
CA TYR E 443 1.28 34.45 26.53
C TYR E 443 1.26 34.77 28.01
N SER E 444 0.58 35.86 28.35
CA SER E 444 0.46 36.27 29.74
C SER E 444 -0.43 35.31 30.50
N ASP E 445 0.07 34.80 31.63
CA ASP E 445 -0.71 33.89 32.44
C ASP E 445 -1.84 34.59 33.19
N SER E 446 -1.76 35.90 33.37
CA SER E 446 -2.77 36.62 34.13
C SER E 446 -2.91 38.03 33.58
N GLU E 447 -4.04 38.65 33.88
CA GLU E 447 -4.26 40.04 33.51
C GLU E 447 -3.43 40.96 34.39
N GLY E 448 -2.82 41.97 33.76
CA GLY E 448 -2.03 42.92 34.53
C GLY E 448 -1.34 43.91 33.62
N GLU E 449 -0.46 44.71 34.23
CA GLU E 449 0.28 45.74 33.53
C GLU E 449 1.75 45.35 33.40
N MET E 450 2.35 45.77 32.29
CA MET E 450 3.71 45.39 31.96
C MET E 450 4.71 46.32 32.62
N HIS E 451 5.78 45.74 33.15
CA HIS E 451 6.89 46.52 33.71
C HIS E 451 8.21 45.91 33.30
N TRP E 452 9.17 46.78 32.96
CA TRP E 452 10.56 46.38 32.86
C TRP E 452 11.41 47.46 33.52
N SER E 453 12.53 47.05 34.10
CA SER E 453 13.43 47.99 34.76
C SER E 453 14.53 48.44 33.81
N THR E 454 15.33 47.51 33.31
CA THR E 454 16.46 47.79 32.44
C THR E 454 16.44 46.83 31.26
N ASP E 455 17.38 47.03 30.34
CA ASP E 455 17.69 46.11 29.24
C ASP E 455 16.56 45.97 28.22
N VAL E 456 15.61 46.90 28.21
CA VAL E 456 14.59 46.97 27.18
C VAL E 456 14.65 48.36 26.56
N SER E 457 14.68 48.42 25.24
CA SER E 457 14.78 49.70 24.55
C SER E 457 13.51 50.51 24.77
N HIS E 458 13.69 51.76 25.22
CA HIS E 458 12.54 52.61 25.50
C HIS E 458 11.85 53.06 24.22
N ALA E 459 12.60 53.21 23.14
CA ALA E 459 12.02 53.57 21.86
C ALA E 459 11.45 52.33 21.18
N PRO E 460 10.27 52.44 20.56
CA PRO E 460 9.72 51.30 19.82
C PRO E 460 10.56 50.98 18.58
N GLU E 461 10.40 49.74 18.11
CA GLU E 461 11.13 49.33 16.91
C GLU E 461 10.73 50.17 15.71
N PHE E 462 9.44 50.49 15.58
CA PHE E 462 8.95 51.41 14.58
C PHE E 462 8.06 52.44 15.25
N THR E 463 7.93 53.60 14.61
CA THR E 463 7.24 54.72 15.24
C THR E 463 5.78 54.38 15.55
N TYR E 464 5.10 53.69 14.64
CA TYR E 464 3.70 53.37 14.83
C TYR E 464 3.49 52.20 15.80
N SER E 465 4.42 51.26 15.84
CA SER E 465 4.21 50.01 16.56
C SER E 465 4.44 50.18 18.05
N ASN E 466 4.03 49.16 18.81
CA ASN E 466 4.26 49.08 20.25
C ASN E 466 5.23 47.97 20.61
N VAL E 467 6.14 47.63 19.69
CA VAL E 467 7.08 46.53 19.86
C VAL E 467 8.43 47.10 20.27
N HIS E 468 8.99 46.56 21.34
CA HIS E 468 10.29 47.00 21.85
C HIS E 468 11.28 45.85 21.80
N LEU E 469 12.51 46.15 21.43
CA LEU E 469 13.58 45.16 21.34
C LEU E 469 14.33 45.06 22.67
N LEU E 470 15.01 43.93 22.86
CA LEU E 470 15.88 43.73 24.00
C LEU E 470 17.33 43.65 23.53
N PRO E 471 18.17 44.65 23.80
CA PRO E 471 19.59 44.50 23.50
C PRO E 471 20.28 43.51 24.43
N LYS E 472 19.79 43.34 25.65
CA LYS E 472 20.37 42.42 26.63
C LYS E 472 19.30 41.45 27.11
N THR E 473 19.75 40.47 27.90
CA THR E 473 18.81 39.60 28.60
C THR E 473 18.15 40.38 29.75
N SER E 474 16.84 40.22 29.88
CA SER E 474 16.09 40.97 30.88
C SER E 474 14.91 40.15 31.36
N HIS E 475 14.27 40.63 32.42
CA HIS E 475 13.04 40.07 32.92
C HIS E 475 11.91 41.07 32.69
N LEU E 476 10.79 40.57 32.17
CA LEU E 476 9.58 41.36 31.98
C LEU E 476 8.57 40.94 33.03
N TRP E 477 8.06 41.91 33.78
CA TRP E 477 7.17 41.66 34.90
C TRP E 477 5.73 42.02 34.54
N ILE E 478 4.80 41.16 34.92
CA ILE E 478 3.38 41.42 34.77
C ILE E 478 2.80 41.59 36.17
N LEU E 479 2.53 42.83 36.55
CA LEU E 479 1.94 43.12 37.86
C LEU E 479 0.46 42.78 37.82
N SER E 480 0.03 41.92 38.74
CA SER E 480 -1.34 41.42 38.71
C SER E 480 -2.34 42.53 39.03
N GLY E 481 -3.50 42.45 38.40
CA GLY E 481 -4.57 43.39 38.63
C GLY E 481 -5.88 42.84 38.14
N GLY E 482 -6.97 43.27 38.78
CA GLY E 482 -8.30 42.81 38.41
C GLY E 482 -8.78 43.36 37.09
N ILE E 489 -17.71 52.02 34.04
CA ILE E 489 -16.76 53.04 34.44
C ILE E 489 -17.27 54.42 34.01
N LEU E 490 -17.59 55.25 35.00
CA LEU E 490 -18.25 56.51 34.73
C LEU E 490 -17.28 57.64 34.43
N PHE E 491 -16.04 57.56 34.91
CA PHE E 491 -14.95 58.50 34.66
C PHE E 491 -15.17 59.86 35.31
N SER E 492 -16.30 60.09 35.97
CA SER E 492 -16.50 61.31 36.75
C SER E 492 -16.48 61.07 38.25
N ILE E 493 -16.79 59.86 38.69
CA ILE E 493 -16.70 59.51 40.11
C ILE E 493 -15.71 58.38 40.37
N HIS E 494 -15.36 57.58 39.37
CA HIS E 494 -14.38 56.50 39.53
C HIS E 494 -13.02 57.06 39.17
N LYS E 495 -12.19 57.31 40.18
CA LYS E 495 -10.89 57.92 39.98
C LYS E 495 -9.84 57.13 40.74
N ASP E 496 -8.58 57.54 40.55
CA ASP E 496 -7.44 56.78 41.05
C ASP E 496 -7.49 56.63 42.56
N GLN E 497 -7.25 55.39 43.02
CA GLN E 497 -7.17 55.01 44.43
C GLN E 497 -8.50 55.13 45.16
N ASP E 498 -9.61 55.19 44.45
CA ASP E 498 -10.91 55.06 45.09
C ASP E 498 -11.09 53.63 45.62
N GLN E 499 -11.86 53.51 46.70
CA GLN E 499 -12.14 52.22 47.32
C GLN E 499 -13.57 51.83 47.00
N MET E 500 -13.73 50.70 46.33
CA MET E 500 -15.04 50.22 45.90
C MET E 500 -15.55 49.21 46.91
N ASN E 501 -16.54 49.60 47.71
CA ASN E 501 -17.24 48.68 48.58
C ASN E 501 -18.45 48.05 47.91
N ILE E 502 -18.78 48.47 46.69
CA ILE E 502 -19.92 47.96 45.95
C ILE E 502 -19.46 47.56 44.55
N PRO E 503 -20.12 46.61 43.90
CA PRO E 503 -19.73 46.25 42.53
C PRO E 503 -20.12 47.34 41.54
N PHE E 504 -19.44 47.32 40.40
CA PHE E 504 -19.74 48.25 39.32
C PHE E 504 -21.12 47.97 38.73
N SER E 566 -68.82 64.15 19.89
CA SER E 566 -68.00 63.10 20.48
C SER E 566 -66.54 63.53 20.58
N ASP E 567 -66.20 64.63 19.89
CA ASP E 567 -64.85 65.16 19.93
C ASP E 567 -64.48 65.70 21.31
N LEU E 568 -65.45 65.93 22.18
CA LEU E 568 -65.17 66.39 23.53
C LEU E 568 -64.55 65.30 24.40
N LEU E 569 -64.64 64.04 23.99
CA LEU E 569 -63.98 62.96 24.71
C LEU E 569 -62.57 62.68 24.19
N ALA E 570 -62.18 63.29 23.07
CA ALA E 570 -60.85 63.12 22.52
C ALA E 570 -59.89 64.11 23.18
N LYS E 571 -58.60 63.95 22.88
CA LYS E 571 -57.59 64.83 23.45
C LYS E 571 -56.40 64.90 22.50
N ARG E 572 -55.76 66.06 22.48
CA ARG E 572 -54.58 66.29 21.66
C ARG E 572 -53.49 66.88 22.55
N ARG E 573 -52.38 66.17 22.68
CA ARG E 573 -51.25 66.59 23.49
C ARG E 573 -49.99 66.62 22.63
N ARG E 574 -48.84 66.84 23.28
CA ARG E 574 -47.57 66.91 22.56
C ARG E 574 -47.23 65.54 21.99
N ASN E 575 -47.23 65.42 20.66
CA ASN E 575 -46.85 64.20 19.95
C ASN E 575 -47.76 63.02 20.28
N ARG E 576 -49.02 63.28 20.61
CA ARG E 576 -49.95 62.21 20.92
C ARG E 576 -51.37 62.73 20.85
N PHE E 577 -52.32 61.82 20.61
CA PHE E 577 -53.73 62.16 20.65
C PHE E 577 -54.55 60.90 20.91
N LEU E 578 -55.73 61.11 21.46
CA LEU E 578 -56.67 60.04 21.80
C LEU E 578 -57.93 60.19 20.96
N ILE E 579 -58.50 59.05 20.55
CA ILE E 579 -59.73 59.04 19.77
C ILE E 579 -60.69 58.00 20.35
N PRO E 580 -61.95 58.38 20.67
CA PRO E 580 -62.96 57.45 21.19
C PRO E 580 -63.23 56.27 20.26
N ILE E 599 -65.75 58.94 10.20
CA ILE E 599 -64.33 58.65 10.22
C ILE E 599 -64.08 57.27 10.82
N SER E 600 -63.51 56.38 10.00
CA SER E 600 -63.14 55.04 10.44
C SER E 600 -61.63 54.95 10.54
N VAL E 601 -61.15 54.43 11.67
CA VAL E 601 -59.71 54.36 11.94
C VAL E 601 -59.14 53.11 11.31
N GLU E 602 -58.08 53.28 10.52
CA GLU E 602 -57.38 52.17 9.87
C GLU E 602 -55.96 52.12 10.42
N ILE E 603 -55.67 51.09 11.21
CA ILE E 603 -54.35 50.91 11.81
C ILE E 603 -53.62 49.79 11.07
N PRO E 604 -52.32 49.91 10.83
CA PRO E 604 -51.58 48.81 10.20
C PRO E 604 -51.58 47.56 11.07
N ILE E 605 -51.21 46.44 10.45
CA ILE E 605 -51.26 45.15 11.13
C ILE E 605 -50.34 45.14 12.34
N ASN E 606 -49.12 45.67 12.17
CA ASN E 606 -48.14 45.67 13.25
C ASN E 606 -48.39 46.76 14.29
N GLY E 607 -49.33 47.66 14.04
CA GLY E 607 -49.54 48.77 14.95
C GLY E 607 -48.45 49.81 14.91
N ILE E 608 -47.70 49.87 13.82
CA ILE E 608 -46.57 50.79 13.67
C ILE E 608 -46.82 51.66 12.45
N PHE E 609 -46.70 52.96 12.62
CA PHE E 609 -46.89 53.91 11.53
C PHE E 609 -45.54 54.41 11.03
N ARG E 610 -45.43 54.52 9.70
CA ARG E 610 -44.29 55.14 9.07
C ARG E 610 -44.63 56.57 8.67
N ARG E 611 -43.63 57.31 8.22
CA ARG E 611 -43.86 58.67 7.78
C ARG E 611 -44.79 58.69 6.57
N ASN E 612 -45.75 59.62 6.59
CA ASN E 612 -46.73 59.78 5.52
C ASN E 612 -47.59 58.52 5.38
N SER E 613 -48.31 58.20 6.45
CA SER E 613 -49.17 57.02 6.50
C SER E 613 -50.60 57.46 6.83
N ILE E 614 -51.56 56.86 6.15
CA ILE E 614 -52.98 57.17 6.38
C ILE E 614 -53.46 56.35 7.56
N PHE E 615 -54.13 57.01 8.51
CA PHE E 615 -54.72 56.34 9.65
C PHE E 615 -56.22 56.52 9.75
N ALA E 616 -56.81 57.47 9.03
CA ALA E 616 -58.25 57.68 9.06
C ALA E 616 -58.67 58.39 7.77
N PHE E 617 -59.66 57.84 7.09
CA PHE E 617 -60.17 58.46 5.87
C PHE E 617 -61.62 58.88 6.05
N THR E 795 -63.76 67.75 12.92
CA THR E 795 -63.07 68.22 14.11
C THR E 795 -62.87 67.08 15.10
N LEU E 796 -61.64 66.56 15.16
CA LEU E 796 -61.34 65.42 16.01
C LEU E 796 -61.17 65.81 17.48
N PHE E 797 -60.68 67.01 17.75
CA PHE E 797 -60.18 67.37 19.07
C PHE E 797 -60.85 68.63 19.57
N PRO E 798 -60.91 68.83 20.90
CA PRO E 798 -61.65 69.97 21.47
C PRO E 798 -61.06 71.33 21.15
N LYS E 799 -59.98 71.42 20.36
CA LYS E 799 -59.38 72.71 19.97
C LYS E 799 -58.94 73.49 21.22
N ASP E 800 -57.94 72.93 21.88
CA ASP E 800 -57.42 73.50 23.12
C ASP E 800 -57.01 74.96 22.93
N LEU E 801 -57.00 75.69 24.05
CA LEU E 801 -56.60 77.09 24.02
C LEU E 801 -55.12 77.24 23.67
N PHE E 802 -54.29 76.32 24.13
CA PHE E 802 -52.86 76.33 23.86
C PHE E 802 -52.48 75.06 23.11
N ARG E 803 -51.55 75.20 22.15
CA ARG E 803 -51.05 74.06 21.40
C ARG E 803 -49.52 74.16 21.32
N GLU E 804 -48.83 73.21 21.93
CA GLU E 804 -47.38 73.20 21.89
C GLU E 804 -46.87 72.73 20.53
N LYS E 805 -45.67 73.16 20.19
CA LYS E 805 -45.02 72.67 18.98
C LYS E 805 -44.73 71.18 19.08
N ASP E 806 -45.25 70.42 18.14
CA ASP E 806 -45.08 68.97 18.12
C ASP E 806 -44.30 68.56 16.88
N ASN E 807 -43.46 67.54 17.03
CA ASN E 807 -42.82 66.93 15.87
C ASN E 807 -43.86 66.31 14.95
N ILE E 808 -44.88 65.67 15.52
CA ILE E 808 -45.96 65.10 14.72
C ILE E 808 -46.81 66.23 14.15
N GLN E 809 -47.43 65.97 13.00
CA GLN E 809 -48.34 66.93 12.39
C GLN E 809 -49.32 66.18 11.51
N LEU E 810 -50.60 66.55 11.60
CA LEU E 810 -51.64 65.92 10.80
C LEU E 810 -51.77 66.64 9.45
N ARG E 811 -52.36 65.91 8.49
CA ARG E 811 -52.55 66.43 7.14
C ARG E 811 -53.89 65.99 6.58
N LEU E 839 -56.79 61.77 6.42
CA LEU E 839 -55.93 62.11 7.54
C LEU E 839 -54.65 61.29 7.51
N VAL E 840 -53.52 61.96 7.25
CA VAL E 840 -52.23 61.31 7.07
C VAL E 840 -51.32 61.71 8.24
N LEU E 841 -50.77 60.71 8.92
CA LEU E 841 -49.80 60.95 9.98
C LEU E 841 -48.44 61.26 9.37
N ASN E 842 -47.82 62.36 9.82
CA ASN E 842 -46.53 62.77 9.32
C ASN E 842 -45.78 63.49 10.43
N TRP E 843 -44.45 63.38 10.39
CA TRP E 843 -43.59 64.05 11.37
C TRP E 843 -42.18 64.22 10.82
N VAL E 855 -44.05 56.32 15.42
CA VAL E 855 -45.42 56.42 15.92
C VAL E 855 -46.00 55.05 16.20
N ARG E 856 -46.50 54.86 17.42
CA ARG E 856 -47.11 53.61 17.84
C ARG E 856 -48.57 53.86 18.22
N ALA E 857 -49.39 52.84 18.02
CA ALA E 857 -50.81 52.91 18.35
C ALA E 857 -51.17 51.78 19.30
N PHE E 858 -51.96 52.10 20.32
CA PHE E 858 -52.43 51.10 21.27
C PHE E 858 -53.72 51.62 21.91
N PHE E 859 -54.41 50.71 22.58
CA PHE E 859 -55.75 50.99 23.08
C PHE E 859 -55.71 51.53 24.50
N VAL E 860 -56.61 52.47 24.80
CA VAL E 860 -56.78 53.02 26.13
C VAL E 860 -58.23 52.81 26.54
N GLU E 861 -58.44 52.24 27.71
CA GLU E 861 -59.77 51.91 28.20
C GLU E 861 -59.97 52.55 29.57
N VAL E 862 -61.10 53.25 29.72
CA VAL E 862 -61.48 53.88 30.98
C VAL E 862 -62.63 53.10 31.56
N ASN E 863 -62.50 52.67 32.81
CA ASN E 863 -63.51 51.88 33.49
C ASN E 863 -63.90 52.53 34.81
N THR E 864 -65.20 52.51 35.10
CA THR E 864 -65.70 52.99 36.40
C THR E 864 -67.06 52.33 36.64
N LYS E 865 -67.13 51.48 37.65
CA LYS E 865 -68.36 50.84 38.10
C LYS E 865 -69.03 50.07 36.95
N GLY E 866 -68.27 49.12 36.39
CA GLY E 866 -68.82 48.22 35.40
C GLY E 866 -69.11 48.85 34.05
N LEU E 867 -68.49 49.97 33.73
CA LEU E 867 -68.70 50.66 32.47
C LEU E 867 -67.37 50.79 31.73
N ILE E 868 -67.40 50.60 30.41
CA ILE E 868 -66.19 50.55 29.59
C ILE E 868 -66.34 51.54 28.43
N ARG E 869 -65.27 52.28 28.16
CA ARG E 869 -65.20 53.17 27.00
C ARG E 869 -63.78 53.12 26.46
N ASP E 870 -63.64 52.60 25.24
CA ASP E 870 -62.32 52.37 24.65
C ASP E 870 -61.85 53.57 23.85
N PHE E 871 -60.54 53.70 23.71
CA PHE E 871 -59.92 54.80 22.99
C PHE E 871 -58.73 54.29 22.20
N ILE E 872 -58.34 55.05 21.19
CA ILE E 872 -57.16 54.76 20.38
C ILE E 872 -56.14 55.86 20.64
N ARG E 873 -55.00 55.49 21.21
CA ARG E 873 -53.94 56.43 21.53
C ARG E 873 -52.83 56.28 20.50
N ILE E 874 -52.64 57.32 19.70
CA ILE E 874 -51.60 57.36 18.68
C ILE E 874 -50.57 58.40 19.13
N GLY E 875 -49.36 57.95 19.42
CA GLY E 875 -48.34 58.83 19.94
C GLY E 875 -47.00 58.60 19.26
N LEU E 876 -46.13 59.58 19.42
CA LEU E 876 -44.78 59.52 18.85
C LEU E 876 -43.73 59.34 19.94
N ARG E 885 -33.65 67.37 27.14
CA ARG E 885 -33.91 68.08 28.38
C ARG E 885 -34.96 67.37 29.23
N LYS E 886 -34.87 67.57 30.55
CA LYS E 886 -35.74 66.86 31.48
C LYS E 886 -37.21 67.24 31.29
N ARG E 887 -37.49 68.50 30.94
CA ARG E 887 -38.86 68.94 30.77
C ARG E 887 -39.56 68.28 29.59
N ASN E 888 -38.80 67.73 28.64
CA ASN E 888 -39.37 67.11 27.45
C ASN E 888 -39.65 65.63 27.62
N ASN E 889 -39.45 65.09 28.83
CA ASN E 889 -39.79 63.70 29.07
C ASN E 889 -41.30 63.51 28.93
N PRO E 890 -41.76 62.51 28.15
CA PRO E 890 -43.18 62.26 27.94
C PRO E 890 -43.84 61.57 29.13
N MET E 901 -41.21 53.65 42.17
CA MET E 901 -40.55 54.84 41.63
C MET E 901 -41.29 56.09 42.06
N ASN E 902 -42.50 55.91 42.61
CA ASN E 902 -43.28 57.03 43.13
C ASN E 902 -42.96 57.23 44.61
N PRO E 903 -42.49 58.40 45.02
CA PRO E 903 -42.13 58.59 46.43
C PRO E 903 -43.30 58.46 47.39
N PHE E 904 -44.54 58.59 46.92
CA PHE E 904 -45.69 58.37 47.77
C PHE E 904 -46.04 56.89 47.92
N TYR E 905 -45.48 56.03 47.08
CA TYR E 905 -45.80 54.61 47.10
C TYR E 905 -44.53 53.76 47.04
N HIS E 922 -14.88 43.86 47.12
CA HIS E 922 -14.01 44.98 47.41
C HIS E 922 -13.13 45.32 46.22
N GLY E 923 -12.16 46.21 46.44
CA GLY E 923 -11.21 46.57 45.40
C GLY E 923 -10.83 48.04 45.39
N THR E 924 -9.57 48.32 45.09
CA THR E 924 -9.06 49.67 44.98
C THR E 924 -8.78 49.98 43.51
N ILE E 925 -9.31 51.11 43.03
CA ILE E 925 -9.13 51.49 41.63
C ILE E 925 -7.71 51.97 41.41
N ARG E 926 -7.06 51.42 40.39
CA ARG E 926 -5.77 51.92 39.91
C ARG E 926 -5.98 52.46 38.50
N MET E 927 -5.82 53.76 38.33
CA MET E 927 -6.07 54.43 37.07
C MET E 927 -4.82 55.18 36.61
N PHE E 928 -4.62 55.22 35.29
CA PHE E 928 -3.54 55.98 34.70
C PHE E 928 -3.83 56.26 33.22
N SER E 937 -7.82 53.36 31.14
CA SER E 937 -7.15 52.18 31.66
C SER E 937 -7.41 52.02 33.15
N LEU E 938 -8.01 50.90 33.54
CA LEU E 938 -8.40 50.66 34.92
C LEU E 938 -8.00 49.25 35.32
N LEU E 939 -7.41 49.13 36.50
CA LEU E 939 -7.17 47.84 37.15
C LEU E 939 -7.71 47.90 38.56
N ILE E 940 -8.07 46.74 39.10
CA ILE E 940 -8.61 46.62 40.45
C ILE E 940 -7.59 45.88 41.30
N LEU E 941 -7.18 46.50 42.39
CA LEU E 941 -6.28 45.88 43.36
C LEU E 941 -7.08 45.48 44.59
N SER E 942 -6.86 44.25 45.05
CA SER E 942 -7.61 43.70 46.17
C SER E 942 -6.77 42.62 46.83
N SER E 943 -7.40 41.84 47.70
CA SER E 943 -6.71 40.75 48.38
C SER E 943 -6.37 39.59 47.46
N SER E 944 -6.89 39.58 46.23
CA SER E 944 -6.56 38.53 45.28
C SER E 944 -5.21 38.75 44.59
N ASN E 945 -4.63 39.95 44.72
CA ASN E 945 -3.33 40.22 44.12
C ASN E 945 -2.39 41.00 45.03
N CYS E 946 -2.78 41.30 46.26
CA CYS E 946 -1.92 41.97 47.23
C CYS E 946 -1.96 41.21 48.54
N PHE E 947 -0.79 40.99 49.14
CA PHE E 947 -0.70 40.19 50.34
C PHE E 947 0.39 40.73 51.26
N ARG E 948 0.22 40.49 52.55
CA ARG E 948 1.16 40.96 53.55
C ARG E 948 2.21 39.90 53.85
N ILE E 949 3.45 40.34 54.03
CA ILE E 949 4.55 39.49 54.49
C ILE E 949 4.97 40.00 55.85
N GLY E 950 4.77 39.20 56.89
CA GLY E 950 5.06 39.60 58.25
C GLY E 950 6.43 39.17 58.75
N THR E 972 8.57 70.96 82.23
CA THR E 972 8.04 70.50 80.95
C THR E 972 7.41 69.12 81.09
N ILE E 973 6.71 68.69 80.05
CA ILE E 973 6.05 67.38 80.04
C ILE E 973 6.69 66.51 78.98
N LYS E 974 6.26 65.25 78.91
CA LYS E 974 6.81 64.31 77.95
C LYS E 974 6.41 64.69 76.53
N ASN E 975 7.34 64.52 75.60
CA ASN E 975 7.07 64.82 74.20
C ASN E 975 6.13 63.79 73.60
N SER E 976 5.09 64.27 72.92
CA SER E 976 4.17 63.42 72.19
C SER E 976 3.84 64.08 70.85
N SER E 977 3.60 63.26 69.84
CA SER E 977 3.23 63.77 68.53
C SER E 977 1.88 64.48 68.60
N GLY E 978 1.76 65.59 67.88
CA GLY E 978 0.53 66.34 67.86
C GLY E 978 0.71 67.75 67.35
N PRO E 979 -0.38 68.51 67.32
CA PRO E 979 -0.30 69.89 66.80
C PRO E 979 0.53 70.79 67.69
N LEU E 980 1.18 71.77 67.05
CA LEU E 980 1.94 72.79 67.75
C LEU E 980 1.22 74.14 67.78
N GLY E 981 0.07 74.24 67.13
CA GLY E 981 -0.61 75.50 66.92
C GLY E 981 -0.71 75.83 65.44
N THR E 982 -1.32 76.97 65.18
CA THR E 982 -1.54 77.45 63.82
C THR E 982 -0.46 78.47 63.46
N ALA E 983 0.31 78.18 62.42
CA ALA E 983 1.33 79.11 61.96
C ALA E 983 0.67 80.36 61.40
N ILE E 984 1.19 81.53 61.76
CA ILE E 984 0.60 82.79 61.37
C ILE E 984 1.42 83.38 60.22
N GLN E 985 0.80 84.32 59.51
CA GLN E 985 1.48 85.00 58.42
C GLN E 985 2.61 85.87 58.95
N ILE E 986 3.78 85.75 58.35
CA ILE E 986 4.91 86.63 58.63
C ILE E 986 4.96 87.65 57.50
N SER E 987 4.79 88.93 57.85
CA SER E 987 4.65 89.96 56.82
C SER E 987 5.92 90.12 56.00
N ASN E 988 7.08 89.74 56.56
CA ASN E 988 8.32 89.81 55.81
C ASN E 988 8.33 88.88 54.60
N PHE E 989 7.48 87.86 54.60
CA PHE E 989 7.47 86.88 53.52
C PHE E 989 6.20 86.93 52.67
N TYR E 990 5.37 87.96 52.85
CA TYR E 990 4.35 88.35 51.88
C TYR E 990 3.22 87.33 51.69
N SER E 991 3.33 86.17 52.30
CA SER E 991 2.42 85.06 52.00
C SER E 991 1.37 84.92 53.10
N PHE E 992 0.10 84.86 52.69
CA PHE E 992 -0.98 84.69 53.66
C PHE E 992 -0.81 83.40 54.44
N LEU E 993 -0.53 82.30 53.74
CA LEU E 993 -0.11 81.07 54.39
C LEU E 993 1.41 81.04 54.43
N PRO E 994 2.03 80.93 55.61
CA PRO E 994 3.49 81.10 55.69
C PRO E 994 4.24 80.03 54.90
N LEU E 995 5.39 80.43 54.37
CA LEU E 995 6.22 79.50 53.61
C LEU E 995 6.80 78.42 54.51
N LEU E 996 7.10 78.76 55.77
CA LEU E 996 7.66 77.86 56.77
C LEU E 996 9.08 77.45 56.41
N THR E 997 9.26 76.71 55.32
CA THR E 997 10.57 76.22 54.94
C THR E 997 10.80 76.39 53.45
N TYR E 998 12.08 76.41 53.07
CA TYR E 998 12.53 76.33 51.69
C TYR E 998 13.22 74.99 51.46
N ASN E 999 13.26 74.57 50.21
CA ASN E 999 14.14 73.49 49.79
C ASN E 999 15.34 74.09 49.07
N GLN E 1000 16.24 73.21 48.61
CA GLN E 1000 17.48 73.67 48.00
C GLN E 1000 17.21 74.47 46.72
N ILE E 1001 16.25 74.02 45.92
CA ILE E 1001 15.97 74.69 44.65
C ILE E 1001 15.22 75.99 44.88
N SER E 1002 14.21 75.97 45.75
CA SER E 1002 13.34 77.14 45.90
C SER E 1002 14.02 78.29 46.62
N VAL E 1003 15.02 78.02 47.47
CA VAL E 1003 15.72 79.10 48.14
C VAL E 1003 16.55 79.91 47.16
N ILE E 1004 17.00 79.29 46.07
CA ILE E 1004 17.77 80.03 45.07
C ILE E 1004 16.85 80.82 44.14
N LYS E 1005 15.65 80.31 43.88
CA LYS E 1005 14.73 80.99 42.95
C LYS E 1005 14.00 82.16 43.61
N TYR E 1006 13.52 81.98 44.84
CA TYR E 1006 12.45 82.82 45.37
C TYR E 1006 12.79 83.55 46.65
N LEU E 1007 14.05 83.53 47.09
CA LEU E 1007 14.44 84.22 48.32
C LEU E 1007 14.79 85.66 48.00
N GLN E 1008 14.11 86.60 48.66
CA GLN E 1008 14.38 88.01 48.47
C GLN E 1008 15.68 88.39 49.16
N LEU E 1009 16.30 89.47 48.66
CA LEU E 1009 17.59 89.90 49.20
C LEU E 1009 17.47 90.30 50.66
N ASP E 1010 16.39 91.02 51.01
CA ASP E 1010 16.23 91.49 52.38
C ASP E 1010 15.91 90.39 53.37
N ASN E 1011 15.60 89.18 52.91
CA ASN E 1011 15.25 88.07 53.79
C ASN E 1011 16.38 87.08 54.01
N PHE E 1012 17.58 87.36 53.50
CA PHE E 1012 18.71 86.47 53.73
C PHE E 1012 19.08 86.39 55.20
N LYS E 1013 18.89 87.49 55.94
CA LYS E 1013 19.19 87.52 57.37
C LYS E 1013 18.27 86.64 58.19
N TYR E 1014 17.15 86.20 57.63
CA TYR E 1014 16.15 85.44 58.37
C TYR E 1014 16.16 83.96 58.05
N ILE E 1015 17.04 83.50 57.16
CA ILE E 1015 17.15 82.07 56.89
C ILE E 1015 17.87 81.39 58.04
N PHE E 1016 17.27 80.34 58.57
CA PHE E 1016 17.80 79.64 59.74
C PHE E 1016 18.01 78.17 59.41
N GLN E 1017 19.03 77.58 60.02
CA GLN E 1017 19.31 76.16 59.86
C GLN E 1017 18.53 75.29 60.83
N VAL E 1018 18.17 75.82 62.00
CA VAL E 1018 17.40 75.11 62.99
C VAL E 1018 16.08 75.85 63.19
N ILE E 1019 15.17 75.21 63.91
CA ILE E 1019 13.84 75.73 64.13
C ILE E 1019 13.83 76.64 65.35
N HIS E 1020 13.12 77.76 65.26
CA HIS E 1020 12.91 78.67 66.37
C HIS E 1020 11.42 78.83 66.57
N SER E 1021 10.97 78.68 67.81
CA SER E 1021 9.54 78.64 68.13
C SER E 1021 9.15 79.86 68.94
N TYR E 1022 8.11 80.56 68.48
CA TYR E 1022 7.53 81.70 69.18
C TYR E 1022 6.04 81.47 69.33
N LEU E 1023 5.48 81.98 70.43
CA LEU E 1023 4.06 81.84 70.71
C LEU E 1023 3.45 83.21 70.94
N ILE E 1024 2.36 83.50 70.24
CA ILE E 1024 1.60 84.73 70.43
C ILE E 1024 0.31 84.37 71.15
N ASP E 1025 0.07 85.01 72.29
CA ASP E 1025 -1.15 84.77 73.05
C ASP E 1025 -2.28 85.66 72.49
N GLU E 1026 -3.44 85.62 73.14
CA GLU E 1026 -4.60 86.33 72.62
C GLU E 1026 -4.53 87.84 72.82
N ASN E 1027 -3.63 88.33 73.67
CA ASN E 1027 -3.43 89.77 73.84
C ASN E 1027 -2.30 90.32 72.98
N GLY E 1028 -1.60 89.47 72.24
CA GLY E 1028 -0.52 89.91 71.37
C GLY E 1028 0.87 89.82 71.96
N ARG E 1029 1.03 89.22 73.13
CA ARG E 1029 2.35 89.07 73.73
C ARG E 1029 3.08 87.87 73.13
N ILE E 1030 4.40 87.99 73.03
CA ILE E 1030 5.25 87.01 72.36
C ILE E 1030 6.05 86.26 73.42
N PHE E 1031 5.96 84.93 73.39
CA PHE E 1031 6.63 84.07 74.36
C PHE E 1031 7.59 83.12 73.65
N ASN E 1032 8.70 82.82 74.32
CA ASN E 1032 9.69 81.89 73.80
C ASN E 1032 10.19 80.87 74.81
N LEU E 1033 10.08 81.15 76.12
CA LEU E 1033 10.57 80.29 77.19
C LEU E 1033 12.08 80.13 77.13
N ASP E 1034 12.58 79.41 76.12
CA ASP E 1034 14.02 79.26 75.90
C ASP E 1034 14.32 79.53 74.44
N PRO E 1035 14.86 80.70 74.11
CA PRO E 1035 15.14 81.04 72.72
C PRO E 1035 16.36 80.35 72.12
N TYR E 1036 16.97 79.41 72.82
CA TYR E 1036 18.10 78.67 72.28
C TYR E 1036 17.84 77.17 72.17
N SER E 1037 16.63 76.71 72.48
CA SER E 1037 16.26 75.31 72.35
C SER E 1037 14.94 75.22 71.59
N ASN E 1038 14.44 74.00 71.43
CA ASN E 1038 13.23 73.72 70.66
C ASN E 1038 12.13 73.35 71.64
N LEU E 1039 11.43 74.36 72.15
CA LEU E 1039 10.33 74.16 73.08
C LEU E 1039 9.04 74.69 72.48
N VAL E 1040 7.99 73.89 72.55
CA VAL E 1040 6.69 74.23 72.00
C VAL E 1040 5.63 73.90 73.05
N LEU E 1041 4.43 74.46 72.84
CA LEU E 1041 3.33 74.30 73.78
C LEU E 1041 2.40 73.19 73.29
N ASN E 1042 2.01 72.31 74.21
CA ASN E 1042 1.01 71.30 73.90
C ASN E 1042 -0.37 71.94 73.99
N PRO E 1043 -1.13 72.01 72.89
CA PRO E 1043 -2.41 72.72 72.94
C PRO E 1043 -3.48 72.03 73.78
N PHE E 1044 -3.35 70.73 74.02
CA PHE E 1044 -4.36 70.01 74.80
C PHE E 1044 -4.08 70.07 76.30
N LYS E 1045 -2.81 69.86 76.69
CA LYS E 1045 -2.44 69.91 78.10
C LYS E 1045 -2.02 71.29 78.56
N LEU E 1046 -1.68 72.19 77.62
CA LEU E 1046 -1.25 73.55 77.92
C LEU E 1046 0.01 73.55 78.78
N ASN E 1047 1.07 72.94 78.23
CA ASN E 1047 2.36 72.89 78.89
C ASN E 1047 3.44 72.89 77.82
N TRP E 1048 4.64 73.28 78.22
CA TRP E 1048 5.78 73.27 77.31
C TRP E 1048 6.42 71.89 77.25
N TYR E 1049 7.01 71.57 76.11
CA TYR E 1049 7.78 70.35 75.97
C TYR E 1049 8.80 70.53 74.84
N PHE E 1050 9.82 69.68 74.86
CA PHE E 1050 10.88 69.75 73.87
C PHE E 1050 10.48 69.00 72.60
N LEU E 1051 10.89 69.55 71.46
CA LEU E 1051 10.76 68.83 70.21
C LEU E 1051 11.78 67.68 70.17
N HIS E 1052 11.59 66.78 69.21
CA HIS E 1052 12.40 65.57 69.17
C HIS E 1052 13.80 65.81 68.61
N GLN E 1053 13.97 66.74 67.66
CA GLN E 1053 15.20 66.73 66.88
C GLN E 1053 15.93 68.07 66.85
N ASN E 1054 15.20 69.19 66.89
CA ASN E 1054 15.61 70.55 66.56
C ASN E 1054 15.69 70.76 65.05
N TYR E 1055 15.57 69.70 64.24
CA TYR E 1055 15.31 69.78 62.80
C TYR E 1055 16.28 70.71 62.08
N ASN E 1056 17.55 70.31 62.08
CA ASN E 1056 18.58 71.07 61.38
C ASN E 1056 18.69 70.60 59.94
N THR E 1065 15.30 50.69 57.00
CA THR E 1065 14.98 49.27 57.05
C THR E 1065 15.62 48.52 55.89
N ILE E 1066 15.46 47.19 55.87
CA ILE E 1066 16.10 46.38 54.84
C ILE E 1066 15.37 46.51 53.52
N ILE E 1067 14.07 46.24 53.51
CA ILE E 1067 13.29 46.25 52.28
C ILE E 1067 12.95 47.69 51.93
N SER E 1068 13.20 48.07 50.68
CA SER E 1068 12.91 49.41 50.18
C SER E 1068 11.64 49.41 49.35
N LEU E 1069 10.94 50.53 49.38
CA LEU E 1069 9.68 50.65 48.65
C LEU E 1069 9.91 50.57 47.15
N GLY E 1070 9.03 49.84 46.47
CA GLY E 1070 9.06 49.75 45.02
C GLY E 1070 9.98 48.68 44.45
N GLN E 1071 10.71 47.96 45.28
CA GLN E 1071 11.62 46.94 44.79
C GLN E 1071 10.85 45.69 44.34
N PHE E 1072 11.42 44.98 43.38
CA PHE E 1072 10.85 43.74 42.87
C PHE E 1072 11.60 42.54 43.44
N PHE E 1073 10.85 41.49 43.77
CA PHE E 1073 11.39 40.28 44.37
C PHE E 1073 11.20 39.08 43.44
N CYS E 1074 12.12 38.13 43.51
CA CYS E 1074 11.95 36.84 42.87
C CYS E 1074 11.24 35.87 43.80
N GLU E 1075 10.92 34.69 43.27
CA GLU E 1075 10.03 33.75 43.96
C GLU E 1075 10.67 33.07 45.16
N ASN E 1076 11.99 33.13 45.32
CA ASN E 1076 12.63 32.44 46.44
C ASN E 1076 13.76 33.26 47.05
N VAL E 1077 13.64 34.59 47.04
CA VAL E 1077 14.66 35.43 47.62
C VAL E 1077 14.63 35.30 49.14
N CYS E 1078 15.81 35.24 49.75
CA CYS E 1078 15.96 35.11 51.19
C CYS E 1078 16.29 36.46 51.80
N ILE E 1079 15.47 36.90 52.76
CA ILE E 1079 15.75 38.13 53.48
C ILE E 1079 16.57 37.88 54.74
N ALA E 1080 16.36 36.74 55.40
CA ALA E 1080 17.14 36.34 56.55
C ALA E 1080 17.07 34.83 56.69
N LYS E 1081 18.06 34.26 57.36
CA LYS E 1081 18.10 32.81 57.54
C LYS E 1081 16.90 32.32 58.32
N LYS E 1082 16.50 33.07 59.35
CA LYS E 1082 15.39 32.68 60.22
C LYS E 1082 14.02 33.11 59.68
N GLU E 1083 13.93 33.44 58.39
CA GLU E 1083 12.68 33.95 57.83
C GLU E 1083 12.24 33.10 56.65
N PRO E 1084 10.93 33.00 56.40
CA PRO E 1084 10.45 32.32 55.20
C PRO E 1084 10.83 33.08 53.94
N TYR E 1085 10.98 32.34 52.84
CA TYR E 1085 11.36 32.95 51.58
C TYR E 1085 10.27 33.86 51.04
N LEU E 1086 10.69 34.91 50.35
CA LEU E 1086 9.76 35.89 49.80
C LEU E 1086 9.10 35.35 48.54
N LYS E 1087 7.97 35.97 48.19
CA LYS E 1087 7.25 35.68 46.95
C LYS E 1087 7.53 36.78 45.93
N SER E 1088 7.33 36.44 44.66
CA SER E 1088 7.61 37.39 43.59
C SER E 1088 6.59 38.52 43.57
N GLY E 1089 7.06 39.73 43.33
CA GLY E 1089 6.18 40.87 43.26
C GLY E 1089 6.94 42.15 43.58
N GLN E 1090 6.20 43.24 43.63
CA GLN E 1090 6.73 44.55 43.92
C GLN E 1090 6.28 45.02 45.30
N VAL E 1091 7.19 45.63 46.04
CA VAL E 1091 6.89 46.15 47.37
C VAL E 1091 5.92 47.32 47.22
N LEU E 1092 4.69 47.13 47.68
CA LEU E 1092 3.65 48.15 47.55
C LEU E 1092 3.54 49.01 48.80
N ILE E 1093 3.60 48.40 49.97
CA ILE E 1093 3.45 49.09 51.25
C ILE E 1093 4.61 48.71 52.16
N VAL E 1094 5.20 49.70 52.81
CA VAL E 1094 6.26 49.49 53.79
C VAL E 1094 5.76 49.98 55.14
N GLN E 1095 5.79 49.10 56.14
CA GLN E 1095 5.44 49.49 57.50
C GLN E 1095 6.57 49.13 58.46
N ARG E 1096 6.33 49.27 59.77
CA ARG E 1096 7.41 49.11 60.74
C ARG E 1096 7.92 47.67 60.77
N ASP E 1097 7.01 46.68 60.74
CA ASP E 1097 7.42 45.29 60.86
C ASP E 1097 6.74 44.39 59.83
N SER E 1098 6.26 44.95 58.72
CA SER E 1098 5.62 44.14 57.69
C SER E 1098 5.68 44.88 56.37
N VAL E 1099 5.49 44.13 55.29
CA VAL E 1099 5.50 44.65 53.94
C VAL E 1099 4.35 44.02 53.17
N VAL E 1100 3.65 44.82 52.38
CA VAL E 1100 2.59 44.34 51.50
C VAL E 1100 3.14 44.27 50.09
N ILE E 1101 2.95 43.13 49.44
CA ILE E 1101 3.50 42.86 48.11
C ILE E 1101 2.35 42.79 47.11
N ARG E 1102 2.53 43.45 45.96
CA ARG E 1102 1.64 43.26 44.83
C ARG E 1102 2.20 42.15 43.95
N SER E 1103 1.41 41.09 43.76
CA SER E 1103 1.90 39.91 43.07
C SER E 1103 2.31 40.23 41.65
N ALA E 1104 3.47 39.72 41.24
CA ALA E 1104 3.98 39.90 39.89
C ALA E 1104 4.73 38.65 39.46
N LYS E 1105 4.74 38.39 38.16
CA LYS E 1105 5.41 37.22 37.60
C LYS E 1105 6.46 37.66 36.59
N PRO E 1106 7.73 37.29 36.77
CA PRO E 1106 8.75 37.65 35.80
C PRO E 1106 8.85 36.66 34.65
N TYR E 1107 9.18 37.19 33.48
CA TYR E 1107 9.42 36.40 32.28
C TYR E 1107 10.81 36.69 31.77
N LEU E 1108 11.60 35.64 31.55
CA LEU E 1108 12.95 35.78 31.05
C LEU E 1108 12.94 35.92 29.54
N ALA E 1109 13.65 36.93 29.03
CA ALA E 1109 13.72 37.19 27.60
C ALA E 1109 15.16 37.41 27.19
N THR E 1110 15.54 36.83 26.06
CA THR E 1110 16.89 36.87 25.53
C THR E 1110 17.06 38.03 24.57
N PRO E 1111 18.31 38.43 24.29
CA PRO E 1111 18.52 39.49 23.30
C PRO E 1111 17.94 39.13 21.94
N GLY E 1112 17.37 40.13 21.28
CA GLY E 1112 16.69 39.94 20.02
C GLY E 1112 15.21 39.62 20.14
N ALA E 1113 14.72 39.35 21.35
CA ALA E 1113 13.30 39.12 21.54
C ALA E 1113 12.52 40.43 21.39
N LYS E 1114 11.23 40.31 21.13
CA LYS E 1114 10.36 41.45 20.93
C LYS E 1114 9.29 41.48 22.00
N VAL E 1115 9.13 42.63 22.64
CA VAL E 1115 8.10 42.85 23.66
C VAL E 1115 6.90 43.49 22.98
N HIS E 1116 5.72 42.93 23.22
CA HIS E 1116 4.49 43.42 22.59
C HIS E 1116 3.75 44.30 23.60
N GLY E 1117 4.03 45.60 23.54
CA GLY E 1117 3.36 46.54 24.40
C GLY E 1117 4.27 47.59 24.98
N HIS E 1118 3.77 48.81 25.13
CA HIS E 1118 4.53 49.86 25.78
C HIS E 1118 4.61 49.60 27.28
N TYR E 1119 5.37 50.44 27.97
CA TYR E 1119 5.45 50.34 29.42
C TYR E 1119 4.09 50.62 30.03
N ARG E 1120 3.76 49.86 31.08
CA ARG E 1120 2.51 49.98 31.84
C ARG E 1120 1.29 49.66 30.99
N GLU E 1121 1.47 49.02 29.85
CA GLU E 1121 0.35 48.65 29.00
C GLU E 1121 -0.41 47.47 29.61
N ILE E 1122 -1.74 47.56 29.63
CA ILE E 1122 -2.56 46.52 30.22
C ILE E 1122 -2.56 45.30 29.31
N LEU E 1123 -2.27 44.13 29.88
CA LEU E 1123 -2.29 42.87 29.16
C LEU E 1123 -3.32 41.96 29.79
N TYR E 1124 -4.22 41.42 28.98
CA TYR E 1124 -5.23 40.50 29.45
C TYR E 1124 -4.71 39.07 29.37
N GLU E 1125 -5.35 38.17 30.12
CA GLU E 1125 -4.94 36.79 30.16
C GLU E 1125 -5.01 36.17 28.77
N GLY E 1126 -3.92 35.53 28.36
CA GLY E 1126 -3.81 34.94 27.04
C GLY E 1126 -3.24 35.84 25.96
N ASP E 1127 -3.00 37.12 26.25
CA ASP E 1127 -2.41 38.01 25.27
C ASP E 1127 -0.93 37.70 25.06
N THR E 1128 -0.47 37.91 23.83
CA THR E 1128 0.93 37.69 23.50
C THR E 1128 1.79 38.74 24.21
N LEU E 1129 2.85 38.28 24.88
CA LEU E 1129 3.73 39.14 25.65
C LEU E 1129 5.11 39.30 25.02
N VAL E 1130 5.79 38.19 24.74
CA VAL E 1130 7.11 38.22 24.12
C VAL E 1130 7.11 37.28 22.92
N THR E 1131 7.99 37.57 21.97
CA THR E 1131 8.17 36.74 20.79
C THR E 1131 9.63 36.31 20.70
N PHE E 1132 9.86 35.01 20.63
CA PHE E 1132 11.19 34.44 20.49
C PHE E 1132 11.40 33.92 19.08
N ILE E 1133 12.65 33.94 18.64
CA ILE E 1133 13.06 33.30 17.39
C ILE E 1133 14.15 32.30 17.73
N TYR E 1134 13.96 31.05 17.33
CA TYR E 1134 14.92 30.00 17.59
C TYR E 1134 15.03 29.09 16.37
N GLU E 1135 16.18 28.41 16.26
CA GLU E 1135 16.41 27.49 15.15
C GLU E 1135 15.83 26.12 15.45
N GLY E 1145 13.45 12.47 -0.84
CA GLY E 1145 13.35 11.11 -1.32
C GLY E 1145 12.81 11.00 -2.73
N LEU E 1146 11.54 10.58 -2.83
CA LEU E 1146 10.90 10.46 -4.14
C LEU E 1146 10.82 11.79 -4.89
N PRO E 1147 10.41 12.91 -4.27
CA PRO E 1147 10.49 14.20 -4.99
C PRO E 1147 11.92 14.59 -5.36
N LYS E 1148 12.91 14.19 -4.57
CA LYS E 1148 14.29 14.49 -4.90
C LYS E 1148 14.71 13.79 -6.19
N VAL E 1149 14.28 12.54 -6.39
CA VAL E 1149 14.57 11.83 -7.63
C VAL E 1149 13.91 12.54 -8.81
N GLU E 1150 12.67 12.97 -8.64
CA GLU E 1150 11.97 13.66 -9.72
C GLU E 1150 12.66 14.97 -10.06
N GLN E 1151 13.19 15.67 -9.06
CA GLN E 1151 13.92 16.91 -9.30
C GLN E 1151 15.19 16.65 -10.12
N VAL E 1152 15.92 15.60 -9.79
CA VAL E 1152 17.17 15.31 -10.50
C VAL E 1152 16.88 14.84 -11.92
N LEU E 1153 15.89 13.95 -12.09
CA LEU E 1153 15.63 13.37 -13.40
C LEU E 1153 15.00 14.36 -14.35
N GLU E 1154 14.25 15.33 -13.84
CA GLU E 1154 13.65 16.35 -14.69
C GLU E 1154 14.59 17.52 -14.96
N VAL E 1155 15.71 17.60 -14.25
CA VAL E 1155 16.72 18.64 -14.43
C VAL E 1155 16.10 20.03 -14.38
N SER E 1162 22.96 20.58 -8.18
CA SER E 1162 24.25 20.74 -7.52
C SER E 1162 24.89 22.07 -7.88
N LEU E 1163 25.25 22.85 -6.86
CA LEU E 1163 25.92 24.13 -7.09
C LEU E 1163 27.30 23.92 -7.72
N ASN E 1164 28.01 22.89 -7.30
CA ASN E 1164 29.34 22.61 -7.85
C ASN E 1164 29.27 22.23 -9.31
N LEU E 1165 28.17 21.59 -9.75
CA LEU E 1165 28.02 21.25 -11.16
C LEU E 1165 27.76 22.51 -11.99
N GLU E 1166 26.95 23.42 -11.47
CA GLU E 1166 26.56 24.60 -12.24
C GLU E 1166 27.71 25.59 -12.38
N LYS E 1167 28.59 25.68 -11.37
CA LYS E 1167 29.72 26.60 -11.46
C LYS E 1167 30.78 26.07 -12.41
N ARG E 1168 30.98 24.76 -12.47
CA ARG E 1168 31.98 24.19 -13.38
C ARG E 1168 31.52 24.29 -14.82
N ILE E 1169 30.24 24.04 -15.09
CA ILE E 1169 29.73 24.15 -16.44
C ILE E 1169 29.82 25.59 -16.94
N LYS E 1170 29.42 26.55 -16.10
CA LYS E 1170 29.60 27.95 -16.45
C LYS E 1170 31.08 28.30 -16.60
N GLY E 1171 31.92 27.79 -15.70
CA GLY E 1171 33.34 28.07 -15.79
C GLY E 1171 33.97 27.49 -17.05
N TRP E 1172 33.63 26.23 -17.36
CA TRP E 1172 34.20 25.58 -18.54
C TRP E 1172 33.70 26.23 -19.83
N ASN E 1173 32.44 26.70 -19.84
CA ASN E 1173 31.89 27.28 -21.07
C ASN E 1173 32.63 28.54 -21.49
N ARG E 1174 33.00 29.37 -20.52
CA ARG E 1174 33.60 30.67 -20.82
C ARG E 1174 35.11 30.61 -21.01
N CYS E 1175 35.71 29.42 -20.91
CA CYS E 1175 37.17 29.35 -21.00
C CYS E 1175 37.67 28.37 -22.04
N ILE E 1176 37.01 27.22 -22.22
CA ILE E 1176 37.55 26.18 -23.08
C ILE E 1176 37.55 26.63 -24.55
N THR E 1177 36.50 27.32 -24.97
CA THR E 1177 36.49 27.87 -26.32
C THR E 1177 37.57 28.93 -26.50
N ARG E 1178 37.83 29.73 -25.45
CA ARG E 1178 38.90 30.71 -25.51
C ARG E 1178 40.29 30.08 -25.56
N ILE E 1179 40.41 28.79 -25.28
CA ILE E 1179 41.70 28.12 -25.30
C ILE E 1179 41.89 27.30 -26.56
N LEU E 1180 40.88 26.53 -26.98
CA LEU E 1180 40.99 25.63 -28.10
C LEU E 1180 40.29 26.18 -29.33
N GLY E 1181 40.68 25.67 -30.49
CA GLY E 1181 40.17 26.16 -31.76
C GLY E 1181 38.90 25.48 -32.20
N ILE E 1182 38.73 25.44 -33.52
CA ILE E 1182 37.50 24.96 -34.17
C ILE E 1182 37.38 23.45 -33.99
N PRO E 1183 36.14 22.88 -34.00
CA PRO E 1183 35.92 21.52 -33.51
C PRO E 1183 36.87 20.93 -32.47
N TRP E 1184 37.50 21.75 -31.63
CA TRP E 1184 38.21 21.21 -30.47
C TRP E 1184 37.71 21.89 -29.21
N GLY E 1185 37.41 23.19 -29.29
CA GLY E 1185 36.82 23.87 -28.16
C GLY E 1185 35.43 23.35 -27.83
N PHE E 1186 34.59 23.18 -28.86
CA PHE E 1186 33.26 22.64 -28.63
C PHE E 1186 33.30 21.14 -28.37
N LEU E 1187 34.14 20.41 -29.10
CA LEU E 1187 34.21 18.97 -28.95
C LEU E 1187 34.69 18.58 -27.56
N ILE E 1188 35.84 19.11 -27.13
CA ILE E 1188 36.38 18.75 -25.83
C ILE E 1188 35.55 19.36 -24.71
N GLY E 1189 35.03 20.57 -24.91
CA GLY E 1189 34.18 21.18 -23.90
C GLY E 1189 32.91 20.39 -23.65
N ALA E 1190 32.32 19.84 -24.72
CA ALA E 1190 31.12 19.04 -24.55
C ALA E 1190 31.41 17.71 -23.86
N GLU E 1191 32.57 17.10 -24.17
CA GLU E 1191 32.93 15.86 -23.51
C GLU E 1191 33.11 16.06 -22.00
N LEU E 1192 33.79 17.14 -21.62
CA LEU E 1192 34.03 17.39 -20.20
C LEU E 1192 32.72 17.65 -19.46
N THR E 1193 31.83 18.46 -20.04
CA THR E 1193 30.55 18.74 -19.39
C THR E 1193 29.71 17.48 -19.27
N ILE E 1194 29.65 16.68 -20.35
CA ILE E 1194 28.77 15.52 -20.36
C ILE E 1194 29.29 14.44 -19.42
N VAL E 1195 30.61 14.20 -19.42
CA VAL E 1195 31.18 13.21 -18.52
C VAL E 1195 30.97 13.63 -17.07
N GLN E 1196 31.20 14.90 -16.76
CA GLN E 1196 30.96 15.39 -15.41
C GLN E 1196 29.49 15.27 -15.02
N SER E 1197 28.59 15.62 -15.94
CA SER E 1197 27.16 15.55 -15.66
C SER E 1197 26.72 14.12 -15.38
N ARG E 1198 27.20 13.16 -16.18
CA ARG E 1198 26.80 11.77 -16.00
C ARG E 1198 27.28 11.22 -14.65
N ILE E 1199 28.50 11.57 -14.25
CA ILE E 1199 29.03 11.09 -12.97
C ILE E 1199 28.19 11.64 -11.82
N SER E 1200 27.86 12.93 -11.86
CA SER E 1200 27.08 13.52 -10.77
C SER E 1200 25.63 13.08 -10.79
N LEU E 1201 25.04 12.91 -11.98
CA LEU E 1201 23.64 12.49 -12.05
C LEU E 1201 23.46 11.08 -11.46
N VAL E 1202 24.34 10.15 -11.81
CA VAL E 1202 24.23 8.80 -11.30
C VAL E 1202 24.46 8.77 -9.79
N ASN E 1203 25.46 9.52 -9.32
CA ASN E 1203 25.74 9.58 -7.88
C ASN E 1203 24.55 10.14 -7.11
N LYS E 1204 23.95 11.22 -7.62
CA LYS E 1204 22.82 11.83 -6.94
C LYS E 1204 21.62 10.87 -6.88
N ILE E 1205 21.34 10.18 -7.98
CA ILE E 1205 20.23 9.24 -8.00
C ILE E 1205 20.50 8.07 -7.05
N GLN E 1206 21.71 7.51 -7.10
CA GLN E 1206 22.03 6.38 -6.24
C GLN E 1206 22.17 6.79 -4.78
N LYS E 1207 22.42 8.07 -4.51
CA LYS E 1207 22.47 8.53 -3.12
C LYS E 1207 21.09 8.46 -2.46
N VAL E 1208 20.03 8.72 -3.23
CA VAL E 1208 18.68 8.67 -2.67
C VAL E 1208 18.27 7.23 -2.36
N TYR E 1209 18.48 6.32 -3.31
CA TYR E 1209 18.04 4.95 -3.13
C TYR E 1209 18.87 4.20 -2.10
N ARG E 1210 20.18 4.46 -2.04
CA ARG E 1210 21.03 3.74 -1.11
C ARG E 1210 20.82 4.20 0.33
N SER E 1211 20.37 5.44 0.53
CA SER E 1211 20.01 5.89 1.87
C SER E 1211 18.72 5.25 2.35
N GLN E 1212 17.84 4.85 1.44
CA GLN E 1212 16.60 4.15 1.78
C GLN E 1212 16.77 2.63 1.78
N GLY E 1213 17.97 2.12 1.55
CA GLY E 1213 18.20 0.69 1.51
C GLY E 1213 17.79 0.01 0.23
N VAL E 1214 17.51 0.77 -0.83
CA VAL E 1214 17.07 0.19 -2.10
C VAL E 1214 18.29 -0.04 -2.98
N GLN E 1215 18.50 -1.29 -3.39
CA GLN E 1215 19.65 -1.66 -4.21
C GLN E 1215 19.20 -1.81 -5.67
N ILE E 1216 19.79 -0.99 -6.53
CA ILE E 1216 19.55 -1.04 -7.97
C ILE E 1216 20.89 -1.01 -8.67
N HIS E 1217 21.06 -1.87 -9.67
CA HIS E 1217 22.31 -1.90 -10.42
C HIS E 1217 22.46 -0.60 -11.22
N ASN E 1218 23.71 -0.14 -11.34
CA ASN E 1218 23.98 1.09 -12.06
C ASN E 1218 23.63 1.00 -13.54
N ARG E 1219 23.52 -0.22 -14.08
CA ARG E 1219 23.11 -0.39 -15.47
C ARG E 1219 21.81 0.35 -15.78
N HIS E 1220 20.79 0.13 -14.95
CA HIS E 1220 19.48 0.72 -15.21
C HIS E 1220 19.52 2.24 -15.13
N ILE E 1221 20.24 2.78 -14.15
CA ILE E 1221 20.31 4.24 -14.01
C ILE E 1221 21.13 4.84 -15.15
N GLU E 1222 22.20 4.15 -15.57
CA GLU E 1222 23.02 4.66 -16.66
C GLU E 1222 22.25 4.70 -17.98
N ILE E 1223 21.30 3.79 -18.18
CA ILE E 1223 20.48 3.83 -19.37
C ILE E 1223 19.61 5.09 -19.39
N ILE E 1224 19.00 5.44 -18.25
CA ILE E 1224 18.19 6.64 -18.18
C ILE E 1224 19.05 7.88 -18.37
N VAL E 1225 20.19 7.93 -17.69
CA VAL E 1225 21.05 9.12 -17.73
C VAL E 1225 21.65 9.31 -19.12
N ARG E 1226 21.84 8.23 -19.86
CA ARG E 1226 22.35 8.35 -21.22
C ARG E 1226 21.41 9.20 -22.08
N GLN E 1227 20.10 9.00 -21.94
CA GLN E 1227 19.14 9.77 -22.72
C GLN E 1227 19.10 11.23 -22.27
N ILE E 1228 19.35 11.49 -20.98
CA ILE E 1228 19.34 12.85 -20.47
C ILE E 1228 20.50 13.65 -21.05
N THR E 1229 21.66 13.01 -21.24
CA THR E 1229 22.89 13.70 -21.59
C THR E 1229 23.40 13.32 -22.98
N SER E 1230 22.49 13.09 -23.93
CA SER E 1230 22.87 12.65 -25.27
C SER E 1230 22.62 13.70 -26.35
N LYS E 1231 22.38 14.95 -25.96
CA LYS E 1231 22.02 15.99 -26.90
C LYS E 1231 22.88 17.23 -26.68
N VAL E 1232 23.13 17.96 -27.77
CA VAL E 1232 23.79 19.25 -27.71
C VAL E 1232 22.90 20.26 -28.43
N LEU E 1233 23.06 21.53 -28.08
CA LEU E 1233 22.28 22.61 -28.63
C LEU E 1233 23.18 23.44 -29.53
N VAL E 1234 22.78 23.60 -30.80
CA VAL E 1234 23.54 24.43 -31.72
C VAL E 1234 23.51 25.87 -31.24
N SER E 1235 24.69 26.48 -31.12
CA SER E 1235 24.79 27.80 -30.52
C SER E 1235 24.12 28.85 -31.39
N GLU E 1236 23.82 29.99 -30.77
CA GLU E 1236 23.12 31.06 -31.46
C GLU E 1236 23.91 31.63 -32.63
N GLU E 1237 25.22 31.45 -32.64
CA GLU E 1237 26.07 31.96 -33.71
C GLU E 1237 26.34 30.93 -34.81
N GLY E 1238 25.93 29.68 -34.62
CA GLY E 1238 26.22 28.66 -35.61
C GLY E 1238 25.16 28.57 -36.69
N MET E 1239 25.39 29.25 -37.80
CA MET E 1239 24.46 29.31 -38.91
C MET E 1239 25.12 28.74 -40.16
N SER E 1240 24.46 27.80 -40.79
CA SER E 1240 24.94 27.19 -42.04
C SER E 1240 23.76 26.53 -42.73
N ASN E 1241 24.05 25.83 -43.82
CA ASN E 1241 23.04 25.04 -44.52
C ASN E 1241 22.96 23.62 -43.99
N VAL E 1242 23.74 23.29 -42.97
CA VAL E 1242 23.69 21.98 -42.33
C VAL E 1242 22.92 22.03 -41.02
N PHE E 1243 23.28 22.94 -40.13
CA PHE E 1243 22.59 23.13 -38.86
C PHE E 1243 22.09 24.57 -38.76
N LEU E 1244 20.97 24.73 -38.08
CA LEU E 1244 20.46 26.05 -37.75
C LEU E 1244 20.67 26.34 -36.27
N PRO E 1245 20.90 27.60 -35.90
CA PRO E 1245 21.06 27.92 -34.49
C PRO E 1245 19.83 27.55 -33.67
N GLY E 1246 20.06 27.05 -32.46
CA GLY E 1246 18.98 26.60 -31.61
C GLY E 1246 18.47 25.21 -31.91
N GLU E 1247 19.11 24.47 -32.81
CA GLU E 1247 18.67 23.13 -33.16
C GLU E 1247 19.21 22.11 -32.18
N LEU E 1248 18.39 21.12 -31.87
CA LEU E 1248 18.75 20.04 -30.96
C LEU E 1248 19.21 18.85 -31.79
N ILE E 1249 20.49 18.50 -31.66
CA ILE E 1249 21.08 17.40 -32.42
C ILE E 1249 21.80 16.46 -31.48
N GLY E 1250 21.92 15.20 -31.90
CA GLY E 1250 22.59 14.21 -31.07
C GLY E 1250 24.06 14.54 -30.87
N LEU E 1251 24.60 14.10 -29.74
CA LEU E 1251 25.99 14.35 -29.43
C LEU E 1251 26.92 13.64 -30.41
N LEU E 1252 26.63 12.38 -30.74
CA LEU E 1252 27.48 11.64 -31.66
C LEU E 1252 27.44 12.23 -33.06
N ARG E 1253 26.27 12.67 -33.50
CA ARG E 1253 26.18 13.33 -34.81
C ARG E 1253 26.99 14.63 -34.82
N ALA E 1254 26.92 15.41 -33.74
CA ALA E 1254 27.67 16.66 -33.69
C ALA E 1254 29.18 16.41 -33.69
N GLU E 1255 29.62 15.38 -32.97
CA GLU E 1255 31.05 15.04 -32.96
C GLU E 1255 31.54 14.67 -34.35
N ARG E 1256 30.78 13.82 -35.05
CA ARG E 1256 31.23 13.33 -36.34
C ARG E 1256 31.25 14.44 -37.39
N THR E 1257 30.25 15.33 -37.35
CA THR E 1257 30.24 16.43 -38.30
C THR E 1257 31.37 17.42 -38.04
N GLY E 1258 31.77 17.57 -36.78
CA GLY E 1258 32.88 18.47 -36.47
C GLY E 1258 34.19 18.02 -37.09
N ARG E 1259 34.42 16.70 -37.12
CA ARG E 1259 35.66 16.19 -37.69
C ARG E 1259 35.69 16.34 -39.20
N ALA E 1260 34.53 16.40 -39.85
CA ALA E 1260 34.46 16.40 -41.30
C ALA E 1260 34.20 17.77 -41.92
N LEU E 1261 33.71 18.74 -41.14
CA LEU E 1261 33.35 20.04 -41.66
C LEU E 1261 33.88 21.14 -40.75
N GLU E 1262 34.05 22.33 -41.33
CA GLU E 1262 34.32 23.56 -40.58
C GLU E 1262 33.29 24.62 -40.97
N GLU E 1263 32.02 24.23 -40.94
CA GLU E 1263 30.91 25.04 -41.43
C GLU E 1263 30.20 25.77 -40.29
N ALA E 1264 30.95 26.23 -39.30
CA ALA E 1264 30.39 26.91 -38.12
C ALA E 1264 29.47 25.97 -37.36
N ILE E 1265 29.96 24.77 -37.09
CA ILE E 1265 29.24 23.79 -36.27
C ILE E 1265 29.65 24.07 -34.83
N CYS E 1266 28.89 24.95 -34.18
CA CYS E 1266 29.16 25.36 -32.81
C CYS E 1266 28.00 24.93 -31.93
N TYR E 1267 28.30 24.24 -30.84
CA TYR E 1267 27.27 23.63 -30.02
C TYR E 1267 27.73 23.53 -28.58
N ARG E 1268 26.76 23.48 -27.67
CA ARG E 1268 27.00 23.25 -26.26
C ARG E 1268 26.16 22.07 -25.79
N ALA E 1269 26.71 21.31 -24.86
CA ALA E 1269 25.96 20.22 -24.25
C ALA E 1269 24.79 20.78 -23.44
N VAL E 1270 23.66 20.10 -23.52
CA VAL E 1270 22.45 20.49 -22.81
C VAL E 1270 21.92 19.31 -22.02
N LEU E 1271 21.45 19.56 -20.80
CA LEU E 1271 20.83 18.55 -19.97
C LEU E 1271 19.33 18.59 -20.18
N LEU E 1272 18.78 17.52 -20.76
CA LEU E 1272 17.36 17.41 -21.01
C LEU E 1272 16.71 16.56 -19.93
N GLY E 1273 15.69 17.10 -19.28
CA GLY E 1273 14.89 16.28 -18.38
C GLY E 1273 14.13 15.21 -19.13
N ILE E 1274 13.75 14.16 -18.42
CA ILE E 1274 13.15 13.00 -19.07
C ILE E 1274 11.83 13.38 -19.75
N THR E 1275 11.16 14.43 -19.28
CA THR E 1275 9.97 14.91 -19.98
C THR E 1275 10.34 15.57 -21.30
N ARG E 1276 11.34 16.47 -21.27
CA ARG E 1276 11.74 17.15 -22.49
C ARG E 1276 12.43 16.20 -23.47
N ALA E 1277 13.14 15.20 -22.96
CA ALA E 1277 13.75 14.20 -23.83
C ALA E 1277 12.71 13.32 -24.50
N SER E 1278 11.58 13.09 -23.84
CA SER E 1278 10.52 12.27 -24.41
C SER E 1278 9.74 12.99 -25.51
N LEU E 1279 9.86 14.31 -25.59
CA LEU E 1279 9.19 15.10 -26.62
C LEU E 1279 10.12 15.51 -27.74
N ASN E 1280 11.32 14.94 -27.80
CA ASN E 1280 12.29 15.21 -28.85
C ASN E 1280 12.87 13.90 -29.38
N THR E 1281 11.98 12.95 -29.67
CA THR E 1281 12.35 11.63 -30.13
C THR E 1281 12.25 11.55 -31.65
N GLN E 1282 12.44 10.35 -32.19
CA GLN E 1282 12.35 10.11 -33.63
C GLN E 1282 10.96 9.67 -34.07
N SER E 1283 9.99 9.64 -33.16
CA SER E 1283 8.64 9.17 -33.47
C SER E 1283 7.63 10.20 -32.97
N PHE E 1284 6.89 10.82 -33.90
CA PHE E 1284 5.84 11.74 -33.48
C PHE E 1284 4.67 11.01 -32.86
N ILE E 1285 4.49 9.72 -33.16
CA ILE E 1285 3.42 8.95 -32.55
C ILE E 1285 3.66 8.77 -31.05
N SER E 1286 4.90 8.48 -30.66
CA SER E 1286 5.22 8.36 -29.25
C SER E 1286 5.05 9.68 -28.51
N GLU E 1287 5.49 10.78 -29.13
CA GLU E 1287 5.33 12.09 -28.51
C GLU E 1287 3.86 12.47 -28.37
N ALA E 1288 3.06 12.21 -29.41
CA ALA E 1288 1.66 12.62 -29.38
C ALA E 1288 0.85 11.81 -28.38
N SER E 1289 1.27 10.58 -28.08
CA SER E 1289 0.58 9.75 -27.11
C SER E 1289 1.14 9.93 -25.70
N PHE E 1290 2.17 10.74 -25.53
CA PHE E 1290 2.75 11.00 -24.21
C PHE E 1290 2.17 12.26 -23.59
N GLN E 1291 2.39 13.41 -24.22
CA GLN E 1291 1.91 14.69 -23.72
C GLN E 1291 1.73 15.65 -24.90
N GLU E 1292 0.95 16.70 -24.66
CA GLU E 1292 0.71 17.81 -25.58
C GLU E 1292 0.51 17.32 -27.02
N THR E 1293 -0.57 16.55 -27.19
CA THR E 1293 -0.83 15.89 -28.47
C THR E 1293 -1.08 16.90 -29.59
N ALA E 1294 -1.85 17.94 -29.31
CA ALA E 1294 -2.21 18.90 -30.37
C ALA E 1294 -0.99 19.66 -30.87
N ARG E 1295 -0.10 20.08 -29.96
CA ARG E 1295 1.11 20.77 -30.39
C ARG E 1295 2.03 19.86 -31.20
N VAL E 1296 2.14 18.59 -30.78
CA VAL E 1296 3.01 17.66 -31.49
C VAL E 1296 2.49 17.39 -32.90
N LEU E 1297 1.19 17.14 -33.02
CA LEU E 1297 0.63 16.80 -34.32
C LEU E 1297 0.57 18.00 -35.26
N ALA E 1298 0.34 19.20 -34.73
CA ALA E 1298 0.30 20.38 -35.59
C ALA E 1298 1.65 20.64 -36.24
N LYS E 1299 2.73 20.52 -35.47
CA LYS E 1299 4.06 20.75 -36.02
C LYS E 1299 4.45 19.66 -37.01
N ALA E 1300 4.21 18.40 -36.67
CA ALA E 1300 4.60 17.30 -37.54
C ALA E 1300 3.81 17.31 -38.85
N ALA E 1301 2.52 17.63 -38.78
CA ALA E 1301 1.69 17.62 -39.99
C ALA E 1301 2.12 18.71 -40.97
N LEU E 1302 2.63 19.83 -40.47
CA LEU E 1302 2.99 20.94 -41.34
C LEU E 1302 4.25 20.65 -42.15
N ARG E 1303 5.10 19.74 -41.68
CA ARG E 1303 6.33 19.39 -42.39
C ARG E 1303 6.29 17.99 -42.98
N GLY E 1304 5.16 17.30 -42.90
CA GLY E 1304 5.04 15.96 -43.43
C GLY E 1304 5.98 14.97 -42.76
N ARG E 1305 6.01 14.99 -41.43
CA ARG E 1305 6.93 14.16 -40.68
C ARG E 1305 6.63 12.69 -40.88
N ILE E 1306 7.70 11.89 -40.96
CA ILE E 1306 7.60 10.45 -41.18
C ILE E 1306 8.06 9.72 -39.92
N ASP E 1307 7.29 8.73 -39.51
CA ASP E 1307 7.63 7.86 -38.39
C ASP E 1307 7.93 6.48 -38.95
N TRP E 1308 9.14 5.99 -38.71
CA TRP E 1308 9.58 4.70 -39.25
C TRP E 1308 9.30 3.54 -38.29
N LEU E 1309 8.66 3.80 -37.16
CA LEU E 1309 8.13 2.75 -36.29
C LEU E 1309 9.22 1.81 -35.79
N LYS E 1310 10.32 2.40 -35.32
CA LYS E 1310 11.42 1.60 -34.78
C LYS E 1310 11.18 1.22 -33.32
N GLY E 1311 10.46 2.05 -32.58
CA GLY E 1311 10.28 1.83 -31.16
C GLY E 1311 9.16 0.85 -30.84
N LEU E 1312 8.89 0.73 -29.54
CA LEU E 1312 7.91 -0.25 -29.06
C LEU E 1312 6.50 0.33 -28.97
N LYS E 1313 6.35 1.49 -28.33
CA LYS E 1313 5.02 2.06 -28.17
C LYS E 1313 4.43 2.47 -29.51
N GLU E 1314 5.27 2.79 -30.49
CA GLU E 1314 4.78 3.10 -31.83
C GLU E 1314 3.97 1.94 -32.40
N ASN E 1315 4.52 0.73 -32.32
CA ASN E 1315 3.86 -0.44 -32.88
C ASN E 1315 2.70 -0.90 -32.01
N VAL E 1316 2.73 -0.60 -30.71
CA VAL E 1316 1.60 -0.92 -29.84
C VAL E 1316 0.37 -0.15 -30.27
N VAL E 1317 0.53 1.13 -30.61
CA VAL E 1317 -0.59 1.94 -31.06
C VAL E 1317 -1.16 1.39 -32.36
N LEU E 1318 -0.28 0.97 -33.28
CA LEU E 1318 -0.72 0.42 -34.56
C LEU E 1318 -1.25 -1.00 -34.44
N GLY E 1319 -1.11 -1.64 -33.28
CA GLY E 1319 -1.60 -2.99 -33.11
C GLY E 1319 -0.80 -4.06 -33.80
N GLY E 1320 0.47 -3.81 -34.09
CA GLY E 1320 1.34 -4.78 -34.72
C GLY E 1320 2.15 -5.57 -33.71
N VAL E 1321 3.22 -6.18 -34.20
CA VAL E 1321 4.15 -6.94 -33.38
C VAL E 1321 5.34 -6.04 -33.07
N ILE E 1322 5.64 -5.86 -31.79
CA ILE E 1322 6.71 -4.99 -31.36
C ILE E 1322 8.05 -5.56 -31.79
N PRO E 1323 9.02 -4.74 -32.16
CA PRO E 1323 10.35 -5.23 -32.60
C PRO E 1323 11.27 -5.59 -31.44
N ALA E 1324 10.79 -6.45 -30.55
CA ALA E 1324 11.56 -6.91 -29.40
C ALA E 1324 11.05 -8.25 -28.97
N GLY E 1325 11.88 -8.98 -28.23
CA GLY E 1325 11.50 -10.30 -27.77
C GLY E 1325 11.30 -11.24 -28.93
N THR E 1326 10.16 -11.94 -28.94
CA THR E 1326 9.86 -12.85 -30.03
C THR E 1326 9.51 -12.13 -31.32
N GLY E 1327 9.23 -10.83 -31.26
CA GLY E 1327 9.02 -10.01 -32.43
C GLY E 1327 10.27 -9.39 -32.99
N PHE E 1328 11.41 -9.58 -32.34
CA PHE E 1328 12.66 -9.00 -32.81
C PHE E 1328 13.13 -9.69 -34.09
N ASN E 1329 13.58 -8.89 -35.06
CA ASN E 1329 14.11 -9.37 -36.32
C ASN E 1329 13.08 -10.22 -37.08
N LYS E 1330 11.86 -9.70 -37.18
CA LYS E 1330 10.77 -10.35 -37.90
C LYS E 1330 10.51 -11.77 -37.38
N GLY E 1331 10.57 -11.93 -36.06
CA GLY E 1331 10.36 -13.22 -35.44
C GLY E 1331 11.48 -14.20 -35.73
N ASP E 1360 7.90 -36.75 -66.39
CA ASP E 1360 8.49 -37.82 -65.60
C ASP E 1360 9.15 -38.86 -66.51
N ILE E 1361 10.45 -38.68 -66.75
CA ILE E 1361 11.25 -39.64 -67.50
C ILE E 1361 11.43 -40.88 -66.65
N LEU E 1362 11.96 -41.95 -67.25
CA LEU E 1362 12.18 -43.25 -66.62
C LEU E 1362 10.87 -43.99 -66.42
N PHE E 1363 9.75 -43.32 -66.73
CA PHE E 1363 8.44 -43.94 -66.78
C PHE E 1363 8.01 -44.02 -68.23
N TYR E 1364 7.39 -45.13 -68.61
CA TYR E 1364 7.05 -45.44 -69.99
C TYR E 1364 8.29 -45.54 -70.86
N HIS E 1365 9.44 -45.87 -70.26
CA HIS E 1365 10.67 -46.12 -70.99
C HIS E 1365 11.40 -47.31 -70.39
N ARG E 1366 10.66 -48.36 -70.07
CA ARG E 1366 11.22 -49.57 -69.48
C ARG E 1366 11.51 -50.59 -70.58
N GLU E 1367 12.20 -51.67 -70.18
CA GLU E 1367 12.50 -52.74 -71.13
C GLU E 1367 11.23 -53.50 -71.49
N PHE E 1368 11.05 -53.73 -72.79
CA PHE E 1368 9.86 -54.43 -73.25
C PHE E 1368 9.82 -55.86 -72.71
N CYS E 1369 10.97 -56.54 -72.71
CA CYS E 1369 11.10 -57.89 -72.19
C CYS E 1369 10.16 -58.86 -72.91
N VAL F 63 32.57 -63.95 -68.72
CA VAL F 63 33.16 -63.29 -69.88
C VAL F 63 34.42 -64.02 -70.32
N SER F 64 34.40 -64.53 -71.55
CA SER F 64 35.56 -65.22 -72.10
C SER F 64 36.60 -64.20 -72.56
N ALA F 65 37.76 -64.71 -72.99
CA ALA F 65 38.79 -63.83 -73.51
C ALA F 65 38.44 -63.31 -74.90
N LEU F 66 37.75 -64.13 -75.70
CA LEU F 66 37.33 -63.68 -77.03
C LEU F 66 36.31 -62.56 -76.94
N GLU F 67 35.37 -62.66 -76.02
CA GLU F 67 34.38 -61.59 -75.83
C GLU F 67 35.05 -60.29 -75.40
N ARG F 68 36.03 -60.38 -74.49
CA ARG F 68 36.73 -59.18 -74.03
C ARG F 68 37.53 -58.54 -75.16
N SER F 69 38.13 -59.37 -76.03
CA SER F 69 38.89 -58.83 -77.15
C SER F 69 37.99 -58.07 -78.12
N LEU F 70 36.80 -58.61 -78.40
CA LEU F 70 35.90 -57.92 -79.31
C LEU F 70 35.34 -56.65 -78.70
N ARG F 71 35.00 -56.68 -77.41
CA ARG F 71 34.45 -55.49 -76.77
C ARG F 71 35.46 -54.35 -76.77
N LEU F 72 36.75 -54.66 -76.62
CA LEU F 72 37.76 -53.61 -76.65
C LEU F 72 37.81 -52.92 -78.01
N THR F 73 37.79 -53.70 -79.09
CA THR F 73 37.87 -53.08 -80.42
C THR F 73 36.54 -52.46 -80.83
N PHE F 74 35.42 -52.96 -80.31
CA PHE F 74 34.13 -52.32 -80.58
C PHE F 74 34.00 -51.02 -79.81
N MET F 75 34.43 -51.01 -78.53
CA MET F 75 34.39 -49.79 -77.75
C MET F 75 35.48 -48.81 -78.15
N ASP F 76 36.57 -49.29 -78.77
CA ASP F 76 37.55 -48.38 -79.33
C ASP F 76 36.97 -47.60 -80.50
N GLU F 77 36.29 -48.29 -81.41
CA GLU F 77 35.69 -47.61 -82.56
C GLU F 77 34.55 -46.70 -82.13
N LEU F 78 33.73 -47.15 -81.17
CA LEU F 78 32.59 -46.36 -80.74
C LEU F 78 33.03 -45.05 -80.09
N MET F 79 34.00 -45.14 -79.17
CA MET F 79 34.45 -43.95 -78.47
C MET F 79 35.32 -43.05 -79.34
N GLU F 80 35.87 -43.56 -80.44
CA GLU F 80 36.60 -42.71 -81.37
C GLU F 80 35.67 -41.94 -82.31
N ARG F 81 34.39 -42.30 -82.37
CA ARG F 81 33.41 -41.54 -83.12
C ARG F 81 32.57 -40.62 -82.24
N ALA F 82 32.38 -40.98 -80.96
CA ALA F 82 31.76 -40.05 -80.03
C ALA F 82 32.65 -38.83 -79.81
N ARG F 83 33.96 -39.04 -79.65
CA ARG F 83 34.89 -37.93 -79.57
C ARG F 83 35.06 -37.22 -80.89
N ASN F 84 34.71 -37.88 -82.00
CA ASN F 84 34.74 -37.25 -83.31
C ASN F 84 33.47 -36.46 -83.62
N ARG F 85 32.54 -36.42 -82.66
CA ARG F 85 31.27 -35.71 -82.84
C ARG F 85 30.50 -36.25 -84.05
N ASP F 86 30.36 -37.57 -84.09
CA ASP F 86 29.68 -38.27 -85.18
C ASP F 86 28.64 -39.21 -84.58
N PRO F 87 27.46 -38.68 -84.22
CA PRO F 87 26.41 -39.55 -83.67
C PRO F 87 25.96 -40.63 -84.63
N SER F 88 26.00 -40.38 -85.93
CA SER F 88 25.63 -41.41 -86.91
C SER F 88 26.58 -42.59 -86.86
N GLY F 89 27.89 -42.33 -86.76
CA GLY F 89 28.86 -43.41 -86.67
C GLY F 89 28.73 -44.21 -85.40
N VAL F 90 28.45 -43.54 -84.28
CA VAL F 90 28.26 -44.24 -83.01
C VAL F 90 27.03 -45.14 -83.07
N SER F 91 26.06 -44.81 -83.92
CA SER F 91 24.89 -45.68 -84.07
C SER F 91 25.23 -46.91 -84.90
N GLU F 92 26.12 -46.76 -85.89
CA GLU F 92 26.49 -47.90 -86.71
C GLU F 92 27.23 -48.96 -85.91
N VAL F 93 28.11 -48.54 -84.99
CA VAL F 93 28.87 -49.49 -84.21
C VAL F 93 27.98 -50.26 -83.26
N ILE F 94 26.97 -49.60 -82.69
CA ILE F 94 26.04 -50.28 -81.79
C ILE F 94 25.31 -51.39 -82.54
N TYR F 95 24.93 -51.13 -83.80
CA TYR F 95 24.31 -52.18 -84.60
C TYR F 95 25.32 -53.24 -85.02
N ASP F 96 26.60 -52.88 -85.12
CA ASP F 96 27.63 -53.88 -85.30
C ASP F 96 27.75 -54.77 -84.07
N MET F 97 27.64 -54.19 -82.88
CA MET F 97 27.65 -54.98 -81.65
C MET F 97 26.45 -55.93 -81.60
N ILE F 98 25.28 -55.44 -82.02
CA ILE F 98 24.09 -56.29 -82.03
C ILE F 98 24.26 -57.44 -83.01
N ALA F 99 24.85 -57.17 -84.17
CA ALA F 99 25.10 -58.22 -85.15
C ALA F 99 26.06 -59.27 -84.60
N ALA F 100 27.09 -58.84 -83.88
CA ALA F 100 28.03 -59.77 -83.26
C ALA F 100 27.44 -60.47 -82.04
N GLY F 101 26.27 -60.04 -81.57
CA GLY F 101 25.67 -60.61 -80.38
C GLY F 101 26.05 -59.93 -79.08
N LEU F 102 26.98 -58.98 -79.12
CA LEU F 102 27.35 -58.24 -77.91
C LEU F 102 26.21 -57.32 -77.48
N SER F 103 25.96 -57.27 -76.18
CA SER F 103 24.89 -56.44 -75.64
C SER F 103 25.45 -55.07 -75.28
N PRO F 104 24.94 -53.98 -75.86
CA PRO F 104 25.45 -52.65 -75.52
C PRO F 104 25.15 -52.30 -74.06
N GLY F 105 26.21 -51.98 -73.32
CA GLY F 105 26.07 -51.65 -71.92
C GLY F 105 25.88 -50.16 -71.70
N PRO F 106 25.92 -49.74 -70.43
CA PRO F 106 25.75 -48.31 -70.13
C PRO F 106 26.79 -47.42 -70.78
N ARG F 107 28.02 -47.91 -70.94
CA ARG F 107 29.08 -47.08 -71.52
C ARG F 107 29.01 -47.00 -73.03
N SER F 108 28.28 -47.91 -73.68
CA SER F 108 28.08 -47.80 -75.12
C SER F 108 27.03 -46.74 -75.45
N PHE F 109 25.96 -46.67 -74.67
CA PHE F 109 24.97 -45.63 -74.86
C PHE F 109 25.47 -44.28 -74.35
N HIS F 110 26.43 -44.27 -73.44
CA HIS F 110 27.05 -43.03 -73.03
C HIS F 110 27.77 -42.36 -74.21
N GLY F 111 28.46 -43.16 -75.02
CA GLY F 111 29.08 -42.61 -76.22
C GLY F 111 28.08 -42.07 -77.23
N LEU F 112 26.89 -42.67 -77.27
CA LEU F 112 25.86 -42.18 -78.18
C LEU F 112 25.26 -40.87 -77.67
N VAL F 113 25.05 -40.76 -76.36
CA VAL F 113 24.54 -39.52 -75.78
C VAL F 113 25.55 -38.39 -75.98
N VAL F 114 26.83 -38.67 -75.70
CA VAL F 114 27.86 -37.65 -75.78
C VAL F 114 28.00 -37.15 -77.21
N ALA F 115 27.96 -38.05 -78.19
CA ALA F 115 28.13 -37.65 -79.59
C ALA F 115 27.04 -36.68 -80.01
N HIS F 116 25.78 -36.96 -79.65
CA HIS F 116 24.70 -36.01 -79.91
C HIS F 116 24.87 -34.74 -79.10
N ALA F 117 25.25 -34.88 -77.82
CA ALA F 117 25.36 -33.71 -76.95
C ALA F 117 26.43 -32.75 -77.43
N LEU F 118 27.56 -33.28 -77.92
CA LEU F 118 28.64 -32.42 -78.38
C LEU F 118 28.24 -31.64 -79.62
N ASN F 119 27.39 -32.20 -80.49
CA ASN F 119 26.89 -31.46 -81.64
C ASN F 119 25.55 -30.78 -81.34
N GLY F 120 25.48 -30.10 -80.20
CA GLY F 120 24.32 -29.32 -79.80
C GLY F 120 22.96 -29.88 -80.16
N ASP F 121 22.79 -31.19 -80.03
CA ASP F 121 21.58 -31.88 -80.49
C ASP F 121 20.84 -32.42 -79.28
N GLU F 122 19.85 -31.66 -78.81
CA GLU F 122 19.11 -32.05 -77.62
C GLU F 122 18.10 -33.15 -77.89
N GLN F 123 17.51 -33.16 -79.09
CA GLN F 123 16.49 -34.16 -79.41
C GLN F 123 17.11 -35.53 -79.64
N GLY F 124 18.23 -35.59 -80.36
CA GLY F 124 18.89 -36.86 -80.57
C GLY F 124 19.48 -37.43 -79.29
N ALA F 125 20.04 -36.57 -78.45
CA ALA F 125 20.58 -37.03 -77.17
C ALA F 125 19.49 -37.56 -76.26
N MET F 126 18.33 -36.90 -76.24
CA MET F 126 17.20 -37.43 -75.48
C MET F 126 16.69 -38.73 -76.07
N HIS F 127 16.69 -38.84 -77.40
CA HIS F 127 16.32 -40.09 -78.05
C HIS F 127 17.31 -41.21 -77.70
N SER F 128 18.60 -40.87 -77.64
CA SER F 128 19.60 -41.86 -77.26
C SER F 128 19.38 -42.35 -75.83
N LEU F 129 18.96 -41.44 -74.93
CA LEU F 129 18.65 -41.85 -73.57
C LEU F 129 17.47 -42.81 -73.53
N ARG F 130 16.47 -42.58 -74.38
CA ARG F 130 15.33 -43.47 -74.44
C ARG F 130 15.72 -44.84 -74.95
N LYS F 131 16.67 -44.89 -75.90
CA LYS F 131 17.21 -46.18 -76.34
C LYS F 131 17.89 -46.91 -75.19
N GLU F 132 18.67 -46.19 -74.39
CA GLU F 132 19.36 -46.81 -73.26
C GLU F 132 18.39 -47.35 -72.23
N LEU F 133 17.37 -46.54 -71.88
CA LEU F 133 16.35 -47.00 -70.95
C LEU F 133 15.53 -48.13 -71.54
N GLY F 134 15.21 -48.05 -72.83
CA GLY F 134 14.45 -49.10 -73.50
C GLY F 134 15.21 -50.40 -73.64
N ALA F 135 16.54 -50.34 -73.60
CA ALA F 135 17.36 -51.55 -73.64
C ALA F 135 17.56 -52.17 -72.27
N GLY F 136 17.00 -51.57 -71.22
CA GLY F 136 17.14 -52.08 -69.88
C GLY F 136 18.42 -51.69 -69.18
N GLN F 137 19.25 -50.84 -69.79
CA GLN F 137 20.51 -50.44 -69.20
C GLN F 137 20.31 -49.25 -68.26
N ARG F 138 21.22 -49.13 -67.30
CA ARG F 138 21.16 -48.07 -66.31
C ARG F 138 22.13 -46.97 -66.71
N PRO F 139 21.66 -45.76 -67.02
CA PRO F 139 22.57 -44.70 -67.46
C PRO F 139 23.57 -44.33 -66.37
N LEU F 140 24.78 -44.04 -66.80
CA LEU F 140 25.84 -43.65 -65.88
C LEU F 140 25.55 -42.26 -65.31
N PRO F 141 26.06 -41.96 -64.11
CA PRO F 141 25.90 -40.60 -63.58
C PRO F 141 26.50 -39.54 -64.48
N GLU F 142 27.61 -39.87 -65.14
CA GLU F 142 28.20 -38.94 -66.10
C GLU F 142 27.31 -38.75 -67.33
N THR F 143 26.58 -39.79 -67.71
CA THR F 143 25.68 -39.68 -68.86
C THR F 143 24.56 -38.67 -68.59
N MET F 144 24.00 -38.70 -67.38
CA MET F 144 22.96 -37.75 -67.04
C MET F 144 23.50 -36.33 -66.95
N ILE F 145 24.74 -36.18 -66.46
CA ILE F 145 25.34 -34.86 -66.37
C ILE F 145 25.57 -34.26 -67.75
N ALA F 146 25.90 -35.09 -68.75
CA ALA F 146 26.05 -34.59 -70.11
C ALA F 146 24.72 -34.08 -70.66
N LEU F 147 23.63 -34.75 -70.32
CA LEU F 147 22.31 -34.28 -70.75
C LEU F 147 21.87 -33.05 -69.99
N VAL F 148 22.17 -32.99 -68.68
CA VAL F 148 21.79 -31.83 -67.87
C VAL F 148 22.55 -30.59 -68.35
N ARG F 149 23.85 -30.73 -68.58
CA ARG F 149 24.65 -29.60 -69.06
C ARG F 149 24.20 -29.17 -70.45
N LEU F 150 23.81 -30.12 -71.30
CA LEU F 150 23.31 -29.75 -72.63
C LEU F 150 22.00 -28.98 -72.53
N SER F 151 21.11 -29.38 -71.63
CA SER F 151 19.83 -28.69 -71.48
C SER F 151 20.05 -27.25 -71.03
N GLY F 152 21.00 -27.02 -70.12
CA GLY F 152 21.28 -25.67 -69.67
C GLY F 152 21.83 -24.79 -70.76
N SER F 153 22.64 -25.36 -71.65
CA SER F 153 23.24 -24.57 -72.73
C SER F 153 22.19 -24.06 -73.71
N LYS F 154 21.09 -24.78 -73.86
CA LYS F 154 19.99 -24.36 -74.70
C LYS F 154 18.93 -23.56 -73.94
N GLY F 155 19.12 -23.35 -72.64
CA GLY F 155 18.13 -22.65 -71.85
C GLY F 155 16.91 -23.47 -71.49
N ASN F 156 16.97 -24.79 -71.64
CA ASN F 156 15.83 -25.66 -71.36
C ASN F 156 15.89 -26.07 -69.89
N ALA F 157 15.39 -25.18 -69.04
CA ALA F 157 15.41 -25.44 -67.60
C ALA F 157 14.42 -26.54 -67.22
N GLN F 158 13.30 -26.65 -67.92
CA GLN F 158 12.32 -27.67 -67.60
C GLN F 158 12.89 -29.07 -67.84
N ARG F 159 13.57 -29.26 -68.97
CA ARG F 159 14.21 -30.55 -69.24
C ARG F 159 15.36 -30.79 -68.28
N GLY F 160 16.11 -29.73 -67.94
CA GLY F 160 17.19 -29.88 -66.98
C GLY F 160 16.69 -30.33 -65.62
N LEU F 161 15.51 -29.84 -65.21
CA LEU F 161 14.92 -30.27 -63.94
C LEU F 161 14.33 -31.66 -64.02
N GLU F 162 13.79 -32.05 -65.18
CA GLU F 162 13.29 -33.41 -65.35
C GLU F 162 14.43 -34.42 -65.24
N LEU F 163 15.59 -34.11 -65.83
CA LEU F 163 16.72 -35.02 -65.75
C LEU F 163 17.27 -35.10 -64.32
N LEU F 164 17.26 -33.99 -63.59
CA LEU F 164 17.69 -34.03 -62.20
C LEU F 164 16.78 -34.92 -61.36
N ALA F 165 15.48 -34.89 -61.65
CA ALA F 165 14.55 -35.78 -60.95
C ALA F 165 14.84 -37.23 -61.28
N ALA F 166 15.24 -37.51 -62.53
CA ALA F 166 15.61 -38.87 -62.90
C ALA F 166 16.83 -39.35 -62.13
N MET F 167 17.84 -38.50 -61.98
CA MET F 167 19.03 -38.88 -61.22
C MET F 167 18.70 -39.19 -59.78
N GLU F 168 17.81 -38.40 -59.17
CA GLU F 168 17.33 -38.70 -57.82
C GLU F 168 16.59 -40.03 -57.80
N LYS F 169 15.78 -40.29 -58.81
CA LYS F 169 15.09 -41.58 -58.92
C LYS F 169 16.09 -42.72 -59.09
N LEU F 170 17.12 -42.50 -59.91
CA LEU F 170 18.21 -43.46 -60.07
C LEU F 170 19.13 -43.53 -58.85
N ASN F 171 18.81 -42.80 -57.79
CA ASN F 171 19.56 -42.78 -56.54
C ASN F 171 20.97 -42.21 -56.69
N TYR F 172 21.20 -41.39 -57.71
CA TYR F 172 22.48 -40.70 -57.85
C TYR F 172 22.52 -39.49 -56.92
N ASP F 173 23.62 -38.75 -56.98
CA ASP F 173 23.81 -37.54 -56.20
C ASP F 173 23.66 -36.35 -57.13
N ILE F 174 22.56 -35.60 -56.97
CA ILE F 174 22.22 -34.54 -57.91
C ILE F 174 22.86 -33.19 -57.57
N ARG F 175 23.62 -33.11 -56.48
CA ARG F 175 24.21 -31.83 -56.10
C ARG F 175 25.16 -31.32 -57.18
N GLN F 176 26.04 -32.19 -57.67
CA GLN F 176 27.02 -31.75 -58.67
C GLN F 176 26.33 -31.41 -59.99
N ALA F 177 25.33 -32.20 -60.38
CA ALA F 177 24.61 -31.90 -61.63
C ALA F 177 23.77 -30.65 -61.50
N TRP F 178 23.22 -30.39 -60.31
CA TRP F 178 22.49 -29.15 -60.10
C TRP F 178 23.41 -27.93 -60.18
N LEU F 179 24.62 -28.05 -59.65
CA LEU F 179 25.59 -26.96 -59.77
C LEU F 179 25.93 -26.67 -61.22
N ILE F 180 26.05 -27.72 -62.04
CA ILE F 180 26.38 -27.54 -63.45
C ILE F 180 25.22 -26.89 -64.19
N LEU F 181 23.98 -27.29 -63.88
CA LEU F 181 22.82 -26.76 -64.58
C LEU F 181 22.68 -25.25 -64.38
N VAL F 182 22.90 -24.77 -63.16
CA VAL F 182 22.74 -23.35 -62.86
C VAL F 182 23.81 -22.52 -63.58
N GLU F 183 25.05 -23.01 -63.61
CA GLU F 183 26.12 -22.26 -64.25
C GLU F 183 25.93 -22.17 -65.75
N GLU F 184 25.39 -23.21 -66.39
CA GLU F 184 25.13 -23.17 -67.82
C GLU F 184 24.09 -22.11 -68.15
N LEU F 185 23.02 -22.03 -67.36
CA LEU F 185 21.98 -21.04 -67.61
C LEU F 185 22.51 -19.62 -67.43
N VAL F 186 23.33 -19.40 -66.41
CA VAL F 186 23.93 -18.09 -66.21
C VAL F 186 24.84 -17.73 -67.37
N ARG F 187 25.67 -18.69 -67.80
CA ARG F 187 26.60 -18.44 -68.89
C ARG F 187 25.89 -18.14 -70.20
N THR F 188 24.78 -18.83 -70.47
CA THR F 188 24.03 -18.66 -71.70
C THR F 188 22.97 -17.57 -71.61
N ASN F 189 23.13 -16.62 -70.69
CA ASN F 189 22.23 -15.47 -70.53
C ASN F 189 20.78 -15.91 -70.34
N HIS F 190 20.60 -16.87 -69.43
CA HIS F 190 19.27 -17.29 -69.02
C HIS F 190 19.12 -17.08 -67.51
N LEU F 191 19.52 -15.89 -67.06
CA LEU F 191 19.58 -15.61 -65.62
C LEU F 191 18.24 -15.81 -64.95
N GLU F 192 17.14 -15.47 -65.63
CA GLU F 192 15.82 -15.65 -65.05
C GLU F 192 15.54 -17.13 -64.79
N GLU F 193 15.89 -17.99 -65.75
CA GLU F 193 15.72 -19.43 -65.55
C GLU F 193 16.69 -19.96 -64.50
N ALA F 194 17.91 -19.41 -64.47
CA ALA F 194 18.90 -19.87 -63.49
C ALA F 194 18.43 -19.63 -62.07
N ASN F 195 17.81 -18.48 -61.80
CA ASN F 195 17.31 -18.19 -60.46
C ASN F 195 16.22 -19.18 -60.05
N LYS F 196 15.34 -19.55 -60.98
CA LYS F 196 14.30 -20.52 -60.66
C LYS F 196 14.90 -21.87 -60.29
N VAL F 197 15.90 -22.32 -61.05
CA VAL F 197 16.53 -23.61 -60.76
C VAL F 197 17.35 -23.52 -59.47
N PHE F 198 18.09 -22.43 -59.28
CA PHE F 198 18.95 -22.30 -58.10
C PHE F 198 18.13 -22.30 -56.82
N LEU F 199 17.06 -21.50 -56.78
CA LEU F 199 16.26 -21.39 -55.57
C LEU F 199 15.59 -22.71 -55.22
N LYS F 200 15.11 -23.44 -56.23
CA LYS F 200 14.48 -24.72 -55.96
C LYS F 200 15.45 -25.70 -55.31
N GLY F 201 16.68 -25.75 -55.81
CA GLY F 201 17.70 -26.57 -55.17
C GLY F 201 18.08 -26.06 -53.78
N ALA F 202 18.27 -24.75 -53.66
CA ALA F 202 18.67 -24.19 -52.37
C ALA F 202 17.57 -24.35 -51.32
N ARG F 203 16.32 -24.10 -51.69
CA ARG F 203 15.21 -24.31 -50.77
C ARG F 203 14.99 -25.80 -50.51
N GLY F 204 15.40 -26.65 -51.43
CA GLY F 204 15.28 -28.09 -51.23
C GLY F 204 16.29 -28.67 -50.26
N GLY F 205 17.30 -27.89 -49.86
CA GLY F 205 18.30 -28.33 -48.90
C GLY F 205 19.70 -28.43 -49.45
N MET F 206 19.90 -28.36 -50.75
CA MET F 206 21.25 -28.46 -51.30
C MET F 206 22.02 -27.17 -51.04
N ARG F 207 23.31 -27.31 -50.76
CA ARG F 207 24.20 -26.19 -50.51
C ARG F 207 25.10 -26.00 -51.72
N ALA F 208 25.09 -24.80 -52.29
CA ALA F 208 25.88 -24.52 -53.48
C ALA F 208 27.31 -24.18 -53.10
N THR F 209 28.15 -24.04 -54.11
CA THR F 209 29.54 -23.66 -53.89
C THR F 209 29.64 -22.16 -53.62
N ASP F 210 30.67 -21.79 -52.86
CA ASP F 210 30.91 -20.37 -52.61
C ASP F 210 31.13 -19.59 -53.89
N GLN F 211 31.74 -20.22 -54.90
CA GLN F 211 31.92 -19.58 -56.18
C GLN F 211 30.58 -19.31 -56.87
N LEU F 212 29.65 -20.27 -56.78
CA LEU F 212 28.34 -20.07 -57.40
C LEU F 212 27.48 -19.09 -56.60
N TYR F 213 27.62 -19.08 -55.28
CA TYR F 213 26.92 -18.08 -54.47
C TYR F 213 27.33 -16.67 -54.87
N ASP F 214 28.63 -16.42 -54.99
CA ASP F 214 29.09 -15.11 -55.41
C ASP F 214 28.70 -14.81 -56.84
N LEU F 215 28.55 -15.84 -57.68
CA LEU F 215 28.12 -15.63 -59.05
C LEU F 215 26.66 -15.19 -59.12
N MET F 216 25.79 -15.90 -58.41
CA MET F 216 24.36 -15.61 -58.48
C MET F 216 24.03 -14.24 -57.91
N ILE F 217 24.63 -13.89 -56.77
CA ILE F 217 24.36 -12.60 -56.14
C ILE F 217 24.80 -11.46 -57.05
N GLU F 218 26.02 -11.56 -57.59
CA GLU F 218 26.57 -10.46 -58.37
C GLU F 218 25.82 -10.27 -59.68
N GLU F 219 25.49 -11.36 -60.37
CA GLU F 219 24.81 -11.24 -61.66
C GLU F 219 23.40 -10.66 -61.50
N ASP F 220 22.69 -11.05 -60.43
CA ASP F 220 21.37 -10.50 -60.19
C ASP F 220 21.43 -9.00 -59.91
N CYS F 221 22.44 -8.56 -59.16
CA CYS F 221 22.54 -7.15 -58.82
C CYS F 221 22.99 -6.30 -60.01
N LYS F 222 23.77 -6.89 -60.92
CA LYS F 222 24.12 -6.18 -62.14
C LYS F 222 22.91 -5.98 -63.03
N ALA F 223 21.92 -6.86 -62.94
CA ALA F 223 20.70 -6.77 -63.73
C ALA F 223 19.58 -6.03 -63.01
N GLY F 224 19.85 -5.48 -61.82
CA GLY F 224 18.82 -4.79 -61.08
C GLY F 224 17.79 -5.67 -60.42
N ASP F 225 18.10 -6.95 -60.22
CA ASP F 225 17.18 -7.90 -59.61
C ASP F 225 17.55 -8.07 -58.15
N HIS F 226 17.09 -7.12 -57.33
CA HIS F 226 17.38 -7.18 -55.90
C HIS F 226 16.56 -8.26 -55.21
N SER F 227 15.36 -8.56 -55.71
CA SER F 227 14.49 -9.55 -55.07
C SER F 227 15.11 -10.94 -55.09
N ASN F 228 15.70 -11.32 -56.22
CA ASN F 228 16.35 -12.63 -56.30
C ASN F 228 17.67 -12.63 -55.55
N ALA F 229 18.44 -11.53 -55.63
CA ALA F 229 19.71 -11.47 -54.93
C ALA F 229 19.54 -11.50 -53.43
N LEU F 230 18.44 -10.94 -52.91
CA LEU F 230 18.19 -11.00 -51.47
C LEU F 230 17.70 -12.39 -51.05
N ASP F 231 16.91 -13.04 -51.90
CA ASP F 231 16.47 -14.40 -51.60
C ASP F 231 17.65 -15.36 -51.50
N ILE F 232 18.58 -15.26 -52.45
CA ILE F 232 19.73 -16.16 -52.47
C ILE F 232 20.61 -15.93 -51.26
N SER F 233 20.91 -14.66 -50.95
CA SER F 233 21.78 -14.36 -49.82
C SER F 233 21.17 -14.83 -48.50
N TYR F 234 19.84 -14.81 -48.39
CA TYR F 234 19.20 -15.39 -47.22
C TYR F 234 19.40 -16.90 -47.16
N GLU F 235 19.29 -17.57 -48.31
CA GLU F 235 19.53 -19.00 -48.36
C GLU F 235 21.00 -19.33 -48.15
N MET F 236 21.90 -18.45 -48.60
CA MET F 236 23.33 -18.68 -48.42
C MET F 236 23.70 -18.73 -46.94
N GLU F 237 23.12 -17.84 -46.13
CA GLU F 237 23.40 -17.85 -44.70
C GLU F 237 22.67 -18.99 -44.00
N ALA F 238 21.50 -19.37 -44.47
CA ALA F 238 20.78 -20.51 -43.90
C ALA F 238 21.58 -21.79 -44.09
N ALA F 239 22.25 -21.94 -45.23
CA ALA F 239 23.12 -23.08 -45.43
C ALA F 239 24.28 -23.09 -44.46
N GLY F 240 24.84 -21.92 -44.16
CA GLY F 240 25.93 -21.81 -43.22
C GLY F 240 27.08 -20.95 -43.71
N ARG F 241 26.88 -20.25 -44.82
CA ARG F 241 27.89 -19.37 -45.39
C ARG F 241 27.44 -17.93 -45.15
N PHE F 242 28.12 -17.24 -44.24
CA PHE F 242 27.73 -15.88 -43.87
C PHE F 242 28.13 -14.89 -44.95
N ALA F 243 27.26 -13.90 -45.18
CA ALA F 243 27.54 -12.87 -46.16
C ALA F 243 28.68 -11.98 -45.69
N THR F 244 29.48 -11.51 -46.65
CA THR F 244 30.63 -10.66 -46.38
C THR F 244 30.39 -9.29 -47.01
N THR F 245 31.41 -8.43 -46.94
CA THR F 245 31.31 -7.10 -47.51
C THR F 245 31.02 -7.15 -49.01
N PHE F 246 31.55 -8.15 -49.71
CA PHE F 246 31.32 -8.27 -51.14
C PHE F 246 29.83 -8.43 -51.45
N HIS F 247 29.15 -9.31 -50.71
CA HIS F 247 27.75 -9.58 -50.99
C HIS F 247 26.89 -8.37 -50.64
N PHE F 248 27.20 -7.69 -49.55
CA PHE F 248 26.43 -6.50 -49.17
C PHE F 248 26.61 -5.38 -50.19
N ASN F 249 27.83 -5.22 -50.71
CA ASN F 249 28.07 -4.19 -51.73
C ASN F 249 27.27 -4.46 -52.99
N CYS F 250 26.95 -5.73 -53.27
CA CYS F 250 26.12 -6.03 -54.42
C CYS F 250 24.68 -5.58 -54.19
N LEU F 251 24.13 -5.87 -53.01
CA LEU F 251 22.77 -5.42 -52.70
C LEU F 251 22.69 -3.90 -52.63
N LEU F 252 23.72 -3.25 -52.06
CA LEU F 252 23.70 -1.80 -51.96
C LEU F 252 23.75 -1.13 -53.32
N SER F 253 24.34 -1.79 -54.32
CA SER F 253 24.41 -1.21 -55.65
C SER F 253 23.02 -0.99 -56.24
N VAL F 254 22.04 -1.78 -55.81
CA VAL F 254 20.67 -1.63 -56.26
C VAL F 254 19.83 -0.80 -55.29
N GLN F 255 20.10 -0.94 -53.98
CA GLN F 255 19.34 -0.19 -52.98
C GLN F 255 19.59 1.31 -53.08
N ALA F 256 20.77 1.72 -53.56
CA ALA F 256 21.10 3.13 -53.63
C ALA F 256 20.35 3.87 -54.74
N THR F 257 19.68 3.16 -55.63
CA THR F 257 18.97 3.76 -56.75
C THR F 257 17.45 3.73 -56.59
N CYS F 258 16.95 3.30 -55.44
CA CYS F 258 15.51 3.18 -55.25
C CYS F 258 14.85 4.47 -54.79
N GLY F 259 15.63 5.50 -54.47
CA GLY F 259 15.06 6.77 -54.05
C GLY F 259 14.66 6.85 -52.60
N ILE F 260 14.82 5.78 -51.83
CA ILE F 260 14.52 5.76 -50.41
C ILE F 260 15.82 5.49 -49.65
N PRO F 261 16.45 6.53 -49.09
CA PRO F 261 17.75 6.34 -48.44
C PRO F 261 17.71 5.43 -47.23
N GLU F 262 16.55 5.26 -46.59
CA GLU F 262 16.48 4.44 -45.39
C GLU F 262 16.68 2.97 -45.69
N VAL F 263 16.35 2.53 -46.91
CA VAL F 263 16.57 1.15 -47.30
C VAL F 263 18.06 0.84 -47.33
N ALA F 264 18.85 1.71 -47.97
CA ALA F 264 20.28 1.49 -48.04
C ALA F 264 20.95 1.68 -46.69
N TYR F 265 20.42 2.58 -45.86
CA TYR F 265 21.04 2.84 -44.56
C TYR F 265 20.81 1.69 -43.59
N ALA F 266 19.71 0.96 -43.73
CA ALA F 266 19.49 -0.21 -42.90
C ALA F 266 20.53 -1.30 -43.20
N THR F 267 20.85 -1.49 -44.47
CA THR F 267 21.91 -2.43 -44.83
C THR F 267 23.27 -1.98 -44.31
N PHE F 268 23.53 -0.67 -44.39
CA PHE F 268 24.80 -0.15 -43.89
C PHE F 268 24.96 -0.38 -42.39
N GLU F 269 23.87 -0.20 -41.63
CA GLU F 269 23.94 -0.45 -40.19
C GLU F 269 24.16 -1.92 -39.89
N ASN F 270 23.61 -2.82 -40.73
CA ASN F 270 23.91 -4.24 -40.59
C ASN F 270 25.41 -4.49 -40.70
N MET F 271 26.10 -3.73 -41.55
CA MET F 271 27.53 -3.93 -41.76
C MET F 271 28.38 -3.21 -40.73
N GLU F 272 28.02 -1.96 -40.41
CA GLU F 272 28.84 -1.15 -39.51
C GLU F 272 28.91 -1.77 -38.12
N TYR F 273 27.82 -2.36 -37.64
CA TYR F 273 27.76 -2.93 -36.29
C TYR F 273 27.72 -4.46 -36.34
N GLY F 274 28.31 -5.06 -37.37
CA GLY F 274 28.40 -6.49 -37.49
C GLY F 274 29.78 -7.02 -37.18
N GLU F 275 30.08 -8.20 -37.72
CA GLU F 275 31.38 -8.82 -37.51
C GLU F 275 32.42 -8.22 -38.46
N ASP F 276 33.66 -8.65 -38.28
CA ASP F 276 34.78 -8.04 -39.00
C ASP F 276 34.68 -8.24 -40.51
N PHE F 277 34.27 -9.43 -40.94
CA PHE F 277 34.18 -9.70 -42.38
C PHE F 277 33.03 -8.96 -43.04
N MET F 278 32.14 -8.34 -42.28
CA MET F 278 31.03 -7.57 -42.80
C MET F 278 31.26 -6.07 -42.77
N LYS F 279 32.43 -5.61 -42.32
CA LYS F 279 32.64 -4.20 -42.10
C LYS F 279 32.62 -3.43 -43.44
N PRO F 280 32.10 -2.20 -43.43
CA PRO F 280 32.03 -1.43 -44.67
C PRO F 280 33.41 -1.14 -45.24
N ASP F 281 33.50 -1.11 -46.57
CA ASP F 281 34.68 -0.68 -47.30
C ASP F 281 34.38 0.68 -47.93
N THR F 282 35.33 1.16 -48.75
CA THR F 282 35.14 2.45 -49.41
C THR F 282 33.92 2.41 -50.32
N GLU F 283 33.72 1.31 -51.04
CA GLU F 283 32.56 1.19 -51.92
C GLU F 283 31.26 1.21 -51.12
N THR F 284 31.26 0.61 -49.93
CA THR F 284 30.06 0.61 -49.11
C THR F 284 29.65 2.03 -48.72
N TYR F 285 30.62 2.86 -48.32
CA TYR F 285 30.31 4.24 -47.98
C TYR F 285 29.79 5.00 -49.19
N ASN F 286 30.35 4.73 -50.36
CA ASN F 286 29.92 5.44 -51.57
C ASN F 286 28.46 5.16 -51.90
N TRP F 287 28.03 3.91 -51.75
CA TRP F 287 26.64 3.58 -52.04
C TRP F 287 25.67 4.28 -51.10
N VAL F 288 25.99 4.30 -49.81
CA VAL F 288 25.09 4.92 -48.83
C VAL F 288 25.08 6.43 -49.00
N ILE F 289 26.24 7.02 -49.27
CA ILE F 289 26.30 8.45 -49.56
C ILE F 289 25.46 8.78 -50.78
N GLN F 290 25.63 7.99 -51.85
CA GLN F 290 24.89 8.24 -53.09
C GLN F 290 23.39 8.13 -52.87
N ALA F 291 22.94 7.24 -51.99
CA ALA F 291 21.52 7.09 -51.72
C ALA F 291 20.93 8.37 -51.14
N TYR F 292 21.65 9.03 -50.23
CA TYR F 292 21.15 10.24 -49.60
C TYR F 292 21.26 11.44 -50.54
N THR F 293 22.32 11.51 -51.34
CA THR F 293 22.50 12.65 -52.23
C THR F 293 21.40 12.74 -53.26
N ARG F 294 20.87 11.60 -53.70
CA ARG F 294 19.86 11.54 -54.73
C ARG F 294 18.49 11.14 -54.17
N ALA F 295 18.23 11.48 -52.91
CA ALA F 295 16.94 11.24 -52.31
C ALA F 295 15.86 12.09 -52.98
N ASP F 296 14.65 11.54 -53.03
CA ASP F 296 13.56 12.23 -53.72
C ASP F 296 13.01 13.40 -52.91
N SER F 297 13.00 13.29 -51.59
CA SER F 297 12.39 14.30 -50.74
C SER F 297 13.18 14.46 -49.45
N TYR F 298 12.86 15.53 -48.72
CA TYR F 298 13.39 15.84 -47.40
C TYR F 298 14.87 16.24 -47.45
N ASP F 299 15.31 16.98 -46.44
CA ASP F 299 16.69 17.43 -46.36
C ASP F 299 17.57 16.29 -45.87
N ARG F 300 18.63 16.00 -46.62
CA ARG F 300 19.53 14.89 -46.31
C ARG F 300 20.96 15.32 -46.05
N VAL F 301 21.22 16.64 -45.98
CA VAL F 301 22.61 17.08 -45.85
C VAL F 301 23.19 16.70 -44.50
N GLN F 302 22.37 16.64 -43.46
CA GLN F 302 22.87 16.22 -42.16
C GLN F 302 23.23 14.75 -42.13
N ASP F 303 22.45 13.92 -42.84
CA ASP F 303 22.76 12.49 -42.91
C ASP F 303 24.08 12.26 -43.63
N VAL F 304 24.32 12.97 -44.72
CA VAL F 304 25.57 12.82 -45.47
C VAL F 304 26.76 13.28 -44.63
N ALA F 305 26.61 14.39 -43.92
CA ALA F 305 27.73 14.91 -43.14
C ALA F 305 28.07 14.00 -41.96
N GLU F 306 27.08 13.32 -41.39
CA GLU F 306 27.39 12.37 -40.32
C GLU F 306 28.03 11.10 -40.87
N LEU F 307 27.59 10.63 -42.04
CA LEU F 307 28.24 9.50 -42.69
C LEU F 307 29.69 9.82 -43.02
N LEU F 308 29.95 11.04 -43.48
CA LEU F 308 31.32 11.46 -43.74
C LEU F 308 32.16 11.41 -42.46
N GLY F 309 31.59 11.84 -41.34
CA GLY F 309 32.31 11.77 -40.07
C GLY F 309 32.59 10.34 -39.64
N MET F 310 31.64 9.44 -39.88
CA MET F 310 31.88 8.03 -39.58
C MET F 310 32.99 7.45 -40.47
N MET F 311 33.00 7.84 -41.74
CA MET F 311 34.03 7.37 -42.65
C MET F 311 35.40 7.88 -42.24
N VAL F 312 35.48 9.13 -41.77
CA VAL F 312 36.75 9.70 -41.33
C VAL F 312 37.24 9.01 -40.08
N GLU F 313 36.33 8.64 -39.17
CA GLU F 313 36.72 7.91 -37.98
C GLU F 313 37.23 6.51 -38.31
N ASP F 314 36.95 6.01 -39.51
CA ASP F 314 37.43 4.71 -39.97
C ASP F 314 38.61 4.84 -40.92
N TYR F 315 39.48 5.83 -40.67
CA TYR F 315 40.56 6.12 -41.61
C TYR F 315 41.62 5.02 -41.62
N LYS F 316 41.86 4.37 -40.49
CA LYS F 316 42.88 3.33 -40.44
C LYS F 316 42.54 2.13 -41.32
N ARG F 317 41.29 1.99 -41.72
CA ARG F 317 40.83 0.87 -42.52
C ARG F 317 40.19 1.27 -43.84
N VAL F 318 39.65 2.48 -43.94
CA VAL F 318 38.94 2.94 -45.13
C VAL F 318 39.56 4.24 -45.60
N GLN F 319 39.82 4.34 -46.90
CA GLN F 319 40.31 5.54 -47.55
C GLN F 319 39.44 5.86 -48.75
N PRO F 320 39.33 7.13 -49.12
CA PRO F 320 38.42 7.51 -50.20
C PRO F 320 38.97 7.11 -51.57
N ASN F 321 38.10 7.24 -52.57
CA ASN F 321 38.48 7.09 -53.96
C ASN F 321 37.84 8.22 -54.75
N VAL F 322 37.87 8.12 -56.08
CA VAL F 322 37.37 9.21 -56.92
C VAL F 322 35.86 9.39 -56.73
N LYS F 323 35.13 8.29 -56.56
CA LYS F 323 33.68 8.39 -56.42
C LYS F 323 33.27 9.08 -55.13
N THR F 324 34.06 8.89 -54.06
CA THR F 324 33.72 9.48 -52.77
C THR F 324 33.69 11.00 -52.86
N HIS F 325 34.71 11.59 -53.50
CA HIS F 325 34.77 13.04 -53.59
C HIS F 325 33.75 13.59 -54.59
N ALA F 326 33.51 12.85 -55.67
CA ALA F 326 32.53 13.30 -56.66
C ALA F 326 31.12 13.34 -56.06
N LEU F 327 30.78 12.35 -55.24
CA LEU F 327 29.48 12.35 -54.58
C LEU F 327 29.38 13.48 -53.56
N LEU F 328 30.48 13.74 -52.85
CA LEU F 328 30.45 14.77 -51.82
C LEU F 328 30.43 16.17 -52.43
N VAL F 329 31.11 16.37 -53.55
CA VAL F 329 30.99 17.64 -54.27
C VAL F 329 29.56 17.82 -54.76
N GLU F 330 28.95 16.76 -55.29
CA GLU F 330 27.58 16.85 -55.77
C GLU F 330 26.61 17.17 -54.63
N CYS F 331 26.78 16.54 -53.48
CA CYS F 331 25.85 16.75 -52.38
C CYS F 331 25.94 18.18 -51.83
N PHE F 332 27.14 18.64 -51.54
CA PHE F 332 27.30 19.95 -50.93
C PHE F 332 26.94 21.06 -51.91
N THR F 333 27.16 20.85 -53.21
CA THR F 333 26.74 21.83 -54.20
C THR F 333 25.22 21.95 -54.25
N LYS F 334 24.53 20.81 -54.20
CA LYS F 334 23.06 20.82 -54.26
C LYS F 334 22.47 21.60 -53.10
N TYR F 335 23.00 21.39 -51.89
CA TYR F 335 22.53 22.10 -50.70
C TYR F 335 23.23 23.44 -50.52
N CYS F 336 24.05 23.86 -51.48
CA CYS F 336 24.73 25.15 -51.45
C CYS F 336 25.65 25.30 -50.25
N VAL F 337 26.24 24.18 -49.82
CA VAL F 337 27.36 24.22 -48.87
C VAL F 337 28.62 24.29 -49.73
N VAL F 338 28.91 25.50 -50.22
CA VAL F 338 29.90 25.65 -51.28
C VAL F 338 31.32 25.47 -50.75
N LYS F 339 31.62 26.00 -49.56
CA LYS F 339 32.98 25.91 -49.05
C LYS F 339 33.41 24.48 -48.80
N GLU F 340 32.45 23.59 -48.47
CA GLU F 340 32.78 22.18 -48.35
C GLU F 340 32.91 21.51 -49.71
N ALA F 341 32.12 21.94 -50.69
CA ALA F 341 32.28 21.42 -52.04
C ALA F 341 33.64 21.80 -52.63
N ILE F 342 34.18 22.95 -52.23
CA ILE F 342 35.48 23.36 -52.71
C ILE F 342 36.58 22.49 -52.13
N ARG F 343 36.45 22.12 -50.85
CA ARG F 343 37.46 21.25 -50.23
C ARG F 343 37.52 19.89 -50.93
N HIS F 344 36.36 19.30 -51.23
CA HIS F 344 36.34 18.00 -51.86
C HIS F 344 36.63 18.05 -53.34
N PHE F 345 36.43 19.20 -53.99
CA PHE F 345 36.82 19.34 -55.39
C PHE F 345 38.34 19.37 -55.52
N ARG F 346 39.03 19.98 -54.56
CA ARG F 346 40.50 19.97 -54.58
C ARG F 346 41.04 18.56 -54.50
N ALA F 347 40.44 17.72 -53.64
CA ALA F 347 40.86 16.33 -53.57
C ALA F 347 40.48 15.57 -54.84
N LEU F 348 39.40 15.97 -55.50
CA LEU F 348 38.97 15.29 -56.72
C LEU F 348 39.91 15.59 -57.88
N LYS F 349 40.62 16.72 -57.83
CA LYS F 349 41.53 17.08 -58.92
C LYS F 349 42.67 16.07 -59.05
N ASN F 350 43.20 15.59 -57.92
CA ASN F 350 44.35 14.70 -57.94
C ASN F 350 44.03 13.31 -58.48
N PHE F 351 42.76 12.98 -58.67
CA PHE F 351 42.38 11.69 -59.21
C PHE F 351 42.23 11.79 -60.73
N GLU F 352 42.86 10.86 -61.45
CA GLU F 352 42.71 10.82 -62.90
C GLU F 352 41.27 10.51 -63.28
N GLY F 353 40.82 11.12 -64.37
CA GLY F 353 39.42 11.07 -64.72
C GLY F 353 38.69 12.25 -64.10
N GLY F 354 38.65 12.29 -62.77
CA GLY F 354 38.25 13.48 -62.04
C GLY F 354 36.91 14.07 -62.40
N THR F 355 36.94 15.22 -63.09
CA THR F 355 35.74 15.98 -63.35
C THR F 355 34.73 15.20 -64.19
N LYS F 356 35.19 14.23 -64.98
CA LYS F 356 34.27 13.43 -65.78
C LYS F 356 33.34 12.61 -64.89
N VAL F 357 33.87 12.06 -63.80
CA VAL F 357 33.02 11.33 -62.85
C VAL F 357 31.98 12.26 -62.24
N LEU F 358 32.40 13.48 -61.88
CA LEU F 358 31.46 14.46 -61.35
C LEU F 358 30.42 14.86 -62.39
N HIS F 359 30.79 14.86 -63.67
CA HIS F 359 29.84 15.21 -64.72
C HIS F 359 28.70 14.22 -64.82
N ASN F 360 28.96 12.95 -64.53
CA ASN F 360 27.94 11.89 -64.56
C ASN F 360 27.24 11.83 -65.92
N ALA F 361 27.97 12.16 -66.98
CA ALA F 361 27.46 12.16 -68.35
C ALA F 361 26.24 13.08 -68.49
N GLY F 362 26.15 14.12 -67.67
CA GLY F 362 25.05 15.05 -67.72
C GLY F 362 23.81 14.61 -66.97
N ASN F 363 23.85 13.48 -66.28
CA ASN F 363 22.70 12.99 -65.55
C ASN F 363 22.65 13.60 -64.14
N PHE F 364 21.51 13.42 -63.48
CA PHE F 364 21.28 13.91 -62.12
C PHE F 364 21.53 15.41 -62.03
N GLU F 365 20.93 16.14 -62.97
CA GLU F 365 20.99 17.60 -63.04
C GLU F 365 22.41 18.12 -63.26
N ASP F 366 23.28 17.29 -63.83
CA ASP F 366 24.64 17.68 -64.21
C ASP F 366 25.39 18.31 -63.05
N PRO F 367 25.84 17.51 -62.08
CA PRO F 367 26.52 18.09 -60.90
C PRO F 367 27.77 18.90 -61.24
N LEU F 368 28.44 18.60 -62.37
CA LEU F 368 29.60 19.39 -62.75
C LEU F 368 29.22 20.83 -63.06
N SER F 369 28.11 21.04 -63.77
CA SER F 369 27.69 22.40 -64.10
C SER F 369 27.21 23.15 -62.87
N LEU F 370 26.51 22.46 -61.96
CA LEU F 370 26.01 23.13 -60.76
C LEU F 370 27.16 23.65 -59.91
N TYR F 371 28.25 22.89 -59.80
CA TYR F 371 29.42 23.37 -59.07
C TYR F 371 29.98 24.64 -59.72
N LEU F 372 30.05 24.66 -61.05
CA LEU F 372 30.52 25.86 -61.74
C LEU F 372 29.56 27.03 -61.56
N ARG F 373 28.25 26.76 -61.64
CA ARG F 373 27.27 27.84 -61.47
C ARG F 373 27.33 28.42 -60.06
N ALA F 374 27.45 27.55 -59.05
CA ALA F 374 27.47 28.02 -57.67
C ALA F 374 28.70 28.87 -57.39
N LEU F 375 29.84 28.56 -58.00
CA LEU F 375 31.02 29.39 -57.85
C LEU F 375 30.82 30.75 -58.51
N CYS F 376 30.18 30.78 -59.68
CA CYS F 376 29.91 32.05 -60.36
C CYS F 376 28.94 32.90 -59.56
N ARG F 377 27.88 32.30 -59.01
CA ARG F 377 26.86 33.05 -58.29
C ARG F 377 27.39 33.68 -57.01
N GLU F 378 28.48 33.17 -56.46
CA GLU F 378 29.01 33.64 -55.19
C GLU F 378 30.31 34.40 -55.32
N GLY F 379 30.73 34.72 -56.54
CA GLY F 379 31.94 35.51 -56.74
C GLY F 379 33.20 34.83 -56.31
N ARG F 380 33.25 33.50 -56.38
CA ARG F 380 34.47 32.75 -56.08
C ARG F 380 35.21 32.42 -57.38
N ILE F 381 35.67 33.49 -58.03
CA ILE F 381 36.20 33.37 -59.39
C ILE F 381 37.53 32.63 -59.40
N VAL F 382 38.38 32.89 -58.41
CA VAL F 382 39.68 32.21 -58.36
C VAL F 382 39.49 30.70 -58.27
N GLU F 383 38.51 30.26 -57.47
CA GLU F 383 38.17 28.85 -57.44
C GLU F 383 37.59 28.40 -58.78
N LEU F 384 36.80 29.26 -59.43
CA LEU F 384 36.16 28.90 -60.69
C LEU F 384 37.19 28.61 -61.78
N ILE F 385 38.24 29.44 -61.86
CA ILE F 385 39.26 29.22 -62.86
C ILE F 385 40.01 27.92 -62.58
N ASP F 386 40.31 27.64 -61.32
CA ASP F 386 40.98 26.39 -60.97
C ASP F 386 40.12 25.18 -61.33
N ALA F 387 38.79 25.32 -61.24
CA ALA F 387 37.91 24.23 -61.67
C ALA F 387 38.03 23.99 -63.16
N LEU F 388 38.13 25.05 -63.96
CA LEU F 388 38.25 24.90 -65.40
C LEU F 388 39.58 24.24 -65.78
N ASP F 389 40.64 24.52 -65.02
CA ASP F 389 41.92 23.87 -65.28
C ASP F 389 41.82 22.36 -65.14
N ALA F 390 41.10 21.89 -64.12
CA ALA F 390 40.90 20.45 -63.94
C ALA F 390 40.11 19.87 -65.11
N MET F 391 39.12 20.61 -65.60
CA MET F 391 38.35 20.12 -66.74
C MET F 391 39.20 20.03 -68.00
N ARG F 392 40.14 20.95 -68.17
CA ARG F 392 41.02 20.91 -69.33
C ARG F 392 41.92 19.67 -69.29
N ARG F 393 42.54 19.40 -68.14
CA ARG F 393 43.43 18.25 -68.03
C ARG F 393 42.68 16.93 -68.15
N ASP F 394 41.37 16.92 -67.93
CA ASP F 394 40.56 15.73 -68.10
C ASP F 394 39.89 15.66 -69.47
N ASN F 395 40.19 16.61 -70.36
CA ASN F 395 39.58 16.68 -71.69
C ASN F 395 38.06 16.74 -71.58
N GLN F 396 37.57 17.58 -70.67
CA GLN F 396 36.14 17.70 -70.41
C GLN F 396 35.65 19.07 -70.84
N PRO F 397 34.78 19.16 -71.86
CA PRO F 397 34.24 20.45 -72.25
C PRO F 397 33.22 20.98 -71.25
N ILE F 398 33.07 22.29 -71.24
CA ILE F 398 32.07 22.92 -70.37
C ILE F 398 30.67 22.57 -70.88
N PRO F 399 29.79 22.05 -70.04
CA PRO F 399 28.46 21.65 -70.50
C PRO F 399 27.57 22.85 -70.74
N PRO F 400 26.50 22.70 -71.53
CA PRO F 400 25.59 23.83 -71.76
C PRO F 400 24.92 24.34 -70.50
N ARG F 401 24.65 23.45 -69.52
CA ARG F 401 24.04 23.90 -68.28
C ARG F 401 24.93 24.88 -67.52
N ALA F 402 26.26 24.70 -67.63
CA ALA F 402 27.18 25.66 -67.03
C ALA F 402 27.11 27.00 -67.75
N MET F 403 26.95 26.97 -69.08
CA MET F 403 26.91 28.18 -69.90
C MET F 403 25.51 28.74 -70.06
N ILE F 404 24.62 28.50 -69.09
CA ILE F 404 23.28 29.05 -69.16
C ILE F 404 23.35 30.58 -69.25
N MET F 405 22.37 31.17 -69.90
CA MET F 405 22.37 32.60 -70.21
C MET F 405 21.26 33.29 -69.43
N SER F 406 21.58 34.46 -68.89
CA SER F 406 20.62 35.22 -68.09
C SER F 406 19.73 36.06 -69.01
N ARG F 407 18.82 36.83 -68.39
CA ARG F 407 17.93 37.69 -69.16
C ARG F 407 18.72 38.76 -69.92
N LYS F 408 19.71 39.36 -69.27
CA LYS F 408 20.53 40.39 -69.89
C LYS F 408 21.57 39.81 -70.84
N TYR F 409 21.45 38.53 -71.18
CA TYR F 409 22.34 37.86 -72.12
C TYR F 409 23.80 37.92 -71.66
N ARG F 410 24.02 37.40 -70.45
CA ARG F 410 25.35 37.25 -69.88
C ARG F 410 25.50 35.85 -69.32
N THR F 411 26.72 35.34 -69.37
CA THR F 411 27.06 34.00 -68.90
C THR F 411 28.03 34.11 -67.73
N LEU F 412 28.57 32.97 -67.31
CA LEU F 412 29.53 32.97 -66.21
C LEU F 412 30.82 33.69 -66.56
N VAL F 413 31.07 33.97 -67.83
CA VAL F 413 32.25 34.72 -68.22
C VAL F 413 32.20 36.12 -67.63
N SER F 414 31.04 36.77 -67.71
CA SER F 414 30.84 38.10 -67.13
C SER F 414 29.46 38.11 -66.47
N SER F 415 29.42 37.71 -65.21
CA SER F 415 28.23 37.89 -64.38
C SER F 415 28.61 38.34 -62.97
N TRP F 416 29.90 38.47 -62.68
CA TRP F 416 30.40 38.88 -61.39
C TRP F 416 31.01 40.26 -61.40
N ILE F 417 31.31 40.83 -62.57
CA ILE F 417 31.58 42.25 -62.66
C ILE F 417 30.32 42.99 -62.23
N GLU F 418 30.49 44.09 -61.48
CA GLU F 418 29.36 44.41 -60.64
C GLU F 418 28.63 45.71 -60.98
N PRO F 419 28.34 45.97 -62.25
CA PRO F 419 26.97 46.35 -62.60
C PRO F 419 26.18 45.07 -62.77
N LEU F 420 25.35 44.70 -61.80
CA LEU F 420 24.74 43.38 -61.80
C LEU F 420 23.37 43.41 -62.47
N GLN F 421 23.09 42.35 -63.23
CA GLN F 421 21.81 42.19 -63.94
C GLN F 421 21.55 43.36 -64.89
N GLU F 422 22.60 43.93 -65.46
CA GLU F 422 22.49 45.04 -66.38
C GLU F 422 23.34 44.76 -67.62
N GLU F 423 22.84 45.20 -68.77
CA GLU F 423 23.56 45.02 -70.03
C GLU F 423 24.65 46.09 -70.16
N ALA F 424 25.41 45.98 -71.24
CA ALA F 424 26.48 46.92 -71.56
C ALA F 424 26.07 47.78 -72.75
N GLU F 425 26.94 48.74 -73.09
CA GLU F 425 26.59 49.75 -74.08
C GLU F 425 26.51 49.15 -75.49
N LEU F 426 27.54 48.38 -75.88
CA LEU F 426 27.60 47.68 -77.16
C LEU F 426 27.73 48.63 -78.35
N GLY F 427 27.67 49.94 -78.11
CA GLY F 427 27.80 50.91 -79.17
C GLY F 427 26.57 51.08 -80.04
N TYR F 428 25.51 50.32 -79.80
CA TYR F 428 24.28 50.46 -80.59
C TYR F 428 23.12 49.90 -79.78
N GLU F 429 21.91 50.23 -80.22
CA GLU F 429 20.71 49.80 -79.52
C GLU F 429 20.47 48.31 -79.75
N ILE F 430 20.01 47.64 -78.68
CA ILE F 430 19.73 46.21 -78.75
C ILE F 430 18.48 45.97 -79.56
N ASP F 431 18.54 45.00 -80.47
CA ASP F 431 17.37 44.59 -81.26
C ASP F 431 16.59 43.58 -80.45
N TYR F 432 15.56 44.05 -79.74
CA TYR F 432 14.76 43.16 -78.91
C TYR F 432 13.82 42.29 -79.73
N LEU F 433 13.50 42.69 -80.97
CA LEU F 433 12.69 41.84 -81.83
C LEU F 433 13.48 40.63 -82.31
N ALA F 434 14.79 40.80 -82.54
CA ALA F 434 15.63 39.66 -82.91
C ALA F 434 15.70 38.65 -81.77
N ARG F 435 15.83 39.14 -80.53
CA ARG F 435 15.82 38.24 -79.38
C ARG F 435 14.50 37.52 -79.24
N TYR F 436 13.39 38.23 -79.52
CA TYR F 436 12.07 37.62 -79.40
C TYR F 436 11.91 36.45 -80.35
N VAL F 437 12.37 36.60 -81.59
CA VAL F 437 12.24 35.52 -82.57
C VAL F 437 13.15 34.36 -82.22
N GLU F 438 14.40 34.64 -81.85
CA GLU F 438 15.37 33.59 -81.56
C GLU F 438 15.09 32.87 -80.25
N GLU F 439 14.19 33.39 -79.42
CA GLU F 439 13.79 32.74 -78.18
C GLU F 439 12.51 31.92 -78.33
N GLY F 440 12.03 31.73 -79.56
CA GLY F 440 10.83 30.96 -79.79
C GLY F 440 9.54 31.74 -79.68
N GLY F 441 9.58 33.06 -79.86
CA GLY F 441 8.39 33.87 -79.70
C GLY F 441 7.38 33.75 -80.82
N LEU F 442 7.75 33.13 -81.94
CA LEU F 442 6.84 32.98 -83.07
C LEU F 442 6.06 31.68 -83.05
N THR F 443 6.35 30.76 -82.12
CA THR F 443 5.71 29.46 -82.11
C THR F 443 5.11 29.08 -80.77
N GLY F 444 5.10 29.97 -79.79
CA GLY F 444 4.59 29.63 -78.47
C GLY F 444 5.57 28.90 -77.59
N GLU F 445 6.84 28.80 -78.00
CA GLU F 445 7.85 28.09 -77.24
C GLU F 445 8.73 29.03 -76.44
N ARG F 446 8.35 30.30 -76.31
CA ARG F 446 9.15 31.27 -75.60
C ARG F 446 9.03 31.08 -74.09
N LYS F 447 10.09 31.43 -73.36
CA LYS F 447 10.12 31.39 -71.91
C LYS F 447 9.52 32.68 -71.36
N ARG F 448 8.35 32.59 -70.74
CA ARG F 448 7.68 33.73 -70.16
C ARG F 448 8.14 33.94 -68.72
N TRP F 449 8.55 35.17 -68.41
CA TRP F 449 8.98 35.52 -67.05
C TRP F 449 7.82 36.12 -66.26
N VAL F 450 6.75 35.34 -66.14
CA VAL F 450 5.54 35.73 -65.43
C VAL F 450 5.50 34.94 -64.12
N PRO F 451 5.56 35.58 -62.97
CA PRO F 451 5.46 34.85 -61.70
C PRO F 451 4.11 34.13 -61.58
N ARG F 452 4.15 32.92 -61.04
CA ARG F 452 2.96 32.10 -60.89
C ARG F 452 2.98 31.43 -59.53
N ARG F 453 1.79 31.06 -59.06
CA ARG F 453 1.66 30.39 -57.77
C ARG F 453 2.15 28.95 -57.86
N GLY F 454 2.94 28.54 -56.88
CA GLY F 454 3.51 27.21 -56.84
C GLY F 454 4.96 27.26 -56.38
N LYS F 455 5.44 26.12 -55.88
CA LYS F 455 6.81 26.00 -55.39
C LYS F 455 7.75 25.52 -56.48
N THR F 456 7.70 26.18 -57.64
CA THR F 456 8.57 25.86 -58.77
C THR F 456 9.26 27.15 -59.17
N PRO F 457 10.57 27.24 -59.08
CA PRO F 457 11.25 28.52 -59.36
C PRO F 457 11.10 28.95 -60.80
N LEU F 458 10.99 30.27 -60.99
CA LEU F 458 10.91 30.83 -62.33
C LEU F 458 12.27 30.86 -63.02
N ASP F 459 13.34 31.06 -62.26
CA ASP F 459 14.67 31.13 -62.84
C ASP F 459 15.13 29.74 -63.27
N PRO F 460 15.48 29.55 -64.54
CA PRO F 460 16.01 28.24 -64.96
C PRO F 460 17.35 27.89 -64.33
N ASP F 461 18.08 28.86 -63.80
CA ASP F 461 19.35 28.57 -63.14
C ASP F 461 19.16 27.95 -61.76
N ALA F 462 17.94 27.91 -61.25
CA ALA F 462 17.65 27.26 -59.97
C ALA F 462 17.41 25.77 -60.12
N ALA F 463 17.43 25.24 -61.34
CA ALA F 463 17.24 23.82 -61.55
C ALA F 463 18.45 23.04 -61.06
N GLY F 464 18.21 21.97 -60.31
CA GLY F 464 19.25 21.12 -59.78
C GLY F 464 19.56 21.36 -58.32
N PHE F 465 19.29 22.55 -57.81
CA PHE F 465 19.55 22.88 -56.41
C PHE F 465 18.36 22.48 -55.54
N ILE F 466 18.66 22.12 -54.30
CA ILE F 466 17.61 21.71 -53.37
C ILE F 466 16.74 22.90 -52.98
N TYR F 467 17.36 24.02 -52.64
CA TYR F 467 16.63 25.21 -52.21
C TYR F 467 17.02 26.41 -53.06
N SER F 468 17.00 26.23 -54.38
CA SER F 468 17.35 27.27 -55.36
C SER F 468 18.84 27.58 -55.36
N ASN F 469 19.29 28.29 -56.39
CA ASN F 469 20.70 28.63 -56.51
C ASN F 469 21.08 29.68 -55.49
N PRO F 470 22.37 29.83 -55.20
CA PRO F 470 22.81 30.88 -54.28
C PRO F 470 22.47 32.26 -54.80
N ILE F 471 22.28 33.20 -53.88
CA ILE F 471 22.01 34.58 -54.27
C ILE F 471 23.23 35.13 -54.99
N GLU F 472 22.97 36.02 -55.96
CA GLU F 472 24.03 36.56 -56.79
C GLU F 472 24.93 37.45 -55.96
N THR F 473 26.22 37.10 -55.91
CA THR F 473 27.22 37.87 -55.19
C THR F 473 28.38 38.16 -56.14
N SER F 474 28.71 39.44 -56.28
CA SER F 474 29.78 39.80 -57.20
C SER F 474 31.14 39.43 -56.62
N PHE F 475 32.14 39.43 -57.49
CA PHE F 475 33.51 39.17 -57.05
C PHE F 475 34.01 40.27 -56.12
N LYS F 476 33.48 41.48 -56.27
CA LYS F 476 33.87 42.57 -55.37
C LYS F 476 33.30 42.37 -53.98
N GLN F 477 32.04 41.96 -53.88
CA GLN F 477 31.44 41.70 -52.58
C GLN F 477 32.11 40.52 -51.88
N ARG F 478 32.46 39.48 -52.64
CA ARG F 478 33.08 38.31 -52.05
C ARG F 478 34.43 38.66 -51.42
N CYS F 479 35.24 39.45 -52.13
CA CYS F 479 36.53 39.84 -51.58
C CYS F 479 36.35 40.69 -50.32
N LEU F 480 35.38 41.61 -50.33
CA LEU F 480 35.11 42.41 -49.15
C LEU F 480 34.64 41.57 -47.99
N GLU F 481 33.74 40.62 -48.25
CA GLU F 481 33.25 39.76 -47.17
C GLU F 481 34.36 38.87 -46.62
N ASP F 482 35.20 38.32 -47.50
CA ASP F 482 36.33 37.54 -47.05
C ASP F 482 37.30 38.39 -46.23
N TRP F 483 37.49 39.64 -46.64
CA TRP F 483 38.38 40.54 -45.91
C TRP F 483 37.86 40.79 -44.49
N LYS F 484 36.54 40.99 -44.34
CA LYS F 484 35.97 41.25 -43.03
C LYS F 484 36.07 40.02 -42.13
N VAL F 485 35.80 38.84 -42.67
CA VAL F 485 35.76 37.62 -41.84
C VAL F 485 37.12 37.34 -41.22
N HIS F 486 38.19 37.51 -42.00
CA HIS F 486 39.53 37.24 -41.49
C HIS F 486 39.87 38.14 -40.29
N HIS F 487 39.50 39.41 -40.37
CA HIS F 487 39.81 40.33 -39.28
C HIS F 487 38.90 40.10 -38.08
N ARG F 488 37.70 39.55 -38.30
CA ARG F 488 36.88 39.14 -37.17
C ARG F 488 37.56 38.04 -36.37
N LYS F 489 38.21 37.10 -37.05
CA LYS F 489 38.99 36.09 -36.36
C LYS F 489 40.18 36.70 -35.63
N LEU F 490 40.83 37.69 -36.25
CA LEU F 490 41.95 38.37 -35.60
C LEU F 490 41.49 39.10 -34.34
N LEU F 491 40.31 39.73 -34.40
CA LEU F 491 39.78 40.39 -33.21
C LEU F 491 39.36 39.37 -32.15
N ARG F 492 38.96 38.17 -32.57
CA ARG F 492 38.54 37.16 -31.61
C ARG F 492 39.74 36.56 -30.88
N THR F 493 40.84 36.30 -31.59
CA THR F 493 42.02 35.75 -30.95
C THR F 493 42.77 36.79 -30.14
N LEU F 494 42.65 38.07 -30.49
CA LEU F 494 43.29 39.12 -29.70
C LEU F 494 42.68 39.19 -28.30
N GLN F 495 41.36 39.05 -28.20
CA GLN F 495 40.69 39.09 -26.91
C GLN F 495 40.96 37.84 -26.08
N SER F 496 41.47 36.77 -26.70
CA SER F 496 41.76 35.53 -25.98
C SER F 496 43.25 35.25 -25.96
N LYS F 602 48.40 35.68 -34.94
CA LYS F 602 48.48 34.57 -35.88
C LYS F 602 47.33 33.58 -35.68
N LEU F 603 46.66 33.22 -36.78
CA LEU F 603 45.59 32.25 -36.75
C LEU F 603 46.15 30.84 -36.93
N HIS F 604 45.49 29.87 -36.31
CA HIS F 604 45.95 28.48 -36.31
C HIS F 604 44.84 27.52 -36.66
N GLU F 605 43.86 27.96 -37.45
CA GLU F 605 42.73 27.11 -37.78
C GLU F 605 43.17 25.95 -38.66
N GLY F 606 42.81 24.73 -38.24
CA GLY F 606 43.18 23.53 -38.95
C GLY F 606 44.49 22.92 -38.53
N ASP F 607 45.26 23.58 -37.66
CA ASP F 607 46.56 23.08 -37.22
C ASP F 607 46.33 22.20 -36.00
N THR F 608 46.13 20.90 -36.24
CA THR F 608 45.83 19.98 -35.15
C THR F 608 47.02 19.85 -34.19
N GLU F 609 48.23 19.82 -34.72
CA GLU F 609 49.42 19.67 -33.88
C GLU F 609 49.55 20.83 -32.90
N PHE F 610 49.24 22.05 -33.34
CA PHE F 610 49.28 23.19 -32.44
C PHE F 610 48.26 23.05 -31.32
N TRP F 611 47.03 22.63 -31.66
CA TRP F 611 45.99 22.50 -30.64
C TRP F 611 46.26 21.32 -29.72
N LYS F 612 46.93 20.27 -30.22
CA LYS F 612 47.32 19.17 -29.35
C LYS F 612 48.33 19.63 -28.31
N ARG F 613 49.27 20.50 -28.70
CA ARG F 613 50.24 21.03 -27.75
C ARG F 613 49.55 21.89 -26.69
N ARG F 614 48.58 22.69 -27.09
CA ARG F 614 47.87 23.53 -26.12
C ARG F 614 46.90 22.71 -25.27
N PHE F 615 46.41 21.58 -25.81
CA PHE F 615 45.59 20.69 -24.99
C PHE F 615 46.43 20.04 -23.90
N LEU F 616 47.71 19.81 -24.16
CA LEU F 616 48.61 19.26 -23.15
C LEU F 616 49.16 20.37 -22.26
N TRP F 740 34.73 15.15 -8.71
CA TRP F 740 34.69 16.43 -9.41
C TRP F 740 35.93 16.64 -10.28
N PHE F 741 35.71 16.90 -11.56
CA PHE F 741 36.80 17.38 -12.39
C PHE F 741 37.23 18.77 -11.92
N PRO F 742 38.52 19.08 -12.01
CA PRO F 742 38.99 20.40 -11.58
C PRO F 742 38.35 21.50 -12.39
N GLU F 743 38.04 22.62 -11.71
CA GLU F 743 37.44 23.76 -12.39
C GLU F 743 38.43 24.41 -13.35
N GLU F 744 39.72 24.40 -13.03
CA GLU F 744 40.72 24.97 -13.90
C GLU F 744 40.77 24.20 -15.22
N PRO F 745 40.89 24.89 -16.35
CA PRO F 745 40.82 24.18 -17.64
C PRO F 745 41.95 23.18 -17.87
N PHE F 746 43.20 23.61 -17.73
CA PHE F 746 44.32 22.73 -18.03
C PHE F 746 44.43 21.58 -17.05
N GLU F 747 44.01 21.79 -15.80
CA GLU F 747 43.91 20.67 -14.87
C GLU F 747 42.84 19.69 -15.31
N ALA F 748 41.70 20.20 -15.81
CA ALA F 748 40.64 19.34 -16.30
C ALA F 748 41.09 18.55 -17.52
N PHE F 749 41.88 19.17 -18.40
CA PHE F 749 42.42 18.45 -19.55
C PHE F 749 43.30 17.30 -19.13
N LYS F 750 44.10 17.51 -18.08
CA LYS F 750 44.96 16.45 -17.56
C LYS F 750 44.13 15.31 -16.98
N GLU F 751 43.06 15.63 -16.26
CA GLU F 751 42.20 14.60 -15.70
C GLU F 751 41.45 13.84 -16.79
N MET F 752 41.11 14.51 -17.90
CA MET F 752 40.47 13.80 -19.01
C MET F 752 41.40 12.75 -19.59
N ARG F 753 42.70 13.02 -19.63
CA ARG F 753 43.65 12.03 -20.12
C ARG F 753 43.93 10.94 -19.08
N GLU F 754 43.94 11.29 -17.80
CA GLU F 754 44.22 10.29 -16.76
C GLU F 754 43.06 9.31 -16.61
N ARG F 755 41.82 9.79 -16.73
CA ARG F 755 40.64 8.93 -16.67
C ARG F 755 40.25 8.40 -18.04
N LYS F 756 41.06 8.65 -19.07
CA LYS F 756 40.85 8.16 -20.42
C LYS F 756 39.54 8.66 -21.02
N VAL F 757 39.10 9.84 -20.61
CA VAL F 757 37.95 10.48 -21.25
C VAL F 757 38.31 10.93 -22.65
N PHE F 758 39.48 11.55 -22.82
CA PHE F 758 39.90 12.11 -24.10
C PHE F 758 41.41 12.24 -24.08
N ASP F 759 42.04 11.88 -25.21
CA ASP F 759 43.48 12.01 -25.35
C ASP F 759 43.80 12.57 -26.73
N VAL F 760 45.08 12.85 -26.97
CA VAL F 760 45.50 13.43 -28.23
C VAL F 760 45.32 12.47 -29.40
N SER F 761 45.22 11.17 -29.13
CA SER F 761 44.95 10.21 -30.20
C SER F 761 43.58 10.42 -30.83
N ASP F 762 42.66 11.10 -30.14
CA ASP F 762 41.36 11.43 -30.67
C ASP F 762 41.33 12.75 -31.43
N MET F 763 42.44 13.50 -31.43
CA MET F 763 42.49 14.80 -32.08
C MET F 763 43.00 14.61 -33.51
N TYR F 764 42.06 14.50 -34.45
CA TYR F 764 42.40 14.43 -35.87
C TYR F 764 41.21 14.96 -36.66
N THR F 765 41.52 15.57 -37.81
CA THR F 765 40.49 16.08 -38.71
C THR F 765 40.58 15.32 -40.03
N ILE F 766 39.60 15.60 -40.91
CA ILE F 766 39.55 14.93 -42.21
C ILE F 766 40.78 15.30 -43.05
N ALA F 767 41.38 16.46 -42.79
CA ALA F 767 42.52 16.90 -43.59
C ALA F 767 43.76 16.06 -43.32
N ASP F 768 43.99 15.68 -42.05
CA ASP F 768 45.23 15.01 -41.69
C ASP F 768 45.16 13.49 -41.74
N VAL F 769 43.96 12.90 -41.76
CA VAL F 769 43.86 11.45 -41.91
C VAL F 769 43.58 11.03 -43.35
N TRP F 770 43.14 11.94 -44.21
CA TRP F 770 42.96 11.68 -45.63
C TRP F 770 44.10 12.25 -46.47
N GLY F 771 45.18 12.69 -45.83
CA GLY F 771 46.33 13.20 -46.55
C GLY F 771 46.09 14.49 -47.32
N TRP F 772 45.41 15.45 -46.70
CA TRP F 772 45.16 16.75 -47.34
C TRP F 772 46.28 17.70 -46.94
N THR F 773 47.43 17.54 -47.60
CA THR F 773 48.59 18.40 -47.32
C THR F 773 48.46 19.78 -47.94
N TRP F 774 47.59 19.95 -48.93
CA TRP F 774 47.45 21.22 -49.62
C TRP F 774 46.56 22.21 -48.90
N GLU F 775 45.78 21.78 -47.91
CA GLU F 775 44.80 22.67 -47.30
C GLU F 775 45.44 23.68 -46.36
N LYS F 776 46.61 23.38 -45.81
CA LYS F 776 47.30 24.35 -44.97
C LYS F 776 47.76 25.57 -45.77
N ASP F 777 47.79 25.48 -47.10
CA ASP F 777 48.09 26.62 -47.94
C ASP F 777 46.91 27.56 -48.10
N PHE F 778 45.68 27.07 -47.96
CA PHE F 778 44.47 27.85 -48.19
C PHE F 778 43.88 28.42 -46.91
N LYS F 779 44.54 28.24 -45.77
CA LYS F 779 44.02 28.70 -44.50
C LYS F 779 45.06 29.57 -43.79
N ASN F 780 44.57 30.44 -42.91
CA ASN F 780 45.39 31.31 -42.07
C ASN F 780 46.22 32.31 -42.87
N LYS F 781 45.79 32.61 -44.10
CA LYS F 781 46.44 33.61 -44.94
C LYS F 781 45.55 34.84 -45.05
N THR F 782 46.18 36.00 -45.13
CA THR F 782 45.44 37.25 -45.27
C THR F 782 44.85 37.34 -46.67
N PRO F 783 43.55 37.57 -46.81
CA PRO F 783 42.94 37.62 -48.15
C PRO F 783 43.40 38.83 -48.94
N ARG F 784 43.40 38.68 -50.26
CA ARG F 784 43.79 39.77 -51.15
C ARG F 784 42.61 40.71 -51.36
N ARG F 785 42.91 42.01 -51.36
CA ARG F 785 41.86 43.02 -51.51
C ARG F 785 41.52 43.22 -52.97
N TRP F 786 40.23 43.40 -53.25
CA TRP F 786 39.77 43.54 -54.62
C TRP F 786 40.30 44.82 -55.24
N SER F 787 40.75 44.70 -56.49
CA SER F 787 41.11 45.84 -57.31
C SER F 787 40.54 45.62 -58.71
N GLN F 788 40.15 46.71 -59.36
CA GLN F 788 39.57 46.61 -60.69
C GLN F 788 40.55 45.98 -61.67
N GLU F 789 41.85 46.23 -61.50
CA GLU F 789 42.85 45.59 -62.36
C GLU F 789 42.86 44.09 -62.16
N TRP F 790 42.75 43.63 -60.91
CA TRP F 790 42.72 42.20 -60.64
C TRP F 790 41.48 41.56 -61.26
N GLU F 791 40.35 42.24 -61.21
CA GLU F 791 39.12 41.69 -61.76
C GLU F 791 39.22 41.50 -63.27
N VAL F 792 39.87 42.44 -63.97
CA VAL F 792 39.96 42.37 -65.42
C VAL F 792 40.82 41.18 -65.84
N GLU F 793 41.99 41.01 -65.22
CA GLU F 793 42.89 39.95 -65.64
C GLU F 793 42.30 38.58 -65.35
N LEU F 794 41.51 38.44 -64.29
CA LEU F 794 40.78 37.19 -64.06
C LEU F 794 39.79 36.94 -65.18
N ALA F 795 39.08 37.98 -65.62
CA ALA F 795 38.09 37.82 -66.67
C ALA F 795 38.72 37.44 -68.01
N ILE F 796 39.90 37.98 -68.30
CA ILE F 796 40.60 37.62 -69.53
C ILE F 796 41.05 36.17 -69.46
N VAL F 797 41.58 35.75 -68.32
CA VAL F 797 41.96 34.34 -68.14
C VAL F 797 40.72 33.45 -68.21
N LEU F 798 39.65 33.86 -67.52
CA LEU F 798 38.43 33.06 -67.51
C LEU F 798 37.84 32.92 -68.91
N MET F 799 37.80 34.02 -69.66
CA MET F 799 37.24 33.97 -71.01
C MET F 799 38.09 33.11 -71.94
N ALA F 800 39.41 33.14 -71.78
CA ALA F 800 40.28 32.28 -72.58
C ALA F 800 40.01 30.81 -72.28
N LYS F 801 39.84 30.46 -71.00
CA LYS F 801 39.59 29.07 -70.64
C LYS F 801 38.25 28.58 -71.19
N VAL F 802 37.23 29.43 -71.13
CA VAL F 802 35.90 29.02 -71.60
C VAL F 802 35.91 28.77 -73.10
N ILE F 803 36.60 29.63 -73.86
CA ILE F 803 36.64 29.47 -75.30
C ILE F 803 37.39 28.19 -75.68
N GLU F 804 38.51 27.92 -75.02
CA GLU F 804 39.31 26.73 -75.33
C GLU F 804 38.68 25.45 -74.79
N LEU F 805 37.60 25.56 -74.01
CA LEU F 805 36.90 24.40 -73.49
C LEU F 805 35.50 24.25 -74.09
N GLY F 806 35.25 24.92 -75.21
CA GLY F 806 34.01 24.74 -75.95
C GLY F 806 32.90 25.71 -75.61
N GLY F 807 33.18 26.78 -74.88
CA GLY F 807 32.18 27.75 -74.51
C GLY F 807 32.20 28.97 -75.42
N VAL F 808 31.04 29.58 -75.60
CA VAL F 808 30.87 30.74 -76.45
C VAL F 808 30.35 31.89 -75.60
N PRO F 809 31.23 32.76 -75.11
CA PRO F 809 30.77 33.97 -74.42
C PRO F 809 29.98 34.87 -75.37
N THR F 810 28.99 35.55 -74.81
CA THR F 810 28.07 36.36 -75.61
C THR F 810 28.70 37.70 -75.96
N ILE F 811 28.06 38.41 -76.89
CA ILE F 811 28.50 39.76 -77.25
C ILE F 811 28.38 40.69 -76.05
N GLY F 812 27.34 40.52 -75.23
CA GLY F 812 27.22 41.31 -74.02
C GLY F 812 28.33 41.03 -73.03
N ASP F 813 28.77 39.77 -72.94
CA ASP F 813 29.86 39.43 -72.03
C ASP F 813 31.14 40.15 -72.40
N CYS F 814 31.45 40.22 -73.70
CA CYS F 814 32.68 40.87 -74.14
C CYS F 814 32.67 42.36 -73.80
N ALA F 815 31.52 43.01 -73.96
CA ALA F 815 31.42 44.43 -73.65
C ALA F 815 31.51 44.70 -72.15
N VAL F 816 30.99 43.79 -71.33
CA VAL F 816 31.05 43.97 -69.88
C VAL F 816 32.49 43.85 -69.39
N ILE F 817 33.25 42.90 -69.92
CA ILE F 817 34.65 42.71 -69.53
C ILE F 817 35.47 43.92 -69.94
N GLN F 835 40.29 41.48 -79.81
CA GLN F 835 40.95 40.34 -80.42
C GLN F 835 40.19 39.06 -80.13
N THR F 836 39.82 38.87 -78.86
CA THR F 836 38.97 37.74 -78.49
C THR F 836 37.52 38.00 -78.86
N THR F 837 37.08 39.26 -78.82
CA THR F 837 35.73 39.59 -79.26
C THR F 837 35.54 39.32 -80.74
N HIS F 838 36.54 39.69 -81.55
CA HIS F 838 36.44 39.50 -82.99
C HIS F 838 36.70 38.06 -83.41
N SER F 839 37.48 37.32 -82.61
CA SER F 839 37.66 35.90 -82.87
C SER F 839 36.37 35.12 -82.73
N LEU F 840 35.40 35.66 -82.00
CA LEU F 840 34.07 35.07 -81.88
C LEU F 840 33.10 35.57 -82.95
N GLY F 841 33.53 36.50 -83.80
CA GLY F 841 32.65 37.03 -84.82
C GLY F 841 31.75 38.15 -84.37
N TYR F 842 32.18 38.92 -83.37
CA TYR F 842 31.38 40.00 -82.81
C TYR F 842 31.98 41.35 -83.21
N ALA F 843 31.10 42.32 -83.45
CA ALA F 843 31.51 43.68 -83.79
C ALA F 843 30.81 44.66 -82.86
N PHE F 844 31.59 45.55 -82.27
CA PHE F 844 31.05 46.57 -81.38
C PHE F 844 30.50 47.76 -82.16
N MET G 420 -2.04 -31.99 -88.74
CA MET G 420 -2.27 -33.37 -88.32
C MET G 420 -2.60 -34.27 -89.49
N GLU G 421 -3.35 -33.74 -90.46
CA GLU G 421 -3.73 -34.54 -91.62
C GLU G 421 -2.54 -34.77 -92.55
N THR G 422 -1.69 -33.76 -92.73
CA THR G 422 -0.54 -33.92 -93.62
C THR G 422 0.53 -34.79 -92.98
N TYR G 423 0.78 -34.62 -91.68
CA TYR G 423 1.78 -35.43 -91.00
C TYR G 423 1.39 -36.90 -91.00
N GLU G 424 0.14 -37.20 -90.67
CA GLU G 424 -0.31 -38.59 -90.63
C GLU G 424 -0.34 -39.21 -92.02
N GLY G 425 -0.62 -38.42 -93.05
CA GLY G 425 -0.63 -38.95 -94.40
C GLY G 425 0.75 -39.37 -94.88
N ILE G 426 1.76 -38.56 -94.61
CA ILE G 426 3.11 -38.87 -95.07
C ILE G 426 3.68 -40.05 -94.29
N ILE G 427 3.47 -40.07 -92.97
CA ILE G 427 4.03 -41.13 -92.14
C ILE G 427 3.43 -42.47 -92.50
N PHE G 428 2.14 -42.51 -92.87
CA PHE G 428 1.54 -43.75 -93.33
C PHE G 428 2.24 -44.28 -94.56
N ALA G 429 2.60 -43.39 -95.49
CA ALA G 429 3.35 -43.81 -96.67
C ALA G 429 4.72 -44.35 -96.29
N CYS G 430 5.40 -43.68 -95.35
CA CYS G 430 6.70 -44.18 -94.89
C CYS G 430 6.56 -45.55 -94.21
N GLY G 431 5.54 -45.71 -93.37
CA GLY G 431 5.30 -47.00 -92.76
C GLY G 431 4.90 -48.07 -93.77
N LYS G 432 4.12 -47.67 -94.78
CA LYS G 432 3.74 -48.61 -95.83
C LYS G 432 4.96 -49.10 -96.60
N GLY G 433 5.79 -48.17 -97.09
CA GLY G 433 6.97 -48.50 -97.85
C GLY G 433 8.21 -48.78 -97.04
N GLY G 434 8.12 -48.74 -95.72
CA GLY G 434 9.27 -49.02 -94.87
C GLY G 434 10.40 -48.01 -94.96
N LEU G 435 10.06 -46.73 -95.10
CA LEU G 435 11.06 -45.66 -95.13
C LEU G 435 11.20 -45.08 -93.72
N HIS G 436 11.97 -45.79 -92.90
CA HIS G 436 12.13 -45.40 -91.50
C HIS G 436 12.88 -44.08 -91.37
N GLU G 437 13.85 -43.81 -92.25
CA GLU G 437 14.62 -42.57 -92.16
C GLU G 437 13.72 -41.35 -92.36
N ASP G 438 12.84 -41.41 -93.36
CA ASP G 438 11.92 -40.30 -93.59
C ASP G 438 10.92 -40.16 -92.45
N ALA G 439 10.46 -41.29 -91.91
CA ALA G 439 9.51 -41.24 -90.80
C ALA G 439 10.13 -40.59 -89.57
N ARG G 440 11.41 -40.87 -89.30
CA ARG G 440 12.08 -40.27 -88.15
C ARG G 440 12.20 -38.75 -88.31
N LYS G 441 12.43 -38.29 -89.54
CA LYS G 441 12.58 -36.85 -89.75
C LYS G 441 11.26 -36.12 -89.61
N ILE G 442 10.15 -36.73 -90.03
CA ILE G 442 8.84 -36.12 -89.82
C ILE G 442 8.53 -36.01 -88.33
N LEU G 443 8.85 -37.05 -87.56
CA LEU G 443 8.65 -37.00 -86.11
C LEU G 443 9.50 -35.90 -85.48
N GLN G 444 10.76 -35.78 -85.90
CA GLN G 444 11.63 -34.73 -85.38
C GLN G 444 11.14 -33.35 -85.82
N TYR G 445 10.65 -33.24 -87.05
CA TYR G 445 10.11 -31.96 -87.52
C TYR G 445 8.89 -31.55 -86.71
N MET G 446 8.02 -32.50 -86.37
CA MET G 446 6.86 -32.19 -85.55
C MET G 446 7.27 -31.73 -84.16
N THR G 447 8.24 -32.44 -83.54
CA THR G 447 8.69 -32.06 -82.21
C THR G 447 9.40 -30.71 -82.23
N ALA G 448 10.19 -30.45 -83.28
CA ALA G 448 10.89 -29.17 -83.38
C ALA G 448 9.91 -28.00 -83.54
N LYS G 449 8.68 -28.27 -83.97
CA LYS G 449 7.65 -27.24 -84.08
C LYS G 449 6.68 -27.26 -82.91
N ASP G 450 7.05 -27.92 -81.81
CA ASP G 450 6.23 -28.00 -80.60
C ASP G 450 4.86 -28.61 -80.90
N VAL G 451 4.84 -29.59 -81.81
CA VAL G 451 3.64 -30.31 -82.18
C VAL G 451 3.69 -31.71 -81.57
N VAL G 452 2.66 -32.08 -80.83
CA VAL G 452 2.56 -33.41 -80.23
C VAL G 452 1.92 -34.34 -81.26
N PRO G 453 2.64 -35.31 -81.81
CA PRO G 453 2.05 -36.17 -82.84
C PRO G 453 0.92 -37.02 -82.29
N SER G 454 -0.05 -37.30 -83.17
CA SER G 454 -1.21 -38.07 -82.78
C SER G 454 -0.85 -39.54 -82.59
N SER G 455 -1.74 -40.27 -81.92
CA SER G 455 -1.53 -41.70 -81.70
C SER G 455 -1.44 -42.46 -83.02
N LYS G 456 -2.14 -42.00 -84.05
CA LYS G 456 -2.03 -42.64 -85.35
C LYS G 456 -0.71 -42.33 -86.03
N ALA G 457 -0.18 -41.12 -85.82
CA ALA G 457 1.09 -40.76 -86.44
C ALA G 457 2.24 -41.63 -85.92
N TYR G 458 2.25 -41.90 -84.61
CA TYR G 458 3.29 -42.75 -84.05
C TYR G 458 3.17 -44.17 -84.58
N THR G 459 1.93 -44.67 -84.75
CA THR G 459 1.73 -46.01 -85.28
C THR G 459 2.33 -46.16 -86.69
N GLY G 460 2.31 -45.09 -87.48
CA GLY G 460 2.99 -45.13 -88.76
C GLY G 460 4.49 -45.22 -88.64
N VAL G 461 5.05 -44.53 -87.64
CA VAL G 461 6.50 -44.61 -87.41
C VAL G 461 6.87 -45.99 -86.89
N ILE G 462 6.05 -46.56 -86.01
CA ILE G 462 6.28 -47.92 -85.51
C ILE G 462 6.23 -48.91 -86.66
N GLU G 463 5.32 -48.69 -87.61
CA GLU G 463 5.21 -49.58 -88.76
C GLU G 463 6.49 -49.57 -89.59
N ALA G 464 7.05 -48.39 -89.83
CA ALA G 464 8.24 -48.28 -90.69
C ALA G 464 9.43 -49.00 -90.09
N PHE G 465 9.63 -48.87 -88.77
CA PHE G 465 10.76 -49.54 -88.13
C PHE G 465 10.63 -51.05 -88.21
N GLY G 466 9.41 -51.57 -88.04
CA GLY G 466 9.21 -53.00 -88.17
C GLY G 466 9.43 -53.52 -89.59
N GLN G 467 9.24 -52.67 -90.59
CA GLN G 467 9.53 -53.05 -91.96
C GLN G 467 11.02 -53.25 -92.18
N ALA G 468 11.85 -52.49 -91.46
CA ALA G 468 13.30 -52.58 -91.59
C ALA G 468 13.94 -53.42 -90.49
N ALA G 469 13.12 -54.15 -89.71
CA ALA G 469 13.60 -54.99 -88.61
C ALA G 469 14.37 -54.19 -87.56
N LEU G 470 13.99 -52.93 -87.36
CA LEU G 470 14.60 -52.09 -86.33
C LEU G 470 13.69 -52.12 -85.10
N TYR G 471 13.76 -53.23 -84.38
CA TYR G 471 12.87 -53.45 -83.23
C TYR G 471 13.19 -52.48 -82.10
N GLU G 472 14.46 -52.15 -81.90
CA GLU G 472 14.82 -51.24 -80.82
C GLU G 472 14.20 -49.86 -81.03
N GLU G 473 14.27 -49.34 -82.25
CA GLU G 473 13.70 -48.02 -82.53
C GLU G 473 12.18 -48.07 -82.59
N ALA G 474 11.60 -49.23 -82.92
CA ALA G 474 10.15 -49.36 -82.93
C ALA G 474 9.59 -49.33 -81.51
N LEU G 475 10.24 -50.02 -80.58
CA LEU G 475 9.77 -50.04 -79.20
C LEU G 475 10.04 -48.74 -78.47
N VAL G 476 11.00 -47.94 -78.95
CA VAL G 476 11.19 -46.60 -78.40
C VAL G 476 10.00 -45.72 -78.75
N ALA G 477 9.57 -45.77 -80.01
CA ALA G 477 8.38 -45.00 -80.42
C ALA G 477 7.15 -45.46 -79.66
N PHE G 478 7.00 -46.78 -79.47
CA PHE G 478 5.89 -47.30 -78.69
C PHE G 478 5.96 -46.80 -77.25
N ASN G 479 7.16 -46.74 -76.68
CA ASN G 479 7.34 -46.18 -75.35
C ASN G 479 7.02 -44.69 -75.33
N THR G 480 7.40 -43.97 -76.38
CA THR G 480 7.17 -42.53 -76.44
C THR G 480 5.69 -42.18 -76.61
N MET G 481 4.88 -43.12 -77.11
CA MET G 481 3.45 -42.85 -77.25
C MET G 481 2.81 -42.57 -75.90
N HIS G 482 3.15 -43.36 -74.88
CA HIS G 482 2.60 -43.14 -73.55
C HIS G 482 3.18 -41.88 -72.91
N GLU G 483 4.41 -41.51 -73.29
CA GLU G 483 5.03 -40.32 -72.72
C GLU G 483 4.28 -39.05 -73.12
N VAL G 484 3.86 -38.97 -74.39
CA VAL G 484 3.16 -37.77 -74.87
C VAL G 484 1.66 -37.89 -74.69
N GLY G 485 1.16 -38.97 -74.11
CA GLY G 485 -0.26 -39.16 -73.91
C GLY G 485 -1.01 -39.71 -75.11
N SER G 486 -0.34 -39.94 -76.22
CA SER G 486 -0.95 -40.53 -77.42
C SER G 486 -0.97 -42.05 -77.24
N ASN G 487 -1.92 -42.52 -76.44
CA ASN G 487 -1.98 -43.93 -76.11
C ASN G 487 -2.21 -44.78 -77.36
N PRO G 488 -1.61 -45.96 -77.42
CA PRO G 488 -1.75 -46.79 -78.62
C PRO G 488 -3.18 -47.23 -78.85
N SER G 489 -3.55 -47.32 -80.13
CA SER G 489 -4.85 -47.81 -80.54
C SER G 489 -4.74 -49.30 -80.86
N ILE G 490 -5.84 -49.88 -81.36
CA ILE G 490 -5.81 -51.28 -81.75
C ILE G 490 -4.87 -51.50 -82.92
N GLU G 491 -4.79 -50.53 -83.84
CA GLU G 491 -3.89 -50.67 -84.98
C GLU G 491 -2.43 -50.67 -84.55
N THR G 492 -2.10 -49.97 -83.46
CA THR G 492 -0.72 -49.93 -82.98
C THR G 492 -0.28 -51.31 -82.51
N PHE G 493 -1.14 -52.04 -81.79
CA PHE G 493 -0.80 -53.38 -81.36
C PHE G 493 -0.79 -54.39 -82.50
N HIS G 494 -1.25 -53.99 -83.69
CA HIS G 494 -1.12 -54.83 -84.87
C HIS G 494 0.17 -54.55 -85.62
N SER G 495 0.63 -53.30 -85.63
CA SER G 495 1.90 -52.98 -86.26
C SER G 495 3.05 -53.72 -85.57
N LEU G 496 2.99 -53.84 -84.25
CA LEU G 496 4.00 -54.60 -83.52
C LEU G 496 3.89 -56.09 -83.82
N LEU G 497 2.67 -56.63 -83.85
CA LEU G 497 2.49 -58.07 -84.04
C LEU G 497 2.99 -58.52 -85.40
N TYR G 498 2.67 -57.76 -86.46
CA TYR G 498 3.18 -58.12 -87.79
C TYR G 498 4.68 -57.91 -87.88
N SER G 499 5.19 -56.89 -87.20
CA SER G 499 6.64 -56.69 -87.15
C SER G 499 7.34 -57.85 -86.44
N PHE G 500 6.77 -58.31 -85.33
CA PHE G 500 7.35 -59.43 -84.61
C PHE G 500 7.13 -60.75 -85.34
N ALA G 501 6.00 -60.88 -86.05
CA ALA G 501 5.70 -62.15 -86.72
C ALA G 501 6.73 -62.47 -87.79
N ARG G 502 7.16 -61.46 -88.55
CA ARG G 502 8.14 -61.69 -89.61
C ARG G 502 9.46 -62.19 -89.04
N GLY G 503 9.86 -61.68 -87.89
CA GLY G 503 11.08 -62.12 -87.25
C GLY G 503 10.96 -63.37 -86.41
N GLY G 504 9.75 -63.89 -86.23
CA GLY G 504 9.54 -65.06 -85.39
C GLY G 504 9.79 -64.78 -83.92
N LEU G 505 9.40 -63.59 -83.45
CA LEU G 505 9.60 -63.22 -82.04
C LEU G 505 8.31 -63.48 -81.26
N PHE G 506 8.00 -64.77 -81.11
CA PHE G 506 6.78 -65.17 -80.41
C PHE G 506 6.86 -64.85 -78.93
N LYS G 507 8.06 -64.66 -78.38
CA LYS G 507 8.16 -64.17 -77.00
C LYS G 507 7.59 -62.77 -76.86
N GLU G 508 7.91 -61.89 -77.81
CA GLU G 508 7.35 -60.54 -77.81
C GLU G 508 5.90 -60.53 -78.27
N SER G 509 5.52 -61.47 -79.13
CA SER G 509 4.13 -61.56 -79.56
C SER G 509 3.21 -61.92 -78.39
N GLU G 510 3.66 -62.84 -77.53
CA GLU G 510 2.86 -63.21 -76.36
C GLU G 510 2.76 -62.05 -75.38
N VAL G 511 3.76 -61.16 -75.33
CA VAL G 511 3.67 -59.98 -74.48
C VAL G 511 2.52 -59.10 -74.92
N ILE G 512 2.36 -58.90 -76.24
CA ILE G 512 1.24 -58.13 -76.75
C ILE G 512 -0.08 -58.85 -76.45
N LEU G 513 -0.11 -60.17 -76.68
CA LEU G 513 -1.34 -60.92 -76.44
C LEU G 513 -1.73 -60.89 -74.97
N SER G 514 -0.76 -61.07 -74.07
CA SER G 514 -1.04 -60.93 -72.64
C SER G 514 -1.40 -59.51 -72.28
N ARG G 515 -1.00 -58.52 -73.09
CA ARG G 515 -1.40 -57.14 -72.87
C ARG G 515 -2.75 -56.82 -73.49
N LEU G 516 -3.09 -57.44 -74.62
CA LEU G 516 -4.37 -57.17 -75.27
C LEU G 516 -5.54 -57.63 -74.41
N VAL G 517 -5.40 -58.79 -73.76
CA VAL G 517 -6.48 -59.28 -72.91
C VAL G 517 -6.66 -58.37 -71.69
N ASN G 518 -5.56 -57.84 -71.16
CA ASN G 518 -5.64 -56.93 -70.03
C ASN G 518 -6.12 -55.54 -70.44
N SER G 519 -5.92 -55.16 -71.70
CA SER G 519 -6.32 -53.84 -72.17
C SER G 519 -7.78 -53.80 -72.63
N GLY G 520 -8.51 -54.90 -72.51
CA GLY G 520 -9.89 -54.93 -72.93
C GLY G 520 -10.12 -55.16 -74.41
N ILE G 521 -9.07 -55.48 -75.16
CA ILE G 521 -9.16 -55.67 -76.60
C ILE G 521 -9.36 -57.16 -76.87
N PRO G 522 -10.49 -57.56 -77.45
CA PRO G 522 -10.65 -58.97 -77.84
C PRO G 522 -9.74 -59.32 -78.99
N ARG G 523 -9.44 -60.62 -79.10
CA ARG G 523 -8.60 -61.12 -80.18
C ARG G 523 -9.41 -61.18 -81.46
N ASN G 524 -9.07 -60.32 -82.42
CA ASN G 524 -9.70 -60.36 -83.73
C ASN G 524 -8.99 -61.40 -84.61
N ARG G 525 -9.32 -61.42 -85.89
CA ARG G 525 -8.68 -62.37 -86.79
C ARG G 525 -7.23 -61.98 -87.10
N ASP G 526 -6.97 -60.68 -87.24
CA ASP G 526 -5.61 -60.24 -87.57
C ASP G 526 -4.63 -60.60 -86.47
N THR G 527 -5.06 -60.57 -85.21
CA THR G 527 -4.20 -60.99 -84.12
C THR G 527 -3.85 -62.48 -84.24
N PHE G 528 -4.82 -63.30 -84.63
CA PHE G 528 -4.57 -64.72 -84.78
C PHE G 528 -3.60 -65.01 -85.92
N ASN G 529 -3.70 -64.25 -87.02
CA ASN G 529 -2.81 -64.47 -88.16
C ASN G 529 -1.36 -64.19 -87.77
N ALA G 530 -1.12 -63.12 -87.04
CA ALA G 530 0.24 -62.80 -86.60
C ALA G 530 0.77 -63.86 -85.64
N THR G 531 -0.10 -64.40 -84.78
CA THR G 531 0.33 -65.43 -83.85
C THR G 531 0.78 -66.69 -84.60
N ILE G 532 0.04 -67.09 -85.63
CA ILE G 532 0.45 -68.25 -86.43
C ILE G 532 1.75 -67.95 -87.15
N GLU G 533 1.86 -66.76 -87.74
CA GLU G 533 3.07 -66.39 -88.47
C GLU G 533 4.28 -66.29 -87.56
N ALA G 534 4.09 -65.76 -86.35
CA ALA G 534 5.20 -65.64 -85.41
C ALA G 534 5.69 -67.01 -84.96
N TYR G 535 4.76 -67.89 -84.59
CA TYR G 535 5.15 -69.24 -84.18
C TYR G 535 5.78 -70.02 -85.32
N LYS G 536 5.29 -69.83 -86.54
CA LYS G 536 5.86 -70.53 -87.69
C LYS G 536 7.30 -70.11 -87.93
N GLN G 537 7.56 -68.80 -87.98
CA GLN G 537 8.91 -68.32 -88.24
C GLN G 537 9.84 -68.65 -87.08
N GLY G 538 9.31 -68.76 -85.87
CA GLY G 538 10.09 -69.17 -84.72
C GLY G 538 10.31 -70.65 -84.58
N GLY G 539 9.78 -71.45 -85.51
CA GLY G 539 9.97 -72.88 -85.49
C GLY G 539 9.00 -73.64 -84.61
N LYS G 540 8.07 -72.97 -83.94
CA LYS G 540 7.09 -73.62 -83.08
C LYS G 540 5.94 -74.11 -83.96
N PHE G 541 6.12 -75.29 -84.56
CA PHE G 541 5.08 -75.83 -85.42
C PHE G 541 3.89 -76.35 -84.62
N GLU G 542 4.15 -77.00 -83.48
CA GLU G 542 3.08 -77.52 -82.66
C GLU G 542 2.19 -76.41 -82.13
N GLU G 543 2.79 -75.32 -81.65
CA GLU G 543 2.01 -74.22 -81.12
C GLU G 543 1.32 -73.41 -82.21
N ALA G 544 1.84 -73.45 -83.44
CA ALA G 544 1.19 -72.73 -84.53
C ALA G 544 -0.16 -73.35 -84.89
N VAL G 545 -0.20 -74.68 -85.04
CA VAL G 545 -1.46 -75.34 -85.37
C VAL G 545 -2.43 -75.28 -84.19
N LYS G 546 -1.90 -75.24 -82.96
CA LYS G 546 -2.77 -75.12 -81.80
C LYS G 546 -3.53 -73.80 -81.81
N THR G 547 -2.87 -72.71 -82.21
CA THR G 547 -3.56 -71.44 -82.36
C THR G 547 -4.65 -71.54 -83.42
N TYR G 548 -4.35 -72.19 -84.55
CA TYR G 548 -5.39 -72.43 -85.55
C TYR G 548 -6.45 -73.39 -85.03
N VAL G 549 -6.08 -74.33 -84.16
CA VAL G 549 -7.06 -75.20 -83.53
C VAL G 549 -7.92 -74.40 -82.56
N ASP G 550 -7.29 -73.57 -81.73
CA ASP G 550 -8.02 -72.75 -80.76
C ASP G 550 -8.76 -71.59 -81.42
N MET G 551 -8.35 -71.18 -82.62
CA MET G 551 -9.05 -70.11 -83.32
C MET G 551 -10.46 -70.51 -83.69
N GLU G 552 -10.63 -71.73 -84.19
CA GLU G 552 -11.95 -72.19 -84.63
C GLU G 552 -12.91 -72.35 -83.46
N LYS G 553 -12.39 -72.71 -82.28
CA LYS G 553 -13.24 -72.82 -81.09
C LYS G 553 -13.86 -71.48 -80.74
N SER G 554 -13.10 -70.39 -80.90
CA SER G 554 -13.57 -69.04 -80.64
C SER G 554 -14.36 -68.45 -81.81
N ARG G 555 -14.89 -69.30 -82.68
CA ARG G 555 -15.65 -68.89 -83.85
C ARG G 555 -14.79 -68.11 -84.83
N CYS G 556 -14.99 -66.79 -84.90
CA CYS G 556 -14.27 -65.93 -85.83
C CYS G 556 -14.51 -66.36 -87.27
N ASP G 557 -13.76 -65.79 -88.22
CA ASP G 557 -13.91 -66.09 -89.63
C ASP G 557 -12.55 -66.02 -90.30
N PRO G 558 -11.88 -67.16 -90.46
CA PRO G 558 -10.56 -67.16 -91.10
C PRO G 558 -10.62 -66.59 -92.52
N ASP G 559 -9.70 -65.68 -92.81
CA ASP G 559 -9.66 -65.03 -94.11
C ASP G 559 -8.70 -65.78 -95.03
N GLU G 560 -8.35 -65.18 -96.16
CA GLU G 560 -7.49 -65.84 -97.13
C GLU G 560 -6.05 -65.91 -96.63
N ARG G 561 -5.59 -64.87 -95.94
CA ARG G 561 -4.24 -64.91 -95.39
C ARG G 561 -4.11 -65.94 -94.28
N THR G 562 -5.18 -66.17 -93.52
CA THR G 562 -5.15 -67.20 -92.48
C THR G 562 -4.92 -68.58 -93.09
N LEU G 563 -5.60 -68.86 -94.20
CA LEU G 563 -5.35 -70.11 -94.92
C LEU G 563 -3.91 -70.16 -95.44
N GLU G 564 -3.41 -69.03 -95.94
CA GLU G 564 -2.01 -68.94 -96.32
C GLU G 564 -1.08 -69.04 -95.12
N ALA G 565 -1.52 -68.51 -93.97
CA ALA G 565 -0.70 -68.60 -92.76
C ALA G 565 -0.53 -70.04 -92.31
N VAL G 566 -1.61 -70.83 -92.32
CA VAL G 566 -1.51 -72.22 -91.88
C VAL G 566 -0.94 -73.13 -92.96
N LEU G 567 -1.07 -72.75 -94.24
CA LEU G 567 -0.45 -73.54 -95.29
C LEU G 567 1.06 -73.48 -95.20
N SER G 568 1.60 -72.31 -94.85
CA SER G 568 3.05 -72.17 -94.68
C SER G 568 3.57 -73.06 -93.56
N VAL G 569 2.77 -73.25 -92.51
CA VAL G 569 3.17 -74.13 -91.41
C VAL G 569 3.33 -75.56 -91.91
N TYR G 570 2.32 -76.06 -92.62
CA TYR G 570 2.38 -77.42 -93.15
C TYR G 570 3.47 -77.55 -94.22
N SER G 571 3.62 -76.52 -95.06
CA SER G 571 4.65 -76.56 -96.09
C SER G 571 6.04 -76.55 -95.48
N CYS G 572 6.24 -75.80 -94.39
CA CYS G 572 7.56 -75.76 -93.76
C CYS G 572 7.92 -77.12 -93.18
N ALA G 573 6.99 -77.77 -92.48
CA ALA G 573 7.27 -79.08 -91.91
C ALA G 573 6.84 -80.22 -92.84
N ARG G 574 7.19 -80.10 -94.12
CA ARG G 574 7.15 -81.18 -95.11
C ARG G 574 5.94 -82.12 -94.93
N LEU G 575 4.75 -81.54 -95.00
CA LEU G 575 3.50 -82.31 -94.92
C LEU G 575 2.83 -82.27 -96.29
N VAL G 576 3.16 -83.26 -97.12
CA VAL G 576 2.67 -83.27 -98.50
C VAL G 576 1.17 -83.50 -98.54
N ASP G 577 0.66 -84.46 -97.77
CA ASP G 577 -0.77 -84.79 -97.84
C ASP G 577 -1.61 -83.72 -97.16
N GLU G 578 -1.12 -83.15 -96.06
CA GLU G 578 -1.82 -82.04 -95.43
C GLU G 578 -1.86 -80.81 -96.33
N CYS G 579 -0.75 -80.54 -97.04
CA CYS G 579 -0.71 -79.40 -97.94
C CYS G 579 -1.65 -79.58 -99.12
N ARG G 580 -1.83 -80.81 -99.61
CA ARG G 580 -2.77 -81.05 -100.71
C ARG G 580 -4.18 -80.68 -100.28
N GLU G 581 -4.62 -81.17 -99.11
CA GLU G 581 -5.96 -80.88 -98.64
C GLU G 581 -6.18 -79.39 -98.40
N GLN G 582 -5.18 -78.72 -97.83
CA GLN G 582 -5.28 -77.29 -97.59
C GLN G 582 -5.37 -76.51 -98.89
N PHE G 583 -4.58 -76.92 -99.89
CA PHE G 583 -4.51 -76.16 -101.14
C PHE G 583 -5.76 -76.35 -101.99
N GLU G 584 -6.26 -77.58 -102.11
CA GLU G 584 -7.43 -77.82 -102.95
C GLU G 584 -8.67 -77.16 -102.35
N GLU G 585 -8.76 -77.12 -101.02
CA GLU G 585 -9.88 -76.46 -100.38
C GLU G 585 -9.85 -74.95 -100.61
N MET G 586 -8.68 -74.37 -100.86
CA MET G 586 -8.60 -72.95 -101.19
C MET G 586 -9.35 -72.64 -102.47
N LYS G 587 -9.18 -73.47 -103.50
CA LYS G 587 -9.91 -73.29 -104.75
C LYS G 587 -11.28 -73.95 -104.74
N ALA G 588 -11.61 -74.71 -103.69
CA ALA G 588 -12.94 -75.29 -103.58
C ALA G 588 -14.02 -74.21 -103.38
N SER G 589 -13.63 -73.03 -102.90
CA SER G 589 -14.55 -71.91 -102.74
C SER G 589 -14.40 -70.87 -103.85
N ASP G 590 -13.69 -71.21 -104.92
CA ASP G 590 -13.41 -70.29 -106.02
C ASP G 590 -12.76 -69.00 -105.49
N ILE G 591 -11.58 -69.17 -104.92
CA ILE G 591 -10.82 -68.05 -104.36
C ILE G 591 -9.62 -67.68 -105.23
N LEU G 592 -9.14 -68.57 -106.10
CA LEU G 592 -7.95 -68.34 -106.91
C LEU G 592 -6.78 -67.95 -106.02
N PRO G 593 -6.18 -68.91 -105.31
CA PRO G 593 -5.13 -68.57 -104.34
C PRO G 593 -3.99 -67.81 -105.00
N SER G 594 -3.42 -66.88 -104.23
CA SER G 594 -2.39 -66.00 -104.74
C SER G 594 -1.11 -66.79 -105.07
N ILE G 595 -0.16 -66.09 -105.68
CA ILE G 595 1.09 -66.71 -106.12
C ILE G 595 1.89 -67.23 -104.93
N MET G 596 1.68 -66.64 -103.75
CA MET G 596 2.41 -67.10 -102.56
C MET G 596 2.05 -68.54 -102.21
N CYS G 597 0.77 -68.90 -102.29
CA CYS G 597 0.37 -70.27 -101.99
C CYS G 597 0.87 -71.25 -103.03
N TYR G 598 0.94 -70.83 -104.31
CA TYR G 598 1.46 -71.69 -105.36
C TYR G 598 2.94 -71.99 -105.13
N CYS G 599 3.71 -70.98 -104.72
CA CYS G 599 5.13 -71.20 -104.47
C CYS G 599 5.38 -72.11 -103.28
N MET G 600 4.45 -72.13 -102.31
CA MET G 600 4.58 -73.03 -101.18
C MET G 600 4.24 -74.47 -101.57
N MET G 601 3.34 -74.66 -102.54
CA MET G 601 3.09 -75.99 -103.08
C MET G 601 4.34 -76.55 -103.76
N LEU G 602 5.04 -75.70 -104.51
CA LEU G 602 6.25 -76.14 -105.18
C LEU G 602 7.34 -76.51 -104.18
N SER G 603 7.38 -75.84 -103.03
CA SER G 603 8.38 -76.15 -102.01
C SER G 603 8.15 -77.53 -101.41
N VAL G 604 6.92 -77.81 -100.98
CA VAL G 604 6.65 -79.08 -100.33
C VAL G 604 6.77 -80.24 -101.32
N TYR G 605 6.47 -80.00 -102.59
CA TYR G 605 6.71 -81.02 -103.61
C TYR G 605 8.19 -81.12 -103.96
N GLY G 606 8.90 -79.98 -103.98
CA GLY G 606 10.32 -80.02 -104.27
C GLY G 606 11.15 -80.54 -103.12
N LYS G 607 10.66 -80.41 -101.88
CA LYS G 607 11.38 -80.96 -100.74
C LYS G 607 11.35 -82.47 -100.73
N THR G 608 10.20 -83.06 -101.10
CA THR G 608 10.04 -84.50 -101.15
C THR G 608 10.40 -85.09 -102.51
N GLU G 609 10.95 -84.28 -103.42
CA GLU G 609 11.37 -84.72 -104.75
C GLU G 609 10.20 -85.27 -105.57
N SER G 610 8.99 -84.80 -105.29
CA SER G 610 7.80 -85.23 -106.00
C SER G 610 7.70 -84.46 -107.31
N TRP G 611 8.53 -84.87 -108.28
CA TRP G 611 8.59 -84.16 -109.55
C TRP G 611 7.32 -84.28 -110.37
N ASP G 612 6.47 -85.27 -110.08
CA ASP G 612 5.21 -85.40 -110.80
C ASP G 612 4.27 -84.25 -110.45
N ASP G 613 4.14 -83.94 -109.15
CA ASP G 613 3.23 -82.88 -108.74
C ASP G 613 3.77 -81.50 -109.11
N VAL G 614 5.09 -81.34 -109.19
CA VAL G 614 5.67 -80.05 -109.56
C VAL G 614 5.25 -79.67 -110.97
N ASN G 615 5.36 -80.61 -111.90
CA ASN G 615 4.95 -80.34 -113.28
C ASN G 615 3.44 -80.20 -113.39
N GLU G 616 2.69 -80.88 -112.53
CA GLU G 616 1.23 -80.75 -112.54
C GLU G 616 0.80 -79.34 -112.13
N LEU G 617 1.47 -78.76 -111.14
CA LEU G 617 1.12 -77.40 -110.72
C LEU G 617 1.62 -76.35 -111.69
N LEU G 618 2.80 -76.58 -112.29
CA LEU G 618 3.38 -75.59 -113.19
C LEU G 618 2.49 -75.37 -114.41
N GLU G 619 1.94 -76.44 -114.98
CA GLU G 619 1.04 -76.29 -116.12
C GLU G 619 -0.20 -75.49 -115.75
N GLU G 620 -0.64 -75.57 -114.50
CA GLU G 620 -1.75 -74.74 -114.04
C GLU G 620 -1.36 -73.26 -114.01
N MET G 621 -0.12 -72.96 -113.65
CA MET G 621 0.34 -71.58 -113.63
C MET G 621 0.74 -71.08 -115.01
N LEU G 622 0.96 -71.97 -115.97
CA LEU G 622 1.37 -71.53 -117.30
C LEU G 622 0.21 -70.96 -118.11
N SER G 623 -1.00 -71.49 -117.93
CA SER G 623 -2.14 -70.96 -118.68
C SER G 623 -2.68 -69.70 -118.02
N ASN G 624 -3.26 -69.86 -116.83
CA ASN G 624 -3.67 -68.78 -115.94
C ASN G 624 -4.21 -67.56 -116.70
N ARG G 625 -5.29 -67.82 -117.45
CA ARG G 625 -5.86 -66.78 -118.30
C ARG G 625 -6.38 -65.58 -117.50
N VAL G 626 -6.61 -65.75 -116.20
CA VAL G 626 -7.18 -64.70 -115.37
C VAL G 626 -6.11 -63.87 -114.69
N SER G 627 -5.06 -64.50 -114.16
CA SER G 627 -4.05 -63.81 -113.35
C SER G 627 -2.75 -63.72 -114.14
N ASN G 628 -2.23 -62.50 -114.28
CA ASN G 628 -0.98 -62.29 -115.01
C ASN G 628 0.24 -62.68 -114.18
N ILE G 629 0.19 -62.44 -112.87
CA ILE G 629 1.37 -62.68 -112.03
C ILE G 629 1.71 -64.16 -112.00
N HIS G 630 0.71 -65.02 -111.90
CA HIS G 630 0.97 -66.47 -111.89
C HIS G 630 1.61 -66.92 -113.18
N GLN G 631 1.16 -66.38 -114.32
CA GLN G 631 1.72 -66.77 -115.61
C GLN G 631 3.20 -66.39 -115.70
N VAL G 632 3.51 -65.12 -115.42
CA VAL G 632 4.89 -64.66 -115.58
C VAL G 632 5.81 -65.35 -114.58
N ILE G 633 5.41 -65.40 -113.32
CA ILE G 633 6.23 -66.02 -112.29
C ILE G 633 6.36 -67.53 -112.56
N GLY G 634 5.27 -68.18 -112.93
CA GLY G 634 5.35 -69.59 -113.27
C GLY G 634 6.25 -69.84 -114.46
N GLN G 635 6.18 -68.99 -115.47
CA GLN G 635 7.06 -69.14 -116.63
C GLN G 635 8.52 -68.90 -116.26
N MET G 636 8.79 -67.90 -115.42
CA MET G 636 10.17 -67.56 -115.11
C MET G 636 10.84 -68.62 -114.23
N ILE G 637 10.04 -69.36 -113.45
CA ILE G 637 10.61 -70.42 -112.62
C ILE G 637 11.23 -71.50 -113.50
N LYS G 638 10.52 -71.89 -114.56
CA LYS G 638 11.02 -72.93 -115.46
C LYS G 638 12.24 -72.48 -116.25
N GLY G 639 12.52 -71.18 -116.28
CA GLY G 639 13.67 -70.66 -117.00
C GLY G 639 13.38 -70.09 -118.37
N ASN G 640 12.10 -69.93 -118.74
CA ASN G 640 11.77 -69.41 -120.06
C ASN G 640 12.08 -67.91 -120.19
N TYR G 641 12.12 -67.18 -119.08
CA TYR G 641 12.27 -65.72 -119.11
C TYR G 641 13.65 -65.27 -118.64
N ASP G 642 14.67 -66.11 -118.81
CA ASP G 642 16.01 -65.81 -118.35
C ASP G 642 16.87 -65.12 -119.41
N ASP G 643 16.25 -64.42 -120.34
CA ASP G 643 16.96 -63.68 -121.37
C ASP G 643 17.02 -62.20 -121.02
N ASP G 644 17.91 -61.48 -121.71
CA ASP G 644 18.07 -60.05 -121.45
C ASP G 644 16.76 -59.30 -121.70
N SER G 645 16.18 -59.49 -122.89
CA SER G 645 14.90 -58.84 -123.18
C SER G 645 13.75 -59.52 -122.47
N ASN G 646 13.86 -60.82 -122.19
CA ASN G 646 12.79 -61.58 -121.55
C ASN G 646 12.82 -61.48 -120.03
N TRP G 647 13.78 -60.77 -119.46
CA TRP G 647 13.77 -60.47 -118.03
C TRP G 647 13.09 -59.15 -117.72
N GLN G 648 12.74 -58.36 -118.75
CA GLN G 648 12.02 -57.11 -118.53
C GLN G 648 10.57 -57.37 -118.14
N ILE G 649 9.96 -58.43 -118.69
CA ILE G 649 8.59 -58.77 -118.31
C ILE G 649 8.53 -59.23 -116.86
N VAL G 650 9.52 -60.01 -116.42
CA VAL G 650 9.58 -60.43 -115.02
C VAL G 650 9.74 -59.21 -114.12
N GLU G 651 10.63 -58.29 -114.50
CA GLU G 651 10.79 -57.07 -113.72
C GLU G 651 9.53 -56.22 -113.73
N TYR G 652 8.74 -56.29 -114.80
CA TYR G 652 7.50 -55.52 -114.86
C TYR G 652 6.52 -55.98 -113.79
N VAL G 653 6.44 -57.28 -113.55
CA VAL G 653 5.57 -57.79 -112.49
C VAL G 653 6.10 -57.37 -111.12
N LEU G 654 7.43 -57.39 -110.94
CA LEU G 654 8.00 -57.03 -109.65
C LEU G 654 7.72 -55.58 -109.30
N ASP G 655 7.79 -54.68 -110.28
CA ASP G 655 7.49 -53.28 -110.03
C ASP G 655 6.01 -53.08 -109.68
N LYS G 656 5.13 -53.82 -110.35
CA LYS G 656 3.71 -53.73 -110.02
C LYS G 656 3.44 -54.23 -108.59
N LEU G 657 4.11 -55.30 -108.18
CA LEU G 657 3.96 -55.79 -106.82
C LEU G 657 4.69 -54.90 -105.81
N ASN G 658 5.64 -54.09 -106.27
CA ASN G 658 6.34 -53.17 -105.39
C ASN G 658 5.52 -51.91 -105.20
N SER G 659 4.23 -52.07 -104.86
CA SER G 659 3.35 -50.95 -104.56
C SER G 659 2.49 -51.17 -103.33
N GLU G 660 2.37 -52.39 -102.83
CA GLU G 660 1.73 -52.65 -101.56
C GLU G 660 2.70 -52.52 -100.38
N GLY G 661 3.87 -51.93 -100.61
CA GLY G 661 4.85 -51.76 -99.56
C GLY G 661 5.71 -52.98 -99.35
N CYS G 662 6.60 -52.87 -98.36
CA CYS G 662 7.50 -53.97 -98.04
C CYS G 662 6.80 -55.12 -97.33
N GLY G 663 5.62 -54.87 -96.76
CA GLY G 663 4.92 -55.94 -96.04
C GLY G 663 4.52 -57.09 -96.94
N LEU G 664 3.96 -56.78 -98.11
CA LEU G 664 3.60 -57.82 -99.07
C LEU G 664 4.84 -58.35 -99.80
N GLY G 665 5.81 -57.48 -100.07
CA GLY G 665 6.99 -57.90 -100.81
C GLY G 665 7.78 -58.99 -100.11
N ILE G 666 7.95 -58.86 -98.79
CA ILE G 666 8.75 -59.84 -98.06
C ILE G 666 8.10 -61.21 -98.09
N ARG G 667 6.77 -61.25 -98.07
CA ARG G 667 6.07 -62.54 -98.15
C ARG G 667 6.20 -63.14 -99.54
N PHE G 668 6.18 -62.31 -100.58
CA PHE G 668 6.29 -62.82 -101.94
C PHE G 668 7.67 -63.40 -102.21
N TYR G 669 8.72 -62.69 -101.80
CA TYR G 669 10.07 -63.16 -102.10
C TYR G 669 10.48 -64.34 -101.22
N ASN G 670 9.97 -64.42 -99.99
CA ASN G 670 10.28 -65.56 -99.14
C ASN G 670 9.71 -66.85 -99.74
N ALA G 671 8.49 -66.81 -100.24
CA ALA G 671 7.90 -67.99 -100.87
C ALA G 671 8.58 -68.32 -102.19
N LEU G 672 8.91 -67.29 -102.98
CA LEU G 672 9.50 -67.51 -104.29
C LEU G 672 10.89 -68.13 -104.18
N LEU G 673 11.72 -67.60 -103.28
CA LEU G 673 13.05 -68.16 -103.10
C LEU G 673 12.99 -69.57 -102.50
N ASP G 674 12.00 -69.83 -101.64
CA ASP G 674 11.83 -71.16 -101.10
C ASP G 674 11.48 -72.15 -102.21
N ALA G 675 10.61 -71.76 -103.12
CA ALA G 675 10.24 -72.64 -104.23
C ALA G 675 11.43 -72.91 -105.14
N LEU G 676 12.16 -71.86 -105.51
CA LEU G 676 13.28 -72.03 -106.44
C LEU G 676 14.36 -72.93 -105.86
N TRP G 677 14.69 -72.74 -104.58
CA TRP G 677 15.78 -73.52 -103.99
C TRP G 677 15.46 -75.00 -103.93
N TRP G 678 14.23 -75.35 -103.54
CA TRP G 678 13.86 -76.76 -103.45
C TRP G 678 13.66 -77.40 -104.81
N LEU G 679 13.44 -76.61 -105.86
CA LEU G 679 13.31 -77.12 -107.22
C LEU G 679 14.64 -77.19 -107.95
N GLY G 680 15.74 -76.85 -107.27
CA GLY G 680 17.05 -76.91 -107.88
C GLY G 680 17.47 -75.69 -108.65
N GLN G 681 16.59 -74.69 -108.78
CA GLN G 681 16.92 -73.46 -109.49
C GLN G 681 17.66 -72.49 -108.57
N LYS G 682 18.84 -72.94 -108.12
CA LYS G 682 19.59 -72.20 -107.12
C LYS G 682 20.28 -70.98 -107.70
N GLU G 683 20.69 -71.02 -108.96
CA GLU G 683 21.26 -69.83 -109.59
C GLU G 683 20.19 -68.78 -109.87
N ARG G 684 18.99 -69.22 -110.23
CA ARG G 684 17.88 -68.28 -110.42
C ARG G 684 17.47 -67.63 -109.11
N ALA G 685 17.49 -68.40 -108.01
CA ALA G 685 17.18 -67.82 -106.71
C ALA G 685 18.18 -66.73 -106.33
N ALA G 686 19.43 -66.87 -106.78
CA ALA G 686 20.43 -65.84 -106.49
C ALA G 686 20.08 -64.53 -107.19
N ARG G 687 19.60 -64.58 -108.43
CA ARG G 687 19.24 -63.36 -109.14
C ARG G 687 17.92 -62.79 -108.65
N VAL G 688 17.00 -63.65 -108.18
CA VAL G 688 15.76 -63.15 -107.61
C VAL G 688 16.03 -62.40 -106.32
N LEU G 689 16.92 -62.93 -105.48
CA LEU G 689 17.30 -62.23 -104.26
C LEU G 689 17.99 -60.91 -104.58
N ASN G 690 18.81 -60.90 -105.64
CA ASN G 690 19.45 -59.66 -106.06
C ASN G 690 18.43 -58.65 -106.57
N GLU G 691 17.29 -59.12 -107.08
CA GLU G 691 16.22 -58.22 -107.49
C GLU G 691 15.49 -57.63 -106.30
N ALA G 692 15.40 -58.39 -105.20
CA ALA G 692 14.66 -57.91 -104.03
C ALA G 692 15.44 -56.85 -103.28
N THR G 693 16.76 -57.03 -103.13
CA THR G 693 17.55 -56.10 -102.32
C THR G 693 17.56 -54.70 -102.91
N LYS G 694 17.67 -54.59 -104.24
CA LYS G 694 17.68 -53.28 -104.87
C LYS G 694 16.33 -52.58 -104.79
N ARG G 695 15.26 -53.31 -104.52
CA ARG G 695 13.95 -52.74 -104.32
C ARG G 695 13.66 -52.42 -102.86
N GLY G 696 14.63 -52.61 -101.96
CA GLY G 696 14.44 -52.33 -100.56
C GLY G 696 14.01 -53.51 -99.72
N ILE G 697 13.73 -54.65 -100.33
CA ILE G 697 13.35 -55.83 -99.57
C ILE G 697 14.59 -56.41 -98.89
N PHE G 698 14.42 -56.86 -97.64
CA PHE G 698 15.49 -57.32 -96.77
C PHE G 698 16.57 -56.25 -96.62
N PRO G 699 16.25 -55.10 -96.01
CA PRO G 699 17.29 -54.07 -95.83
C PRO G 699 18.33 -54.43 -94.79
N GLU G 700 18.03 -55.37 -93.88
CA GLU G 700 18.96 -55.79 -92.85
C GLU G 700 19.81 -56.99 -93.28
N LEU G 701 19.70 -57.41 -94.53
CA LEU G 701 20.28 -58.68 -94.95
C LEU G 701 21.80 -58.70 -94.83
N PHE G 702 22.46 -57.60 -95.20
CA PHE G 702 23.91 -57.58 -95.25
C PHE G 702 24.48 -56.34 -94.57
N ARG G 703 25.58 -56.52 -93.86
CA ARG G 703 26.41 -55.45 -93.34
C ARG G 703 27.86 -55.77 -93.66
N LYS G 704 28.58 -54.81 -94.25
CA LYS G 704 29.97 -55.03 -94.64
C LYS G 704 30.78 -53.79 -94.25
N ASN G 705 31.34 -53.82 -93.05
CA ASN G 705 32.25 -52.76 -92.60
C ASN G 705 33.53 -53.36 -92.06
N LYS G 706 34.41 -52.53 -91.49
CA LYS G 706 35.67 -53.02 -90.97
C LYS G 706 35.49 -53.87 -89.72
N LEU G 707 34.38 -53.73 -89.01
CA LEU G 707 34.16 -54.48 -87.78
C LEU G 707 33.45 -55.80 -88.01
N VAL G 708 32.32 -55.77 -88.72
CA VAL G 708 31.44 -56.93 -88.83
C VAL G 708 31.07 -57.15 -90.29
N TRP G 709 31.13 -58.41 -90.72
CA TRP G 709 30.53 -58.88 -91.96
C TRP G 709 29.41 -59.83 -91.57
N SER G 710 28.17 -59.37 -91.68
CA SER G 710 27.03 -60.10 -91.14
C SER G 710 25.99 -60.36 -92.22
N VAL G 711 25.27 -61.47 -92.04
CA VAL G 711 24.09 -61.80 -92.83
C VAL G 711 22.96 -62.12 -91.85
N ASP G 712 21.81 -61.49 -92.04
CA ASP G 712 20.70 -61.59 -91.11
C ASP G 712 19.57 -62.36 -91.80
N VAL G 713 19.29 -63.57 -91.30
CA VAL G 713 18.36 -64.48 -91.95
C VAL G 713 17.20 -64.86 -91.02
N HIS G 714 16.94 -64.05 -89.99
CA HIS G 714 15.88 -64.40 -89.05
C HIS G 714 14.48 -64.10 -89.58
N ARG G 715 14.37 -63.34 -90.68
CA ARG G 715 13.08 -63.05 -91.30
C ARG G 715 12.91 -63.76 -92.64
N MET G 716 13.73 -64.77 -92.92
CA MET G 716 13.71 -65.44 -94.20
C MET G 716 13.21 -66.88 -94.06
N SER G 717 12.76 -67.44 -95.17
CA SER G 717 12.41 -68.84 -95.22
C SER G 717 13.67 -69.69 -95.37
N GLU G 718 13.49 -71.01 -95.23
CA GLU G 718 14.65 -71.90 -95.29
C GLU G 718 15.32 -71.85 -96.67
N GLY G 719 14.52 -71.80 -97.74
CA GLY G 719 15.10 -71.64 -99.06
C GLY G 719 15.74 -70.29 -99.26
N GLY G 720 15.11 -69.23 -98.74
CA GLY G 720 15.71 -67.91 -98.84
C GLY G 720 16.98 -67.78 -98.03
N MET G 721 17.02 -68.39 -96.84
CA MET G 721 18.22 -68.36 -96.02
C MET G 721 19.38 -69.05 -96.72
N TYR G 722 19.13 -70.21 -97.34
CA TYR G 722 20.19 -70.90 -98.05
C TYR G 722 20.72 -70.07 -99.20
N THR G 723 19.84 -69.39 -99.93
CA THR G 723 20.28 -68.49 -100.99
C THR G 723 21.08 -67.33 -100.44
N ALA G 724 20.64 -66.76 -99.30
CA ALA G 724 21.38 -65.67 -98.69
C ALA G 724 22.76 -66.10 -98.24
N LEU G 725 22.85 -67.27 -97.59
CA LEU G 725 24.15 -67.77 -97.15
C LEU G 725 25.06 -68.08 -98.33
N SER G 726 24.50 -68.66 -99.40
CA SER G 726 25.30 -69.04 -100.55
C SER G 726 25.97 -67.82 -101.19
N VAL G 727 25.18 -66.76 -101.42
CA VAL G 727 25.74 -65.53 -101.97
C VAL G 727 26.73 -64.91 -101.00
N TRP G 728 26.38 -64.89 -99.71
CA TRP G 728 27.26 -64.28 -98.71
C TRP G 728 28.58 -65.03 -98.61
N LEU G 729 28.55 -66.36 -98.64
CA LEU G 729 29.79 -67.12 -98.59
C LEU G 729 30.65 -66.88 -99.82
N ASN G 730 30.04 -66.83 -101.01
CA ASN G 730 30.79 -66.58 -102.23
C ASN G 730 31.44 -65.19 -102.20
N ASP G 731 30.71 -64.20 -101.70
CA ASP G 731 31.26 -62.85 -101.60
C ASP G 731 32.34 -62.77 -100.52
N LEU G 732 32.31 -63.66 -99.53
CA LEU G 732 33.36 -63.68 -98.52
C LEU G 732 34.70 -64.09 -99.12
N SER G 733 34.70 -65.13 -99.97
CA SER G 733 35.95 -65.61 -100.56
C SER G 733 36.56 -64.61 -101.53
N ASP G 734 35.77 -63.69 -102.07
CA ASP G 734 36.30 -62.70 -103.00
C ASP G 734 37.32 -61.80 -102.32
N ILE G 735 37.05 -61.39 -101.08
CA ILE G 735 37.97 -60.53 -100.35
C ILE G 735 39.01 -61.37 -99.62
N LEU G 742 39.86 -57.18 -94.31
CA LEU G 742 39.29 -58.26 -93.51
C LEU G 742 38.63 -57.72 -92.25
N PRO G 743 37.37 -58.09 -92.03
CA PRO G 743 36.66 -57.65 -90.83
C PRO G 743 37.11 -58.42 -89.60
N GLN G 744 36.78 -57.85 -88.44
CA GLN G 744 37.08 -58.50 -87.17
C GLN G 744 36.22 -59.74 -86.93
N LEU G 745 35.15 -59.92 -87.68
CA LEU G 745 34.21 -61.00 -87.41
C LEU G 745 33.30 -61.19 -88.60
N ALA G 746 32.94 -62.44 -88.88
CA ALA G 746 31.89 -62.79 -89.83
C ALA G 746 30.81 -63.57 -89.09
N VAL G 747 29.60 -63.02 -89.08
CA VAL G 747 28.53 -63.54 -88.23
C VAL G 747 27.31 -63.87 -89.08
N VAL G 748 26.50 -64.79 -88.58
CA VAL G 748 25.22 -65.15 -89.16
C VAL G 748 24.16 -64.94 -88.08
N VAL G 749 23.25 -63.98 -88.31
CA VAL G 749 22.21 -63.66 -87.35
C VAL G 749 20.99 -64.50 -87.69
N SER G 750 20.79 -65.59 -86.95
CA SER G 750 19.66 -66.47 -87.16
C SER G 750 18.51 -66.21 -86.19
N VAL G 751 18.81 -65.75 -84.98
CA VAL G 751 17.80 -65.38 -83.99
C VAL G 751 18.07 -63.95 -83.55
N ARG G 752 17.05 -63.11 -83.64
CA ARG G 752 17.18 -61.67 -83.37
C ARG G 752 16.03 -61.25 -82.46
N GLY G 753 16.23 -61.39 -81.15
CA GLY G 753 15.19 -61.03 -80.20
C GLY G 753 15.62 -61.40 -78.79
N GLN G 754 14.62 -61.52 -77.91
CA GLN G 754 14.90 -61.89 -76.52
C GLN G 754 15.29 -63.36 -76.39
N LEU G 755 15.00 -64.18 -77.39
CA LEU G 755 15.36 -65.59 -77.34
C LEU G 755 16.86 -65.81 -77.37
N GLU G 756 17.64 -64.79 -77.76
CA GLU G 756 19.09 -64.95 -77.85
C GLU G 756 19.70 -65.30 -76.51
N LYS G 757 19.25 -64.64 -75.45
CA LYS G 757 19.82 -64.88 -74.12
C LYS G 757 19.21 -66.12 -73.48
N SER G 758 19.26 -67.24 -74.20
CA SER G 758 18.72 -68.50 -73.69
C SER G 758 19.30 -69.62 -74.55
N SER G 759 19.11 -70.84 -74.06
CA SER G 759 19.55 -72.03 -74.80
C SER G 759 18.58 -72.44 -75.89
N ALA G 760 17.37 -71.88 -75.91
CA ALA G 760 16.40 -72.26 -76.93
C ALA G 760 16.76 -71.70 -78.30
N ALA G 761 17.44 -70.54 -78.34
CA ALA G 761 17.79 -69.94 -79.63
C ALA G 761 18.74 -70.82 -80.41
N ARG G 762 19.69 -71.45 -79.74
CA ARG G 762 20.62 -72.34 -80.42
C ARG G 762 19.94 -73.63 -80.88
N GLU G 763 18.76 -73.93 -80.35
CA GLU G 763 17.97 -75.06 -80.79
C GLU G 763 16.88 -74.67 -81.77
N SER G 764 16.86 -73.41 -82.22
CA SER G 764 15.89 -72.97 -83.19
C SER G 764 16.14 -73.67 -84.53
N PRO G 765 15.07 -73.98 -85.29
CA PRO G 765 15.27 -74.62 -86.59
C PRO G 765 16.13 -73.81 -87.54
N ILE G 766 16.02 -72.48 -87.50
CA ILE G 766 16.85 -71.64 -88.36
C ILE G 766 18.31 -71.71 -87.93
N THR G 767 18.58 -71.66 -86.63
CA THR G 767 19.96 -71.74 -86.16
C THR G 767 20.58 -73.08 -86.50
N ARG G 768 19.85 -74.17 -86.33
CA ARG G 768 20.37 -75.49 -86.68
C ARG G 768 20.56 -75.62 -88.19
N ALA G 769 19.60 -75.11 -88.98
CA ALA G 769 19.72 -75.21 -90.43
C ALA G 769 20.92 -74.44 -90.95
N ALA G 770 21.13 -73.22 -90.45
CA ALA G 770 22.27 -72.43 -90.89
C ALA G 770 23.58 -73.09 -90.50
N PHE G 771 23.67 -73.58 -89.25
CA PHE G 771 24.90 -74.25 -88.82
C PHE G 771 25.14 -75.53 -89.59
N SER G 772 24.08 -76.32 -89.82
CA SER G 772 24.23 -77.53 -90.61
C SER G 772 24.63 -77.21 -92.04
N PHE G 773 24.06 -76.15 -92.62
CA PHE G 773 24.45 -75.71 -93.95
C PHE G 773 25.91 -75.28 -93.98
N LEU G 774 26.35 -74.56 -92.95
CA LEU G 774 27.73 -74.08 -92.91
C LEU G 774 28.72 -75.21 -92.66
N GLN G 775 28.30 -76.24 -91.89
CA GLN G 775 29.22 -77.32 -91.56
C GLN G 775 29.73 -78.02 -92.83
N ASP G 776 28.80 -78.46 -93.68
CA ASP G 776 29.23 -79.09 -94.94
C ASP G 776 29.30 -78.11 -96.09
N HIS G 777 29.87 -76.93 -95.87
CA HIS G 777 30.32 -76.07 -96.97
C HIS G 777 31.67 -75.41 -96.72
N VAL G 778 32.04 -75.13 -95.46
CA VAL G 778 33.32 -74.49 -95.14
C VAL G 778 33.99 -75.29 -94.03
N SER G 779 33.62 -76.55 -93.90
CA SER G 779 34.14 -77.46 -92.86
C SER G 779 33.80 -76.85 -91.50
N SER G 780 34.67 -76.97 -90.50
CA SER G 780 34.41 -76.43 -89.17
C SER G 780 35.12 -75.09 -89.05
N SER G 781 34.54 -74.07 -89.69
CA SER G 781 35.05 -72.71 -89.62
C SER G 781 34.11 -71.74 -88.92
N PHE G 782 32.81 -72.02 -88.90
CA PHE G 782 31.82 -71.18 -88.22
C PHE G 782 31.33 -71.93 -86.99
N SER G 783 31.65 -71.39 -85.81
CA SER G 783 31.24 -71.98 -84.55
C SER G 783 30.30 -71.05 -83.81
N PHE G 784 29.54 -71.62 -82.88
CA PHE G 784 28.58 -70.85 -82.10
C PHE G 784 29.31 -69.85 -81.20
N THR G 785 28.52 -68.99 -80.56
CA THR G 785 29.03 -67.97 -79.66
C THR G 785 28.67 -68.33 -78.23
N GLY G 786 29.61 -68.11 -77.32
CA GLY G 786 29.36 -68.34 -75.91
C GLY G 786 28.59 -67.24 -75.21
N TRP G 787 28.33 -66.13 -75.89
CA TRP G 787 27.63 -65.00 -75.31
C TRP G 787 26.28 -64.72 -75.94
N ASN G 788 25.89 -65.48 -76.97
CA ASN G 788 24.61 -65.25 -77.64
C ASN G 788 24.15 -66.55 -78.28
N GLY G 789 22.89 -66.90 -78.08
CA GLY G 789 22.37 -68.14 -78.61
C GLY G 789 22.10 -68.12 -80.10
N GLY G 790 21.81 -66.95 -80.66
CA GLY G 790 21.43 -66.86 -82.05
C GLY G 790 22.48 -66.27 -82.96
N ARG G 791 23.74 -66.61 -82.74
CA ARG G 791 24.83 -66.10 -83.56
C ARG G 791 25.75 -67.25 -83.96
N ILE G 792 26.31 -67.16 -85.15
CA ILE G 792 27.27 -68.12 -85.68
C ILE G 792 28.43 -67.32 -86.25
N MET G 793 29.56 -67.33 -85.54
CA MET G 793 30.65 -66.41 -85.80
C MET G 793 31.83 -67.12 -86.47
N CYS G 794 32.73 -66.32 -87.03
CA CYS G 794 34.01 -66.78 -87.55
C CYS G 794 35.03 -65.69 -87.30
N GLN G 795 36.00 -65.96 -86.43
CA GLN G 795 36.98 -64.96 -86.04
C GLN G 795 37.82 -64.53 -87.24
N ARG G 796 38.49 -63.38 -87.09
CA ARG G 796 39.34 -62.88 -88.17
C ARG G 796 40.49 -63.84 -88.45
N SER G 797 41.06 -64.44 -87.40
CA SER G 797 42.14 -65.39 -87.58
C SER G 797 41.69 -66.61 -88.39
N GLN G 798 40.48 -67.10 -88.09
CA GLN G 798 39.95 -68.25 -88.82
C GLN G 798 39.46 -67.88 -90.22
N LEU G 799 39.16 -66.60 -90.47
CA LEU G 799 38.79 -66.19 -91.83
C LEU G 799 39.96 -66.33 -92.79
N LYS G 800 41.19 -66.25 -92.29
CA LYS G 800 42.35 -66.49 -93.15
C LYS G 800 42.42 -67.94 -93.60
N GLN G 801 41.99 -68.87 -92.74
CA GLN G 801 41.98 -70.29 -93.06
C GLN G 801 40.65 -70.73 -93.67
N LEU G 802 40.21 -70.03 -94.72
CA LEU G 802 38.93 -70.33 -95.34
C LEU G 802 39.10 -70.65 -96.82
N ASN G 817 34.17 -70.17 -106.37
CA ASN G 817 33.06 -70.12 -105.44
C ASN G 817 33.21 -71.15 -104.31
N ILE G 818 32.67 -70.81 -103.15
CA ILE G 818 32.60 -71.78 -102.05
C ILE G 818 31.34 -72.63 -102.16
N VAL G 819 30.24 -72.06 -102.62
CA VAL G 819 28.97 -72.77 -102.79
C VAL G 819 28.63 -72.77 -104.27
N ALA G 820 28.24 -73.94 -104.78
CA ALA G 820 27.88 -74.07 -106.18
C ALA G 820 26.44 -73.61 -106.40
N LEU G 821 26.25 -72.68 -107.33
CA LEU G 821 24.93 -72.14 -107.66
C LEU G 821 24.60 -72.55 -109.09
N THR G 822 23.77 -73.58 -109.23
CA THR G 822 23.42 -74.12 -110.54
C THR G 822 21.93 -74.38 -110.59
N ASN G 823 21.39 -74.40 -111.81
CA ASN G 823 19.99 -74.73 -112.06
C ASN G 823 19.88 -76.18 -112.49
N SER G 824 18.97 -76.91 -111.88
CA SER G 824 18.74 -78.31 -112.23
C SER G 824 18.15 -78.43 -113.63
N THR H 67 14.97 59.12 19.53
CA THR H 67 16.23 58.60 20.06
C THR H 67 16.00 57.89 21.39
N GLU H 68 17.04 57.24 21.90
CA GLU H 68 16.96 56.59 23.21
C GLU H 68 17.40 57.53 24.32
N ASP H 69 16.89 58.74 24.28
CA ASP H 69 16.93 59.69 25.38
C ASP H 69 15.58 60.34 25.63
N GLU H 70 14.84 60.67 24.56
CA GLU H 70 13.51 61.23 24.72
C GLU H 70 12.49 60.16 25.04
N ALA H 71 12.66 58.95 24.48
CA ALA H 71 11.75 57.86 24.78
C ALA H 71 11.84 57.45 26.24
N ARG H 72 13.05 57.39 26.78
CA ARG H 72 13.21 57.10 28.21
C ARG H 72 12.59 58.19 29.06
N ARG H 73 12.80 59.46 28.69
CA ARG H 73 12.14 60.55 29.39
C ARG H 73 10.63 60.49 29.22
N ARG H 74 10.17 60.13 28.02
CA ARG H 74 8.73 59.99 27.78
C ARG H 74 8.13 58.90 28.64
N ASN H 75 8.83 57.77 28.80
CA ASN H 75 8.31 56.69 29.63
C ASN H 75 8.25 57.11 31.10
N TRP H 76 9.22 57.87 31.56
CA TRP H 76 9.20 58.35 32.94
C TRP H 76 8.04 59.30 33.18
N ILE H 77 7.87 60.29 32.31
CA ILE H 77 6.89 61.34 32.55
C ILE H 77 5.48 60.88 32.22
N GLU H 78 5.29 60.25 31.06
CA GLU H 78 3.95 59.89 30.62
C GLU H 78 3.49 58.55 31.17
N ARG H 79 4.37 57.56 31.26
CA ARG H 79 3.97 56.21 31.62
C ARG H 79 4.47 55.77 32.99
N GLY H 80 5.13 56.66 33.74
CA GLY H 80 5.56 56.35 35.08
C GLY H 80 6.60 55.25 35.19
N TRP H 81 7.50 55.15 34.23
CA TRP H 81 8.58 54.17 34.31
C TRP H 81 9.61 54.59 35.35
N ALA H 82 10.18 53.61 36.03
CA ALA H 82 11.32 53.81 36.91
C ALA H 82 12.13 52.53 36.94
N PRO H 83 13.45 52.63 36.99
CA PRO H 83 14.31 51.43 37.05
C PRO H 83 14.36 50.83 38.47
N TRP H 84 13.24 50.28 38.91
CA TRP H 84 13.17 49.69 40.24
C TRP H 84 14.12 48.50 40.35
N GLU H 85 14.74 48.36 41.52
CA GLU H 85 15.68 47.28 41.73
C GLU H 85 14.98 45.93 41.66
N GLU H 86 15.64 44.98 41.01
CA GLU H 86 15.18 43.60 40.94
C GLU H 86 16.15 42.75 41.76
N ILE H 87 15.68 42.24 42.89
CA ILE H 87 16.50 41.39 43.74
C ILE H 87 16.33 39.96 43.26
N LEU H 88 17.37 39.44 42.62
CA LEU H 88 17.32 38.16 41.93
C LEU H 88 17.93 37.05 42.77
N THR H 89 17.42 35.83 42.58
CA THR H 89 18.05 34.66 43.13
C THR H 89 19.32 34.35 42.33
N PRO H 90 20.22 33.53 42.88
CA PRO H 90 21.43 33.16 42.11
C PRO H 90 21.12 32.54 40.77
N GLU H 91 20.06 31.73 40.67
CA GLU H 91 19.69 31.15 39.38
C GLU H 91 19.25 32.23 38.39
N ALA H 92 18.44 33.19 38.86
CA ALA H 92 18.02 34.27 37.97
C ALA H 92 19.18 35.18 37.60
N ASP H 93 20.08 35.44 38.56
CA ASP H 93 21.25 36.26 38.26
C ASP H 93 22.16 35.58 37.24
N PHE H 94 22.33 34.26 37.35
CA PHE H 94 23.15 33.54 36.38
C PHE H 94 22.50 33.54 35.00
N ALA H 95 21.17 33.45 34.95
CA ALA H 95 20.48 33.39 33.66
C ALA H 95 20.70 34.65 32.84
N ARG H 96 20.64 35.82 33.48
CA ARG H 96 20.80 37.07 32.74
C ARG H 96 22.25 37.34 32.36
N LYS H 97 23.20 36.92 33.19
CA LYS H 97 24.60 37.15 32.88
C LYS H 97 25.14 36.15 31.85
N SER H 98 24.64 34.92 31.84
CA SER H 98 25.17 33.91 30.92
C SER H 98 24.52 33.98 29.55
N LEU H 99 23.23 34.29 29.48
CA LEU H 99 22.54 34.33 28.19
C LEU H 99 22.99 35.47 27.29
N ASN H 100 23.69 36.47 27.83
CA ASN H 100 24.22 37.54 27.00
C ASN H 100 25.41 37.10 26.16
N GLU H 101 26.01 35.95 26.49
CA GLU H 101 27.21 35.49 25.79
C GLU H 101 26.89 34.62 24.58
N GLY H 102 25.85 33.79 24.68
CA GLY H 102 25.52 32.89 23.59
C GLY H 102 24.49 31.87 24.01
N GLU H 103 24.61 30.67 23.45
CA GLU H 103 23.69 29.58 23.77
C GLU H 103 24.40 28.44 24.51
N GLU H 104 25.42 27.83 23.90
CA GLU H 104 26.22 26.80 24.53
C GLU H 104 27.69 27.14 24.24
N VAL H 105 28.25 28.02 25.05
CA VAL H 105 29.62 28.52 24.85
C VAL H 105 30.32 28.57 26.19
N PRO H 106 31.65 28.52 26.19
CA PRO H 106 32.41 28.72 27.44
C PRO H 106 32.20 30.13 27.96
N LEU H 107 31.72 30.23 29.20
CA LEU H 107 31.52 31.54 29.80
C LEU H 107 32.86 32.23 30.00
N GLN H 108 32.96 33.46 29.52
CA GLN H 108 34.21 34.21 29.52
C GLN H 108 34.18 35.45 30.40
N SER H 109 33.05 36.15 30.45
CA SER H 109 32.97 37.38 31.23
C SER H 109 33.12 37.07 32.71
N PRO H 110 33.86 37.90 33.46
CA PRO H 110 34.03 37.64 34.90
C PRO H 110 32.73 37.66 35.67
N GLU H 111 31.70 38.35 35.20
CA GLU H 111 30.42 38.36 35.89
C GLU H 111 29.71 37.02 35.77
N ALA H 112 29.68 36.47 34.56
CA ALA H 112 29.00 35.18 34.36
C ALA H 112 29.79 34.04 35.02
N ILE H 113 31.12 34.12 35.01
CA ILE H 113 31.92 33.11 35.68
C ILE H 113 31.66 33.13 37.18
N GLU H 114 31.62 34.33 37.78
CA GLU H 114 31.30 34.43 39.19
C GLU H 114 29.86 33.97 39.47
N ALA H 115 28.92 34.33 38.58
CA ALA H 115 27.55 33.89 38.77
C ALA H 115 27.42 32.38 38.68
N PHE H 116 28.24 31.73 37.85
CA PHE H 116 28.27 30.28 37.81
C PHE H 116 28.73 29.69 39.14
N LYS H 117 29.75 30.31 39.75
CA LYS H 117 30.23 29.84 41.05
C LYS H 117 29.17 30.02 42.12
N MET H 118 28.41 31.11 42.06
CA MET H 118 27.41 31.42 43.07
C MET H 118 26.19 30.51 43.01
N LEU H 119 26.08 29.66 41.99
CA LEU H 119 24.97 28.72 41.90
C LEU H 119 24.98 27.69 43.02
N ARG H 120 26.08 27.57 43.76
CA ARG H 120 26.17 26.68 44.90
C ARG H 120 26.19 27.50 46.18
N PRO H 121 25.21 27.35 47.07
CA PRO H 121 25.24 28.11 48.33
C PRO H 121 26.45 27.81 49.19
N SER H 122 27.09 26.65 49.03
CA SER H 122 28.31 26.36 49.76
C SER H 122 29.43 27.32 49.36
N TYR H 123 29.52 27.64 48.06
CA TYR H 123 30.50 28.63 47.61
C TYR H 123 30.20 30.00 48.17
N ARG H 124 28.91 30.36 48.27
CA ARG H 124 28.53 31.64 48.82
C ARG H 124 28.95 31.78 50.28
N LYS H 125 28.74 30.72 51.07
CA LYS H 125 29.14 30.75 52.47
C LYS H 125 30.65 30.92 52.62
N LYS H 126 31.43 30.22 51.79
CA LYS H 126 32.86 30.41 51.79
C LYS H 126 33.23 31.84 51.41
N LYS H 127 32.55 32.39 50.40
CA LYS H 127 32.80 33.76 49.99
C LYS H 127 32.43 34.75 51.10
N ILE H 128 31.33 34.48 51.80
CA ILE H 128 30.89 35.37 52.88
C ILE H 128 31.91 35.38 54.02
N LYS H 129 32.41 34.20 54.40
CA LYS H 129 33.38 34.12 55.50
C LYS H 129 34.66 34.88 55.15
N GLU H 130 35.10 34.78 53.90
CA GLU H 130 36.32 35.49 53.48
C GLU H 130 36.15 37.00 53.54
N MET H 131 34.91 37.50 53.51
CA MET H 131 34.66 38.93 53.64
C MET H 131 34.43 39.35 55.09
N GLY H 132 34.36 38.40 56.01
CA GLY H 132 34.24 38.73 57.42
C GLY H 132 32.87 39.16 57.88
N ILE H 133 31.86 39.08 57.04
CA ILE H 133 30.51 39.48 57.41
C ILE H 133 29.69 38.23 57.71
N THR H 134 28.54 38.42 58.35
CA THR H 134 27.64 37.32 58.66
C THR H 134 26.73 37.02 57.47
N GLU H 135 26.00 35.91 57.57
CA GLU H 135 25.07 35.53 56.51
C GLU H 135 23.91 36.50 56.41
N ASP H 136 23.34 36.92 57.54
CA ASP H 136 22.19 37.82 57.50
C ASP H 136 22.58 39.19 56.96
N GLU H 137 23.79 39.65 57.24
CA GLU H 137 24.25 40.91 56.67
C GLU H 137 24.34 40.81 55.14
N TRP H 138 24.84 39.68 54.64
CA TRP H 138 24.86 39.46 53.20
C TRP H 138 23.45 39.42 52.64
N TYR H 139 22.52 38.78 53.37
CA TYR H 139 21.13 38.75 52.94
C TYR H 139 20.52 40.15 52.90
N ALA H 140 21.02 41.07 53.73
CA ALA H 140 20.53 42.44 53.72
C ALA H 140 21.20 43.31 52.67
N LYS H 141 22.43 42.96 52.26
CA LYS H 141 23.14 43.76 51.26
C LYS H 141 22.54 43.61 49.87
N GLN H 142 21.81 42.53 49.61
CA GLN H 142 21.15 42.38 48.31
C GLN H 142 19.91 43.25 48.18
N PHE H 143 19.31 43.66 49.29
CA PHE H 143 18.18 44.59 49.28
C PHE H 143 18.66 46.04 49.40
N GLU H 144 19.61 46.44 48.58
CA GLU H 144 20.17 47.78 48.63
C GLU H 144 19.86 48.52 47.34
N ILE H 145 19.59 49.82 47.47
CA ILE H 145 19.25 50.65 46.32
C ILE H 145 20.49 50.82 45.46
N ARG H 146 20.36 50.49 44.17
CA ARG H 146 21.45 50.61 43.22
C ARG H 146 21.40 51.96 42.51
N GLY H 147 22.46 52.27 41.79
CA GLY H 147 22.53 53.51 41.06
C GLY H 147 22.97 54.68 41.93
N ASP H 148 22.87 55.87 41.35
CA ASP H 148 23.29 57.09 42.02
C ASP H 148 22.28 57.52 43.06
N LYS H 149 22.72 58.39 43.95
CA LYS H 149 21.85 58.93 44.98
C LYS H 149 21.45 60.37 44.66
N PRO H 150 20.26 60.78 45.07
CA PRO H 150 19.84 62.17 44.83
C PRO H 150 20.65 63.13 45.67
N PRO H 151 20.76 64.40 45.26
CA PRO H 151 21.45 65.38 46.09
C PRO H 151 20.79 65.51 47.44
N PRO H 152 21.56 65.49 48.52
CA PRO H 152 20.97 65.48 49.86
C PRO H 152 20.17 66.75 50.13
N LEU H 153 19.11 66.60 50.92
CA LEU H 153 18.20 67.70 51.19
C LEU H 153 18.88 68.80 52.00
N ASP H 154 18.48 70.04 51.74
CA ASP H 154 18.93 71.21 52.48
C ASP H 154 17.70 72.05 52.78
N THR H 155 17.04 71.76 53.90
CA THR H 155 15.82 72.45 54.29
C THR H 155 16.17 73.67 55.13
N SER H 156 15.80 74.85 54.64
CA SER H 156 16.05 76.10 55.33
C SER H 156 14.74 76.66 55.88
N TRP H 157 14.81 77.17 57.10
CA TRP H 157 13.63 77.73 57.75
C TRP H 157 13.44 79.19 57.32
N ALA H 158 12.24 79.50 56.84
CA ALA H 158 11.91 80.85 56.40
C ALA H 158 11.53 81.67 57.63
N GLY H 159 12.53 82.04 58.41
CA GLY H 159 12.33 82.74 59.65
C GLY H 159 11.87 81.81 60.75
N PRO H 160 11.57 82.36 61.92
CA PRO H 160 11.11 81.52 63.03
C PRO H 160 9.70 81.00 62.80
N LEU H 161 9.39 79.92 63.50
CA LEU H 161 8.05 79.35 63.49
C LEU H 161 7.23 80.04 64.58
N VAL H 162 6.28 80.87 64.17
CA VAL H 162 5.44 81.63 65.08
C VAL H 162 4.02 81.10 64.98
N VAL H 163 3.43 80.74 66.12
CA VAL H 163 2.13 80.10 66.14
C VAL H 163 1.22 80.78 67.14
N ARG H 164 -0.08 80.56 66.97
CA ARG H 164 -1.11 80.90 67.94
C ARG H 164 -1.93 79.65 68.23
N GLN H 165 -2.62 79.67 69.37
CA GLN H 165 -3.56 78.60 69.72
C GLN H 165 -4.95 79.09 69.32
N ILE H 166 -5.37 78.73 68.12
CA ILE H 166 -6.62 79.19 67.52
C ILE H 166 -7.57 78.02 67.44
N PRO H 167 -8.78 78.12 68.01
CA PRO H 167 -9.74 77.03 67.87
C PRO H 167 -10.09 76.82 66.41
N PRO H 168 -10.37 75.58 66.01
CA PRO H 168 -10.78 75.34 64.62
C PRO H 168 -12.04 76.12 64.27
N ARG H 169 -12.08 76.62 63.04
CA ARG H 169 -13.22 77.41 62.60
C ARG H 169 -14.50 76.59 62.53
N ASP H 170 -14.39 75.28 62.29
CA ASP H 170 -15.56 74.45 62.07
C ASP H 170 -16.14 73.88 63.36
N TRP H 171 -15.62 74.26 64.51
CA TRP H 171 -16.23 73.87 65.77
C TRP H 171 -17.55 74.63 65.96
N PRO H 172 -18.61 73.97 66.41
CA PRO H 172 -18.73 72.55 66.79
C PRO H 172 -19.16 71.66 65.62
N PRO H 173 -19.13 70.34 65.78
CA PRO H 173 -19.61 69.44 64.73
C PRO H 173 -21.10 69.60 64.50
N LYS H 174 -21.53 69.25 63.29
CA LYS H 174 -22.93 69.36 62.92
C LYS H 174 -23.80 68.49 63.81
N GLY H 175 -24.91 69.05 64.28
CA GLY H 175 -25.82 68.34 65.14
C GLY H 175 -25.44 68.30 66.61
N TRP H 176 -24.39 69.00 67.01
CA TRP H 176 -23.97 69.07 68.39
C TRP H 176 -24.24 70.47 68.93
N GLU H 177 -24.97 70.54 70.05
CA GLU H 177 -25.39 71.82 70.62
C GLU H 177 -24.40 72.27 71.69
N VAL H 178 -23.94 73.51 71.58
CA VAL H 178 -23.08 74.13 72.57
C VAL H 178 -23.70 75.48 72.96
N ASP H 179 -23.17 76.06 74.04
CA ASP H 179 -23.59 77.39 74.44
C ASP H 179 -23.17 78.40 73.39
N ARG H 180 -24.15 79.07 72.78
CA ARG H 180 -23.83 80.03 71.73
C ARG H 180 -23.14 81.27 72.25
N LYS H 181 -23.31 81.59 73.54
CA LYS H 181 -22.55 82.69 74.12
C LYS H 181 -21.08 82.33 74.28
N GLU H 182 -20.80 81.11 74.73
CA GLU H 182 -19.42 80.66 74.81
C GLU H 182 -18.81 80.53 73.41
N LEU H 183 -19.61 80.10 72.43
CA LEU H 183 -19.10 79.95 71.07
C LEU H 183 -18.67 81.29 70.49
N GLU H 184 -19.48 82.34 70.70
CA GLU H 184 -19.10 83.66 70.21
C GLU H 184 -17.85 84.18 70.90
N PHE H 185 -17.66 83.84 72.18
CA PHE H 185 -16.41 84.16 72.85
C PHE H 185 -15.25 83.40 72.22
N ILE H 186 -15.47 82.14 71.87
CA ILE H 186 -14.44 81.34 71.19
C ILE H 186 -14.11 81.95 69.84
N ARG H 187 -15.14 82.33 69.08
CA ARG H 187 -14.96 82.78 67.71
C ARG H 187 -14.27 84.14 67.60
N GLU H 188 -14.10 84.87 68.72
CA GLU H 188 -13.37 86.12 68.67
C GLU H 188 -11.92 85.92 68.27
N ALA H 189 -11.35 84.76 68.59
CA ALA H 189 -9.95 84.50 68.28
C ALA H 189 -9.70 84.35 66.78
N HIS H 190 -10.73 84.13 65.98
CA HIS H 190 -10.55 83.96 64.55
C HIS H 190 -10.17 85.25 63.84
N LYS H 191 -10.47 86.40 64.45
CA LYS H 191 -10.06 87.68 63.89
C LYS H 191 -8.61 88.02 64.19
N LEU H 192 -7.92 87.22 65.02
CA LEU H 192 -6.52 87.46 65.30
C LEU H 192 -5.62 87.14 64.12
N MET H 193 -6.10 86.36 63.15
CA MET H 193 -5.31 86.06 61.97
C MET H 193 -4.99 87.30 61.14
N ALA H 194 -5.79 88.36 61.28
CA ALA H 194 -5.57 89.57 60.52
C ALA H 194 -4.44 90.43 61.09
N GLU H 195 -4.04 90.21 62.33
CA GLU H 195 -2.97 91.00 62.93
C GLU H 195 -1.64 90.74 62.22
N ARG H 196 -0.89 91.79 61.98
CA ARG H 196 0.38 91.68 61.27
C ARG H 196 1.54 91.53 62.25
N VAL H 197 2.47 90.64 61.91
CA VAL H 197 3.66 90.38 62.72
C VAL H 197 4.89 90.55 61.83
N TRP H 198 5.85 91.33 62.30
CA TRP H 198 7.08 91.59 61.57
C TRP H 198 8.25 90.96 62.32
N LEU H 199 9.20 90.39 61.57
CA LEU H 199 10.35 89.76 62.21
C LEU H 199 11.23 90.78 62.91
N GLU H 200 11.22 92.03 62.45
CA GLU H 200 11.93 93.09 63.15
C GLU H 200 11.28 93.45 64.49
N ASP H 201 10.18 92.79 64.86
CA ASP H 201 9.45 93.13 66.07
C ASP H 201 9.31 91.98 67.05
N LEU H 202 9.76 90.77 66.72
CA LEU H 202 9.74 89.69 67.71
C LEU H 202 10.94 89.72 68.64
N ASP H 203 11.32 90.92 69.12
CA ASP H 203 12.35 91.06 70.14
C ASP H 203 12.04 92.11 71.18
N LYS H 204 11.18 93.09 70.89
CA LYS H 204 11.06 94.28 71.74
C LYS H 204 10.54 93.91 73.13
N ASP H 205 9.55 93.04 73.21
CA ASP H 205 8.94 92.67 74.49
C ASP H 205 8.79 91.16 74.57
N LEU H 206 9.86 90.45 74.24
CA LEU H 206 9.84 88.98 74.25
C LEU H 206 9.89 88.47 75.68
N LYS H 207 8.99 87.55 76.01
CA LYS H 207 8.91 86.94 77.33
C LYS H 207 9.62 85.60 77.30
N VAL H 208 10.58 85.42 78.22
CA VAL H 208 11.38 84.20 78.28
C VAL H 208 11.44 83.71 79.72
N GLY H 209 11.80 82.44 79.87
CA GLY H 209 12.08 81.88 81.18
C GLY H 209 10.88 81.95 82.10
N GLU H 210 11.08 82.57 83.27
CA GLU H 210 10.01 82.69 84.26
C GLU H 210 8.86 83.57 83.77
N ASP H 211 9.11 84.45 82.80
CA ASP H 211 8.06 85.29 82.26
C ASP H 211 7.23 84.57 81.19
N ALA H 212 7.65 83.39 80.76
CA ALA H 212 6.97 82.65 79.71
C ALA H 212 6.33 81.36 80.23
N THR H 213 5.97 81.32 81.50
CA THR H 213 5.20 80.19 82.01
C THR H 213 3.76 80.27 81.50
N VAL H 214 3.08 79.12 81.55
CA VAL H 214 1.77 79.00 80.90
C VAL H 214 0.76 79.92 81.55
N ASP H 215 0.83 80.06 82.88
CA ASP H 215 -0.13 80.91 83.59
C ASP H 215 -0.01 82.37 83.18
N LYS H 216 1.13 82.79 82.63
CA LYS H 216 1.31 84.18 82.20
C LYS H 216 0.61 84.49 80.88
N MET H 217 0.24 83.46 80.12
CA MET H 217 -0.31 83.66 78.79
C MET H 217 -1.82 83.81 78.84
N CYS H 218 -2.35 84.60 77.91
CA CYS H 218 -3.79 84.75 77.74
C CYS H 218 -4.26 83.71 76.73
N LEU H 219 -4.82 82.62 77.23
CA LEU H 219 -5.38 81.56 76.40
C LEU H 219 -6.84 81.31 76.74
N GLU H 220 -7.56 82.36 77.16
CA GLU H 220 -8.92 82.20 77.67
C GLU H 220 -9.86 81.68 76.59
N ARG H 221 -9.73 82.17 75.36
CA ARG H 221 -10.64 81.74 74.30
C ARG H 221 -10.35 80.32 73.85
N PHE H 222 -9.08 79.89 73.90
CA PHE H 222 -8.77 78.51 73.55
C PHE H 222 -9.17 77.54 74.66
N LYS H 223 -9.12 77.98 75.91
CA LYS H 223 -9.53 77.12 77.02
C LYS H 223 -11.03 76.86 77.00
N VAL H 224 -11.83 77.83 76.58
CA VAL H 224 -13.27 77.60 76.45
C VAL H 224 -13.53 76.59 75.35
N PHE H 225 -12.75 76.62 74.28
CA PHE H 225 -12.85 75.59 73.25
C PHE H 225 -12.49 74.21 73.82
N LEU H 226 -11.45 74.15 74.63
CA LEU H 226 -11.05 72.87 75.22
C LEU H 226 -12.14 72.31 76.12
N LYS H 227 -12.83 73.19 76.88
CA LYS H 227 -13.91 72.73 77.73
C LYS H 227 -15.05 72.15 76.90
N GLN H 228 -15.42 72.81 75.81
CA GLN H 228 -16.46 72.28 74.93
C GLN H 228 -15.99 71.03 74.21
N TYR H 229 -14.71 70.99 73.82
CA TYR H 229 -14.19 69.83 73.11
C TYR H 229 -14.22 68.59 73.99
N ASN H 230 -13.82 68.72 75.25
CA ASN H 230 -13.82 67.57 76.15
C ASN H 230 -15.23 67.09 76.44
N GLU H 231 -16.20 67.99 76.53
CA GLU H 231 -17.58 67.58 76.72
C GLU H 231 -18.09 66.80 75.51
N TRP H 232 -17.72 67.24 74.31
CA TRP H 232 -18.12 66.52 73.11
C TRP H 232 -17.45 65.14 73.03
N VAL H 233 -16.19 65.05 73.44
CA VAL H 233 -15.46 63.79 73.35
C VAL H 233 -16.08 62.74 74.26
N GLU H 234 -16.40 63.12 75.51
CA GLU H 234 -16.94 62.16 76.45
C GLU H 234 -18.34 61.67 76.07
N ALA H 235 -19.07 62.44 75.27
CA ALA H 235 -20.44 62.08 74.90
C ALA H 235 -20.55 61.40 73.55
N ASN H 236 -19.52 61.47 72.71
CA ASN H 236 -19.57 60.92 71.37
C ASN H 236 -18.50 59.89 71.08
N LYS H 237 -17.62 59.61 72.05
CA LYS H 237 -16.50 58.70 71.80
C LYS H 237 -16.98 57.30 71.45
N ASP H 238 -17.96 56.78 72.20
CA ASP H 238 -18.43 55.42 71.95
C ASP H 238 -19.22 55.33 70.65
N ARG H 239 -20.03 56.35 70.36
CA ARG H 239 -20.81 56.35 69.12
C ARG H 239 -19.91 56.34 67.89
N LEU H 240 -18.83 57.14 67.92
CA LEU H 240 -17.94 57.20 66.77
C LEU H 240 -17.25 55.87 66.52
N GLU H 241 -16.84 55.18 67.59
CA GLU H 241 -16.21 53.87 67.41
C GLU H 241 -17.21 52.85 66.88
N GLU H 242 -18.46 52.92 67.33
CA GLU H 242 -19.48 52.01 66.82
C GLU H 242 -19.73 52.23 65.33
N ASP H 243 -19.74 53.50 64.89
CA ASP H 243 -19.91 53.78 63.48
C ASP H 243 -18.71 53.30 62.66
N SER H 244 -17.51 53.34 63.24
CA SER H 244 -16.33 52.85 62.53
C SER H 244 -16.46 51.36 62.22
N TYR H 245 -16.93 50.57 63.18
CA TYR H 245 -17.12 49.14 62.93
C TYR H 245 -18.25 48.88 61.95
N LYS H 246 -19.31 49.69 62.01
CA LYS H 246 -20.44 49.48 61.12
C LYS H 246 -20.07 49.75 59.66
N TYR H 247 -19.24 50.76 59.42
CA TYR H 247 -18.94 51.21 58.06
C TYR H 247 -17.64 50.66 57.51
N ASP H 248 -16.61 50.56 58.33
CA ASP H 248 -15.28 50.13 57.88
C ASP H 248 -15.01 48.73 58.40
N GLN H 249 -14.93 47.76 57.47
CA GLN H 249 -14.72 46.37 57.87
C GLN H 249 -13.32 46.15 58.43
N ASP H 250 -12.30 46.62 57.72
CA ASP H 250 -10.91 46.42 58.12
C ASP H 250 -10.25 47.77 58.38
N PHE H 251 -9.28 47.76 59.28
CA PHE H 251 -8.51 48.96 59.54
C PHE H 251 -7.52 49.23 58.40
N TYR H 252 -7.27 50.51 58.17
CA TYR H 252 -6.33 50.97 57.16
C TYR H 252 -5.88 52.36 57.57
N PRO H 253 -4.64 52.76 57.25
CA PRO H 253 -4.21 54.11 57.57
C PRO H 253 -5.16 55.15 57.00
N GLY H 254 -5.58 56.08 57.86
CA GLY H 254 -6.64 57.02 57.56
C GLY H 254 -7.97 56.66 58.18
N ARG H 255 -8.17 55.41 58.59
CA ARG H 255 -9.37 55.01 59.29
C ARG H 255 -9.25 55.32 60.78
N ARG H 256 -10.36 55.18 61.49
CA ARG H 256 -10.39 55.45 62.91
C ARG H 256 -9.71 54.31 63.68
N ILE H 257 -8.76 54.68 64.53
CA ILE H 257 -8.11 53.70 65.39
C ILE H 257 -9.11 53.21 66.44
N ARG H 258 -9.26 51.90 66.55
CA ARG H 258 -10.31 51.30 67.36
C ARG H 258 -9.78 50.05 68.05
N GLY H 259 -10.63 49.44 68.86
CA GLY H 259 -10.27 48.21 69.53
C GLY H 259 -9.14 48.40 70.53
N LYS H 260 -8.23 47.43 70.58
CA LYS H 260 -7.11 47.48 71.50
C LYS H 260 -6.12 48.58 71.13
N ASP H 261 -6.05 48.98 69.87
CA ASP H 261 -5.09 49.99 69.44
C ASP H 261 -5.48 51.39 69.90
N TYR H 262 -6.74 51.60 70.29
CA TYR H 262 -7.16 52.92 70.73
C TYR H 262 -6.63 53.21 72.14
N LYS H 263 -6.18 54.45 72.34
CA LYS H 263 -5.76 54.94 73.64
C LYS H 263 -6.49 56.24 73.94
N GLU H 264 -6.92 56.40 75.19
CA GLU H 264 -7.57 57.64 75.59
C GLU H 264 -6.58 58.79 75.52
N GLY H 265 -7.07 59.94 75.06
CA GLY H 265 -6.24 61.10 74.81
C GLY H 265 -5.90 61.33 73.36
N MET H 266 -6.21 60.38 72.48
CA MET H 266 -6.03 60.59 71.05
C MET H 266 -6.98 61.69 70.57
N TYR H 267 -6.46 62.56 69.71
CA TYR H 267 -7.23 63.71 69.25
C TYR H 267 -8.26 63.30 68.22
N GLU H 268 -9.48 63.78 68.38
CA GLU H 268 -10.52 63.56 67.40
C GLU H 268 -10.37 64.53 66.24
N LEU H 269 -11.09 64.25 65.14
CA LEU H 269 -11.00 65.11 63.96
C LEU H 269 -11.35 66.57 64.23
N PRO H 270 -12.40 66.92 64.99
CA PRO H 270 -12.70 68.34 65.20
C PRO H 270 -11.61 69.09 65.96
N PHE H 271 -10.61 68.40 66.50
CA PHE H 271 -9.49 69.08 67.14
C PHE H 271 -8.51 69.67 66.13
N TYR H 272 -8.52 69.19 64.89
CA TYR H 272 -7.61 69.64 63.85
C TYR H 272 -8.29 70.64 62.92
N TYR H 273 -7.46 71.45 62.25
CA TYR H 273 -7.95 72.39 61.25
C TYR H 273 -6.79 72.73 60.32
N PRO H 274 -7.07 73.02 59.05
CA PRO H 274 -5.98 73.40 58.13
C PRO H 274 -5.23 74.62 58.64
N GLY H 275 -3.91 74.61 58.42
CA GLY H 275 -3.03 75.63 58.92
C GLY H 275 -2.27 75.26 60.19
N MET H 276 -2.73 74.25 60.91
CA MET H 276 -2.02 73.79 62.10
C MET H 276 -0.71 73.13 61.73
N ILE H 277 0.30 73.32 62.57
CA ILE H 277 1.60 72.69 62.43
C ILE H 277 1.69 71.55 63.45
N CYS H 278 2.10 70.38 63.00
CA CYS H 278 2.16 69.21 63.85
C CYS H 278 3.53 68.55 63.75
N GLU H 279 3.94 67.92 64.84
CA GLU H 279 5.09 67.03 64.84
C GLU H 279 4.58 65.60 64.87
N GLY H 280 5.15 64.75 64.02
CA GLY H 280 4.70 63.37 63.95
C GLY H 280 5.79 62.46 63.44
N THR H 281 5.44 61.18 63.34
CA THR H 281 6.33 60.15 62.83
C THR H 281 5.70 59.46 61.63
N VAL H 282 6.53 59.09 60.68
CA VAL H 282 6.08 58.35 59.50
C VAL H 282 5.84 56.91 59.89
N THR H 283 4.64 56.41 59.60
CA THR H 283 4.26 55.05 59.96
C THR H 283 4.08 54.12 58.78
N THR H 284 3.66 54.63 57.62
CA THR H 284 3.36 53.79 56.48
C THR H 284 3.75 54.52 55.20
N LEU H 285 4.38 53.79 54.29
CA LEU H 285 4.68 54.28 52.95
C LEU H 285 3.92 53.44 51.94
N HIS H 286 3.14 54.09 51.08
CA HIS H 286 2.40 53.41 50.03
C HIS H 286 2.85 53.93 48.68
N LEU H 287 3.19 53.02 47.77
CA LEU H 287 3.75 53.40 46.48
C LEU H 287 2.76 54.21 45.65
N TYR H 288 1.46 53.92 45.78
CA TYR H 288 0.43 54.58 44.99
C TYR H 288 -0.34 55.65 45.74
N GLN H 289 -0.14 55.78 47.05
CA GLN H 289 -0.92 56.72 47.85
C GLN H 289 -0.05 57.79 48.50
N GLY H 290 0.98 57.42 49.24
CA GLY H 290 1.86 58.39 49.85
C GLY H 290 2.31 57.93 51.22
N ALA H 291 2.75 58.90 52.02
CA ALA H 291 3.24 58.65 53.36
C ALA H 291 2.17 58.98 54.38
N PHE H 292 2.01 58.11 55.38
CA PHE H 292 1.04 58.28 56.43
C PHE H 292 1.75 58.61 57.73
N VAL H 293 1.32 59.68 58.39
CA VAL H 293 2.02 60.24 59.54
C VAL H 293 1.09 60.21 60.75
N ASP H 294 1.59 59.69 61.86
CA ASP H 294 0.86 59.75 63.12
C ASP H 294 1.06 61.11 63.76
N ILE H 295 -0.01 61.89 63.89
CA ILE H 295 0.06 63.23 64.44
C ILE H 295 -0.72 63.29 65.75
N GLY H 296 -0.74 62.18 66.48
CA GLY H 296 -1.35 62.13 67.79
C GLY H 296 -2.86 62.01 67.81
N GLY H 297 -3.48 61.73 66.66
CA GLY H 297 -4.92 61.64 66.57
C GLY H 297 -5.42 60.21 66.38
N VAL H 298 -6.75 60.10 66.35
CA VAL H 298 -7.39 58.82 66.07
C VAL H 298 -7.39 58.51 64.58
N HIS H 299 -7.02 59.46 63.75
CA HIS H 299 -6.77 59.24 62.32
C HIS H 299 -5.35 59.66 61.99
N GLU H 300 -4.68 58.87 61.17
CA GLU H 300 -3.36 59.24 60.68
C GLU H 300 -3.47 60.23 59.54
N GLY H 301 -2.50 61.13 59.46
CA GLY H 301 -2.43 62.06 58.35
C GLY H 301 -1.88 61.41 57.09
N TRP H 302 -2.08 62.09 55.98
CA TRP H 302 -1.72 61.55 54.66
C TRP H 302 -1.02 62.61 53.83
N VAL H 303 0.20 62.31 53.40
CA VAL H 303 0.95 63.14 52.47
C VAL H 303 0.90 62.46 51.10
N PRO H 304 0.23 63.04 50.10
CA PRO H 304 0.07 62.34 48.81
C PRO H 304 1.36 62.30 48.01
N ILE H 305 1.89 61.09 47.83
CA ILE H 305 3.05 60.83 46.99
C ILE H 305 2.80 59.53 46.25
N LYS H 306 3.01 59.53 44.93
CA LYS H 306 2.71 58.32 44.17
C LYS H 306 3.63 58.19 42.97
N GLY H 307 3.84 56.95 42.56
CA GLY H 307 4.46 56.68 41.27
C GLY H 307 5.97 56.90 41.26
N ASN H 308 6.45 57.51 40.19
CA ASN H 308 7.89 57.70 39.98
C ASN H 308 8.53 58.51 41.10
N ASP H 309 7.78 59.42 41.71
CA ASP H 309 8.35 60.30 42.72
C ASP H 309 9.00 59.51 43.86
N TRP H 310 8.45 58.34 44.18
CA TRP H 310 9.01 57.52 45.24
C TRP H 310 10.39 56.98 44.90
N PHE H 311 10.79 56.99 43.63
CA PHE H 311 12.09 56.47 43.26
C PHE H 311 13.22 57.24 43.93
N TRP H 312 13.09 58.57 44.01
CA TRP H 312 14.05 59.40 44.72
C TRP H 312 13.62 59.72 46.14
N ILE H 313 12.31 59.89 46.38
CA ILE H 313 11.83 60.30 47.69
C ILE H 313 12.06 59.21 48.73
N ARG H 314 12.12 57.95 48.32
CA ARG H 314 12.33 56.86 49.27
C ARG H 314 13.67 56.97 50.00
N HIS H 315 14.62 57.74 49.45
CA HIS H 315 15.89 57.94 50.12
C HIS H 315 15.78 58.85 51.32
N PHE H 316 14.72 59.66 51.41
CA PHE H 316 14.61 60.66 52.46
C PHE H 316 13.42 60.43 53.39
N ILE H 317 12.30 59.94 52.88
CA ILE H 317 11.12 59.67 53.69
C ILE H 317 11.16 58.21 54.09
N ARG H 318 11.40 57.94 55.37
CA ARG H 318 11.55 56.59 55.89
C ARG H 318 10.56 56.37 57.03
N VAL H 319 10.21 55.09 57.22
CA VAL H 319 9.28 54.73 58.29
C VAL H 319 9.93 54.95 59.64
N GLY H 320 9.19 55.58 60.56
CA GLY H 320 9.64 55.77 61.92
C GLY H 320 10.37 57.06 62.20
N MET H 321 10.66 57.87 61.20
CA MET H 321 11.39 59.12 61.42
C MET H 321 10.44 60.25 61.77
N HIS H 322 10.95 61.21 62.54
CA HIS H 322 10.16 62.33 63.01
C HIS H 322 10.16 63.45 61.97
N VAL H 323 8.99 64.01 61.72
CA VAL H 323 8.81 65.05 60.70
C VAL H 323 8.00 66.18 61.31
N ILE H 324 7.99 67.31 60.59
CA ILE H 324 7.09 68.43 60.86
C ILE H 324 6.18 68.59 59.66
N VAL H 325 4.87 68.57 59.90
CA VAL H 325 3.89 68.60 58.82
C VAL H 325 2.91 69.74 59.05
N GLU H 326 2.25 70.14 57.98
CA GLU H 326 1.20 71.14 58.01
C GLU H 326 -0.08 70.55 57.45
N ILE H 327 -1.19 70.80 58.12
CA ILE H 327 -2.49 70.32 57.67
C ILE H 327 -2.97 71.21 56.54
N THR H 328 -3.23 70.61 55.37
CA THR H 328 -3.72 71.35 54.22
C THR H 328 -5.21 71.18 53.98
N ALA H 329 -5.80 70.09 54.44
CA ALA H 329 -7.23 69.87 54.27
C ALA H 329 -7.71 68.87 55.31
N LYS H 330 -8.96 69.06 55.75
CA LYS H 330 -9.63 68.14 56.63
C LYS H 330 -10.99 67.81 56.03
N ARG H 331 -11.29 66.51 55.91
CA ARG H 331 -12.46 66.05 55.19
C ARG H 331 -13.23 65.04 56.02
N ASP H 332 -14.41 64.69 55.54
CA ASP H 332 -15.29 63.75 56.23
C ASP H 332 -14.79 62.32 56.03
N PRO H 333 -14.51 61.57 57.10
CA PRO H 333 -13.96 60.21 56.93
C PRO H 333 -14.95 59.22 56.36
N TYR H 334 -16.25 59.51 56.38
CA TYR H 334 -17.22 58.59 55.77
C TYR H 334 -17.08 58.57 54.25
N ARG H 335 -16.83 59.73 53.66
CA ARG H 335 -16.74 59.83 52.20
C ARG H 335 -15.32 59.71 51.69
N PHE H 336 -14.36 60.34 52.35
CA PHE H 336 -12.98 60.37 51.87
C PHE H 336 -12.13 59.36 52.61
N ARG H 337 -11.26 58.68 51.87
CA ARG H 337 -10.41 57.65 52.47
C ARG H 337 -9.46 58.24 53.51
N PHE H 338 -8.90 59.41 53.23
CA PHE H 338 -7.88 60.02 54.08
C PHE H 338 -8.38 61.39 54.54
N PRO H 339 -9.01 61.47 55.71
CA PRO H 339 -9.63 62.73 56.13
C PRO H 339 -8.63 63.84 56.46
N LEU H 340 -7.38 63.51 56.79
CA LEU H 340 -6.38 64.50 57.13
C LEU H 340 -5.31 64.50 56.04
N GLU H 341 -5.23 65.59 55.29
CA GLU H 341 -4.25 65.73 54.22
C GLU H 341 -3.14 66.66 54.67
N LEU H 342 -1.90 66.21 54.49
CA LEU H 342 -0.73 66.92 55.02
C LEU H 342 0.25 67.22 53.90
N ARG H 343 1.22 68.06 54.22
CA ARG H 343 2.42 68.23 53.43
C ARG H 343 3.61 68.31 54.37
N PHE H 344 4.75 67.80 53.92
CA PHE H 344 5.95 67.83 54.75
C PHE H 344 6.50 69.26 54.82
N VAL H 345 6.69 69.75 56.03
CA VAL H 345 7.37 71.02 56.24
C VAL H 345 8.87 70.81 56.43
N HIS H 346 9.24 69.88 57.32
CA HIS H 346 10.62 69.44 57.46
C HIS H 346 10.61 67.92 57.42
N PRO H 347 11.30 67.28 56.47
CA PRO H 347 12.08 67.87 55.38
C PRO H 347 11.19 68.41 54.27
N ASN H 348 11.67 69.39 53.50
CA ASN H 348 10.91 69.96 52.40
C ASN H 348 11.23 69.17 51.13
N ILE H 349 10.19 68.57 50.54
CA ILE H 349 10.37 67.74 49.35
C ILE H 349 9.44 68.22 48.24
N ASP H 350 9.10 69.51 48.25
CA ASP H 350 8.21 70.05 47.22
C ASP H 350 8.82 69.92 45.83
N HIS H 351 10.14 70.11 45.73
CA HIS H 351 10.82 70.04 44.44
C HIS H 351 10.91 68.62 43.90
N MET H 352 10.60 67.61 44.69
CA MET H 352 10.70 66.21 44.27
C MET H 352 9.36 65.60 43.90
N ILE H 353 8.25 66.29 44.11
CA ILE H 353 6.92 65.75 43.87
C ILE H 353 6.40 66.27 42.54
N PHE H 354 6.17 65.37 41.59
CA PHE H 354 5.67 65.73 40.27
C PHE H 354 4.31 65.13 39.95
N ASN H 355 3.98 63.96 40.48
CA ASN H 355 2.71 63.32 40.23
C ASN H 355 1.70 63.77 41.28
N LYS H 356 0.60 64.37 40.83
CA LYS H 356 -0.40 64.93 41.72
C LYS H 356 -1.72 64.19 41.56
N PHE H 357 -2.47 64.10 42.66
CA PHE H 357 -3.83 63.59 42.62
C PHE H 357 -4.75 64.68 42.09
N ASP H 358 -5.53 64.36 41.06
CA ASP H 358 -6.54 65.29 40.57
C ASP H 358 -7.59 65.57 41.63
N PHE H 359 -8.06 64.52 42.30
CA PHE H 359 -9.05 64.62 43.36
C PHE H 359 -8.67 63.68 44.49
N PRO H 360 -9.04 63.99 45.72
CA PRO H 360 -8.80 63.07 46.83
C PRO H 360 -9.64 61.82 46.69
N PRO H 361 -9.06 60.65 46.94
CA PRO H 361 -9.81 59.39 46.78
C PRO H 361 -10.95 59.27 47.78
N ILE H 362 -12.00 58.58 47.36
CA ILE H 362 -13.25 58.48 48.11
C ILE H 362 -13.66 57.02 48.22
N PHE H 363 -14.66 56.78 49.07
CA PHE H 363 -15.31 55.48 49.17
C PHE H 363 -16.56 55.47 48.28
N HIS H 364 -16.82 54.32 47.67
CA HIS H 364 -18.10 54.05 47.01
C HIS H 364 -18.83 53.02 47.86
N ARG H 365 -19.82 53.48 48.64
CA ARG H 365 -20.40 52.68 49.70
C ARG H 365 -21.76 52.12 49.29
N ASP H 366 -22.40 51.43 50.23
CA ASP H 366 -23.63 50.69 49.92
C ASP H 366 -24.76 51.63 49.52
N GLY H 367 -24.91 52.76 50.20
CA GLY H 367 -25.99 53.67 49.93
C GLY H 367 -25.78 54.59 48.76
N ASP H 368 -24.65 54.47 48.05
CA ASP H 368 -24.32 55.34 46.93
C ASP H 368 -24.81 54.69 45.65
N THR H 369 -26.06 54.96 45.30
CA THR H 369 -26.66 54.43 44.08
C THR H 369 -26.78 55.46 42.97
N ASN H 370 -26.80 56.75 43.29
CA ASN H 370 -26.94 57.79 42.28
C ASN H 370 -25.59 58.43 42.04
N PRO H 371 -25.00 58.30 40.84
CA PRO H 371 -23.71 58.93 40.58
C PRO H 371 -23.72 60.44 40.74
N ASP H 372 -24.84 61.09 40.44
CA ASP H 372 -24.90 62.55 40.56
C ASP H 372 -24.88 62.98 42.02
N GLU H 373 -25.41 62.17 42.92
CA GLU H 373 -25.32 62.49 44.34
C GLU H 373 -23.90 62.29 44.86
N ILE H 374 -23.21 61.25 44.37
CA ILE H 374 -21.85 60.98 44.85
C ILE H 374 -20.93 62.14 44.52
N ARG H 375 -20.98 62.63 43.28
CA ARG H 375 -20.08 63.69 42.87
C ARG H 375 -20.38 65.01 43.58
N ARG H 376 -21.60 65.21 44.06
CA ARG H 376 -21.91 66.40 44.85
C ARG H 376 -21.41 66.27 46.29
N ASP H 377 -21.31 65.04 46.80
CA ASP H 377 -20.76 64.86 48.15
C ASP H 377 -19.28 65.22 48.20
N CYS H 378 -18.55 64.94 47.13
CA CYS H 378 -17.19 65.43 46.94
C CYS H 378 -17.22 66.61 45.97
N GLY H 379 -16.04 67.03 45.51
CA GLY H 379 -15.98 68.13 44.56
C GLY H 379 -15.72 67.67 43.14
N ARG H 380 -16.37 66.60 42.71
CA ARG H 380 -16.04 66.03 41.42
C ARG H 380 -17.01 66.51 40.34
N PRO H 381 -16.56 66.54 39.08
CA PRO H 381 -17.37 67.12 38.00
C PRO H 381 -18.57 66.25 37.69
N PRO H 382 -19.59 66.80 37.04
CA PRO H 382 -20.74 66.00 36.62
C PRO H 382 -20.37 65.04 35.51
N GLU H 383 -21.20 64.03 35.34
CA GLU H 383 -21.04 63.08 34.24
C GLU H 383 -21.29 63.81 32.93
N PRO H 384 -20.33 63.83 32.01
CA PRO H 384 -20.52 64.60 30.77
C PRO H 384 -21.55 63.98 29.85
N ARG H 385 -22.14 64.84 29.01
CA ARG H 385 -23.15 64.44 28.06
C ARG H 385 -22.88 65.11 26.72
N LYS H 386 -23.43 64.54 25.66
CA LYS H 386 -23.34 65.17 24.35
C LYS H 386 -24.15 66.47 24.33
N ASP H 387 -23.56 67.51 23.75
CA ASP H 387 -24.24 68.79 23.67
C ASP H 387 -25.46 68.67 22.76
N PRO H 388 -26.63 69.13 23.20
CA PRO H 388 -27.83 69.01 22.36
C PRO H 388 -27.74 69.81 21.07
N GLY H 389 -26.88 70.83 21.00
CA GLY H 389 -26.80 71.65 19.81
C GLY H 389 -27.94 72.62 19.62
N SER H 390 -28.78 72.81 20.62
CA SER H 390 -29.91 73.73 20.55
C SER H 390 -29.91 74.62 21.78
N LYS H 391 -30.22 75.90 21.57
CA LYS H 391 -30.20 76.87 22.65
C LYS H 391 -31.53 76.82 23.42
N PRO H 392 -31.49 76.67 24.75
CA PRO H 392 -32.75 76.57 25.50
C PRO H 392 -33.64 77.79 25.39
N GLU H 393 -33.08 78.98 25.18
CA GLU H 393 -33.90 80.18 25.09
C GLU H 393 -34.65 80.30 23.77
N GLU H 394 -34.35 79.44 22.80
CA GLU H 394 -35.01 79.48 21.49
C GLU H 394 -36.03 78.37 21.31
N GLU H 395 -36.33 77.61 22.36
CA GLU H 395 -37.29 76.52 22.28
C GLU H 395 -38.70 77.02 22.57
N GLY H 396 -39.69 76.35 21.99
CA GLY H 396 -41.07 76.73 22.22
C GLY H 396 -41.50 76.51 23.65
N LEU H 397 -42.44 77.34 24.10
CA LEU H 397 -42.91 77.25 25.47
C LEU H 397 -43.77 75.99 25.67
N LEU H 398 -43.82 75.53 26.91
CA LEU H 398 -44.59 74.36 27.29
C LEU H 398 -45.87 74.80 27.99
N SER H 399 -47.00 74.24 27.57
CA SER H 399 -48.29 74.59 28.12
C SER H 399 -49.14 73.39 28.49
N ASP H 400 -48.69 72.17 28.20
CA ASP H 400 -49.46 70.97 28.53
C ASP H 400 -49.27 70.67 30.01
N HIS H 401 -50.25 71.05 30.81
CA HIS H 401 -50.20 70.78 32.24
C HIS H 401 -50.25 69.27 32.47
N PRO H 402 -49.37 68.71 33.30
CA PRO H 402 -49.36 67.26 33.51
C PRO H 402 -50.65 66.73 34.14
N TYR H 403 -51.39 67.55 34.86
CA TYR H 403 -52.64 67.12 35.48
C TYR H 403 -53.80 67.00 34.51
N VAL H 404 -53.65 67.53 33.28
CA VAL H 404 -54.73 67.48 32.30
C VAL H 404 -55.08 66.03 31.96
N ASP H 405 -54.06 65.17 31.86
CA ASP H 405 -54.31 63.77 31.57
C ASP H 405 -55.18 63.12 32.64
N LYS H 406 -55.04 63.56 33.90
CA LYS H 406 -55.92 63.05 34.95
C LYS H 406 -57.32 63.63 34.83
N LEU H 407 -57.43 64.91 34.48
CA LEU H 407 -58.74 65.52 34.29
C LEU H 407 -59.49 64.85 33.14
N TRP H 408 -58.79 64.47 32.08
CA TRP H 408 -59.42 63.80 30.95
C TRP H 408 -60.04 62.48 31.38
N GLN H 409 -59.34 61.71 32.21
CA GLN H 409 -59.89 60.44 32.68
C GLN H 409 -61.13 60.65 33.52
N LEU H 410 -61.12 61.67 34.39
CA LEU H 410 -62.30 61.98 35.17
C LEU H 410 -63.45 62.45 34.29
N HIS H 411 -63.12 63.22 33.24
CA HIS H 411 -64.15 63.70 32.32
C HIS H 411 -64.83 62.53 31.61
N VAL H 412 -64.05 61.55 31.15
CA VAL H 412 -64.62 60.39 30.47
C VAL H 412 -65.45 59.56 31.44
N ALA H 413 -64.98 59.41 32.68
CA ALA H 413 -65.71 58.62 33.66
C ALA H 413 -67.07 59.23 33.98
N GLU H 414 -67.13 60.57 34.10
CA GLU H 414 -68.41 61.22 34.37
C GLU H 414 -69.36 61.07 33.18
N GLN H 415 -68.85 61.22 31.96
CA GLN H 415 -69.73 61.16 30.79
C GLN H 415 -70.31 59.77 30.58
N MET H 416 -69.54 58.72 30.86
CA MET H 416 -70.07 57.37 30.69
C MET H 416 -71.02 56.99 31.82
N ILE H 417 -70.85 57.55 33.01
CA ILE H 417 -71.81 57.34 34.08
C ILE H 417 -73.12 58.06 33.77
N LEU H 418 -73.02 59.26 33.19
CA LEU H 418 -74.23 60.00 32.81
C LEU H 418 -75.01 59.25 31.74
N ASP H 419 -74.32 58.64 30.77
CA ASP H 419 -75.01 57.91 29.72
C ASP H 419 -75.76 56.70 30.26
N ASP H 420 -75.14 55.97 31.19
CA ASP H 420 -75.83 54.85 31.82
C ASP H 420 -77.05 55.31 32.60
N TYR H 421 -76.94 56.45 33.28
CA TYR H 421 -78.07 57.03 33.99
C TYR H 421 -79.26 57.24 33.07
N GLU H 422 -79.01 57.75 31.86
CA GLU H 422 -80.10 57.95 30.90
C GLU H 422 -80.66 56.61 30.43
N ALA H 423 -79.79 55.70 30.00
CA ALA H 423 -80.26 54.47 29.36
C ALA H 423 -80.98 53.56 30.34
N ASN H 424 -80.44 53.41 31.55
CA ASN H 424 -80.98 52.47 32.54
C ASN H 424 -81.15 53.19 33.87
N PRO H 425 -82.15 54.08 33.97
CA PRO H 425 -82.39 54.80 35.23
C PRO H 425 -83.05 53.92 36.29
N PRO H 461 -51.89 45.43 22.45
CA PRO H 461 -51.39 46.41 23.42
C PRO H 461 -52.51 47.26 24.00
N LYS H 462 -52.90 46.97 25.24
CA LYS H 462 -54.03 47.63 25.88
C LYS H 462 -53.64 48.10 27.27
N VAL H 463 -54.13 49.28 27.64
CA VAL H 463 -53.91 49.86 28.96
C VAL H 463 -55.27 50.16 29.57
N ILE H 464 -55.47 49.76 30.82
CA ILE H 464 -56.73 49.94 31.52
C ILE H 464 -56.52 50.94 32.64
N LEU H 465 -57.41 51.92 32.74
CA LEU H 465 -57.31 52.99 33.72
C LEU H 465 -58.52 52.93 34.65
N LYS H 466 -58.32 52.38 35.84
CA LYS H 466 -59.37 52.38 36.85
C LYS H 466 -59.66 53.80 37.33
N THR H 467 -60.94 54.12 37.46
CA THR H 467 -61.38 55.42 37.94
C THR H 467 -62.39 55.22 39.06
N SER H 468 -62.24 56.00 40.13
CA SER H 468 -63.12 55.90 41.29
C SER H 468 -64.32 56.83 41.10
N VAL H 469 -65.47 56.41 41.62
CA VAL H 469 -66.66 57.23 41.56
C VAL H 469 -66.62 58.37 42.57
N LYS H 470 -65.78 58.25 43.60
CA LYS H 470 -65.70 59.23 44.67
C LYS H 470 -64.80 60.41 44.34
N GLU H 471 -64.07 60.34 43.23
CA GLU H 471 -63.27 61.46 42.76
C GLU H 471 -63.96 62.22 41.63
N LEU H 472 -65.23 61.96 41.39
CA LEU H 472 -66.00 62.59 40.33
C LEU H 472 -67.06 63.52 40.93
N ASP H 473 -67.35 64.60 40.23
CA ASP H 473 -68.36 65.57 40.63
C ASP H 473 -69.57 65.37 39.72
N LEU H 474 -70.45 64.43 40.10
CA LEU H 474 -71.62 64.11 39.29
C LEU H 474 -72.77 65.07 39.51
N GLU H 475 -72.79 65.81 40.62
CA GLU H 475 -73.85 66.78 40.85
C GLU H 475 -73.81 67.90 39.80
N ALA H 476 -72.61 68.40 39.51
CA ALA H 476 -72.47 69.44 38.49
C ALA H 476 -72.59 68.87 37.08
N ALA H 477 -72.10 67.64 36.86
CA ALA H 477 -72.18 67.04 35.54
C ALA H 477 -73.63 66.78 35.15
N LEU H 478 -74.45 66.29 36.08
CA LEU H 478 -75.85 66.01 35.77
C LEU H 478 -76.61 67.27 35.41
N ILE H 479 -76.36 68.37 36.13
CA ILE H 479 -76.99 69.65 35.80
C ILE H 479 -76.56 70.11 34.42
N GLU H 480 -75.28 69.93 34.09
CA GLU H 480 -74.80 70.27 32.75
C GLU H 480 -75.39 69.33 31.70
N ARG H 481 -75.54 68.05 32.05
CA ARG H 481 -76.13 67.10 31.11
C ARG H 481 -77.60 67.43 30.85
N LYS H 482 -78.36 67.72 31.90
CA LYS H 482 -79.76 68.08 31.72
C LYS H 482 -79.93 69.41 31.01
N TYR H 483 -79.02 70.35 31.23
CA TYR H 483 -79.11 71.65 30.57
C TYR H 483 -79.02 71.51 29.06
N HIS H 484 -78.13 70.65 28.57
CA HIS H 484 -78.01 70.42 27.13
C HIS H 484 -79.10 69.47 26.65
N LYS H 502 -67.82 73.54 24.31
CA LYS H 502 -67.18 72.53 25.14
C LYS H 502 -67.89 72.40 26.48
N LEU H 503 -67.42 71.47 27.31
CA LEU H 503 -68.01 71.20 28.61
C LEU H 503 -67.16 71.83 29.71
N ARG H 504 -67.64 71.71 30.96
CA ARG H 504 -66.94 72.31 32.09
C ARG H 504 -65.56 71.69 32.27
N ARG H 505 -65.44 70.37 32.13
CA ARG H 505 -64.14 69.72 32.28
C ARG H 505 -63.17 70.19 31.20
N ASN H 506 -63.65 70.39 29.98
CA ASN H 506 -62.78 70.92 28.92
C ASN H 506 -62.32 72.34 29.26
N ILE H 507 -63.21 73.15 29.81
CA ILE H 507 -62.82 74.48 30.29
C ILE H 507 -61.84 74.36 31.44
N GLU H 508 -62.03 73.36 32.31
CA GLU H 508 -61.11 73.14 33.42
C GLU H 508 -59.73 72.75 32.92
N MET H 509 -59.65 72.03 31.81
CA MET H 509 -58.34 71.67 31.25
C MET H 509 -57.62 72.89 30.69
N ASP H 510 -58.36 73.83 30.09
CA ASP H 510 -57.72 75.02 29.52
C ASP H 510 -57.17 75.93 30.60
N GLU H 511 -57.86 76.05 31.74
CA GLU H 511 -57.36 76.93 32.79
C GLU H 511 -56.13 76.35 33.48
N TYR H 512 -56.03 75.03 33.55
CA TYR H 512 -54.79 74.41 34.02
C TYR H 512 -53.67 74.59 33.00
N ASP H 513 -54.00 74.51 31.71
CA ASP H 513 -53.00 74.78 30.68
C ASP H 513 -52.53 76.22 30.72
N SER H 514 -53.45 77.16 30.99
CA SER H 514 -53.07 78.57 31.06
C SER H 514 -52.10 78.81 32.21
N LEU H 515 -52.33 78.18 33.35
CA LEU H 515 -51.40 78.30 34.48
C LEU H 515 -50.04 77.74 34.13
N HIS H 516 -50.01 76.60 33.44
CA HIS H 516 -48.72 76.01 33.05
C HIS H 516 -48.03 76.86 31.99
N TRP H 517 -48.78 77.41 31.05
CA TRP H 517 -48.19 78.27 30.03
C TRP H 517 -47.62 79.54 30.66
N ARG H 518 -48.32 80.11 31.64
CA ARG H 518 -47.83 81.28 32.33
C ARG H 518 -46.53 80.98 33.08
N ARG H 519 -46.43 79.80 33.68
CA ARG H 519 -45.21 79.40 34.36
C ARG H 519 -44.04 79.29 33.38
N SER H 520 -44.28 78.73 32.21
CA SER H 520 -43.22 78.63 31.20
C SER H 520 -42.82 80.01 30.69
N LEU H 521 -43.79 80.90 30.52
CA LEU H 521 -43.47 82.24 30.03
C LEU H 521 -42.59 83.01 31.00
N GLU H 522 -42.90 82.92 32.30
CA GLU H 522 -42.13 83.66 33.29
C GLU H 522 -40.71 83.11 33.42
N GLU H 523 -40.52 81.80 33.27
CA GLU H 523 -39.17 81.25 33.30
C GLU H 523 -38.37 81.73 32.09
N ARG H 524 -38.99 81.75 30.92
CA ARG H 524 -38.28 82.19 29.71
C ARG H 524 -37.89 83.66 29.80
N GLU H 525 -38.80 84.50 30.31
CA GLU H 525 -38.49 85.91 30.47
C GLU H 525 -37.33 86.12 31.43
N ALA H 526 -37.33 85.40 32.55
CA ALA H 526 -36.21 85.48 33.48
C ALA H 526 -34.94 84.90 32.87
N LEU H 527 -35.07 83.88 32.02
CA LEU H 527 -33.90 83.30 31.37
C LEU H 527 -33.25 84.29 30.42
N LEU H 528 -34.07 85.07 29.69
CA LEU H 528 -33.52 86.04 28.75
C LEU H 528 -32.72 87.12 29.45
N ARG H 529 -33.22 87.62 30.59
CA ARG H 529 -32.45 88.57 31.38
C ARG H 529 -31.22 87.91 31.99
N ASP H 530 -31.36 86.66 32.43
CA ASP H 530 -30.22 85.95 33.02
C ASP H 530 -29.11 85.74 32.01
N ILE H 531 -29.47 85.51 30.75
CA ILE H 531 -28.46 85.32 29.70
C ILE H 531 -27.66 86.60 29.50
N SER H 532 -28.35 87.75 29.44
CA SER H 532 -27.67 89.01 29.20
C SER H 532 -26.70 89.35 30.34
N SER H 533 -27.11 89.10 31.59
CA SER H 533 -26.23 89.36 32.72
C SER H 533 -25.00 88.46 32.70
N ARG H 534 -25.20 87.17 32.42
CA ARG H 534 -24.09 86.23 32.45
C ARG H 534 -23.13 86.47 31.29
N GLN H 535 -23.65 86.82 30.11
CA GLN H 535 -22.78 87.12 28.98
C GLN H 535 -21.96 88.37 29.22
N ALA H 536 -22.52 89.35 29.94
CA ALA H 536 -21.78 90.57 30.23
C ALA H 536 -20.71 90.36 31.29
N LEU H 537 -20.96 89.49 32.26
CA LEU H 537 -20.06 89.26 33.36
C LEU H 537 -19.18 88.03 33.20
N GLY H 538 -19.25 87.37 32.05
CA GLY H 538 -18.43 86.19 31.82
C GLY H 538 -18.75 85.02 32.71
N LEU H 539 -20.03 84.79 32.98
CA LEU H 539 -20.49 83.66 33.78
C LEU H 539 -21.03 82.56 32.86
N PRO H 540 -20.87 81.30 33.24
CA PRO H 540 -21.30 80.21 32.36
C PRO H 540 -22.80 80.20 32.14
N LEU H 541 -23.21 79.87 30.91
CA LEU H 541 -24.62 79.70 30.60
C LEU H 541 -25.11 78.30 30.88
N GLU H 542 -24.26 77.29 30.68
CA GLU H 542 -24.57 75.90 31.00
C GLU H 542 -23.79 75.50 32.25
N GLU H 543 -24.23 74.42 32.88
CA GLU H 543 -23.54 73.92 34.06
C GLU H 543 -22.15 73.43 33.65
N PRO H 544 -21.08 73.95 34.27
CA PRO H 544 -19.73 73.52 33.89
C PRO H 544 -19.53 72.04 34.12
N GLY H 545 -18.79 71.41 33.20
CA GLY H 545 -18.59 69.98 33.19
C GLY H 545 -19.62 69.22 32.37
N ARG H 546 -20.88 69.68 32.39
CA ARG H 546 -21.90 69.13 31.52
C ARG H 546 -21.65 69.56 30.08
N TYR H 547 -22.16 68.75 29.14
CA TYR H 547 -22.16 69.08 27.71
C TYR H 547 -20.73 69.25 27.17
N LYS H 548 -20.00 68.14 27.19
CA LYS H 548 -18.70 68.11 26.55
C LYS H 548 -18.85 68.11 25.02
N PRO H 549 -17.86 68.63 24.30
CA PRO H 549 -17.97 68.70 22.84
C PRO H 549 -17.75 67.38 22.15
N GLY H 550 -17.72 67.39 20.81
CA GLY H 550 -17.51 66.17 20.06
C GLY H 550 -16.10 65.62 20.22
N SER H 551 -15.95 64.36 19.81
CA SER H 551 -14.72 63.56 19.91
C SER H 551 -14.36 63.24 21.34
N PHE H 552 -15.10 63.74 22.33
CA PHE H 552 -14.85 63.38 23.72
C PHE H 552 -15.37 61.98 24.03
N PHE H 553 -16.41 61.55 23.32
CA PHE H 553 -17.04 60.25 23.59
C PHE H 553 -16.57 59.20 22.60
N SER H 603 -53.63 70.59 5.54
CA SER H 603 -53.36 70.44 6.97
C SER H 603 -54.66 70.36 7.77
N TYR H 604 -54.62 69.61 8.86
CA TYR H 604 -55.79 69.50 9.73
C TYR H 604 -56.16 70.84 10.35
N ASP H 605 -55.16 71.60 10.80
CA ASP H 605 -55.43 72.84 11.53
C ASP H 605 -56.13 73.86 10.64
N ASP H 606 -55.67 74.02 9.40
CA ASP H 606 -56.26 75.00 8.50
C ASP H 606 -57.52 74.48 7.81
N ALA H 607 -57.85 73.21 7.97
CA ALA H 607 -59.04 72.64 7.37
C ALA H 607 -59.98 72.07 8.43
N TYR I 49 -15.38 84.39 61.07
CA TYR I 49 -15.13 85.83 61.10
C TYR I 49 -13.73 86.14 60.59
N TYR I 50 -13.58 87.27 59.92
CA TYR I 50 -12.30 87.73 59.41
C TYR I 50 -12.09 89.17 59.85
N GLY I 51 -10.85 89.48 60.23
CA GLY I 51 -10.50 90.84 60.55
C GLY I 51 -10.11 91.63 59.31
N LEU I 52 -10.07 92.95 59.47
CA LEU I 52 -9.61 93.84 58.42
C LEU I 52 -8.10 93.99 58.55
N LYS I 53 -7.36 93.41 57.61
CA LYS I 53 -5.91 93.45 57.67
C LYS I 53 -5.39 94.76 57.08
N THR I 54 -4.51 95.43 57.84
CA THR I 54 -3.87 96.64 57.36
C THR I 54 -2.95 96.31 56.19
N PRO I 55 -2.83 97.22 55.22
CA PRO I 55 -1.80 97.06 54.18
C PRO I 55 -0.42 97.01 54.81
N PRO I 56 0.55 96.38 54.13
CA PRO I 56 1.88 96.21 54.74
C PRO I 56 2.71 97.49 54.76
N TYR I 57 2.07 98.62 54.49
CA TYR I 57 2.72 99.92 54.46
C TYR I 57 1.74 100.96 55.01
N PRO I 58 2.25 102.09 55.50
CA PRO I 58 1.34 103.17 55.90
C PRO I 58 0.57 103.72 54.71
N LEU I 59 -0.60 104.30 54.99
CA LEU I 59 -1.52 104.70 53.93
C LEU I 59 -0.97 105.82 53.06
N ASP I 60 0.06 106.53 53.50
CA ASP I 60 0.67 107.58 52.69
C ASP I 60 1.96 107.13 52.03
N ALA I 61 2.29 105.84 52.09
CA ALA I 61 3.56 105.34 51.58
C ALA I 61 3.58 105.15 50.07
N LEU I 62 2.42 105.15 49.42
CA LEU I 62 2.36 104.99 47.96
C LEU I 62 2.30 106.33 47.24
N GLU I 63 2.43 107.44 47.96
CA GLU I 63 2.45 108.75 47.33
C GLU I 63 3.71 108.90 46.46
N PRO I 64 3.63 109.68 45.38
CA PRO I 64 2.46 110.39 44.84
C PRO I 64 1.69 109.53 43.84
N TYR I 65 2.09 108.27 43.68
CA TYR I 65 1.49 107.43 42.65
C TYR I 65 0.07 107.01 43.04
N MET I 66 -0.15 106.67 44.31
CA MET I 66 -1.48 106.42 44.84
C MET I 66 -1.63 107.28 46.09
N SER I 67 -2.59 108.21 46.05
CA SER I 67 -2.70 109.22 47.09
C SER I 67 -3.17 108.60 48.40
N GLN I 68 -2.89 109.31 49.49
CA GLN I 68 -3.32 108.85 50.81
C GLN I 68 -4.84 108.80 50.90
N ARG I 69 -5.51 109.80 50.31
CA ARG I 69 -6.97 109.82 50.33
C ARG I 69 -7.56 108.61 49.60
N THR I 70 -6.90 108.17 48.53
CA THR I 70 -7.35 106.96 47.85
C THR I 70 -7.26 105.75 48.77
N LEU I 71 -6.15 105.61 49.51
CA LEU I 71 -6.00 104.48 50.43
C LEU I 71 -7.04 104.55 51.54
N GLU I 72 -7.32 105.75 52.05
CA GLU I 72 -8.26 105.88 53.15
C GLU I 72 -9.66 105.44 52.74
N VAL I 73 -10.09 105.76 51.52
CA VAL I 73 -11.41 105.34 51.07
C VAL I 73 -11.38 103.90 50.60
N HIS I 74 -10.36 103.53 49.81
CA HIS I 74 -10.31 102.19 49.24
C HIS I 74 -10.18 101.13 50.32
N TRP I 75 -9.27 101.32 51.27
CA TRP I 75 -9.10 100.35 52.34
C TRP I 75 -10.06 100.62 53.49
N GLY I 76 -10.18 101.87 53.92
CA GLY I 76 -10.94 102.19 55.12
C GLY I 76 -12.44 102.13 54.94
N LYS I 77 -12.94 102.23 53.71
CA LYS I 77 -14.37 102.19 53.45
C LYS I 77 -14.78 101.00 52.60
N HIS I 78 -14.17 100.81 51.44
CA HIS I 78 -14.55 99.70 50.56
C HIS I 78 -14.14 98.36 51.16
N HIS I 79 -12.86 98.20 51.45
CA HIS I 79 -12.38 96.94 52.00
C HIS I 79 -13.01 96.66 53.36
N ARG I 80 -13.15 97.69 54.20
CA ARG I 80 -13.79 97.52 55.50
C ARG I 80 -15.24 97.09 55.34
N GLY I 81 -15.96 97.69 54.39
CA GLY I 81 -17.35 97.32 54.17
C GLY I 81 -17.51 95.88 53.74
N TYR I 82 -16.60 95.39 52.91
CA TYR I 82 -16.64 93.99 52.50
C TYR I 82 -16.44 93.05 53.68
N VAL I 83 -15.50 93.38 54.57
CA VAL I 83 -15.25 92.54 55.73
C VAL I 83 -16.45 92.55 56.67
N ASP I 84 -17.02 93.72 56.92
CA ASP I 84 -18.16 93.81 57.83
C ASP I 84 -19.38 93.07 57.28
N ASN I 85 -19.63 93.19 55.98
CA ASN I 85 -20.77 92.49 55.39
C ASN I 85 -20.56 90.97 55.40
N LEU I 86 -19.32 90.53 55.14
CA LEU I 86 -19.04 89.09 55.16
C LEU I 86 -19.23 88.51 56.56
N ASN I 87 -18.79 89.23 57.59
CA ASN I 87 -18.90 88.72 58.96
C ASN I 87 -20.34 88.56 59.39
N LYS I 88 -21.22 89.47 58.96
CA LYS I 88 -22.64 89.30 59.26
C LYS I 88 -23.20 88.03 58.63
N GLN I 89 -22.80 87.73 57.39
CA GLN I 89 -23.29 86.53 56.72
C GLN I 89 -22.74 85.27 57.36
N LEU I 90 -21.46 85.29 57.77
CA LEU I 90 -20.87 84.10 58.37
C LEU I 90 -21.42 83.82 59.77
N GLY I 91 -21.98 84.82 60.44
CA GLY I 91 -22.57 84.61 61.74
C GLY I 91 -23.93 83.96 61.74
N LYS I 92 -24.50 83.70 60.55
CA LYS I 92 -25.79 83.06 60.43
C LYS I 92 -25.71 81.68 59.80
N ASP I 93 -24.57 81.29 59.24
CA ASP I 93 -24.41 80.00 58.56
C ASP I 93 -23.20 79.30 59.18
N ASP I 94 -23.44 78.26 59.97
CA ASP I 94 -22.35 77.53 60.59
C ASP I 94 -21.57 76.70 59.58
N ARG I 95 -22.18 76.33 58.46
CA ARG I 95 -21.46 75.55 57.45
C ARG I 95 -20.48 76.42 56.67
N LEU I 96 -20.90 77.62 56.26
CA LEU I 96 -19.98 78.53 55.59
C LEU I 96 -18.88 78.98 56.54
N TYR I 97 -19.22 79.22 57.80
CA TYR I 97 -18.21 79.29 58.83
C TYR I 97 -17.50 77.95 58.91
N GLY I 98 -16.21 77.97 59.15
CA GLY I 98 -15.43 76.75 59.21
C GLY I 98 -14.76 76.39 57.90
N TYR I 99 -15.23 76.92 56.78
CA TYR I 99 -14.44 76.89 55.57
C TYR I 99 -13.23 77.79 55.71
N THR I 100 -12.12 77.38 55.11
CA THR I 100 -11.03 78.32 54.95
C THR I 100 -11.40 79.37 53.92
N MET I 101 -10.64 80.46 53.88
CA MET I 101 -10.97 81.55 52.96
C MET I 101 -10.96 81.06 51.52
N GLU I 102 -9.96 80.27 51.14
CA GLU I 102 -9.93 79.72 49.79
C GLU I 102 -11.10 78.77 49.54
N GLU I 103 -11.41 77.90 50.52
CA GLU I 103 -12.53 76.99 50.37
C GLU I 103 -13.85 77.73 50.32
N LEU I 104 -13.99 78.79 51.12
CA LEU I 104 -15.23 79.57 51.13
C LEU I 104 -15.48 80.22 49.77
N ILE I 105 -14.45 80.76 49.14
CA ILE I 105 -14.61 81.40 47.83
C ILE I 105 -15.03 80.38 46.79
N LYS I 106 -14.38 79.20 46.79
CA LYS I 106 -14.73 78.17 45.82
C LYS I 106 -16.12 77.61 46.09
N ALA I 107 -16.48 77.44 47.36
CA ALA I 107 -17.81 76.89 47.69
C ALA I 107 -18.91 77.88 47.34
N THR I 108 -18.73 79.16 47.69
CA THR I 108 -19.76 80.15 47.41
C THR I 108 -19.84 80.49 45.93
N TYR I 109 -18.78 80.25 45.16
CA TYR I 109 -18.87 80.43 43.71
C TYR I 109 -19.87 79.46 43.10
N ASN I 110 -19.98 78.26 43.67
CA ASN I 110 -21.04 77.31 43.33
C ASN I 110 -21.03 76.95 41.84
N ASN I 111 -19.83 76.80 41.28
CA ASN I 111 -19.65 76.33 39.90
C ASN I 111 -20.38 77.20 38.89
N GLY I 112 -20.36 78.52 39.11
CA GLY I 112 -20.93 79.46 38.18
C GLY I 112 -22.31 79.99 38.52
N ASN I 113 -22.87 79.62 39.68
CA ASN I 113 -24.13 80.16 40.16
C ASN I 113 -23.90 80.67 41.59
N PRO I 114 -23.23 81.81 41.74
CA PRO I 114 -22.69 82.19 43.05
C PRO I 114 -23.78 82.39 44.10
N LEU I 115 -23.45 81.98 45.33
CA LEU I 115 -24.29 82.20 46.49
C LEU I 115 -24.18 83.65 46.94
N PRO I 116 -25.12 84.13 47.77
CA PRO I 116 -25.08 85.54 48.19
C PRO I 116 -23.80 85.95 48.90
N GLU I 117 -23.10 85.02 49.53
CA GLU I 117 -21.88 85.36 50.26
C GLU I 117 -20.65 85.49 49.36
N PHE I 118 -20.76 85.10 48.08
CA PHE I 118 -19.57 85.04 47.23
C PHE I 118 -18.95 86.41 47.02
N ASN I 119 -19.78 87.43 46.77
CA ASN I 119 -19.25 88.75 46.43
C ASN I 119 -18.42 89.33 47.57
N ASN I 120 -18.91 89.22 48.81
CA ASN I 120 -18.15 89.71 49.95
C ASN I 120 -16.90 88.88 50.19
N ALA I 121 -17.06 87.55 50.16
CA ALA I 121 -15.92 86.67 50.42
C ALA I 121 -14.83 86.83 49.37
N ALA I 122 -15.23 86.95 48.10
CA ALA I 122 -14.24 87.12 47.05
C ALA I 122 -13.54 88.47 47.16
N GLN I 123 -14.28 89.54 47.49
CA GLN I 123 -13.70 90.87 47.51
C GLN I 123 -12.73 91.07 48.66
N VAL I 124 -12.98 90.45 49.81
CA VAL I 124 -12.04 90.61 50.93
C VAL I 124 -10.70 89.96 50.59
N TYR I 125 -10.73 88.80 49.94
CA TYR I 125 -9.49 88.17 49.49
C TYR I 125 -8.81 89.00 48.41
N ASN I 126 -9.59 89.53 47.47
CA ASN I 126 -9.01 90.28 46.35
C ASN I 126 -8.28 91.52 46.84
N HIS I 127 -8.87 92.24 47.79
CA HIS I 127 -8.23 93.47 48.28
C HIS I 127 -7.02 93.17 49.16
N ASP I 128 -7.12 92.14 50.02
CA ASP I 128 -5.94 91.72 50.78
C ASP I 128 -4.80 91.34 49.85
N PHE I 129 -5.10 90.59 48.79
CA PHE I 129 -4.08 90.24 47.81
C PHE I 129 -3.57 91.48 47.08
N PHE I 130 -4.43 92.48 46.88
CA PHE I 130 -4.04 93.66 46.11
C PHE I 130 -3.07 94.55 46.89
N TRP I 131 -3.32 94.75 48.18
CA TRP I 131 -2.42 95.59 48.97
C TRP I 131 -1.02 94.98 49.05
N GLU I 132 -0.95 93.66 49.15
CA GLU I 132 0.35 92.99 49.17
C GLU I 132 1.02 92.96 47.80
N SER I 133 0.26 93.18 46.73
CA SER I 133 0.84 93.25 45.39
C SER I 133 1.61 94.54 45.14
N MET I 134 1.49 95.52 46.02
CA MET I 134 2.15 96.81 45.86
C MET I 134 3.09 97.06 47.03
N GLN I 135 4.11 97.88 46.78
CA GLN I 135 5.04 98.28 47.82
C GLN I 135 5.62 99.63 47.47
N PRO I 136 6.04 100.42 48.47
CA PRO I 136 6.82 101.61 48.17
C PRO I 136 8.13 101.23 47.48
N GLY I 137 8.51 102.02 46.49
CA GLY I 137 9.69 101.72 45.71
C GLY I 137 9.58 100.45 44.90
N GLY I 138 8.39 100.15 44.38
CA GLY I 138 8.18 99.00 43.54
C GLY I 138 8.43 99.30 42.08
N GLY I 139 7.87 98.46 41.22
CA GLY I 139 8.00 98.66 39.79
C GLY I 139 9.19 97.97 39.17
N ASP I 140 9.82 98.64 38.20
CA ASP I 140 10.91 98.12 37.36
C ASP I 140 10.68 96.66 36.98
N MET I 141 11.71 95.83 37.08
CA MET I 141 11.64 94.46 36.60
C MET I 141 11.85 93.46 37.73
N PRO I 142 11.28 92.27 37.62
CA PRO I 142 11.56 91.21 38.58
C PRO I 142 12.94 90.60 38.34
N ILE I 143 13.35 89.75 39.28
CA ILE I 143 14.65 89.10 39.23
C ILE I 143 14.49 87.62 39.54
N LYS I 144 15.58 86.88 39.34
CA LYS I 144 15.74 85.49 39.79
C LYS I 144 14.63 84.63 39.18
N GLY I 145 13.93 83.82 39.97
CA GLY I 145 13.02 82.84 39.40
C GLY I 145 11.76 83.43 38.81
N VAL I 146 11.34 84.60 39.30
CA VAL I 146 10.16 85.24 38.73
C VAL I 146 10.46 85.74 37.32
N LEU I 147 11.62 86.36 37.12
CA LEU I 147 12.01 86.82 35.79
C LEU I 147 12.17 85.64 34.83
N GLU I 148 12.80 84.55 35.30
CA GLU I 148 13.02 83.40 34.45
C GLU I 148 11.71 82.74 34.03
N GLN I 149 10.75 82.63 34.95
CA GLN I 149 9.47 82.04 34.60
C GLN I 149 8.69 82.92 33.64
N ILE I 150 8.77 84.25 33.83
CA ILE I 150 8.08 85.17 32.92
C ILE I 150 8.69 85.09 31.53
N GLU I 151 10.02 85.07 31.43
CA GLU I 151 10.67 84.96 30.13
C GLU I 151 10.37 83.63 29.47
N LYS I 152 10.19 82.57 30.26
CA LYS I 152 9.87 81.27 29.69
C LYS I 152 8.43 81.20 29.19
N ASP I 153 7.49 81.78 29.95
CA ASP I 153 6.08 81.66 29.63
C ASP I 153 5.56 82.78 28.73
N PHE I 154 6.32 83.86 28.56
CA PHE I 154 5.89 84.96 27.70
C PHE I 154 6.91 85.32 26.62
N GLY I 155 8.12 84.80 26.69
CA GLY I 155 9.15 85.14 25.72
C GLY I 155 10.09 86.20 26.25
N SER I 156 9.54 87.20 26.92
CA SER I 156 10.32 88.28 27.50
C SER I 156 9.42 89.05 28.46
N PHE I 157 10.04 89.91 29.27
CA PHE I 157 9.25 90.76 30.16
C PHE I 157 8.46 91.80 29.39
N THR I 158 8.98 92.23 28.23
CA THR I 158 8.23 93.18 27.40
C THR I 158 6.93 92.57 26.90
N ASN I 159 6.96 91.30 26.48
CA ASN I 159 5.73 90.64 26.04
C ASN I 159 4.74 90.51 27.18
N PHE I 160 5.21 90.19 28.38
CA PHE I 160 4.32 90.11 29.53
C PHE I 160 3.68 91.47 29.82
N ARG I 161 4.48 92.53 29.74
CA ARG I 161 3.97 93.87 30.08
C ARG I 161 2.85 94.28 29.13
N GLU I 162 3.00 94.00 27.84
CA GLU I 162 1.95 94.34 26.89
C GLU I 162 0.69 93.52 27.15
N LYS I 163 0.86 92.22 27.46
CA LYS I 163 -0.30 91.38 27.74
C LYS I 163 -1.03 91.84 28.99
N PHE I 164 -0.28 92.20 30.03
CA PHE I 164 -0.89 92.71 31.25
C PHE I 164 -1.59 94.04 31.00
N THR I 165 -0.96 94.93 30.23
CA THR I 165 -1.56 96.23 29.93
C THR I 165 -2.82 96.08 29.10
N ASN I 166 -2.78 95.23 28.06
CA ASN I 166 -3.94 95.08 27.20
C ASN I 166 -5.10 94.43 27.93
N ALA I 167 -4.82 93.48 28.81
CA ALA I 167 -5.89 92.89 29.62
C ALA I 167 -6.53 93.92 30.53
N ALA I 168 -5.72 94.82 31.10
CA ALA I 168 -6.25 95.84 31.99
C ALA I 168 -6.98 96.94 31.24
N LEU I 169 -6.54 97.26 30.03
CA LEU I 169 -7.21 98.30 29.24
C LEU I 169 -8.53 97.82 28.65
N THR I 170 -8.67 96.52 28.40
CA THR I 170 -9.83 95.98 27.72
C THR I 170 -10.85 95.36 28.67
N GLN I 171 -10.56 95.30 29.97
CA GLN I 171 -11.55 94.83 30.94
C GLN I 171 -12.64 95.88 31.06
N PHE I 172 -13.84 95.54 30.60
CA PHE I 172 -14.95 96.48 30.57
C PHE I 172 -15.69 96.46 31.90
N GLY I 173 -15.88 97.64 32.49
CA GLY I 173 -16.53 97.74 33.78
C GLY I 173 -15.59 97.38 34.92
N SER I 174 -16.19 97.06 36.06
CA SER I 174 -15.42 96.68 37.23
C SER I 174 -14.82 95.29 37.06
N GLY I 175 -13.62 95.09 37.58
CA GLY I 175 -12.99 93.80 37.47
C GLY I 175 -11.58 93.83 38.04
N TRP I 176 -10.85 92.76 37.72
CA TRP I 176 -9.49 92.56 38.20
C TRP I 176 -8.63 92.00 37.07
N VAL I 177 -7.33 92.24 37.17
CA VAL I 177 -6.35 91.70 36.23
C VAL I 177 -5.33 90.91 37.04
N TRP I 178 -5.06 89.68 36.60
CA TRP I 178 -4.27 88.74 37.37
C TRP I 178 -3.11 88.20 36.56
N LEU I 179 -1.96 88.07 37.22
CA LEU I 179 -0.90 87.17 36.79
C LEU I 179 -1.05 85.89 37.60
N VAL I 180 -1.32 84.78 36.91
CA VAL I 180 -1.70 83.54 37.57
C VAL I 180 -0.73 82.43 37.18
N LEU I 181 -0.65 81.43 38.05
CA LEU I 181 0.08 80.20 37.77
C LEU I 181 -0.94 79.10 37.52
N LYS I 182 -0.94 78.56 36.31
CA LYS I 182 -1.87 77.50 35.95
C LYS I 182 -1.44 76.19 36.59
N ARG I 183 -2.37 75.56 37.31
CA ARG I 183 -2.05 74.32 38.02
C ARG I 183 -1.83 73.17 37.05
N GLU I 184 -2.74 73.02 36.08
CA GLU I 184 -2.64 71.89 35.15
C GLU I 184 -1.54 72.10 34.13
N GLU I 185 -1.40 73.31 33.61
CA GLU I 185 -0.43 73.59 32.55
C GLU I 185 0.95 73.95 33.08
N ARG I 186 1.07 74.28 34.37
CA ARG I 186 2.34 74.59 35.00
C ARG I 186 3.07 75.74 34.29
N ARG I 187 2.35 76.85 34.12
CA ARG I 187 2.92 78.04 33.50
C ARG I 187 2.14 79.26 33.93
N LEU I 188 2.74 80.42 33.72
CA LEU I 188 2.12 81.70 34.05
C LEU I 188 1.20 82.16 32.93
N GLU I 189 0.13 82.86 33.31
CA GLU I 189 -0.81 83.44 32.36
C GLU I 189 -1.31 84.77 32.88
N VAL I 190 -1.81 85.60 31.96
CA VAL I 190 -2.49 86.84 32.31
C VAL I 190 -3.98 86.64 32.11
N VAL I 191 -4.75 86.87 33.17
CA VAL I 191 -6.19 86.63 33.17
C VAL I 191 -6.89 87.88 33.72
N LYS I 192 -8.00 88.25 33.08
CA LYS I 192 -8.83 89.34 33.57
C LYS I 192 -10.22 88.78 33.91
N THR I 193 -10.76 89.25 35.03
CA THR I 193 -12.06 88.81 35.52
C THR I 193 -12.93 90.02 35.80
N SER I 194 -14.23 89.80 35.86
CA SER I 194 -15.20 90.86 36.08
C SER I 194 -15.75 90.81 37.50
N ASN I 195 -15.99 91.99 38.07
CA ASN I 195 -16.58 92.15 39.40
C ASN I 195 -15.66 91.51 40.43
N ALA I 196 -16.10 90.52 41.20
CA ALA I 196 -15.31 89.96 42.29
C ALA I 196 -14.65 88.64 41.94
N ILE I 197 -14.78 88.16 40.70
CA ILE I 197 -14.27 86.84 40.35
C ILE I 197 -12.74 86.84 40.43
N ASN I 198 -12.19 85.78 40.99
CA ASN I 198 -10.76 85.58 41.14
C ASN I 198 -10.39 84.20 40.62
N PRO I 199 -9.13 83.97 40.25
CA PRO I 199 -8.75 82.68 39.65
C PRO I 199 -8.84 81.50 40.60
N LEU I 200 -9.10 81.72 41.90
CA LEU I 200 -9.24 80.59 42.82
C LEU I 200 -10.41 79.70 42.45
N VAL I 201 -11.46 80.27 41.85
CA VAL I 201 -12.63 79.48 41.50
C VAL I 201 -12.34 78.45 40.41
N TRP I 202 -11.22 78.58 39.71
CA TRP I 202 -10.79 77.58 38.73
C TRP I 202 -9.49 76.90 39.15
N ASP I 203 -9.20 76.89 40.45
CA ASP I 203 -8.05 76.17 41.01
C ASP I 203 -6.72 76.70 40.48
N ASP I 204 -6.66 77.98 40.13
CA ASP I 204 -5.41 78.62 39.76
C ASP I 204 -4.86 79.41 40.94
N ILE I 205 -3.56 79.68 40.90
CA ILE I 205 -2.85 80.33 42.00
C ILE I 205 -2.51 81.75 41.56
N PRO I 206 -3.14 82.78 42.14
CA PRO I 206 -2.77 84.16 41.79
C PRO I 206 -1.36 84.49 42.23
N ILE I 207 -0.72 85.36 41.45
CA ILE I 207 0.65 85.82 41.74
C ILE I 207 0.70 87.33 41.91
N ILE I 208 0.11 88.08 40.98
CA ILE I 208 0.05 89.54 41.06
C ILE I 208 -1.36 89.98 40.71
N ASN I 209 -1.85 90.99 41.43
CA ASN I 209 -3.21 91.47 41.30
C ASN I 209 -3.21 92.96 40.97
N LEU I 210 -4.18 93.37 40.15
CA LEU I 210 -4.41 94.78 39.87
C LEU I 210 -5.90 95.05 39.88
N ASP I 211 -6.31 96.04 40.69
CA ASP I 211 -7.72 96.41 40.79
C ASP I 211 -8.04 97.44 39.72
N VAL I 212 -8.97 97.10 38.82
CA VAL I 212 -9.42 98.05 37.82
C VAL I 212 -10.87 98.47 38.05
N TRP I 213 -11.39 98.24 39.25
CA TRP I 213 -12.59 98.94 39.68
C TRP I 213 -12.34 100.44 39.67
N GLU I 214 -13.34 101.22 39.25
CA GLU I 214 -13.14 102.65 39.10
C GLU I 214 -12.78 103.32 40.42
N HIS I 215 -13.24 102.78 41.54
CA HIS I 215 -12.95 103.40 42.83
C HIS I 215 -11.47 103.34 43.19
N SER I 216 -10.67 102.52 42.51
CA SER I 216 -9.26 102.38 42.83
C SER I 216 -8.38 103.43 42.16
N TYR I 217 -8.88 104.13 41.15
CA TYR I 217 -8.05 105.11 40.45
C TYR I 217 -8.76 106.40 40.08
N TYR I 218 -10.04 106.56 40.36
CA TYR I 218 -10.78 107.69 39.80
C TYR I 218 -10.40 109.02 40.47
N LEU I 219 -10.03 108.98 41.76
CA LEU I 219 -9.63 110.22 42.42
C LEU I 219 -8.31 110.75 41.88
N ASP I 220 -7.39 109.85 41.52
CA ASP I 220 -6.06 110.26 41.08
C ASP I 220 -5.94 110.39 39.56
N TYR I 221 -6.74 109.65 38.80
CA TYR I 221 -6.59 109.62 37.35
C TYR I 221 -7.88 109.86 36.58
N LYS I 222 -9.04 109.86 37.24
CA LYS I 222 -10.35 110.05 36.59
C LYS I 222 -10.52 108.97 35.53
N ASN I 223 -10.76 109.31 34.26
CA ASN I 223 -11.00 108.32 33.22
C ASN I 223 -9.72 107.74 32.63
N GLU I 224 -8.56 108.23 33.04
CA GLU I 224 -7.29 107.79 32.48
C GLU I 224 -6.82 106.51 33.17
N ARG I 225 -7.50 105.41 32.84
CA ARG I 225 -7.08 104.11 33.36
C ARG I 225 -5.70 103.72 32.85
N GLY I 226 -5.38 104.12 31.62
CA GLY I 226 -4.08 103.76 31.05
C GLY I 226 -2.91 104.32 31.84
N LYS I 227 -3.04 105.56 32.31
CA LYS I 227 -2.01 106.13 33.16
C LYS I 227 -1.92 105.38 34.49
N TYR I 228 -3.07 104.99 35.05
CA TYR I 228 -3.08 104.23 36.29
C TYR I 228 -2.40 102.88 36.12
N ILE I 229 -2.64 102.21 34.99
CA ILE I 229 -1.99 100.93 34.72
C ILE I 229 -0.49 101.12 34.55
N ASN I 230 -0.08 102.14 33.81
CA ASN I 230 1.33 102.39 33.56
C ASN I 230 2.07 102.73 34.86
N THR I 231 1.42 103.52 35.72
CA THR I 231 2.03 103.85 37.01
C THR I 231 2.18 102.62 37.88
N PHE I 232 1.20 101.72 37.87
CA PHE I 232 1.26 100.51 38.67
C PHE I 232 2.45 99.64 38.27
N LEU I 233 2.69 99.49 36.96
CA LEU I 233 3.79 98.67 36.48
C LEU I 233 5.14 99.35 36.66
N ASN I 234 5.18 100.68 36.74
CA ASN I 234 6.45 101.39 36.82
C ASN I 234 6.90 101.70 38.24
N HIS I 235 5.96 101.88 39.17
CA HIS I 235 6.34 102.37 40.50
C HIS I 235 5.70 101.62 41.67
N LEU I 236 4.73 100.75 41.45
CA LEU I 236 3.99 100.18 42.58
C LEU I 236 4.08 98.66 42.68
N VAL I 237 4.06 97.95 41.55
CA VAL I 237 3.97 96.50 41.59
C VAL I 237 5.13 95.92 42.38
N SER I 238 4.82 94.99 43.28
CA SER I 238 5.82 94.39 44.17
C SER I 238 6.23 93.04 43.62
N TRP I 239 7.41 93.00 42.99
CA TRP I 239 7.94 91.72 42.53
C TRP I 239 8.49 90.89 43.67
N ASN I 240 8.83 91.52 44.80
CA ASN I 240 9.22 90.75 45.98
C ASN I 240 8.08 89.88 46.48
N ALA I 241 6.86 90.42 46.46
CA ALA I 241 5.70 89.61 46.84
C ALA I 241 5.49 88.46 45.88
N ALA I 242 5.72 88.69 44.58
CA ALA I 242 5.59 87.64 43.59
C ALA I 242 6.59 86.51 43.83
N MET I 243 7.79 86.84 44.31
CA MET I 243 8.78 85.81 44.60
C MET I 243 8.28 84.84 45.65
N SER I 244 7.69 85.36 46.73
CA SER I 244 7.21 84.51 47.81
C SER I 244 5.94 83.76 47.42
N ARG I 245 5.07 84.38 46.63
CA ARG I 245 3.86 83.70 46.19
C ARG I 245 4.17 82.55 45.25
N MET I 246 5.19 82.71 44.39
CA MET I 246 5.63 81.60 43.56
C MET I 246 6.29 80.51 44.40
N ALA I 247 7.01 80.90 45.45
CA ALA I 247 7.59 79.92 46.35
C ALA I 247 6.50 79.11 47.06
N ARG I 248 5.44 79.79 47.50
CA ARG I 248 4.31 79.08 48.10
C ARG I 248 3.59 78.23 47.05
N ALA I 249 3.47 78.73 45.82
CA ALA I 249 2.81 77.97 44.76
C ALA I 249 3.62 76.75 44.34
N GLU I 250 4.94 76.80 44.49
CA GLU I 250 5.79 75.67 44.13
C GLU I 250 5.57 74.45 45.00
N ALA I 251 4.88 74.61 46.13
CA ALA I 251 4.48 73.46 46.95
C ALA I 251 3.34 72.68 46.33
N PHE I 252 2.75 73.15 45.23
CA PHE I 252 1.63 72.47 44.61
C PHE I 252 1.76 72.29 43.11
N VAL I 253 2.72 72.94 42.43
CA VAL I 253 2.80 72.96 40.98
C VAL I 253 4.08 72.33 40.46
N ASN I 254 5.22 72.61 41.10
CA ASN I 254 6.51 72.05 40.72
C ASN I 254 6.88 72.41 39.27
N LEU I 255 7.16 73.70 39.09
CA LEU I 255 7.59 74.24 37.80
C LEU I 255 8.96 73.72 37.33
N GLY I 256 9.64 72.81 38.03
CA GLY I 256 10.92 72.31 37.60
C GLY I 256 10.79 71.09 36.70
N GLU I 257 11.93 70.45 36.44
CA GLU I 257 12.00 69.27 35.61
C GLU I 257 12.56 68.08 36.41
N PRO I 258 12.03 66.89 36.22
CA PRO I 258 12.50 65.74 37.01
C PRO I 258 13.89 65.29 36.60
N THR I 259 14.60 64.70 37.56
CA THR I 259 15.91 64.10 37.31
C THR I 259 15.69 62.65 36.91
N ILE I 260 16.02 62.31 35.69
CA ILE I 260 15.70 61.01 35.10
C ILE I 260 17.00 60.20 34.97
N PRO I 261 17.08 59.03 35.60
CA PRO I 261 18.31 58.24 35.50
C PRO I 261 18.55 57.73 34.09
N ILE I 262 19.83 57.61 33.75
CA ILE I 262 20.21 57.04 32.45
C ILE I 262 20.13 55.53 32.43
N ALA I 263 19.99 54.90 33.60
CA ALA I 263 19.87 53.45 33.70
C ALA I 263 18.60 52.97 33.00
N ASN J 184 64.30 -31.45 32.51
CA ASN J 184 64.72 -30.25 33.23
C ASN J 184 63.61 -29.75 34.14
N GLY J 185 63.19 -28.52 33.94
CA GLY J 185 62.10 -27.95 34.72
C GLY J 185 60.79 -27.93 33.97
N PHE J 186 60.52 -29.00 33.21
CA PHE J 186 59.33 -29.08 32.38
C PHE J 186 58.28 -30.07 32.88
N VAL J 187 58.64 -30.95 33.80
CA VAL J 187 57.71 -31.92 34.38
C VAL J 187 57.51 -31.58 35.85
N VAL J 188 56.26 -31.39 36.25
CA VAL J 188 55.90 -31.05 37.62
C VAL J 188 54.92 -32.09 38.13
N TYR J 189 55.19 -32.63 39.32
CA TYR J 189 54.35 -33.64 39.94
C TYR J 189 53.60 -33.02 41.11
N ASN J 190 52.30 -33.27 41.16
CA ASN J 190 51.48 -32.80 42.27
C ASN J 190 50.39 -33.81 42.60
N GLY J 202 32.27 -20.90 51.69
CA GLY J 202 31.09 -20.08 51.49
C GLY J 202 31.05 -19.45 50.12
N PHE J 203 31.27 -18.14 50.08
CA PHE J 203 31.34 -17.43 48.81
C PHE J 203 32.54 -17.92 48.01
N GLU J 204 32.46 -17.74 46.68
CA GLU J 204 33.46 -18.17 45.71
C GLU J 204 33.42 -19.68 45.52
N LEU J 205 32.66 -20.38 46.35
CA LEU J 205 32.25 -21.76 46.08
C LEU J 205 30.83 -21.85 45.59
N ASP J 206 29.92 -21.07 46.19
CA ASP J 206 28.58 -20.92 45.63
C ASP J 206 28.64 -20.26 44.26
N LYS J 207 29.51 -19.26 44.10
CA LYS J 207 29.66 -18.59 42.82
C LYS J 207 30.20 -19.53 41.75
N LYS J 208 31.14 -20.39 42.12
CA LYS J 208 31.70 -21.34 41.16
C LYS J 208 30.67 -22.36 40.72
N LEU J 209 29.86 -22.86 41.66
CA LEU J 209 28.91 -23.93 41.37
C LEU J 209 27.59 -23.44 40.81
N GLY J 210 27.30 -22.15 40.88
CA GLY J 210 26.02 -21.63 40.46
C GLY J 210 24.93 -21.70 41.52
N ARG J 211 25.28 -22.02 42.76
CA ARG J 211 24.33 -22.00 43.85
C ARG J 211 23.94 -20.56 44.19
N PRO J 212 22.78 -20.36 44.81
CA PRO J 212 22.36 -18.99 45.14
C PRO J 212 23.38 -18.27 46.01
N HIS J 213 23.66 -17.03 45.63
CA HIS J 213 24.67 -16.21 46.29
C HIS J 213 24.50 -14.76 45.88
N PRO J 214 24.93 -13.80 46.70
CA PRO J 214 24.88 -12.40 46.28
C PRO J 214 25.74 -12.18 45.04
N PHE J 215 25.27 -11.29 44.16
CA PHE J 215 26.06 -10.96 42.99
C PHE J 215 27.38 -10.30 43.37
N ILE J 216 27.38 -9.53 44.46
CA ILE J 216 28.58 -8.87 44.97
C ILE J 216 28.91 -9.46 46.32
N ASP J 217 30.16 -9.86 46.51
CA ASP J 217 30.61 -10.44 47.77
C ASP J 217 30.43 -9.43 48.90
N PRO J 218 29.71 -9.76 49.96
CA PRO J 218 29.53 -8.81 51.06
C PRO J 218 30.83 -8.37 51.71
N THR J 219 31.82 -9.25 51.81
CA THR J 219 33.10 -8.86 52.37
C THR J 219 33.80 -7.83 51.48
N LYS J 220 33.79 -8.03 50.17
CA LYS J 220 34.38 -7.08 49.24
C LYS J 220 33.32 -6.10 48.72
N LYS J 221 32.59 -5.49 49.66
CA LYS J 221 31.56 -4.51 49.34
C LYS J 221 31.77 -3.29 50.23
N LYS J 222 31.74 -2.12 49.61
CA LYS J 222 32.05 -0.88 50.32
C LYS J 222 30.96 0.15 50.07
N GLN J 223 30.84 1.08 51.00
CA GLN J 223 29.89 2.19 50.86
C GLN J 223 30.37 3.16 49.78
N ILE J 224 29.58 4.21 49.56
CA ILE J 224 29.87 5.16 48.49
C ILE J 224 30.21 6.52 49.09
N GLU J 225 30.80 6.50 50.28
CA GLU J 225 31.31 7.72 50.94
C GLU J 225 30.16 8.71 51.12
N THR J 226 30.45 10.00 51.05
CA THR J 226 29.45 11.05 51.14
C THR J 226 29.43 11.83 49.83
N THR J 227 28.23 12.18 49.40
CA THR J 227 28.02 12.90 48.15
C THR J 227 27.42 14.28 48.45
N LEU J 228 27.22 15.05 47.38
CA LEU J 228 26.75 16.42 47.52
C LEU J 228 25.42 16.47 48.28
N THR J 229 25.32 17.40 49.22
CA THR J 229 24.21 17.48 50.15
C THR J 229 23.30 18.68 49.88
N SER J 230 23.04 18.95 48.60
CA SER J 230 22.03 19.91 48.15
C SER J 230 22.46 21.35 48.41
N ASP J 231 23.55 21.54 49.15
CA ASP J 231 24.12 22.87 49.35
C ASP J 231 25.38 23.09 48.52
N GLU J 232 26.06 22.01 48.11
CA GLU J 232 27.16 22.07 47.17
C GLU J 232 26.72 21.72 45.75
N SER J 233 25.42 21.67 45.50
CA SER J 233 24.87 21.21 44.24
C SER J 233 24.14 22.33 43.51
N TRP J 234 24.16 22.26 42.19
CA TRP J 234 23.35 23.14 41.37
C TRP J 234 21.87 22.85 41.58
N TRP J 235 21.03 23.78 41.14
CA TRP J 235 19.60 23.67 41.37
C TRP J 235 19.01 22.44 40.67
N ASN J 236 19.49 22.13 39.47
CA ASN J 236 18.91 21.04 38.70
C ASN J 236 19.26 19.66 39.23
N TRP J 237 20.23 19.55 40.14
CA TRP J 237 20.62 18.26 40.71
C TRP J 237 20.21 18.11 42.17
N ARG J 238 19.42 19.03 42.70
CA ARG J 238 18.98 18.94 44.09
C ARG J 238 17.75 18.06 44.20
N LYS J 239 17.68 17.29 45.28
CA LYS J 239 16.51 16.48 45.56
C LYS J 239 15.35 17.38 45.98
N PRO J 240 14.15 17.16 45.44
CA PRO J 240 12.99 17.95 45.90
C PRO J 240 12.75 17.75 47.38
N GLU J 241 12.33 18.84 48.05
CA GLU J 241 12.10 18.78 49.48
C GLU J 241 10.96 17.82 49.81
N LYS J 242 9.90 17.84 49.02
CA LYS J 242 8.77 16.93 49.18
C LYS J 242 8.77 15.90 48.07
N GLU J 243 8.43 14.66 48.41
CA GLU J 243 8.33 13.61 47.40
C GLU J 243 7.25 13.95 46.39
N GLN J 244 7.51 13.62 45.13
CA GLN J 244 6.63 13.98 44.03
C GLN J 244 5.84 12.76 43.56
N TRP J 245 4.53 12.96 43.39
CA TRP J 245 3.67 11.91 42.85
C TRP J 245 4.10 11.57 41.42
N SER J 246 4.05 10.29 41.06
CA SER J 246 4.68 9.89 39.81
C SER J 246 3.79 9.10 38.87
N ARG J 247 2.88 8.26 39.39
CA ARG J 247 2.11 7.27 38.64
C ARG J 247 3.00 6.09 38.26
N TRP J 248 4.31 6.22 38.43
CA TRP J 248 5.25 5.12 38.31
C TRP J 248 5.86 4.75 39.64
N GLN J 249 5.25 5.18 40.75
CA GLN J 249 5.80 5.01 42.08
C GLN J 249 5.63 3.60 42.62
N ARG J 250 4.83 2.76 41.96
CA ARG J 250 4.62 1.38 42.38
C ARG J 250 5.25 0.43 41.39
N ARG J 251 5.84 -0.65 41.91
CA ARG J 251 6.43 -1.66 41.05
C ARG J 251 5.35 -2.40 40.26
N ARG J 252 5.64 -2.66 38.99
CA ARG J 252 4.67 -3.33 38.13
C ARG J 252 4.55 -4.80 38.52
N PRO J 253 3.34 -5.30 38.78
CA PRO J 253 3.18 -6.72 39.08
C PRO J 253 3.45 -7.57 37.84
N ASP J 254 3.93 -8.79 38.07
CA ASP J 254 4.18 -9.71 36.97
C ASP J 254 4.25 -11.13 37.51
N VAL J 255 4.32 -12.08 36.59
CA VAL J 255 4.37 -13.50 36.94
C VAL J 255 5.67 -13.83 37.65
N GLU J 256 6.79 -13.24 37.20
CA GLU J 256 8.09 -13.58 37.75
C GLU J 256 8.18 -13.28 39.24
N THR J 257 7.62 -12.14 39.67
CA THR J 257 7.67 -11.78 41.08
C THR J 257 6.92 -12.80 41.93
N VAL J 258 5.77 -13.26 41.46
CA VAL J 258 4.95 -14.19 42.24
C VAL J 258 5.64 -15.56 42.35
N PHE J 259 6.17 -16.07 41.23
CA PHE J 259 6.81 -17.37 41.25
C PHE J 259 8.09 -17.36 42.08
N LEU J 260 8.87 -16.28 42.00
CA LEU J 260 10.10 -16.20 42.77
C LEU J 260 9.82 -16.21 44.27
N LYS J 261 8.78 -15.50 44.71
CA LYS J 261 8.42 -15.52 46.11
C LYS J 261 7.97 -16.90 46.55
N ALA J 262 7.18 -17.58 45.72
CA ALA J 262 6.72 -18.93 46.05
C ALA J 262 7.89 -19.91 46.11
N MET J 263 8.85 -19.77 45.19
CA MET J 263 10.04 -20.59 45.24
C MET J 263 10.94 -20.25 46.42
N ALA J 264 10.89 -19.00 46.88
CA ALA J 264 11.67 -18.61 48.04
C ALA J 264 11.13 -19.25 49.32
N GLU J 265 9.81 -19.45 49.41
CA GLU J 265 9.23 -20.06 50.60
C GLU J 265 9.52 -21.55 50.68
N THR J 266 9.62 -22.23 49.53
CA THR J 266 9.95 -23.64 49.52
C THR J 266 11.45 -23.91 49.60
N GLY J 267 12.27 -22.87 49.51
CA GLY J 267 13.71 -23.02 49.57
C GLY J 267 14.39 -23.38 48.27
N GLN J 268 13.64 -23.45 47.16
CA GLN J 268 14.25 -23.82 45.89
C GLN J 268 15.28 -22.79 45.45
N VAL J 269 15.05 -21.51 45.74
CA VAL J 269 16.02 -20.45 45.50
C VAL J 269 16.12 -19.58 46.75
N LYS J 270 17.16 -18.77 46.80
CA LYS J 270 17.32 -17.75 47.84
C LYS J 270 17.49 -16.38 47.18
N LEU J 271 16.80 -15.40 47.72
CA LEU J 271 16.86 -14.04 47.23
C LEU J 271 17.65 -13.16 48.19
N TYR J 272 18.09 -12.01 47.68
CA TYR J 272 18.84 -11.08 48.52
C TYR J 272 17.97 -10.53 49.64
N GLY J 273 16.71 -10.21 49.34
CA GLY J 273 15.80 -9.69 50.33
C GLY J 273 14.45 -10.37 50.31
N LYS J 274 13.46 -9.78 50.97
CA LYS J 274 12.13 -10.37 51.00
C LYS J 274 11.43 -10.27 49.64
N GLU J 275 11.63 -9.16 48.94
CA GLU J 275 10.99 -8.94 47.65
C GLU J 275 12.01 -9.06 46.54
N PRO J 276 11.73 -9.84 45.50
CA PRO J 276 12.67 -9.95 44.38
C PRO J 276 12.87 -8.62 43.67
N THR J 277 14.11 -8.36 43.29
CA THR J 277 14.45 -7.15 42.56
C THR J 277 14.12 -7.31 41.08
N LEU J 278 14.27 -6.21 40.33
CA LEU J 278 14.12 -6.28 38.88
C LEU J 278 15.24 -7.09 38.25
N THR J 279 16.43 -7.07 38.85
CA THR J 279 17.52 -7.92 38.37
C THR J 279 17.19 -9.39 38.56
N GLU J 280 16.59 -9.74 39.70
CA GLU J 280 16.30 -11.15 39.98
C GLU J 280 15.14 -11.67 39.12
N THR J 281 14.15 -10.81 38.85
CA THR J 281 13.08 -11.24 37.95
C THR J 281 13.57 -11.40 36.52
N SER J 282 14.49 -10.55 36.09
CA SER J 282 15.09 -10.71 34.76
C SER J 282 15.88 -12.01 34.68
N LEU J 283 16.64 -12.33 35.72
CA LEU J 283 17.40 -13.58 35.73
C LEU J 283 16.47 -14.79 35.79
N TYR J 284 15.39 -14.68 36.55
CA TYR J 284 14.42 -15.79 36.60
C TYR J 284 13.79 -16.03 35.24
N ARG J 285 13.50 -14.96 34.50
CA ARG J 285 12.89 -15.10 33.18
C ARG J 285 13.78 -15.92 32.25
N ALA J 286 15.10 -15.81 32.41
CA ALA J 286 16.01 -16.55 31.55
C ALA J 286 16.05 -18.04 31.90
N ARG J 287 16.03 -18.38 33.18
CA ARG J 287 16.23 -19.75 33.62
C ARG J 287 14.99 -20.36 34.26
N ARG J 288 13.79 -19.81 33.99
CA ARG J 288 12.58 -20.30 34.64
C ARG J 288 12.25 -21.72 34.25
N HIS J 289 12.62 -22.14 33.04
CA HIS J 289 12.30 -23.50 32.59
C HIS J 289 13.09 -24.54 33.37
N LEU J 290 14.29 -24.20 33.83
CA LEU J 290 15.09 -25.12 34.62
C LEU J 290 14.41 -25.43 35.96
N PHE J 291 13.90 -24.40 36.63
CA PHE J 291 13.29 -24.61 37.95
C PHE J 291 11.98 -25.37 37.84
N LYS J 292 11.20 -25.11 36.79
CA LYS J 292 9.97 -25.87 36.59
C LYS J 292 10.28 -27.34 36.33
N GLU J 293 11.32 -27.63 35.57
CA GLU J 293 11.70 -29.02 35.31
C GLU J 293 12.07 -29.73 36.60
N GLU J 294 12.74 -29.03 37.52
CA GLU J 294 13.06 -29.63 38.82
C GLU J 294 11.79 -30.00 39.58
N ARG J 295 10.80 -29.11 39.60
CA ARG J 295 9.56 -29.40 40.30
C ARG J 295 8.81 -30.56 39.65
N LEU J 296 8.79 -30.62 38.32
CA LEU J 296 8.14 -31.72 37.63
C LEU J 296 8.83 -33.04 37.93
N GLN J 297 10.17 -33.03 37.99
CA GLN J 297 10.90 -34.25 38.31
C GLN J 297 10.59 -34.73 39.72
N ALA J 298 10.46 -33.80 40.68
CA ALA J 298 10.15 -34.19 42.05
C ALA J 298 8.77 -34.83 42.15
N GLU J 299 7.81 -34.39 41.32
CA GLU J 299 6.49 -35.03 41.33
C GLU J 299 6.54 -36.43 40.73
N ARG J 300 7.36 -36.63 39.69
CA ARG J 300 7.50 -37.97 39.12
C ARG J 300 8.13 -38.92 40.13
N GLU J 301 9.15 -38.47 40.85
CA GLU J 301 9.77 -39.30 41.86
C GLU J 301 8.82 -39.58 43.02
N ARG J 302 7.99 -38.61 43.38
CA ARG J 302 7.03 -38.83 44.47
C ARG J 302 5.96 -39.83 44.06
N LEU J 303 5.52 -39.79 42.80
CA LEU J 303 4.57 -40.78 42.32
C LEU J 303 5.20 -42.17 42.34
N ALA J 304 6.46 -42.29 41.92
CA ALA J 304 7.14 -43.59 41.92
C ALA J 304 7.36 -44.12 43.33
N LYS J 305 7.35 -43.25 44.34
CA LYS J 305 7.54 -43.67 45.73
C LYS J 305 6.21 -44.06 46.39
N GLU J 306 5.23 -43.15 46.37
CA GLU J 306 3.97 -43.39 47.06
C GLU J 306 3.08 -44.37 46.32
N GLY J 307 3.17 -44.42 45.00
CA GLY J 307 2.26 -45.22 44.20
C GLY J 307 1.05 -44.42 43.76
N PRO J 308 0.31 -44.93 42.77
CA PRO J 308 -0.82 -44.15 42.23
C PRO J 308 -1.91 -43.84 43.24
N MET J 309 -2.18 -44.75 44.18
CA MET J 309 -3.28 -44.53 45.12
C MET J 309 -3.02 -43.31 46.00
N ALA J 310 -1.86 -43.25 46.64
CA ALA J 310 -1.55 -42.11 47.49
C ALA J 310 -1.41 -40.83 46.69
N PHE J 311 -0.79 -40.91 45.51
CA PHE J 311 -0.53 -39.73 44.71
C PHE J 311 -1.82 -39.08 44.22
N TYR J 312 -2.70 -39.89 43.60
CA TYR J 312 -3.91 -39.34 43.00
C TYR J 312 -5.04 -39.14 43.99
N SER J 313 -4.89 -39.57 45.24
CA SER J 313 -5.90 -39.27 46.24
C SER J 313 -5.93 -37.80 46.61
N GLU J 314 -4.94 -37.01 46.17
CA GLU J 314 -4.98 -35.57 46.36
C GLU J 314 -6.19 -34.95 45.69
N TRP J 315 -6.67 -35.54 44.59
CA TRP J 315 -7.80 -35.01 43.85
C TRP J 315 -9.03 -35.88 43.98
N VAL J 316 -9.09 -36.74 44.99
CA VAL J 316 -10.30 -37.50 45.33
C VAL J 316 -10.54 -37.27 46.82
N LYS J 317 -11.33 -36.24 47.14
CA LYS J 317 -11.54 -35.87 48.53
C LYS J 317 -12.38 -36.89 49.27
N ALA J 318 -13.37 -37.49 48.60
CA ALA J 318 -14.29 -38.42 49.24
C ALA J 318 -13.64 -39.74 49.62
N TRP J 319 -12.42 -40.00 49.16
CA TRP J 319 -11.74 -41.27 49.42
C TRP J 319 -11.08 -41.20 50.79
N LYS J 320 -11.53 -42.04 51.73
CA LYS J 320 -11.03 -42.03 53.08
C LYS J 320 -10.21 -43.26 53.46
N ARG J 321 -10.20 -44.30 52.62
CA ARG J 321 -9.39 -45.48 52.92
C ARG J 321 -7.91 -45.11 52.90
N ASP J 322 -7.13 -45.84 53.69
CA ASP J 322 -5.68 -45.63 53.71
C ASP J 322 -5.11 -45.95 52.33
N THR J 323 -4.25 -45.05 51.83
CA THR J 323 -3.75 -45.13 50.47
C THR J 323 -2.27 -45.48 50.40
N SER J 324 -1.66 -45.84 51.53
CA SER J 324 -0.25 -46.20 51.52
C SER J 324 -0.04 -47.51 50.77
N ARG J 325 1.20 -47.75 50.35
CA ARG J 325 1.52 -48.97 49.60
C ARG J 325 1.23 -50.21 50.43
N GLU J 326 1.58 -50.18 51.72
CA GLU J 326 1.31 -51.34 52.58
C GLU J 326 -0.18 -51.56 52.75
N ALA J 327 -0.96 -50.48 52.87
CA ALA J 327 -2.40 -50.62 52.96
C ALA J 327 -2.98 -51.20 51.67
N VAL J 328 -2.45 -50.77 50.51
CA VAL J 328 -2.90 -51.32 49.24
C VAL J 328 -2.58 -52.81 49.16
N GLN J 329 -1.38 -53.19 49.57
CA GLN J 329 -1.01 -54.61 49.57
C GLN J 329 -1.87 -55.41 50.54
N LYS J 330 -2.13 -54.86 51.72
CA LYS J 330 -2.94 -55.56 52.71
C LYS J 330 -4.37 -55.74 52.23
N HIS J 331 -4.93 -54.72 51.57
CA HIS J 331 -6.28 -54.84 51.03
C HIS J 331 -6.35 -55.91 49.94
N PHE J 332 -5.30 -56.02 49.13
CA PHE J 332 -5.27 -57.03 48.07
C PHE J 332 -5.28 -58.44 48.65
N GLU J 333 -4.53 -58.65 49.73
CA GLU J 333 -4.45 -59.99 50.31
C GLU J 333 -5.75 -60.38 51.01
N GLU J 334 -6.39 -59.43 51.68
CA GLU J 334 -7.61 -59.72 52.43
C GLU J 334 -8.86 -59.69 51.57
N THR J 335 -8.80 -59.18 50.34
CA THR J 335 -9.98 -59.07 49.49
C THR J 335 -9.79 -59.60 48.08
N GLY J 336 -8.56 -59.70 47.57
CA GLY J 336 -8.33 -60.16 46.22
C GLY J 336 -8.29 -59.06 45.17
N GLU J 337 -8.58 -57.81 45.54
CA GLU J 337 -8.58 -56.70 44.61
C GLU J 337 -7.19 -56.10 44.52
N ASP J 338 -6.58 -56.19 43.34
CA ASP J 338 -5.23 -55.69 43.15
C ASP J 338 -5.23 -54.16 43.13
N GLU J 339 -4.03 -53.59 42.97
CA GLU J 339 -3.89 -52.14 43.03
C GLU J 339 -4.69 -51.44 41.93
N ASN J 340 -4.69 -52.01 40.72
CA ASN J 340 -5.43 -51.39 39.62
C ASN J 340 -6.93 -51.39 39.90
N THR J 341 -7.45 -52.47 40.49
CA THR J 341 -8.85 -52.52 40.85
C THR J 341 -9.20 -51.47 41.89
N GLN J 342 -8.34 -51.30 42.90
CA GLN J 342 -8.58 -50.29 43.92
C GLN J 342 -8.49 -48.88 43.35
N LEU J 343 -7.54 -48.66 42.41
CA LEU J 343 -7.41 -47.35 41.79
C LEU J 343 -8.66 -46.97 41.00
N ILE J 344 -9.23 -47.94 40.28
CA ILE J 344 -10.45 -47.69 39.54
C ILE J 344 -11.61 -47.40 40.50
N GLU J 345 -11.63 -48.06 41.66
CA GLU J 345 -12.66 -47.78 42.65
C GLU J 345 -12.52 -46.38 43.21
N MET J 346 -11.28 -45.94 43.49
CA MET J 346 -11.07 -44.60 44.03
C MET J 346 -11.53 -43.52 43.06
N PHE J 347 -11.22 -43.68 41.78
CA PHE J 347 -11.62 -42.71 40.77
C PHE J 347 -13.13 -42.70 40.53
N SER J 348 -13.86 -43.71 41.01
CA SER J 348 -15.31 -43.69 40.95
C SER J 348 -15.93 -42.76 41.97
N HIS J 349 -15.15 -42.25 42.92
CA HIS J 349 -15.63 -41.30 43.91
C HIS J 349 -15.13 -39.89 43.65
N GLN J 350 -14.56 -39.63 42.47
CA GLN J 350 -14.02 -38.32 42.13
C GLN J 350 -15.06 -37.53 41.36
N THR J 351 -15.26 -36.27 41.77
CA THR J 351 -16.19 -35.39 41.08
C THR J 351 -15.60 -34.90 39.76
N ASP J 352 -16.47 -34.40 38.89
CA ASP J 352 -15.99 -33.85 37.63
C ASP J 352 -15.16 -32.59 37.83
N ARG J 353 -15.46 -31.81 38.86
CA ARG J 353 -14.65 -30.64 39.18
C ARG J 353 -13.24 -31.04 39.61
N GLU J 354 -13.13 -32.08 40.44
CA GLU J 354 -11.82 -32.57 40.86
C GLU J 354 -11.06 -33.17 39.68
N TYR J 355 -11.76 -33.90 38.81
CA TYR J 355 -11.11 -34.51 37.66
C TYR J 355 -10.47 -33.44 36.76
N ARG J 356 -11.18 -32.35 36.52
CA ARG J 356 -10.63 -31.29 35.67
C ARG J 356 -9.42 -30.62 36.32
N ILE J 357 -9.40 -30.52 37.65
CA ILE J 357 -8.20 -30.05 38.33
C ILE J 357 -7.07 -31.05 38.15
N MET J 358 -7.37 -32.34 38.25
CA MET J 358 -6.34 -33.37 38.13
C MET J 358 -5.72 -33.42 36.74
N MET J 359 -6.36 -32.81 35.74
CA MET J 359 -5.79 -32.81 34.39
C MET J 359 -4.47 -32.07 34.30
N GLY J 360 -4.10 -31.28 35.32
CA GLY J 360 -2.77 -30.71 35.38
C GLY J 360 -1.67 -31.75 35.44
N THR J 361 -1.99 -32.97 35.86
CA THR J 361 -1.03 -34.06 35.91
C THR J 361 -1.00 -34.88 34.62
N ASP J 362 -1.78 -34.48 33.61
CA ASP J 362 -1.73 -35.15 32.31
C ASP J 362 -0.31 -35.12 31.75
N VAL J 363 0.13 -36.25 31.20
CA VAL J 363 1.51 -36.37 30.76
C VAL J 363 1.83 -35.48 29.56
N ARG J 364 0.81 -35.01 28.85
CA ARG J 364 1.02 -34.09 27.75
C ARG J 364 0.91 -32.63 28.17
N ILE J 365 0.17 -32.35 29.24
CA ILE J 365 -0.03 -30.99 29.70
C ILE J 365 1.10 -30.55 30.62
N LYS J 366 1.39 -31.34 31.65
CA LYS J 366 2.52 -31.12 32.55
C LYS J 366 2.50 -29.71 33.14
N ARG J 367 1.38 -29.38 33.80
CA ARG J 367 1.25 -28.08 34.44
C ARG J 367 2.27 -27.96 35.57
N ASP J 368 2.76 -26.74 35.78
CA ASP J 368 3.74 -26.48 36.83
C ASP J 368 3.15 -26.87 38.18
N PRO J 369 3.80 -27.76 38.94
CA PRO J 369 3.26 -28.13 40.26
C PRO J 369 3.09 -26.94 41.19
N LEU J 370 4.00 -25.96 41.11
CA LEU J 370 3.86 -24.76 41.93
C LEU J 370 2.61 -23.98 41.54
N ALA J 371 2.31 -23.91 40.25
CA ALA J 371 1.11 -23.23 39.80
C ALA J 371 -0.16 -23.95 40.27
N MET J 372 -0.14 -25.28 40.27
CA MET J 372 -1.33 -26.05 40.63
C MET J 372 -1.74 -25.88 42.08
N ARG J 373 -0.81 -25.47 42.95
CA ARG J 373 -1.08 -25.40 44.38
C ARG J 373 -1.01 -23.99 44.94
N MET J 374 -0.88 -22.97 44.08
CA MET J 374 -0.93 -21.60 44.53
C MET J 374 -2.32 -21.27 45.09
N LYS J 375 -2.35 -20.47 46.14
CA LYS J 375 -3.61 -20.00 46.69
C LYS J 375 -4.05 -18.71 46.00
N GLU J 376 -5.31 -18.33 46.23
CA GLU J 376 -5.89 -17.19 45.54
C GLU J 376 -5.14 -15.89 45.86
N ASP J 377 -4.70 -15.73 47.11
CA ASP J 377 -4.02 -14.49 47.49
C ASP J 377 -2.67 -14.36 46.81
N GLN J 378 -2.00 -15.47 46.52
CA GLN J 378 -0.76 -15.41 45.76
C GLN J 378 -1.01 -15.12 44.28
N ILE J 379 -2.02 -15.78 43.70
CA ILE J 379 -2.26 -15.66 42.27
C ILE J 379 -2.68 -14.23 41.91
N LYS J 380 -3.54 -13.62 42.72
CA LYS J 380 -4.06 -12.30 42.38
C LYS J 380 -3.00 -11.22 42.40
N GLN J 381 -1.83 -11.47 42.99
CA GLN J 381 -0.74 -10.51 42.92
C GLN J 381 -0.01 -10.54 41.58
N ILE J 382 -0.36 -11.47 40.69
CA ILE J 382 0.19 -11.44 39.34
C ILE J 382 -0.23 -10.16 38.63
N TRP J 383 -1.50 -9.76 38.78
CA TRP J 383 -1.99 -8.52 38.21
C TRP J 383 -2.13 -7.41 39.25
N GLY J 384 -1.79 -7.67 40.51
CA GLY J 384 -1.74 -6.62 41.51
C GLY J 384 -2.99 -6.43 42.34
N GLY J 385 -3.84 -7.43 42.45
CA GLY J 385 -5.01 -7.33 43.30
C GLY J 385 -6.23 -6.80 42.58
N ASP J 386 -7.23 -6.44 43.39
CA ASP J 386 -8.51 -6.03 42.84
C ASP J 386 -8.39 -4.68 42.15
N PRO J 387 -9.10 -4.48 41.04
CA PRO J 387 -9.12 -3.15 40.41
C PRO J 387 -9.77 -2.12 41.32
N VAL J 388 -9.24 -0.89 41.27
CA VAL J 388 -9.79 0.18 42.10
C VAL J 388 -11.19 0.55 41.63
N TYR J 389 -11.43 0.54 40.33
CA TYR J 389 -12.77 0.72 39.81
C TYR J 389 -13.48 -0.63 39.81
N PRO J 390 -14.58 -0.80 40.55
CA PRO J 390 -15.17 -2.12 40.73
C PRO J 390 -15.75 -2.67 39.42
N THR J 391 -15.49 -3.95 39.17
CA THR J 391 -15.95 -4.61 37.95
C THR J 391 -17.48 -4.68 37.88
N ILE J 392 -18.17 -4.59 39.01
CA ILE J 392 -19.62 -4.67 39.03
C ILE J 392 -20.25 -3.56 38.19
N ASN J 393 -19.54 -2.45 37.99
CA ASN J 393 -20.03 -1.41 37.09
C ASN J 393 -20.09 -1.89 35.65
N TYR J 394 -19.18 -2.77 35.26
CA TYR J 394 -19.13 -3.28 33.89
C TYR J 394 -20.10 -4.44 33.65
N ILE J 395 -20.48 -5.18 34.68
CA ILE J 395 -21.17 -6.44 34.51
C ILE J 395 -22.62 -6.20 34.12
N GLN J 396 -23.08 -6.96 33.13
CA GLN J 396 -24.44 -6.88 32.63
C GLN J 396 -24.96 -8.28 32.41
N ALA J 397 -26.23 -8.51 32.75
CA ALA J 397 -26.82 -9.82 32.54
C ALA J 397 -26.88 -10.14 31.06
N PRO J 398 -26.48 -11.36 30.65
CA PRO J 398 -26.49 -11.69 29.21
C PRO J 398 -27.87 -11.65 28.58
N ASP J 399 -28.93 -11.89 29.35
CA ASP J 399 -30.30 -11.85 28.85
C ASP J 399 -31.04 -10.59 29.26
N ALA J 400 -30.30 -9.54 29.64
CA ALA J 400 -30.94 -8.30 30.06
C ALA J 400 -31.57 -7.58 28.88
N VAL J 401 -32.71 -6.95 29.14
CA VAL J 401 -33.38 -6.11 28.16
C VAL J 401 -33.13 -4.66 28.57
N MET J 402 -32.57 -3.88 27.64
CA MET J 402 -32.21 -2.50 27.95
C MET J 402 -33.46 -1.68 28.27
N ASP J 403 -33.44 -0.99 29.41
CA ASP J 403 -34.52 -0.11 29.82
C ASP J 403 -34.22 1.29 29.29
N PHE J 404 -34.92 1.69 28.25
CA PHE J 404 -34.67 2.96 27.58
C PHE J 404 -35.18 4.17 28.36
N ARG J 405 -35.79 3.95 29.53
CA ARG J 405 -36.20 5.04 30.41
C ARG J 405 -35.27 5.16 31.62
N GLY J 406 -34.07 4.59 31.54
CA GLY J 406 -33.12 4.67 32.62
C GLY J 406 -32.45 6.02 32.70
N PRO J 407 -31.72 6.23 33.80
CA PRO J 407 -31.10 7.55 34.03
C PRO J 407 -30.07 7.95 32.99
N ASP J 408 -29.52 7.01 32.24
CA ASP J 408 -28.49 7.32 31.25
C ASP J 408 -29.04 7.50 29.84
N PHE J 409 -30.36 7.59 29.69
CA PHE J 409 -31.00 7.75 28.39
C PHE J 409 -31.67 9.11 28.29
N HIS J 410 -31.65 9.67 27.09
CA HIS J 410 -32.34 10.92 26.83
C HIS J 410 -33.86 10.68 26.83
N GLU J 411 -34.60 11.78 26.87
CA GLU J 411 -36.05 11.70 26.87
C GLU J 411 -36.55 11.08 25.55
N PRO J 412 -37.67 10.36 25.59
CA PRO J 412 -38.14 9.67 24.39
C PRO J 412 -38.37 10.63 23.23
N THR J 413 -37.97 10.19 22.04
CA THR J 413 -38.10 11.02 20.85
C THR J 413 -39.54 11.06 20.39
N PRO J 414 -40.17 12.22 20.31
CA PRO J 414 -41.55 12.28 19.82
C PRO J 414 -41.62 12.05 18.32
N ASN J 415 -42.78 11.55 17.88
CA ASN J 415 -43.05 11.46 16.45
C ASN J 415 -43.07 12.86 15.86
N MET J 416 -42.39 13.04 14.73
CA MET J 416 -42.21 14.38 14.18
C MET J 416 -43.54 15.01 13.80
N LEU J 417 -44.42 14.25 13.17
CA LEU J 417 -45.73 14.78 12.80
C LEU J 417 -46.54 15.15 14.03
N SER J 418 -46.60 14.25 15.02
CA SER J 418 -47.33 14.54 16.24
C SER J 418 -46.71 15.70 17.00
N TYR J 419 -45.40 15.88 16.89
CA TYR J 419 -44.75 17.02 17.55
C TYR J 419 -45.11 18.33 16.88
N LEU J 420 -45.14 18.34 15.53
CA LEU J 420 -45.54 19.55 14.81
C LEU J 420 -47.00 19.90 15.08
N LYS J 421 -47.89 18.90 15.10
CA LYS J 421 -49.29 19.15 15.40
C LYS J 421 -49.47 19.62 16.84
N GLU J 422 -48.69 19.07 17.77
CA GLU J 422 -48.79 19.48 19.17
C GLU J 422 -48.44 20.95 19.34
N ASN J 423 -47.42 21.42 18.64
CA ASN J 423 -46.98 22.81 18.72
C ASN J 423 -47.73 23.72 17.75
N CYS J 424 -48.80 23.23 17.13
CA CYS J 424 -49.70 24.03 16.30
C CYS J 424 -48.97 24.64 15.11
N LYS J 425 -48.29 23.80 14.33
CA LYS J 425 -47.68 24.20 13.09
C LYS J 425 -48.16 23.38 11.90
N VAL J 426 -48.93 22.31 12.13
CA VAL J 426 -49.55 21.51 11.08
C VAL J 426 -51.00 21.28 11.46
N ILE J 427 -51.91 21.51 10.53
CA ILE J 427 -53.34 21.40 10.76
C ILE J 427 -53.84 20.12 10.09
N SER J 428 -54.63 19.35 10.81
CA SER J 428 -55.17 18.08 10.32
C SER J 428 -56.01 18.26 9.06
N TYR K 87 -12.22 -16.67 70.48
CA TYR K 87 -12.58 -15.55 69.61
C TYR K 87 -11.59 -15.43 68.45
N ASP K 88 -12.10 -15.56 67.23
CA ASP K 88 -11.26 -15.52 66.04
C ASP K 88 -10.83 -14.09 65.74
N ASP K 89 -9.84 -13.98 64.85
CA ASP K 89 -9.37 -12.70 64.34
C ASP K 89 -9.82 -12.51 62.89
N PRO K 90 -10.10 -11.27 62.47
CA PRO K 90 -10.03 -10.00 63.21
C PRO K 90 -11.12 -9.86 64.27
N PRO K 91 -10.94 -8.97 65.24
CA PRO K 91 -11.93 -8.82 66.31
C PRO K 91 -13.30 -8.42 65.77
N LEU K 92 -14.34 -8.94 66.42
CA LEU K 92 -15.71 -8.68 66.00
C LEU K 92 -16.12 -7.25 66.31
N VAL K 93 -17.01 -6.72 65.47
CA VAL K 93 -17.63 -5.42 65.69
C VAL K 93 -19.14 -5.62 65.60
N CYS K 94 -19.88 -4.85 66.39
CA CYS K 94 -21.33 -4.94 66.44
C CYS K 94 -21.94 -3.64 65.98
N CYS K 95 -22.91 -3.73 65.07
CA CYS K 95 -23.65 -2.58 64.57
C CYS K 95 -25.09 -2.66 65.06
N PHE K 96 -25.55 -1.58 65.70
CA PHE K 96 -26.84 -1.54 66.38
C PHE K 96 -27.73 -0.51 65.70
N GLY K 97 -28.94 -0.91 65.38
CA GLY K 97 -29.92 0.00 64.84
C GLY K 97 -30.87 -0.72 63.89
N ALA K 98 -31.30 0.01 62.87
CA ALA K 98 -32.26 -0.49 61.89
C ALA K 98 -31.54 -0.87 60.60
N VAL K 99 -31.90 -2.03 60.05
CA VAL K 99 -31.37 -2.46 58.77
C VAL K 99 -32.33 -2.00 57.68
N GLN K 100 -31.84 -1.16 56.77
CA GLN K 100 -32.67 -0.58 55.74
C GLN K 100 -31.91 -0.61 54.41
N LYS K 101 -32.67 -0.60 53.32
CA LYS K 101 -32.10 -0.50 51.99
C LYS K 101 -32.05 0.97 51.59
N GLU K 102 -30.84 1.50 51.45
CA GLU K 102 -30.60 2.92 51.12
C GLU K 102 -31.09 3.76 52.29
N PHE K 103 -32.11 4.61 52.11
CA PHE K 103 -32.64 5.47 53.17
C PHE K 103 -31.60 6.41 53.76
N VAL K 104 -31.19 7.42 52.98
CA VAL K 104 -30.32 8.48 53.49
C VAL K 104 -31.03 9.23 54.62
N PRO K 105 -30.49 9.24 55.83
CA PRO K 105 -31.17 9.91 56.94
C PRO K 105 -30.98 11.42 56.97
N VAL K 106 -29.81 11.90 56.57
CA VAL K 106 -29.46 13.32 56.69
C VAL K 106 -30.14 14.07 55.55
N VAL K 107 -31.17 14.85 55.88
CA VAL K 107 -31.95 15.59 54.90
C VAL K 107 -32.00 17.06 55.32
N ARG K 108 -31.52 17.95 54.46
CA ARG K 108 -31.65 19.38 54.66
C ARG K 108 -32.14 20.03 53.38
N VAL K 109 -32.20 21.35 53.33
CA VAL K 109 -32.71 22.08 52.17
C VAL K 109 -31.53 22.46 51.28
N HIS K 110 -31.62 22.07 50.00
CA HIS K 110 -30.66 22.50 49.00
C HIS K 110 -31.29 23.56 48.11
N ASP K 111 -30.45 24.48 47.63
CA ASP K 111 -30.92 25.63 46.86
C ASP K 111 -30.73 25.47 45.36
N ASN K 112 -30.35 24.29 44.89
CA ASN K 112 -30.07 24.04 43.48
C ASN K 112 -30.79 22.77 43.03
N PRO K 113 -32.11 22.83 42.88
CA PRO K 113 -32.86 21.65 42.45
C PRO K 113 -32.85 21.48 40.93
N MET K 114 -32.89 20.23 40.51
CA MET K 114 -32.97 19.88 39.10
C MET K 114 -34.43 19.79 38.67
N HIS K 115 -34.67 19.30 37.45
CA HIS K 115 -36.03 19.16 36.96
C HIS K 115 -36.79 18.16 37.85
N PRO K 116 -38.02 18.48 38.24
CA PRO K 116 -38.76 17.59 39.15
C PRO K 116 -39.10 16.23 38.55
N ASP K 117 -39.12 16.08 37.23
CA ASP K 117 -39.52 14.84 36.59
C ASP K 117 -38.38 14.13 35.88
N ILE K 118 -37.48 14.87 35.23
CA ILE K 118 -36.43 14.28 34.44
C ILE K 118 -35.28 13.90 35.36
N TYR K 119 -35.31 12.67 35.88
CA TYR K 119 -34.30 12.21 36.82
C TYR K 119 -32.94 11.97 36.16
N SER K 120 -32.86 12.00 34.83
CA SER K 120 -31.56 11.89 34.17
C SER K 120 -30.68 13.11 34.43
N GLN K 121 -31.29 14.25 34.81
CA GLN K 121 -30.51 15.42 35.19
C GLN K 121 -30.00 15.35 36.62
N TRP K 122 -30.54 14.45 37.44
CA TRP K 122 -30.25 14.46 38.87
C TRP K 122 -28.83 14.01 39.18
N LYS K 123 -28.16 13.33 38.25
CA LYS K 123 -26.76 12.96 38.46
C LYS K 123 -25.86 14.17 38.54
N MET K 124 -26.27 15.32 37.98
CA MET K 124 -25.48 16.52 38.09
C MET K 124 -25.38 17.03 39.52
N LEU K 125 -26.33 16.65 40.38
CA LEU K 125 -26.21 16.93 41.81
C LEU K 125 -25.36 15.91 42.53
N GLN K 126 -25.00 14.80 41.88
CA GLN K 126 -24.07 13.86 42.49
C GLN K 126 -22.63 14.33 42.37
N TRP K 127 -22.30 15.10 41.34
CA TRP K 127 -20.95 15.62 41.19
C TRP K 127 -20.83 17.09 41.54
N ASP K 128 -21.93 17.76 41.88
CA ASP K 128 -21.92 19.06 42.53
C ASP K 128 -22.91 18.99 43.69
N PRO K 129 -22.56 18.26 44.75
CA PRO K 129 -23.55 17.91 45.77
C PRO K 129 -23.77 19.05 46.75
N PRO K 130 -24.85 19.01 47.51
CA PRO K 130 -24.94 19.84 48.71
C PRO K 130 -23.86 19.41 49.69
N GLU K 131 -23.39 20.36 50.50
CA GLU K 131 -22.28 20.08 51.40
C GLU K 131 -22.64 19.00 52.42
N PHE K 132 -23.88 19.00 52.91
CA PHE K 132 -24.29 17.94 53.82
C PHE K 132 -24.37 16.58 53.15
N GLY K 133 -24.34 16.52 51.82
CA GLY K 133 -24.43 15.27 51.11
C GLY K 133 -23.17 14.87 50.35
N ARG K 134 -22.04 15.47 50.70
CA ARG K 134 -20.80 15.13 50.01
C ARG K 134 -20.39 13.68 50.27
N ALA K 135 -20.52 13.21 51.50
CA ALA K 135 -20.28 11.81 51.84
C ALA K 135 -21.37 11.33 52.78
N PRO K 136 -22.57 11.08 52.24
CA PRO K 136 -23.71 10.75 53.11
C PRO K 136 -23.51 9.43 53.84
N GLY K 137 -24.01 9.38 55.07
CA GLY K 137 -24.10 8.14 55.81
C GLY K 137 -25.43 7.44 55.55
N GLY K 138 -25.61 6.31 56.23
CA GLY K 138 -26.82 5.54 56.08
C GLY K 138 -27.16 4.71 57.30
N PRO K 139 -27.90 3.63 57.09
CA PRO K 139 -28.27 2.75 58.20
C PRO K 139 -27.08 1.99 58.74
N PRO K 140 -27.13 1.52 59.99
CA PRO K 140 -26.00 0.77 60.55
C PRO K 140 -25.68 -0.50 59.80
N SER K 141 -26.64 -1.08 59.08
CA SER K 141 -26.35 -2.28 58.30
C SER K 141 -25.39 -1.99 57.14
N ASN K 142 -25.36 -0.75 56.65
CA ASN K 142 -24.38 -0.38 55.63
C ASN K 142 -22.96 -0.48 56.18
N VAL K 143 -22.75 0.01 57.40
CA VAL K 143 -21.41 -0.04 58.00
C VAL K 143 -20.96 -1.47 58.21
N ALA K 144 -21.87 -2.33 58.68
CA ALA K 144 -21.52 -3.73 58.92
C ALA K 144 -21.13 -4.42 57.62
N ILE K 145 -21.90 -4.20 56.55
CA ILE K 145 -21.57 -4.81 55.26
C ILE K 145 -20.25 -4.27 54.74
N SER K 146 -20.05 -2.96 54.83
CA SER K 146 -18.81 -2.35 54.33
C SER K 146 -17.60 -2.82 55.15
N HIS K 147 -17.79 -2.99 56.46
CA HIS K 147 -16.71 -3.45 57.32
C HIS K 147 -16.26 -4.86 56.95
N VAL K 148 -17.21 -5.75 56.64
CA VAL K 148 -16.85 -7.12 56.27
C VAL K 148 -16.10 -7.15 54.94
N ARG K 149 -16.55 -6.36 53.96
CA ARG K 149 -15.86 -6.34 52.67
C ARG K 149 -14.44 -5.82 52.81
N LEU K 150 -14.18 -4.96 53.78
CA LEU K 150 -12.84 -4.45 54.04
C LEU K 150 -11.98 -5.43 54.83
N GLY K 151 -12.47 -6.64 55.08
CA GLY K 151 -11.69 -7.67 55.73
C GLY K 151 -12.01 -7.92 57.19
N GLY K 152 -12.94 -7.16 57.77
CA GLY K 152 -13.30 -7.34 59.17
C GLY K 152 -14.41 -8.36 59.35
N ARG K 153 -14.84 -8.49 60.61
CA ARG K 153 -15.97 -9.32 60.98
C ARG K 153 -16.96 -8.48 61.76
N ALA K 154 -18.24 -8.61 61.41
CA ALA K 154 -19.28 -7.76 61.98
C ALA K 154 -20.54 -8.56 62.25
N ALA K 155 -21.28 -8.11 63.26
CA ALA K 155 -22.58 -8.68 63.61
C ALA K 155 -23.58 -7.54 63.76
N PHE K 156 -24.79 -7.76 63.26
CA PHE K 156 -25.84 -6.76 63.31
C PHE K 156 -26.85 -7.12 64.39
N MET K 157 -27.19 -6.14 65.23
CA MET K 157 -28.14 -6.30 66.32
C MET K 157 -29.36 -5.44 66.02
N GLY K 158 -30.50 -6.09 65.84
CA GLY K 158 -31.71 -5.37 65.52
C GLY K 158 -32.87 -6.34 65.31
N LYS K 159 -34.00 -5.77 64.91
CA LYS K 159 -35.22 -6.54 64.73
C LYS K 159 -35.83 -6.26 63.37
N VAL K 160 -36.32 -7.31 62.72
CA VAL K 160 -37.08 -7.20 61.49
C VAL K 160 -38.38 -7.99 61.66
N GLY K 161 -39.33 -7.73 60.77
CA GLY K 161 -40.57 -8.47 60.78
C GLY K 161 -40.43 -9.85 60.19
N GLY K 162 -41.46 -10.66 60.38
CA GLY K 162 -41.49 -12.01 59.86
C GLY K 162 -42.01 -12.14 58.46
N ASP K 163 -42.12 -11.04 57.72
CA ASP K 163 -42.67 -11.05 56.37
C ASP K 163 -41.56 -11.33 55.37
N ASP K 164 -41.87 -11.18 54.07
CA ASP K 164 -40.91 -11.49 53.02
C ASP K 164 -39.81 -10.44 52.92
N TYR K 165 -40.14 -9.16 53.11
CA TYR K 165 -39.12 -8.12 53.04
C TYR K 165 -38.12 -8.24 54.17
N GLY K 166 -38.56 -8.69 55.34
CA GLY K 166 -37.63 -8.96 56.43
C GLY K 166 -36.62 -10.03 56.08
N GLU K 167 -37.07 -11.09 55.40
CA GLU K 167 -36.16 -12.15 54.99
C GLU K 167 -35.17 -11.65 53.94
N GLU K 168 -35.61 -10.76 53.05
CA GLU K 168 -34.71 -10.22 52.04
C GLU K 168 -33.59 -9.42 52.69
N LEU K 169 -33.90 -8.62 53.71
CA LEU K 169 -32.87 -7.87 54.41
C LEU K 169 -31.90 -8.79 55.12
N VAL K 170 -32.40 -9.86 55.74
CA VAL K 170 -31.51 -10.80 56.42
C VAL K 170 -30.68 -11.58 55.40
N LEU K 171 -31.29 -11.98 54.29
CA LEU K 171 -30.54 -12.68 53.24
C LEU K 171 -29.50 -11.76 52.61
N MET K 172 -29.75 -10.45 52.59
CA MET K 172 -28.74 -9.51 52.12
C MET K 172 -27.51 -9.51 53.02
N MET K 173 -27.72 -9.51 54.34
CA MET K 173 -26.61 -9.49 55.27
C MET K 173 -25.92 -10.84 55.39
N ASN K 174 -26.65 -11.94 55.22
CA ASN K 174 -26.02 -13.26 55.21
C ASN K 174 -25.16 -13.44 53.96
N LYS K 175 -25.62 -12.91 52.83
CA LYS K 175 -24.82 -12.97 51.60
C LYS K 175 -23.51 -12.22 51.78
N GLU K 176 -23.56 -11.06 52.43
CA GLU K 176 -22.38 -10.26 52.71
C GLU K 176 -21.58 -10.79 53.90
N ARG K 177 -21.93 -11.96 54.43
CA ARG K 177 -21.21 -12.60 55.52
C ARG K 177 -21.20 -11.75 56.78
N VAL K 178 -22.30 -11.07 57.03
CA VAL K 178 -22.52 -10.38 58.31
C VAL K 178 -23.28 -11.34 59.23
N GLN K 179 -22.82 -11.45 60.46
CA GLN K 179 -23.48 -12.33 61.43
C GLN K 179 -24.88 -11.81 61.74
N THR K 180 -25.85 -12.72 61.72
CA THR K 180 -27.25 -12.36 61.94
C THR K 180 -27.85 -13.06 63.15
N ARG K 181 -27.03 -13.65 64.02
CA ARG K 181 -27.56 -14.24 65.25
C ARG K 181 -28.15 -13.17 66.16
N GLY K 182 -27.67 -11.93 66.06
CA GLY K 182 -28.22 -10.83 66.81
C GLY K 182 -29.46 -10.21 66.22
N VAL K 183 -29.93 -10.71 65.09
CA VAL K 183 -31.14 -10.20 64.45
C VAL K 183 -32.33 -11.01 64.95
N LYS K 184 -33.32 -10.31 65.49
CA LYS K 184 -34.52 -10.94 66.03
C LYS K 184 -35.70 -10.72 65.09
N PHE K 185 -36.58 -11.72 65.01
CA PHE K 185 -37.75 -11.66 64.16
C PHE K 185 -38.99 -11.34 64.99
N ASP K 186 -39.85 -10.47 64.46
CA ASP K 186 -41.14 -10.16 65.05
C ASP K 186 -42.20 -10.60 64.03
N GLU K 187 -42.80 -11.77 64.27
CA GLU K 187 -43.69 -12.36 63.31
C GLU K 187 -45.01 -11.61 63.16
N GLY K 188 -45.34 -10.72 64.11
CA GLY K 188 -46.56 -9.95 64.05
C GLY K 188 -46.43 -8.55 63.49
N ALA K 189 -45.30 -8.22 62.86
CA ALA K 189 -45.07 -6.87 62.36
C ALA K 189 -44.61 -6.93 60.90
N SER K 190 -44.85 -5.83 60.19
CA SER K 190 -44.45 -5.69 58.80
C SER K 190 -43.17 -4.86 58.73
N THR K 191 -42.16 -5.41 58.05
CA THR K 191 -40.86 -4.76 58.02
C THR K 191 -40.93 -3.41 57.33
N ALA K 192 -40.29 -2.40 57.94
CA ALA K 192 -40.18 -1.06 57.39
C ALA K 192 -41.55 -0.41 57.15
N CYS K 193 -42.53 -0.74 57.97
CA CYS K 193 -43.87 -0.18 57.85
C CYS K 193 -44.28 0.42 59.19
N THR K 194 -44.58 1.72 59.18
CA THR K 194 -44.99 2.43 60.38
C THR K 194 -46.45 2.83 60.25
N ARG K 195 -47.26 2.52 61.26
CA ARG K 195 -48.63 2.97 61.31
C ARG K 195 -48.68 4.39 61.88
N VAL K 196 -49.22 5.33 61.12
CA VAL K 196 -49.31 6.71 61.56
C VAL K 196 -50.73 7.21 61.28
N LYS K 197 -51.12 8.23 62.05
CA LYS K 197 -52.41 8.88 61.89
C LYS K 197 -52.22 10.32 61.45
N ILE K 198 -53.04 10.76 60.51
CA ILE K 198 -52.93 12.09 59.91
C ILE K 198 -53.90 13.02 60.61
N LYS K 199 -53.40 14.15 61.10
CA LYS K 199 -54.20 15.18 61.74
C LYS K 199 -54.06 16.49 60.99
N PHE K 200 -54.95 17.43 61.28
CA PHE K 200 -55.02 18.72 60.61
C PHE K 200 -54.96 19.86 61.61
N GLU K 201 -53.97 19.82 62.49
CA GLU K 201 -53.82 20.82 63.52
C GLU K 201 -53.49 22.18 62.92
N ASP K 202 -54.11 23.23 63.48
CA ASP K 202 -53.92 24.63 63.09
C ASP K 202 -53.77 24.81 61.58
N GLY K 203 -54.71 24.22 60.84
CA GLY K 203 -54.74 24.38 59.40
C GLY K 203 -53.58 23.78 58.65
N LYS K 204 -52.83 22.88 59.27
CA LYS K 204 -51.70 22.22 58.63
C LYS K 204 -51.77 20.72 58.86
N MET K 205 -51.23 19.96 57.91
CA MET K 205 -51.29 18.50 57.96
C MET K 205 -50.10 17.97 58.72
N LYS K 206 -50.36 17.16 59.74
CA LYS K 206 -49.32 16.52 60.54
C LYS K 206 -49.65 15.05 60.71
N ALA K 207 -48.64 14.29 61.11
CA ALA K 207 -48.79 12.86 61.36
C ALA K 207 -48.23 12.53 62.74
N GLU K 208 -48.84 11.52 63.38
CA GLU K 208 -48.38 11.02 64.67
C GLU K 208 -48.28 9.51 64.60
N THR K 209 -47.26 8.96 65.26
CA THR K 209 -47.00 7.53 65.20
C THR K 209 -47.99 6.76 66.06
N VAL K 210 -48.64 5.77 65.47
CA VAL K 210 -49.55 4.88 66.18
C VAL K 210 -48.87 3.59 66.58
N LYS K 211 -48.08 3.01 65.68
CA LYS K 211 -47.34 1.78 65.97
C LYS K 211 -46.00 1.84 65.26
N GLU K 212 -44.92 1.74 66.02
CA GLU K 212 -43.59 1.80 65.44
C GLU K 212 -43.28 0.55 64.63
N PRO K 213 -42.41 0.65 63.63
CA PRO K 213 -42.04 -0.52 62.84
C PRO K 213 -41.21 -1.48 63.65
N PRO K 214 -41.09 -2.75 63.22
CA PRO K 214 -40.21 -3.69 63.94
C PRO K 214 -38.76 -3.25 64.00
N GLU K 215 -38.29 -2.46 63.03
CA GLU K 215 -36.91 -2.00 63.06
C GLU K 215 -36.63 -1.15 64.30
N ASP K 216 -37.62 -0.42 64.79
CA ASP K 216 -37.46 0.46 65.95
C ASP K 216 -38.16 -0.10 67.19
N SER K 217 -38.17 -1.43 67.36
CA SER K 217 -38.90 -2.01 68.47
C SER K 217 -38.13 -3.16 69.12
N LEU K 218 -36.80 -3.15 69.03
CA LEU K 218 -36.01 -4.16 69.71
C LEU K 218 -36.02 -3.91 71.22
N LEU K 219 -36.27 -4.96 71.98
CA LEU K 219 -36.34 -4.87 73.43
C LEU K 219 -35.01 -5.30 74.07
N ALA K 220 -34.83 -4.89 75.33
CA ALA K 220 -33.62 -5.24 76.05
C ALA K 220 -33.51 -6.74 76.29
N SER K 221 -34.63 -7.41 76.53
CA SER K 221 -34.61 -8.86 76.71
C SER K 221 -34.29 -9.61 75.42
N GLU K 222 -34.32 -8.94 74.28
CA GLU K 222 -34.01 -9.56 73.00
C GLU K 222 -32.55 -9.39 72.59
N LEU K 223 -31.74 -8.74 73.40
CA LEU K 223 -30.34 -8.52 73.07
C LEU K 223 -29.57 -9.84 73.11
N ASN K 224 -28.68 -10.02 72.14
CA ASN K 224 -27.81 -11.19 72.10
C ASN K 224 -26.54 -10.85 72.87
N LEU K 225 -26.42 -11.38 74.09
CA LEU K 225 -25.30 -11.05 74.94
C LEU K 225 -24.00 -11.71 74.51
N ALA K 226 -24.07 -12.81 73.75
CA ALA K 226 -22.85 -13.42 73.21
C ALA K 226 -22.18 -12.47 72.23
N VAL K 227 -22.97 -11.76 71.42
CA VAL K 227 -22.40 -10.77 70.50
C VAL K 227 -21.79 -9.62 71.28
N LEU K 228 -22.52 -9.08 72.25
CA LEU K 228 -22.03 -7.95 73.03
C LEU K 228 -20.81 -8.31 73.86
N LYS K 229 -20.68 -9.59 74.23
CA LYS K 229 -19.48 -10.01 74.94
C LYS K 229 -18.27 -10.10 74.03
N GLU K 230 -18.46 -10.63 72.83
CA GLU K 230 -17.34 -10.81 71.90
C GLU K 230 -16.95 -9.50 71.21
N ALA K 231 -17.93 -8.64 70.90
CA ALA K 231 -17.66 -7.48 70.07
C ALA K 231 -16.75 -6.48 70.79
N ARG K 232 -15.75 -5.98 70.07
CA ARG K 232 -14.83 -4.99 70.61
C ARG K 232 -15.26 -3.55 70.34
N ILE K 233 -16.05 -3.32 69.30
CA ILE K 233 -16.60 -2.00 69.01
C ILE K 233 -18.11 -2.12 68.88
N PHE K 234 -18.83 -1.27 69.60
CA PHE K 234 -20.27 -1.18 69.53
C PHE K 234 -20.63 0.09 68.78
N HIS K 235 -21.34 -0.05 67.65
CA HIS K 235 -21.61 1.05 66.74
C HIS K 235 -23.10 1.28 66.63
N PHE K 236 -23.49 2.56 66.66
CA PHE K 236 -24.89 2.94 66.53
C PHE K 236 -24.97 4.37 66.01
N ASN K 237 -26.13 4.71 65.44
CA ASN K 237 -26.40 6.04 64.93
C ASN K 237 -27.41 6.75 65.81
N SER K 238 -27.66 8.02 65.48
CA SER K 238 -28.62 8.83 66.23
C SER K 238 -30.06 8.57 65.79
N GLU K 239 -30.27 7.75 64.76
CA GLU K 239 -31.63 7.40 64.36
C GLU K 239 -32.36 6.64 65.46
N VAL K 240 -31.63 5.89 66.29
CA VAL K 240 -32.26 5.15 67.38
C VAL K 240 -32.77 6.09 68.46
N LEU K 241 -32.32 7.34 68.50
CA LEU K 241 -32.80 8.30 69.48
C LEU K 241 -34.17 8.85 69.13
N THR K 242 -34.65 8.63 67.91
CA THR K 242 -35.99 9.06 67.51
C THR K 242 -37.07 8.07 67.92
N SER K 243 -36.69 6.93 68.49
CA SER K 243 -37.64 5.90 68.92
C SER K 243 -37.55 5.73 70.43
N PRO K 244 -38.66 5.88 71.16
CA PRO K 244 -38.60 5.66 72.62
C PRO K 244 -38.17 4.26 73.00
N THR K 245 -38.57 3.25 72.21
CA THR K 245 -38.23 1.87 72.55
C THR K 245 -36.74 1.61 72.35
N MET K 246 -36.18 2.06 71.22
CA MET K 246 -34.78 1.77 70.94
C MET K 246 -33.86 2.51 71.88
N GLU K 247 -34.23 3.73 72.27
CA GLU K 247 -33.38 4.51 73.16
C GLU K 247 -33.19 3.81 74.50
N SER K 248 -34.26 3.26 75.07
CA SER K 248 -34.11 2.47 76.29
C SER K 248 -33.29 1.22 76.04
N THR K 249 -33.54 0.54 74.92
CA THR K 249 -32.76 -0.65 74.58
C THR K 249 -31.31 -0.31 74.30
N LEU K 250 -31.05 0.86 73.72
CA LEU K 250 -29.69 1.25 73.36
C LEU K 250 -28.79 1.34 74.59
N PHE K 251 -29.29 1.95 75.66
CA PHE K 251 -28.45 2.16 76.83
C PHE K 251 -28.24 0.89 77.65
N LYS K 252 -29.10 -0.11 77.49
CA LYS K 252 -28.81 -1.41 78.08
C LYS K 252 -27.73 -2.13 77.28
N ALA K 253 -27.74 -1.98 75.96
CA ALA K 253 -26.69 -2.57 75.12
C ALA K 253 -25.34 -1.92 75.42
N ILE K 254 -25.33 -0.61 75.65
CA ILE K 254 -24.07 0.08 75.96
C ILE K 254 -23.53 -0.40 77.31
N GLN K 255 -24.39 -0.59 78.30
CA GLN K 255 -23.95 -1.07 79.61
C GLN K 255 -23.28 -2.42 79.49
N TRP K 256 -23.90 -3.35 78.75
CA TRP K 256 -23.29 -4.67 78.57
C TRP K 256 -21.97 -4.58 77.82
N SER K 257 -21.91 -3.77 76.76
CA SER K 257 -20.70 -3.67 75.96
C SER K 257 -19.54 -3.11 76.80
N LYS K 258 -19.81 -2.08 77.61
CA LYS K 258 -18.76 -1.52 78.45
C LYS K 258 -18.33 -2.50 79.53
N LYS K 259 -19.29 -3.26 80.08
CA LYS K 259 -18.96 -4.28 81.07
C LYS K 259 -18.00 -5.31 80.51
N PHE K 260 -18.08 -5.59 79.21
CA PHE K 260 -17.21 -6.56 78.55
C PHE K 260 -16.01 -5.91 77.86
N GLY K 261 -15.78 -4.62 78.10
CA GLY K 261 -14.60 -3.95 77.58
C GLY K 261 -14.72 -3.43 76.17
N GLY K 262 -15.91 -3.45 75.58
CA GLY K 262 -16.06 -2.94 74.23
C GLY K 262 -16.02 -1.42 74.18
N LEU K 263 -15.57 -0.91 73.04
CA LEU K 263 -15.57 0.53 72.78
C LEU K 263 -16.87 0.93 72.10
N ILE K 264 -17.33 2.14 72.41
CA ILE K 264 -18.60 2.64 71.92
C ILE K 264 -18.32 3.64 70.79
N PHE K 265 -18.87 3.36 69.61
CA PHE K 265 -18.70 4.22 68.43
C PHE K 265 -20.03 4.88 68.14
N PHE K 266 -20.08 6.20 68.28
CA PHE K 266 -21.27 6.99 67.97
C PHE K 266 -21.06 7.66 66.62
N ASP K 267 -21.74 7.16 65.60
CA ASP K 267 -21.75 7.76 64.27
C ASP K 267 -23.05 8.56 64.17
N LEU K 268 -22.94 9.89 64.27
CA LEU K 268 -24.09 10.75 64.49
C LEU K 268 -25.17 10.60 63.42
N ASN K 269 -24.87 11.01 62.19
CA ASN K 269 -25.79 10.88 61.05
C ASN K 269 -27.20 11.36 61.42
N LEU K 270 -27.30 12.66 61.70
CA LEU K 270 -28.53 13.22 62.21
C LEU K 270 -29.67 13.06 61.21
N PRO K 271 -30.79 12.46 61.60
CA PRO K 271 -31.95 12.41 60.70
C PRO K 271 -32.62 13.77 60.59
N LEU K 272 -33.61 13.83 59.70
CA LEU K 272 -34.30 15.09 59.40
C LEU K 272 -34.86 15.80 60.63
N PRO K 273 -35.57 15.15 61.56
CA PRO K 273 -36.12 15.90 62.70
C PRO K 273 -35.06 16.57 63.56
N LEU K 274 -33.87 15.98 63.69
CA LEU K 274 -32.86 16.49 64.61
C LEU K 274 -32.12 17.71 64.07
N TRP K 275 -32.45 18.18 62.88
CA TRP K 275 -31.86 19.40 62.33
C TRP K 275 -32.69 20.64 62.63
N ARG K 276 -33.78 20.51 63.39
CA ARG K 276 -34.69 21.64 63.59
C ARG K 276 -34.03 22.74 64.41
N SER K 277 -33.42 22.40 65.53
CA SER K 277 -32.85 23.41 66.42
C SER K 277 -31.65 22.82 67.15
N ARG K 278 -30.64 23.66 67.39
CA ARG K 278 -29.42 23.21 68.05
C ARG K 278 -29.68 22.77 69.48
N ASN K 279 -30.45 23.56 70.23
CA ASN K 279 -30.61 23.29 71.66
C ASN K 279 -31.38 22.00 71.91
N GLU K 280 -32.45 21.75 71.15
CA GLU K 280 -33.20 20.51 71.33
C GLU K 280 -32.35 19.30 70.95
N THR K 281 -31.57 19.41 69.88
CA THR K 281 -30.75 18.29 69.45
C THR K 281 -29.64 17.98 70.45
N ARG K 282 -29.00 19.02 70.99
CA ARG K 282 -27.92 18.80 71.96
C ARG K 282 -28.43 18.10 73.21
N LYS K 283 -29.62 18.48 73.68
CA LYS K 283 -30.22 17.79 74.81
C LYS K 283 -30.56 16.34 74.47
N LEU K 284 -31.06 16.10 73.25
CA LEU K 284 -31.44 14.76 72.85
C LEU K 284 -30.24 13.83 72.77
N ILE K 285 -29.11 14.32 72.25
CA ILE K 285 -27.95 13.45 72.03
C ILE K 285 -26.95 13.46 73.17
N LYS K 286 -27.15 14.31 74.19
CA LYS K 286 -26.11 14.49 75.21
C LYS K 286 -25.80 13.19 75.94
N LYS K 287 -26.83 12.43 76.32
CA LYS K 287 -26.59 11.20 77.07
C LYS K 287 -25.82 10.18 76.24
N SER K 288 -26.20 10.01 74.97
CA SER K 288 -25.47 9.09 74.10
C SER K 288 -24.10 9.63 73.72
N TRP K 289 -23.97 10.96 73.62
CA TRP K 289 -22.67 11.56 73.35
C TRP K 289 -21.67 11.26 74.46
N ASP K 290 -22.13 11.32 75.71
CA ASP K 290 -21.25 11.09 76.85
C ASP K 290 -20.84 9.63 76.99
N GLU K 291 -21.64 8.70 76.46
CA GLU K 291 -21.32 7.28 76.56
C GLU K 291 -20.34 6.81 75.49
N ALA K 292 -20.04 7.64 74.50
CA ALA K 292 -19.25 7.22 73.35
C ALA K 292 -17.76 7.40 73.60
N ASN K 293 -16.98 6.43 73.15
CA ASN K 293 -15.52 6.54 73.16
C ASN K 293 -14.98 7.05 71.84
N ILE K 294 -15.67 6.76 70.74
CA ILE K 294 -15.30 7.21 69.41
C ILE K 294 -16.51 7.87 68.78
N ILE K 295 -16.33 9.07 68.22
CA ILE K 295 -17.42 9.82 67.61
C ILE K 295 -16.99 10.27 66.22
N GLU K 296 -17.84 10.02 65.23
CA GLU K 296 -17.66 10.54 63.88
C GLU K 296 -18.82 11.48 63.57
N VAL K 297 -18.49 12.71 63.15
CA VAL K 297 -19.49 13.68 62.74
C VAL K 297 -19.02 14.32 61.44
N SER K 298 -19.97 14.84 60.67
CA SER K 298 -19.62 15.60 59.48
C SER K 298 -19.31 17.04 59.87
N GLN K 299 -18.72 17.78 58.93
CA GLN K 299 -18.44 19.19 59.17
C GLN K 299 -19.74 19.96 59.40
N GLN K 300 -20.79 19.64 58.64
CA GLN K 300 -22.07 20.32 58.82
C GLN K 300 -22.69 20.00 60.16
N GLU K 301 -22.60 18.75 60.61
CA GLU K 301 -23.14 18.38 61.90
C GLU K 301 -22.41 19.08 63.05
N LEU K 302 -21.08 19.14 62.96
CA LEU K 302 -20.29 19.77 64.02
C LEU K 302 -20.59 21.26 64.13
N GLU K 303 -20.66 21.95 62.99
CA GLU K 303 -20.96 23.38 63.01
C GLU K 303 -22.38 23.64 63.48
N PHE K 304 -23.31 22.77 63.12
CA PHE K 304 -24.68 22.90 63.59
C PHE K 304 -24.77 22.75 65.10
N LEU K 305 -23.98 21.83 65.67
CA LEU K 305 -24.04 21.58 67.10
C LEU K 305 -23.40 22.70 67.91
N LEU K 306 -22.41 23.40 67.34
CA LEU K 306 -21.73 24.47 68.09
C LEU K 306 -22.34 25.83 67.79
N ASP K 307 -22.20 26.30 66.55
CA ASP K 307 -22.81 27.55 66.10
C ASP K 307 -22.77 27.62 64.58
N GLU K 308 -23.93 27.51 63.94
CA GLU K 308 -23.93 27.41 62.48
C GLU K 308 -23.63 28.75 61.82
N GLU K 309 -24.10 29.85 62.41
CA GLU K 309 -23.94 31.16 61.79
C GLU K 309 -22.53 31.70 61.95
N TYR K 310 -21.85 31.39 63.04
CA TYR K 310 -20.49 31.89 63.25
C TYR K 310 -19.54 31.37 62.18
N TYR K 311 -19.62 30.07 61.88
CA TYR K 311 -18.70 29.50 60.90
C TYR K 311 -19.10 29.88 59.48
N GLU K 312 -20.39 30.09 59.23
CA GLU K 312 -20.81 30.59 57.92
C GLU K 312 -20.28 32.00 57.68
N ARG K 313 -20.36 32.86 58.69
CA ARG K 313 -19.76 34.19 58.58
C ARG K 313 -18.25 34.09 58.43
N ARG K 314 -17.62 33.14 59.12
CA ARG K 314 -16.18 32.98 59.03
C ARG K 314 -15.75 32.63 57.61
N ARG K 315 -16.50 31.74 56.94
CA ARG K 315 -16.13 31.35 55.58
C ARG K 315 -16.34 32.47 54.58
N ASN K 316 -17.30 33.35 54.82
CA ASN K 316 -17.63 34.40 53.87
C ASN K 316 -16.83 35.68 54.07
N TYR K 317 -15.90 35.70 55.02
CA TYR K 317 -15.09 36.89 55.26
C TYR K 317 -14.04 37.04 54.17
N THR K 318 -13.89 38.26 53.66
CA THR K 318 -12.86 38.58 52.68
C THR K 318 -12.17 39.87 53.12
N PRO K 319 -10.84 39.88 53.22
CA PRO K 319 -10.15 41.12 53.60
C PRO K 319 -10.40 42.23 52.60
N GLN K 320 -10.51 43.45 53.12
CA GLN K 320 -10.97 44.57 52.30
C GLN K 320 -9.88 45.10 51.38
N TYR K 321 -8.63 45.14 51.84
CA TYR K 321 -7.55 45.78 51.09
C TYR K 321 -6.51 44.80 50.57
N PHE K 322 -6.00 43.93 51.44
CA PHE K 322 -4.99 42.95 51.01
C PHE K 322 -5.11 41.72 51.89
N ALA K 323 -4.61 40.60 51.37
CA ALA K 323 -4.64 39.35 52.10
C ALA K 323 -3.60 39.35 53.21
N GLU K 324 -3.87 38.57 54.26
CA GLU K 324 -2.94 38.46 55.37
C GLU K 324 -1.73 37.60 55.02
N ASP K 325 -1.82 36.77 54.00
CA ASP K 325 -0.70 35.95 53.55
C ASP K 325 -0.93 35.59 52.10
N PHE K 326 0.12 35.05 51.46
CA PHE K 326 0.07 34.76 50.04
C PHE K 326 -0.99 33.71 49.73
N GLU K 327 -1.18 32.74 50.62
CA GLU K 327 -2.14 31.68 50.36
C GLU K 327 -3.56 32.20 50.31
N GLN K 328 -3.88 33.22 51.11
CA GLN K 328 -5.22 33.81 51.10
C GLN K 328 -5.55 34.51 49.78
N THR K 329 -4.55 34.81 48.95
CA THR K 329 -4.81 35.42 47.65
C THR K 329 -5.36 34.43 46.64
N LYS K 330 -5.07 33.14 46.81
CA LYS K 330 -5.46 32.15 45.80
C LYS K 330 -6.96 31.85 45.81
N ASN K 331 -7.69 32.31 46.82
CA ASN K 331 -9.13 32.14 46.90
C ASN K 331 -9.52 30.66 46.83
N ARG K 332 -8.79 29.84 47.59
CA ARG K 332 -9.01 28.40 47.57
C ARG K 332 -10.18 28.02 48.48
N ARG K 333 -10.60 26.76 48.35
CA ARG K 333 -11.69 26.25 49.17
C ARG K 333 -11.30 26.26 50.65
N ASP K 334 -12.29 26.48 51.51
CA ASP K 334 -12.05 26.60 52.94
C ASP K 334 -12.01 25.21 53.57
N TYR K 335 -10.89 24.88 54.20
CA TYR K 335 -10.73 23.62 54.91
C TYR K 335 -10.42 23.88 56.38
N TYR K 336 -11.19 24.77 57.01
CA TYR K 336 -10.87 25.23 58.35
C TYR K 336 -10.77 24.07 59.34
N HIS K 337 -9.66 24.04 60.07
CA HIS K 337 -9.43 23.05 61.11
C HIS K 337 -9.83 23.63 62.46
N TYR K 338 -10.87 23.06 63.07
CA TYR K 338 -11.36 23.57 64.33
C TYR K 338 -10.36 23.33 65.45
N THR K 339 -10.15 24.35 66.26
CA THR K 339 -9.23 24.23 67.37
C THR K 339 -9.84 23.38 68.48
N PRO K 340 -9.00 22.70 69.28
CA PRO K 340 -9.55 21.90 70.39
C PRO K 340 -10.30 22.73 71.43
N GLU K 341 -10.06 24.04 71.49
CA GLU K 341 -10.83 24.89 72.39
C GLU K 341 -12.23 25.18 71.85
N GLU K 342 -12.39 25.26 70.53
CA GLU K 342 -13.72 25.33 69.95
C GLU K 342 -14.50 24.04 70.19
N ILE K 343 -13.81 22.90 70.11
CA ILE K 343 -14.46 21.60 70.31
C ILE K 343 -14.75 21.33 71.78
N LYS K 344 -14.18 22.12 72.68
CA LYS K 344 -14.24 21.81 74.12
C LYS K 344 -15.65 21.61 74.67
N PRO K 345 -16.69 22.35 74.26
CA PRO K 345 -18.03 22.06 74.78
C PRO K 345 -18.51 20.64 74.51
N LEU K 346 -17.95 19.95 73.52
CA LEU K 346 -18.37 18.61 73.19
C LEU K 346 -17.43 17.53 73.71
N TRP K 347 -16.32 17.90 74.34
CA TRP K 347 -15.35 16.94 74.82
C TRP K 347 -15.71 16.46 76.22
N HIS K 348 -15.45 15.18 76.49
CA HIS K 348 -15.67 14.60 77.81
C HIS K 348 -14.51 13.67 78.13
N ASP K 349 -14.58 13.06 79.32
CA ASP K 349 -13.43 12.30 79.85
C ASP K 349 -13.19 11.02 79.07
N ASP K 350 -14.25 10.30 78.71
CA ASP K 350 -14.13 8.97 78.12
C ASP K 350 -13.91 8.99 76.62
N LEU K 351 -13.89 10.18 76.00
CA LEU K 351 -13.75 10.27 74.55
C LEU K 351 -12.30 10.08 74.15
N LYS K 352 -12.03 9.08 73.31
CA LYS K 352 -10.69 8.76 72.84
C LYS K 352 -10.37 9.37 71.50
N LEU K 353 -11.33 9.43 70.58
CA LEU K 353 -11.08 9.91 69.23
C LEU K 353 -12.34 10.56 68.67
N LEU K 354 -12.21 11.81 68.26
CA LEU K 354 -13.26 12.51 67.53
C LEU K 354 -12.80 12.75 66.10
N VAL K 355 -13.61 12.34 65.13
CA VAL K 355 -13.30 12.50 63.73
C VAL K 355 -14.38 13.38 63.09
N VAL K 356 -13.95 14.45 62.44
CA VAL K 356 -14.83 15.35 61.70
C VAL K 356 -14.51 15.21 60.23
N THR K 357 -15.50 14.82 59.43
CA THR K 357 -15.30 14.49 58.03
C THR K 357 -15.87 15.60 57.15
N ASP K 358 -15.01 16.16 56.30
CA ASP K 358 -15.45 17.04 55.22
C ASP K 358 -15.50 16.21 53.93
N GLY K 359 -16.53 15.37 53.86
CA GLY K 359 -16.56 14.36 52.81
C GLY K 359 -15.35 13.46 52.93
N THR K 360 -14.75 13.14 51.79
CA THR K 360 -13.45 12.49 51.76
C THR K 360 -12.30 13.47 51.58
N LEU K 361 -12.60 14.77 51.54
CA LEU K 361 -11.56 15.76 51.30
C LEU K 361 -10.68 15.98 52.53
N ARG K 362 -11.29 16.05 53.70
CA ARG K 362 -10.56 16.28 54.94
C ARG K 362 -11.11 15.37 56.03
N LEU K 363 -10.21 14.82 56.86
CA LEU K 363 -10.58 14.07 58.06
C LEU K 363 -9.87 14.72 59.23
N HIS K 364 -10.59 15.58 59.95
CA HIS K 364 -10.06 16.19 61.16
C HIS K 364 -10.21 15.22 62.32
N TYR K 365 -9.11 14.96 63.02
CA TYR K 365 -9.11 14.02 64.13
C TYR K 365 -8.68 14.72 65.41
N TYR K 366 -9.29 14.31 66.52
CA TYR K 366 -9.02 14.94 67.82
C TYR K 366 -8.88 13.85 68.87
N THR K 367 -7.78 13.90 69.61
CA THR K 367 -7.52 12.99 70.71
C THR K 367 -7.24 13.81 71.97
N PRO K 368 -7.24 13.21 73.16
CA PRO K 368 -6.88 13.99 74.36
C PRO K 368 -5.48 14.59 74.29
N LYS K 369 -4.56 13.97 73.55
CA LYS K 369 -3.17 14.43 73.51
C LYS K 369 -2.85 15.31 72.30
N PHE K 370 -3.47 15.06 71.15
CA PHE K 370 -3.10 15.77 69.94
C PHE K 370 -4.31 15.91 69.02
N ASP K 371 -4.13 16.67 67.94
CA ASP K 371 -5.14 16.84 66.93
C ASP K 371 -4.46 17.16 65.60
N GLY K 372 -5.21 17.00 64.52
CA GLY K 372 -4.67 17.27 63.20
C GLY K 372 -5.70 16.95 62.14
N VAL K 373 -5.26 17.03 60.88
CA VAL K 373 -6.13 16.80 59.74
C VAL K 373 -5.41 15.90 58.74
N VAL K 374 -6.15 14.97 58.14
CA VAL K 374 -5.66 14.13 57.06
C VAL K 374 -6.22 14.69 55.75
N VAL K 375 -5.33 14.99 54.81
CA VAL K 375 -5.76 15.52 53.51
C VAL K 375 -6.17 14.36 52.61
N GLY K 376 -7.38 14.44 52.08
CA GLY K 376 -7.86 13.45 51.14
C GLY K 376 -8.21 14.06 49.80
N THR K 377 -9.06 13.39 49.04
CA THR K 377 -9.47 13.88 47.73
C THR K 377 -10.74 13.14 47.32
N GLU K 378 -11.29 13.53 46.18
CA GLU K 378 -12.45 12.87 45.61
C GLU K 378 -12.38 13.01 44.09
N ASP K 379 -12.91 12.03 43.39
CA ASP K 379 -13.04 12.13 41.94
C ASP K 379 -14.27 11.34 41.52
N VAL K 380 -15.40 12.03 41.45
CA VAL K 380 -16.61 11.45 40.88
C VAL K 380 -16.76 11.81 39.41
N LEU K 381 -16.09 12.87 38.95
CA LEU K 381 -16.11 13.24 37.54
C LEU K 381 -15.31 12.29 36.67
N ILE K 382 -14.53 11.39 37.27
CA ILE K 382 -13.83 10.38 36.49
C ILE K 382 -14.82 9.37 35.92
N THR K 383 -15.99 9.20 36.54
CA THR K 383 -17.04 8.31 36.04
C THR K 383 -18.38 9.00 36.20
N PRO K 384 -18.71 9.95 35.32
CA PRO K 384 -19.90 10.78 35.53
C PRO K 384 -21.22 10.01 35.51
N PHE K 385 -21.27 8.84 34.88
CA PHE K 385 -22.53 8.13 34.71
C PHE K 385 -22.74 7.00 35.70
N THR K 386 -21.74 6.67 36.52
CA THR K 386 -21.91 5.68 37.58
C THR K 386 -21.64 6.25 38.96
N CYS K 387 -21.29 7.53 39.08
CA CYS K 387 -20.98 8.10 40.38
C CYS K 387 -22.23 8.24 41.23
N ASP K 388 -22.11 7.87 42.50
CA ASP K 388 -23.20 7.99 43.47
C ASP K 388 -22.60 8.05 44.86
N ARG K 389 -22.76 9.17 45.53
CA ARG K 389 -22.10 9.41 46.81
C ARG K 389 -22.77 8.66 47.97
N THR K 390 -23.96 8.11 47.77
CA THR K 390 -24.68 7.43 48.84
C THR K 390 -23.87 6.25 49.36
N GLY K 391 -23.73 6.17 50.68
CA GLY K 391 -22.98 5.09 51.31
C GLY K 391 -21.51 5.33 51.49
N SER K 392 -20.97 6.43 50.94
CA SER K 392 -19.54 6.70 51.09
C SER K 392 -19.19 7.08 52.51
N GLY K 393 -20.12 7.71 53.24
CA GLY K 393 -19.88 7.96 54.65
C GLY K 393 -19.78 6.71 55.47
N ASP K 394 -20.54 5.67 55.11
CA ASP K 394 -20.47 4.40 55.81
C ASP K 394 -19.15 3.68 55.54
N ALA K 395 -18.62 3.81 54.31
CA ALA K 395 -17.34 3.17 54.00
C ALA K 395 -16.20 3.81 54.78
N VAL K 396 -16.24 5.12 54.96
CA VAL K 396 -15.21 5.80 55.76
C VAL K 396 -15.25 5.32 57.21
N VAL K 397 -16.46 5.22 57.78
CA VAL K 397 -16.60 4.74 59.15
C VAL K 397 -16.14 3.29 59.26
N ALA K 398 -16.52 2.46 58.29
CA ALA K 398 -16.09 1.06 58.29
C ALA K 398 -14.58 0.95 58.17
N GLY K 399 -13.96 1.81 57.36
CA GLY K 399 -12.52 1.79 57.25
C GLY K 399 -11.83 2.20 58.53
N ILE K 400 -12.42 3.14 59.28
CA ILE K 400 -11.86 3.53 60.57
C ILE K 400 -11.91 2.35 61.54
N MET K 401 -13.06 1.67 61.62
CA MET K 401 -13.19 0.55 62.54
C MET K 401 -12.32 -0.63 62.12
N ARG K 402 -12.07 -0.80 60.83
CA ARG K 402 -11.19 -1.87 60.37
C ARG K 402 -9.78 -1.67 60.90
N LYS K 403 -9.30 -0.43 60.91
CA LYS K 403 -7.94 -0.16 61.36
C LYS K 403 -7.86 -0.01 62.88
N LEU K 404 -8.92 0.49 63.52
CA LEU K 404 -8.88 0.65 64.98
C LEU K 404 -8.75 -0.70 65.68
N THR K 405 -9.47 -1.72 65.21
CA THR K 405 -9.43 -3.02 65.85
C THR K 405 -8.07 -3.71 65.68
N THR K 406 -7.45 -3.55 64.50
CA THR K 406 -6.21 -4.23 64.20
C THR K 406 -4.96 -3.40 64.52
N CYS K 407 -5.11 -2.10 64.73
CA CYS K 407 -3.99 -1.21 65.03
C CYS K 407 -4.35 -0.37 66.26
N PRO K 408 -4.28 -0.98 67.46
CA PRO K 408 -4.69 -0.24 68.66
C PRO K 408 -3.83 0.98 68.97
N GLU K 409 -2.64 1.07 68.40
CA GLU K 409 -1.75 2.21 68.64
C GLU K 409 -2.17 3.47 67.91
N MET K 410 -3.24 3.42 67.11
CA MET K 410 -3.76 4.63 66.47
C MET K 410 -4.19 5.66 67.50
N PHE K 411 -4.65 5.21 68.67
CA PHE K 411 -5.13 6.15 69.68
C PHE K 411 -4.00 6.99 70.27
N GLU K 412 -2.79 6.47 70.30
CA GLU K 412 -1.68 7.13 71.00
C GLU K 412 -0.59 7.67 70.08
N ASP K 413 -0.49 7.18 68.85
CA ASP K 413 0.54 7.60 67.92
C ASP K 413 -0.10 8.41 66.80
N GLN K 414 0.34 9.67 66.65
CA GLN K 414 -0.26 10.55 65.66
C GLN K 414 0.13 10.13 64.25
N ASP K 415 1.39 9.80 64.03
CA ASP K 415 1.84 9.40 62.69
C ASP K 415 1.16 8.11 62.25
N VAL K 416 1.00 7.16 63.17
CA VAL K 416 0.30 5.92 62.84
C VAL K 416 -1.16 6.20 62.53
N LEU K 417 -1.79 7.07 63.32
CA LEU K 417 -3.20 7.40 63.11
C LEU K 417 -3.44 8.00 61.73
N GLU K 418 -2.58 8.92 61.31
CA GLU K 418 -2.75 9.56 60.01
C GLU K 418 -2.60 8.57 58.87
N ARG K 419 -1.63 7.66 58.96
CA ARG K 419 -1.44 6.66 57.91
C ARG K 419 -2.64 5.74 57.81
N GLN K 420 -3.18 5.31 58.95
CA GLN K 420 -4.32 4.41 58.92
C GLN K 420 -5.59 5.11 58.45
N LEU K 421 -5.74 6.40 58.75
CA LEU K 421 -6.91 7.13 58.30
C LEU K 421 -6.91 7.34 56.79
N ARG K 422 -5.74 7.34 56.14
CA ARG K 422 -5.71 7.42 54.68
C ARG K 422 -6.33 6.19 54.04
N PHE K 423 -6.30 5.05 54.74
CA PHE K 423 -7.03 3.86 54.28
C PHE K 423 -8.54 4.13 54.25
N ALA K 424 -9.05 4.81 55.27
CA ALA K 424 -10.47 5.15 55.30
C ALA K 424 -10.83 6.13 54.19
N VAL K 425 -9.92 7.05 53.87
CA VAL K 425 -10.16 8.00 52.78
C VAL K 425 -10.31 7.25 51.46
N ALA K 426 -9.42 6.29 51.21
CA ALA K 426 -9.47 5.54 49.96
C ALA K 426 -10.76 4.76 49.83
N ALA K 427 -11.24 4.17 50.94
CA ALA K 427 -12.48 3.42 50.90
C ALA K 427 -13.66 4.32 50.54
N GLY K 428 -13.69 5.53 51.08
CA GLY K 428 -14.75 6.46 50.74
C GLY K 428 -14.73 6.86 49.28
N ILE K 429 -13.53 7.01 48.71
CA ILE K 429 -13.41 7.41 47.31
C ILE K 429 -13.99 6.35 46.38
N ILE K 430 -13.64 5.09 46.62
CA ILE K 430 -14.12 4.01 45.75
C ILE K 430 -15.63 3.88 45.87
N SER K 431 -16.17 4.06 47.08
CA SER K 431 -17.60 3.89 47.31
C SER K 431 -18.44 4.87 46.50
N GLN K 432 -17.86 5.99 46.06
CA GLN K 432 -18.58 6.98 45.29
C GLN K 432 -18.60 6.70 43.80
N TRP K 433 -18.02 5.60 43.35
CA TRP K 433 -17.90 5.28 41.94
C TRP K 433 -18.96 4.30 41.44
N THR K 434 -19.93 3.94 42.28
CA THR K 434 -20.93 2.95 41.90
C THR K 434 -22.30 3.42 42.37
N ILE K 435 -23.33 3.11 41.57
CA ILE K 435 -24.70 3.39 41.97
C ILE K 435 -25.14 2.37 43.01
N GLY K 436 -25.60 2.86 44.15
CA GLY K 436 -26.01 1.99 45.24
C GLY K 436 -24.92 1.82 46.29
N ALA K 437 -25.30 1.94 47.56
CA ALA K 437 -24.33 1.88 48.64
C ALA K 437 -23.74 0.47 48.77
N VAL K 438 -24.58 -0.53 48.97
CA VAL K 438 -24.11 -1.89 49.18
C VAL K 438 -23.41 -2.41 47.94
N ARG K 439 -23.97 -2.13 46.77
CA ARG K 439 -23.39 -2.61 45.52
C ARG K 439 -21.97 -2.11 45.31
N GLY K 440 -21.67 -0.91 45.80
CA GLY K 440 -20.39 -0.27 45.55
C GLY K 440 -19.36 -0.32 46.65
N PHE K 441 -19.63 -1.00 47.76
CA PHE K 441 -18.67 -1.04 48.86
C PHE K 441 -17.41 -1.77 48.43
N PRO K 442 -16.23 -1.22 48.69
CA PRO K 442 -14.98 -1.81 48.18
C PRO K 442 -14.39 -2.87 49.08
N THR K 443 -13.57 -3.72 48.48
CA THR K 443 -12.81 -4.73 49.20
C THR K 443 -11.53 -4.13 49.78
N GLU K 444 -10.87 -4.90 50.64
CA GLU K 444 -9.65 -4.41 51.28
C GLU K 444 -8.52 -4.21 50.29
N SER K 445 -8.34 -5.15 49.36
CA SER K 445 -7.22 -5.05 48.42
C SER K 445 -7.42 -3.89 47.46
N ALA K 446 -8.66 -3.67 47.00
CA ALA K 446 -8.94 -2.51 46.16
C ALA K 446 -8.66 -1.20 46.90
N THR K 447 -9.07 -1.13 48.17
CA THR K 447 -8.82 0.06 48.96
C THR K 447 -7.32 0.28 49.16
N GLN K 448 -6.59 -0.78 49.47
CA GLN K 448 -5.15 -0.66 49.66
C GLN K 448 -4.44 -0.26 48.37
N ASN K 449 -4.92 -0.78 47.23
CA ASN K 449 -4.33 -0.41 45.94
C ASN K 449 -4.53 1.07 45.66
N LEU K 450 -5.74 1.59 45.88
CA LEU K 450 -5.99 3.00 45.60
C LEU K 450 -5.18 3.90 46.52
N LYS K 451 -5.03 3.51 47.79
CA LYS K 451 -4.25 4.31 48.72
C LYS K 451 -2.81 4.47 48.25
N GLU K 452 -2.21 3.38 47.75
CA GLU K 452 -0.83 3.45 47.29
C GLU K 452 -0.72 4.19 45.96
N GLN K 453 -1.78 4.19 45.16
CA GLN K 453 -1.76 4.93 43.90
C GLN K 453 -1.92 6.43 44.12
N VAL K 454 -2.75 6.82 45.08
CA VAL K 454 -3.05 8.24 45.29
C VAL K 454 -1.91 8.92 46.05
N TYR K 455 -1.47 8.31 47.14
CA TYR K 455 -0.47 8.92 48.01
C TYR K 455 0.94 8.53 47.60
N VAL K 456 1.88 9.43 47.82
CA VAL K 456 3.30 9.17 47.58
C VAL K 456 3.75 8.10 48.58
N PRO K 457 4.78 7.30 48.25
CA PRO K 457 5.13 6.17 49.11
C PRO K 457 5.45 6.55 50.55
N SER K 458 5.96 7.76 50.80
CA SER K 458 6.29 8.15 52.16
C SER K 458 5.06 8.36 53.05
N MET K 459 3.87 8.49 52.47
CA MET K 459 2.66 8.68 53.23
C MET K 459 1.87 7.41 53.45
N TRP K 460 2.34 6.27 52.94
CA TRP K 460 1.63 5.00 53.10
C TRP K 460 1.62 4.56 54.55
N PHE L 56 9.73 -70.07 -23.31
CA PHE L 56 9.78 -69.43 -22.00
C PHE L 56 11.22 -69.07 -21.60
N PRO L 57 11.37 -68.02 -20.80
CA PRO L 57 12.73 -67.60 -20.39
C PRO L 57 13.50 -68.66 -19.64
N LEU L 58 12.83 -69.61 -18.99
CA LEU L 58 13.52 -70.68 -18.29
C LEU L 58 14.06 -71.74 -19.24
N PHE L 59 13.48 -71.89 -20.43
CA PHE L 59 13.88 -72.93 -21.37
C PHE L 59 14.82 -72.41 -22.46
N GLN L 60 15.28 -71.17 -22.35
CA GLN L 60 16.23 -70.63 -23.31
C GLN L 60 17.63 -70.58 -22.71
N LEU L 72 39.30 -56.80 -25.56
CA LEU L 72 38.72 -55.61 -24.97
C LEU L 72 38.08 -55.89 -23.63
N GLU L 73 38.70 -55.42 -22.56
CA GLU L 73 38.15 -55.53 -21.22
C GLU L 73 37.57 -54.19 -20.79
N SER L 74 36.50 -54.26 -19.99
CA SER L 74 35.94 -53.06 -19.40
C SER L 74 37.00 -52.33 -18.58
N ALA L 75 37.04 -51.00 -18.73
CA ALA L 75 38.01 -50.21 -17.99
C ALA L 75 37.78 -50.35 -16.49
N ASP L 76 38.73 -49.82 -15.72
CA ASP L 76 38.59 -49.77 -14.27
C ASP L 76 37.29 -49.05 -13.92
N PRO L 77 36.44 -49.63 -13.07
CA PRO L 77 35.19 -48.95 -12.72
C PRO L 77 35.40 -47.56 -12.13
N ASP L 78 36.52 -47.33 -11.45
CA ASP L 78 36.83 -46.01 -10.92
C ASP L 78 37.19 -44.99 -12.00
N PHE L 79 37.46 -45.43 -13.23
CA PHE L 79 37.77 -44.49 -14.29
C PHE L 79 36.60 -43.57 -14.58
N TYR L 80 35.41 -44.14 -14.79
CA TYR L 80 34.23 -43.33 -15.02
C TYR L 80 33.72 -42.69 -13.73
N LYS L 81 33.92 -43.35 -12.59
CA LYS L 81 33.35 -42.86 -11.34
C LYS L 81 33.97 -41.53 -10.92
N ILE L 82 35.28 -41.37 -11.09
CA ILE L 82 35.92 -40.13 -10.65
C ILE L 82 35.40 -38.95 -11.46
N GLY L 83 35.13 -39.17 -12.75
CA GLY L 83 34.44 -38.14 -13.52
C GLY L 83 32.98 -38.02 -13.16
N TYR L 84 32.32 -39.16 -12.92
CA TYR L 84 30.88 -39.16 -12.67
C TYR L 84 30.52 -38.37 -11.42
N VAL L 85 31.31 -38.50 -10.36
CA VAL L 85 31.08 -37.71 -9.15
C VAL L 85 31.38 -36.24 -9.36
N ARG L 86 31.96 -35.87 -10.50
CA ARG L 86 32.26 -34.50 -10.85
C ARG L 86 31.48 -34.05 -12.08
N ARG L 87 30.30 -34.64 -12.30
CA ARG L 87 29.33 -34.22 -13.31
C ARG L 87 29.70 -34.66 -14.73
N VAL L 88 30.58 -35.65 -14.88
CA VAL L 88 30.78 -36.28 -16.19
C VAL L 88 29.65 -37.28 -16.42
N ARG L 89 29.00 -37.18 -17.58
CA ARG L 89 27.92 -38.08 -17.95
C ARG L 89 28.24 -38.74 -19.28
N ALA L 90 28.07 -40.06 -19.33
CA ALA L 90 28.17 -40.82 -20.56
C ALA L 90 26.85 -41.54 -20.80
N TYR L 91 26.38 -41.50 -22.04
CA TYR L 91 25.07 -42.03 -22.40
C TYR L 91 25.22 -43.08 -23.49
N GLY L 92 24.90 -44.33 -23.14
CA GLY L 92 24.91 -45.40 -24.12
C GLY L 92 26.27 -45.84 -24.58
N VAL L 93 27.33 -45.44 -23.87
CA VAL L 93 28.68 -45.82 -24.22
C VAL L 93 29.40 -46.30 -22.97
N GLU L 94 30.46 -47.08 -23.19
CA GLU L 94 31.27 -47.62 -22.12
C GLU L 94 32.74 -47.50 -22.50
N PHE L 95 33.58 -47.32 -21.50
CA PHE L 95 35.02 -47.22 -21.71
C PHE L 95 35.64 -48.61 -21.58
N LYS L 96 36.31 -49.06 -22.62
CA LYS L 96 36.89 -50.38 -22.66
C LYS L 96 38.38 -50.26 -22.94
N GLU L 97 39.15 -51.19 -22.38
CA GLU L 97 40.60 -51.14 -22.43
C GLU L 97 41.13 -52.39 -23.13
N GLY L 98 42.10 -52.19 -24.01
CA GLY L 98 42.72 -53.28 -24.71
C GLY L 98 44.22 -53.12 -24.75
N PRO L 99 44.92 -54.07 -25.39
CA PRO L 99 46.38 -53.95 -25.51
C PRO L 99 46.82 -52.69 -26.22
N ASP L 100 46.04 -52.17 -27.16
CA ASP L 100 46.39 -50.96 -27.88
C ASP L 100 45.93 -49.68 -27.18
N GLY L 101 45.11 -49.78 -26.14
CA GLY L 101 44.78 -48.64 -25.31
C GLY L 101 43.30 -48.56 -25.04
N PHE L 102 42.90 -47.43 -24.47
CA PHE L 102 41.51 -47.16 -24.14
C PHE L 102 40.69 -46.89 -25.39
N GLY L 103 39.37 -47.01 -25.24
CA GLY L 103 38.45 -46.67 -26.30
C GLY L 103 37.06 -46.47 -25.73
N ILE L 104 36.20 -45.88 -26.55
CA ILE L 104 34.80 -45.63 -26.19
C ILE L 104 33.93 -46.40 -27.17
N TYR L 105 33.06 -47.25 -26.64
CA TYR L 105 32.24 -48.14 -27.44
C TYR L 105 30.78 -48.01 -27.03
N ALA L 106 29.88 -48.13 -27.99
CA ALA L 106 28.46 -48.06 -27.71
C ALA L 106 28.04 -49.28 -26.90
N SER L 107 27.58 -49.04 -25.67
CA SER L 107 27.14 -50.14 -24.82
C SER L 107 25.79 -50.71 -25.25
N LYS L 108 25.11 -50.07 -26.21
CA LYS L 108 23.83 -50.55 -26.69
C LYS L 108 23.60 -49.99 -28.08
N ASP L 109 22.51 -50.42 -28.70
CA ASP L 109 22.15 -49.95 -30.04
C ASP L 109 21.65 -48.51 -29.95
N ILE L 110 22.44 -47.57 -30.47
CA ILE L 110 22.10 -46.15 -30.43
C ILE L 110 21.28 -45.86 -31.68
N GLU L 111 19.96 -45.74 -31.51
CA GLU L 111 19.07 -45.57 -32.64
C GLU L 111 19.18 -44.15 -33.21
N PRO L 112 18.99 -43.99 -34.51
CA PRO L 112 19.06 -42.66 -35.11
C PRO L 112 17.89 -41.78 -34.67
N ARG L 113 18.14 -40.49 -34.61
CA ARG L 113 17.14 -39.49 -34.26
C ARG L 113 17.17 -38.37 -35.31
N ARG L 114 16.26 -37.41 -35.16
CA ARG L 114 16.23 -36.27 -36.06
C ARG L 114 17.44 -35.36 -35.86
N ARG L 115 18.02 -35.35 -34.67
CA ARG L 115 19.14 -34.49 -34.35
C ARG L 115 20.27 -35.33 -33.74
N ALA L 116 21.42 -34.69 -33.56
CA ALA L 116 22.56 -35.35 -32.95
C ALA L 116 22.24 -35.73 -31.52
N ARG L 117 22.62 -36.94 -31.13
CA ARG L 117 22.40 -37.44 -29.78
C ARG L 117 23.60 -37.10 -28.90
N VAL L 118 23.32 -36.76 -27.65
CA VAL L 118 24.39 -36.49 -26.68
C VAL L 118 24.97 -37.82 -26.23
N ILE L 119 26.26 -38.00 -26.44
CA ILE L 119 26.97 -39.20 -26.05
C ILE L 119 27.69 -39.03 -24.72
N MET L 120 28.43 -37.93 -24.58
CA MET L 120 29.14 -37.64 -23.34
C MET L 120 29.07 -36.15 -23.06
N GLU L 121 29.09 -35.81 -21.76
CA GLU L 121 29.14 -34.42 -21.30
C GLU L 121 30.30 -34.30 -20.33
N ILE L 122 31.22 -33.39 -20.61
CA ILE L 122 32.42 -33.20 -19.79
C ILE L 122 32.41 -31.77 -19.28
N PRO L 123 32.35 -31.56 -17.97
CA PRO L 123 32.39 -30.18 -17.44
C PRO L 123 33.71 -29.50 -17.71
N HIS L 124 33.64 -28.18 -17.84
CA HIS L 124 34.83 -27.38 -18.17
C HIS L 124 35.88 -27.46 -17.07
N GLU L 125 35.44 -27.51 -15.80
CA GLU L 125 36.37 -27.45 -14.68
C GLU L 125 37.28 -28.67 -14.59
N LEU L 126 36.99 -29.75 -15.31
CA LEU L 126 37.86 -30.91 -15.34
C LEU L 126 38.88 -30.87 -16.47
N MET L 127 38.93 -29.80 -17.24
CA MET L 127 39.83 -29.68 -18.37
C MET L 127 41.04 -28.84 -18.02
N ILE L 128 42.08 -28.96 -18.85
CA ILE L 128 43.26 -28.11 -18.81
C ILE L 128 43.33 -27.40 -20.15
N THR L 129 43.03 -26.11 -20.17
CA THR L 129 42.99 -25.35 -21.41
C THR L 129 43.89 -24.12 -21.31
N ILE L 130 44.46 -23.75 -22.45
CA ILE L 130 45.26 -22.54 -22.57
C ILE L 130 44.89 -21.88 -23.90
N ARG L 131 44.97 -20.55 -23.93
CA ARG L 131 44.69 -19.82 -25.15
C ARG L 131 45.66 -20.22 -26.26
N GLN L 132 45.13 -20.44 -27.46
CA GLN L 132 45.98 -20.71 -28.61
C GLN L 132 46.84 -19.51 -28.93
N LYS L 133 46.30 -18.31 -28.79
CA LYS L 133 46.98 -17.08 -29.18
C LYS L 133 47.40 -16.29 -27.95
N HIS L 134 48.51 -15.58 -28.09
CA HIS L 134 49.02 -14.72 -27.02
C HIS L 134 47.98 -13.65 -26.69
N PRO L 135 47.84 -13.24 -25.43
CA PRO L 135 48.56 -13.68 -24.22
C PRO L 135 48.08 -15.01 -23.67
N TRP L 136 48.89 -15.70 -22.88
CA TRP L 136 48.55 -17.03 -22.39
C TRP L 136 47.68 -16.90 -21.15
N MET L 137 46.40 -17.24 -21.28
CA MET L 137 45.47 -17.31 -20.17
C MET L 137 44.96 -18.74 -20.06
N PHE L 138 44.72 -19.18 -18.83
CA PHE L 138 44.34 -20.55 -18.55
C PHE L 138 42.88 -20.59 -18.11
N PHE L 139 42.13 -21.54 -18.67
CA PHE L 139 40.70 -21.66 -18.38
C PHE L 139 40.40 -23.12 -18.02
N PRO L 140 40.07 -23.40 -16.75
CA PRO L 140 40.00 -22.49 -15.61
C PRO L 140 41.38 -22.05 -15.15
N ASP L 141 41.50 -20.90 -14.51
CA ASP L 141 42.80 -20.36 -14.12
C ASP L 141 43.29 -21.11 -12.89
N ILE L 142 44.32 -21.93 -13.07
CA ILE L 142 44.85 -22.75 -11.99
C ILE L 142 46.23 -22.30 -11.54
N VAL L 143 46.95 -21.53 -12.35
CA VAL L 143 48.30 -21.09 -12.01
C VAL L 143 48.20 -19.86 -11.10
N PRO L 144 48.77 -19.91 -9.90
CA PRO L 144 48.73 -18.74 -9.02
C PRO L 144 49.55 -17.59 -9.59
N ILE L 145 49.14 -16.37 -9.23
CA ILE L 145 49.88 -15.19 -9.64
C ILE L 145 51.27 -15.22 -9.01
N GLY L 146 52.29 -15.02 -9.84
CA GLY L 146 53.66 -15.04 -9.39
C GLY L 146 54.32 -16.40 -9.41
N HIS L 147 53.58 -17.46 -9.75
CA HIS L 147 54.19 -18.78 -9.82
C HIS L 147 55.22 -18.80 -10.94
N PRO L 148 56.39 -19.42 -10.70
CA PRO L 148 57.43 -19.46 -11.75
C PRO L 148 57.06 -20.29 -12.98
N ILE L 149 56.00 -21.10 -12.91
CA ILE L 149 55.63 -21.90 -14.08
C ILE L 149 55.11 -21.00 -15.20
N PHE L 150 54.49 -19.87 -14.85
CA PHE L 150 54.01 -18.96 -15.89
C PHE L 150 55.17 -18.37 -16.68
N ASP L 151 56.27 -18.03 -16.01
CA ASP L 151 57.43 -17.51 -16.70
C ASP L 151 57.98 -18.52 -17.70
N ILE L 152 57.94 -19.81 -17.34
CA ILE L 152 58.36 -20.85 -18.27
C ILE L 152 57.39 -20.93 -19.44
N ILE L 153 56.09 -20.87 -19.15
CA ILE L 153 55.08 -20.87 -20.23
C ILE L 153 55.21 -19.63 -21.08
N ASN L 154 55.46 -18.47 -20.45
CA ASN L 154 55.51 -17.22 -21.18
C ASN L 154 56.76 -17.07 -22.03
N SER L 155 57.77 -17.92 -21.85
CA SER L 155 59.01 -17.84 -22.60
C SER L 155 58.98 -18.67 -23.87
N THR L 156 57.83 -19.25 -24.22
CA THR L 156 57.74 -20.15 -25.36
C THR L 156 57.48 -19.39 -26.65
N ASP L 157 57.71 -20.07 -27.77
CA ASP L 157 57.37 -19.55 -29.08
C ASP L 157 55.85 -19.61 -29.25
N PRO L 158 55.18 -18.48 -29.54
CA PRO L 158 53.71 -18.53 -29.62
C PRO L 158 53.16 -19.48 -30.66
N GLU L 159 53.86 -19.67 -31.79
CA GLU L 159 53.33 -20.54 -32.84
C GLU L 159 53.69 -22.00 -32.61
N ARG L 160 54.98 -22.30 -32.40
CA ARG L 160 55.43 -23.68 -32.43
C ARG L 160 55.28 -24.38 -31.08
N ASP L 161 55.40 -23.65 -29.97
CA ASP L 161 55.52 -24.26 -28.65
C ASP L 161 54.19 -24.36 -27.92
N TRP L 162 53.09 -24.59 -28.64
CA TRP L 162 51.82 -24.82 -27.96
C TRP L 162 51.86 -26.11 -27.13
N ASP L 163 52.59 -27.11 -27.60
CA ASP L 163 52.69 -28.37 -26.86
C ASP L 163 53.54 -28.25 -25.62
N LEU L 164 54.56 -27.38 -25.65
CA LEU L 164 55.36 -27.12 -24.46
C LEU L 164 54.54 -26.42 -23.39
N ARG L 165 53.71 -25.45 -23.80
CA ARG L 165 52.85 -24.74 -22.85
C ARG L 165 51.86 -25.70 -22.18
N LEU L 166 51.26 -26.59 -22.96
CA LEU L 166 50.33 -27.56 -22.39
C LEU L 166 51.05 -28.56 -21.50
N ALA L 167 52.28 -28.94 -21.86
CA ALA L 167 53.04 -29.87 -21.04
C ALA L 167 53.37 -29.27 -19.69
N CYS L 168 53.74 -27.98 -19.65
CA CYS L 168 54.00 -27.33 -18.38
C CYS L 168 52.74 -27.27 -17.53
N LEU L 169 51.60 -26.96 -18.14
CA LEU L 169 50.33 -26.97 -17.41
C LEU L 169 50.00 -28.38 -16.92
N LEU L 170 50.27 -29.38 -17.75
CA LEU L 170 49.95 -30.76 -17.39
C LEU L 170 50.79 -31.22 -16.20
N LEU L 171 52.10 -30.97 -16.24
CA LEU L 171 52.96 -31.33 -15.11
C LEU L 171 52.60 -30.54 -13.87
N PHE L 172 52.27 -29.25 -14.03
CA PHE L 172 51.83 -28.45 -12.90
C PHE L 172 50.54 -28.99 -12.32
N SER L 173 49.63 -29.47 -13.17
CA SER L 173 48.35 -29.99 -12.68
C SER L 173 48.53 -31.26 -11.88
N PHE L 174 49.47 -32.12 -12.29
CA PHE L 174 49.74 -33.34 -11.53
C PHE L 174 50.23 -33.03 -10.12
N ASP L 175 50.91 -31.89 -9.94
CA ASP L 175 51.45 -31.53 -8.64
C ASP L 175 50.40 -30.94 -7.71
N ARG L 176 49.25 -30.52 -8.23
CA ARG L 176 48.22 -29.92 -7.39
C ARG L 176 47.37 -31.01 -6.76
N GLU L 177 47.15 -30.90 -5.45
CA GLU L 177 46.42 -31.94 -4.72
C GLU L 177 44.96 -32.02 -5.16
N ASP L 178 44.32 -30.87 -5.36
CA ASP L 178 42.89 -30.84 -5.65
C ASP L 178 42.57 -30.99 -7.13
N HIS L 179 43.56 -30.94 -8.01
CA HIS L 179 43.29 -30.98 -9.45
C HIS L 179 42.78 -32.36 -9.86
N PHE L 180 41.84 -32.38 -10.80
CA PHE L 180 41.27 -33.63 -11.27
C PHE L 180 42.29 -34.50 -11.98
N TRP L 181 43.21 -33.89 -12.73
CA TRP L 181 44.19 -34.65 -13.48
C TRP L 181 45.23 -35.33 -12.60
N ARG L 182 45.27 -35.01 -11.31
CA ARG L 182 46.02 -35.84 -10.37
C ARG L 182 45.46 -37.25 -10.35
N LEU L 183 44.12 -37.37 -10.39
CA LEU L 183 43.47 -38.67 -10.47
C LEU L 183 43.45 -39.19 -11.91
N TYR L 184 43.09 -38.33 -12.85
CA TYR L 184 42.94 -38.75 -14.24
C TYR L 184 44.28 -39.10 -14.88
N GLY L 185 45.38 -38.54 -14.35
CA GLY L 185 46.69 -38.82 -14.90
C GLY L 185 47.11 -40.27 -14.80
N ASP L 186 46.52 -41.02 -13.87
CA ASP L 186 46.84 -42.44 -13.73
C ASP L 186 46.26 -43.30 -14.83
N PHE L 187 45.33 -42.77 -15.63
CA PHE L 187 44.80 -43.48 -16.78
C PHE L 187 45.41 -43.02 -18.09
N LEU L 188 46.39 -42.12 -18.03
CA LEU L 188 47.13 -41.74 -19.23
C LEU L 188 48.17 -42.80 -19.56
N PRO L 189 48.45 -43.02 -20.84
CA PRO L 189 49.49 -43.99 -21.20
C PRO L 189 50.84 -43.58 -20.65
N ALA L 190 51.62 -44.58 -20.23
CA ALA L 190 52.93 -44.33 -19.66
C ALA L 190 53.95 -44.06 -20.78
N ALA L 191 55.21 -43.88 -20.38
CA ALA L 191 56.25 -43.55 -21.35
C ALA L 191 56.50 -44.69 -22.33
N ASP L 192 56.31 -45.93 -21.90
CA ASP L 192 56.49 -47.09 -22.76
C ASP L 192 55.19 -47.55 -23.41
N GLU L 193 54.09 -46.83 -23.17
CA GLU L 193 52.80 -47.16 -23.76
C GLU L 193 52.27 -46.11 -24.71
N CYS L 194 52.75 -44.87 -24.62
CA CYS L 194 52.33 -43.82 -25.53
C CYS L 194 52.97 -44.01 -26.90
N SER L 195 52.18 -43.82 -27.95
CA SER L 195 52.63 -44.04 -29.32
C SER L 195 53.27 -42.82 -29.95
N SER L 196 53.39 -41.72 -29.20
CA SER L 196 54.02 -40.52 -29.74
C SER L 196 55.47 -40.80 -30.14
N LEU L 197 55.87 -40.25 -31.29
CA LEU L 197 57.22 -40.43 -31.79
C LEU L 197 58.25 -39.61 -31.03
N LEU L 198 57.83 -38.70 -30.15
CA LEU L 198 58.77 -38.02 -29.28
C LEU L 198 59.46 -39.01 -28.34
N LEU L 199 58.80 -40.11 -28.02
CA LEU L 199 59.37 -41.16 -27.18
C LEU L 199 60.13 -42.21 -27.99
N ALA L 200 60.14 -42.09 -29.32
CA ALA L 200 60.77 -43.10 -30.16
C ALA L 200 62.29 -42.97 -30.10
N THR L 201 62.95 -44.11 -30.01
CA THR L 201 64.41 -44.14 -30.09
C THR L 201 64.86 -43.99 -31.53
N GLU L 202 66.18 -43.81 -31.70
CA GLU L 202 66.73 -43.68 -33.05
C GLU L 202 66.52 -44.96 -33.85
N GLU L 203 66.47 -46.11 -33.18
CA GLU L 203 66.21 -47.37 -33.87
C GLU L 203 64.75 -47.48 -34.28
N ASP L 204 63.83 -46.92 -33.49
CA ASP L 204 62.43 -46.90 -33.87
C ASP L 204 62.21 -46.02 -35.10
N LEU L 205 62.91 -44.89 -35.17
CA LEU L 205 62.82 -44.04 -36.35
C LEU L 205 63.44 -44.67 -37.58
N ALA L 206 64.36 -45.62 -37.40
CA ALA L 206 64.94 -46.32 -38.53
C ALA L 206 63.94 -47.23 -39.24
N GLU L 207 62.84 -47.59 -38.55
CA GLU L 207 61.82 -48.45 -39.12
C GLU L 207 60.74 -47.67 -39.86
N LEU L 208 60.82 -46.34 -39.88
CA LEU L 208 59.79 -45.56 -40.56
C LEU L 208 59.95 -45.63 -42.07
N GLN L 209 61.20 -45.71 -42.55
CA GLN L 209 61.50 -45.67 -43.98
C GLN L 209 60.97 -44.38 -44.62
N ASP L 210 61.08 -43.28 -43.88
CA ASP L 210 60.64 -41.97 -44.37
C ASP L 210 61.59 -40.90 -43.84
N PRO L 211 62.60 -40.52 -44.63
CA PRO L 211 63.57 -39.52 -44.14
C PRO L 211 62.96 -38.19 -43.77
N GLN L 212 61.91 -37.75 -44.46
CA GLN L 212 61.29 -36.47 -44.12
C GLN L 212 60.62 -36.52 -42.75
N LEU L 213 59.89 -37.60 -42.46
CA LEU L 213 59.25 -37.74 -41.15
C LEU L 213 60.29 -37.90 -40.05
N VAL L 214 61.35 -38.67 -40.33
CA VAL L 214 62.39 -38.90 -39.32
C VAL L 214 63.05 -37.59 -38.92
N SER L 215 63.39 -36.75 -39.91
CA SER L 215 64.00 -35.46 -39.59
C SER L 215 63.03 -34.57 -38.83
N THR L 216 61.74 -34.63 -39.14
CA THR L 216 60.75 -33.85 -38.41
C THR L 216 60.70 -34.28 -36.94
N ILE L 217 60.73 -35.58 -36.68
CA ILE L 217 60.68 -36.08 -35.31
C ILE L 217 61.95 -35.70 -34.56
N ARG L 218 63.10 -35.80 -35.21
CA ARG L 218 64.37 -35.45 -34.54
C ARG L 218 64.39 -33.99 -34.13
N GLN L 219 63.83 -33.11 -34.97
CA GLN L 219 63.73 -31.70 -34.60
C GLN L 219 62.77 -31.51 -33.44
N GLN L 220 61.66 -32.26 -33.42
CA GLN L 220 60.72 -32.19 -32.31
C GLN L 220 61.38 -32.64 -31.01
N GLN L 221 62.11 -33.75 -31.04
CA GLN L 221 62.80 -34.22 -29.85
C GLN L 221 63.88 -33.24 -29.40
N LYS L 222 64.59 -32.63 -30.35
CA LYS L 222 65.60 -31.65 -30.01
C LYS L 222 64.98 -30.42 -29.38
N ARG L 223 63.86 -29.94 -29.93
CA ARG L 223 63.19 -28.76 -29.37
C ARG L 223 62.68 -29.02 -27.96
N VAL L 224 62.08 -30.19 -27.73
CA VAL L 224 61.54 -30.51 -26.42
C VAL L 224 62.65 -30.65 -25.39
N LEU L 225 63.74 -31.31 -25.76
CA LEU L 225 64.84 -31.53 -24.81
C LEU L 225 65.52 -30.21 -24.44
N GLU L 226 65.76 -29.35 -25.42
CA GLU L 226 66.43 -28.09 -25.14
C GLU L 226 65.59 -27.19 -24.24
N PHE L 227 64.26 -27.25 -24.37
CA PHE L 227 63.40 -26.47 -23.50
C PHE L 227 63.52 -26.93 -22.05
N TRP L 228 63.57 -28.24 -21.83
CA TRP L 228 63.73 -28.74 -20.46
C TRP L 228 65.08 -28.36 -19.88
N GLU L 229 66.14 -28.49 -20.67
CA GLU L 229 67.48 -28.16 -20.18
C GLU L 229 67.61 -26.68 -19.84
N LYS L 230 66.91 -25.82 -20.58
CA LYS L 230 66.99 -24.39 -20.33
C LYS L 230 66.20 -23.98 -19.09
N ASN L 231 65.02 -24.55 -18.89
CA ASN L 231 64.11 -24.12 -17.84
C ASN L 231 64.14 -25.00 -16.60
N TRP L 232 64.77 -26.17 -16.66
CA TRP L 232 64.86 -27.05 -15.50
C TRP L 232 66.31 -27.29 -15.12
N HIS L 233 67.10 -26.23 -15.07
CA HIS L 233 68.50 -26.35 -14.69
C HIS L 233 68.60 -26.43 -13.16
N SER L 234 69.82 -26.30 -12.64
CA SER L 234 70.04 -26.55 -11.22
C SER L 234 69.51 -25.42 -10.33
N GLY L 235 69.47 -24.20 -10.83
CA GLY L 235 69.09 -23.08 -10.00
C GLY L 235 67.61 -22.79 -9.86
N VAL L 236 66.75 -23.58 -10.49
CA VAL L 236 65.31 -23.31 -10.48
C VAL L 236 64.74 -23.69 -9.11
N PRO L 237 63.61 -23.12 -8.71
CA PRO L 237 63.04 -23.46 -7.40
C PRO L 237 62.58 -24.91 -7.33
N LEU L 238 62.43 -25.39 -6.09
CA LEU L 238 62.00 -26.77 -5.88
C LEU L 238 60.60 -27.02 -6.44
N LYS L 239 59.71 -26.03 -6.36
CA LYS L 239 58.37 -26.20 -6.92
C LYS L 239 58.41 -26.37 -8.44
N ILE L 240 59.53 -26.02 -9.08
CA ILE L 240 59.71 -26.29 -10.50
C ILE L 240 60.42 -27.61 -10.73
N LYS L 241 61.44 -27.91 -9.91
CA LYS L 241 62.18 -29.16 -10.07
C LYS L 241 61.28 -30.37 -9.96
N ARG L 242 60.37 -30.37 -8.98
CA ARG L 242 59.55 -31.55 -8.72
C ARG L 242 58.53 -31.82 -9.83
N LEU L 243 58.35 -30.88 -10.77
CA LEU L 243 57.44 -31.12 -11.88
C LEU L 243 58.07 -32.08 -12.89
N ALA L 244 59.28 -31.78 -13.36
CA ALA L 244 60.00 -32.59 -14.33
C ALA L 244 61.40 -32.82 -13.78
N GLU L 245 61.55 -33.87 -12.96
CA GLU L 245 62.84 -34.16 -12.36
C GLU L 245 63.83 -34.68 -13.39
N ASP L 246 63.35 -35.27 -14.48
CA ASP L 246 64.19 -35.78 -15.54
C ASP L 246 63.62 -35.33 -16.88
N ALA L 247 64.48 -35.37 -17.91
CA ALA L 247 64.04 -34.99 -19.25
C ALA L 247 62.94 -35.91 -19.75
N GLU L 248 63.03 -37.20 -19.46
CA GLU L 248 62.02 -38.16 -19.91
C GLU L 248 60.65 -37.83 -19.35
N ARG L 249 60.59 -37.32 -18.12
CA ARG L 249 59.31 -36.92 -17.55
C ARG L 249 58.69 -35.76 -18.33
N PHE L 250 59.51 -34.79 -18.73
CA PHE L 250 58.99 -33.67 -19.52
C PHE L 250 58.68 -34.09 -20.94
N ILE L 251 59.50 -34.97 -21.53
CA ILE L 251 59.23 -35.49 -22.86
C ILE L 251 57.90 -36.23 -22.87
N TRP L 252 57.64 -37.03 -21.83
CA TRP L 252 56.37 -37.72 -21.72
C TRP L 252 55.21 -36.74 -21.65
N ALA L 253 55.37 -35.65 -20.91
CA ALA L 253 54.31 -34.66 -20.80
C ALA L 253 54.02 -34.01 -22.15
N VAL L 254 55.07 -33.68 -22.91
CA VAL L 254 54.86 -33.13 -24.24
C VAL L 254 54.21 -34.16 -25.15
N SER L 255 54.56 -35.43 -25.00
CA SER L 255 53.92 -36.49 -25.77
C SER L 255 52.44 -36.56 -25.46
N ILE L 256 52.07 -36.47 -24.18
CA ILE L 256 50.66 -36.44 -23.81
C ILE L 256 49.99 -35.20 -24.39
N ALA L 257 50.69 -34.06 -24.35
CA ALA L 257 50.12 -32.83 -24.87
C ALA L 257 49.84 -32.93 -26.37
N GLN L 258 50.79 -33.47 -27.14
CA GLN L 258 50.59 -33.55 -28.58
C GLN L 258 49.50 -34.55 -28.95
N THR L 259 49.53 -35.74 -28.35
CA THR L 259 48.61 -36.80 -28.75
C THR L 259 47.20 -36.60 -28.24
N ARG L 260 46.99 -35.74 -27.25
CA ARG L 260 45.69 -35.61 -26.61
C ARG L 260 45.08 -34.22 -26.67
N CYS L 261 45.80 -33.22 -27.17
CA CYS L 261 45.26 -31.86 -27.20
C CYS L 261 44.12 -31.76 -28.21
N ILE L 262 43.05 -31.10 -27.80
CA ILE L 262 41.91 -30.81 -28.66
C ILE L 262 41.79 -29.30 -28.77
N SER L 263 41.88 -28.78 -29.99
CA SER L 263 41.79 -27.35 -30.23
C SER L 263 40.40 -27.01 -30.76
N MET L 264 39.74 -26.09 -30.07
CA MET L 264 38.39 -25.67 -30.45
C MET L 264 38.24 -24.17 -30.23
N LYS L 265 37.28 -23.59 -30.94
CA LYS L 265 36.83 -22.24 -30.66
C LYS L 265 35.69 -22.32 -29.65
N THR L 266 35.87 -21.67 -28.51
CA THR L 266 34.90 -21.72 -27.43
C THR L 266 34.50 -20.32 -27.02
N ARG L 267 33.28 -20.19 -26.50
CA ARG L 267 32.83 -18.97 -25.84
C ARG L 267 32.68 -19.29 -24.36
N ILE L 268 33.42 -18.56 -23.53
CA ILE L 268 33.32 -18.67 -22.08
C ILE L 268 32.79 -17.34 -21.58
N GLY L 269 31.57 -17.34 -21.05
CA GLY L 269 30.91 -16.10 -20.71
C GLY L 269 30.64 -15.25 -21.94
N ALA L 270 31.30 -14.10 -22.03
CA ALA L 270 31.21 -13.23 -23.18
C ALA L 270 32.47 -13.26 -24.05
N LEU L 271 33.47 -14.05 -23.68
CA LEU L 271 34.76 -14.06 -24.35
C LEU L 271 34.84 -15.26 -25.29
N VAL L 272 34.97 -15.00 -26.59
CA VAL L 272 35.15 -16.03 -27.60
C VAL L 272 36.62 -16.10 -27.95
N GLN L 273 37.20 -17.29 -27.89
CA GLN L 273 38.63 -17.45 -28.12
C GLN L 273 38.93 -18.88 -28.53
N ASP L 274 40.10 -19.06 -29.14
CA ASP L 274 40.59 -20.38 -29.49
C ASP L 274 41.42 -20.94 -28.34
N LEU L 275 41.18 -22.20 -28.00
CA LEU L 275 41.85 -22.84 -26.87
C LEU L 275 42.49 -24.15 -27.30
N ASN L 276 43.63 -24.44 -26.69
CA ASN L 276 44.21 -25.78 -26.71
C ASN L 276 43.82 -26.46 -25.41
N MET L 277 43.10 -27.57 -25.52
CA MET L 277 42.39 -28.15 -24.38
C MET L 277 42.83 -29.59 -24.13
N MET L 278 43.05 -29.90 -22.86
CA MET L 278 43.21 -31.29 -22.41
C MET L 278 41.90 -31.70 -21.77
N ILE L 279 41.12 -32.53 -22.47
CA ILE L 279 39.76 -32.83 -22.09
C ILE L 279 39.68 -34.30 -21.66
N PRO L 280 39.46 -34.59 -20.39
CA PRO L 280 39.34 -35.99 -19.95
C PRO L 280 38.10 -36.65 -20.53
N TYR L 281 38.24 -37.95 -20.79
CA TYR L 281 37.19 -38.85 -21.28
C TYR L 281 36.82 -38.58 -22.73
N ALA L 282 37.26 -37.44 -23.26
CA ALA L 282 37.12 -37.17 -24.68
C ALA L 282 38.40 -37.43 -25.44
N ASP L 283 39.54 -37.35 -24.75
CA ASP L 283 40.79 -37.83 -25.28
C ASP L 283 40.89 -39.34 -25.26
N MET L 284 39.80 -40.04 -24.92
CA MET L 284 39.72 -41.48 -25.10
C MET L 284 39.02 -41.88 -26.39
N LEU L 285 38.43 -40.92 -27.10
CA LEU L 285 37.85 -41.20 -28.41
C LEU L 285 38.97 -41.40 -29.43
N ASN L 286 38.89 -42.49 -30.18
CA ASN L 286 39.89 -42.73 -31.20
C ASN L 286 39.54 -41.96 -32.47
N HIS L 287 40.51 -41.90 -33.38
CA HIS L 287 40.36 -41.13 -34.60
C HIS L 287 39.74 -41.99 -35.71
N SER L 288 38.90 -41.35 -36.53
CA SER L 288 38.42 -41.95 -37.77
C SER L 288 38.17 -40.82 -38.76
N PHE L 289 38.51 -41.08 -40.03
CA PHE L 289 38.19 -40.14 -41.09
C PHE L 289 36.75 -40.24 -41.55
N GLU L 290 36.00 -41.22 -41.03
CA GLU L 290 34.55 -41.29 -41.20
C GLU L 290 33.94 -41.44 -39.81
N PRO L 291 34.05 -40.40 -38.97
CA PRO L 291 33.65 -40.55 -37.58
C PRO L 291 32.14 -40.63 -37.44
N ASN L 292 31.70 -41.27 -36.35
CA ASN L 292 30.30 -41.30 -35.98
C ASN L 292 29.99 -40.31 -34.86
N CYS L 293 30.96 -39.50 -34.44
CA CYS L 293 30.76 -38.53 -33.37
C CYS L 293 31.52 -37.26 -33.70
N PHE L 294 31.10 -36.17 -33.04
CA PHE L 294 31.81 -34.91 -33.15
C PHE L 294 31.70 -34.16 -31.82
N LEU L 295 32.63 -33.25 -31.60
CA LEU L 295 32.69 -32.47 -30.38
C LEU L 295 31.93 -31.16 -30.55
N HIS L 296 31.22 -30.74 -29.50
CA HIS L 296 30.42 -29.53 -29.54
C HIS L 296 30.52 -28.84 -28.19
N TRP L 297 31.02 -27.61 -28.18
CA TRP L 297 31.10 -26.83 -26.95
C TRP L 297 29.75 -26.21 -26.64
N ARG L 298 29.26 -26.43 -25.42
CA ARG L 298 28.02 -25.82 -24.98
C ARG L 298 28.35 -24.63 -24.09
N PRO L 299 28.32 -23.40 -24.61
CA PRO L 299 28.79 -22.26 -23.82
C PRO L 299 28.00 -21.99 -22.55
N LYS L 300 26.69 -22.26 -22.55
CA LYS L 300 25.84 -21.77 -21.47
C LYS L 300 26.20 -22.40 -20.13
N ASP L 301 26.50 -23.69 -20.10
CA ASP L 301 26.91 -24.36 -18.88
C ASP L 301 28.35 -24.82 -18.90
N ARG L 302 29.11 -24.43 -19.92
CA ARG L 302 30.53 -24.77 -20.05
C ARG L 302 30.75 -26.29 -19.99
N ILE L 303 30.11 -26.97 -20.93
CA ILE L 303 30.22 -28.43 -21.04
C ILE L 303 30.61 -28.77 -22.46
N LEU L 304 31.62 -29.62 -22.61
CA LEU L 304 31.94 -30.18 -23.92
C LEU L 304 31.02 -31.37 -24.18
N GLU L 305 30.32 -31.33 -25.31
CA GLU L 305 29.44 -32.41 -25.71
C GLU L 305 30.12 -33.26 -26.76
N VAL L 306 30.04 -34.58 -26.59
CA VAL L 306 30.35 -35.53 -27.64
C VAL L 306 29.02 -35.95 -28.25
N MET L 307 28.81 -35.59 -29.51
CA MET L 307 27.53 -35.79 -30.18
C MET L 307 27.71 -36.78 -31.32
N SER L 308 26.88 -37.80 -31.36
CA SER L 308 26.85 -38.70 -32.51
C SER L 308 26.17 -38.02 -33.68
N ASN L 309 26.57 -38.41 -34.90
CA ASN L 309 26.04 -37.78 -36.09
C ASN L 309 24.53 -37.96 -36.17
N ALA L 310 23.84 -36.87 -36.54
CA ALA L 310 22.39 -36.90 -36.62
C ALA L 310 21.93 -37.87 -37.70
N GLY L 311 20.98 -38.73 -37.35
CA GLY L 311 20.43 -39.68 -38.28
C GLY L 311 21.26 -40.93 -38.49
N GLN L 312 22.40 -41.06 -37.81
CA GLN L 312 23.29 -42.20 -37.99
C GLN L 312 23.05 -43.22 -36.90
N ALA L 313 22.74 -44.46 -37.29
CA ALA L 313 22.55 -45.54 -36.34
C ALA L 313 23.89 -46.13 -35.93
N ILE L 314 24.08 -46.32 -34.63
CA ILE L 314 25.32 -46.87 -34.08
C ILE L 314 24.99 -48.16 -33.37
N LYS L 315 25.68 -49.24 -33.74
CA LYS L 315 25.39 -50.56 -33.21
C LYS L 315 26.09 -50.75 -31.87
N LYS L 316 25.58 -51.70 -31.08
CA LYS L 316 26.22 -52.06 -29.83
C LYS L 316 27.62 -52.61 -30.10
N GLY L 317 28.60 -52.11 -29.34
CA GLY L 317 29.97 -52.51 -29.51
C GLY L 317 30.75 -51.69 -30.52
N GLU L 318 30.07 -50.91 -31.35
CA GLU L 318 30.76 -50.06 -32.31
C GLU L 318 31.56 -48.99 -31.58
N GLU L 319 32.77 -48.75 -32.05
CA GLU L 319 33.63 -47.76 -31.42
C GLU L 319 33.16 -46.36 -31.78
N MET L 320 33.21 -45.47 -30.79
CA MET L 320 32.85 -44.07 -31.00
C MET L 320 34.11 -43.29 -31.35
N THR L 321 34.07 -42.58 -32.47
CA THR L 321 35.25 -41.95 -33.02
C THR L 321 34.96 -40.51 -33.43
N ILE L 322 36.01 -39.70 -33.44
CA ILE L 322 35.97 -38.33 -33.93
C ILE L 322 37.09 -38.16 -34.92
N ASN L 323 37.02 -37.08 -35.69
CA ASN L 323 38.05 -36.75 -36.66
C ASN L 323 39.06 -35.82 -35.98
N TYR L 324 40.24 -36.36 -35.63
CA TYR L 324 41.27 -35.54 -35.02
C TYR L 324 41.73 -34.43 -35.95
N MET L 325 41.98 -34.76 -37.20
CA MET L 325 42.70 -33.89 -38.13
C MET L 325 42.11 -34.01 -39.52
N PRO L 326 41.07 -33.24 -39.83
CA PRO L 326 40.50 -33.29 -41.18
C PRO L 326 41.52 -32.86 -42.22
N GLY L 327 41.56 -33.62 -43.33
CA GLY L 327 42.39 -33.27 -44.45
C GLY L 327 43.87 -33.52 -44.29
N GLN L 328 44.29 -34.28 -43.27
CA GLN L 328 45.71 -34.46 -42.98
C GLN L 328 46.17 -35.85 -43.38
N LYS L 329 47.40 -35.92 -43.88
CA LYS L 329 47.99 -37.17 -44.32
C LYS L 329 48.52 -37.97 -43.14
N ASN L 330 48.94 -39.20 -43.41
CA ASN L 330 49.40 -40.09 -42.35
C ASN L 330 50.68 -39.58 -41.71
N ASN L 331 51.57 -38.94 -42.48
CA ASN L 331 52.78 -38.39 -41.90
C ASN L 331 52.47 -37.26 -40.92
N MET L 332 51.37 -36.55 -41.13
CA MET L 332 50.93 -35.57 -40.14
C MET L 332 50.31 -36.24 -38.93
N LEU L 333 49.54 -37.32 -39.15
CA LEU L 333 49.01 -38.09 -38.03
C LEU L 333 50.12 -38.73 -37.21
N MET L 334 51.20 -39.15 -37.88
CA MET L 334 52.33 -39.74 -37.16
C MET L 334 53.09 -38.69 -36.37
N GLU L 335 53.27 -37.50 -36.93
CA GLU L 335 54.00 -36.44 -36.24
C GLU L 335 53.25 -35.97 -34.99
N ARG L 336 51.93 -35.87 -35.07
CA ARG L 336 51.14 -35.32 -33.98
C ARG L 336 50.70 -36.41 -33.00
N TYR L 337 50.05 -37.45 -33.49
CA TYR L 337 49.43 -38.45 -32.64
C TYR L 337 50.17 -39.77 -32.60
N GLY L 338 51.21 -39.93 -33.41
CA GLY L 338 51.96 -41.18 -33.41
C GLY L 338 51.16 -42.38 -33.86
N PHE L 339 50.35 -42.22 -34.92
CA PHE L 339 49.66 -43.35 -35.52
C PHE L 339 49.36 -42.99 -36.96
N SER L 340 49.01 -44.01 -37.74
CA SER L 340 48.63 -43.84 -39.13
C SER L 340 47.47 -44.79 -39.44
N THR L 341 46.78 -44.50 -40.55
CA THR L 341 45.67 -45.34 -40.99
C THR L 341 45.89 -45.76 -42.42
N PRO L 342 45.58 -47.02 -42.76
CA PRO L 342 45.69 -47.45 -44.16
C PRO L 342 44.59 -46.90 -45.05
N VAL L 343 43.52 -46.36 -44.47
CA VAL L 343 42.39 -45.86 -45.24
C VAL L 343 42.31 -44.34 -45.14
N ASN L 344 43.47 -43.70 -45.00
CA ASN L 344 43.51 -42.23 -44.97
C ASN L 344 43.11 -41.70 -46.34
N PRO L 345 42.03 -40.93 -46.45
CA PRO L 345 41.59 -40.44 -47.76
C PRO L 345 42.40 -39.26 -48.28
N TRP L 346 43.41 -38.82 -47.56
CA TRP L 346 44.22 -37.67 -47.96
C TRP L 346 45.66 -38.03 -48.25
N ASP L 347 46.04 -39.30 -48.09
CA ASP L 347 47.40 -39.71 -48.40
C ASP L 347 47.67 -39.55 -49.89
N ALA L 348 48.91 -39.17 -50.20
CA ALA L 348 49.31 -38.87 -51.57
C ALA L 348 50.51 -39.71 -51.96
N ILE L 349 50.64 -39.96 -53.25
CA ILE L 349 51.75 -40.72 -53.80
C ILE L 349 52.35 -39.93 -54.96
N PRO L 350 53.67 -39.76 -55.01
CA PRO L 350 54.29 -38.95 -56.07
C PRO L 350 54.34 -39.70 -57.39
N PHE L 351 53.49 -39.30 -58.33
CA PHE L 351 53.53 -39.80 -59.69
C PHE L 351 54.20 -38.79 -60.61
N SER L 352 54.68 -39.28 -61.75
CA SER L 352 55.36 -38.42 -62.70
C SER L 352 54.39 -37.53 -63.47
N GLY L 353 53.15 -37.98 -63.66
CA GLY L 353 52.19 -37.26 -64.47
C GLY L 353 52.27 -37.53 -65.96
N ASP L 354 53.16 -38.41 -66.39
CA ASP L 354 53.24 -38.75 -67.81
C ASP L 354 51.99 -39.48 -68.27
N SER L 355 51.47 -40.39 -67.46
CA SER L 355 50.26 -41.15 -67.78
C SER L 355 49.14 -40.71 -66.86
N ARG L 356 47.97 -40.44 -67.45
CA ARG L 356 46.81 -39.97 -66.70
C ARG L 356 45.59 -40.79 -67.08
N ILE L 357 44.71 -41.00 -66.09
CA ILE L 357 43.45 -41.70 -66.31
C ILE L 357 42.32 -40.68 -66.28
N HIS L 358 41.13 -41.13 -66.65
CA HIS L 358 39.96 -40.27 -66.73
C HIS L 358 39.37 -40.14 -65.33
N LEU L 359 39.38 -38.93 -64.78
CA LEU L 359 38.89 -38.72 -63.43
C LEU L 359 37.42 -39.06 -63.29
N ASN L 360 36.60 -38.65 -64.28
CA ASN L 360 35.17 -38.90 -64.18
C ASN L 360 34.86 -40.39 -64.21
N SER L 361 35.56 -41.14 -65.09
CA SER L 361 35.34 -42.58 -65.16
C SER L 361 35.76 -43.27 -63.88
N PHE L 362 36.93 -42.90 -63.34
CA PHE L 362 37.41 -43.53 -62.11
C PHE L 362 36.44 -43.30 -60.95
N LEU L 363 35.90 -42.08 -60.83
CA LEU L 363 34.96 -41.79 -59.77
C LEU L 363 33.66 -42.56 -59.93
N SER L 364 33.17 -42.67 -61.17
CA SER L 364 31.89 -43.36 -61.40
C SER L 364 32.03 -44.87 -61.30
N VAL L 365 33.18 -45.41 -61.67
CA VAL L 365 33.40 -46.85 -61.55
C VAL L 365 33.30 -47.29 -60.10
N PHE L 366 33.86 -46.51 -59.18
CA PHE L 366 33.87 -46.85 -57.77
C PHE L 366 32.79 -46.14 -56.98
N ASN L 367 31.85 -45.47 -57.67
CA ASN L 367 30.73 -44.77 -57.02
C ASN L 367 31.22 -43.72 -56.03
N ILE L 368 32.26 -42.99 -56.40
CA ILE L 368 32.75 -41.87 -55.60
C ILE L 368 32.07 -40.60 -56.10
N PHE L 369 31.26 -39.98 -55.25
CA PHE L 369 30.47 -38.82 -55.61
C PHE L 369 30.94 -37.60 -54.82
N GLY L 370 30.35 -36.45 -55.14
CA GLY L 370 30.69 -35.21 -54.49
C GLY L 370 31.83 -34.49 -55.17
N LEU L 371 32.11 -33.30 -54.66
CA LEU L 371 33.22 -32.49 -55.15
C LEU L 371 34.54 -33.06 -54.66
N PRO L 372 35.65 -32.70 -55.32
CA PRO L 372 36.95 -33.29 -54.93
C PRO L 372 37.31 -33.14 -53.46
N GLU L 373 36.98 -31.99 -52.86
CA GLU L 373 37.29 -31.77 -51.44
C GLU L 373 36.31 -32.45 -50.51
N GLU L 374 35.24 -33.06 -51.03
CA GLU L 374 34.25 -33.74 -50.21
C GLU L 374 33.86 -35.07 -50.84
N TYR L 375 34.85 -35.80 -51.36
CA TYR L 375 34.60 -37.11 -51.93
C TYR L 375 34.04 -38.07 -50.89
N TYR L 376 33.09 -38.91 -51.31
CA TYR L 376 32.55 -39.92 -50.44
C TYR L 376 32.11 -41.12 -51.27
N HIS L 377 31.98 -42.26 -50.61
CA HIS L 377 31.54 -43.49 -51.25
C HIS L 377 30.07 -43.74 -50.91
N ASP L 378 29.29 -44.06 -51.93
CA ASP L 378 27.86 -44.27 -51.75
C ASP L 378 27.59 -45.57 -50.99
N PHE L 387 35.09 -53.08 -51.66
CA PHE L 387 36.46 -52.73 -52.02
C PHE L 387 36.74 -51.25 -51.77
N VAL L 388 35.77 -50.40 -52.15
CA VAL L 388 35.99 -48.96 -52.06
C VAL L 388 36.03 -48.53 -50.60
N ASP L 389 37.08 -47.81 -50.24
CA ASP L 389 37.24 -47.25 -48.90
C ASP L 389 38.03 -45.95 -49.04
N GLY L 390 38.58 -45.47 -47.92
CA GLY L 390 39.33 -44.23 -47.96
C GLY L 390 40.54 -44.26 -48.85
N ALA L 391 41.12 -45.43 -49.08
CA ALA L 391 42.29 -45.52 -49.94
C ALA L 391 41.95 -45.27 -51.40
N VAL L 392 40.77 -45.73 -51.84
CA VAL L 392 40.35 -45.46 -53.21
C VAL L 392 40.01 -43.99 -53.40
N ILE L 393 39.40 -43.37 -52.39
CA ILE L 393 39.16 -41.93 -52.42
C ILE L 393 40.49 -41.19 -52.48
N ALA L 394 41.45 -41.62 -51.66
CA ALA L 394 42.78 -41.03 -51.73
C ALA L 394 43.41 -41.26 -53.10
N ALA L 395 43.16 -42.43 -53.69
CA ALA L 395 43.68 -42.71 -55.03
C ALA L 395 43.11 -41.74 -56.05
N ALA L 396 41.83 -41.41 -55.94
CA ALA L 396 41.21 -40.47 -56.87
C ALA L 396 41.87 -39.10 -56.77
N ARG L 397 42.19 -38.66 -55.56
CA ARG L 397 42.81 -37.35 -55.36
C ARG L 397 44.29 -37.34 -55.73
N THR L 398 44.98 -38.47 -55.65
CA THR L 398 46.42 -38.48 -55.87
C THR L 398 46.84 -39.01 -57.23
N LEU L 399 46.00 -39.79 -57.90
CA LEU L 399 46.35 -40.28 -59.22
C LEU L 399 46.38 -39.14 -60.23
N PRO L 400 47.28 -39.20 -61.22
CA PRO L 400 47.22 -38.24 -62.32
C PRO L 400 45.95 -38.45 -63.12
N THR L 401 45.20 -37.36 -63.29
CA THR L 401 43.90 -37.43 -63.93
C THR L 401 43.76 -36.33 -64.97
N TRP L 402 42.94 -36.60 -65.98
CA TRP L 402 42.55 -35.61 -66.97
C TRP L 402 41.03 -35.54 -67.02
N SER L 403 40.53 -34.41 -67.50
CA SER L 403 39.09 -34.19 -67.61
C SER L 403 38.84 -33.09 -68.62
N ASP L 404 37.90 -33.31 -69.53
CA ASP L 404 37.58 -32.40 -70.61
C ASP L 404 36.08 -32.19 -70.69
N ILE L 405 35.48 -31.85 -69.55
CA ILE L 405 34.04 -31.62 -69.40
C ILE L 405 33.31 -32.94 -69.59
N ASP L 406 32.95 -33.27 -70.83
CA ASP L 406 32.22 -34.50 -71.12
C ASP L 406 32.85 -35.32 -72.24
N LEU L 407 34.11 -35.07 -72.55
CA LEU L 407 34.80 -35.90 -73.53
C LEU L 407 35.00 -37.30 -72.96
N PRO L 408 34.61 -38.35 -73.68
CA PRO L 408 34.78 -39.71 -73.16
C PRO L 408 36.19 -40.21 -73.38
N PRO L 409 36.66 -41.14 -72.56
CA PRO L 409 38.01 -41.68 -72.73
C PRO L 409 38.05 -42.88 -73.67
N ILE L 410 39.08 -42.91 -74.50
CA ILE L 410 39.30 -44.06 -75.39
C ILE L 410 39.80 -45.24 -74.56
N PRO L 411 39.18 -46.42 -74.65
CA PRO L 411 39.59 -47.54 -73.79
C PRO L 411 41.03 -47.99 -74.01
N SER L 412 41.52 -47.97 -75.25
CA SER L 412 42.87 -48.46 -75.51
C SER L 412 43.93 -47.48 -75.01
N ALA L 413 43.63 -46.18 -75.02
CA ALA L 413 44.56 -45.20 -74.49
C ALA L 413 44.55 -45.19 -72.97
N GLU L 414 43.42 -45.51 -72.35
CA GLU L 414 43.36 -45.57 -70.90
C GLU L 414 44.09 -46.79 -70.36
N ARG L 415 44.12 -47.89 -71.13
CA ARG L 415 44.83 -49.08 -70.68
C ARG L 415 46.34 -48.85 -70.64
N LYS L 416 46.86 -48.07 -71.60
CA LYS L 416 48.28 -47.72 -71.56
C LYS L 416 48.60 -46.91 -70.31
N ALA L 417 47.74 -45.96 -69.95
CA ALA L 417 47.96 -45.17 -68.75
C ALA L 417 47.88 -46.03 -67.49
N VAL L 418 46.85 -46.88 -67.41
CA VAL L 418 46.71 -47.75 -66.24
C VAL L 418 47.91 -48.68 -66.11
N LYS L 419 48.37 -49.24 -67.24
CA LYS L 419 49.55 -50.10 -67.21
C LYS L 419 50.78 -49.34 -66.75
N GLU L 420 50.97 -48.12 -67.25
CA GLU L 420 52.12 -47.33 -66.86
C GLU L 420 52.02 -46.83 -65.42
N LEU L 421 50.81 -46.54 -64.94
CA LEU L 421 50.65 -46.15 -63.54
C LEU L 421 50.92 -47.32 -62.60
N GLN L 422 50.53 -48.53 -63.00
CA GLN L 422 50.80 -49.70 -62.17
C GLN L 422 52.28 -50.01 -62.10
N ASP L 423 53.00 -49.82 -63.21
CA ASP L 423 54.45 -50.02 -63.19
C ASP L 423 55.13 -49.05 -62.24
N GLU L 424 54.69 -47.78 -62.23
CA GLU L 424 55.25 -46.81 -61.32
C GLU L 424 54.87 -47.11 -59.87
N CYS L 425 53.70 -47.70 -59.66
CA CYS L 425 53.31 -48.13 -58.32
C CYS L 425 54.19 -49.28 -57.83
N ARG L 426 54.52 -50.21 -58.72
CA ARG L 426 55.39 -51.32 -58.34
C ARG L 426 56.83 -50.86 -58.17
N LYS L 427 57.25 -49.86 -58.93
CA LYS L 427 58.58 -49.30 -58.76
C LYS L 427 58.75 -48.71 -57.36
N MET L 428 57.69 -48.17 -56.78
CA MET L 428 57.78 -47.60 -55.44
C MET L 428 57.67 -48.66 -54.36
N LEU L 429 56.90 -49.73 -54.60
CA LEU L 429 56.90 -50.85 -53.65
C LEU L 429 58.25 -51.53 -53.59
N ALA L 430 58.97 -51.55 -54.72
CA ALA L 430 60.30 -52.15 -54.75
C ALA L 430 61.35 -51.31 -54.03
N GLU L 431 61.01 -50.08 -53.65
CA GLU L 431 61.94 -49.28 -52.85
C GLU L 431 62.02 -49.77 -51.43
N TYR L 432 60.95 -50.37 -50.91
CA TYR L 432 60.93 -50.88 -49.56
C TYR L 432 61.61 -52.25 -49.50
N PRO L 433 62.53 -52.48 -48.56
CA PRO L 433 63.17 -53.80 -48.48
C PRO L 433 62.20 -54.93 -48.23
N THR L 434 61.14 -54.70 -47.46
CA THR L 434 60.12 -55.70 -47.18
C THR L 434 58.81 -55.31 -47.86
N THR L 435 57.83 -56.20 -47.74
CA THR L 435 56.50 -55.99 -48.29
C THR L 435 55.50 -55.75 -47.17
N SER L 436 54.25 -55.53 -47.57
CA SER L 436 53.21 -55.22 -46.59
C SER L 436 52.88 -56.43 -45.72
N GLU L 437 52.80 -57.62 -46.32
CA GLU L 437 52.45 -58.80 -45.53
C GLU L 437 53.63 -59.28 -44.69
N GLN L 438 54.86 -59.03 -45.13
CA GLN L 438 56.01 -59.33 -44.29
C GLN L 438 56.07 -58.43 -43.07
N ASP L 439 55.69 -57.16 -43.23
CA ASP L 439 55.58 -56.27 -42.08
C ASP L 439 54.44 -56.71 -41.16
N GLN L 440 53.33 -57.17 -41.72
CA GLN L 440 52.21 -57.62 -40.91
C GLN L 440 52.57 -58.85 -40.08
N LYS L 441 53.33 -59.79 -40.66
CA LYS L 441 53.74 -60.95 -39.90
C LYS L 441 54.85 -60.61 -38.91
N LEU L 442 55.66 -59.59 -39.21
CA LEU L 442 56.64 -59.11 -38.24
C LEU L 442 55.95 -58.56 -37.00
N LEU L 443 54.87 -57.81 -37.19
CA LEU L 443 54.11 -57.28 -36.06
C LEU L 443 53.50 -58.39 -35.21
N ASP L 444 53.08 -59.49 -35.84
CA ASP L 444 52.53 -60.61 -35.09
C ASP L 444 53.61 -61.39 -34.35
N SER L 445 54.84 -61.38 -34.86
CA SER L 445 55.94 -62.12 -34.24
C SER L 445 56.62 -61.35 -33.12
N LEU L 446 56.27 -60.09 -32.91
CA LEU L 446 56.92 -59.29 -31.88
C LEU L 446 56.59 -59.81 -30.49
N SER L 447 57.58 -59.74 -29.60
CA SER L 447 57.37 -60.08 -28.20
C SER L 447 57.93 -59.09 -27.20
N GLU L 448 58.93 -58.28 -27.58
CA GLU L 448 59.54 -57.31 -26.69
C GLU L 448 59.77 -56.00 -27.43
N ALA L 449 58.78 -55.57 -28.21
CA ALA L 449 58.91 -54.39 -29.06
C ALA L 449 58.32 -53.17 -28.36
N ARG L 450 59.02 -52.05 -28.48
CA ARG L 450 58.51 -50.78 -27.98
C ARG L 450 57.25 -50.39 -28.75
N THR L 451 56.40 -49.58 -28.11
CA THR L 451 55.17 -49.13 -28.74
C THR L 451 55.48 -48.35 -30.02
N THR L 452 56.53 -47.52 -29.99
CA THR L 452 56.88 -46.72 -31.16
C THR L 452 57.46 -47.58 -32.28
N PHE L 453 58.14 -48.68 -31.94
CA PHE L 453 58.64 -49.57 -32.97
C PHE L 453 57.49 -50.15 -33.80
N ALA L 454 56.46 -50.66 -33.12
CA ALA L 454 55.30 -51.20 -33.81
C ALA L 454 54.59 -50.09 -34.58
N THR L 455 54.52 -48.90 -34.01
CA THR L 455 53.93 -47.76 -34.71
C THR L 455 54.72 -47.44 -35.99
N ALA L 456 56.04 -47.49 -35.92
CA ALA L 456 56.86 -47.24 -37.10
C ALA L 456 56.63 -48.30 -38.17
N VAL L 457 56.49 -49.56 -37.77
CA VAL L 457 56.25 -50.62 -38.74
C VAL L 457 54.85 -50.49 -39.34
N LYS L 458 53.85 -50.19 -38.51
CA LYS L 458 52.50 -49.99 -39.03
C LYS L 458 52.45 -48.85 -40.03
N TYR L 459 53.27 -47.81 -39.82
CA TYR L 459 53.26 -46.67 -40.72
C TYR L 459 53.73 -47.06 -42.12
N ARG L 460 54.88 -47.72 -42.21
CA ARG L 460 55.40 -48.13 -43.52
C ARG L 460 54.53 -49.21 -44.15
N MET L 461 53.94 -50.08 -43.33
CA MET L 461 53.04 -51.10 -43.85
C MET L 461 51.77 -50.48 -44.43
N HIS L 462 51.24 -49.45 -43.77
CA HIS L 462 50.05 -48.78 -44.28
C HIS L 462 50.31 -48.13 -45.63
N ARG L 463 51.48 -47.50 -45.79
CA ARG L 463 51.82 -46.91 -47.07
C ARG L 463 51.94 -47.96 -48.17
N LYS L 464 52.52 -49.12 -47.85
CA LYS L 464 52.56 -50.21 -48.80
C LYS L 464 51.17 -50.72 -49.13
N MET L 465 50.29 -50.82 -48.12
CA MET L 465 48.92 -51.22 -48.36
C MET L 465 48.19 -50.20 -49.24
N PHE L 466 48.52 -48.92 -49.10
CA PHE L 466 47.90 -47.89 -49.91
C PHE L 466 48.34 -48.00 -51.37
N ILE L 467 49.64 -48.19 -51.60
CA ILE L 467 50.14 -48.35 -52.96
C ILE L 467 49.59 -49.63 -53.59
N GLY L 468 49.49 -50.70 -52.80
CA GLY L 468 48.90 -51.93 -53.29
C GLY L 468 47.43 -51.78 -53.61
N LYS L 469 46.71 -50.97 -52.82
CA LYS L 469 45.30 -50.72 -53.10
C LYS L 469 45.13 -49.98 -54.43
N ILE L 470 46.06 -49.08 -54.75
CA ILE L 470 45.99 -48.35 -56.01
C ILE L 470 46.14 -49.30 -57.19
N ILE L 471 47.06 -50.26 -57.09
CA ILE L 471 47.25 -51.22 -58.17
C ILE L 471 45.98 -52.06 -58.37
N LYS L 472 45.33 -52.44 -57.29
CA LYS L 472 44.07 -53.18 -57.41
C LYS L 472 42.97 -52.30 -57.98
N ALA L 473 42.88 -51.05 -57.52
CA ALA L 473 41.84 -50.14 -58.02
C ALA L 473 42.02 -49.87 -59.50
N LEU L 474 43.27 -49.69 -59.95
CA LEU L 474 43.51 -49.45 -61.37
C LEU L 474 43.14 -50.67 -62.20
N ASP L 475 43.40 -51.88 -61.69
CA ASP L 475 43.02 -53.09 -62.41
C ASP L 475 41.50 -53.20 -62.55
N ILE L 476 40.77 -52.89 -61.48
CA ILE L 476 39.31 -52.94 -61.54
C ILE L 476 38.80 -51.85 -62.49
N TYR L 477 39.35 -50.65 -62.38
CA TYR L 477 38.92 -49.55 -63.24
C TYR L 477 39.17 -49.85 -64.71
N GLN L 478 40.32 -50.45 -65.01
CA GLN L 478 40.66 -50.76 -66.40
C GLN L 478 39.67 -51.73 -67.02
N GLU L 479 39.14 -52.66 -66.24
CA GLU L 479 38.21 -53.66 -66.75
C GLU L 479 36.77 -53.16 -66.78
N ARG L 480 36.36 -52.39 -65.77
CA ARG L 480 35.02 -51.82 -65.75
C ARG L 480 34.82 -50.71 -66.77
N LEU L 481 35.84 -50.40 -67.58
CA LEU L 481 35.73 -49.41 -68.63
C LEU L 481 35.36 -50.03 -69.97
N LEU L 482 34.69 -51.17 -69.96
CA LEU L 482 34.30 -51.86 -71.19
C LEU L 482 32.79 -52.04 -71.27
N VAL M 131 68.51 -16.58 7.56
CA VAL M 131 68.53 -17.28 6.28
C VAL M 131 69.89 -17.94 6.07
N VAL M 132 69.90 -19.12 5.46
CA VAL M 132 71.12 -19.84 5.18
C VAL M 132 71.42 -19.72 3.69
N ASP M 133 72.68 -19.92 3.34
CA ASP M 133 73.16 -19.69 1.98
C ASP M 133 72.85 -20.85 1.03
N TYR M 134 72.40 -21.99 1.54
CA TYR M 134 72.24 -23.20 0.74
C TYR M 134 70.78 -23.65 0.75
N ARG M 135 70.50 -24.67 -0.06
CA ARG M 135 69.19 -25.31 -0.10
C ARG M 135 69.35 -26.76 0.29
N ILE M 136 68.62 -27.18 1.33
CA ILE M 136 68.79 -28.51 1.87
C ILE M 136 68.16 -29.55 0.95
N ASN M 137 68.60 -30.80 1.12
CA ASN M 137 67.99 -31.94 0.44
C ASN M 137 66.80 -32.40 1.29
N GLU M 138 65.59 -32.13 0.81
CA GLU M 138 64.41 -32.28 1.66
C GLU M 138 64.04 -33.73 1.95
N ASP M 139 64.63 -34.70 1.25
CA ASP M 139 64.30 -36.10 1.51
C ASP M 139 65.13 -36.69 2.65
N GLU M 140 66.06 -35.91 3.22
CA GLU M 140 66.76 -36.29 4.45
C GLU M 140 66.11 -35.67 5.68
N PHE M 141 64.90 -35.14 5.56
CA PHE M 141 64.24 -34.43 6.63
C PHE M 141 62.78 -34.84 6.73
N HIS M 142 62.24 -34.73 7.94
CA HIS M 142 60.79 -34.70 8.10
C HIS M 142 60.27 -33.36 7.60
N LYS M 143 59.26 -33.38 6.75
CA LYS M 143 58.59 -32.16 6.32
C LYS M 143 57.28 -32.04 7.06
N ILE M 144 57.15 -31.00 7.88
CA ILE M 144 55.95 -30.75 8.67
C ILE M 144 55.34 -29.45 8.19
N SER M 145 54.15 -29.54 7.61
CA SER M 145 53.48 -28.41 6.99
C SER M 145 52.46 -27.82 7.95
N LEU M 146 52.61 -26.54 8.25
CA LEU M 146 51.66 -25.81 9.06
C LEU M 146 51.04 -24.69 8.22
N LEU M 147 50.19 -23.89 8.86
CA LEU M 147 49.47 -22.86 8.13
C LEU M 147 50.41 -21.80 7.57
N ASP M 148 51.43 -21.41 8.34
CA ASP M 148 52.28 -20.28 7.99
C ASP M 148 53.73 -20.65 7.75
N CYS M 149 54.09 -21.93 7.82
CA CYS M 149 55.47 -22.32 7.63
C CYS M 149 55.55 -23.80 7.31
N ASP M 150 56.71 -24.20 6.80
CA ASP M 150 57.13 -25.59 6.71
C ASP M 150 58.29 -25.80 7.65
N PHE M 151 58.19 -26.80 8.51
CA PHE M 151 59.20 -27.09 9.51
C PHE M 151 59.95 -28.36 9.11
N PHE M 152 61.28 -28.29 9.13
CA PHE M 152 62.13 -29.39 8.71
C PHE M 152 62.99 -29.86 9.88
N ILE M 153 62.93 -31.16 10.16
CA ILE M 153 63.74 -31.79 11.18
C ILE M 153 64.44 -32.98 10.55
N ARG M 154 65.75 -33.11 10.79
CA ARG M 154 66.52 -34.15 10.15
C ARG M 154 65.99 -35.52 10.51
N LYS M 155 65.90 -36.40 9.51
CA LYS M 155 65.36 -37.74 9.69
C LYS M 155 66.47 -38.78 9.50
N PRO M 156 66.99 -39.37 10.56
CA PRO M 156 67.86 -40.53 10.41
C PRO M 156 67.11 -41.68 9.76
N PRO M 157 67.76 -42.47 8.91
CA PRO M 157 67.05 -43.56 8.23
C PRO M 157 66.50 -44.57 9.24
N ASP M 158 65.28 -45.02 8.99
CA ASP M 158 64.57 -45.93 9.88
C ASP M 158 63.35 -46.47 9.15
N PRO M 159 63.05 -47.77 9.28
CA PRO M 159 61.90 -48.33 8.55
C PRO M 159 60.58 -47.69 8.91
N ASP M 160 60.39 -47.27 10.17
CA ASP M 160 59.13 -46.66 10.58
C ASP M 160 59.07 -45.17 10.28
N ASN M 161 60.20 -44.53 9.95
CA ASN M 161 60.26 -43.12 9.57
C ASN M 161 59.72 -42.21 10.68
N ASP M 162 60.01 -42.57 11.94
CA ASP M 162 59.54 -41.78 13.07
C ASP M 162 60.67 -41.47 14.05
N VAL M 163 61.90 -41.41 13.56
CA VAL M 163 63.05 -41.03 14.36
C VAL M 163 63.46 -39.62 13.94
N TYR M 164 63.70 -38.76 14.93
CA TYR M 164 63.96 -37.35 14.70
C TYR M 164 65.33 -36.96 15.24
N ASP M 165 66.05 -36.16 14.47
CA ASP M 165 67.34 -35.59 14.88
C ASP M 165 67.14 -34.08 14.99
N PHE M 166 66.94 -33.61 16.21
CA PHE M 166 66.62 -32.20 16.46
C PHE M 166 67.83 -31.29 16.41
N ARG M 167 69.04 -31.83 16.22
CA ARG M 167 70.22 -30.99 16.16
C ARG M 167 70.20 -30.09 14.92
N GLU M 168 69.57 -30.51 13.84
CA GLU M 168 69.48 -29.73 12.62
C GLU M 168 68.00 -29.51 12.28
N MET M 169 67.55 -28.27 12.36
CA MET M 169 66.17 -27.92 12.07
C MET M 169 66.13 -26.64 11.24
N TYR M 170 65.13 -26.55 10.36
CA TYR M 170 64.94 -25.39 9.50
C TYR M 170 63.46 -25.05 9.44
N VAL M 171 63.18 -23.79 9.07
CA VAL M 171 61.82 -23.31 8.90
C VAL M 171 61.78 -22.46 7.62
N THR M 172 60.69 -22.60 6.87
CA THR M 172 60.52 -21.95 5.59
C THR M 172 59.11 -21.40 5.48
N PRO M 173 58.90 -20.34 4.72
CA PRO M 173 57.55 -19.98 4.32
C PRO M 173 56.94 -21.09 3.48
N PRO M 174 55.62 -21.24 3.53
CA PRO M 174 55.00 -22.42 2.91
C PRO M 174 55.28 -22.52 1.42
N ASP M 175 55.54 -23.75 0.97
CA ASP M 175 55.88 -24.08 -0.41
C ASP M 175 56.98 -23.17 -0.95
N THR M 176 58.11 -23.17 -0.25
CA THR M 176 59.26 -22.37 -0.62
C THR M 176 60.52 -23.15 -0.25
N ASP M 177 61.62 -22.80 -0.91
CA ASP M 177 62.89 -23.45 -0.61
C ASP M 177 63.94 -22.45 -0.15
N ILE M 178 63.55 -21.52 0.73
CA ILE M 178 64.47 -20.56 1.33
C ILE M 178 64.44 -20.81 2.84
N TYR M 179 65.51 -21.43 3.35
CA TYR M 179 65.50 -22.01 4.68
C TYR M 179 66.20 -21.09 5.68
N SER M 180 65.70 -21.09 6.92
CA SER M 180 66.27 -20.31 8.00
C SER M 180 66.13 -21.08 9.30
N VAL M 181 66.95 -20.72 10.27
CA VAL M 181 66.97 -21.41 11.56
C VAL M 181 65.75 -20.97 12.38
N PRO M 182 64.95 -21.90 12.88
CA PRO M 182 63.80 -21.52 13.71
C PRO M 182 64.23 -21.12 15.11
N ARG M 183 63.37 -20.35 15.76
CA ARG M 183 63.59 -19.99 17.15
C ARG M 183 63.39 -21.20 18.04
N VAL M 184 64.32 -21.43 18.96
CA VAL M 184 64.29 -22.57 19.86
C VAL M 184 64.11 -22.03 21.27
N LEU M 185 62.99 -22.35 21.89
CA LEU M 185 62.61 -21.80 23.18
C LEU M 185 62.84 -22.77 24.34
N ALA M 186 63.40 -23.94 24.08
CA ALA M 186 63.65 -24.92 25.12
C ALA M 186 64.84 -25.77 24.72
N PRO M 187 65.51 -26.41 25.68
CA PRO M 187 66.57 -27.36 25.30
C PRO M 187 66.01 -28.50 24.46
N MET M 188 66.73 -28.83 23.41
CA MET M 188 66.35 -29.84 22.45
C MET M 188 67.05 -31.16 22.73
N PRO M 189 66.45 -32.28 22.33
CA PRO M 189 67.12 -33.57 22.49
C PRO M 189 68.43 -33.61 21.71
N GLN M 190 69.45 -34.24 22.30
CA GLN M 190 70.76 -34.32 21.68
C GLN M 190 70.99 -35.61 20.91
N LYS M 191 70.39 -36.71 21.35
CA LYS M 191 70.44 -37.97 20.64
C LYS M 191 69.14 -38.21 19.89
N TYR M 192 69.15 -39.22 19.02
CA TYR M 192 67.94 -39.57 18.28
C TYR M 192 66.84 -40.02 19.23
N ILE M 193 65.62 -39.63 18.93
CA ILE M 193 64.45 -40.06 19.69
C ILE M 193 63.33 -40.41 18.71
N ARG M 194 62.49 -41.34 19.13
CA ARG M 194 61.34 -41.77 18.35
C ARG M 194 60.10 -41.02 18.85
N CYS M 195 59.37 -40.40 17.93
CA CYS M 195 58.25 -39.54 18.30
C CYS M 195 57.05 -39.83 17.41
N ALA M 196 55.87 -39.66 17.98
CA ALA M 196 54.61 -39.71 17.24
C ALA M 196 54.12 -38.29 17.01
N MET M 197 53.69 -38.01 15.78
CA MET M 197 53.32 -36.67 15.36
C MET M 197 51.81 -36.54 15.24
N SER M 198 51.26 -35.45 15.78
CA SER M 198 49.86 -35.11 15.63
C SER M 198 49.72 -33.61 15.50
N ASP M 199 48.79 -33.17 14.67
CA ASP M 199 48.60 -31.75 14.40
C ASP M 199 47.44 -31.18 15.20
N TYR M 200 47.48 -29.87 15.38
CA TYR M 200 46.54 -29.13 16.21
C TYR M 200 46.06 -27.91 15.45
N GLY M 201 44.74 -27.77 15.34
CA GLY M 201 44.20 -26.66 14.57
C GLY M 201 42.69 -26.64 14.48
N CYS M 202 42.17 -26.23 13.32
CA CYS M 202 40.74 -26.06 13.14
C CYS M 202 40.38 -26.31 11.68
N TYR M 203 39.08 -26.45 11.43
CA TYR M 203 38.54 -26.55 10.08
C TYR M 203 38.03 -25.18 9.65
N ASP M 204 38.44 -24.76 8.45
CA ASP M 204 37.92 -23.53 7.84
C ASP M 204 36.89 -23.96 6.81
N VAL M 205 35.64 -24.09 7.24
CA VAL M 205 34.53 -24.44 6.37
C VAL M 205 33.87 -23.14 5.93
N THR M 206 34.01 -22.81 4.67
CA THR M 206 33.48 -21.58 4.10
C THR M 206 32.45 -21.89 3.02
N GLU M 207 31.77 -20.83 2.57
CA GLU M 207 30.87 -20.89 1.42
C GLU M 207 31.38 -19.88 0.40
N PRO M 208 32.24 -20.30 -0.53
CA PRO M 208 32.86 -19.35 -1.45
C PRO M 208 31.85 -18.84 -2.46
N PRO M 209 32.11 -17.66 -3.04
CA PRO M 209 31.20 -17.16 -4.09
C PRO M 209 31.18 -18.09 -5.29
N ILE M 210 30.02 -18.17 -5.92
CA ILE M 210 29.77 -19.10 -7.02
C ILE M 210 29.94 -18.31 -8.32
N ASP M 211 31.13 -18.38 -8.91
CA ASP M 211 31.42 -17.66 -10.14
C ASP M 211 31.14 -18.51 -11.37
N ALA M 212 31.84 -19.63 -11.50
CA ALA M 212 31.70 -20.53 -12.64
C ALA M 212 30.53 -21.48 -12.44
N PRO M 213 30.00 -22.07 -13.50
CA PRO M 213 28.96 -23.09 -13.35
C PRO M 213 29.46 -24.27 -12.52
N ARG M 214 28.57 -24.80 -11.68
CA ARG M 214 28.86 -25.93 -10.79
C ARG M 214 29.97 -25.63 -9.81
N ASP M 215 30.16 -24.35 -9.46
CA ASP M 215 31.09 -24.01 -8.40
C ASP M 215 30.61 -24.59 -7.08
N PRO M 216 31.50 -25.12 -6.25
CA PRO M 216 31.07 -25.82 -5.04
C PRO M 216 30.33 -24.91 -4.07
N LEU M 217 29.37 -25.49 -3.36
CA LEU M 217 28.60 -24.73 -2.38
C LEU M 217 29.40 -24.45 -1.12
N TYR M 218 30.37 -25.30 -0.79
CA TYR M 218 31.21 -25.08 0.38
C TYR M 218 32.64 -25.50 0.06
N LYS M 219 33.56 -25.05 0.91
CA LYS M 219 34.94 -25.46 0.85
C LYS M 219 35.43 -25.73 2.27
N SER M 220 35.97 -26.92 2.49
CA SER M 220 36.36 -27.37 3.82
C SER M 220 37.85 -27.68 3.82
N GLU M 221 38.63 -26.87 4.52
CA GLU M 221 40.07 -27.06 4.61
C GLU M 221 40.50 -27.08 6.07
N ARG M 222 41.62 -27.74 6.33
CA ARG M 222 42.19 -27.85 7.65
C ARG M 222 43.32 -26.84 7.80
N GLU M 223 43.28 -26.06 8.88
CA GLU M 223 44.29 -25.05 9.18
C GLU M 223 45.02 -25.47 10.44
N ILE M 224 46.30 -25.80 10.31
CA ILE M 224 47.10 -26.36 11.38
C ILE M 224 47.95 -25.25 11.99
N SER M 225 47.77 -24.99 13.27
CA SER M 225 48.53 -23.97 13.97
C SER M 225 49.64 -24.52 14.85
N LYS M 226 49.49 -25.74 15.36
CA LYS M 226 50.51 -26.36 16.18
C LYS M 226 50.67 -27.82 15.79
N VAL M 227 51.88 -28.34 16.00
CA VAL M 227 52.18 -29.76 15.79
C VAL M 227 52.84 -30.29 17.06
N PHE M 228 52.35 -31.43 17.53
CA PHE M 228 52.88 -32.06 18.74
C PHE M 228 53.72 -33.26 18.36
N LEU M 229 54.92 -33.34 18.92
CA LEU M 229 55.82 -34.48 18.76
C LEU M 229 55.94 -35.16 20.12
N THR M 230 55.28 -36.31 20.27
CA THR M 230 55.26 -37.03 21.54
C THR M 230 56.23 -38.20 21.47
N LYS M 231 57.17 -38.24 22.42
CA LYS M 231 58.19 -39.27 22.41
C LYS M 231 57.60 -40.63 22.76
N HIS M 232 57.99 -41.65 22.01
CA HIS M 232 57.69 -43.02 22.38
C HIS M 232 58.44 -43.37 23.66
N TYR M 233 57.75 -43.99 24.61
CA TYR M 233 58.38 -44.35 25.86
C TYR M 233 59.50 -45.36 25.62
N ARG M 234 60.71 -45.00 26.04
CA ARG M 234 61.92 -45.78 25.81
C ARG M 234 62.19 -46.02 24.33
N ASN M 235 61.64 -45.16 23.46
CA ASN M 235 61.84 -45.23 22.01
C ASN M 235 61.34 -46.54 21.42
N ARG M 236 60.30 -47.12 21.99
CA ARG M 236 59.73 -48.35 21.45
C ARG M 236 58.95 -48.06 20.17
N ARG M 237 58.85 -49.08 19.32
CA ARG M 237 58.19 -48.94 18.04
C ARG M 237 56.67 -49.04 18.20
N LEU M 238 55.95 -48.61 17.15
CA LEU M 238 54.50 -48.66 17.18
C LEU M 238 53.98 -50.09 17.30
N ASN M 239 54.62 -51.03 16.60
CA ASN M 239 54.19 -52.42 16.62
C ASN M 239 54.72 -53.19 17.81
N ASP M 240 55.51 -52.56 18.68
CA ASP M 240 55.95 -53.21 19.90
C ASP M 240 54.74 -53.49 20.80
N PRO M 241 54.60 -54.71 21.32
CA PRO M 241 53.47 -55.00 22.21
C PRO M 241 53.49 -54.20 23.51
N GLU M 242 54.65 -53.65 23.90
CA GLU M 242 54.76 -52.80 25.08
C GLU M 242 54.83 -51.32 24.72
N PHE M 243 54.33 -50.94 23.55
CA PHE M 243 54.38 -49.55 23.13
C PHE M 243 53.45 -48.69 23.97
N VAL M 244 53.99 -47.60 24.52
CA VAL M 244 53.21 -46.55 25.16
C VAL M 244 53.86 -45.22 24.83
N LEU M 245 53.08 -44.16 24.95
CA LEU M 245 53.60 -42.81 24.74
C LEU M 245 54.16 -42.25 26.03
N ASP M 246 55.19 -41.42 25.89
CA ASP M 246 55.84 -40.75 27.02
C ASP M 246 55.36 -39.30 26.98
N PHE M 247 54.28 -39.03 27.71
CA PHE M 247 53.69 -37.69 27.72
C PHE M 247 54.52 -36.68 28.48
N GLU M 248 55.55 -37.11 29.20
CA GLU M 248 56.41 -36.17 29.90
C GLU M 248 57.35 -35.42 28.96
N GLU M 249 57.55 -35.92 27.75
CA GLU M 249 58.45 -35.30 26.78
C GLU M 249 57.69 -35.02 25.49
N ILE M 250 57.17 -33.80 25.36
CA ILE M 250 56.40 -33.38 24.20
C ILE M 250 57.00 -32.10 23.67
N TYR M 251 57.20 -32.04 22.35
CA TYR M 251 57.74 -30.87 21.70
C TYR M 251 56.69 -30.24 20.78
N VAL M 252 56.57 -28.93 20.86
CA VAL M 252 55.49 -28.19 20.21
C VAL M 252 56.08 -27.27 19.15
N ILE M 253 55.58 -27.38 17.93
CA ILE M 253 55.93 -26.47 16.84
C ILE M 253 54.77 -25.50 16.66
N ASP M 254 55.07 -24.20 16.68
CA ASP M 254 54.07 -23.16 16.56
C ASP M 254 54.20 -22.48 15.19
N SER M 255 53.09 -22.43 14.46
CA SER M 255 53.13 -21.84 13.12
C SER M 255 53.25 -20.32 13.18
N LYS M 256 52.59 -19.69 14.15
CA LYS M 256 52.58 -18.22 14.20
C LYS M 256 53.96 -17.65 14.46
N THR M 257 54.73 -18.27 15.36
CA THR M 257 56.04 -17.75 15.74
C THR M 257 57.19 -18.47 15.06
N LYS M 258 56.91 -19.51 14.27
CA LYS M 258 57.95 -20.30 13.59
C LYS M 258 58.99 -20.81 14.57
N SER M 259 58.52 -21.23 15.75
CA SER M 259 59.41 -21.65 16.82
C SER M 259 59.07 -23.08 17.24
N ILE M 260 60.00 -23.69 17.96
CA ILE M 260 59.81 -25.01 18.54
C ILE M 260 60.21 -24.94 20.01
N THR M 261 59.42 -25.60 20.86
CA THR M 261 59.66 -25.57 22.30
C THR M 261 59.20 -26.90 22.90
N ARG M 262 59.54 -27.10 24.16
CA ARG M 262 59.10 -28.26 24.91
C ARG M 262 57.94 -27.88 25.81
N ALA M 263 56.89 -28.70 25.80
CA ALA M 263 55.71 -28.43 26.59
C ALA M 263 55.99 -28.64 28.08
N ARG M 264 55.43 -27.76 28.91
CA ARG M 264 55.48 -27.93 30.36
C ARG M 264 54.27 -28.73 30.80
N VAL M 265 54.52 -29.93 31.32
CA VAL M 265 53.48 -30.91 31.61
C VAL M 265 53.32 -31.04 33.12
N LEU M 266 52.09 -31.00 33.59
CA LEU M 266 51.76 -31.22 34.99
C LEU M 266 51.23 -32.63 35.16
N VAL M 267 51.84 -33.39 36.06
CA VAL M 267 51.46 -34.78 36.30
C VAL M 267 50.67 -34.84 37.59
N THR M 268 49.40 -35.26 37.49
CA THR M 268 48.54 -35.43 38.65
C THR M 268 48.32 -36.89 39.01
N VAL M 269 48.84 -37.82 38.21
CA VAL M 269 48.65 -39.25 38.48
C VAL M 269 49.51 -39.65 39.68
N PRO M 270 48.98 -40.41 40.63
CA PRO M 270 49.82 -40.90 41.74
C PRO M 270 50.74 -42.00 41.27
N GLY M 271 52.03 -41.89 41.62
CA GLY M 271 53.00 -42.88 41.23
C GLY M 271 54.36 -42.28 40.91
N GLY M 272 54.38 -40.98 40.64
CA GLY M 272 55.64 -40.33 40.33
C GLY M 272 56.21 -40.78 38.99
N ARG M 273 57.55 -40.81 38.93
CA ARG M 273 58.21 -41.17 37.68
C ARG M 273 58.00 -42.64 37.33
N LYS M 274 57.95 -43.51 38.34
CA LYS M 274 57.72 -44.95 38.13
C LYS M 274 56.23 -45.22 38.32
N ARG M 275 55.51 -45.34 37.22
CA ARG M 275 54.08 -45.59 37.24
C ARG M 275 53.71 -46.37 36.00
N ASP M 276 52.49 -46.93 36.03
CA ASP M 276 51.96 -47.62 34.86
C ASP M 276 51.56 -46.57 33.83
N ARG M 277 52.36 -46.40 32.78
CA ARG M 277 52.07 -45.44 31.74
C ARG M 277 50.85 -45.81 30.91
N LYS M 278 50.33 -47.03 31.06
CA LYS M 278 49.15 -47.44 30.34
C LYS M 278 47.87 -46.84 30.92
N ASP M 279 47.94 -46.22 32.09
CA ASP M 279 46.76 -45.69 32.76
C ASP M 279 46.61 -44.18 32.65
N ASP M 280 47.57 -43.47 32.07
CA ASP M 280 47.54 -42.02 32.12
C ASP M 280 46.98 -41.43 30.82
N LEU M 281 46.32 -40.30 30.96
CA LEU M 281 45.66 -39.60 29.87
C LEU M 281 46.18 -38.17 29.82
N LEU M 282 46.52 -37.71 28.62
CA LEU M 282 47.00 -36.35 28.43
C LEU M 282 45.83 -35.44 28.05
N VAL M 283 45.69 -34.33 28.75
CA VAL M 283 44.65 -33.34 28.48
C VAL M 283 45.34 -32.07 28.00
N ILE M 284 44.95 -31.58 26.82
CA ILE M 284 45.53 -30.38 26.22
C ILE M 284 44.43 -29.32 26.13
N ARG M 285 44.72 -28.13 26.66
CA ARG M 285 43.77 -27.03 26.66
C ARG M 285 44.52 -25.74 26.32
N ASP M 286 43.76 -24.64 26.25
CA ASP M 286 44.31 -23.28 26.16
C ASP M 286 45.20 -23.10 24.92
N ASN M 287 44.64 -23.43 23.76
CA ASN M 287 45.33 -23.23 22.48
C ASN M 287 46.66 -23.98 22.45
N GLY M 288 46.67 -25.20 22.99
CA GLY M 288 47.89 -25.99 23.03
C GLY M 288 48.98 -25.41 23.89
N ASN M 289 48.63 -24.87 25.05
CA ASN M 289 49.60 -24.30 25.98
C ASN M 289 49.56 -24.91 27.36
N SER M 290 48.50 -25.61 27.73
CA SER M 290 48.39 -26.26 29.04
C SER M 290 48.33 -27.77 28.83
N PHE M 291 49.18 -28.49 29.55
CA PHE M 291 49.31 -29.94 29.42
C PHE M 291 49.21 -30.59 30.79
N LYS M 292 48.25 -31.48 30.95
CA LYS M 292 48.00 -32.13 32.22
C LYS M 292 47.84 -33.63 32.01
N ILE M 293 48.52 -34.43 32.82
CA ILE M 293 48.41 -35.88 32.77
C ILE M 293 47.53 -36.33 33.92
N ILE M 294 46.41 -36.96 33.59
CA ILE M 294 45.47 -37.46 34.57
C ILE M 294 45.34 -38.98 34.40
N HIS M 295 44.63 -39.60 35.33
CA HIS M 295 44.33 -41.02 35.23
C HIS M 295 43.17 -41.24 34.28
N VAL M 296 43.21 -42.35 33.55
CA VAL M 296 42.21 -42.60 32.51
C VAL M 296 40.82 -42.78 33.09
N GLY M 297 40.72 -43.06 34.40
CA GLY M 297 39.44 -43.13 35.06
C GLY M 297 38.83 -41.77 35.39
N GLU M 298 39.61 -40.70 35.31
CA GLU M 298 39.12 -39.34 35.51
C GLU M 298 38.71 -38.67 34.21
N ARG M 299 38.48 -39.46 33.16
CA ARG M 299 38.18 -38.91 31.85
C ARG M 299 36.82 -38.21 31.85
N ASP M 300 36.77 -37.01 31.28
CA ASP M 300 35.53 -36.26 31.19
C ASP M 300 34.76 -36.62 29.93
N ASP M 301 33.44 -36.68 30.07
CA ASP M 301 32.57 -36.87 28.92
C ASP M 301 32.72 -35.69 27.96
N PRO M 302 32.72 -35.92 26.65
CA PRO M 302 32.78 -34.79 25.70
C PRO M 302 31.65 -33.80 25.88
N THR M 303 30.45 -34.26 26.25
CA THR M 303 29.37 -33.34 26.56
C THR M 303 29.72 -32.45 27.74
N THR M 304 30.33 -33.02 28.78
CA THR M 304 30.71 -32.25 29.95
C THR M 304 31.72 -31.17 29.59
N VAL M 305 32.68 -31.49 28.73
CA VAL M 305 33.69 -30.52 28.33
C VAL M 305 33.03 -29.35 27.60
N ILE M 306 32.12 -29.66 26.68
CA ILE M 306 31.46 -28.60 25.92
C ILE M 306 30.55 -27.77 26.81
N GLU M 307 29.80 -28.42 27.70
CA GLU M 307 28.85 -27.69 28.54
C GLU M 307 29.56 -26.85 29.60
N ARG M 308 30.73 -27.28 30.06
CA ARG M 308 31.50 -26.46 30.99
C ARG M 308 31.89 -25.13 30.35
N GLU M 309 32.36 -25.18 29.09
CA GLU M 309 32.76 -23.96 28.40
C GLU M 309 31.56 -23.04 28.18
N GLU M 310 30.41 -23.60 27.82
CA GLU M 310 29.24 -22.77 27.57
C GLU M 310 28.73 -22.16 28.87
N TRP M 311 28.72 -22.92 29.97
CA TRP M 311 28.23 -22.38 31.23
C TRP M 311 29.09 -21.23 31.71
N THR M 312 30.42 -21.38 31.59
CA THR M 312 31.32 -20.32 32.03
C THR M 312 31.13 -19.05 31.21
N LYS M 313 30.95 -19.19 29.90
CA LYS M 313 30.82 -18.01 29.05
C LYS M 313 29.47 -17.31 29.26
N THR M 314 28.39 -18.09 29.31
CA THR M 314 27.07 -17.47 29.47
C THR M 314 26.89 -16.89 30.87
N ARG M 315 27.54 -17.47 31.87
CA ARG M 315 27.46 -16.93 33.23
C ARG M 315 28.08 -15.54 33.29
N GLU M 316 29.22 -15.35 32.62
CA GLU M 316 29.87 -14.04 32.63
C GLU M 316 29.09 -13.04 31.78
N ASP M 317 28.55 -13.47 30.64
CA ASP M 317 27.80 -12.57 29.77
C ASP M 317 26.50 -12.11 30.44
N MET M 318 25.82 -13.02 31.16
CA MET M 318 24.59 -12.64 31.82
C MET M 318 24.83 -11.61 32.91
N GLU M 319 25.88 -11.79 33.71
CA GLU M 319 26.17 -10.83 34.78
C GLU M 319 26.55 -9.47 34.20
N LYS M 320 27.28 -9.47 33.08
CA LYS M 320 27.61 -8.23 32.40
C LYS M 320 26.34 -7.52 31.91
N HIS M 321 25.37 -8.29 31.40
CA HIS M 321 24.11 -7.71 30.98
C HIS M 321 23.33 -7.15 32.16
N LEU M 322 23.32 -7.85 33.28
CA LEU M 322 22.55 -7.44 34.46
C LEU M 322 23.25 -6.38 35.29
N ARG M 323 24.52 -6.09 35.04
CA ARG M 323 25.27 -5.19 35.89
C ARG M 323 24.71 -3.77 35.87
N LYS M 324 24.17 -3.34 34.72
CA LYS M 324 23.73 -1.96 34.58
C LYS M 324 22.37 -1.69 35.22
N LEU M 325 21.66 -2.72 35.68
CA LEU M 325 20.45 -2.49 36.44
C LEU M 325 20.81 -1.96 37.82
N ARG M 326 20.15 -0.88 38.24
CA ARG M 326 20.58 -0.15 39.43
C ARG M 326 20.31 -0.92 40.73
N ASP M 327 19.58 -2.02 40.69
CA ASP M 327 19.39 -2.86 41.86
C ASP M 327 20.26 -4.12 41.82
N PHE M 328 21.31 -4.12 40.99
CA PHE M 328 22.18 -5.29 40.87
C PHE M 328 22.90 -5.57 42.19
N SER M 329 23.37 -4.53 42.87
CA SER M 329 24.17 -4.73 44.09
C SER M 329 23.37 -5.33 45.23
N VAL M 330 22.05 -5.31 45.16
CA VAL M 330 21.20 -5.83 46.21
C VAL M 330 20.39 -7.01 45.68
N SER M 331 20.98 -7.78 44.76
CA SER M 331 20.31 -8.91 44.15
C SER M 331 21.20 -10.15 44.20
N ASN M 332 20.56 -11.31 44.11
CA ASN M 332 21.25 -12.60 44.16
C ASN M 332 21.28 -13.26 42.79
N TRP M 333 22.32 -14.04 42.55
CA TRP M 333 22.28 -15.06 41.51
C TRP M 333 21.53 -16.28 42.04
N PHE M 334 20.81 -16.94 41.15
CA PHE M 334 20.17 -18.22 41.50
C PHE M 334 19.96 -19.08 40.25
N GLY N 47 -23.10 108.37 11.41
CA GLY N 47 -22.32 109.14 12.35
C GLY N 47 -23.17 109.74 13.48
N PHE N 48 -23.15 109.08 14.63
CA PHE N 48 -23.89 109.56 15.79
C PHE N 48 -23.15 110.73 16.44
N GLU N 49 -23.91 111.68 16.95
CA GLU N 49 -23.35 112.88 17.56
C GLU N 49 -23.69 112.90 19.05
N LEU N 50 -22.76 113.46 19.83
CA LEU N 50 -22.93 113.60 21.27
C LEU N 50 -23.79 114.83 21.55
N LYS N 51 -25.03 114.60 21.96
CA LYS N 51 -25.89 115.71 22.34
C LYS N 51 -25.56 116.18 23.75
N PRO N 52 -25.65 117.49 24.00
CA PRO N 52 -25.45 117.98 25.37
C PRO N 52 -26.67 117.70 26.22
N PRO N 53 -26.53 117.74 27.54
CA PRO N 53 -27.70 117.60 28.42
C PRO N 53 -28.68 118.74 28.19
N PRO N 54 -29.97 118.53 28.46
CA PRO N 54 -30.97 119.57 28.17
C PRO N 54 -30.96 120.73 29.17
N TYR N 55 -29.91 120.82 29.96
CA TYR N 55 -29.73 121.87 30.96
C TYR N 55 -28.28 122.31 30.95
N PRO N 56 -27.98 123.51 31.44
CA PRO N 56 -26.58 123.92 31.57
C PRO N 56 -25.83 123.00 32.52
N LEU N 57 -24.53 122.85 32.27
CA LEU N 57 -23.70 121.94 33.05
C LEU N 57 -23.55 122.37 34.51
N ASP N 58 -23.93 123.60 34.85
CA ASP N 58 -23.93 124.06 36.22
C ASP N 58 -25.32 124.02 36.86
N ALA N 59 -26.34 123.56 36.14
CA ALA N 59 -27.71 123.67 36.60
C ALA N 59 -28.09 122.60 37.62
N LEU N 60 -27.31 121.54 37.76
CA LEU N 60 -27.60 120.48 38.70
C LEU N 60 -26.92 120.70 40.06
N GLU N 61 -26.20 121.80 40.23
CA GLU N 61 -25.57 122.09 41.50
C GLU N 61 -26.64 122.35 42.56
N PRO N 62 -26.38 121.97 43.83
CA PRO N 62 -25.21 121.26 44.33
C PRO N 62 -25.37 119.74 44.31
N HIS N 63 -26.52 119.25 43.83
CA HIS N 63 -26.79 117.82 43.85
C HIS N 63 -25.82 117.05 42.97
N MET N 64 -25.52 117.56 41.79
CA MET N 64 -24.52 116.99 40.91
C MET N 64 -23.60 118.10 40.43
N SER N 65 -22.33 118.01 40.79
CA SER N 65 -21.40 119.11 40.53
C SER N 65 -21.05 119.20 39.05
N ARG N 66 -20.49 120.36 38.68
CA ARG N 66 -20.04 120.54 37.30
C ARG N 66 -18.86 119.65 36.99
N GLU N 67 -18.00 119.38 37.98
CA GLU N 67 -16.86 118.50 37.76
C GLU N 67 -17.32 117.11 37.35
N THR N 68 -18.39 116.60 37.98
CA THR N 68 -18.94 115.32 37.58
C THR N 68 -19.44 115.37 36.14
N LEU N 69 -20.18 116.43 35.79
CA LEU N 69 -20.70 116.55 34.44
C LEU N 69 -19.58 116.76 33.43
N ASP N 70 -18.51 117.46 33.81
CA ASP N 70 -17.37 117.63 32.91
C ASP N 70 -16.74 116.29 32.56
N TYR N 71 -16.66 115.38 33.52
CA TYR N 71 -16.07 114.07 33.28
C TYR N 71 -17.09 113.06 32.79
N HIS N 72 -18.28 113.02 33.38
CA HIS N 72 -19.28 112.03 32.99
C HIS N 72 -19.73 112.24 31.55
N TRP N 73 -20.05 113.48 31.20
CA TRP N 73 -20.50 113.78 29.84
C TRP N 73 -19.33 114.13 28.91
N GLY N 74 -18.43 114.99 29.37
CA GLY N 74 -17.35 115.46 28.51
C GLY N 74 -16.29 114.43 28.21
N LYS N 75 -16.12 113.43 29.08
CA LYS N 75 -15.10 112.40 28.88
C LYS N 75 -15.69 111.02 28.64
N HIS N 76 -16.53 110.52 29.55
CA HIS N 76 -17.04 109.17 29.42
C HIS N 76 -18.04 109.05 28.27
N HIS N 77 -19.07 109.88 28.29
CA HIS N 77 -20.09 109.83 27.24
C HIS N 77 -19.50 110.20 25.89
N LYS N 78 -18.60 111.19 25.86
CA LYS N 78 -17.97 111.58 24.60
C LYS N 78 -17.16 110.45 24.00
N THR N 79 -16.42 109.71 24.84
CA THR N 79 -15.60 108.62 24.35
C THR N 79 -16.47 107.50 23.76
N TYR N 80 -17.61 107.22 24.38
CA TYR N 80 -18.50 106.18 23.87
C TYR N 80 -18.98 106.50 22.46
N VAL N 81 -19.34 107.76 22.21
CA VAL N 81 -19.79 108.15 20.88
C VAL N 81 -18.63 108.11 19.89
N GLU N 82 -17.45 108.60 20.31
CA GLU N 82 -16.30 108.63 19.41
C GLU N 82 -15.88 107.23 19.00
N ASN N 83 -15.84 106.30 19.95
CA ASN N 83 -15.46 104.93 19.61
C ASN N 83 -16.53 104.23 18.79
N LEU N 84 -17.81 104.56 19.02
CA LEU N 84 -18.88 103.97 18.24
C LEU N 84 -18.77 104.36 16.77
N ASN N 85 -18.45 105.63 16.50
CA ASN N 85 -18.35 106.09 15.11
C ASN N 85 -17.18 105.46 14.38
N LYS N 86 -16.14 105.01 15.09
CA LYS N 86 -15.04 104.32 14.46
C LYS N 86 -15.40 102.89 14.10
N GLN N 87 -16.30 102.28 14.87
CA GLN N 87 -16.72 100.89 14.61
C GLN N 87 -17.82 100.79 13.57
N ILE N 88 -18.45 101.89 13.21
CA ILE N 88 -19.46 101.89 12.16
C ILE N 88 -18.88 102.43 10.86
N LEU N 98 -29.73 104.49 16.49
CA LEU N 98 -28.95 104.02 17.62
C LEU N 98 -29.64 102.84 18.29
N GLU N 99 -30.97 102.92 18.42
CA GLU N 99 -31.72 101.82 18.98
C GLU N 99 -31.58 100.56 18.13
N GLU N 100 -31.61 100.72 16.81
CA GLU N 100 -31.38 99.58 15.92
C GLU N 100 -29.97 99.04 16.06
N VAL N 101 -28.99 99.93 16.22
CA VAL N 101 -27.60 99.50 16.38
C VAL N 101 -27.43 98.67 17.65
N VAL N 102 -28.10 99.08 18.73
CA VAL N 102 -27.99 98.34 19.99
C VAL N 102 -28.54 96.94 19.85
N LEU N 103 -29.72 96.81 19.22
CA LEU N 103 -30.31 95.49 19.03
C LEU N 103 -29.47 94.62 18.09
N LEU N 104 -28.96 95.22 17.01
CA LEU N 104 -28.15 94.45 16.06
C LEU N 104 -26.84 93.99 16.70
N SER N 105 -26.18 94.88 17.45
CA SER N 105 -24.89 94.53 18.04
C SER N 105 -25.04 93.61 19.25
N TYR N 106 -26.23 93.56 19.87
CA TYR N 106 -26.44 92.61 20.96
C TYR N 106 -26.39 91.18 20.45
N ASN N 107 -26.95 90.93 19.27
CA ASN N 107 -26.82 89.64 18.57
C ASN N 107 -27.33 88.49 19.43
N ARG N 108 -28.49 88.69 20.05
CA ARG N 108 -29.17 87.65 20.82
C ARG N 108 -28.30 87.09 21.95
N GLY N 109 -27.44 87.92 22.53
CA GLY N 109 -26.62 87.56 23.66
C GLY N 109 -25.15 87.39 23.32
N ASN N 110 -24.83 87.10 22.07
CA ASN N 110 -23.43 86.99 21.62
C ASN N 110 -23.00 88.35 21.12
N MET N 111 -22.72 89.24 22.08
CA MET N 111 -22.57 90.66 21.79
C MET N 111 -21.41 90.91 20.84
N LEU N 112 -21.66 91.75 19.84
CA LEU N 112 -20.66 92.18 18.88
C LEU N 112 -19.82 93.31 19.46
N PRO N 113 -18.65 93.59 18.87
CA PRO N 113 -17.76 94.60 19.47
C PRO N 113 -18.39 95.97 19.64
N ALA N 114 -19.35 96.34 18.79
CA ALA N 114 -19.94 97.67 18.87
C ALA N 114 -20.97 97.82 19.99
N PHE N 115 -21.40 96.72 20.61
CA PHE N 115 -22.52 96.79 21.54
C PHE N 115 -22.19 97.65 22.76
N ASN N 116 -20.99 97.48 23.33
CA ASN N 116 -20.66 98.22 24.55
C ASN N 116 -20.66 99.72 24.32
N ASN N 117 -20.09 100.17 23.20
CA ASN N 117 -20.11 101.60 22.89
C ASN N 117 -21.53 102.06 22.53
N ALA N 118 -22.25 101.27 21.74
CA ALA N 118 -23.59 101.67 21.31
C ALA N 118 -24.56 101.71 22.48
N ALA N 119 -24.55 100.67 23.33
CA ALA N 119 -25.48 100.63 24.45
C ALA N 119 -25.17 101.72 25.47
N GLN N 120 -23.89 101.95 25.77
CA GLN N 120 -23.53 103.00 26.71
C GLN N 120 -23.88 104.38 26.19
N ALA N 121 -23.69 104.61 24.88
CA ALA N 121 -24.07 105.89 24.30
C ALA N 121 -25.56 106.14 24.43
N TRP N 122 -26.37 105.10 24.18
CA TRP N 122 -27.82 105.24 24.38
C TRP N 122 -28.16 105.42 25.85
N ASN N 123 -27.49 104.67 26.73
CA ASN N 123 -27.81 104.74 28.15
C ASN N 123 -27.59 106.13 28.72
N HIS N 124 -26.47 106.77 28.35
CA HIS N 124 -26.17 108.08 28.92
C HIS N 124 -27.10 109.15 28.39
N GLU N 125 -27.43 109.10 27.11
CA GLU N 125 -28.42 110.03 26.56
C GLU N 125 -29.76 109.86 27.27
N PHE N 126 -30.16 108.62 27.52
CA PHE N 126 -31.36 108.36 28.31
C PHE N 126 -31.20 108.89 29.73
N PHE N 127 -30.00 108.75 30.30
CA PHE N 127 -29.77 109.19 31.67
C PHE N 127 -29.87 110.70 31.81
N TRP N 128 -29.32 111.46 30.85
CA TRP N 128 -29.37 112.92 30.97
C TRP N 128 -30.80 113.45 30.87
N GLU N 129 -31.64 112.79 30.08
CA GLU N 129 -33.04 113.21 29.97
C GLU N 129 -33.87 112.81 31.16
N SER N 130 -33.38 111.89 32.01
CA SER N 130 -34.13 111.43 33.16
C SER N 130 -34.08 112.40 34.34
N ILE N 131 -33.24 113.43 34.28
CA ILE N 131 -33.08 114.35 35.40
C ILE N 131 -33.24 115.79 34.91
N GLN N 132 -33.61 116.66 35.85
CA GLN N 132 -33.82 118.07 35.58
C GLN N 132 -33.33 118.87 36.78
N PRO N 133 -33.02 120.15 36.59
CA PRO N 133 -32.53 120.97 37.72
C PRO N 133 -33.53 121.13 38.85
N GLY N 134 -34.81 120.93 38.61
CA GLY N 134 -35.81 121.08 39.65
C GLY N 134 -36.63 119.84 39.88
N GLY N 135 -35.99 118.68 39.84
CA GLY N 135 -36.68 117.41 39.87
C GLY N 135 -37.11 116.98 41.25
N GLY N 136 -37.38 115.68 41.38
CA GLY N 136 -37.92 115.14 42.60
C GLY N 136 -39.43 115.29 42.66
N GLY N 137 -39.97 115.07 43.86
CA GLY N 137 -41.40 115.17 44.06
C GLY N 137 -42.13 113.88 43.72
N LYS N 138 -43.35 114.00 43.20
CA LYS N 138 -44.16 112.86 42.84
C LYS N 138 -44.69 113.01 41.43
N PRO N 139 -44.89 111.92 40.72
CA PRO N 139 -45.54 111.96 39.41
C PRO N 139 -47.06 111.99 39.58
N SER N 140 -47.76 112.08 38.45
CA SER N 140 -49.21 112.12 38.45
C SER N 140 -49.71 111.49 37.16
N GLY N 141 -51.00 111.66 36.88
CA GLY N 141 -51.56 111.15 35.65
C GLY N 141 -51.60 109.63 35.62
N ASP N 142 -51.42 109.07 34.42
CA ASP N 142 -51.47 107.62 34.26
C ASP N 142 -50.27 106.93 34.90
N LEU N 143 -49.14 107.62 35.00
CA LEU N 143 -47.96 107.03 35.62
C LEU N 143 -48.21 106.73 37.09
N LEU N 144 -48.81 107.67 37.81
CA LEU N 144 -49.13 107.44 39.22
C LEU N 144 -50.13 106.30 39.37
N ARG N 145 -51.11 106.22 38.48
CA ARG N 145 -52.07 105.12 38.52
C ARG N 145 -51.40 103.77 38.30
N LEU N 146 -50.48 103.70 37.34
CA LEU N 146 -49.77 102.45 37.08
C LEU N 146 -48.83 102.09 38.22
N ILE N 147 -48.17 103.09 38.80
CA ILE N 147 -47.24 102.82 39.90
C ILE N 147 -47.99 102.24 41.10
N GLU N 148 -49.13 102.83 41.44
CA GLU N 148 -49.91 102.32 42.56
C GLU N 148 -50.49 100.94 42.25
N ARG N 149 -50.84 100.68 40.99
CA ARG N 149 -51.38 99.38 40.62
C ARG N 149 -50.35 98.27 40.77
N ASP N 150 -49.11 98.54 40.36
CA ASP N 150 -48.07 97.50 40.30
C ASP N 150 -47.14 97.51 41.50
N PHE N 151 -47.18 98.53 42.36
CA PHE N 151 -46.32 98.58 43.52
C PHE N 151 -47.06 98.90 44.82
N GLY N 152 -48.38 99.08 44.76
CA GLY N 152 -49.14 99.37 45.96
C GLY N 152 -49.32 100.86 46.21
N SER N 153 -48.20 101.57 46.30
CA SER N 153 -48.22 103.02 46.49
C SER N 153 -46.92 103.58 45.95
N PHE N 154 -46.87 104.91 45.81
CA PHE N 154 -45.65 105.55 45.34
C PHE N 154 -44.52 105.39 46.35
N SER N 155 -44.84 105.46 47.65
CA SER N 155 -43.82 105.28 48.67
C SER N 155 -43.22 103.87 48.62
N ASP N 156 -44.07 102.87 48.37
CA ASP N 156 -43.55 101.50 48.22
C ASP N 156 -42.65 101.37 47.00
N PHE N 157 -43.03 102.03 45.90
CA PHE N 157 -42.22 101.97 44.69
C PHE N 157 -40.85 102.61 44.92
N VAL N 158 -40.81 103.73 45.63
CA VAL N 158 -39.54 104.43 45.85
C VAL N 158 -38.59 103.56 46.66
N GLU N 159 -39.10 102.89 47.68
CA GLU N 159 -38.25 102.03 48.51
C GLU N 159 -37.71 100.86 47.70
N ARG N 160 -38.55 100.24 46.85
CA ARG N 160 -38.08 99.14 46.04
C ARG N 160 -37.09 99.59 44.98
N PHE N 161 -37.31 100.77 44.39
CA PHE N 161 -36.37 101.27 43.39
C PHE N 161 -35.03 101.63 44.01
N LYS N 162 -35.06 102.26 45.19
CA LYS N 162 -33.81 102.60 45.88
C LYS N 162 -33.04 101.35 46.28
N ALA N 163 -33.73 100.34 46.77
CA ALA N 163 -33.07 99.10 47.18
C ALA N 163 -32.42 98.40 45.99
N ALA N 164 -33.11 98.37 44.85
CA ALA N 164 -32.54 97.76 43.65
C ALA N 164 -31.28 98.50 43.21
N ALA N 165 -31.32 99.82 43.20
CA ALA N 165 -30.15 100.59 42.80
C ALA N 165 -29.00 100.42 43.78
N ALA N 166 -29.30 100.20 45.07
CA ALA N 166 -28.26 100.02 46.07
C ALA N 166 -27.59 98.65 45.94
N SER N 167 -28.37 97.62 45.66
CA SER N 167 -27.86 96.25 45.65
C SER N 167 -27.25 95.85 44.31
N ASN N 168 -27.27 96.73 43.32
CA ASN N 168 -26.69 96.43 42.01
C ASN N 168 -25.17 96.37 42.16
N PHE N 169 -24.62 95.16 42.13
CA PHE N 169 -23.20 94.95 42.43
C PHE N 169 -22.35 95.26 41.21
N GLY N 170 -21.32 96.08 41.40
CA GLY N 170 -20.45 96.48 40.31
C GLY N 170 -21.02 97.61 39.47
N SER N 171 -20.62 97.69 38.21
CA SER N 171 -21.13 98.69 37.30
C SER N 171 -22.44 98.22 36.68
N GLY N 172 -23.40 99.12 36.58
CA GLY N 172 -24.66 98.75 35.98
C GLY N 172 -25.67 99.89 36.05
N TRP N 173 -26.90 99.56 35.68
CA TRP N 173 -28.01 100.51 35.64
C TRP N 173 -29.24 99.88 36.28
N THR N 174 -30.07 100.73 36.89
CA THR N 174 -31.35 100.32 37.44
C THR N 174 -32.46 101.04 36.69
N TRP N 175 -33.45 100.27 36.23
CA TRP N 175 -34.44 100.76 35.30
C TRP N 175 -35.85 100.61 35.84
N LEU N 176 -36.68 101.61 35.59
CA LEU N 176 -38.13 101.47 35.61
C LEU N 176 -38.58 101.32 34.17
N ALA N 177 -39.22 100.19 33.86
CA ALA N 177 -39.56 99.86 32.49
C ALA N 177 -41.02 99.45 32.37
N TYR N 178 -41.60 99.72 31.22
CA TYR N 178 -42.94 99.28 30.88
C TYR N 178 -42.82 97.99 30.09
N LYS N 179 -43.28 96.89 30.70
CA LYS N 179 -43.06 95.56 30.14
C LYS N 179 -44.23 95.19 29.24
N ALA N 180 -44.03 95.33 27.93
CA ALA N 180 -44.98 94.93 26.91
C ALA N 180 -44.27 94.14 25.81
N ASN N 181 -43.39 93.23 26.22
CA ASN N 181 -42.50 92.53 25.31
C ASN N 181 -43.24 91.45 24.54
N ARG N 182 -42.69 91.12 23.38
CA ARG N 182 -43.11 89.96 22.60
C ARG N 182 -41.90 89.07 22.35
N LEU N 183 -42.12 87.76 22.42
CA LEU N 183 -41.06 86.79 22.27
C LEU N 183 -41.04 86.24 20.85
N ASP N 184 -39.82 85.94 20.36
CA ASP N 184 -39.61 85.41 19.03
C ASP N 184 -39.60 83.89 19.00
N VAL N 185 -40.29 83.23 19.94
CA VAL N 185 -40.36 81.79 19.98
C VAL N 185 -41.79 81.35 19.67
N ALA N 186 -41.96 80.05 19.50
CA ALA N 186 -43.26 79.50 19.16
C ALA N 186 -44.14 79.36 20.39
N ASN N 187 -45.45 79.45 20.17
CA ASN N 187 -46.45 79.33 21.24
C ASN N 187 -46.19 80.34 22.36
N ALA N 188 -45.89 81.58 21.97
CA ALA N 188 -45.59 82.64 22.91
C ALA N 188 -46.61 83.77 22.91
N VAL N 189 -47.78 83.56 22.31
CA VAL N 189 -48.83 84.57 22.22
C VAL N 189 -49.97 84.15 23.13
N ASN N 190 -50.41 85.06 23.98
CA ASN N 190 -51.53 84.80 24.87
C ASN N 190 -52.84 84.95 24.10
N PRO N 191 -53.65 83.90 23.99
CA PRO N 191 -54.93 84.05 23.27
C PRO N 191 -55.87 85.07 23.90
N LEU N 192 -55.87 85.16 25.23
CA LEU N 192 -56.79 86.03 25.97
C LEU N 192 -55.99 86.91 26.92
N PRO N 193 -55.45 88.03 26.44
CA PRO N 193 -54.72 88.93 27.32
C PRO N 193 -55.63 89.51 28.40
N LYS N 194 -55.04 89.78 29.57
CA LYS N 194 -55.77 90.29 30.72
C LYS N 194 -55.57 91.79 30.95
N GLU N 195 -54.72 92.44 30.16
CA GLU N 195 -54.49 93.89 30.21
C GLU N 195 -53.72 94.30 31.46
N GLU N 196 -53.53 93.37 32.40
CA GLU N 196 -52.62 93.58 33.52
C GLU N 196 -51.24 92.99 33.25
N ASP N 197 -51.06 92.32 32.11
CA ASP N 197 -49.76 91.77 31.74
C ASP N 197 -48.79 92.84 31.27
N LYS N 198 -49.30 94.01 30.85
CA LYS N 198 -48.45 95.15 30.53
C LYS N 198 -48.32 95.98 31.80
N LYS N 199 -47.24 95.77 32.53
CA LYS N 199 -47.06 96.35 33.86
C LYS N 199 -45.71 97.05 33.94
N LEU N 200 -45.51 97.76 35.05
CA LEU N 200 -44.24 98.39 35.36
C LEU N 200 -43.37 97.43 36.15
N VAL N 201 -42.07 97.42 35.84
CA VAL N 201 -41.12 96.55 36.50
C VAL N 201 -39.87 97.34 36.85
N ILE N 202 -39.18 96.89 37.89
CA ILE N 202 -37.88 97.40 38.27
C ILE N 202 -36.85 96.32 37.96
N VAL N 203 -35.93 96.62 37.05
CA VAL N 203 -34.94 95.65 36.59
C VAL N 203 -33.55 96.26 36.72
N LYS N 204 -32.58 95.42 37.09
CA LYS N 204 -31.18 95.82 37.17
C LYS N 204 -30.42 95.15 36.03
N THR N 205 -29.48 95.89 35.45
CA THR N 205 -28.63 95.36 34.40
C THR N 205 -27.17 95.61 34.74
N PRO N 206 -26.28 94.74 34.31
CA PRO N 206 -24.85 94.97 34.51
C PRO N 206 -24.19 95.68 33.34
N ASN N 207 -23.19 96.50 33.67
CA ASN N 207 -22.35 97.18 32.70
C ASN N 207 -23.14 98.03 31.72
N ALA N 208 -23.24 97.59 30.47
CA ALA N 208 -23.86 98.37 29.41
C ALA N 208 -25.24 97.86 29.00
N VAL N 209 -25.72 96.77 29.61
CA VAL N 209 -26.99 96.18 29.20
C VAL N 209 -28.13 97.12 29.56
N ASN N 210 -29.13 97.18 28.69
CA ASN N 210 -30.34 97.97 28.89
C ASN N 210 -31.55 97.11 28.53
N PRO N 211 -32.73 97.47 29.01
CA PRO N 211 -33.93 96.65 28.75
C PRO N 211 -34.33 96.58 27.29
N LEU N 212 -33.72 97.37 26.40
CA LEU N 212 -34.06 97.31 24.99
C LEU N 212 -33.81 95.94 24.40
N VAL N 213 -32.79 95.23 24.89
CA VAL N 213 -32.43 93.93 24.33
C VAL N 213 -33.45 92.84 24.64
N TRP N 214 -34.36 93.07 25.59
CA TRP N 214 -35.47 92.15 25.83
C TRP N 214 -36.80 92.70 25.34
N ASP N 215 -36.78 93.75 24.52
CA ASP N 215 -37.99 94.39 23.99
C ASP N 215 -38.84 94.98 25.11
N TYR N 216 -38.20 95.56 26.11
CA TYR N 216 -38.90 96.35 27.11
C TYR N 216 -38.89 97.82 26.70
N SER N 217 -39.69 98.62 27.41
CA SER N 217 -39.73 100.06 27.16
C SER N 217 -39.22 100.80 28.39
N PRO N 218 -37.97 101.26 28.39
CA PRO N 218 -37.45 101.96 29.56
C PRO N 218 -38.13 103.30 29.76
N LEU N 219 -38.36 103.64 31.02
CA LEU N 219 -38.97 104.91 31.41
C LEU N 219 -38.06 105.77 32.27
N LEU N 220 -37.27 105.15 33.15
CA LEU N 220 -36.37 105.87 34.03
C LEU N 220 -35.14 105.02 34.27
N THR N 221 -33.99 105.67 34.42
CA THR N 221 -32.76 104.97 34.75
C THR N 221 -31.92 105.84 35.68
N ILE N 222 -31.06 105.18 36.45
CA ILE N 222 -30.05 105.84 37.25
C ILE N 222 -28.73 105.13 37.00
N ASP N 223 -27.68 105.90 36.73
CA ASP N 223 -26.36 105.35 36.45
C ASP N 223 -25.68 104.98 37.76
N THR N 224 -25.43 103.69 37.95
CA THR N 224 -24.74 103.21 39.15
C THR N 224 -23.30 102.83 38.89
N TRP N 225 -22.75 103.18 37.72
CA TRP N 225 -21.32 103.16 37.55
C TRP N 225 -20.68 104.13 38.53
N GLU N 226 -19.54 103.75 39.09
CA GLU N 226 -18.93 104.56 40.15
C GLU N 226 -18.52 105.94 39.66
N HIS N 227 -18.22 106.08 38.37
CA HIS N 227 -17.84 107.40 37.85
C HIS N 227 -18.99 108.39 37.89
N ALA N 228 -20.23 107.92 38.03
CA ALA N 228 -21.38 108.82 38.05
C ALA N 228 -21.51 109.57 39.37
N TYR N 229 -20.94 109.07 40.46
CA TYR N 229 -21.13 109.69 41.76
C TYR N 229 -19.88 109.78 42.62
N TYR N 230 -18.73 109.25 42.17
CA TYR N 230 -17.59 109.15 43.08
C TYR N 230 -16.99 110.51 43.41
N LEU N 231 -17.07 111.47 42.48
CA LEU N 231 -16.52 112.79 42.75
C LEU N 231 -17.40 113.59 43.70
N ASP N 232 -18.66 113.21 43.86
CA ASP N 232 -19.58 113.93 44.73
C ASP N 232 -19.90 113.19 46.03
N PHE N 233 -19.87 111.86 46.03
CA PHE N 233 -20.27 111.09 47.19
C PHE N 233 -19.25 110.04 47.61
N GLU N 234 -18.16 109.86 46.86
CA GLU N 234 -17.16 108.82 47.11
C GLU N 234 -17.89 107.47 47.16
N ASN N 235 -17.69 106.66 48.20
CA ASN N 235 -18.31 105.34 48.28
C ASN N 235 -19.79 105.39 48.64
N ARG N 236 -20.30 106.55 49.06
CA ARG N 236 -21.67 106.67 49.57
C ARG N 236 -22.65 106.66 48.40
N ARG N 237 -22.93 105.45 47.91
CA ARG N 237 -23.91 105.30 46.83
C ARG N 237 -25.34 105.51 47.34
N ILE N 238 -25.59 105.21 48.61
CA ILE N 238 -26.93 105.38 49.16
C ILE N 238 -27.35 106.85 49.09
N GLU N 239 -26.45 107.76 49.48
CA GLU N 239 -26.77 109.18 49.42
C GLU N 239 -27.00 109.65 47.99
N TYR N 240 -26.20 109.11 47.05
CA TYR N 240 -26.38 109.46 45.64
C TYR N 240 -27.74 109.01 45.13
N ILE N 241 -28.16 107.80 45.49
CA ILE N 241 -29.47 107.30 45.08
C ILE N 241 -30.58 108.12 45.71
N ASN N 242 -30.45 108.44 47.00
CA ASN N 242 -31.47 109.23 47.68
C ASN N 242 -31.56 110.63 47.09
N THR N 243 -30.42 111.24 46.76
CA THR N 243 -30.42 112.55 46.12
C THR N 243 -31.09 112.49 44.75
N PHE N 244 -30.87 111.40 44.01
CA PHE N 244 -31.46 111.24 42.69
C PHE N 244 -32.99 111.27 42.76
N MET N 245 -33.56 110.52 43.69
CA MET N 245 -35.02 110.39 43.75
C MET N 245 -35.70 111.58 44.40
N GLU N 246 -34.97 112.41 45.15
CA GLU N 246 -35.58 113.52 45.86
C GLU N 246 -35.34 114.87 45.18
N LYS N 247 -34.27 115.03 44.41
CA LYS N 247 -33.89 116.32 43.85
C LYS N 247 -33.75 116.34 42.33
N LEU N 248 -33.47 115.20 41.70
CA LEU N 248 -33.07 115.20 40.30
C LEU N 248 -34.09 114.58 39.35
N VAL N 249 -34.83 113.56 39.79
CA VAL N 249 -35.66 112.79 38.87
C VAL N 249 -36.72 113.67 38.22
N SER N 250 -36.86 113.54 36.90
CA SER N 250 -37.80 114.33 36.11
C SER N 250 -39.00 113.44 35.79
N TRP N 251 -40.08 113.61 36.57
CA TRP N 251 -41.25 112.75 36.38
C TRP N 251 -42.03 113.13 35.13
N GLU N 252 -41.95 114.39 34.70
CA GLU N 252 -42.63 114.77 33.46
C GLU N 252 -42.01 114.09 32.24
N THR N 253 -40.69 113.89 32.26
CA THR N 253 -40.06 113.11 31.19
C THR N 253 -40.45 111.64 31.28
N VAL N 254 -40.53 111.10 32.50
CA VAL N 254 -40.95 109.71 32.68
C VAL N 254 -42.38 109.53 32.21
N SER N 255 -43.25 110.49 32.53
CA SER N 255 -44.63 110.44 32.05
C SER N 255 -44.68 110.50 30.53
N THR N 256 -43.86 111.37 29.92
CA THR N 256 -43.83 111.47 28.47
C THR N 256 -43.39 110.15 27.84
N ARG N 257 -42.38 109.51 28.41
CA ARG N 257 -41.92 108.24 27.87
C ARG N 257 -42.95 107.14 28.04
N LEU N 258 -43.77 107.22 29.09
CA LEU N 258 -44.83 106.24 29.28
C LEU N 258 -45.89 106.33 28.18
N GLU N 259 -46.21 107.54 27.74
CA GLU N 259 -47.20 107.71 26.68
C GLU N 259 -46.73 107.05 25.39
N SER N 260 -45.46 107.23 25.03
CA SER N 260 -44.92 106.60 23.84
C SER N 260 -44.89 105.08 23.98
N ALA N 261 -44.56 104.58 25.18
CA ALA N 261 -44.57 103.14 25.41
C ALA N 261 -45.98 102.57 25.31
N MET N 262 -46.96 103.30 25.85
CA MET N 262 -48.36 102.87 25.72
C MET N 262 -48.80 102.86 24.27
N ALA N 263 -48.42 103.89 23.50
CA ALA N 263 -48.76 103.93 22.09
C ALA N 263 -48.04 102.85 21.30
N ARG N 264 -46.82 102.51 21.71
CA ARG N 264 -46.09 101.42 21.06
C ARG N 264 -46.84 100.10 21.20
N ALA N 265 -47.35 99.81 22.39
CA ALA N 265 -48.11 98.59 22.59
C ALA N 265 -49.45 98.65 21.87
N ALA N 266 -50.08 99.82 21.85
CA ALA N 266 -51.36 99.97 21.16
C ALA N 266 -51.23 99.71 19.67
N GLN N 267 -50.15 100.21 19.06
CA GLN N 267 -49.94 99.99 17.64
C GLN N 267 -49.71 98.52 17.34
N ARG N 268 -49.04 97.80 18.23
CA ARG N 268 -48.83 96.36 18.02
C ARG N 268 -50.13 95.58 18.12
N GLU N 269 -51.02 95.97 19.04
CA GLU N 269 -52.27 95.26 19.23
C GLU N 269 -53.26 95.48 18.10
N GLN N 270 -53.01 96.43 17.21
CA GLN N 270 -53.89 96.67 16.08
C GLN N 270 -53.23 96.27 14.77
N PHE O 72 -51.68 15.23 21.20
CA PHE O 72 -51.05 14.50 20.10
C PHE O 72 -49.82 13.73 20.57
N VAL O 73 -49.18 14.23 21.61
CA VAL O 73 -47.98 13.61 22.19
C VAL O 73 -48.28 13.26 23.63
N ARG O 74 -48.23 11.98 23.95
CA ARG O 74 -48.47 11.52 25.31
C ARG O 74 -47.36 12.01 26.23
N GLU O 75 -47.73 12.43 27.43
CA GLU O 75 -46.75 12.91 28.39
C GLU O 75 -45.88 11.75 28.88
N ASP O 76 -44.63 12.08 29.22
CA ASP O 76 -43.64 11.07 29.57
C ASP O 76 -43.69 10.65 31.03
N TYR O 77 -44.41 11.37 31.88
CA TYR O 77 -44.39 11.10 33.31
C TYR O 77 -45.81 11.16 33.87
N LEU O 78 -46.17 10.14 34.65
CA LEU O 78 -47.52 10.01 35.20
C LEU O 78 -47.65 10.56 36.61
N VAL O 79 -46.59 10.49 37.41
CA VAL O 79 -46.65 10.90 38.81
C VAL O 79 -46.63 12.42 38.88
N ARG O 80 -47.62 13.00 39.55
CA ARG O 80 -47.73 14.44 39.68
C ARG O 80 -47.02 14.94 40.93
N LYS O 81 -46.41 16.12 40.82
CA LYS O 81 -45.80 16.79 41.95
C LYS O 81 -46.78 17.78 42.55
N LEU O 82 -47.01 17.69 43.85
CA LEU O 82 -48.00 18.50 44.52
C LEU O 82 -47.38 19.33 45.63
N SER O 83 -47.92 20.53 45.83
CA SER O 83 -47.56 21.34 46.98
C SER O 83 -48.18 20.78 48.25
N ALA O 84 -47.72 21.29 49.39
CA ALA O 84 -48.32 20.89 50.67
C ALA O 84 -49.78 21.32 50.74
N GLN O 85 -50.08 22.53 50.28
CA GLN O 85 -51.45 23.01 50.28
C GLN O 85 -52.34 22.15 49.39
N GLU O 86 -51.85 21.83 48.19
CA GLU O 86 -52.64 20.98 47.29
C GLU O 86 -52.82 19.59 47.85
N LEU O 87 -51.78 19.04 48.49
CA LEU O 87 -51.90 17.71 49.08
C LEU O 87 -52.90 17.69 50.23
N GLN O 88 -52.95 18.76 51.01
CA GLN O 88 -53.88 18.82 52.13
C GLN O 88 -55.33 18.77 51.66
N ASP O 89 -55.65 19.53 50.60
CA ASP O 89 -57.00 19.49 50.06
C ASP O 89 -57.33 18.11 49.50
N LEU O 90 -56.35 17.45 48.88
CA LEU O 90 -56.57 16.11 48.35
C LEU O 90 -56.84 15.12 49.48
N VAL O 91 -56.20 15.30 50.63
CA VAL O 91 -56.42 14.40 51.75
C VAL O 91 -57.75 14.72 52.45
N LYS O 92 -58.03 16.01 52.65
CA LYS O 92 -59.30 16.39 53.27
C LYS O 92 -60.49 16.00 52.40
N GLY O 93 -60.36 16.16 51.09
CA GLY O 93 -61.45 15.84 50.19
C GLY O 93 -61.78 14.36 50.18
N GLU O 94 -62.85 14.03 49.48
CA GLU O 94 -63.32 12.66 49.41
C GLU O 94 -62.53 11.88 48.37
N ARG O 95 -62.06 10.70 48.75
CA ARG O 95 -61.26 9.86 47.88
C ARG O 95 -61.86 8.46 47.81
N LYS O 96 -61.69 7.82 46.66
CA LYS O 96 -62.15 6.45 46.47
C LYS O 96 -61.03 5.46 46.21
N VAL O 97 -59.89 5.92 45.69
CA VAL O 97 -58.76 5.05 45.40
C VAL O 97 -57.67 5.28 46.42
N PRO O 98 -56.78 4.32 46.65
CA PRO O 98 -55.66 4.55 47.58
C PRO O 98 -54.77 5.69 47.10
N LEU O 99 -54.25 6.45 48.06
CA LEU O 99 -53.41 7.61 47.79
C LEU O 99 -51.99 7.30 48.27
N ILE O 100 -51.03 7.34 47.35
CA ILE O 100 -49.63 7.08 47.65
C ILE O 100 -48.86 8.37 47.46
N VAL O 101 -48.17 8.82 48.51
CA VAL O 101 -47.45 10.08 48.52
C VAL O 101 -45.96 9.78 48.65
N ASP O 102 -45.17 10.32 47.74
CA ASP O 102 -43.73 10.11 47.70
C ASP O 102 -43.01 11.39 48.09
N PHE O 103 -42.12 11.30 49.07
CA PHE O 103 -41.25 12.41 49.43
C PHE O 103 -39.87 12.15 48.84
N TYR O 104 -39.36 13.11 48.08
CA TYR O 104 -38.13 12.93 47.35
C TYR O 104 -37.37 14.25 47.29
N ALA O 105 -36.11 14.15 46.84
CA ALA O 105 -35.29 15.32 46.58
C ALA O 105 -34.37 14.99 45.41
N THR O 106 -34.18 15.96 44.52
CA THR O 106 -33.40 15.71 43.31
C THR O 106 -31.93 15.46 43.60
N TRP O 107 -31.43 15.84 44.78
CA TRP O 107 -30.06 15.61 45.15
C TRP O 107 -29.83 14.24 45.79
N CYS O 108 -30.89 13.52 46.11
CA CYS O 108 -30.76 12.22 46.79
C CYS O 108 -30.65 11.12 45.74
N GLY O 109 -29.53 10.39 45.78
CA GLY O 109 -29.25 9.34 44.82
C GLY O 109 -30.29 8.24 44.75
N PRO O 110 -30.71 7.70 45.90
CA PRO O 110 -31.76 6.67 45.88
C PRO O 110 -33.09 7.13 45.32
N CYS O 111 -33.37 8.44 45.31
CA CYS O 111 -34.63 8.92 44.75
C CYS O 111 -34.71 8.70 43.24
N ILE O 112 -33.57 8.61 42.56
CA ILE O 112 -33.58 8.28 41.13
C ILE O 112 -34.15 6.89 40.92
N LEU O 113 -33.75 5.93 41.75
CA LEU O 113 -34.28 4.57 41.63
C LEU O 113 -35.76 4.52 42.03
N MET O 114 -36.13 5.25 43.08
CA MET O 114 -37.53 5.25 43.52
C MET O 114 -38.44 5.91 42.50
N ALA O 115 -37.95 6.94 41.79
CA ALA O 115 -38.78 7.61 40.80
C ALA O 115 -39.19 6.67 39.68
N GLN O 116 -38.28 5.78 39.26
CA GLN O 116 -38.61 4.85 38.19
C GLN O 116 -39.58 3.77 38.64
N GLU O 117 -39.52 3.37 39.93
CA GLU O 117 -40.44 2.35 40.42
C GLU O 117 -41.86 2.90 40.54
N LEU O 118 -42.00 4.16 40.94
CA LEU O 118 -43.33 4.74 41.09
C LEU O 118 -43.99 5.04 39.75
N GLU O 119 -43.20 5.37 38.73
CA GLU O 119 -43.76 5.52 37.39
C GLU O 119 -44.30 4.19 36.88
N MET O 120 -43.58 3.10 37.16
CA MET O 120 -44.09 1.77 36.80
C MET O 120 -45.34 1.43 37.60
N LEU O 121 -45.36 1.79 38.89
CA LEU O 121 -46.55 1.54 39.71
C LEU O 121 -47.75 2.32 39.19
N ALA O 122 -47.53 3.52 38.66
CA ALA O 122 -48.63 4.30 38.09
C ALA O 122 -49.19 3.64 36.84
N VAL O 123 -48.33 3.02 36.04
CA VAL O 123 -48.79 2.32 34.85
C VAL O 123 -49.65 1.11 35.23
N GLU O 124 -49.20 0.35 36.24
CA GLU O 124 -49.96 -0.82 36.66
C GLU O 124 -51.32 -0.43 37.23
N TYR O 125 -51.35 0.60 38.08
CA TYR O 125 -52.59 1.08 38.69
C TYR O 125 -53.01 2.36 37.96
N GLU O 126 -53.71 2.17 36.84
CA GLU O 126 -54.11 3.28 35.98
C GLU O 126 -55.03 4.24 36.73
N SER O 127 -56.22 3.78 37.11
CA SER O 127 -57.15 4.58 37.89
C SER O 127 -57.52 3.93 39.22
N ASN O 128 -56.92 2.79 39.55
CA ASN O 128 -57.17 2.12 40.82
C ASN O 128 -56.33 2.68 41.95
N ALA O 129 -55.43 3.63 41.67
CA ALA O 129 -54.63 4.29 42.69
C ALA O 129 -54.20 5.65 42.17
N MET O 130 -53.84 6.52 43.11
CA MET O 130 -53.36 7.86 42.80
C MET O 130 -51.97 8.03 43.39
N ILE O 131 -50.98 8.26 42.52
CA ILE O 131 -49.59 8.38 42.92
C ILE O 131 -49.19 9.84 42.78
N VAL O 132 -48.72 10.44 43.88
CA VAL O 132 -48.26 11.82 43.90
C VAL O 132 -46.91 11.87 44.59
N LYS O 133 -46.20 12.98 44.38
CA LYS O 133 -44.88 13.17 44.95
C LYS O 133 -44.74 14.59 45.50
N VAL O 134 -43.93 14.74 46.53
CA VAL O 134 -43.68 16.01 47.19
C VAL O 134 -42.17 16.20 47.32
N ASP O 135 -41.67 17.35 46.88
CA ASP O 135 -40.24 17.65 47.00
C ASP O 135 -39.96 18.22 48.39
N THR O 136 -38.96 17.65 49.07
CA THR O 136 -38.58 18.15 50.39
C THR O 136 -37.82 19.46 50.33
N ASP O 137 -37.24 19.81 49.18
CA ASP O 137 -36.61 21.12 49.06
C ASP O 137 -37.63 22.25 49.08
N ASP O 138 -38.86 21.96 48.63
CA ASP O 138 -39.92 22.97 48.61
C ASP O 138 -40.82 22.92 49.83
N GLU O 139 -41.00 21.74 50.43
CA GLU O 139 -41.95 21.54 51.53
C GLU O 139 -41.24 20.88 52.72
N TYR O 140 -40.09 21.45 53.11
CA TYR O 140 -39.28 20.86 54.16
C TYR O 140 -40.02 20.82 55.49
N GLU O 141 -40.67 21.93 55.85
CA GLU O 141 -41.43 21.98 57.09
C GLU O 141 -42.59 21.00 57.07
N PHE O 142 -43.27 20.90 55.93
CA PHE O 142 -44.38 19.95 55.80
C PHE O 142 -43.90 18.52 55.96
N ALA O 143 -42.75 18.18 55.36
CA ALA O 143 -42.22 16.84 55.47
C ALA O 143 -41.90 16.47 56.91
N ARG O 144 -41.30 17.42 57.65
CA ARG O 144 -40.94 17.14 59.03
C ARG O 144 -42.17 16.90 59.90
N ASP O 145 -43.23 17.68 59.69
CA ASP O 145 -44.47 17.47 60.44
C ASP O 145 -45.11 16.13 60.11
N MET O 146 -44.90 15.63 58.89
CA MET O 146 -45.42 14.32 58.50
C MET O 146 -44.57 13.17 59.01
N GLN O 147 -43.60 13.45 59.90
CA GLN O 147 -42.73 12.45 60.50
C GLN O 147 -41.80 11.80 59.48
N VAL O 148 -41.39 12.55 58.45
CA VAL O 148 -40.39 12.05 57.52
C VAL O 148 -39.02 12.12 58.19
N ARG O 149 -38.39 10.96 58.36
CA ARG O 149 -37.07 10.87 58.99
C ARG O 149 -35.94 10.77 57.97
N GLY O 150 -36.26 10.57 56.71
CA GLY O 150 -35.24 10.45 55.68
C GLY O 150 -35.90 10.18 54.34
N LEU O 151 -35.04 9.99 53.34
CA LEU O 151 -35.51 9.77 51.98
C LEU O 151 -34.91 8.49 51.43
N PRO O 152 -35.65 7.74 50.60
CA PRO O 152 -37.05 7.96 50.17
C PRO O 152 -38.08 7.51 51.19
N THR O 153 -39.21 8.20 51.29
CA THR O 153 -40.28 7.86 52.22
C THR O 153 -41.60 7.84 51.46
N LEU O 154 -42.41 6.82 51.69
CA LEU O 154 -43.71 6.67 51.04
C LEU O 154 -44.81 6.64 52.08
N PHE O 155 -45.92 7.30 51.76
CA PHE O 155 -47.12 7.25 52.58
C PHE O 155 -48.25 6.60 51.78
N PHE O 156 -48.87 5.59 52.37
CA PHE O 156 -50.01 4.90 51.77
C PHE O 156 -51.25 5.28 52.57
N ILE O 157 -52.12 6.08 51.95
CA ILE O 157 -53.29 6.63 52.63
C ILE O 157 -54.53 5.95 52.07
N SER O 158 -55.31 5.32 52.96
CA SER O 158 -56.50 4.58 52.57
C SER O 158 -57.65 5.53 52.28
N PRO O 159 -58.53 5.17 51.33
CA PRO O 159 -59.74 5.98 51.12
C PRO O 159 -60.71 5.94 52.29
N ASP O 160 -60.62 4.94 53.15
CA ASP O 160 -61.46 4.89 54.34
C ASP O 160 -60.87 5.79 55.42
N PRO O 161 -61.57 6.83 55.85
CA PRO O 161 -60.97 7.78 56.80
C PRO O 161 -60.63 7.19 58.16
N SER O 162 -61.23 6.06 58.54
CA SER O 162 -60.94 5.48 59.85
C SER O 162 -59.58 4.80 59.88
N LYS O 163 -59.21 4.13 58.79
CA LYS O 163 -57.94 3.43 58.73
C LYS O 163 -56.78 4.43 58.77
N ASP O 164 -55.71 4.05 59.45
CA ASP O 164 -54.53 4.89 59.57
C ASP O 164 -53.57 4.62 58.40
N ALA O 165 -52.79 5.64 58.07
CA ALA O 165 -51.88 5.56 56.94
C ALA O 165 -50.65 4.74 57.29
N ILE O 166 -49.99 4.23 56.25
CA ILE O 166 -48.79 3.42 56.39
C ILE O 166 -47.62 4.20 55.81
N ARG O 167 -46.58 4.38 56.62
CA ARG O 167 -45.36 5.06 56.19
C ARG O 167 -44.24 4.04 56.06
N THR O 168 -43.58 4.03 54.91
CA THR O 168 -42.49 3.11 54.64
C THR O 168 -41.20 3.90 54.41
N GLU O 169 -40.07 3.25 54.67
CA GLU O 169 -38.76 3.86 54.54
C GLU O 169 -37.86 2.96 53.70
N GLY O 170 -37.10 3.57 52.80
CA GLY O 170 -36.13 2.85 52.00
C GLY O 170 -36.69 2.41 50.65
N LEU O 171 -35.79 1.89 49.83
CA LEU O 171 -36.13 1.40 48.49
C LEU O 171 -36.78 0.02 48.61
N ILE O 172 -38.07 0.02 48.88
CA ILE O 172 -38.85 -1.20 49.01
C ILE O 172 -39.12 -1.77 47.62
N PRO O 173 -39.27 -3.08 47.47
CA PRO O 173 -39.54 -3.66 46.15
C PRO O 173 -40.92 -3.27 45.63
N LEU O 174 -41.04 -3.34 44.30
CA LEU O 174 -42.31 -3.01 43.66
C LEU O 174 -43.42 -3.94 44.12
N GLN O 175 -43.11 -5.24 44.27
CA GLN O 175 -44.12 -6.19 44.73
C GLN O 175 -44.60 -5.84 46.14
N MET O 176 -43.71 -5.35 46.99
CA MET O 176 -44.10 -4.95 48.34
C MET O 176 -45.11 -3.81 48.31
N MET O 177 -44.94 -2.87 47.38
CA MET O 177 -45.91 -1.79 47.22
C MET O 177 -47.27 -2.32 46.81
N ARG O 178 -47.28 -3.28 45.88
CA ARG O 178 -48.55 -3.84 45.42
C ARG O 178 -49.30 -4.54 46.54
N ASP O 179 -48.58 -5.28 47.40
CA ASP O 179 -49.22 -5.98 48.50
C ASP O 179 -49.86 -5.01 49.48
N ILE O 180 -49.20 -3.89 49.76
CA ILE O 180 -49.77 -2.88 50.65
C ILE O 180 -51.02 -2.28 50.04
N ILE O 181 -50.98 -1.96 48.75
CA ILE O 181 -52.13 -1.34 48.09
C ILE O 181 -53.30 -2.32 48.02
N ASP O 182 -53.03 -3.57 47.65
CA ASP O 182 -54.12 -4.52 47.49
C ASP O 182 -54.69 -5.00 48.82
N ASN O 183 -53.83 -5.29 49.79
CA ASN O 183 -54.29 -5.91 51.04
C ASN O 183 -54.56 -4.92 52.15
N ASP O 184 -53.92 -3.75 52.14
CA ASP O 184 -54.09 -2.77 53.20
C ASP O 184 -54.69 -1.46 52.71
N MET O 185 -54.99 -1.33 51.42
CA MET O 185 -55.55 -0.10 50.88
C MET O 185 -56.75 -0.41 49.98
N LEU P 78 -41.61 -78.71 -3.95
CA LEU P 78 -41.21 -78.14 -2.67
C LEU P 78 -40.42 -79.14 -1.82
N VAL P 79 -39.40 -78.64 -1.14
CA VAL P 79 -38.63 -79.46 -0.22
C VAL P 79 -39.43 -79.65 1.06
N ARG P 80 -39.66 -80.89 1.45
CA ARG P 80 -40.55 -81.22 2.56
C ARG P 80 -39.74 -81.76 3.73
N LYS P 81 -40.12 -81.34 4.93
CA LYS P 81 -39.53 -81.87 6.16
C LYS P 81 -40.22 -83.18 6.54
N LEU P 82 -39.42 -84.18 6.90
CA LEU P 82 -39.95 -85.50 7.21
C LEU P 82 -39.27 -86.03 8.47
N SER P 83 -39.98 -86.92 9.16
CA SER P 83 -39.43 -87.62 10.31
C SER P 83 -38.69 -88.87 9.86
N ALA P 84 -38.18 -89.64 10.83
CA ALA P 84 -37.45 -90.86 10.48
C ALA P 84 -38.38 -91.96 9.99
N GLN P 85 -39.60 -92.00 10.51
CA GLN P 85 -40.56 -93.01 10.07
C GLN P 85 -41.13 -92.70 8.69
N GLU P 86 -41.33 -91.42 8.38
CA GLU P 86 -41.80 -91.06 7.04
C GLU P 86 -40.75 -91.41 5.98
N LEU P 87 -39.48 -91.19 6.30
CA LEU P 87 -38.42 -91.52 5.34
C LEU P 87 -38.27 -93.02 5.16
N GLN P 88 -38.45 -93.79 6.24
CA GLN P 88 -38.44 -95.25 6.12
C GLN P 88 -39.56 -95.73 5.21
N ASP P 89 -40.76 -95.16 5.38
CA ASP P 89 -41.87 -95.48 4.48
C ASP P 89 -41.58 -95.03 3.06
N LEU P 90 -40.74 -94.01 2.90
CA LEU P 90 -40.42 -93.47 1.58
C LEU P 90 -39.28 -94.21 0.90
N VAL P 91 -38.37 -94.79 1.69
CA VAL P 91 -37.25 -95.54 1.12
C VAL P 91 -37.64 -96.99 0.81
N LYS P 92 -38.35 -97.63 1.75
CA LYS P 92 -38.80 -99.01 1.52
C LYS P 92 -39.72 -99.10 0.31
N GLY P 93 -40.55 -98.08 0.11
CA GLY P 93 -41.42 -98.02 -1.05
C GLY P 93 -40.64 -97.87 -2.34
N GLU P 94 -41.32 -97.55 -3.43
CA GLU P 94 -40.69 -97.42 -4.72
C GLU P 94 -41.12 -96.13 -5.40
N ARG P 95 -40.28 -95.68 -6.33
CA ARG P 95 -40.47 -94.40 -6.98
C ARG P 95 -39.82 -94.47 -8.36
N LYS P 96 -40.15 -93.49 -9.21
CA LYS P 96 -39.57 -93.39 -10.54
C LYS P 96 -38.55 -92.28 -10.67
N VAL P 97 -38.26 -91.56 -9.60
CA VAL P 97 -37.31 -90.45 -9.64
C VAL P 97 -36.32 -90.61 -8.49
N PRO P 98 -35.13 -90.04 -8.64
CA PRO P 98 -34.16 -90.10 -7.54
C PRO P 98 -34.62 -89.33 -6.32
N LEU P 99 -34.17 -89.78 -5.15
CA LEU P 99 -34.55 -89.20 -3.86
C LEU P 99 -33.33 -88.57 -3.22
N ILE P 100 -33.45 -87.30 -2.84
CA ILE P 100 -32.38 -86.56 -2.17
C ILE P 100 -32.81 -86.29 -0.74
N VAL P 101 -32.02 -86.78 0.21
CA VAL P 101 -32.29 -86.60 1.64
C VAL P 101 -31.25 -85.62 2.18
N ASP P 102 -31.72 -84.52 2.76
CA ASP P 102 -30.86 -83.44 3.23
C ASP P 102 -30.88 -83.45 4.76
N PHE P 103 -29.88 -84.09 5.35
CA PHE P 103 -29.71 -84.02 6.80
C PHE P 103 -29.23 -82.62 7.18
N TYR P 104 -29.91 -82.01 8.15
CA TYR P 104 -29.61 -80.64 8.53
C TYR P 104 -29.93 -80.42 10.00
N ALA P 105 -29.51 -79.26 10.49
CA ALA P 105 -29.89 -78.78 11.82
C ALA P 105 -30.08 -77.28 11.76
N THR P 106 -30.87 -76.76 12.70
CA THR P 106 -31.20 -75.35 12.70
C THR P 106 -29.99 -74.49 13.05
N TRP P 107 -29.03 -75.03 13.79
CA TRP P 107 -27.92 -74.24 14.30
C TRP P 107 -26.75 -74.13 13.32
N CYS P 108 -26.82 -74.77 12.16
CA CYS P 108 -25.68 -74.84 11.24
C CYS P 108 -25.85 -73.83 10.12
N GLY P 109 -24.91 -72.89 10.04
CA GLY P 109 -24.91 -71.88 9.01
C GLY P 109 -24.82 -72.40 7.59
N PRO P 110 -23.87 -73.29 7.31
CA PRO P 110 -23.78 -73.85 5.95
C PRO P 110 -25.02 -74.63 5.53
N CYS P 111 -25.76 -75.22 6.47
CA CYS P 111 -26.99 -75.91 6.11
C CYS P 111 -28.03 -74.95 5.55
N ILE P 112 -27.99 -73.68 5.98
CA ILE P 112 -28.89 -72.68 5.43
C ILE P 112 -28.50 -72.35 3.99
N LEU P 113 -27.20 -72.26 3.72
CA LEU P 113 -26.74 -72.07 2.34
C LEU P 113 -27.10 -73.27 1.47
N MET P 114 -26.99 -74.47 2.03
CA MET P 114 -27.37 -75.67 1.29
C MET P 114 -28.84 -75.68 0.95
N ALA P 115 -29.68 -75.11 1.83
CA ALA P 115 -31.11 -75.03 1.55
C ALA P 115 -31.38 -74.18 0.32
N GLN P 116 -30.63 -73.09 0.13
CA GLN P 116 -30.81 -72.26 -1.05
C GLN P 116 -30.44 -72.99 -2.33
N GLU P 117 -29.36 -73.77 -2.30
CA GLU P 117 -28.98 -74.56 -3.48
C GLU P 117 -30.04 -75.60 -3.81
N LEU P 118 -30.57 -76.27 -2.78
CA LEU P 118 -31.50 -77.37 -3.03
C LEU P 118 -32.83 -76.90 -3.58
N GLU P 119 -33.29 -75.71 -3.19
CA GLU P 119 -34.55 -75.22 -3.75
C GLU P 119 -34.40 -74.76 -5.19
N MET P 120 -33.21 -74.27 -5.56
CA MET P 120 -32.93 -74.04 -6.97
C MET P 120 -32.91 -75.35 -7.74
N LEU P 121 -32.29 -76.38 -7.18
CA LEU P 121 -32.25 -77.68 -7.84
C LEU P 121 -33.65 -78.27 -7.97
N ALA P 122 -34.48 -78.12 -6.93
CA ALA P 122 -35.83 -78.64 -6.99
C ALA P 122 -36.64 -77.99 -8.11
N VAL P 123 -36.40 -76.69 -8.35
CA VAL P 123 -37.11 -76.01 -9.43
C VAL P 123 -36.63 -76.51 -10.78
N GLU P 124 -35.33 -76.76 -10.92
CA GLU P 124 -34.80 -77.27 -12.19
C GLU P 124 -35.41 -78.63 -12.52
N TYR P 125 -35.38 -79.54 -11.56
CA TYR P 125 -35.99 -80.86 -11.71
C TYR P 125 -37.33 -80.84 -10.99
N GLU P 126 -38.33 -80.28 -11.67
CA GLU P 126 -39.65 -80.09 -11.06
C GLU P 126 -40.21 -81.42 -10.56
N SER P 127 -40.38 -82.37 -11.48
CA SER P 127 -40.86 -83.70 -11.13
C SER P 127 -39.81 -84.79 -11.35
N ASN P 128 -38.66 -84.45 -11.93
CA ASN P 128 -37.62 -85.43 -12.20
C ASN P 128 -36.88 -85.89 -10.95
N ALA P 129 -37.15 -85.31 -9.79
CA ALA P 129 -36.49 -85.71 -8.56
C ALA P 129 -37.32 -85.26 -7.37
N MET P 130 -37.03 -85.85 -6.22
CA MET P 130 -37.67 -85.51 -4.95
C MET P 130 -36.61 -85.13 -3.94
N ILE P 131 -36.80 -84.00 -3.28
CA ILE P 131 -35.85 -83.50 -2.28
C ILE P 131 -36.59 -83.42 -0.94
N VAL P 132 -36.06 -84.13 0.06
CA VAL P 132 -36.62 -84.12 1.41
C VAL P 132 -35.50 -83.82 2.39
N LYS P 133 -35.87 -83.29 3.55
CA LYS P 133 -34.90 -82.96 4.58
C LYS P 133 -35.33 -83.56 5.92
N VAL P 134 -34.33 -83.97 6.70
CA VAL P 134 -34.54 -84.60 8.00
C VAL P 134 -33.71 -83.83 9.02
N ASP P 135 -34.33 -83.46 10.13
CA ASP P 135 -33.66 -82.71 11.20
C ASP P 135 -32.89 -83.70 12.06
N THR P 136 -31.55 -83.60 12.04
CA THR P 136 -30.73 -84.55 12.78
C THR P 136 -30.84 -84.37 14.29
N ASP P 137 -31.17 -83.17 14.77
CA ASP P 137 -31.39 -82.99 16.20
C ASP P 137 -32.57 -83.81 16.68
N ASP P 138 -33.67 -83.82 15.90
CA ASP P 138 -34.82 -84.65 16.26
C ASP P 138 -34.51 -86.13 16.10
N GLU P 139 -33.75 -86.48 15.07
CA GLU P 139 -33.55 -87.88 14.70
C GLU P 139 -32.07 -88.28 14.80
N TYR P 140 -31.44 -87.96 15.94
CA TYR P 140 -30.02 -88.27 16.09
C TYR P 140 -29.75 -89.76 15.99
N GLU P 141 -30.68 -90.61 16.45
CA GLU P 141 -30.51 -92.05 16.28
C GLU P 141 -30.56 -92.45 14.81
N PHE P 142 -31.49 -91.86 14.05
CA PHE P 142 -31.57 -92.15 12.62
C PHE P 142 -30.40 -91.54 11.86
N ALA P 143 -29.97 -90.34 12.27
CA ALA P 143 -28.80 -89.72 11.65
C ALA P 143 -27.56 -90.58 11.86
N ARG P 144 -27.42 -91.17 13.05
CA ARG P 144 -26.26 -92.01 13.33
C ARG P 144 -26.34 -93.33 12.55
N ASP P 145 -27.52 -93.95 12.48
CA ASP P 145 -27.67 -95.19 11.74
C ASP P 145 -27.47 -95.01 10.24
N MET P 146 -27.64 -93.79 9.73
CA MET P 146 -27.33 -93.49 8.34
C MET P 146 -25.87 -93.09 8.15
N GLN P 147 -25.05 -93.17 9.20
CA GLN P 147 -23.64 -92.80 9.16
C GLN P 147 -23.45 -91.36 8.68
N VAL P 148 -24.24 -90.45 9.25
CA VAL P 148 -24.02 -89.03 9.06
C VAL P 148 -22.96 -88.58 10.06
N ARG P 149 -21.83 -88.09 9.54
CA ARG P 149 -20.70 -87.71 10.38
C ARG P 149 -20.58 -86.20 10.56
N GLY P 150 -21.54 -85.44 10.06
CA GLY P 150 -21.49 -84.00 10.18
C GLY P 150 -22.52 -83.37 9.26
N LEU P 151 -22.49 -82.04 9.21
CA LEU P 151 -23.48 -81.29 8.45
C LEU P 151 -22.81 -80.22 7.60
N PRO P 152 -23.34 -79.94 6.40
CA PRO P 152 -24.48 -80.59 5.76
C PRO P 152 -24.14 -81.94 5.15
N THR P 153 -25.13 -82.81 4.98
CA THR P 153 -24.95 -84.14 4.41
C THR P 153 -26.13 -84.48 3.53
N LEU P 154 -25.86 -84.90 2.30
CA LEU P 154 -26.89 -85.26 1.34
C LEU P 154 -26.80 -86.74 1.01
N PHE P 155 -27.96 -87.38 0.88
CA PHE P 155 -28.06 -88.75 0.41
C PHE P 155 -28.81 -88.77 -0.92
N PHE P 156 -28.18 -89.34 -1.94
CA PHE P 156 -28.79 -89.51 -3.25
C PHE P 156 -29.17 -90.97 -3.40
N ILE P 157 -30.46 -91.27 -3.30
CA ILE P 157 -30.95 -92.64 -3.29
C ILE P 157 -31.61 -92.91 -4.63
N SER P 158 -31.14 -93.95 -5.31
CA SER P 158 -31.66 -94.32 -6.62
C SER P 158 -32.99 -95.07 -6.50
N PRO P 159 -33.86 -94.95 -7.50
CA PRO P 159 -35.05 -95.80 -7.53
C PRO P 159 -34.77 -97.22 -7.99
N ASP P 160 -33.61 -97.46 -8.59
CA ASP P 160 -33.19 -98.81 -8.92
C ASP P 160 -32.61 -99.49 -7.68
N PRO P 161 -33.19 -100.60 -7.22
CA PRO P 161 -32.70 -101.23 -5.98
C PRO P 161 -31.26 -101.70 -6.06
N SER P 162 -30.79 -102.12 -7.23
CA SER P 162 -29.42 -102.63 -7.35
C SER P 162 -28.40 -101.52 -7.13
N LYS P 163 -28.70 -100.31 -7.61
CA LYS P 163 -27.79 -99.19 -7.45
C LYS P 163 -27.62 -98.83 -5.97
N ASP P 164 -26.42 -98.43 -5.60
CA ASP P 164 -26.11 -98.00 -4.25
C ASP P 164 -26.20 -96.48 -4.14
N ALA P 165 -26.54 -96.01 -2.95
CA ALA P 165 -26.73 -94.59 -2.73
C ALA P 165 -25.39 -93.88 -2.61
N ILE P 166 -25.46 -92.54 -2.63
CA ILE P 166 -24.27 -91.70 -2.57
C ILE P 166 -24.44 -90.71 -1.43
N ARG P 167 -23.43 -90.62 -0.57
CA ARG P 167 -23.41 -89.68 0.55
C ARG P 167 -22.39 -88.59 0.25
N THR P 168 -22.84 -87.35 0.24
CA THR P 168 -21.97 -86.20 0.04
C THR P 168 -21.88 -85.40 1.34
N GLU P 169 -20.69 -84.88 1.63
CA GLU P 169 -20.43 -84.12 2.84
C GLU P 169 -19.90 -82.74 2.48
N GLY P 170 -20.42 -81.72 3.16
CA GLY P 170 -20.01 -80.36 2.92
C GLY P 170 -20.88 -79.66 1.91
N LEU P 171 -20.53 -78.40 1.65
CA LEU P 171 -21.27 -77.55 0.73
C LEU P 171 -20.70 -77.78 -0.67
N ILE P 172 -21.39 -78.61 -1.45
CA ILE P 172 -20.92 -78.98 -2.79
C ILE P 172 -21.62 -78.11 -3.82
N PRO P 173 -20.97 -77.80 -4.94
CA PRO P 173 -21.61 -76.94 -5.95
C PRO P 173 -22.76 -77.64 -6.64
N LEU P 174 -23.62 -76.82 -7.27
CA LEU P 174 -24.83 -77.33 -7.90
C LEU P 174 -24.51 -78.32 -9.01
N GLN P 175 -23.45 -78.05 -9.77
CA GLN P 175 -23.12 -78.91 -10.91
C GLN P 175 -22.82 -80.34 -10.48
N MET P 176 -22.23 -80.52 -9.29
CA MET P 176 -21.98 -81.87 -8.81
C MET P 176 -23.28 -82.62 -8.54
N MET P 177 -24.28 -81.94 -7.98
CA MET P 177 -25.58 -82.56 -7.78
C MET P 177 -26.21 -82.97 -9.09
N ARG P 178 -26.12 -82.10 -10.11
CA ARG P 178 -26.64 -82.46 -11.43
C ARG P 178 -25.90 -83.65 -12.01
N ASP P 179 -24.58 -83.70 -11.82
CA ASP P 179 -23.81 -84.85 -12.29
C ASP P 179 -24.21 -86.13 -11.57
N ILE P 180 -24.40 -86.06 -10.26
CA ILE P 180 -24.77 -87.26 -9.49
C ILE P 180 -26.14 -87.76 -9.94
N ILE P 181 -27.10 -86.85 -10.11
CA ILE P 181 -28.46 -87.25 -10.48
C ILE P 181 -28.47 -87.93 -11.83
N ASP P 182 -27.74 -87.38 -12.79
CA ASP P 182 -27.77 -87.93 -14.16
C ASP P 182 -26.90 -89.17 -14.28
N ASN P 183 -25.64 -89.10 -13.86
CA ASN P 183 -24.67 -90.14 -14.21
C ASN P 183 -24.91 -91.43 -13.44
N ASP P 184 -25.30 -91.34 -12.16
CA ASP P 184 -25.32 -92.54 -11.33
C ASP P 184 -26.58 -92.66 -10.46
N MET P 185 -27.64 -91.92 -10.77
CA MET P 185 -28.85 -92.01 -9.97
C MET P 185 -30.08 -92.18 -10.86
N ASN Q 350 -7.11 52.66 -98.05
CA ASN Q 350 -7.28 53.55 -96.92
C ASN Q 350 -8.40 54.55 -97.17
N GLY Q 351 -9.23 54.79 -96.15
CA GLY Q 351 -10.27 55.78 -96.24
C GLY Q 351 -11.54 55.35 -96.93
N LYS Q 352 -11.72 54.04 -97.18
CA LYS Q 352 -12.93 53.58 -97.85
C LYS Q 352 -14.16 53.74 -96.95
N THR Q 353 -14.01 53.45 -95.66
CA THR Q 353 -15.17 53.44 -94.77
C THR Q 353 -15.65 54.86 -94.46
N THR Q 354 -14.71 55.78 -94.21
CA THR Q 354 -15.11 57.15 -93.89
C THR Q 354 -15.66 57.87 -95.11
N THR Q 355 -15.08 57.60 -96.28
CA THR Q 355 -15.61 58.20 -97.51
C THR Q 355 -17.01 57.69 -97.82
N THR Q 356 -17.25 56.40 -97.57
CA THR Q 356 -18.58 55.85 -97.78
C THR Q 356 -19.60 56.49 -96.87
N TYR Q 357 -19.23 56.74 -95.60
CA TYR Q 357 -20.12 57.44 -94.68
C TYR Q 357 -20.35 58.87 -95.12
N LEU Q 358 -19.32 59.54 -95.62
CA LEU Q 358 -19.47 60.91 -96.11
C LEU Q 358 -20.33 60.95 -97.36
N ILE Q 359 -20.12 60.02 -98.29
CA ILE Q 359 -20.86 60.03 -99.55
C ILE Q 359 -22.34 59.72 -99.30
N LYS Q 360 -22.62 58.78 -98.39
CA LYS Q 360 -24.01 58.44 -98.09
C LYS Q 360 -24.75 59.64 -97.51
N SER Q 361 -24.10 60.39 -96.62
CA SER Q 361 -24.71 61.58 -96.05
C SER Q 361 -24.70 62.73 -97.05
N LEU Q 537 -14.45 64.94 -87.67
CA LEU Q 537 -13.39 64.11 -88.21
C LEU Q 537 -12.03 64.73 -87.94
N LEU Q 538 -11.07 63.91 -87.54
CA LEU Q 538 -9.75 64.38 -87.11
C LEU Q 538 -8.66 63.87 -88.04
N GLY Q 539 -7.57 64.61 -88.09
CA GLY Q 539 -6.41 64.23 -88.87
C GLY Q 539 -6.50 64.71 -90.31
N ARG Q 540 -5.33 64.84 -90.93
CA ARG Q 540 -5.26 65.26 -92.33
C ARG Q 540 -5.62 64.14 -93.29
N HIS Q 541 -5.58 62.88 -92.84
CA HIS Q 541 -6.02 61.79 -93.69
C HIS Q 541 -7.52 61.86 -93.94
N ASN Q 542 -8.28 62.47 -93.02
CA ASN Q 542 -9.70 62.70 -93.23
C ASN Q 542 -9.98 63.89 -94.12
N ILE Q 543 -8.99 64.75 -94.36
CA ILE Q 543 -9.16 65.82 -95.34
C ILE Q 543 -9.33 65.24 -96.73
N TYR Q 544 -8.55 64.22 -97.08
CA TYR Q 544 -8.73 63.53 -98.35
C TYR Q 544 -10.12 62.91 -98.45
N ASN Q 545 -10.60 62.33 -97.36
CA ASN Q 545 -11.93 61.72 -97.36
C ASN Q 545 -13.02 62.77 -97.59
N ILE Q 546 -12.84 63.95 -97.02
CA ILE Q 546 -13.79 65.05 -97.26
C ILE Q 546 -13.74 65.48 -98.72
N LEU Q 547 -12.53 65.60 -99.27
CA LEU Q 547 -12.39 66.01 -100.67
C LEU Q 547 -13.06 65.00 -101.60
N ALA Q 548 -12.87 63.71 -101.33
CA ALA Q 548 -13.51 62.68 -102.13
C ALA Q 548 -15.00 62.59 -101.81
N VAL Q 573 -18.05 57.93 -87.83
CA VAL Q 573 -17.69 56.63 -88.36
C VAL Q 573 -17.25 55.72 -87.22
N PRO Q 574 -17.90 54.56 -87.08
CA PRO Q 574 -17.61 53.67 -85.96
C PRO Q 574 -16.20 53.08 -86.02
N GLY Q 575 -15.37 53.44 -85.05
CA GLY Q 575 -14.05 52.84 -84.91
C GLY Q 575 -12.99 53.38 -85.85
N ARG Q 576 -13.24 54.48 -86.55
CA ARG Q 576 -12.26 55.06 -87.47
C ARG Q 576 -11.89 56.43 -86.91
N CYS Q 577 -10.91 56.45 -86.00
CA CYS Q 577 -10.50 57.66 -85.29
C CYS Q 577 -11.71 58.35 -84.67
N GLU Q 578 -12.64 57.55 -84.15
CA GLU Q 578 -13.92 58.05 -83.67
C GLU Q 578 -13.70 58.87 -82.40
N LEU Q 579 -13.93 60.18 -82.51
CA LEU Q 579 -13.80 61.04 -81.35
C LEU Q 579 -14.96 60.80 -80.38
N ILE Q 580 -14.63 60.61 -79.11
CA ILE Q 580 -15.61 60.46 -78.05
C ILE Q 580 -15.69 61.79 -77.32
N ASP Q 581 -16.78 62.52 -77.51
CA ASP Q 581 -16.93 63.88 -77.01
C ASP Q 581 -17.94 63.89 -75.89
N GLU Q 582 -17.53 64.40 -74.72
CA GLU Q 582 -18.40 64.54 -73.57
C GLU Q 582 -18.16 65.88 -72.88
N GLU Q 583 -17.78 66.90 -73.64
CA GLU Q 583 -17.48 68.25 -73.13
C GLU Q 583 -16.36 68.19 -72.10
N GLN Q 584 -15.19 67.73 -72.57
CA GLN Q 584 -13.99 67.68 -71.75
C GLN Q 584 -12.83 68.30 -72.50
N ALA Q 585 -11.75 68.59 -71.78
CA ALA Q 585 -10.64 69.37 -72.29
C ALA Q 585 -9.61 68.53 -73.05
N PHE Q 586 -9.81 67.23 -73.17
CA PHE Q 586 -8.89 66.37 -73.91
C PHE Q 586 -9.66 65.49 -74.88
N GLY Q 587 -9.03 65.19 -76.02
CA GLY Q 587 -9.66 64.37 -77.02
C GLY Q 587 -9.50 62.88 -76.71
N VAL Q 588 -10.55 62.13 -76.98
CA VAL Q 588 -10.56 60.68 -76.83
C VAL Q 588 -11.00 60.08 -78.15
N ILE Q 589 -10.14 59.27 -78.76
CA ILE Q 589 -10.41 58.64 -80.05
C ILE Q 589 -10.28 57.13 -79.90
N VAL Q 590 -11.21 56.41 -80.52
CA VAL Q 590 -11.20 54.96 -80.54
C VAL Q 590 -10.97 54.52 -81.98
N ASP Q 591 -9.94 53.70 -82.20
CA ASP Q 591 -9.57 53.26 -83.53
C ASP Q 591 -9.39 51.75 -83.54
N HIS Q 592 -9.49 51.18 -84.74
CA HIS Q 592 -9.39 49.74 -84.95
C HIS Q 592 -7.98 49.29 -85.27
N ALA Q 593 -6.99 50.17 -85.17
CA ALA Q 593 -5.61 49.82 -85.52
C ALA Q 593 -5.10 48.71 -84.61
N ASN Q 594 -4.74 47.58 -85.22
CA ASN Q 594 -4.22 46.42 -84.47
C ASN Q 594 -2.97 45.85 -85.13
N THR Q 595 -2.25 46.64 -85.91
CA THR Q 595 -1.06 46.22 -86.61
C THR Q 595 0.05 47.24 -86.37
N PRO Q 596 1.31 46.81 -86.46
CA PRO Q 596 2.42 47.76 -86.23
C PRO Q 596 2.39 48.97 -87.15
N ASP Q 597 2.04 48.79 -88.43
CA ASP Q 597 2.02 49.91 -89.34
C ASP Q 597 0.73 50.72 -89.23
N GLY Q 598 -0.36 50.07 -88.84
CA GLY Q 598 -1.59 50.81 -88.55
C GLY Q 598 -1.43 51.72 -87.34
N LEU Q 599 -0.77 51.21 -86.29
CA LEU Q 599 -0.55 52.02 -85.10
C LEU Q 599 0.44 53.15 -85.37
N SER Q 600 1.49 52.87 -86.15
CA SER Q 600 2.46 53.92 -86.48
C SER Q 600 1.81 55.05 -87.25
N ARG Q 601 0.98 54.71 -88.23
CA ARG Q 601 0.27 55.72 -89.00
C ARG Q 601 -0.74 56.47 -88.14
N LEU Q 602 -1.42 55.75 -87.23
CA LEU Q 602 -2.40 56.39 -86.36
C LEU Q 602 -1.74 57.38 -85.41
N LEU Q 603 -0.62 57.00 -84.79
CA LEU Q 603 0.03 57.87 -83.82
C LEU Q 603 0.74 59.05 -84.45
N ASP Q 604 1.15 58.93 -85.72
CA ASP Q 604 1.72 60.08 -86.41
C ASP Q 604 0.65 61.07 -86.83
N SER Q 605 -0.58 60.60 -87.08
CA SER Q 605 -1.68 61.50 -87.36
C SER Q 605 -2.14 62.23 -86.10
N VAL Q 606 -2.02 61.59 -84.93
CA VAL Q 606 -2.37 62.25 -83.69
C VAL Q 606 -1.35 63.33 -83.35
N ARG Q 607 -0.06 63.05 -83.59
CA ARG Q 607 0.98 64.00 -83.21
C ARG Q 607 0.89 65.31 -83.99
N GLU Q 608 0.42 65.26 -85.24
CA GLU Q 608 0.29 66.48 -86.03
C GLU Q 608 -0.82 67.38 -85.52
N LEU Q 609 -1.78 66.83 -84.77
CA LEU Q 609 -2.81 67.66 -84.14
C LEU Q 609 -2.26 68.49 -82.99
N LYS Q 610 -1.00 68.26 -82.60
CA LYS Q 610 -0.29 68.96 -81.54
C LYS Q 610 -0.98 68.85 -80.18
N PRO Q 611 -1.14 67.64 -79.64
CA PRO Q 611 -1.54 67.52 -78.24
C PRO Q 611 -0.34 67.69 -77.32
N ARG Q 612 -0.64 67.93 -76.03
CA ARG Q 612 0.43 68.03 -75.05
C ARG Q 612 1.03 66.66 -74.75
N ARG Q 613 0.17 65.64 -74.61
CA ARG Q 613 0.61 64.27 -74.41
C ARG Q 613 -0.29 63.34 -75.21
N ILE Q 614 0.26 62.17 -75.53
CA ILE Q 614 -0.49 61.11 -76.19
C ILE Q 614 -0.52 59.91 -75.24
N ILE Q 615 -1.71 59.42 -74.95
CA ILE Q 615 -1.91 58.28 -74.06
C ILE Q 615 -2.56 57.18 -74.88
N THR Q 616 -1.84 56.08 -75.09
CA THR Q 616 -2.28 55.00 -75.97
C THR Q 616 -2.62 53.77 -75.15
N VAL Q 617 -3.77 53.18 -75.45
CA VAL Q 617 -4.20 51.92 -74.85
C VAL Q 617 -4.20 50.87 -75.96
N ILE Q 618 -3.33 49.87 -75.83
CA ILE Q 618 -3.12 48.90 -76.89
C ILE Q 618 -2.98 47.51 -76.27
N GLY Q 619 -3.42 46.50 -77.03
CA GLY Q 619 -3.25 45.11 -76.63
C GLY Q 619 -3.11 44.26 -77.86
N CYS Q 620 -2.77 42.99 -77.63
CA CYS Q 620 -2.55 42.04 -78.70
C CYS Q 620 -3.50 40.85 -78.56
N ALA Q 621 -3.94 40.33 -79.70
CA ALA Q 621 -4.81 39.17 -79.71
C ALA Q 621 -4.04 37.91 -79.31
N GLY Q 622 -4.75 36.97 -78.71
CA GLY Q 622 -4.16 35.74 -78.24
C GLY Q 622 -4.26 34.62 -79.27
N GLU Q 623 -3.32 33.67 -79.17
CA GLU Q 623 -3.23 32.47 -80.00
C GLU Q 623 -2.90 32.76 -81.45
N ASN Q 624 -2.76 34.04 -81.83
CA ASN Q 624 -2.47 34.40 -83.22
C ASN Q 624 -1.67 35.70 -83.22
N GLU Q 625 -1.00 35.93 -84.35
CA GLU Q 625 -0.22 37.15 -84.57
C GLU Q 625 0.81 37.35 -83.46
N ARG Q 626 1.61 36.31 -83.21
CA ARG Q 626 2.57 36.36 -82.12
C ARG Q 626 3.79 37.22 -82.45
N GLY Q 627 3.98 37.60 -83.71
CA GLY Q 627 5.16 38.37 -84.07
C GLY Q 627 5.05 39.86 -83.87
N LYS Q 628 3.83 40.39 -83.79
CA LYS Q 628 3.62 41.82 -83.63
C LYS Q 628 3.63 42.26 -82.17
N ARG Q 629 3.63 41.33 -81.23
CA ARG Q 629 3.54 41.71 -79.81
C ARG Q 629 4.71 42.56 -79.34
N PRO Q 630 5.97 42.20 -79.58
CA PRO Q 630 7.05 43.13 -79.22
C PRO Q 630 7.13 44.33 -80.12
N VAL Q 631 6.66 44.22 -81.37
CA VAL Q 631 6.79 45.31 -82.33
C VAL Q 631 5.87 46.47 -81.95
N MET Q 632 4.62 46.17 -81.60
CA MET Q 632 3.67 47.23 -81.30
C MET Q 632 3.99 47.95 -79.99
N THR Q 633 4.66 47.27 -79.07
CA THR Q 633 5.07 47.92 -77.83
C THR Q 633 6.21 48.89 -78.06
N LYS Q 634 7.17 48.53 -78.92
CA LYS Q 634 8.25 49.44 -79.26
C LYS Q 634 7.73 50.67 -79.98
N ILE Q 635 6.75 50.48 -80.87
CA ILE Q 635 6.18 51.60 -81.60
C ILE Q 635 5.40 52.52 -80.66
N ALA Q 636 4.59 51.93 -79.77
CA ALA Q 636 3.78 52.74 -78.87
C ALA Q 636 4.65 53.52 -77.90
N THR Q 637 5.73 52.91 -77.40
CA THR Q 637 6.57 53.56 -76.42
C THR Q 637 7.48 54.63 -77.02
N GLU Q 638 7.64 54.66 -78.34
CA GLU Q 638 8.46 55.66 -78.99
C GLU Q 638 7.65 56.78 -79.63
N LYS Q 639 6.32 56.65 -79.66
CA LYS Q 639 5.46 57.67 -80.23
C LYS Q 639 4.42 58.21 -79.26
N SER Q 640 4.20 57.56 -78.12
CA SER Q 640 3.22 57.98 -77.14
C SER Q 640 3.93 58.35 -75.84
N ASP Q 641 3.50 59.45 -75.22
CA ASP Q 641 4.10 59.87 -73.96
C ASP Q 641 3.82 58.87 -72.86
N VAL Q 642 2.61 58.33 -72.79
CA VAL Q 642 2.23 57.31 -71.82
C VAL Q 642 1.59 56.16 -72.58
N THR Q 643 2.05 54.94 -72.28
CA THR Q 643 1.54 53.73 -72.92
C THR Q 643 0.89 52.85 -71.86
N MET Q 644 -0.31 52.37 -72.16
CA MET Q 644 -1.06 51.49 -71.26
C MET Q 644 -1.31 50.18 -72.00
N LEU Q 645 -0.54 49.15 -71.65
CA LEU Q 645 -0.75 47.82 -72.22
C LEU Q 645 -1.92 47.14 -71.53
N THR Q 646 -2.66 46.34 -72.30
CA THR Q 646 -3.85 45.68 -71.78
C THR Q 646 -4.13 44.45 -72.63
N SER Q 647 -5.31 43.87 -72.45
CA SER Q 647 -5.73 42.66 -73.16
C SER Q 647 -6.73 43.02 -74.24
N ASP Q 648 -6.46 42.58 -75.47
CA ASP Q 648 -7.35 42.83 -76.60
C ASP Q 648 -8.33 41.67 -76.80
N ASN Q 649 -7.80 40.48 -77.03
CA ASN Q 649 -8.62 39.27 -77.17
C ASN Q 649 -7.79 38.07 -76.76
N PRO Q 650 -7.70 37.81 -75.44
CA PRO Q 650 -6.84 36.72 -74.98
C PRO Q 650 -7.21 35.36 -75.54
N GLY Q 651 -8.51 35.10 -75.71
CA GLY Q 651 -8.93 33.76 -76.10
C GLY Q 651 -8.58 32.76 -75.01
N ASN Q 652 -7.93 31.68 -75.40
CA ASN Q 652 -7.52 30.64 -74.46
C ASN Q 652 -6.12 30.87 -73.90
N GLU Q 653 -5.44 31.92 -74.31
CA GLU Q 653 -4.11 32.23 -73.80
C GLU Q 653 -4.23 33.16 -72.60
N ASP Q 654 -3.32 32.97 -71.64
CA ASP Q 654 -3.34 33.78 -70.43
C ASP Q 654 -2.95 35.22 -70.77
N PRO Q 655 -3.72 36.21 -70.30
CA PRO Q 655 -3.41 37.60 -70.67
C PRO Q 655 -2.04 38.08 -70.20
N LEU Q 656 -1.54 37.57 -69.07
CA LEU Q 656 -0.23 38.01 -68.60
C LEU Q 656 0.91 37.41 -69.43
N ASP Q 657 0.66 36.32 -70.15
CA ASP Q 657 1.67 35.78 -71.06
C ASP Q 657 1.80 36.63 -72.32
N ILE Q 658 0.68 37.11 -72.84
CA ILE Q 658 0.73 38.02 -73.98
C ILE Q 658 1.43 39.32 -73.61
N LEU Q 659 1.10 39.87 -72.44
CA LEU Q 659 1.74 41.10 -71.99
C LEU Q 659 3.23 40.91 -71.75
N ASP Q 660 3.65 39.71 -71.36
CA ASP Q 660 5.08 39.43 -71.24
C ASP Q 660 5.76 39.47 -72.60
N ASP Q 661 5.11 38.94 -73.63
CA ASP Q 661 5.65 39.03 -74.99
C ASP Q 661 5.73 40.48 -75.45
N MET Q 662 4.71 41.27 -75.13
CA MET Q 662 4.73 42.69 -75.49
C MET Q 662 5.85 43.42 -74.75
N LEU Q 663 6.03 43.12 -73.46
CA LEU Q 663 7.06 43.80 -72.67
C LEU Q 663 8.46 43.49 -73.20
N SER Q 664 8.64 42.33 -73.83
CA SER Q 664 9.96 41.95 -74.33
C SER Q 664 10.46 42.88 -75.44
N GLY Q 665 9.56 43.63 -76.08
CA GLY Q 665 9.97 44.52 -77.14
C GLY Q 665 10.70 45.76 -76.68
N ILE Q 666 10.67 46.07 -75.39
CA ILE Q 666 11.40 47.19 -74.82
C ILE Q 666 12.41 46.75 -73.77
N GLY Q 667 12.58 45.44 -73.59
CA GLY Q 667 13.56 44.93 -72.66
C GLY Q 667 13.04 44.67 -71.26
N TRP Q 668 11.74 44.60 -71.07
CA TRP Q 668 11.15 44.36 -69.75
C TRP Q 668 10.55 42.95 -69.68
N THR Q 669 10.18 42.58 -68.46
CA THR Q 669 9.45 41.35 -68.21
C THR Q 669 8.36 41.62 -67.18
N MET Q 670 7.37 40.73 -67.14
CA MET Q 670 6.28 40.90 -66.19
C MET Q 670 6.77 40.89 -64.75
N GLN Q 671 7.77 40.04 -64.47
CA GLN Q 671 8.32 39.98 -63.12
C GLN Q 671 8.94 41.30 -62.70
N GLU Q 672 9.70 41.93 -63.59
CA GLU Q 672 10.31 43.21 -63.27
C GLU Q 672 9.26 44.30 -63.07
N TYR Q 673 8.21 44.30 -63.90
CA TYR Q 673 7.14 45.27 -63.73
C TYR Q 673 6.42 45.07 -62.40
N LEU Q 674 6.16 43.82 -62.03
CA LEU Q 674 5.49 43.55 -60.76
C LEU Q 674 6.37 43.91 -59.57
N LYS Q 675 7.68 43.78 -59.70
CA LYS Q 675 8.58 44.23 -58.64
C LYS Q 675 8.48 45.73 -58.44
N HIS Q 676 8.40 46.49 -59.53
CA HIS Q 676 8.21 47.93 -59.42
C HIS Q 676 6.88 48.27 -58.77
N GLY Q 677 5.86 47.43 -58.95
CA GLY Q 677 4.60 47.66 -58.29
C GLY Q 677 4.69 47.50 -56.78
N GLU Q 678 5.52 46.57 -56.31
CA GLU Q 678 5.71 46.38 -54.88
C GLU Q 678 6.33 47.61 -54.24
N HIS Q 679 7.28 48.25 -54.92
CA HIS Q 679 7.89 49.49 -54.47
C HIS Q 679 7.06 50.71 -54.83
N ASP Q 680 5.80 50.51 -55.20
CA ASP Q 680 4.84 51.56 -55.58
C ASP Q 680 5.45 52.66 -56.44
N TYR Q 681 6.29 52.27 -57.40
CA TYR Q 681 6.91 53.25 -58.29
C TYR Q 681 7.32 52.55 -59.58
N TYR Q 682 6.80 53.01 -60.70
CA TYR Q 682 7.20 52.49 -62.00
C TYR Q 682 8.10 53.51 -62.69
N PRO Q 683 9.36 53.19 -62.95
CA PRO Q 683 10.26 54.16 -63.54
C PRO Q 683 9.93 54.41 -64.99
N PRO Q 684 10.31 55.54 -65.55
CA PRO Q 684 10.10 55.81 -66.96
C PRO Q 684 11.10 55.04 -67.82
N LEU Q 685 10.91 55.13 -69.14
CA LEU Q 685 11.78 54.43 -70.07
C LEU Q 685 13.02 55.27 -70.36
N SER Q 686 13.86 54.78 -71.26
CA SER Q 686 15.08 55.49 -71.61
C SER Q 686 14.80 56.81 -72.30
N ASN Q 687 13.69 56.89 -73.04
CA ASN Q 687 13.32 58.11 -73.76
C ASN Q 687 12.50 59.07 -72.91
N GLY Q 688 12.24 58.73 -71.64
CA GLY Q 688 11.46 59.57 -70.77
C GLY Q 688 9.96 59.31 -70.77
N HIS Q 689 9.49 58.39 -71.60
CA HIS Q 689 8.08 58.06 -71.64
C HIS Q 689 7.72 57.12 -70.49
N ARG Q 690 6.41 56.97 -70.25
CA ARG Q 690 5.89 56.13 -69.19
C ARG Q 690 5.16 54.93 -69.79
N LEU Q 691 5.35 53.77 -69.17
CA LEU Q 691 4.60 52.58 -69.55
C LEU Q 691 3.90 52.02 -68.32
N PHE Q 692 2.61 51.75 -68.45
CA PHE Q 692 1.82 51.14 -67.40
C PHE Q 692 1.15 49.89 -67.96
N LEU Q 693 0.53 49.12 -67.08
CA LEU Q 693 0.07 47.79 -67.48
C LEU Q 693 -1.09 47.37 -66.61
N HIS Q 694 -2.08 46.71 -67.22
CA HIS Q 694 -3.17 46.07 -66.49
C HIS Q 694 -3.88 45.11 -67.45
N ASP Q 695 -4.10 43.88 -66.99
CA ASP Q 695 -4.64 42.84 -67.86
C ASP Q 695 -6.15 42.94 -68.06
N VAL Q 696 -6.85 43.76 -67.29
CA VAL Q 696 -8.29 43.95 -67.45
C VAL Q 696 -8.50 45.15 -68.37
N ARG Q 697 -9.14 44.92 -69.51
CA ARG Q 697 -9.29 45.99 -70.49
C ARG Q 697 -10.18 47.11 -69.97
N ARG Q 698 -11.25 46.76 -69.25
CA ARG Q 698 -12.14 47.79 -68.71
C ARG Q 698 -11.40 48.71 -67.75
N VAL Q 699 -10.52 48.14 -66.93
CA VAL Q 699 -9.73 48.96 -66.01
C VAL Q 699 -8.74 49.83 -66.76
N ALA Q 700 -8.03 49.25 -67.74
CA ALA Q 700 -6.98 49.99 -68.43
C ALA Q 700 -7.54 51.11 -69.28
N VAL Q 701 -8.69 50.92 -69.91
CA VAL Q 701 -9.27 51.98 -70.74
C VAL Q 701 -9.70 53.16 -69.87
N ARG Q 702 -10.42 52.89 -68.78
CA ARG Q 702 -10.92 53.97 -67.94
C ARG Q 702 -9.82 54.65 -67.16
N CYS Q 703 -8.78 53.90 -66.75
CA CYS Q 703 -7.67 54.52 -66.04
C CYS Q 703 -6.88 55.45 -66.95
N ALA Q 704 -6.85 55.18 -68.25
CA ALA Q 704 -6.16 56.06 -69.18
C ALA Q 704 -6.94 57.34 -69.43
N VAL Q 705 -8.28 57.25 -69.43
CA VAL Q 705 -9.10 58.45 -69.53
C VAL Q 705 -8.91 59.33 -68.29
N ALA Q 706 -8.78 58.70 -67.12
CA ALA Q 706 -8.53 59.44 -65.89
C ALA Q 706 -7.15 60.06 -65.85
N MET Q 707 -6.22 59.62 -66.70
CA MET Q 707 -4.91 60.25 -66.79
C MET Q 707 -4.90 61.46 -67.71
N GLY Q 708 -5.98 61.70 -68.45
CA GLY Q 708 -6.01 62.82 -69.37
C GLY Q 708 -5.98 64.15 -68.67
N GLU Q 709 -5.33 65.12 -69.30
CA GLU Q 709 -5.25 66.48 -68.80
C GLU Q 709 -5.79 67.45 -69.84
N GLU Q 710 -5.59 68.74 -69.64
CA GLU Q 710 -6.06 69.73 -70.59
C GLU Q 710 -5.17 69.71 -71.83
N GLY Q 711 -5.78 69.53 -73.00
CA GLY Q 711 -5.04 69.52 -74.23
C GLY Q 711 -4.28 68.24 -74.52
N ASP Q 712 -4.77 67.11 -74.05
CA ASP Q 712 -4.17 65.81 -74.30
C ASP Q 712 -5.01 65.03 -75.31
N MET Q 713 -4.51 63.86 -75.69
CA MET Q 713 -5.25 62.94 -76.55
C MET Q 713 -5.09 61.53 -76.02
N VAL Q 714 -6.21 60.84 -75.83
CA VAL Q 714 -6.23 59.46 -75.36
C VAL Q 714 -6.66 58.59 -76.52
N VAL Q 715 -5.80 57.68 -76.95
CA VAL Q 715 -6.02 56.83 -78.11
C VAL Q 715 -6.28 55.42 -77.62
N VAL Q 716 -7.49 54.92 -77.86
CA VAL Q 716 -7.87 53.56 -77.49
C VAL Q 716 -7.90 52.75 -78.79
N ALA Q 717 -6.78 52.11 -79.10
CA ALA Q 717 -6.64 51.36 -80.33
C ALA Q 717 -7.02 49.90 -80.13
N GLY Q 718 -6.89 49.12 -81.20
CA GLY Q 718 -7.13 47.68 -81.15
C GLY Q 718 -8.48 47.21 -81.61
N LYS Q 719 -9.55 47.59 -80.92
CA LYS Q 719 -10.87 47.04 -81.23
C LYS Q 719 -11.65 47.89 -82.22
N GLY Q 720 -11.71 49.19 -82.00
CA GLY Q 720 -12.51 50.04 -82.86
C GLY Q 720 -13.99 49.91 -82.62
N HIS Q 721 -14.73 49.43 -83.62
CA HIS Q 721 -16.17 49.29 -83.54
C HIS Q 721 -16.62 47.90 -83.07
N GLU Q 722 -15.69 46.97 -82.86
CA GLU Q 722 -16.06 45.64 -82.41
C GLU Q 722 -16.66 45.69 -81.02
N SER Q 723 -17.65 44.84 -80.78
CA SER Q 723 -18.41 44.84 -79.55
C SER Q 723 -18.33 43.49 -78.83
N TYR Q 724 -17.14 42.91 -78.78
CA TYR Q 724 -16.95 41.67 -78.05
C TYR Q 724 -15.52 41.59 -77.52
N GLN Q 725 -15.38 40.97 -76.35
CA GLN Q 725 -14.08 40.70 -75.74
C GLN Q 725 -14.01 39.20 -75.51
N LEU Q 726 -13.27 38.49 -76.37
CA LEU Q 726 -13.22 37.04 -76.34
C LEU Q 726 -12.32 36.59 -75.19
N GLU Q 727 -12.90 35.96 -74.19
CA GLU Q 727 -12.18 35.35 -73.08
C GLU Q 727 -12.51 33.88 -73.05
N GLY Q 728 -11.49 33.04 -73.17
CA GLY Q 728 -11.71 31.62 -73.30
C GLY Q 728 -12.38 31.30 -74.63
N ASP Q 729 -13.66 30.93 -74.58
CA ASP Q 729 -14.45 30.71 -75.79
C ASP Q 729 -15.67 31.61 -75.89
N LYS Q 730 -16.13 32.18 -74.78
CA LYS Q 730 -17.29 33.06 -74.81
C LYS Q 730 -16.91 34.45 -75.32
N LYS Q 731 -17.77 35.02 -76.17
CA LYS Q 731 -17.57 36.35 -76.71
C LYS Q 731 -18.40 37.33 -75.89
N GLU Q 732 -17.88 37.66 -74.71
CA GLU Q 732 -18.56 38.59 -73.82
C GLU Q 732 -18.73 39.95 -74.49
N PHE Q 733 -19.90 40.56 -74.30
CA PHE Q 733 -20.17 41.86 -74.88
C PHE Q 733 -19.29 42.92 -74.23
N TYR Q 734 -18.60 43.71 -75.06
CA TYR Q 734 -17.72 44.76 -74.57
C TYR Q 734 -17.54 45.78 -75.67
N ASP Q 735 -17.92 47.03 -75.42
CA ASP Q 735 -17.77 48.11 -76.36
C ASP Q 735 -16.77 49.12 -75.81
N ASP Q 736 -15.74 49.44 -76.60
CA ASP Q 736 -14.75 50.41 -76.16
C ASP Q 736 -15.34 51.81 -76.06
N ARG Q 737 -16.28 52.15 -76.96
CA ARG Q 737 -16.87 53.48 -76.94
C ARG Q 737 -17.66 53.70 -75.66
N GLU Q 738 -18.38 52.69 -75.19
CA GLU Q 738 -19.16 52.84 -73.95
C GLU Q 738 -18.25 53.04 -72.75
N GLU Q 739 -17.13 52.31 -72.69
CA GLU Q 739 -16.22 52.45 -71.56
C GLU Q 739 -15.62 53.85 -71.51
N CYS Q 740 -15.21 54.39 -72.66
CA CYS Q 740 -14.72 55.76 -72.69
C CYS Q 740 -15.83 56.75 -72.39
N ARG Q 741 -17.03 56.50 -72.91
CA ARG Q 741 -18.16 57.40 -72.66
C ARG Q 741 -18.52 57.44 -71.18
N GLU Q 742 -18.56 56.29 -70.53
CA GLU Q 742 -18.95 56.22 -69.12
C GLU Q 742 -17.84 56.70 -68.20
N ALA Q 743 -16.57 56.50 -68.58
CA ALA Q 743 -15.47 56.97 -67.75
C ALA Q 743 -15.40 58.49 -67.73
N LEU Q 744 -15.75 59.15 -68.84
CA LEU Q 744 -15.74 60.61 -68.88
C LEU Q 744 -16.80 61.20 -67.96
N GLN Q 745 -17.95 60.54 -67.84
CA GLN Q 745 -19.02 61.06 -66.98
C GLN Q 745 -18.61 61.06 -65.51
N TYR Q 746 -17.96 59.99 -65.05
CA TYR Q 746 -17.67 59.81 -63.63
C TYR Q 746 -16.24 60.18 -63.25
N VAL Q 747 -15.47 60.78 -64.16
CA VAL Q 747 -14.11 61.18 -63.82
C VAL Q 747 -14.12 62.40 -62.90
N ASP Q 748 -15.19 63.21 -62.94
CA ASP Q 748 -15.25 64.40 -62.10
C ASP Q 748 -15.35 64.04 -60.63
N GLU Q 749 -16.26 63.12 -60.27
CA GLU Q 749 -16.43 62.73 -58.88
C GLU Q 749 -15.21 62.02 -58.33
N LEU Q 750 -14.41 61.39 -59.19
CA LEU Q 750 -13.19 60.72 -58.73
C LEU Q 750 -12.14 61.74 -58.31
N HIS Q 751 -12.03 62.85 -59.03
CA HIS Q 751 -11.00 63.84 -58.73
C HIS Q 751 -11.33 64.66 -57.50
N GLN Q 752 -12.61 65.00 -57.31
CA GLN Q 752 -13.01 65.76 -56.12
C GLN Q 752 -13.00 64.91 -54.86
N ALA Q 753 -12.94 63.59 -54.99
CA ALA Q 753 -12.80 62.69 -53.86
C ALA Q 753 -11.37 62.61 -53.35
N GLY Q 754 -10.47 63.44 -53.86
CA GLY Q 754 -9.10 63.49 -53.39
C GLY Q 754 -8.15 62.52 -54.06
N ILE Q 755 -8.60 61.74 -55.03
CA ILE Q 755 -7.77 60.73 -55.67
C ILE Q 755 -6.90 61.39 -56.72
N ASP Q 756 -5.61 61.10 -56.68
CA ASP Q 756 -4.64 61.60 -57.67
C ASP Q 756 -4.42 60.49 -58.68
N THR Q 757 -5.00 60.65 -59.87
CA THR Q 757 -4.92 59.66 -60.93
C THR Q 757 -3.97 60.09 -62.05
N SER Q 758 -2.94 60.86 -61.72
CA SER Q 758 -2.01 61.35 -62.73
C SER Q 758 -1.18 60.22 -63.34
N GLU Q 759 -1.02 59.11 -62.63
CA GLU Q 759 -0.19 58.00 -63.11
C GLU Q 759 -0.54 56.78 -62.27
N PHE Q 760 0.22 55.70 -62.45
CA PHE Q 760 0.13 54.49 -61.65
C PHE Q 760 1.24 54.47 -60.62
N PRO Q 761 0.94 54.14 -59.36
CA PRO Q 761 -0.37 53.85 -58.80
C PRO Q 761 -1.14 55.11 -58.38
N TRP Q 762 -2.45 55.04 -58.28
CA TRP Q 762 -3.23 56.17 -57.78
C TRP Q 762 -2.90 56.46 -56.33
N ARG Q 763 -2.92 57.75 -55.98
CA ARG Q 763 -2.68 58.19 -54.61
C ARG Q 763 -4.02 58.57 -53.99
N LEU Q 764 -4.54 57.69 -53.14
CA LEU Q 764 -5.74 58.01 -52.40
C LEU Q 764 -5.42 58.98 -51.27
N PRO Q 765 -6.42 59.72 -50.79
CA PRO Q 765 -6.17 60.62 -49.65
C PRO Q 765 -5.70 59.88 -48.41
N GLU Q 766 -6.15 58.65 -48.21
CA GLU Q 766 -5.79 57.84 -47.05
C GLU Q 766 -4.65 56.87 -47.35
N SER Q 767 -3.75 57.24 -48.26
CA SER Q 767 -2.58 56.44 -48.58
C SER Q 767 -1.35 57.32 -48.58
N HIS Q 768 -0.27 56.83 -47.98
CA HIS Q 768 1.01 57.53 -47.96
C HIS Q 768 2.17 56.56 -48.03
N GLY R 35 56.62 -51.94 -25.01
CA GLY R 35 55.20 -51.69 -25.14
C GLY R 35 54.40 -52.93 -25.48
N ILE R 36 54.69 -53.51 -26.65
CA ILE R 36 54.00 -54.72 -27.07
C ILE R 36 54.70 -55.92 -26.47
N GLN R 37 53.96 -56.73 -25.72
CA GLN R 37 54.49 -57.93 -25.08
C GLN R 37 53.50 -59.07 -25.30
N ARG R 38 54.00 -60.21 -25.77
CA ARG R 38 53.17 -61.39 -25.95
C ARG R 38 53.70 -62.55 -25.12
N ARG R 44 48.88 -61.39 -26.39
CA ARG R 44 49.44 -60.13 -25.92
C ARG R 44 49.08 -59.89 -24.46
N ILE R 45 50.05 -59.44 -23.67
CA ILE R 45 49.83 -59.06 -22.28
C ILE R 45 50.11 -57.58 -22.14
N TRP R 46 49.30 -56.90 -21.33
CA TRP R 46 49.36 -55.45 -21.25
C TRP R 46 48.98 -55.01 -19.85
N ARG R 47 49.41 -53.79 -19.51
CA ARG R 47 49.22 -53.24 -18.18
C ARG R 47 47.88 -52.52 -18.12
N ARG R 48 46.97 -53.03 -17.29
CA ARG R 48 45.69 -52.37 -17.10
C ARG R 48 45.87 -51.12 -16.26
N ARG R 49 45.27 -50.01 -16.72
CA ARG R 49 45.38 -48.75 -16.01
C ARG R 49 44.36 -48.70 -14.89
N THR R 50 44.80 -48.29 -13.71
CA THR R 50 43.94 -48.23 -12.54
C THR R 50 44.15 -46.90 -11.83
N LEU R 51 43.28 -46.62 -10.86
CA LEU R 51 43.31 -45.33 -10.18
C LEU R 51 44.60 -45.16 -9.39
N THR R 52 45.11 -46.23 -8.77
CA THR R 52 46.36 -46.27 -8.01
C THR R 52 46.58 -44.99 -7.21
N LYS R 53 45.51 -44.47 -6.61
CA LYS R 53 45.49 -43.19 -5.93
C LYS R 53 44.12 -43.07 -5.27
N LYS R 54 44.05 -42.26 -4.22
CA LYS R 54 42.87 -42.19 -3.38
C LYS R 54 42.02 -40.98 -3.75
N ASP R 55 40.76 -41.22 -4.08
CA ASP R 55 39.78 -40.17 -4.33
C ASP R 55 38.73 -40.25 -3.25
N ASP R 56 38.72 -39.27 -2.34
CA ASP R 56 37.75 -39.26 -1.26
C ASP R 56 36.35 -38.92 -1.72
N MET R 57 36.18 -38.39 -2.94
CA MET R 57 34.86 -38.09 -3.46
C MET R 57 34.10 -39.34 -3.88
N LEU R 58 34.77 -40.48 -4.02
CA LEU R 58 34.09 -41.72 -4.42
C LEU R 58 33.27 -42.30 -3.28
N PRO R 66 16.39 -42.34 0.15
CA PRO R 66 15.67 -43.60 -0.10
C PRO R 66 14.19 -43.50 0.19
N PHE R 67 13.75 -42.36 0.72
CA PHE R 67 12.34 -42.12 1.05
C PHE R 67 11.78 -40.98 0.22
N VAL R 68 12.09 -40.97 -1.07
CA VAL R 68 11.65 -39.91 -1.97
C VAL R 68 10.62 -40.39 -2.97
N GLU R 69 10.03 -41.56 -2.74
CA GLU R 69 9.03 -42.09 -3.68
C GLU R 69 7.83 -41.17 -3.80
N GLU R 70 7.32 -40.69 -2.66
CA GLU R 70 6.18 -39.79 -2.70
C GLU R 70 6.52 -38.49 -3.40
N GLN R 71 7.72 -37.97 -3.15
CA GLN R 71 8.14 -36.72 -3.80
C GLN R 71 8.33 -36.92 -5.30
N VAL R 72 8.95 -38.03 -5.70
CA VAL R 72 9.19 -38.28 -7.12
C VAL R 72 7.87 -38.38 -7.87
N ARG R 73 6.91 -39.12 -7.30
CA ARG R 73 5.62 -39.29 -7.97
C ARG R 73 4.86 -37.97 -8.02
N LYS R 74 5.02 -37.10 -7.03
CA LYS R 74 4.35 -35.81 -7.08
C LYS R 74 5.00 -34.88 -8.10
N ILE R 75 6.32 -34.98 -8.28
CA ILE R 75 7.01 -34.16 -9.27
C ILE R 75 6.46 -34.45 -10.67
N LYS R 76 6.25 -35.72 -10.99
CA LYS R 76 5.68 -36.09 -12.28
C LYS R 76 4.22 -35.64 -12.39
N GLU R 77 3.47 -35.71 -11.28
CA GLU R 77 2.06 -35.34 -11.33
C GLU R 77 1.88 -33.85 -11.62
N VAL R 78 2.72 -33.00 -11.06
CA VAL R 78 2.57 -31.55 -11.22
C VAL R 78 3.23 -31.03 -12.49
N GLY R 79 3.97 -31.86 -13.21
CA GLY R 79 4.59 -31.43 -14.45
C GLY R 79 5.93 -30.77 -14.31
N LYS R 80 6.64 -31.00 -13.20
CA LYS R 80 7.95 -30.38 -13.01
C LYS R 80 9.02 -31.02 -13.90
N VAL R 81 8.77 -32.21 -14.44
CA VAL R 81 9.76 -32.86 -15.30
C VAL R 81 9.99 -32.04 -16.55
N MET R 82 8.91 -31.57 -17.18
CA MET R 82 9.06 -30.75 -18.37
C MET R 82 9.76 -29.43 -18.07
N THR R 83 9.58 -28.92 -16.84
CA THR R 83 10.28 -27.70 -16.44
C THR R 83 11.79 -27.88 -16.53
N MET R 84 12.30 -29.02 -16.06
CA MET R 84 13.72 -29.31 -16.19
C MET R 84 14.12 -29.54 -17.64
N ASP R 85 13.23 -30.16 -18.43
CA ASP R 85 13.53 -30.38 -19.84
C ASP R 85 13.62 -29.07 -20.60
N ILE R 86 12.73 -28.12 -20.29
CA ILE R 86 12.78 -26.81 -20.95
C ILE R 86 14.11 -26.12 -20.65
N GLU R 87 14.54 -26.15 -19.38
CA GLU R 87 15.84 -25.59 -19.04
C GLU R 87 16.98 -26.36 -19.71
N ARG R 88 16.83 -27.68 -19.87
CA ARG R 88 17.82 -28.46 -20.58
C ARG R 88 17.93 -28.03 -22.04
N LEU R 89 16.79 -27.81 -22.69
CA LEU R 89 16.81 -27.37 -24.09
C LEU R 89 17.38 -25.97 -24.24
N LEU R 90 17.12 -25.09 -23.27
CA LEU R 90 17.60 -23.72 -23.36
C LEU R 90 19.10 -23.60 -23.14
N LEU R 91 19.73 -24.64 -22.57
CA LEU R 91 21.19 -24.64 -22.46
C LEU R 91 21.87 -24.82 -23.81
N SER R 92 21.16 -25.39 -24.79
CA SER R 92 21.69 -25.58 -26.13
C SER R 92 21.27 -24.46 -27.07
N GLU R 93 20.60 -23.43 -26.57
CA GLU R 93 20.08 -22.35 -27.39
C GLU R 93 20.83 -21.06 -27.08
N ASP R 94 21.22 -20.34 -28.14
CA ASP R 94 21.90 -19.07 -27.97
C ASP R 94 20.94 -17.95 -27.57
N ASN R 95 19.70 -17.99 -28.07
CA ASN R 95 18.72 -16.94 -27.82
C ASN R 95 17.40 -17.62 -27.47
N ARG R 96 16.82 -17.27 -26.32
CA ARG R 96 15.60 -17.94 -25.90
C ARG R 96 14.37 -17.47 -26.68
N PHE R 97 14.44 -16.29 -27.31
CA PHE R 97 13.30 -15.80 -28.08
C PHE R 97 13.16 -16.54 -29.41
N GLU R 98 14.28 -16.89 -30.05
CA GLU R 98 14.19 -17.69 -31.26
C GLU R 98 13.83 -19.14 -30.95
N PHE R 99 14.17 -19.62 -29.76
CA PHE R 99 13.71 -20.93 -29.33
C PHE R 99 12.20 -20.98 -29.21
N VAL R 100 11.60 -19.93 -28.64
CA VAL R 100 10.15 -19.86 -28.51
C VAL R 100 9.50 -19.83 -29.89
N ASN R 101 10.05 -19.04 -30.80
CA ASN R 101 9.49 -18.96 -32.16
C ASN R 101 9.62 -20.30 -32.88
N SER R 102 10.77 -20.97 -32.74
CA SER R 102 10.96 -22.25 -33.42
C SER R 102 9.98 -23.30 -32.90
N VAL R 103 9.76 -23.34 -31.59
CA VAL R 103 8.82 -24.29 -31.01
C VAL R 103 7.41 -24.03 -31.53
N ALA R 104 7.01 -22.75 -31.58
CA ALA R 104 5.68 -22.41 -32.09
C ALA R 104 5.56 -22.76 -33.57
N ALA R 105 6.62 -22.53 -34.35
CA ALA R 105 6.59 -22.89 -35.76
C ALA R 105 6.45 -24.39 -35.94
N GLU R 106 7.17 -25.19 -35.15
CA GLU R 106 7.04 -26.63 -35.23
C GLU R 106 5.68 -27.10 -34.74
N ALA R 107 5.12 -26.43 -33.73
CA ALA R 107 3.80 -26.80 -33.23
C ALA R 107 2.72 -26.52 -34.26
N THR R 108 2.85 -25.43 -35.01
CA THR R 108 1.90 -25.13 -36.07
C THR R 108 1.91 -26.21 -37.14
N GLU R 109 3.09 -26.74 -37.46
CA GLU R 109 3.18 -27.81 -38.46
C GLU R 109 2.46 -29.07 -37.99
N TYR R 110 2.53 -29.38 -36.69
CA TYR R 110 1.85 -30.57 -36.19
C TYR R 110 0.34 -30.47 -36.39
N VAL R 111 -0.23 -29.30 -36.10
CA VAL R 111 -1.68 -29.15 -36.15
C VAL R 111 -2.19 -29.23 -37.60
N GLU R 112 -1.45 -28.65 -38.54
CA GLU R 112 -1.83 -28.76 -39.94
C GLU R 112 -1.75 -30.21 -40.42
N LYS R 113 -0.71 -30.94 -39.99
CA LYS R 113 -0.55 -32.31 -40.42
C LYS R 113 -1.64 -33.21 -39.86
N ASN R 114 -1.89 -33.13 -38.55
CA ASN R 114 -2.86 -33.98 -37.86
C ASN R 114 -3.70 -33.09 -36.95
N ARG R 115 -4.83 -32.61 -37.46
CA ARG R 115 -5.64 -31.65 -36.72
C ARG R 115 -6.33 -32.29 -35.52
N ASP R 116 -6.95 -33.45 -35.71
CA ASP R 116 -7.86 -33.99 -34.71
C ASP R 116 -7.14 -34.58 -33.50
N GLU R 117 -5.83 -34.81 -33.59
CA GLU R 117 -5.13 -35.48 -32.48
C GLU R 117 -4.70 -34.52 -31.38
N TYR R 118 -4.89 -33.21 -31.54
CA TYR R 118 -4.42 -32.23 -30.59
C TYR R 118 -5.58 -31.40 -30.05
N GLY R 119 -5.38 -30.84 -28.84
CA GLY R 119 -6.35 -30.02 -28.18
C GLY R 119 -6.94 -30.63 -26.92
N GLY R 120 -6.78 -31.93 -26.73
CA GLY R 120 -7.30 -32.58 -25.54
C GLY R 120 -6.21 -33.11 -24.63
N THR R 121 -6.02 -34.42 -24.63
CA THR R 121 -4.98 -35.03 -23.80
C THR R 121 -3.59 -34.78 -24.36
N LYS R 122 -3.47 -34.65 -25.68
CA LYS R 122 -2.19 -34.38 -26.34
C LYS R 122 -2.20 -32.95 -26.83
N LYS R 123 -1.30 -32.12 -26.29
CA LYS R 123 -1.16 -30.74 -26.69
C LYS R 123 0.06 -30.61 -27.60
N ALA R 124 -0.11 -29.83 -28.68
CA ALA R 124 0.93 -29.76 -29.71
C ALA R 124 2.25 -29.21 -29.16
N ILE R 125 2.17 -28.17 -28.32
CA ILE R 125 3.39 -27.59 -27.76
C ILE R 125 4.09 -28.59 -26.84
N PHE R 126 3.32 -29.36 -26.07
CA PHE R 126 3.93 -30.39 -25.24
C PHE R 126 4.54 -31.50 -26.09
N HIS R 127 3.93 -31.80 -27.23
CA HIS R 127 4.48 -32.80 -28.13
C HIS R 127 5.82 -32.35 -28.71
N VAL R 128 5.92 -31.06 -29.05
CA VAL R 128 7.17 -30.54 -29.61
C VAL R 128 8.29 -30.66 -28.59
N LEU R 129 8.02 -30.27 -27.34
CA LEU R 129 9.06 -30.29 -26.31
C LEU R 129 9.52 -31.72 -26.02
N SER R 130 8.60 -32.67 -25.95
CA SER R 130 8.98 -34.06 -25.70
C SER R 130 9.75 -34.64 -26.89
N ASN R 131 9.38 -34.26 -28.11
CA ASN R 131 10.13 -34.72 -29.28
C ASN R 131 11.55 -34.19 -29.27
N ARG R 132 11.74 -32.93 -28.87
CA ARG R 132 13.08 -32.36 -28.88
C ARG R 132 13.96 -32.94 -27.78
N VAL R 133 13.36 -33.37 -26.68
CA VAL R 133 14.12 -34.09 -25.66
C VAL R 133 14.51 -35.47 -26.17
N ASN R 134 13.59 -36.15 -26.86
CA ASN R 134 13.91 -37.46 -27.42
C ASN R 134 14.93 -37.36 -28.54
N ASP R 135 15.00 -36.22 -29.23
CA ASP R 135 15.98 -36.04 -30.28
C ASP R 135 17.41 -35.99 -29.71
N LEU R 136 17.55 -35.51 -28.48
CA LEU R 136 18.84 -35.53 -27.81
C LEU R 136 19.28 -36.93 -27.41
N GLY R 137 18.39 -37.92 -27.51
CA GLY R 137 18.70 -39.29 -27.13
C GLY R 137 18.12 -39.72 -25.80
N PHE R 138 17.43 -38.83 -25.10
CA PHE R 138 16.79 -39.18 -23.84
C PHE R 138 15.36 -39.64 -24.09
N ASP R 139 14.74 -40.20 -23.05
CA ASP R 139 13.42 -40.81 -23.17
C ASP R 139 12.41 -40.04 -22.32
N ARG R 140 11.31 -39.64 -22.95
CA ARG R 140 10.18 -39.00 -22.30
C ARG R 140 8.90 -39.55 -22.90
N PRO R 141 7.82 -39.60 -22.12
CA PRO R 141 6.52 -39.96 -22.70
C PRO R 141 6.04 -38.90 -23.67
N GLU R 142 5.22 -39.33 -24.61
CA GLU R 142 4.79 -38.46 -25.70
C GLU R 142 3.89 -37.34 -25.16
N ALA R 143 4.31 -36.10 -25.38
CA ALA R 143 3.58 -34.90 -24.95
C ALA R 143 3.37 -34.83 -23.45
N TYR R 144 4.18 -35.57 -22.68
CA TYR R 144 4.10 -35.59 -21.22
C TYR R 144 2.72 -35.96 -20.70
N ALA R 145 1.94 -36.69 -21.49
CA ALA R 145 0.57 -37.00 -21.12
C ALA R 145 0.54 -38.21 -20.19
N GLU R 146 -0.12 -38.05 -19.04
CA GLU R 146 -0.28 -39.12 -18.07
C GLU R 146 -1.70 -39.07 -17.52
N SER R 147 -2.16 -40.22 -17.03
CA SER R 147 -3.54 -40.36 -16.58
C SER R 147 -3.57 -41.07 -15.23
N ASP R 148 -4.65 -40.83 -14.48
CA ASP R 148 -4.82 -41.46 -13.18
C ASP R 148 -5.31 -42.89 -13.37
N PRO R 149 -4.57 -43.89 -12.88
CA PRO R 149 -5.04 -45.28 -13.02
C PRO R 149 -6.06 -45.71 -11.97
N TYR R 150 -6.29 -44.90 -10.93
CA TYR R 150 -7.20 -45.25 -9.85
C TYR R 150 -8.55 -44.56 -9.98
N LYS R 151 -8.92 -44.13 -11.17
CA LYS R 151 -10.21 -43.48 -11.37
C LYS R 151 -11.32 -44.52 -11.28
N PRO R 152 -12.33 -44.32 -10.44
CA PRO R 152 -13.38 -45.33 -10.22
C PRO R 152 -14.45 -45.38 -11.32
N GLY R 153 -14.00 -45.40 -12.58
CA GLY R 153 -14.89 -45.52 -13.69
C GLY R 153 -15.26 -44.20 -14.33
N PRO R 154 -16.08 -44.25 -15.39
CA PRO R 154 -16.46 -43.02 -16.08
C PRO R 154 -17.37 -42.15 -15.24
N GLY R 155 -17.32 -40.85 -15.53
CA GLY R 155 -18.11 -39.87 -14.83
C GLY R 155 -17.46 -39.28 -13.60
N TYR R 156 -16.40 -39.91 -13.10
CA TYR R 156 -15.76 -39.47 -11.86
C TYR R 156 -14.59 -38.53 -12.18
N LEU R 157 -14.61 -37.36 -11.57
CA LEU R 157 -13.51 -36.40 -11.68
C LEU R 157 -12.72 -36.41 -10.38
N LYS R 158 -11.40 -36.48 -10.50
CA LYS R 158 -10.55 -36.28 -9.33
C LYS R 158 -10.73 -34.85 -8.82
N GLU R 159 -10.91 -34.71 -7.51
CA GLU R 159 -11.23 -33.43 -6.90
C GLU R 159 -10.01 -32.92 -6.14
N TYR R 160 -9.64 -31.68 -6.40
CA TYR R 160 -8.47 -31.08 -5.77
C TYR R 160 -8.83 -30.37 -4.48
N ILE S 193 18.83 -81.59 4.85
CA ILE S 193 18.53 -80.30 4.26
C ILE S 193 17.99 -79.35 5.33
N SER S 194 18.30 -79.64 6.59
CA SER S 194 17.85 -78.80 7.69
C SER S 194 18.42 -77.38 7.59
N HIS S 195 19.50 -77.19 6.85
CA HIS S 195 20.03 -75.86 6.59
C HIS S 195 19.11 -75.05 5.69
N THR S 196 18.17 -75.69 4.99
CA THR S 196 17.19 -74.99 4.17
C THR S 196 15.88 -74.71 4.90
N TYR S 197 15.71 -75.25 6.10
CA TYR S 197 14.49 -74.99 6.86
C TYR S 197 14.49 -73.55 7.38
N GLY S 198 13.40 -72.84 7.16
CA GLY S 198 13.28 -71.46 7.55
C GLY S 198 12.56 -71.28 8.86
N TRP S 199 12.06 -70.06 9.07
CA TRP S 199 11.27 -69.70 10.23
C TRP S 199 10.02 -68.97 9.76
N PRO S 200 8.86 -69.21 10.38
CA PRO S 200 8.59 -70.08 11.54
C PRO S 200 8.64 -71.56 11.20
N PRO S 201 8.70 -72.45 12.19
CA PRO S 201 8.71 -73.88 11.90
C PRO S 201 7.45 -74.31 11.17
N LEU S 202 7.61 -75.27 10.26
CA LEU S 202 6.47 -75.79 9.50
C LEU S 202 5.56 -76.60 10.41
N VAL S 203 4.26 -76.47 10.17
CA VAL S 203 3.24 -77.24 10.90
C VAL S 203 2.49 -78.09 9.88
N CYS S 204 2.40 -79.39 10.16
CA CYS S 204 1.70 -80.33 9.29
C CYS S 204 0.31 -80.57 9.84
N CYS S 205 -0.70 -80.13 9.10
CA CYS S 205 -2.10 -80.38 9.46
C CYS S 205 -2.57 -81.61 8.70
N PHE S 206 -3.05 -82.61 9.44
CA PHE S 206 -3.35 -83.92 8.91
C PHE S 206 -4.85 -84.18 8.98
N GLY S 207 -5.44 -84.57 7.85
CA GLY S 207 -6.84 -84.91 7.83
C GLY S 207 -7.52 -84.70 6.50
N SER S 208 -8.68 -84.07 6.52
CA SER S 208 -9.48 -83.84 5.32
C SER S 208 -9.61 -82.35 5.06
N ALA S 209 -9.71 -82.00 3.78
CA ALA S 209 -9.95 -80.62 3.34
C ALA S 209 -11.38 -80.57 2.81
N GLN S 210 -12.32 -80.35 3.72
CA GLN S 210 -13.73 -80.22 3.36
C GLN S 210 -14.11 -78.75 3.22
N HIS S 211 -15.30 -78.52 2.68
CA HIS S 211 -15.80 -77.17 2.42
C HIS S 211 -17.03 -76.93 3.28
N ALA S 212 -16.91 -76.03 4.24
CA ALA S 212 -18.00 -75.65 5.14
C ALA S 212 -18.68 -76.87 5.75
N PHE S 213 -17.87 -77.68 6.43
CA PHE S 213 -18.33 -78.91 7.06
C PHE S 213 -18.15 -78.80 8.56
N VAL S 214 -19.20 -79.16 9.31
CA VAL S 214 -19.23 -79.00 10.75
C VAL S 214 -19.33 -80.39 11.38
N PRO S 215 -18.44 -80.75 12.31
CA PRO S 215 -18.55 -82.08 12.93
C PRO S 215 -19.74 -82.21 13.87
N SER S 216 -19.99 -81.22 14.72
CA SER S 216 -21.04 -81.32 15.73
C SER S 216 -21.37 -79.94 16.26
N GLY S 217 -22.41 -79.87 17.08
CA GLY S 217 -22.81 -78.63 17.71
C GLY S 217 -23.47 -78.84 19.05
N ARG S 218 -22.98 -78.18 20.09
CA ARG S 218 -23.46 -78.37 21.44
C ARG S 218 -24.01 -77.06 22.01
N PRO S 219 -24.99 -77.14 22.92
CA PRO S 219 -25.45 -75.92 23.59
C PRO S 219 -24.31 -75.27 24.36
N ALA S 220 -24.27 -73.94 24.32
CA ALA S 220 -23.16 -73.19 24.90
C ALA S 220 -23.66 -71.88 25.46
N ASN S 221 -22.87 -71.33 26.38
CA ASN S 221 -23.10 -70.01 26.94
C ASN S 221 -21.94 -69.11 26.54
N ARG S 222 -22.25 -67.90 26.10
CA ARG S 222 -21.25 -66.92 25.75
C ARG S 222 -21.41 -65.67 26.61
N LEU S 223 -20.29 -64.98 26.84
CA LEU S 223 -20.35 -63.70 27.53
C LEU S 223 -21.01 -62.66 26.63
N LEU S 224 -22.01 -61.98 27.16
CA LEU S 224 -22.77 -61.04 26.35
C LEU S 224 -23.31 -59.92 27.24
N ASP S 225 -23.39 -58.73 26.66
CA ASP S 225 -24.01 -57.57 27.31
C ASP S 225 -25.48 -57.55 26.92
N TYR S 226 -26.34 -58.06 27.80
CA TYR S 226 -27.75 -58.22 27.47
C TYR S 226 -28.53 -56.91 27.47
N GLU S 227 -28.00 -55.87 28.10
CA GLU S 227 -28.61 -54.55 27.96
C GLU S 227 -28.52 -54.07 26.51
N ARG S 228 -27.36 -54.27 25.88
CA ARG S 228 -27.21 -53.90 24.47
C ARG S 228 -28.12 -54.74 23.57
N GLN S 229 -28.22 -56.05 23.85
CA GLN S 229 -28.99 -56.93 22.98
C GLN S 229 -30.46 -56.52 22.94
N GLU S 230 -31.03 -56.16 24.08
CA GLU S 230 -32.41 -55.69 24.11
C GLU S 230 -32.56 -54.39 23.33
N ARG S 231 -31.60 -53.47 23.47
CA ARG S 231 -31.67 -52.20 22.76
C ARG S 231 -31.51 -52.39 21.25
N MET S 232 -30.66 -53.32 20.82
CA MET S 232 -30.34 -53.51 19.41
C MET S 232 -31.02 -54.73 18.80
N LYS S 233 -32.07 -55.26 19.45
CA LYS S 233 -32.65 -56.52 19.00
C LYS S 233 -33.22 -56.43 17.59
N ASP S 234 -33.77 -55.28 17.21
CA ASP S 234 -34.37 -55.14 15.89
C ASP S 234 -33.33 -54.99 14.78
N ALA S 235 -32.05 -54.79 15.12
CA ALA S 235 -31.01 -54.59 14.13
C ALA S 235 -29.87 -55.61 14.19
N VAL S 236 -29.71 -56.34 15.28
CA VAL S 236 -28.64 -57.30 15.43
C VAL S 236 -29.25 -58.70 15.46
N TRP S 237 -28.81 -59.56 14.55
CA TRP S 237 -29.32 -60.93 14.51
C TRP S 237 -28.71 -61.74 15.64
N ALA S 238 -29.56 -62.48 16.35
CA ALA S 238 -29.11 -63.43 17.36
C ALA S 238 -29.85 -64.75 17.17
N PRO S 239 -29.20 -65.87 17.44
CA PRO S 239 -29.90 -67.15 17.38
C PRO S 239 -30.88 -67.31 18.53
N GLU S 240 -31.96 -68.05 18.27
CA GLU S 240 -32.91 -68.37 19.34
C GLU S 240 -32.24 -69.22 20.42
N LYS S 241 -31.41 -70.18 20.02
CA LYS S 241 -30.63 -71.01 20.94
C LYS S 241 -29.18 -70.96 20.51
N TYR S 242 -28.30 -70.59 21.43
CA TYR S 242 -26.89 -70.48 21.11
C TYR S 242 -26.25 -71.86 21.15
N ILE S 243 -25.83 -72.35 19.99
CA ILE S 243 -25.19 -73.64 19.85
C ILE S 243 -23.86 -73.43 19.12
N ARG S 244 -22.78 -73.89 19.74
CA ARG S 244 -21.43 -73.64 19.24
C ARG S 244 -20.82 -74.94 18.75
N ALA S 245 -20.20 -74.89 17.57
CA ALA S 245 -19.45 -75.98 16.96
C ALA S 245 -17.98 -75.91 17.38
N PRO S 246 -17.33 -77.06 17.61
CA PRO S 246 -15.92 -77.02 18.05
C PRO S 246 -14.98 -76.42 17.02
N GLY S 247 -15.29 -76.55 15.74
CA GLY S 247 -14.39 -76.08 14.70
C GLY S 247 -14.74 -76.74 13.37
N GLY S 248 -13.74 -76.79 12.50
CA GLY S 248 -13.94 -77.39 11.19
C GLY S 248 -13.06 -78.58 10.93
N CYS S 249 -12.48 -78.64 9.74
CA CYS S 249 -11.61 -79.74 9.33
C CYS S 249 -10.15 -79.31 9.46
N ALA S 250 -9.25 -80.27 9.18
CA ALA S 250 -7.82 -79.97 9.21
C ALA S 250 -7.43 -78.95 8.16
N GLY S 251 -8.14 -78.93 7.03
CA GLY S 251 -7.82 -77.97 5.99
C GLY S 251 -8.06 -76.53 6.42
N GLY S 252 -9.16 -76.29 7.14
CA GLY S 252 -9.45 -74.95 7.61
C GLY S 252 -8.46 -74.43 8.62
N VAL S 253 -7.95 -75.32 9.47
CA VAL S 253 -6.91 -74.92 10.43
C VAL S 253 -5.63 -74.52 9.69
N ALA S 254 -5.28 -75.26 8.64
CA ALA S 254 -4.13 -74.89 7.83
C ALA S 254 -4.31 -73.52 7.19
N ILE S 255 -5.50 -73.25 6.66
CA ILE S 255 -5.78 -71.95 6.06
C ILE S 255 -5.71 -70.84 7.11
N ALA S 256 -6.29 -71.09 8.28
CA ALA S 256 -6.27 -70.09 9.35
C ALA S 256 -4.85 -69.83 9.84
N LEU S 257 -4.04 -70.89 9.96
CA LEU S 257 -2.67 -70.71 10.41
C LEU S 257 -1.84 -69.92 9.40
N ALA S 258 -2.05 -70.17 8.11
CA ALA S 258 -1.33 -69.42 7.08
C ALA S 258 -1.71 -67.94 7.11
N SER S 259 -2.93 -67.62 7.53
CA SER S 259 -3.36 -66.23 7.61
C SER S 259 -2.69 -65.48 8.75
N LEU S 260 -2.18 -66.18 9.75
CA LEU S 260 -1.51 -65.57 10.90
C LEU S 260 -0.01 -65.37 10.68
N GLY S 261 0.48 -65.62 9.47
CA GLY S 261 1.90 -65.59 9.22
C GLY S 261 2.60 -66.89 9.54
N GLY S 262 1.87 -67.95 9.85
CA GLY S 262 2.48 -69.24 10.09
C GLY S 262 2.80 -69.97 8.81
N LYS S 263 3.45 -71.12 8.97
CA LYS S 263 3.84 -71.98 7.86
C LYS S 263 3.12 -73.31 8.03
N ALA S 264 2.13 -73.56 7.19
CA ALA S 264 1.26 -74.73 7.32
C ALA S 264 1.31 -75.56 6.06
N ALA S 265 1.43 -76.87 6.23
CA ALA S 265 1.30 -77.84 5.16
C ALA S 265 0.15 -78.76 5.46
N PHE S 266 -0.65 -79.08 4.44
CA PHE S 266 -1.80 -79.95 4.60
C PHE S 266 -1.47 -81.33 4.04
N MET S 267 -1.70 -82.37 4.85
CA MET S 267 -1.45 -83.75 4.46
C MET S 267 -2.79 -84.46 4.34
N GLY S 268 -3.10 -84.93 3.13
CA GLY S 268 -4.36 -85.58 2.88
C GLY S 268 -4.44 -86.04 1.45
N LYS S 269 -5.64 -86.45 1.04
CA LYS S 269 -5.87 -86.91 -0.31
C LYS S 269 -7.12 -86.25 -0.90
N LEU S 270 -7.00 -85.81 -2.14
CA LEU S 270 -8.12 -85.24 -2.89
C LEU S 270 -8.24 -85.97 -4.22
N GLY S 271 -9.47 -86.02 -4.74
CA GLY S 271 -9.69 -86.62 -6.04
C GLY S 271 -9.25 -85.71 -7.17
N ASP S 272 -9.16 -86.30 -8.35
CA ASP S 272 -8.77 -85.57 -9.56
C ASP S 272 -9.96 -84.91 -10.25
N ASP S 273 -11.17 -85.06 -9.69
CA ASP S 273 -12.34 -84.41 -10.25
C ASP S 273 -12.26 -82.90 -10.07
N ASP S 274 -13.24 -82.20 -10.64
CA ASP S 274 -13.24 -80.75 -10.62
C ASP S 274 -13.31 -80.20 -9.20
N PHE S 275 -14.15 -80.81 -8.35
CA PHE S 275 -14.25 -80.34 -6.97
C PHE S 275 -12.95 -80.56 -6.21
N GLY S 276 -12.30 -81.70 -6.43
CA GLY S 276 -11.02 -81.94 -5.79
C GLY S 276 -9.95 -80.97 -6.24
N GLN S 277 -9.97 -80.60 -7.52
CA GLN S 277 -9.01 -79.63 -8.04
C GLN S 277 -9.32 -78.21 -7.58
N ALA S 278 -10.60 -77.88 -7.41
CA ALA S 278 -10.95 -76.57 -6.87
C ALA S 278 -10.46 -76.42 -5.43
N MET S 279 -10.62 -77.47 -4.62
CA MET S 279 -10.13 -77.41 -3.24
C MET S 279 -8.61 -77.33 -3.19
N LEU S 280 -7.93 -78.06 -4.07
CA LEU S 280 -6.48 -77.95 -4.15
C LEU S 280 -6.06 -76.53 -4.54
N TYR S 281 -6.78 -75.93 -5.49
CA TYR S 281 -6.51 -74.54 -5.86
C TYR S 281 -6.73 -73.61 -4.68
N TYR S 282 -7.81 -73.82 -3.93
CA TYR S 282 -8.11 -72.96 -2.79
C TYR S 282 -7.02 -73.03 -1.74
N LEU S 283 -6.50 -74.22 -1.47
CA LEU S 283 -5.41 -74.37 -0.50
C LEU S 283 -4.14 -73.69 -0.98
N ASN S 284 -3.80 -73.82 -2.26
CA ASN S 284 -2.58 -73.22 -2.78
C ASN S 284 -2.65 -71.69 -2.72
N VAL S 285 -3.81 -71.13 -3.08
CA VAL S 285 -3.97 -69.67 -3.05
C VAL S 285 -3.92 -69.15 -1.62
N CYS S 286 -4.46 -69.90 -0.67
CA CYS S 286 -4.32 -69.54 0.74
C CYS S 286 -2.92 -69.80 1.29
N GLN S 287 -1.99 -70.14 0.40
CA GLN S 287 -0.58 -70.34 0.74
C GLN S 287 -0.37 -71.49 1.71
N VAL S 288 -1.22 -72.51 1.64
CA VAL S 288 -0.97 -73.76 2.33
C VAL S 288 -0.13 -74.66 1.44
N GLN S 289 0.89 -75.28 2.01
CA GLN S 289 1.74 -76.19 1.24
C GLN S 289 0.98 -77.48 0.95
N THR S 290 0.87 -77.83 -0.33
CA THR S 290 0.12 -79.00 -0.76
C THR S 290 1.00 -80.07 -1.40
N ARG S 291 2.32 -79.97 -1.21
CA ARG S 291 3.21 -81.04 -1.66
C ARG S 291 2.94 -82.34 -0.92
N SER S 292 2.31 -82.28 0.25
CA SER S 292 1.90 -83.45 1.00
C SER S 292 0.47 -83.87 0.67
N VAL S 293 -0.11 -83.35 -0.39
CA VAL S 293 -1.47 -83.69 -0.81
C VAL S 293 -1.37 -84.70 -1.96
N LYS S 294 -1.97 -85.86 -1.77
CA LYS S 294 -1.99 -86.91 -2.78
C LYS S 294 -3.26 -86.76 -3.62
N ILE S 295 -3.08 -86.67 -4.94
CA ILE S 295 -4.19 -86.55 -5.87
C ILE S 295 -4.53 -87.94 -6.38
N ASP S 296 -5.77 -88.35 -6.17
CA ASP S 296 -6.22 -89.71 -6.48
C ASP S 296 -7.13 -89.66 -7.70
N SER S 297 -6.70 -90.29 -8.79
CA SER S 297 -7.53 -90.39 -9.98
C SER S 297 -8.64 -91.42 -9.85
N LYS S 298 -8.49 -92.37 -8.92
CA LYS S 298 -9.47 -93.44 -8.78
C LYS S 298 -10.59 -93.11 -7.80
N ARG S 299 -10.31 -92.28 -6.79
CA ARG S 299 -11.30 -91.92 -5.79
C ARG S 299 -11.94 -90.57 -6.12
N VAL S 300 -13.09 -90.32 -5.51
CA VAL S 300 -13.90 -89.14 -5.79
C VAL S 300 -13.98 -88.27 -4.54
N THR S 301 -13.72 -86.97 -4.71
CA THR S 301 -13.73 -86.04 -3.59
C THR S 301 -15.14 -85.86 -3.05
N ALA S 302 -15.27 -85.97 -1.71
CA ALA S 302 -16.50 -85.66 -0.98
C ALA S 302 -17.68 -86.53 -1.35
N CYS S 303 -17.44 -87.73 -1.88
CA CYS S 303 -18.52 -88.63 -2.25
C CYS S 303 -18.17 -90.05 -1.86
N SER S 304 -19.06 -90.70 -1.13
CA SER S 304 -18.87 -92.07 -0.67
C SER S 304 -20.02 -92.94 -1.16
N THR S 305 -19.71 -94.15 -1.57
CA THR S 305 -20.72 -95.11 -2.02
C THR S 305 -21.17 -95.93 -0.82
N MET S 306 -22.43 -95.77 -0.43
CA MET S 306 -23.01 -96.48 0.70
C MET S 306 -23.97 -97.57 0.20
N LYS S 307 -24.10 -98.62 1.00
CA LYS S 307 -25.03 -99.71 0.71
C LYS S 307 -26.14 -99.67 1.75
N ILE S 308 -27.25 -99.03 1.43
CA ILE S 308 -28.33 -98.83 2.39
C ILE S 308 -29.16 -100.10 2.47
N SER S 309 -29.33 -100.61 3.69
CA SER S 309 -30.10 -101.83 3.93
C SER S 309 -31.59 -101.52 3.94
N LYS S 310 -32.36 -102.30 3.19
CA LYS S 310 -33.81 -102.16 3.12
C LYS S 310 -34.53 -103.38 3.71
N ARG S 311 -34.00 -103.92 4.80
CA ARG S 311 -34.60 -105.09 5.45
C ARG S 311 -35.22 -104.73 6.78
N GLY S 312 -34.45 -104.15 7.71
CA GLY S 312 -34.99 -103.70 8.97
C GLY S 312 -34.91 -102.20 9.11
N ARG S 313 -34.47 -101.73 10.27
CA ARG S 313 -34.15 -100.32 10.42
C ARG S 313 -33.02 -99.93 9.46
N LEU S 314 -33.09 -98.71 8.95
CA LEU S 314 -32.17 -98.28 7.91
C LEU S 314 -30.74 -98.19 8.44
N LYS S 315 -29.80 -98.77 7.69
CA LYS S 315 -28.38 -98.70 7.98
C LYS S 315 -27.66 -98.34 6.68
N SER S 316 -26.40 -97.93 6.81
CA SER S 316 -25.66 -97.39 5.66
C SER S 316 -24.47 -98.23 5.25
N THR S 317 -23.53 -98.50 6.16
CA THR S 317 -22.43 -99.45 5.92
C THR S 317 -21.66 -99.10 4.64
N CYS S 318 -20.95 -97.97 4.72
CA CYS S 318 -20.15 -97.45 3.60
C CYS S 318 -19.37 -98.54 2.88
N VAL S 319 -19.35 -98.45 1.55
CA VAL S 319 -18.70 -99.43 0.68
C VAL S 319 -17.41 -98.87 0.07
N LYS S 320 -17.51 -97.82 -0.72
CA LYS S 320 -16.35 -97.20 -1.35
C LYS S 320 -16.12 -95.82 -0.75
N PRO S 321 -15.08 -95.63 0.05
CA PRO S 321 -14.88 -94.34 0.72
C PRO S 321 -14.54 -93.23 -0.27
N CYS S 322 -14.66 -92.00 0.21
CA CYS S 322 -14.34 -90.84 -0.60
C CYS S 322 -12.83 -90.68 -0.73
N ALA S 323 -12.44 -89.68 -1.54
CA ALA S 323 -11.02 -89.41 -1.73
C ALA S 323 -10.33 -89.01 -0.44
N GLU S 324 -10.98 -88.18 0.38
CA GLU S 324 -10.40 -87.78 1.65
C GLU S 324 -10.71 -88.77 2.77
N ASP S 325 -10.58 -90.06 2.46
CA ASP S 325 -10.56 -91.10 3.49
C ASP S 325 -9.62 -92.22 3.10
N SER S 326 -8.88 -92.08 2.00
CA SER S 326 -8.15 -93.18 1.39
C SER S 326 -6.63 -92.95 1.39
N LEU S 327 -6.14 -92.01 2.18
CA LEU S 327 -4.70 -91.84 2.29
C LEU S 327 -4.09 -93.10 2.90
N SER S 328 -3.06 -93.63 2.25
CA SER S 328 -2.39 -94.84 2.68
C SER S 328 -1.06 -94.51 3.32
N LYS S 329 -0.51 -95.49 4.03
CA LYS S 329 0.78 -95.29 4.70
C LYS S 329 1.90 -95.08 3.69
N SER S 330 1.81 -95.72 2.53
CA SER S 330 2.81 -95.50 1.49
C SER S 330 2.76 -94.09 0.92
N GLU S 331 1.63 -93.39 1.09
CA GLU S 331 1.45 -92.06 0.55
C GLU S 331 1.81 -90.95 1.52
N ILE S 332 2.24 -91.30 2.75
CA ILE S 332 2.65 -90.27 3.71
C ILE S 332 3.95 -89.63 3.22
N ASN S 333 3.98 -88.30 3.24
CA ASN S 333 5.16 -87.55 2.81
C ASN S 333 6.08 -87.39 4.01
N VAL S 334 7.06 -88.28 4.10
CA VAL S 334 8.00 -88.26 5.23
C VAL S 334 8.86 -87.01 5.21
N ASP S 335 9.11 -86.44 4.03
CA ASP S 335 9.89 -85.21 3.94
C ASP S 335 9.20 -84.06 4.67
N VAL S 336 7.88 -83.95 4.52
CA VAL S 336 7.13 -82.93 5.25
C VAL S 336 7.24 -83.16 6.74
N LEU S 337 7.11 -84.41 7.18
CA LEU S 337 7.19 -84.71 8.61
C LEU S 337 8.59 -84.44 9.16
N LYS S 338 9.63 -84.61 8.35
CA LYS S 338 10.97 -84.29 8.78
C LYS S 338 11.14 -82.80 9.06
N GLU S 339 10.61 -81.95 8.17
CA GLU S 339 10.73 -80.51 8.37
C GLU S 339 9.78 -80.01 9.45
N ALA S 340 8.57 -80.56 9.51
CA ALA S 340 7.56 -80.05 10.44
C ALA S 340 7.98 -80.27 11.88
N LYS S 341 7.75 -79.27 12.72
CA LYS S 341 8.01 -79.34 14.15
C LYS S 341 6.76 -79.63 14.97
N MET S 342 5.57 -79.52 14.38
CA MET S 342 4.33 -79.86 15.04
C MET S 342 3.45 -80.65 14.08
N PHE S 343 2.77 -81.66 14.61
CA PHE S 343 1.84 -82.48 13.86
C PHE S 343 0.44 -82.28 14.42
N TYR S 344 -0.48 -81.84 13.58
CA TYR S 344 -1.85 -81.54 13.98
C TYR S 344 -2.80 -82.53 13.33
N PHE S 345 -3.78 -83.01 14.10
CA PHE S 345 -4.78 -83.93 13.60
C PHE S 345 -6.02 -83.84 14.48
N THR S 346 -7.13 -84.36 13.96
CA THR S 346 -8.41 -84.32 14.66
C THR S 346 -9.06 -85.71 14.62
N THR S 347 -10.12 -85.85 15.41
CA THR S 347 -10.78 -87.15 15.55
C THR S 347 -11.42 -87.64 14.25
N HIS S 348 -11.74 -86.72 13.33
CA HIS S 348 -12.39 -87.13 12.09
C HIS S 348 -11.56 -88.15 11.32
N SER S 349 -10.23 -88.11 11.48
CA SER S 349 -9.36 -89.06 10.81
C SER S 349 -9.36 -90.43 11.47
N LEU S 350 -10.02 -90.58 12.62
CA LEU S 350 -10.09 -91.87 13.30
C LEU S 350 -11.39 -92.60 13.02
N LEU S 351 -12.32 -92.01 12.26
CA LEU S 351 -13.62 -92.63 12.06
C LEU S 351 -13.55 -93.83 11.13
N ASP S 352 -12.78 -93.72 10.05
CA ASP S 352 -12.58 -94.82 9.12
C ASP S 352 -11.42 -95.67 9.60
N LYS S 353 -11.63 -96.98 9.64
CA LYS S 353 -10.59 -97.88 10.17
C LYS S 353 -9.35 -97.86 9.28
N LYS S 354 -9.54 -97.83 7.96
CA LYS S 354 -8.40 -97.68 7.06
C LYS S 354 -7.68 -96.36 7.29
N MET S 355 -8.44 -95.29 7.49
CA MET S 355 -7.84 -93.97 7.72
C MET S 355 -7.26 -93.85 9.11
N MET S 356 -7.80 -94.59 10.09
CA MET S 356 -7.25 -94.55 11.44
C MET S 356 -5.84 -95.10 11.49
N SER S 357 -5.59 -96.20 10.76
CA SER S 357 -4.25 -96.78 10.74
C SER S 357 -3.24 -95.85 10.08
N THR S 358 -3.65 -95.10 9.06
CA THR S 358 -2.76 -94.11 8.46
C THR S 358 -2.45 -92.98 9.43
N THR S 359 -3.46 -92.54 10.19
CA THR S 359 -3.23 -91.49 11.19
C THR S 359 -2.26 -91.95 12.26
N LEU S 360 -2.44 -93.19 12.75
CA LEU S 360 -1.53 -93.72 13.75
C LEU S 360 -0.11 -93.83 13.22
N GLN S 361 0.04 -94.27 11.96
CA GLN S 361 1.35 -94.38 11.36
C GLN S 361 2.02 -93.00 11.25
N ALA S 362 1.25 -91.99 10.80
CA ALA S 362 1.80 -90.65 10.69
C ALA S 362 2.20 -90.09 12.04
N ILE S 363 1.39 -90.33 13.08
CA ILE S 363 1.70 -89.84 14.41
C ILE S 363 2.99 -90.48 14.92
N LYS S 364 3.11 -91.80 14.77
CA LYS S 364 4.28 -92.50 15.28
C LYS S 364 5.55 -92.04 14.56
N ILE S 365 5.47 -91.83 13.25
CA ILE S 365 6.62 -91.33 12.51
C ILE S 365 7.00 -89.93 12.98
N SER S 366 6.00 -89.08 13.21
CA SER S 366 6.28 -87.71 13.64
C SER S 366 6.94 -87.67 15.01
N LYS S 367 6.50 -88.55 15.93
CA LYS S 367 7.13 -88.60 17.24
C LYS S 367 8.59 -89.04 17.14
N GLN S 368 8.90 -89.94 16.21
CA GLN S 368 10.28 -90.36 16.02
C GLN S 368 11.15 -89.18 15.57
N LEU S 369 10.62 -88.35 14.69
CA LEU S 369 11.35 -87.19 14.18
C LEU S 369 11.25 -85.99 15.11
N GLY S 370 10.87 -86.20 16.36
CA GLY S 370 10.83 -85.13 17.35
C GLY S 370 9.80 -84.06 17.11
N ASN S 371 8.64 -84.41 16.60
CA ASN S 371 7.55 -83.46 16.41
C ASN S 371 6.65 -83.42 17.63
N VAL S 372 6.16 -82.21 17.93
CA VAL S 372 5.13 -82.06 18.96
C VAL S 372 3.79 -82.46 18.37
N ILE S 373 3.03 -83.26 19.10
CA ILE S 373 1.75 -83.78 18.63
C ILE S 373 0.64 -82.95 19.24
N PHE S 374 -0.13 -82.28 18.38
CA PHE S 374 -1.27 -81.47 18.77
C PHE S 374 -2.53 -82.22 18.38
N TYR S 375 -3.31 -82.65 19.37
CA TYR S 375 -4.54 -83.39 19.14
C TYR S 375 -5.72 -82.47 19.42
N ASP S 376 -6.44 -82.09 18.37
CA ASP S 376 -7.66 -81.31 18.47
C ASP S 376 -8.84 -82.27 18.39
N LEU S 377 -9.62 -82.34 19.47
CA LEU S 377 -10.66 -83.36 19.56
C LEU S 377 -11.71 -83.18 18.47
N ASN S 378 -12.46 -82.08 18.52
CA ASN S 378 -13.53 -81.77 17.56
C ASN S 378 -14.40 -83.00 17.31
N LEU S 379 -15.06 -83.44 18.37
CA LEU S 379 -15.69 -84.76 18.39
C LEU S 379 -16.79 -84.85 17.33
N PRO S 380 -16.71 -85.78 16.40
CA PRO S 380 -17.74 -85.89 15.36
C PRO S 380 -19.09 -86.30 15.94
N LEU S 381 -20.13 -86.06 15.13
CA LEU S 381 -21.51 -86.25 15.56
C LEU S 381 -21.82 -87.64 16.10
N PRO S 382 -21.43 -88.75 15.45
CA PRO S 382 -21.80 -90.06 16.01
C PRO S 382 -21.16 -90.35 17.36
N LEU S 383 -19.98 -89.83 17.63
CA LEU S 383 -19.25 -90.17 18.85
C LEU S 383 -19.87 -89.54 20.10
N TRP S 384 -20.75 -88.55 19.96
CA TRP S 384 -21.34 -87.92 21.13
C TRP S 384 -22.28 -88.85 21.89
N GLN S 385 -22.70 -89.94 21.26
CA GLN S 385 -23.39 -91.01 21.96
C GLN S 385 -22.39 -92.12 22.25
N SER S 386 -22.69 -92.90 23.29
CA SER S 386 -21.84 -94.02 23.71
C SER S 386 -20.42 -93.56 24.06
N LEU S 387 -20.36 -92.80 25.16
CA LEU S 387 -19.08 -92.36 25.71
C LEU S 387 -18.05 -93.48 25.78
N GLU S 388 -18.50 -94.72 26.05
CA GLU S 388 -17.57 -95.83 26.11
C GLU S 388 -16.93 -96.10 24.75
N GLU S 389 -17.70 -95.96 23.67
CA GLU S 389 -17.13 -96.08 22.33
C GLU S 389 -16.11 -95.00 22.06
N THR S 390 -16.41 -93.76 22.47
CA THR S 390 -15.48 -92.65 22.25
C THR S 390 -14.16 -92.89 22.98
N LYS S 391 -14.23 -93.33 24.23
CA LYS S 391 -13.01 -93.57 25.00
C LYS S 391 -12.15 -94.65 24.35
N SER S 392 -12.78 -95.74 23.90
CA SER S 392 -12.03 -96.81 23.25
C SER S 392 -11.43 -96.34 21.93
N LEU S 393 -12.16 -95.53 21.18
CA LEU S 393 -11.68 -95.09 19.87
C LEU S 393 -10.48 -94.15 19.99
N ILE S 394 -10.52 -93.20 20.91
CA ILE S 394 -9.51 -92.15 20.98
C ILE S 394 -8.42 -92.45 21.98
N GLN S 395 -8.47 -93.60 22.67
CA GLN S 395 -7.55 -93.84 23.77
C GLN S 395 -6.10 -93.88 23.30
N GLU S 396 -5.83 -94.56 22.17
CA GLU S 396 -4.46 -94.73 21.73
C GLU S 396 -3.85 -93.41 21.26
N VAL S 397 -4.61 -92.62 20.50
CA VAL S 397 -4.09 -91.33 20.04
C VAL S 397 -4.00 -90.34 21.19
N TRP S 398 -4.85 -90.50 22.22
CA TRP S 398 -4.84 -89.57 23.34
C TRP S 398 -3.53 -89.62 24.09
N ASP S 399 -2.98 -90.81 24.31
CA ASP S 399 -1.73 -90.97 25.06
C ASP S 399 -0.50 -90.54 24.26
N LEU S 400 -0.62 -90.40 22.95
CA LEU S 400 0.49 -89.97 22.11
C LEU S 400 0.52 -88.46 21.86
N ALA S 401 -0.42 -87.72 22.44
CA ALA S 401 -0.53 -86.29 22.19
C ALA S 401 0.20 -85.50 23.25
N ASP S 402 1.00 -84.53 22.82
CA ASP S 402 1.68 -83.62 23.73
C ASP S 402 0.79 -82.45 24.13
N VAL S 403 0.00 -81.94 23.20
CA VAL S 403 -0.94 -80.86 23.44
C VAL S 403 -2.32 -81.32 22.99
N ILE S 404 -3.32 -81.11 23.83
CA ILE S 404 -4.69 -81.47 23.53
C ILE S 404 -5.58 -80.24 23.73
N GLU S 405 -6.48 -80.01 22.78
CA GLU S 405 -7.47 -78.95 22.89
C GLU S 405 -8.86 -79.55 22.80
N VAL S 406 -9.71 -79.22 23.78
CA VAL S 406 -11.09 -79.68 23.83
C VAL S 406 -11.98 -78.49 24.15
N THR S 407 -13.25 -78.62 23.79
CA THR S 407 -14.22 -77.63 24.23
C THR S 407 -14.68 -77.97 25.65
N LYS S 408 -15.30 -76.98 26.30
CA LYS S 408 -15.84 -77.23 27.63
C LYS S 408 -16.89 -78.33 27.61
N GLN S 409 -17.71 -78.37 26.56
CA GLN S 409 -18.70 -79.44 26.43
C GLN S 409 -18.03 -80.79 26.23
N GLU S 410 -16.96 -80.83 25.45
CA GLU S 410 -16.23 -82.09 25.25
C GLU S 410 -15.56 -82.55 26.53
N LEU S 411 -14.97 -81.63 27.29
CA LEU S 411 -14.34 -81.98 28.55
C LEU S 411 -15.36 -82.56 29.52
N GLU S 412 -16.55 -81.96 29.59
CA GLU S 412 -17.60 -82.49 30.46
C GLU S 412 -18.04 -83.87 30.01
N PHE S 413 -18.12 -84.09 28.70
CA PHE S 413 -18.56 -85.38 28.18
C PHE S 413 -17.55 -86.48 28.48
N LEU S 414 -16.26 -86.20 28.32
CA LEU S 414 -15.24 -87.21 28.59
C LEU S 414 -15.08 -87.49 30.08
N CYS S 415 -15.36 -86.51 30.93
CA CYS S 415 -15.22 -86.66 32.36
C CYS S 415 -16.50 -87.12 33.05
N GLY S 416 -17.56 -87.37 32.28
CA GLY S 416 -18.82 -87.79 32.88
C GLY S 416 -19.45 -86.74 33.77
N ILE S 417 -19.43 -85.49 33.33
CA ILE S 417 -20.04 -84.38 34.06
C ILE S 417 -21.29 -83.96 33.30
N GLU S 418 -22.44 -84.15 33.92
CA GLU S 418 -23.70 -83.77 33.29
C GLU S 418 -23.87 -82.26 33.40
N PRO S 419 -24.20 -81.57 32.31
CA PRO S 419 -24.35 -80.10 32.37
C PRO S 419 -25.44 -79.71 33.36
N THR S 420 -25.08 -78.82 34.28
CA THR S 420 -25.99 -78.36 35.32
C THR S 420 -26.30 -76.87 35.25
N GLU S 421 -25.56 -76.09 34.47
CA GLU S 421 -25.82 -74.67 34.36
C GLU S 421 -26.97 -74.42 33.40
N GLU S 422 -27.51 -73.19 33.44
CA GLU S 422 -28.60 -72.82 32.56
C GLU S 422 -28.07 -72.45 31.17
N PHE S 423 -28.95 -72.56 30.18
CA PHE S 423 -28.63 -72.18 28.81
C PHE S 423 -29.67 -71.21 28.30
N ASP S 424 -29.21 -70.19 27.58
CA ASP S 424 -30.07 -69.17 26.97
C ASP S 424 -30.85 -68.42 28.04
N THR S 425 -30.12 -67.85 28.99
CA THR S 425 -30.67 -66.96 30.00
C THR S 425 -29.87 -65.68 29.99
N LYS S 426 -30.56 -64.56 30.20
CA LYS S 426 -29.97 -63.24 29.98
C LYS S 426 -29.22 -62.77 31.22
N ASN S 427 -28.12 -63.47 31.49
CA ASN S 427 -27.18 -63.07 32.54
C ASN S 427 -25.83 -63.71 32.24
N ASN S 428 -24.81 -63.21 32.91
CA ASN S 428 -23.44 -63.69 32.77
C ASN S 428 -22.94 -64.32 34.07
N ASP S 429 -23.78 -65.13 34.70
CA ASP S 429 -23.44 -65.72 35.98
C ASP S 429 -22.23 -66.63 35.86
N SER S 430 -21.37 -66.58 36.88
CA SER S 430 -20.09 -67.29 36.82
C SER S 430 -20.25 -68.81 36.76
N SER S 431 -21.44 -69.33 37.09
CA SER S 431 -21.65 -70.77 36.96
C SER S 431 -21.65 -71.23 35.51
N LYS S 432 -21.96 -70.33 34.57
CA LYS S 432 -21.89 -70.69 33.16
C LYS S 432 -20.46 -70.80 32.67
N PHE S 433 -19.50 -70.18 33.36
CA PHE S 433 -18.09 -70.17 32.98
C PHE S 433 -17.30 -70.56 34.22
N VAL S 434 -17.18 -71.86 34.45
CA VAL S 434 -16.54 -72.38 35.66
C VAL S 434 -15.19 -72.99 35.27
N HIS S 435 -14.15 -72.59 35.99
CA HIS S 435 -12.82 -73.15 35.79
C HIS S 435 -12.69 -74.38 36.68
N TYR S 436 -12.68 -75.56 36.06
CA TYR S 436 -12.58 -76.79 36.82
C TYR S 436 -11.20 -76.92 37.46
N GLU S 437 -11.17 -77.45 38.68
CA GLU S 437 -9.92 -77.65 39.38
C GLU S 437 -9.09 -78.72 38.68
N PRO S 438 -7.77 -78.69 38.85
CA PRO S 438 -6.92 -79.71 38.19
C PRO S 438 -7.29 -81.14 38.55
N GLU S 439 -7.79 -81.38 39.76
CA GLU S 439 -8.19 -82.73 40.14
C GLU S 439 -9.32 -83.26 39.28
N THR S 440 -10.13 -82.36 38.70
CA THR S 440 -11.25 -82.78 37.89
C THR S 440 -10.81 -83.31 36.53
N VAL S 441 -9.68 -82.82 36.02
CA VAL S 441 -9.15 -83.25 34.71
C VAL S 441 -8.00 -84.23 34.85
N GLU S 442 -7.62 -84.58 36.07
CA GLU S 442 -6.52 -85.53 36.26
C GLU S 442 -6.76 -86.89 35.62
N PRO S 443 -7.96 -87.49 35.66
CA PRO S 443 -8.13 -88.81 35.03
C PRO S 443 -7.83 -88.82 33.54
N LEU S 444 -7.91 -87.69 32.85
CA LEU S 444 -7.54 -87.61 31.45
C LEU S 444 -6.06 -87.38 31.24
N TRP S 445 -5.31 -87.09 32.29
CA TRP S 445 -3.89 -86.79 32.16
C TRP S 445 -3.09 -88.06 31.87
N HIS S 446 -1.95 -87.88 31.22
CA HIS S 446 -1.01 -88.97 31.00
C HIS S 446 0.41 -88.43 31.08
N GLU S 447 1.37 -89.34 30.97
CA GLU S 447 2.76 -89.02 31.31
C GLU S 447 3.35 -87.96 30.39
N ASN S 448 3.06 -88.03 29.09
CA ASN S 448 3.68 -87.16 28.12
C ASN S 448 2.83 -85.93 27.78
N LEU S 449 1.69 -85.75 28.43
CA LEU S 449 0.84 -84.60 28.14
C LEU S 449 1.48 -83.33 28.70
N LYS S 450 1.67 -82.33 27.84
CA LYS S 450 2.28 -81.07 28.25
C LYS S 450 1.23 -80.03 28.63
N ILE S 451 0.29 -79.75 27.74
CA ILE S 451 -0.75 -78.74 27.97
C ILE S 451 -2.09 -79.31 27.57
N LEU S 452 -3.11 -79.01 28.36
CA LEU S 452 -4.50 -79.24 28.01
C LEU S 452 -5.21 -77.90 27.91
N PHE S 453 -5.78 -77.61 26.75
CA PHE S 453 -6.54 -76.39 26.52
C PHE S 453 -8.03 -76.72 26.50
N VAL S 454 -8.80 -75.96 27.26
CA VAL S 454 -10.25 -76.11 27.32
C VAL S 454 -10.88 -74.81 26.83
N THR S 455 -11.66 -74.89 25.76
CA THR S 455 -12.22 -73.72 25.10
C THR S 455 -13.71 -73.59 25.37
N ASN S 456 -14.16 -72.37 25.57
CA ASN S 456 -15.58 -72.05 25.68
C ASN S 456 -15.89 -70.98 24.63
N GLY S 457 -15.47 -71.24 23.39
CA GLY S 457 -15.51 -70.23 22.37
C GLY S 457 -14.44 -69.19 22.63
N THR S 458 -14.68 -67.98 22.13
CA THR S 458 -13.81 -66.85 22.45
C THR S 458 -14.17 -66.21 23.78
N SER S 459 -15.18 -66.73 24.48
CA SER S 459 -15.55 -66.17 25.78
C SER S 459 -14.49 -66.46 26.83
N LYS S 460 -13.99 -67.70 26.89
CA LYS S 460 -13.05 -68.08 27.93
C LYS S 460 -12.23 -69.27 27.44
N ILE S 461 -10.92 -69.22 27.70
CA ILE S 461 -10.01 -70.33 27.39
C ILE S 461 -9.30 -70.72 28.68
N HIS S 462 -9.38 -71.99 29.02
CA HIS S 462 -8.70 -72.56 30.18
C HIS S 462 -7.48 -73.35 29.73
N TYR S 463 -6.44 -73.33 30.56
CA TYR S 463 -5.23 -74.11 30.28
C TYR S 463 -4.82 -74.88 31.52
N TYR S 464 -4.24 -76.05 31.28
CA TYR S 464 -3.79 -76.95 32.35
C TYR S 464 -2.44 -77.51 31.98
N THR S 465 -1.45 -77.33 32.85
CA THR S 465 -0.18 -78.04 32.77
C THR S 465 -0.02 -78.91 34.01
N LYS S 466 1.13 -79.57 34.09
CA LYS S 466 1.42 -80.38 35.27
C LYS S 466 1.54 -79.51 36.51
N GLU S 467 2.13 -78.32 36.37
CA GLU S 467 2.36 -77.42 37.49
C GLU S 467 1.35 -76.28 37.57
N HIS S 468 0.90 -75.75 36.44
CA HIS S 468 0.09 -74.55 36.42
C HIS S 468 -1.29 -74.82 35.83
N ASN S 469 -2.23 -73.95 36.18
CA ASN S 469 -3.55 -73.94 35.56
C ASN S 469 -4.12 -72.53 35.69
N GLY S 470 -5.01 -72.17 34.77
CA GLY S 470 -5.57 -70.84 34.77
C GLY S 470 -6.57 -70.68 33.63
N ALA S 471 -7.06 -69.46 33.49
CA ALA S 471 -8.07 -69.16 32.49
C ALA S 471 -7.96 -67.68 32.10
N VAL S 472 -8.36 -67.39 30.87
CA VAL S 472 -8.32 -66.04 30.32
C VAL S 472 -9.69 -65.68 29.79
N LEU S 473 -10.22 -64.53 30.19
CA LEU S 473 -11.49 -64.04 29.68
C LEU S 473 -11.32 -63.42 28.30
N GLY S 474 -12.35 -63.57 27.48
CA GLY S 474 -12.33 -63.07 26.12
C GLY S 474 -13.55 -62.23 25.81
N MET S 475 -14.01 -62.34 24.56
CA MET S 475 -15.12 -61.54 24.06
C MET S 475 -15.78 -62.33 22.94
N GLU S 476 -17.09 -62.54 23.05
CA GLU S 476 -17.82 -63.30 22.04
C GLU S 476 -19.04 -62.54 21.55
N ASP S 477 -19.01 -61.21 21.62
CA ASP S 477 -20.07 -60.38 21.05
C ASP S 477 -19.63 -59.89 19.67
N VAL S 478 -19.48 -60.85 18.77
CA VAL S 478 -19.03 -60.59 17.40
C VAL S 478 -20.24 -60.55 16.49
N PRO S 479 -20.17 -59.88 15.34
CA PRO S 479 -21.28 -59.95 14.39
C PRO S 479 -21.47 -61.36 13.88
N ILE S 480 -22.69 -61.87 14.01
CA ILE S 480 -23.03 -63.22 13.58
C ILE S 480 -24.27 -63.17 12.71
N THR S 481 -24.25 -63.95 11.64
CA THR S 481 -25.36 -64.01 10.69
C THR S 481 -25.90 -65.43 10.69
N PRO S 482 -27.06 -65.68 10.07
CA PRO S 482 -27.52 -67.07 9.96
C PRO S 482 -26.54 -67.99 9.24
N PHE S 483 -25.72 -67.44 8.35
CA PHE S 483 -24.74 -68.24 7.61
C PHE S 483 -23.49 -68.55 8.43
N THR S 484 -23.28 -67.90 9.58
CA THR S 484 -22.09 -68.10 10.39
C THR S 484 -22.41 -68.46 11.83
N ARG S 485 -23.65 -68.85 12.13
CA ARG S 485 -24.13 -68.92 13.51
C ARG S 485 -23.45 -70.02 14.33
N ASP S 486 -22.89 -71.05 13.69
CA ASP S 486 -22.29 -72.15 14.45
C ASP S 486 -20.93 -71.80 15.05
N MET S 487 -20.36 -70.64 14.70
CA MET S 487 -19.11 -70.16 15.28
C MET S 487 -17.95 -71.09 15.02
N SER S 488 -17.98 -71.83 13.91
CA SER S 488 -16.86 -72.72 13.59
C SER S 488 -15.63 -71.95 13.14
N ALA S 489 -15.80 -70.73 12.61
CA ALA S 489 -14.65 -69.91 12.24
C ALA S 489 -13.82 -69.55 13.46
N SER S 490 -14.48 -69.28 14.59
CA SER S 490 -13.75 -68.96 15.82
C SER S 490 -12.92 -70.15 16.29
N GLY S 491 -13.47 -71.36 16.22
CA GLY S 491 -12.73 -72.52 16.69
C GLY S 491 -11.47 -72.77 15.90
N ASP S 492 -11.54 -72.65 14.58
CA ASP S 492 -10.34 -72.77 13.76
C ASP S 492 -9.37 -71.64 14.06
N GLY S 493 -9.89 -70.41 14.21
CA GLY S 493 -9.03 -69.29 14.55
C GLY S 493 -8.35 -69.46 15.90
N ILE S 494 -9.08 -70.00 16.88
CA ILE S 494 -8.52 -70.21 18.21
C ILE S 494 -7.38 -71.22 18.16
N VAL S 495 -7.61 -72.35 17.50
CA VAL S 495 -6.58 -73.39 17.43
C VAL S 495 -5.37 -72.92 16.65
N ALA S 496 -5.61 -72.16 15.57
CA ALA S 496 -4.49 -71.62 14.80
C ALA S 496 -3.67 -70.65 15.65
N GLY S 497 -4.32 -69.85 16.49
CA GLY S 497 -3.59 -68.97 17.38
C GLY S 497 -2.76 -69.73 18.39
N LEU S 498 -3.32 -70.80 18.96
CA LEU S 498 -2.56 -71.62 19.91
C LEU S 498 -1.35 -72.25 19.23
N ILE S 499 -1.52 -72.78 18.03
CA ILE S 499 -0.42 -73.40 17.31
C ILE S 499 0.66 -72.38 17.00
N ARG S 500 0.26 -71.17 16.58
CA ARG S 500 1.23 -70.15 16.22
C ARG S 500 2.13 -69.78 17.40
N MET S 501 1.55 -69.64 18.60
CA MET S 501 2.35 -69.27 19.76
C MET S 501 3.21 -70.43 20.25
N LEU S 502 2.65 -71.64 20.26
CA LEU S 502 3.38 -72.78 20.80
C LEU S 502 4.58 -73.17 19.93
N THR S 503 4.51 -72.91 18.64
CA THR S 503 5.58 -73.33 17.74
C THR S 503 6.75 -72.35 17.69
N VAL S 504 6.51 -71.05 17.91
CA VAL S 504 7.60 -70.09 17.86
C VAL S 504 8.39 -69.99 19.16
N GLN S 505 7.79 -70.40 20.28
CA GLN S 505 8.49 -70.50 21.56
C GLN S 505 8.21 -71.87 22.16
N PRO S 506 8.74 -72.94 21.56
CA PRO S 506 8.42 -74.29 22.06
C PRO S 506 9.03 -74.61 23.40
N ASP S 507 10.02 -73.84 23.86
CA ASP S 507 10.61 -74.05 25.18
C ASP S 507 9.81 -73.40 26.30
N LEU S 508 8.81 -72.58 25.96
CA LEU S 508 7.98 -71.90 26.95
C LEU S 508 6.64 -72.60 27.13
N MET S 509 6.59 -73.91 26.90
CA MET S 509 5.35 -74.65 27.01
C MET S 509 4.89 -74.85 28.45
N ASN S 510 5.72 -74.50 29.43
CA ASN S 510 5.35 -74.61 30.84
C ASN S 510 5.45 -73.27 31.58
N ASP S 511 5.76 -72.19 30.88
CA ASP S 511 5.83 -70.87 31.51
C ASP S 511 4.43 -70.29 31.63
N LYS S 512 4.01 -70.00 32.86
CA LYS S 512 2.63 -69.59 33.10
C LYS S 512 2.31 -68.26 32.41
N GLY S 513 3.26 -67.33 32.39
CA GLY S 513 3.02 -66.06 31.73
C GLY S 513 2.82 -66.22 30.23
N TYR S 514 3.64 -67.05 29.60
CA TYR S 514 3.49 -67.27 28.16
C TYR S 514 2.17 -67.98 27.85
N LEU S 515 1.71 -68.86 28.73
CA LEU S 515 0.43 -69.54 28.51
C LEU S 515 -0.73 -68.56 28.55
N GLU S 516 -0.70 -67.60 29.48
CA GLU S 516 -1.73 -66.57 29.51
C GLU S 516 -1.69 -65.73 28.25
N ARG S 517 -0.49 -65.36 27.79
CA ARG S 517 -0.36 -64.63 26.54
C ARG S 517 -0.85 -65.46 25.36
N THR S 518 -0.51 -66.75 25.33
CA THR S 518 -0.96 -67.62 24.25
C THR S 518 -2.49 -67.71 24.21
N ALA S 519 -3.13 -67.87 25.37
CA ALA S 519 -4.58 -67.99 25.40
C ALA S 519 -5.25 -66.70 24.93
N ARG S 520 -4.71 -65.55 25.31
CA ARG S 520 -5.30 -64.28 24.87
C ARG S 520 -5.10 -64.08 23.37
N TYR S 521 -3.95 -64.49 22.84
CA TYR S 521 -3.72 -64.38 21.40
C TYR S 521 -4.70 -65.26 20.62
N ALA S 522 -4.97 -66.46 21.12
CA ALA S 522 -5.94 -67.35 20.46
C ALA S 522 -7.33 -66.72 20.46
N ILE S 523 -7.72 -66.09 21.56
CA ILE S 523 -9.03 -65.44 21.63
C ILE S 523 -9.14 -64.35 20.58
N GLU S 524 -8.09 -63.55 20.41
CA GLU S 524 -8.11 -62.48 19.42
C GLU S 524 -8.18 -63.02 18.00
N CYS S 525 -7.45 -64.09 17.71
CA CYS S 525 -7.50 -64.71 16.39
C CYS S 525 -8.89 -65.25 16.09
N GLY S 526 -9.54 -65.87 17.08
CA GLY S 526 -10.88 -66.37 16.88
C GLY S 526 -11.90 -65.27 16.65
N VAL S 527 -11.75 -64.15 17.37
CA VAL S 527 -12.68 -63.04 17.19
C VAL S 527 -12.56 -62.44 15.80
N VAL S 528 -11.33 -62.25 15.32
CA VAL S 528 -11.13 -61.64 14.02
C VAL S 528 -11.64 -62.55 12.90
N ASP S 529 -11.35 -63.86 13.01
CA ASP S 529 -11.80 -64.79 11.98
C ASP S 529 -13.32 -64.88 11.91
N GLN S 530 -13.98 -64.92 13.08
CA GLN S 530 -15.44 -64.89 13.09
C GLN S 530 -15.98 -63.59 12.51
N TRP S 531 -15.36 -62.47 12.87
CA TRP S 531 -15.80 -61.17 12.38
C TRP S 531 -15.67 -61.08 10.86
N LEU S 532 -14.57 -61.59 10.31
CA LEU S 532 -14.37 -61.55 8.86
C LEU S 532 -15.39 -62.42 8.14
N LEU S 533 -15.70 -63.59 8.69
CA LEU S 533 -16.61 -64.51 8.01
C LEU S 533 -18.01 -63.94 7.87
N ALA S 534 -18.45 -63.14 8.86
CA ALA S 534 -19.75 -62.49 8.75
C ALA S 534 -19.79 -61.52 7.58
N GLN S 535 -18.72 -60.76 7.37
CA GLN S 535 -18.67 -59.83 6.25
C GLN S 535 -18.65 -60.57 4.92
N THR S 536 -17.88 -61.66 4.82
CA THR S 536 -17.77 -62.38 3.56
C THR S 536 -19.10 -63.04 3.18
N ARG S 537 -19.76 -63.68 4.14
CA ARG S 537 -20.96 -64.45 3.80
C ARG S 537 -22.22 -63.59 3.78
N GLY S 538 -22.33 -62.62 4.69
CA GLY S 538 -23.52 -61.80 4.71
C GLY S 538 -24.72 -62.51 5.31
N TYR S 539 -25.90 -62.03 4.93
CA TYR S 539 -27.18 -62.47 5.47
C TYR S 539 -28.07 -63.05 4.38
N PRO S 540 -28.92 -64.02 4.72
CA PRO S 540 -29.94 -64.45 3.77
C PRO S 540 -30.96 -63.35 3.57
N PRO S 541 -31.58 -63.27 2.38
CA PRO S 541 -32.54 -62.21 2.07
C PRO S 541 -33.89 -62.43 2.74
N ASN S 562 -25.21 -72.69 -8.67
CA ASN S 562 -25.33 -72.59 -7.22
C ASN S 562 -26.11 -71.36 -6.83
N GLY S 563 -27.43 -71.44 -6.83
CA GLY S 563 -28.22 -70.29 -6.46
C GLY S 563 -28.09 -70.00 -4.98
N ILE S 564 -27.32 -68.96 -4.65
CA ILE S 564 -27.09 -68.54 -3.28
C ILE S 564 -27.32 -67.04 -3.21
N ARG S 565 -28.20 -66.62 -2.31
CA ARG S 565 -28.66 -65.24 -2.23
C ARG S 565 -28.22 -64.67 -0.89
N SER S 566 -27.46 -63.58 -0.93
CA SER S 566 -26.98 -62.93 0.28
C SER S 566 -27.10 -61.43 0.14
N ILE S 567 -27.27 -60.76 1.27
CA ILE S 567 -27.32 -59.30 1.34
C ILE S 567 -26.32 -58.85 2.39
N THR S 568 -25.90 -57.59 2.29
CA THR S 568 -24.97 -57.05 3.26
C THR S 568 -25.70 -56.70 4.56
N GLU S 569 -24.91 -56.48 5.61
CA GLU S 569 -25.48 -56.05 6.88
C GLU S 569 -26.13 -54.68 6.79
N ARG S 570 -25.64 -53.83 5.88
CA ARG S 570 -26.31 -52.56 5.64
C ARG S 570 -27.72 -52.77 5.10
N GLU S 571 -27.88 -53.72 4.16
CA GLU S 571 -29.21 -54.04 3.66
C GLU S 571 -30.05 -54.75 4.72
N TYR S 572 -29.43 -55.55 5.56
CA TYR S 572 -30.17 -56.24 6.61
C TYR S 572 -30.76 -55.28 7.63
N ARG S 573 -30.10 -54.15 7.87
CA ARG S 573 -30.56 -53.16 8.84
C ARG S 573 -31.33 -52.03 8.19
N THR S 574 -31.88 -52.25 6.99
CA THR S 574 -32.67 -51.23 6.29
C THR S 574 -34.14 -51.58 6.42
N SER S 575 -34.91 -50.68 7.03
CA SER S 575 -36.33 -50.91 7.26
C SER S 575 -37.16 -50.49 6.04
N LYS S 576 -38.44 -50.85 6.07
CA LYS S 576 -39.36 -50.47 5.00
C LYS S 576 -39.85 -49.04 5.21
N PRO S 577 -40.22 -48.35 4.12
CA PRO S 577 -40.57 -46.92 4.25
C PRO S 577 -41.77 -46.64 5.14
N TYR S 578 -42.71 -47.58 5.28
CA TYR S 578 -43.98 -47.34 5.96
C TYR S 578 -44.76 -46.20 5.30
N ASP S 579 -44.73 -46.16 3.97
CA ASP S 579 -45.41 -45.14 3.19
C ASP S 579 -46.72 -45.63 2.59
N GLU S 580 -47.35 -46.64 3.20
CA GLU S 580 -48.58 -47.18 2.66
C GLU S 580 -49.68 -46.14 2.72
N PRO S 581 -50.38 -45.88 1.61
CA PRO S 581 -51.44 -44.85 1.63
C PRO S 581 -52.54 -45.16 2.63
N ASP S 582 -52.85 -46.43 2.86
CA ASP S 582 -53.80 -46.79 3.92
C ASP S 582 -53.16 -46.66 5.30
N GLY S 583 -51.83 -46.70 5.37
CA GLY S 583 -51.12 -46.70 6.63
C GLY S 583 -51.27 -45.41 7.40
N PRO S 584 -51.00 -45.47 8.71
CA PRO S 584 -51.23 -44.33 9.59
C PRO S 584 -50.11 -43.30 9.63
N TYR S 585 -49.09 -43.42 8.77
CA TYR S 585 -47.93 -42.54 8.84
C TYR S 585 -47.82 -41.60 7.65
N VAL S 586 -48.80 -41.57 6.76
CA VAL S 586 -48.78 -40.69 5.60
C VAL S 586 -49.96 -39.72 5.69
N MET S 587 -49.97 -38.76 4.77
CA MET S 587 -51.02 -37.73 4.72
C MET S 587 -52.18 -38.25 3.89
N LYS S 588 -53.26 -38.62 4.56
CA LYS S 588 -54.49 -38.99 3.89
C LYS S 588 -55.23 -37.75 3.38
N PRO S 589 -56.16 -37.92 2.45
CA PRO S 589 -57.03 -36.80 2.07
C PRO S 589 -57.85 -36.31 3.26
N VAL S 590 -58.51 -35.16 3.05
CA VAL S 590 -59.24 -34.51 4.13
C VAL S 590 -60.40 -35.36 4.66
N GLU S 591 -60.86 -36.34 3.87
CA GLU S 591 -61.99 -37.16 4.30
C GLU S 591 -61.66 -37.94 5.56
N GLU S 592 -60.70 -38.87 5.47
CA GLU S 592 -60.32 -39.71 6.60
C GLU S 592 -59.08 -39.10 7.25
N ARG S 593 -59.30 -38.20 8.20
CA ARG S 593 -58.21 -37.56 8.92
C ARG S 593 -58.20 -37.90 10.40
N GLU S 594 -59.30 -37.65 11.11
CA GLU S 594 -59.37 -37.80 12.57
C GLU S 594 -58.26 -37.00 13.24
N TYR S 595 -58.35 -35.68 13.07
CA TYR S 595 -57.39 -34.76 13.69
C TYR S 595 -57.37 -34.95 15.20
N ARG S 596 -56.26 -35.44 15.72
CA ARG S 596 -56.16 -35.76 17.14
C ARG S 596 -56.21 -34.49 17.96
N LYS S 597 -57.23 -34.39 18.82
CA LYS S 597 -57.40 -33.20 19.65
C LYS S 597 -56.26 -33.07 20.65
N LEU S 598 -55.76 -31.86 20.80
CA LEU S 598 -54.65 -31.59 21.72
C LEU S 598 -55.14 -31.54 23.16
N MET T 37 -27.06 58.06 50.90
CA MET T 37 -25.91 58.38 51.74
C MET T 37 -26.36 59.13 53.00
N GLN T 38 -25.38 59.58 53.79
CA GLN T 38 -25.70 60.29 55.03
C GLN T 38 -26.16 61.72 54.79
N THR T 39 -25.61 62.38 53.76
CA THR T 39 -25.93 63.78 53.54
C THR T 39 -27.36 63.93 53.01
N PRO T 40 -28.16 64.83 53.56
CA PRO T 40 -29.52 65.03 53.06
C PRO T 40 -29.52 65.60 51.65
N LEU T 41 -30.62 65.34 50.95
CA LEU T 41 -30.74 65.79 49.56
C LEU T 41 -30.73 67.32 49.47
N GLU T 42 -31.35 67.99 50.44
CA GLU T 42 -31.37 69.45 50.43
C GLU T 42 -29.96 70.02 50.51
N GLU T 43 -29.10 69.42 51.33
CA GLU T 43 -27.72 69.87 51.41
C GLU T 43 -26.96 69.58 50.11
N LEU T 44 -27.15 68.38 49.55
CA LEU T 44 -26.42 68.00 48.34
C LEU T 44 -26.80 68.87 47.15
N TYR T 45 -28.10 69.13 46.98
CA TYR T 45 -28.59 69.81 45.78
C TYR T 45 -28.79 71.31 45.99
N ASN T 46 -28.43 71.85 47.15
CA ASN T 46 -28.51 73.29 47.43
C ASN T 46 -29.94 73.80 47.25
N VAL T 47 -30.89 73.10 47.86
CA VAL T 47 -32.29 73.49 47.87
C VAL T 47 -32.54 74.22 49.18
N LYS T 48 -32.57 75.55 49.13
CA LYS T 48 -32.77 76.34 50.33
C LYS T 48 -34.24 76.34 50.72
N VAL T 49 -34.52 75.98 51.97
CA VAL T 49 -35.87 75.86 52.49
C VAL T 49 -36.00 76.71 53.73
N GLU T 50 -37.15 77.35 53.90
CA GLU T 50 -37.44 78.26 55.00
C GLU T 50 -38.78 77.91 55.65
N ARG T 51 -38.92 76.64 56.02
CA ARG T 51 -40.17 76.10 56.57
C ARG T 51 -40.76 77.02 57.63
N LYS T 52 -42.08 77.14 57.61
CA LYS T 52 -42.84 77.99 58.53
C LYS T 52 -42.40 79.45 58.40
N VAL T 53 -42.64 80.01 57.21
CA VAL T 53 -42.26 81.39 56.95
C VAL T 53 -43.19 82.33 57.71
N SER T 54 -42.61 83.36 58.32
CA SER T 54 -43.40 84.39 58.96
C SER T 54 -44.06 85.28 57.91
N GLN T 55 -45.18 85.90 58.30
CA GLN T 55 -45.88 86.79 57.38
C GLN T 55 -45.04 87.99 57.00
N ARG T 56 -44.17 88.45 57.90
CA ARG T 56 -43.31 89.58 57.59
C ARG T 56 -42.36 89.26 56.44
N ARG T 57 -41.81 88.05 56.42
CA ARG T 57 -40.92 87.65 55.33
C ARG T 57 -41.68 87.57 54.01
N LEU T 58 -42.93 87.10 54.05
CA LEU T 58 -43.74 87.02 52.84
C LEU T 58 -43.95 88.40 52.24
N GLU T 59 -44.25 89.40 53.07
CA GLU T 59 -44.49 90.74 52.57
C GLU T 59 -43.19 91.41 52.11
N GLU T 60 -42.07 91.07 52.73
CA GLU T 60 -40.79 91.58 52.26
C GLU T 60 -40.48 91.07 50.85
N LEU T 61 -40.86 89.83 50.56
CA LEU T 61 -40.68 89.25 49.24
C LEU T 61 -41.77 89.65 48.26
N GLY T 62 -42.87 90.24 48.73
CA GLY T 62 -43.98 90.54 47.84
C GLY T 62 -44.67 89.32 47.29
N VAL T 63 -44.91 88.32 48.14
CA VAL T 63 -45.48 87.05 47.67
C VAL T 63 -46.91 87.25 47.17
N SER T 64 -47.64 88.23 47.72
CA SER T 64 -49.03 88.43 47.35
C SER T 64 -49.20 88.80 45.87
N ARG T 65 -48.14 89.29 45.23
CA ARG T 65 -48.17 89.64 43.82
C ARG T 65 -47.59 88.55 42.92
N TRP T 66 -47.17 87.42 43.49
CA TRP T 66 -46.63 86.33 42.69
C TRP T 66 -47.74 85.59 41.96
N SER T 67 -47.37 84.96 40.85
CA SER T 67 -48.31 84.17 40.08
C SER T 67 -48.67 82.88 40.82
N VAL T 68 -49.77 82.27 40.40
CA VAL T 68 -50.33 81.10 41.06
C VAL T 68 -50.19 79.90 40.14
N TRP T 69 -49.77 78.77 40.71
CA TRP T 69 -49.73 77.49 40.01
C TRP T 69 -50.33 76.43 40.92
N LYS T 70 -51.18 75.58 40.36
CA LYS T 70 -51.84 74.54 41.13
C LYS T 70 -51.95 73.28 40.30
N THR T 71 -52.19 72.17 40.99
CA THR T 71 -52.26 70.87 40.33
C THR T 71 -53.00 69.90 41.25
N GLY T 72 -53.32 68.74 40.68
CA GLY T 72 -53.83 67.62 41.46
C GLY T 72 -52.80 66.51 41.53
N LYS T 73 -53.27 65.28 41.69
CA LYS T 73 -52.37 64.13 41.73
C LYS T 73 -51.76 63.91 40.35
N CYS T 74 -50.46 64.12 40.23
CA CYS T 74 -49.76 63.98 38.96
C CYS T 74 -48.26 63.95 39.22
N LYS T 75 -47.49 63.90 38.14
CA LYS T 75 -46.03 63.88 38.18
C LYS T 75 -45.49 64.87 37.16
N LEU T 76 -44.60 65.75 37.60
CA LEU T 76 -44.07 66.79 36.74
C LEU T 76 -42.54 66.70 36.63
N PRO T 77 -42.00 66.33 35.49
CA PRO T 77 -40.54 66.43 35.29
C PRO T 77 -40.17 67.85 34.89
N TRP T 78 -39.04 68.33 35.42
CA TRP T 78 -38.62 69.68 35.11
C TRP T 78 -37.12 69.82 35.30
N ASP T 79 -36.49 70.60 34.42
CA ASP T 79 -35.10 71.03 34.58
C ASP T 79 -35.11 72.54 34.73
N TRP T 80 -34.68 73.02 35.90
CA TRP T 80 -34.72 74.45 36.17
C TRP T 80 -33.62 75.17 35.39
N GLN T 81 -34.02 76.14 34.58
CA GLN T 81 -33.07 76.96 33.83
C GLN T 81 -32.72 78.25 34.55
N VAL T 82 -33.55 78.68 35.51
CA VAL T 82 -33.23 79.78 36.42
C VAL T 82 -33.72 79.38 37.80
N ASP T 83 -33.25 80.10 38.81
CA ASP T 83 -33.72 79.87 40.17
C ASP T 83 -35.20 80.24 40.28
N GLN T 84 -35.93 79.47 41.08
CA GLN T 84 -37.34 79.69 41.30
C GLN T 84 -37.64 79.69 42.79
N LEU T 85 -38.32 80.74 43.25
CA LEU T 85 -38.84 80.80 44.61
C LEU T 85 -40.29 80.35 44.61
N VAL T 86 -40.61 79.40 45.48
CA VAL T 86 -41.94 78.82 45.56
C VAL T 86 -42.43 78.91 47.00
N TYR T 87 -43.62 79.48 47.19
CA TYR T 87 -44.30 79.48 48.48
C TYR T 87 -45.51 78.57 48.37
N ILE T 88 -45.50 77.46 49.11
CA ILE T 88 -46.57 76.49 49.05
C ILE T 88 -47.72 76.96 49.94
N GLU T 89 -48.90 77.07 49.37
CA GLU T 89 -50.09 77.50 50.11
C GLU T 89 -50.98 76.35 50.53
N GLU T 90 -50.99 75.25 49.79
CA GLU T 90 -51.83 74.11 50.10
C GLU T 90 -51.19 72.84 49.57
N GLY T 91 -51.31 71.76 50.32
CA GLY T 91 -50.84 70.46 49.87
C GLY T 91 -49.36 70.24 50.16
N GLU T 92 -48.80 69.26 49.43
CA GLU T 92 -47.40 68.92 49.59
C GLU T 92 -46.87 68.36 48.28
N VAL T 93 -45.56 68.44 48.12
CA VAL T 93 -44.86 67.92 46.95
C VAL T 93 -43.64 67.13 47.42
N ARG T 94 -43.37 66.02 46.73
CA ARG T 94 -42.17 65.23 46.97
C ARG T 94 -41.30 65.31 45.73
N VAL T 95 -40.06 65.78 45.91
CA VAL T 95 -39.17 66.09 44.80
C VAL T 95 -38.10 65.01 44.73
N VAL T 96 -38.02 64.33 43.60
CA VAL T 96 -37.05 63.27 43.38
C VAL T 96 -36.04 63.77 42.34
N PRO T 97 -34.80 64.08 42.74
CA PRO T 97 -33.79 64.47 41.76
C PRO T 97 -33.50 63.35 40.77
N GLU T 98 -32.99 63.73 39.60
CA GLU T 98 -32.77 62.78 38.52
C GLU T 98 -31.82 61.67 38.97
N GLY T 99 -32.28 60.43 38.85
CA GLY T 99 -31.51 59.27 39.24
C GLY T 99 -31.54 58.93 40.72
N SER T 100 -32.33 59.64 41.51
CA SER T 100 -32.32 59.46 42.96
C SER T 100 -33.35 58.41 43.39
N LYS T 101 -33.06 57.78 44.52
CA LYS T 101 -33.99 56.88 45.19
C LYS T 101 -34.66 57.52 46.40
N ARG T 102 -34.20 58.69 46.82
CA ARG T 102 -34.77 59.43 47.93
C ARG T 102 -35.55 60.63 47.40
N PHE T 103 -36.28 61.27 48.30
CA PHE T 103 -37.09 62.42 47.91
C PHE T 103 -36.98 63.52 48.97
N MET T 104 -37.24 64.74 48.52
CA MET T 104 -37.38 65.90 49.40
C MET T 104 -38.86 66.24 49.51
N GLN T 105 -39.34 66.43 50.73
CA GLN T 105 -40.74 66.71 50.99
C GLN T 105 -40.90 68.15 51.48
N PHE T 106 -41.79 68.90 50.83
CA PHE T 106 -42.10 70.26 51.22
C PHE T 106 -43.61 70.37 51.44
N LEU T 107 -43.99 71.04 52.51
CA LEU T 107 -45.38 71.11 52.94
C LEU T 107 -45.88 72.54 52.84
N ALA T 108 -47.19 72.70 53.01
CA ALA T 108 -47.81 74.03 52.99
C ALA T 108 -47.21 74.91 54.07
N GLY T 109 -46.85 76.14 53.69
CA GLY T 109 -46.19 77.07 54.57
C GLY T 109 -44.70 77.18 54.35
N ASP T 110 -44.11 76.28 53.57
CA ASP T 110 -42.68 76.32 53.31
C ASP T 110 -42.38 77.23 52.12
N LEU T 111 -41.23 77.91 52.18
CA LEU T 111 -40.71 78.69 51.07
C LEU T 111 -39.49 77.96 50.53
N VAL T 112 -39.56 77.54 49.27
CA VAL T 112 -38.52 76.72 48.64
C VAL T 112 -37.88 77.51 47.52
N ARG T 113 -36.55 77.44 47.43
CA ARG T 113 -35.79 78.02 46.33
C ARG T 113 -35.15 76.88 45.55
N TYR T 114 -35.71 76.58 44.38
CA TYR T 114 -35.13 75.57 43.52
C TYR T 114 -33.96 76.18 42.74
N PRO T 115 -32.77 75.59 42.82
CA PRO T 115 -31.60 76.20 42.18
C PRO T 115 -31.60 76.02 40.67
N LYS T 116 -30.84 76.90 40.01
CA LYS T 116 -30.61 76.78 38.58
C LYS T 116 -29.88 75.48 38.28
N TRP T 117 -30.22 74.86 37.14
CA TRP T 117 -29.65 73.63 36.61
C TRP T 117 -30.09 72.39 37.38
N LEU T 118 -31.12 72.49 38.21
CA LEU T 118 -31.63 71.32 38.91
C LEU T 118 -32.57 70.52 38.01
N GLU T 119 -32.38 69.22 37.98
CA GLU T 119 -33.27 68.30 37.25
C GLU T 119 -33.92 67.35 38.24
N ALA T 120 -35.25 67.29 38.23
CA ALA T 120 -35.96 66.49 39.20
C ALA T 120 -37.36 66.17 38.69
N ASP T 121 -37.99 65.20 39.34
CA ASP T 121 -39.39 64.89 39.15
C ASP T 121 -40.17 65.37 40.36
N LEU T 122 -41.23 66.13 40.13
CA LEU T 122 -42.10 66.60 41.20
C LEU T 122 -43.34 65.72 41.24
N PHE T 123 -43.65 65.20 42.44
CA PHE T 123 -44.76 64.27 42.62
C PHE T 123 -45.80 64.91 43.53
N PHE T 124 -47.06 64.85 43.10
CA PHE T 124 -48.19 65.31 43.88
C PHE T 124 -49.18 64.16 44.05
N ASN T 125 -49.81 64.11 45.22
CA ASN T 125 -50.76 63.05 45.53
C ASN T 125 -52.10 63.60 46.02
N ALA T 126 -52.30 64.90 45.97
CA ALA T 126 -53.48 65.57 46.50
C ALA T 126 -53.52 66.98 45.92
N PRO T 127 -54.60 67.74 46.10
CA PRO T 127 -54.62 69.12 45.61
C PRO T 127 -53.46 69.93 46.17
N TYR T 128 -52.83 70.71 45.30
CA TYR T 128 -51.63 71.46 45.62
C TYR T 128 -51.77 72.86 45.03
N SER T 129 -51.30 73.86 45.78
CA SER T 129 -51.36 75.24 45.35
C SER T 129 -50.10 75.97 45.81
N GLU T 130 -49.59 76.84 44.95
CA GLU T 130 -48.34 77.53 45.24
C GLU T 130 -48.34 78.90 44.59
N ARG T 131 -47.47 79.78 45.10
CA ARG T 131 -47.15 81.04 44.45
C ARG T 131 -45.65 81.05 44.17
N TYR T 132 -45.29 81.40 42.94
CA TYR T 132 -43.92 81.23 42.48
C TYR T 132 -43.38 82.54 41.91
N CYS T 133 -42.05 82.57 41.76
CA CYS T 133 -41.37 83.70 41.13
C CYS T 133 -39.99 83.23 40.70
N PHE T 134 -39.67 83.43 39.42
CA PHE T 134 -38.38 83.03 38.89
C PHE T 134 -37.39 84.18 39.03
N LYS T 135 -36.17 83.84 39.46
CA LYS T 135 -35.14 84.84 39.75
C LYS T 135 -33.97 84.65 38.79
N ALA T 136 -33.60 85.73 38.10
CA ALA T 136 -32.40 85.72 37.28
C ALA T 136 -31.18 86.01 38.15
N TYR T 137 -30.01 86.13 37.52
CA TYR T 137 -28.82 86.49 38.27
C TYR T 137 -29.01 87.83 38.96
N ALA T 138 -28.47 87.94 40.17
CA ALA T 138 -28.77 89.04 41.10
C ALA T 138 -30.24 88.97 41.49
N ASP T 139 -31.03 89.98 41.10
CA ASP T 139 -32.45 90.02 41.41
C ASP T 139 -32.70 89.87 42.90
N ASP T 140 -33.01 88.65 43.33
CA ASP T 140 -33.24 88.37 44.74
C ASP T 140 -32.65 87.02 45.12
#